data_7EEP
#
_entry.id   7EEP
#
_cell.length_a   1.00
_cell.length_b   1.00
_cell.length_c   1.00
_cell.angle_alpha   90.00
_cell.angle_beta   90.00
_cell.angle_gamma   90.00
#
_symmetry.space_group_name_H-M   'P 1'
#
loop_
_entity.id
_entity.type
_entity.pdbx_description
1 polymer 'Pam1 portal proteins'
2 polymer 'Pam1 adaptor proteins'
#
loop_
_entity_poly.entity_id
_entity_poly.type
_entity_poly.pdbx_seq_one_letter_code
_entity_poly.pdbx_strand_id
1 'polypeptide(L)'
;MEDTMTMPSHAQLKAYFEEARDANEEYRKEAFIDRDYFDGHQWTEEELQKLEARKQPATYFNEVKLSIRGLVGVFEQGDS
DPRAWPRNPQDEDSADIATKALRYVKDYSEWSDERSRAALNYFVEGTCAAIVGVDENGRPEIEPIRFEEFFHDPRSRELD
FSDARFKGVAKWRFADEVGMEYGIKGEIDGALDGDSEGLSIGGDTFGDRPDGKISSWIDSKLRRVFVVEMYVRWNGVWIR
ALFWGRGILEMSVSAYLDRNGKPTCPIEARSCYIDRENRRYGEVRDLRSPQDAINKRESKLLHMLNNRQAIATNPEYAYN
SDAEMVRKEMSKPDGIIPPGWQPASMTDLANGQFALLSSAREFIQRIGQNPSVLAAQSASASGRAQLARQQAGMVDSAMA
LNGLRRFELAVYRQAWLRCRQFWKAPDYIRVTDDEGAPQFVGINQPIKGPPQPVLNEMGQVVIAEPILGYENALAELDVD
INIDAVPDTANLAQEQFLQLTELARLYGPQEVPFDDLLELSSMPEKTKLIAKRRERSEQMAQVQAQQGQMQEQIAMQGAM
AEIENTQADTAYLAARAQNEMLKPQIEAFKAGFGAA
;
A,B,C,D,E,F,G,H,I,J,K,L
2 'polypeptide(L)'
;MITCRDIITLGLQQARVVPLGREPKAKEADAGLTVLQSIYDSMFADGPLGPFTEVYATSAYTAQENERIVTNGAAITIPQ
TITEGNETRKPYDLTAIIVINGAAQENHVFSLGRWQTAHDLTLNSEAPLAERDKAGLAALFAMEFAEMFGAELPPRTTAR
GFRFKGAISQKLATKRDDPVYY
;
M,N,O,P,Q,R,S,T,U,V,W,X
#
# COMPACT_ATOMS: atom_id res chain seq x y z
N THR A 4 18.64 84.02 -16.96
CA THR A 4 17.75 82.99 -17.47
C THR A 4 17.82 82.89 -18.99
N MET A 5 17.06 81.95 -19.54
CA MET A 5 17.06 81.73 -20.98
C MET A 5 15.65 81.65 -21.55
N THR A 6 15.56 81.24 -22.81
CA THR A 6 14.30 81.18 -23.54
C THR A 6 13.82 79.73 -23.64
N MET A 7 12.76 79.54 -24.38
CA MET A 7 12.19 78.21 -24.53
C MET A 7 12.84 77.47 -25.70
N PRO A 8 12.95 76.15 -25.63
CA PRO A 8 13.62 75.39 -26.69
C PRO A 8 12.82 75.40 -27.98
N SER A 9 13.53 75.48 -29.10
CA SER A 9 12.90 75.78 -30.39
C SER A 9 13.31 74.76 -31.44
N HIS A 10 12.65 73.60 -31.44
CA HIS A 10 12.48 72.69 -32.57
C HIS A 10 13.77 72.07 -33.10
N ALA A 11 14.91 72.45 -32.58
CA ALA A 11 16.13 71.76 -32.95
C ALA A 11 16.67 70.94 -31.78
N GLN A 12 16.65 71.49 -30.57
CA GLN A 12 16.88 70.71 -29.37
C GLN A 12 15.59 70.14 -28.80
N LEU A 13 14.55 70.02 -29.61
CA LEU A 13 13.44 69.13 -29.30
C LEU A 13 13.44 67.87 -30.16
N LYS A 14 13.81 67.97 -31.43
CA LYS A 14 14.07 66.76 -32.19
C LYS A 14 15.31 66.04 -31.69
N ALA A 15 16.27 66.78 -31.15
CA ALA A 15 17.46 66.17 -30.60
C ALA A 15 17.21 65.47 -29.27
N TYR A 16 16.06 65.70 -28.65
CA TYR A 16 15.69 64.89 -27.50
C TYR A 16 14.96 63.63 -27.91
N PHE A 17 14.08 63.72 -28.91
CA PHE A 17 13.35 62.56 -29.37
C PHE A 17 14.27 61.55 -30.05
N GLU A 18 15.33 62.03 -30.69
CA GLU A 18 16.22 61.18 -31.45
C GLU A 18 17.30 60.54 -30.59
N GLU A 19 17.62 61.14 -29.44
CA GLU A 19 18.45 60.44 -28.47
C GLU A 19 17.68 59.31 -27.81
N ALA A 20 16.37 59.49 -27.62
CA ALA A 20 15.51 58.46 -27.06
C ALA A 20 14.95 57.51 -28.11
N ARG A 21 15.55 57.47 -29.30
CA ARG A 21 15.21 56.46 -30.29
C ARG A 21 16.50 55.78 -30.74
N ASP A 22 17.61 56.53 -30.71
CA ASP A 22 18.91 55.94 -31.01
C ASP A 22 19.33 54.99 -29.90
N ALA A 23 19.22 55.43 -28.65
CA ALA A 23 19.28 54.53 -27.52
C ALA A 23 17.90 53.92 -27.30
N ASN A 24 17.78 53.15 -26.22
CA ASN A 24 16.66 52.31 -25.77
C ASN A 24 15.89 51.65 -26.91
N GLU A 25 16.60 51.18 -27.91
CA GLU A 25 16.03 50.41 -28.99
C GLU A 25 16.44 48.96 -28.87
N GLU A 26 17.38 48.65 -27.97
CA GLU A 26 17.84 47.30 -27.77
C GLU A 26 16.78 46.45 -27.06
N TYR A 27 16.04 47.03 -26.12
CA TYR A 27 14.98 46.28 -25.48
C TYR A 27 13.63 46.52 -26.11
N ARG A 28 13.44 47.68 -26.71
CA ARG A 28 12.16 48.01 -27.28
C ARG A 28 11.89 47.20 -28.54
N LYS A 29 12.94 46.81 -29.26
CA LYS A 29 12.84 45.81 -30.30
C LYS A 29 12.88 44.40 -29.76
N GLU A 30 13.20 44.24 -28.48
CA GLU A 30 13.21 42.94 -27.85
C GLU A 30 11.91 42.67 -27.10
N ALA A 31 11.24 43.71 -26.61
CA ALA A 31 9.97 43.53 -25.94
C ALA A 31 8.86 43.18 -26.93
N PHE A 32 8.99 43.59 -28.18
CA PHE A 32 8.04 43.16 -29.20
C PHE A 32 8.24 41.72 -29.61
N ILE A 33 9.44 41.18 -29.44
CA ILE A 33 9.61 39.73 -29.60
C ILE A 33 8.87 39.01 -28.49
N ASP A 34 8.92 39.54 -27.27
CA ASP A 34 8.21 38.93 -26.14
C ASP A 34 6.71 39.01 -26.30
N ARG A 35 6.22 40.00 -27.05
CA ARG A 35 4.78 40.14 -27.26
C ARG A 35 4.24 39.04 -28.15
N ASP A 36 4.81 38.90 -29.35
CA ASP A 36 4.32 37.91 -30.30
C ASP A 36 4.96 36.55 -30.06
N TYR A 37 5.40 36.33 -28.83
CA TYR A 37 5.88 35.06 -28.37
C TYR A 37 4.88 34.38 -27.45
N PHE A 38 3.89 35.11 -26.97
CA PHE A 38 2.91 34.45 -26.14
C PHE A 38 1.59 34.28 -26.85
N ASP A 39 1.39 34.93 -27.98
CA ASP A 39 0.26 34.64 -28.84
C ASP A 39 0.76 34.08 -30.17
N GLY A 40 1.04 32.78 -30.16
CA GLY A 40 1.59 32.10 -31.31
C GLY A 40 2.97 32.63 -31.67
N HIS A 41 3.36 32.30 -32.90
CA HIS A 41 4.51 32.87 -33.60
C HIS A 41 5.82 32.59 -32.85
N GLN A 42 5.99 31.34 -32.46
CA GLN A 42 7.20 30.91 -31.76
C GLN A 42 8.22 30.32 -32.70
N TRP A 43 8.09 30.54 -34.00
CA TRP A 43 9.01 30.02 -34.99
C TRP A 43 9.51 31.16 -35.85
N THR A 44 10.82 31.19 -36.08
CA THR A 44 11.39 32.22 -36.94
C THR A 44 11.11 31.91 -38.40
N GLU A 45 11.35 32.89 -39.26
CA GLU A 45 11.03 32.71 -40.67
C GLU A 45 12.04 31.86 -41.42
N GLU A 46 13.18 31.54 -40.82
CA GLU A 46 14.12 30.60 -41.42
C GLU A 46 13.86 29.17 -40.98
N GLU A 47 13.42 28.97 -39.75
CA GLU A 47 13.06 27.64 -39.28
C GLU A 47 11.72 27.19 -39.86
N LEU A 48 10.82 28.13 -40.10
CA LEU A 48 9.50 27.78 -40.63
C LEU A 48 9.57 27.42 -42.10
N GLN A 49 10.56 27.92 -42.81
CA GLN A 49 10.74 27.57 -44.21
C GLN A 49 11.30 26.17 -44.36
N LYS A 50 12.19 25.75 -43.46
CA LYS A 50 12.85 24.47 -43.59
C LYS A 50 11.97 23.31 -43.17
N LEU A 51 11.02 23.53 -42.24
CA LEU A 51 10.09 22.47 -41.87
C LEU A 51 9.16 22.13 -43.01
N GLU A 52 8.84 23.09 -43.88
CA GLU A 52 7.98 22.83 -45.03
C GLU A 52 8.70 22.06 -46.11
N ALA A 53 10.03 22.09 -46.13
CA ALA A 53 10.79 21.30 -47.09
C ALA A 53 10.89 19.85 -46.68
N ARG A 54 10.65 19.53 -45.42
CA ARG A 54 10.52 18.14 -44.99
C ARG A 54 9.08 17.68 -45.03
N LYS A 55 8.17 18.53 -45.52
CA LYS A 55 6.72 18.33 -45.51
C LYS A 55 6.18 18.09 -44.11
N GLN A 56 6.76 18.73 -43.10
CA GLN A 56 6.43 18.52 -41.70
C GLN A 56 5.54 19.65 -41.20
N PRO A 57 4.52 19.36 -40.40
CA PRO A 57 3.78 20.44 -39.75
C PRO A 57 4.63 21.14 -38.71
N ALA A 58 4.29 22.39 -38.45
CA ALA A 58 5.03 23.25 -37.54
C ALA A 58 4.24 23.37 -36.25
N THR A 59 4.40 22.42 -35.35
CA THR A 59 3.62 22.38 -34.13
C THR A 59 4.31 23.18 -33.03
N TYR A 60 3.51 23.82 -32.19
CA TYR A 60 4.00 24.50 -31.00
C TYR A 60 3.03 24.27 -29.85
N PHE A 61 3.56 24.30 -28.65
CA PHE A 61 2.80 24.05 -27.42
C PHE A 61 2.89 25.32 -26.58
N ASN A 62 1.91 26.20 -26.74
CA ASN A 62 1.99 27.56 -26.21
C ASN A 62 1.78 27.52 -24.71
N GLU A 63 2.84 27.16 -23.99
CA GLU A 63 2.79 26.97 -22.55
C GLU A 63 3.25 28.22 -21.82
N VAL A 64 3.32 29.35 -22.51
CA VAL A 64 3.68 30.62 -21.89
C VAL A 64 2.50 31.58 -21.86
N LYS A 65 1.38 31.23 -22.48
CA LYS A 65 0.14 31.94 -22.24
C LYS A 65 -0.52 31.47 -20.95
N LEU A 66 -0.33 30.20 -20.58
CA LEU A 66 -0.87 29.67 -19.34
C LEU A 66 -0.27 30.33 -18.11
N SER A 67 1.01 30.66 -18.16
CA SER A 67 1.67 31.25 -17.02
C SER A 67 1.35 32.73 -16.84
N ILE A 68 0.70 33.37 -17.80
CA ILE A 68 0.41 34.79 -17.72
C ILE A 68 -1.08 34.97 -17.51
N ARG A 69 -1.88 34.09 -18.12
CA ARG A 69 -3.33 34.21 -18.05
C ARG A 69 -3.85 33.93 -16.65
N GLY A 70 -3.17 33.10 -15.89
CA GLY A 70 -3.55 32.87 -14.53
C GLY A 70 -2.89 33.77 -13.54
N LEU A 71 -1.96 34.60 -14.00
CA LEU A 71 -1.24 35.52 -13.13
C LEU A 71 -1.77 36.93 -13.23
N VAL A 72 -2.37 37.28 -14.36
CA VAL A 72 -3.17 38.49 -14.45
C VAL A 72 -4.48 38.29 -13.70
N GLY A 73 -5.03 37.08 -13.75
CA GLY A 73 -6.29 36.77 -13.12
C GLY A 73 -6.28 36.78 -11.61
N VAL A 74 -5.11 36.81 -11.00
CA VAL A 74 -5.01 37.04 -9.57
C VAL A 74 -5.10 38.52 -9.24
N PHE A 75 -4.39 39.34 -10.01
CA PHE A 75 -4.48 40.80 -9.87
C PHE A 75 -5.87 41.30 -10.22
N GLU A 76 -6.48 40.72 -11.24
CA GLU A 76 -7.73 41.23 -11.77
C GLU A 76 -8.89 40.96 -10.83
N GLN A 77 -8.80 39.92 -10.01
CA GLN A 77 -9.87 39.64 -9.06
C GLN A 77 -9.76 40.49 -7.81
N GLY A 78 -8.55 40.67 -7.30
CA GLY A 78 -8.38 41.42 -6.07
C GLY A 78 -8.27 42.91 -6.30
N ASP A 79 -9.28 43.50 -6.94
CA ASP A 79 -9.25 44.91 -7.28
C ASP A 79 -9.49 45.77 -6.05
N SER A 80 -9.42 47.08 -6.24
CA SER A 80 -9.43 47.98 -5.11
C SER A 80 -10.03 49.32 -5.52
N ASP A 81 -10.84 49.85 -4.68
CA ASP A 81 -11.30 51.22 -4.69
C ASP A 81 -10.52 52.04 -3.66
N PRO A 82 -10.24 53.31 -3.93
CA PRO A 82 -9.33 54.06 -3.07
C PRO A 82 -9.99 54.45 -1.76
N ARG A 83 -9.17 55.03 -0.89
CA ARG A 83 -9.53 55.27 0.51
C ARG A 83 -8.50 56.18 1.14
N ALA A 84 -8.94 57.12 1.96
CA ALA A 84 -8.03 58.03 2.64
C ALA A 84 -8.14 57.81 4.15
N TRP A 85 -6.98 57.78 4.82
CA TRP A 85 -6.95 57.50 6.24
C TRP A 85 -6.52 58.74 7.02
N PRO A 86 -7.40 59.34 7.82
CA PRO A 86 -6.99 60.53 8.61
C PRO A 86 -5.97 60.14 9.65
N ARG A 87 -4.86 60.89 9.72
CA ARG A 87 -3.75 60.37 10.49
C ARG A 87 -3.94 60.55 11.99
N ASN A 88 -4.77 61.49 12.41
CA ASN A 88 -5.03 61.66 13.83
C ASN A 88 -6.40 62.28 14.02
N PRO A 89 -7.29 61.63 14.76
CA PRO A 89 -8.69 62.07 14.77
C PRO A 89 -8.94 63.30 15.62
N GLN A 90 -8.21 64.37 15.36
CA GLN A 90 -8.52 65.70 15.90
C GLN A 90 -8.77 66.56 14.68
N ASP A 91 -10.03 66.60 14.27
CA ASP A 91 -10.51 67.36 13.12
C ASP A 91 -9.79 66.93 11.84
N GLU A 92 -9.48 65.64 11.71
CA GLU A 92 -8.99 65.15 10.44
C GLU A 92 -9.91 64.11 9.82
N ASP A 93 -10.82 63.53 10.58
CA ASP A 93 -11.83 62.67 9.98
C ASP A 93 -12.92 63.48 9.29
N SER A 94 -13.11 64.72 9.72
CA SER A 94 -14.06 65.60 9.05
C SER A 94 -13.57 65.97 7.66
N ALA A 95 -12.25 66.00 7.47
CA ALA A 95 -11.62 66.27 6.18
C ALA A 95 -11.36 65.00 5.40
N ASP A 96 -12.20 63.99 5.57
CA ASP A 96 -12.12 62.74 4.83
C ASP A 96 -13.32 62.62 3.89
N ILE A 97 -13.74 63.78 3.37
CA ILE A 97 -14.60 63.87 2.20
C ILE A 97 -13.87 63.43 0.95
N ALA A 98 -12.52 63.45 1.00
CA ALA A 98 -11.69 63.12 -0.14
C ALA A 98 -11.94 61.71 -0.65
N THR A 99 -12.15 60.74 0.23
CA THR A 99 -12.47 59.40 -0.23
C THR A 99 -13.86 59.26 -0.81
N LYS A 100 -14.71 60.28 -0.68
CA LYS A 100 -16.03 60.27 -1.28
C LYS A 100 -16.05 60.94 -2.63
N ALA A 101 -14.98 61.68 -2.97
CA ALA A 101 -14.86 62.34 -4.25
C ALA A 101 -13.61 61.93 -5.00
N LEU A 102 -12.82 61.00 -4.47
CA LEU A 102 -11.72 60.43 -5.23
C LEU A 102 -12.10 59.09 -5.84
N ARG A 103 -13.13 58.43 -5.32
CA ARG A 103 -13.78 57.33 -6.00
C ARG A 103 -14.91 57.81 -6.89
N TYR A 104 -14.99 59.12 -7.11
CA TYR A 104 -15.76 59.66 -8.22
C TYR A 104 -15.02 59.55 -9.52
N VAL A 105 -13.71 59.82 -9.52
CA VAL A 105 -12.93 59.79 -10.76
C VAL A 105 -12.51 58.39 -11.14
N LYS A 106 -12.56 57.44 -10.22
CA LYS A 106 -12.33 56.05 -10.54
C LYS A 106 -13.54 55.43 -11.20
N ASP A 107 -14.70 56.09 -11.12
CA ASP A 107 -15.91 55.62 -11.77
C ASP A 107 -16.27 56.41 -13.02
N TYR A 108 -15.83 57.66 -13.12
CA TYR A 108 -16.07 58.43 -14.34
C TYR A 108 -15.24 57.92 -15.50
N SER A 109 -13.98 57.62 -15.24
CA SER A 109 -13.02 57.30 -16.29
C SER A 109 -12.96 55.83 -16.62
N GLU A 110 -13.78 55.00 -15.99
CA GLU A 110 -13.77 53.54 -16.10
C GLU A 110 -12.39 52.98 -15.81
N TRP A 111 -11.95 53.17 -14.58
CA TRP A 111 -10.71 52.54 -14.18
C TRP A 111 -10.92 51.10 -13.74
N SER A 112 -12.17 50.65 -13.66
CA SER A 112 -12.43 49.29 -13.20
C SER A 112 -12.03 48.26 -14.24
N ASP A 113 -11.97 48.63 -15.52
CA ASP A 113 -11.58 47.68 -16.56
C ASP A 113 -10.28 48.05 -17.25
N GLU A 114 -9.86 49.31 -17.16
CA GLU A 114 -8.60 49.72 -17.76
C GLU A 114 -7.45 49.53 -16.81
N ARG A 115 -7.69 49.01 -15.61
CA ARG A 115 -6.60 48.56 -14.77
C ARG A 115 -6.13 47.17 -15.17
N SER A 116 -6.95 46.41 -15.88
CA SER A 116 -6.56 45.13 -16.40
C SER A 116 -5.93 45.24 -17.78
N ARG A 117 -5.86 46.44 -18.32
CA ARG A 117 -5.17 46.69 -19.58
C ARG A 117 -3.78 47.25 -19.35
N ALA A 118 -3.54 47.84 -18.18
CA ALA A 118 -2.22 48.22 -17.75
C ALA A 118 -1.49 47.06 -17.08
N ALA A 119 -2.20 46.02 -16.67
CA ALA A 119 -1.55 44.85 -16.11
C ALA A 119 -1.07 43.89 -17.17
N LEU A 120 -1.76 43.81 -18.30
CA LEU A 120 -1.36 42.89 -19.35
C LEU A 120 -0.15 43.41 -20.12
N ASN A 121 0.06 44.73 -20.17
CA ASN A 121 1.29 45.29 -20.70
C ASN A 121 2.37 45.42 -19.67
N TYR A 122 2.13 44.94 -18.45
CA TYR A 122 3.12 44.99 -17.40
C TYR A 122 3.86 43.70 -17.23
N PHE A 123 3.27 42.56 -17.59
CA PHE A 123 3.96 41.29 -17.49
C PHE A 123 4.51 40.82 -18.82
N VAL A 124 3.86 41.16 -19.93
CA VAL A 124 4.34 40.72 -21.23
C VAL A 124 5.38 41.68 -21.77
N GLU A 125 5.08 42.97 -21.74
CA GLU A 125 6.05 44.00 -22.07
C GLU A 125 6.84 44.32 -20.81
N GLY A 126 7.53 45.44 -20.80
CA GLY A 126 8.21 45.82 -19.59
C GLY A 126 7.44 46.76 -18.69
N THR A 127 6.92 47.84 -19.25
CA THR A 127 6.42 48.96 -18.49
C THR A 127 4.92 49.09 -18.64
N CYS A 128 4.28 49.70 -17.65
CA CYS A 128 2.91 50.17 -17.77
C CYS A 128 2.91 51.67 -17.50
N ALA A 129 1.93 52.37 -18.06
CA ALA A 129 1.94 53.83 -17.94
C ALA A 129 0.53 54.37 -18.03
N ALA A 130 0.33 55.56 -17.46
CA ALA A 130 -0.96 56.24 -17.51
C ALA A 130 -0.76 57.73 -17.29
N ILE A 131 -1.65 58.53 -17.84
CA ILE A 131 -1.61 59.99 -17.73
C ILE A 131 -2.93 60.46 -17.12
N VAL A 132 -2.83 61.31 -16.10
CA VAL A 132 -4.00 61.83 -15.41
C VAL A 132 -4.05 63.34 -15.60
N GLY A 133 -5.17 63.82 -16.16
CA GLY A 133 -5.26 65.23 -16.52
C GLY A 133 -6.70 65.63 -16.73
N VAL A 134 -6.93 66.93 -16.67
CA VAL A 134 -8.27 67.49 -16.57
C VAL A 134 -8.77 67.93 -17.94
N ASP A 135 -9.94 67.45 -18.32
CA ASP A 135 -10.49 67.71 -19.65
C ASP A 135 -11.14 69.07 -19.77
N GLU A 136 -11.97 69.24 -20.81
CA GLU A 136 -12.55 70.54 -21.14
C GLU A 136 -13.51 71.07 -20.08
N ASN A 137 -14.10 70.19 -19.29
CA ASN A 137 -14.90 70.62 -18.15
C ASN A 137 -13.99 70.78 -16.94
N GLY A 138 -14.57 70.81 -15.75
CA GLY A 138 -13.74 70.90 -14.56
C GLY A 138 -13.33 69.55 -14.01
N ARG A 139 -13.72 68.47 -14.63
CA ARG A 139 -13.53 67.19 -13.97
C ARG A 139 -12.23 66.53 -14.43
N PRO A 140 -11.62 65.68 -13.62
CA PRO A 140 -10.39 65.01 -14.05
C PRO A 140 -10.61 63.62 -14.62
N GLU A 141 -9.66 63.23 -15.47
CA GLU A 141 -9.74 62.06 -16.31
C GLU A 141 -8.37 61.39 -16.32
N ILE A 142 -8.37 60.07 -16.36
CA ILE A 142 -7.16 59.27 -16.36
C ILE A 142 -7.16 58.35 -17.58
N GLU A 143 -6.30 58.67 -18.56
CA GLU A 143 -6.17 57.82 -19.74
C GLU A 143 -4.99 56.88 -19.57
N PRO A 144 -5.15 55.62 -19.96
CA PRO A 144 -3.98 54.75 -20.07
C PRO A 144 -3.29 54.92 -21.42
N ILE A 145 -1.98 55.07 -21.37
CA ILE A 145 -1.15 55.23 -22.55
C ILE A 145 -0.48 53.89 -22.85
N ARG A 146 -0.55 53.47 -24.12
CA ARG A 146 -0.08 52.15 -24.52
C ARG A 146 1.43 52.06 -24.46
N PHE A 147 1.94 50.83 -24.41
CA PHE A 147 3.39 50.64 -24.39
C PHE A 147 4.03 50.95 -25.72
N GLU A 148 3.30 50.77 -26.81
CA GLU A 148 3.84 50.99 -28.16
C GLU A 148 4.10 52.46 -28.46
N GLU A 149 3.78 53.37 -27.55
CA GLU A 149 3.96 54.79 -27.78
C GLU A 149 4.45 55.54 -26.55
N PHE A 150 4.72 54.87 -25.44
CA PHE A 150 5.35 55.57 -24.33
C PHE A 150 6.81 55.83 -24.66
N PHE A 151 7.35 56.90 -24.08
CA PHE A 151 8.54 57.55 -24.61
C PHE A 151 9.22 58.30 -23.47
N HIS A 152 10.35 57.79 -23.01
CA HIS A 152 11.08 58.43 -21.92
C HIS A 152 12.53 58.61 -22.33
N ASP A 153 13.37 59.08 -21.44
CA ASP A 153 14.76 59.21 -21.79
C ASP A 153 15.53 57.96 -21.39
N PRO A 154 16.70 57.72 -21.99
CA PRO A 154 17.68 56.85 -21.37
C PRO A 154 18.42 57.64 -20.29
N ARG A 155 19.44 57.00 -19.72
CA ARG A 155 20.21 57.53 -18.59
C ARG A 155 19.29 57.81 -17.41
N SER A 156 18.32 56.92 -17.20
CA SER A 156 17.39 56.96 -16.09
C SER A 156 17.42 55.57 -15.46
N ARG A 157 18.23 55.42 -14.40
CA ARG A 157 18.53 54.09 -13.86
C ARG A 157 17.32 53.50 -13.13
N GLU A 158 16.39 54.33 -12.72
CA GLU A 158 15.41 53.92 -11.72
C GLU A 158 14.10 53.44 -12.35
N LEU A 159 13.52 52.39 -11.79
CA LEU A 159 12.30 51.79 -12.32
C LEU A 159 11.03 52.51 -11.88
N ASP A 160 11.13 53.71 -11.34
CA ASP A 160 9.97 54.51 -11.03
C ASP A 160 9.97 55.81 -11.82
N PHE A 161 11.00 56.00 -12.66
CA PHE A 161 11.17 57.17 -13.53
C PHE A 161 11.27 58.46 -12.72
N SER A 162 11.93 58.38 -11.58
CA SER A 162 12.13 59.60 -10.79
C SER A 162 13.25 60.44 -11.38
N ASP A 163 14.26 59.79 -11.95
CA ASP A 163 15.46 60.45 -12.45
C ASP A 163 15.31 60.91 -13.90
N ALA A 164 14.13 60.76 -14.48
CA ALA A 164 13.94 61.10 -15.87
C ALA A 164 13.91 62.61 -16.07
N ARG A 165 14.24 63.04 -17.28
CA ARG A 165 14.22 64.44 -17.62
C ARG A 165 13.07 64.80 -18.56
N PHE A 166 12.63 63.86 -19.41
CA PHE A 166 11.51 64.14 -20.29
C PHE A 166 10.72 62.87 -20.57
N LYS A 167 9.40 63.01 -20.71
CA LYS A 167 8.48 61.90 -20.96
C LYS A 167 7.34 62.39 -21.85
N GLY A 168 6.81 61.52 -22.70
CA GLY A 168 5.85 61.94 -23.70
C GLY A 168 4.95 60.81 -24.17
N VAL A 169 4.18 61.06 -25.25
CA VAL A 169 3.16 60.09 -25.67
C VAL A 169 3.24 59.62 -27.13
N ALA A 170 3.82 60.42 -28.04
CA ALA A 170 4.28 60.05 -29.39
C ALA A 170 3.30 59.22 -30.22
N LYS A 171 2.17 59.82 -30.59
CA LYS A 171 1.08 59.09 -31.22
C LYS A 171 1.07 59.22 -32.75
N TRP A 172 0.16 58.45 -33.36
CA TRP A 172 -0.27 58.63 -34.74
C TRP A 172 -1.74 59.04 -34.74
N ARG A 173 -2.07 60.09 -35.48
CA ARG A 173 -3.45 60.55 -35.56
C ARG A 173 -3.85 60.72 -37.02
N PHE A 174 -5.10 61.09 -37.23
CA PHE A 174 -5.60 61.42 -38.56
C PHE A 174 -5.35 62.88 -38.84
N ALA A 175 -4.99 63.20 -40.09
CA ALA A 175 -4.67 64.56 -40.46
C ALA A 175 -5.89 65.47 -40.47
N ASP A 176 -7.09 64.90 -40.54
CA ASP A 176 -8.29 65.71 -40.38
C ASP A 176 -8.42 66.23 -38.95
N GLU A 177 -8.21 65.37 -37.96
CA GLU A 177 -8.45 65.70 -36.57
C GLU A 177 -7.24 66.29 -35.87
N VAL A 178 -6.34 66.89 -36.62
CA VAL A 178 -5.23 67.68 -36.08
C VAL A 178 -5.24 69.08 -36.62
N GLY A 179 -5.29 69.24 -37.93
CA GLY A 179 -5.23 70.56 -38.53
C GLY A 179 -6.50 71.36 -38.33
N MET A 180 -7.65 70.70 -38.37
CA MET A 180 -8.92 71.32 -38.05
C MET A 180 -9.21 71.33 -36.55
N GLU A 181 -8.19 71.08 -35.74
CA GLU A 181 -8.23 71.29 -34.30
C GLU A 181 -7.30 72.40 -33.85
N TYR A 182 -6.17 72.58 -34.54
CA TYR A 182 -5.18 73.60 -34.18
C TYR A 182 -4.99 74.64 -35.28
N GLY A 183 -5.91 74.73 -36.24
CA GLY A 183 -5.87 75.78 -37.23
C GLY A 183 -4.86 75.63 -38.35
N ILE A 184 -4.06 74.56 -38.35
CA ILE A 184 -3.13 74.30 -39.44
C ILE A 184 -3.92 73.87 -40.66
N LYS A 185 -3.60 74.43 -41.82
CA LYS A 185 -4.31 74.07 -43.04
C LYS A 185 -3.84 72.71 -43.56
N GLY A 186 -4.71 72.08 -44.36
CA GLY A 186 -4.50 70.70 -44.73
C GLY A 186 -3.46 70.51 -45.82
N GLU A 187 -2.90 69.29 -45.84
CA GLU A 187 -1.81 68.86 -46.71
C GLU A 187 -0.63 69.82 -46.61
N ILE A 188 -0.02 69.80 -45.43
CA ILE A 188 1.11 70.66 -45.16
C ILE A 188 2.36 69.82 -44.89
N SER A 220 -7.06 64.14 -50.39
CA SER A 220 -7.57 62.81 -50.06
C SER A 220 -8.04 62.75 -48.61
N LYS A 221 -8.49 61.58 -48.17
CA LYS A 221 -8.98 61.39 -46.83
C LYS A 221 -8.21 60.24 -46.19
N LEU A 222 -8.14 60.25 -44.85
CA LEU A 222 -7.38 59.30 -44.03
C LEU A 222 -5.89 59.35 -44.35
N ARG A 223 -5.30 60.50 -44.08
CA ARG A 223 -3.86 60.68 -44.10
C ARG A 223 -3.39 60.75 -42.66
N ARG A 224 -2.24 60.14 -42.36
CA ARG A 224 -1.79 60.01 -40.98
C ARG A 224 -0.61 60.92 -40.69
N VAL A 225 -0.60 61.52 -39.51
CA VAL A 225 0.49 62.39 -39.07
C VAL A 225 1.10 61.82 -37.80
N PHE A 226 2.08 62.51 -37.22
CA PHE A 226 2.89 61.94 -36.13
C PHE A 226 3.08 62.95 -35.00
N VAL A 227 2.00 63.51 -34.48
CA VAL A 227 2.11 64.48 -33.39
C VAL A 227 2.61 63.78 -32.12
N VAL A 228 3.36 64.51 -31.30
CA VAL A 228 4.06 63.94 -30.15
C VAL A 228 4.10 64.95 -29.00
N GLU A 229 3.61 64.55 -27.82
CA GLU A 229 3.72 65.41 -26.65
C GLU A 229 5.06 65.17 -25.95
N MET A 230 5.37 66.07 -25.01
CA MET A 230 6.74 66.19 -24.51
C MET A 230 6.70 67.01 -23.23
N TYR A 231 7.16 66.46 -22.13
CA TYR A 231 7.23 67.18 -20.86
C TYR A 231 8.69 67.26 -20.42
N VAL A 232 9.39 68.27 -20.88
CA VAL A 232 10.82 68.40 -20.66
C VAL A 232 11.08 69.37 -19.50
N ARG A 233 11.96 68.98 -18.59
CA ARG A 233 12.46 69.88 -17.56
C ARG A 233 13.52 70.76 -18.19
N TRP A 234 13.18 72.02 -18.41
CA TRP A 234 14.07 72.91 -19.14
C TRP A 234 14.92 73.77 -18.24
N ASN A 235 14.37 74.14 -17.10
CA ASN A 235 15.01 74.86 -16.00
C ASN A 235 14.27 74.33 -14.79
N GLY A 236 14.18 75.11 -13.72
CA GLY A 236 13.33 74.74 -12.60
C GLY A 236 11.87 74.43 -12.88
N VAL A 237 11.36 74.85 -14.03
CA VAL A 237 9.99 74.60 -14.42
C VAL A 237 9.93 73.42 -15.38
N TRP A 238 8.73 72.92 -15.62
CA TRP A 238 8.49 71.82 -16.55
C TRP A 238 7.74 72.36 -17.76
N ILE A 239 8.42 72.41 -18.90
CA ILE A 239 7.84 72.88 -20.14
C ILE A 239 7.04 71.74 -20.76
N ARG A 240 5.82 72.03 -21.19
CA ARG A 240 5.04 71.14 -22.04
C ARG A 240 5.10 71.64 -23.46
N ALA A 241 5.46 70.76 -24.38
CA ALA A 241 5.49 71.12 -25.80
C ALA A 241 4.92 69.97 -26.61
N LEU A 242 4.28 70.27 -27.73
CA LEU A 242 3.88 69.23 -28.66
C LEU A 242 4.11 69.73 -30.08
N PHE A 243 4.76 68.91 -30.88
CA PHE A 243 5.25 69.34 -32.19
C PHE A 243 4.96 68.24 -33.20
N TRP A 244 5.43 68.45 -34.42
CA TRP A 244 5.45 67.43 -35.44
C TRP A 244 6.66 67.69 -36.33
N GLY A 245 6.68 67.12 -37.52
CA GLY A 245 7.90 67.06 -38.32
C GLY A 245 8.43 68.42 -38.77
N ARG A 246 7.56 69.41 -38.89
CA ARG A 246 8.00 70.78 -39.12
C ARG A 246 7.11 71.72 -38.31
N GLY A 247 7.75 72.59 -37.53
CA GLY A 247 7.04 73.50 -36.66
C GLY A 247 6.51 72.84 -35.40
N ILE A 248 6.29 73.66 -34.39
CA ILE A 248 5.65 73.24 -33.17
C ILE A 248 4.21 73.72 -33.21
N LEU A 249 3.38 73.20 -32.30
CA LEU A 249 1.97 73.55 -32.30
C LEU A 249 1.52 74.29 -31.06
N GLU A 250 2.00 73.90 -29.88
CA GLU A 250 1.82 74.71 -28.68
C GLU A 250 2.96 74.39 -27.73
N MET A 251 3.29 75.36 -26.89
CA MET A 251 4.44 75.24 -26.01
C MET A 251 4.27 76.20 -24.85
N SER A 252 4.16 75.68 -23.64
CA SER A 252 3.90 76.53 -22.49
C SER A 252 4.39 75.82 -21.24
N VAL A 253 4.40 76.55 -20.12
CA VAL A 253 4.68 75.95 -18.83
C VAL A 253 3.51 75.06 -18.47
N SER A 254 3.81 73.89 -17.88
CA SER A 254 2.80 72.88 -17.58
C SER A 254 1.80 73.41 -16.56
N ALA A 255 0.52 73.20 -16.84
CA ALA A 255 -0.55 73.81 -16.06
C ALA A 255 -0.78 73.11 -14.72
N TYR A 256 -0.36 71.87 -14.57
CA TYR A 256 -0.70 71.09 -13.40
C TYR A 256 0.35 71.29 -12.33
N LEU A 257 -0.10 71.43 -11.09
CA LEU A 257 0.81 71.66 -9.98
C LEU A 257 1.13 70.36 -9.28
N ASP A 258 1.78 70.46 -8.12
CA ASP A 258 2.25 69.30 -7.38
C ASP A 258 2.00 69.55 -5.89
N ARG A 259 2.46 68.67 -5.01
CA ARG A 259 2.23 68.84 -3.58
C ARG A 259 3.11 69.92 -2.97
N ASN A 260 4.10 70.43 -3.69
CA ASN A 260 4.96 71.48 -3.20
C ASN A 260 4.57 72.86 -3.73
N GLY A 261 3.77 72.93 -4.77
CA GLY A 261 3.31 74.18 -5.33
C GLY A 261 3.88 74.51 -6.69
N LYS A 262 4.94 73.88 -7.08
CA LYS A 262 5.66 74.12 -8.32
C LYS A 262 5.11 73.25 -9.44
N PRO A 263 5.11 73.72 -10.69
CA PRO A 263 4.52 72.93 -11.77
C PRO A 263 5.37 71.73 -12.15
N THR A 264 4.70 70.59 -12.35
CA THR A 264 5.36 69.33 -12.66
C THR A 264 4.66 68.59 -13.80
N CYS A 265 5.01 67.27 -13.97
CA CYS A 265 4.48 66.39 -15.00
C CYS A 265 3.32 65.56 -14.46
N PRO A 266 2.36 65.23 -15.30
CA PRO A 266 1.31 64.32 -14.87
C PRO A 266 1.57 62.87 -15.22
N ILE A 267 2.54 62.60 -16.10
CA ILE A 267 2.76 61.25 -16.60
C ILE A 267 3.42 60.41 -15.51
N GLU A 268 2.85 59.24 -15.23
CA GLU A 268 3.39 58.32 -14.25
C GLU A 268 3.40 56.89 -14.77
N ALA A 269 4.43 56.15 -14.38
CA ALA A 269 4.68 54.85 -14.99
C ALA A 269 5.57 54.02 -14.07
N ARG A 270 5.73 52.75 -14.43
CA ARG A 270 6.49 51.81 -13.62
C ARG A 270 6.85 50.59 -14.45
N SER A 271 8.06 50.08 -14.30
CA SER A 271 8.53 48.91 -15.01
C SER A 271 8.75 47.76 -14.04
N CYS A 272 8.86 46.56 -14.61
CA CYS A 272 8.91 45.36 -13.78
C CYS A 272 10.33 45.10 -13.25
N TYR A 273 11.28 44.90 -14.14
CA TYR A 273 12.67 44.69 -13.75
C TYR A 273 13.58 45.60 -14.56
N ILE A 274 14.80 45.75 -14.06
CA ILE A 274 15.82 46.61 -14.64
C ILE A 274 17.10 45.79 -14.72
N ASP A 275 18.00 46.17 -15.62
CA ASP A 275 19.25 45.45 -15.82
C ASP A 275 20.41 46.40 -15.53
N ARG A 276 21.65 45.94 -15.70
CA ARG A 276 22.80 46.79 -15.37
C ARG A 276 22.94 47.93 -16.36
N GLU A 277 23.13 47.61 -17.64
CA GLU A 277 22.74 48.59 -18.65
C GLU A 277 21.23 48.63 -18.70
N ASN A 278 20.68 49.79 -19.03
CA ASN A 278 19.28 50.05 -18.73
C ASN A 278 18.32 49.32 -19.65
N ARG A 279 17.95 48.11 -19.30
CA ARG A 279 16.92 47.34 -19.98
C ARG A 279 15.67 47.31 -19.12
N ARG A 280 14.52 47.20 -19.75
CA ARG A 280 13.24 47.14 -19.04
C ARG A 280 12.59 45.85 -19.51
N TYR A 281 12.90 44.73 -18.91
CA TYR A 281 12.25 43.51 -19.35
C TYR A 281 11.08 43.23 -18.43
N GLY A 282 10.30 42.21 -18.77
CA GLY A 282 9.11 41.93 -18.02
C GLY A 282 9.14 40.59 -17.31
N GLU A 283 8.13 39.76 -17.55
CA GLU A 283 8.10 38.42 -17.00
C GLU A 283 8.37 37.37 -18.07
N VAL A 284 7.98 37.66 -19.31
CA VAL A 284 8.09 36.71 -20.40
C VAL A 284 9.41 36.97 -21.14
N ARG A 285 10.32 37.73 -20.51
CA ARG A 285 11.72 37.65 -20.95
C ARG A 285 12.33 36.34 -20.51
N ASP A 286 11.99 35.89 -19.31
CA ASP A 286 12.18 34.50 -18.93
C ASP A 286 11.09 33.68 -19.62
N LEU A 287 11.10 32.35 -19.41
CA LEU A 287 10.15 31.41 -20.04
C LEU A 287 10.23 31.47 -21.56
N ARG A 288 11.39 31.80 -22.09
CA ARG A 288 11.67 31.70 -23.51
C ARG A 288 12.74 30.69 -23.81
N SER A 289 13.81 30.70 -23.04
CA SER A 289 14.77 29.63 -23.12
C SER A 289 14.20 28.30 -22.61
N PRO A 290 13.39 28.21 -21.55
CA PRO A 290 12.71 26.95 -21.28
C PRO A 290 11.47 26.70 -22.11
N GLN A 291 11.23 27.46 -23.18
CA GLN A 291 10.06 27.24 -24.01
C GLN A 291 10.41 27.04 -25.47
N ASP A 292 11.60 27.45 -25.89
CA ASP A 292 12.19 26.96 -27.13
C ASP A 292 12.80 25.59 -26.97
N ALA A 293 12.81 25.01 -25.78
CA ALA A 293 13.29 23.66 -25.61
C ALA A 293 12.15 22.68 -25.43
N ILE A 294 10.91 23.12 -25.60
CA ILE A 294 9.78 22.22 -25.70
C ILE A 294 9.28 22.15 -27.13
N ASN A 295 9.31 23.27 -27.84
CA ASN A 295 8.95 23.27 -29.24
C ASN A 295 10.00 22.58 -30.10
N LYS A 296 11.27 22.73 -29.76
CA LYS A 296 12.32 22.13 -30.56
C LYS A 296 12.57 20.68 -30.21
N ARG A 297 12.50 20.30 -28.93
CA ARG A 297 12.62 18.88 -28.61
C ARG A 297 11.36 18.10 -28.91
N GLU A 298 10.36 18.68 -29.58
CA GLU A 298 9.23 17.94 -30.07
C GLU A 298 9.31 17.69 -31.56
N SER A 299 9.80 18.67 -32.32
CA SER A 299 9.96 18.50 -33.76
C SER A 299 11.19 17.69 -34.10
N LYS A 300 12.15 17.54 -33.18
CA LYS A 300 13.25 16.64 -33.46
C LYS A 300 12.81 15.20 -33.40
N LEU A 301 11.93 14.86 -32.47
CA LEU A 301 11.46 13.50 -32.30
C LEU A 301 10.47 13.10 -33.36
N LEU A 302 9.69 14.03 -33.87
CA LEU A 302 8.77 13.71 -34.93
C LEU A 302 9.51 13.47 -36.23
N HIS A 303 10.62 14.16 -36.42
CA HIS A 303 11.44 13.94 -37.60
C HIS A 303 12.25 12.66 -37.49
N MET A 304 12.56 12.23 -36.29
CA MET A 304 13.45 11.10 -36.09
C MET A 304 12.69 9.79 -35.99
N LEU A 305 11.38 9.84 -35.74
CA LEU A 305 10.54 8.66 -35.65
C LEU A 305 9.66 8.45 -36.86
N ASN A 306 10.10 8.92 -38.03
CA ASN A 306 9.47 8.56 -39.29
C ASN A 306 10.44 8.25 -40.41
N ASN A 307 11.74 8.43 -40.20
CA ASN A 307 12.71 8.31 -41.27
C ASN A 307 13.76 7.27 -40.90
N ARG A 308 14.07 6.39 -41.83
CA ARG A 308 15.03 5.32 -41.61
C ARG A 308 16.14 5.50 -42.62
N GLN A 309 17.32 5.93 -42.16
CA GLN A 309 18.42 6.18 -43.06
C GLN A 309 19.01 4.87 -43.58
N ALA A 310 19.36 4.86 -44.86
CA ALA A 310 19.69 3.64 -45.57
C ALA A 310 21.18 3.58 -45.82
N ILE A 311 21.81 2.48 -45.41
CA ILE A 311 23.23 2.27 -45.62
C ILE A 311 23.40 1.22 -46.72
N ALA A 312 24.50 1.31 -47.43
CA ALA A 312 24.76 0.38 -48.51
C ALA A 312 25.54 -0.81 -47.99
N THR A 313 25.15 -2.01 -48.39
CA THR A 313 25.82 -3.22 -47.91
C THR A 313 26.54 -3.94 -49.03
N ASN A 314 25.85 -4.35 -50.09
CA ASN A 314 26.45 -5.14 -51.15
C ASN A 314 26.57 -4.26 -52.39
N PRO A 315 27.74 -3.78 -52.74
CA PRO A 315 27.87 -2.79 -53.82
C PRO A 315 27.71 -3.33 -55.23
N GLU A 316 27.18 -4.53 -55.42
CA GLU A 316 26.79 -4.99 -56.75
C GLU A 316 25.28 -4.97 -56.94
N TYR A 317 24.52 -5.54 -56.00
CA TYR A 317 23.07 -5.44 -56.13
C TYR A 317 22.57 -4.06 -55.72
N ALA A 318 23.25 -3.43 -54.77
CA ALA A 318 23.07 -2.00 -54.57
C ALA A 318 23.93 -1.28 -55.60
N TYR A 319 23.96 0.06 -55.49
CA TYR A 319 24.54 0.96 -56.50
C TYR A 319 23.89 0.75 -57.87
N ASN A 320 22.68 0.26 -57.90
CA ASN A 320 22.05 -0.15 -59.14
C ASN A 320 20.73 0.58 -59.35
N SER A 321 19.90 0.64 -58.31
CA SER A 321 18.62 1.31 -58.44
C SER A 321 18.78 2.83 -58.35
N ASP A 322 19.15 3.33 -57.17
CA ASP A 322 19.36 4.75 -56.87
C ASP A 322 19.76 4.78 -55.40
N ALA A 323 20.07 5.96 -54.90
CA ALA A 323 20.25 6.11 -53.46
C ALA A 323 19.09 6.84 -52.81
N GLU A 324 18.75 8.03 -53.30
CA GLU A 324 17.75 8.85 -52.65
C GLU A 324 16.34 8.33 -52.89
N MET A 325 16.14 7.54 -53.94
CA MET A 325 14.85 6.90 -54.16
C MET A 325 14.64 5.71 -53.22
N VAL A 326 15.72 5.05 -52.78
CA VAL A 326 15.56 3.85 -51.97
C VAL A 326 15.20 4.21 -50.54
N ARG A 327 15.85 5.22 -49.96
CA ARG A 327 15.51 5.52 -48.57
C ARG A 327 14.17 6.23 -48.43
N LYS A 328 13.54 6.66 -49.51
CA LYS A 328 12.14 7.06 -49.38
C LYS A 328 11.20 5.89 -49.49
N GLU A 329 11.68 4.71 -49.89
CA GLU A 329 10.88 3.51 -49.91
C GLU A 329 10.95 2.76 -48.60
N MET A 330 11.92 3.07 -47.76
CA MET A 330 12.01 2.45 -46.45
C MET A 330 11.18 3.16 -45.42
N SER A 331 11.00 4.47 -45.56
CA SER A 331 10.32 5.23 -44.54
C SER A 331 8.80 5.18 -44.67
N LYS A 332 8.27 4.67 -45.76
CA LYS A 332 6.84 4.57 -45.85
C LYS A 332 6.41 3.11 -45.87
N PRO A 333 5.32 2.76 -45.19
CA PRO A 333 4.99 1.33 -45.01
C PRO A 333 4.50 0.62 -46.26
N ASP A 334 4.08 1.32 -47.31
CA ASP A 334 3.69 0.65 -48.54
C ASP A 334 4.81 0.67 -49.58
N GLY A 335 5.96 0.11 -49.21
CA GLY A 335 7.13 0.22 -50.07
C GLY A 335 7.68 -1.08 -50.61
N ILE A 336 8.48 -0.96 -51.67
CA ILE A 336 9.25 -2.07 -52.24
C ILE A 336 10.70 -1.68 -52.17
N ILE A 337 11.54 -2.55 -51.62
CA ILE A 337 12.94 -2.25 -51.38
C ILE A 337 13.81 -3.16 -52.23
N PRO A 338 14.76 -2.63 -53.00
CA PRO A 338 15.65 -3.47 -53.79
C PRO A 338 16.67 -4.15 -52.90
N PRO A 339 17.34 -5.20 -53.39
CA PRO A 339 18.37 -5.86 -52.58
C PRO A 339 19.61 -4.99 -52.44
N GLY A 340 20.34 -5.25 -51.36
CA GLY A 340 21.62 -4.62 -51.13
C GLY A 340 21.60 -3.41 -50.23
N TRP A 341 20.44 -3.01 -49.74
CA TRP A 341 20.30 -1.85 -48.88
C TRP A 341 19.74 -2.26 -47.53
N GLN A 342 20.26 -1.66 -46.46
CA GLN A 342 19.94 -2.04 -45.10
C GLN A 342 19.29 -0.88 -44.35
N PRO A 343 18.10 -1.06 -43.80
CA PRO A 343 17.42 0.05 -43.12
C PRO A 343 17.87 0.28 -41.67
N ALA A 344 18.96 1.01 -41.50
CA ALA A 344 19.47 1.30 -40.17
C ALA A 344 18.79 2.54 -39.61
N SER A 345 17.83 2.32 -38.72
CA SER A 345 17.11 3.47 -38.20
C SER A 345 17.76 4.00 -36.92
N MET A 346 17.43 5.25 -36.60
CA MET A 346 17.91 5.89 -35.38
C MET A 346 16.86 5.81 -34.27
N THR A 347 16.42 4.59 -33.95
CA THR A 347 15.54 4.40 -32.80
C THR A 347 16.32 4.09 -31.53
N ASP A 348 17.39 4.83 -31.36
CA ASP A 348 18.23 4.92 -30.19
C ASP A 348 18.51 6.39 -30.06
N LEU A 349 18.97 6.81 -28.88
CA LEU A 349 19.08 8.22 -28.47
C LEU A 349 17.79 8.99 -28.73
N ALA A 350 16.66 8.32 -28.57
CA ALA A 350 15.35 8.95 -28.47
C ALA A 350 14.80 8.86 -27.06
N ASN A 351 15.15 7.81 -26.32
CA ASN A 351 14.88 7.77 -24.91
C ASN A 351 15.76 8.71 -24.11
N GLY A 352 16.84 9.19 -24.71
CA GLY A 352 17.59 10.29 -24.16
C GLY A 352 17.00 11.64 -24.49
N GLN A 353 16.13 11.71 -25.48
CA GLN A 353 15.43 12.94 -25.81
C GLN A 353 14.13 13.08 -25.04
N PHE A 354 13.39 11.98 -24.82
CA PHE A 354 12.20 12.03 -23.98
C PHE A 354 12.53 12.37 -22.54
N ALA A 355 13.69 11.94 -22.05
CA ALA A 355 14.10 12.29 -20.70
C ALA A 355 14.73 13.67 -20.63
N LEU A 356 14.78 14.39 -21.75
CA LEU A 356 15.34 15.73 -21.80
C LEU A 356 14.31 16.76 -22.23
N LEU A 357 13.21 16.34 -22.82
CA LEU A 357 12.01 17.18 -22.92
C LEU A 357 11.25 17.21 -21.62
N SER A 358 11.11 16.06 -20.96
CA SER A 358 10.36 15.99 -19.72
C SER A 358 11.08 16.63 -18.55
N SER A 359 12.33 17.03 -18.73
CA SER A 359 13.01 17.90 -17.78
C SER A 359 12.73 19.36 -18.03
N ALA A 360 12.16 19.71 -19.19
CA ALA A 360 11.82 21.09 -19.51
C ALA A 360 10.33 21.34 -19.55
N ARG A 361 9.50 20.30 -19.57
CA ARG A 361 8.08 20.48 -19.28
C ARG A 361 7.81 20.61 -17.80
N GLU A 362 8.79 20.30 -16.95
CA GLU A 362 8.61 20.37 -15.51
C GLU A 362 9.20 21.64 -14.92
N PHE A 363 10.28 22.17 -15.48
CA PHE A 363 10.77 23.46 -15.03
C PHE A 363 9.88 24.59 -15.49
N ILE A 364 9.24 24.45 -16.66
CA ILE A 364 8.36 25.49 -17.18
C ILE A 364 7.07 25.58 -16.38
N GLN A 365 6.79 24.58 -15.56
CA GLN A 365 5.63 24.55 -14.70
C GLN A 365 5.98 24.99 -13.27
N ARG A 366 7.26 25.13 -12.97
CA ARG A 366 7.69 25.40 -11.61
C ARG A 366 8.18 26.84 -11.42
N ILE A 367 8.63 27.49 -12.49
CA ILE A 367 9.06 28.89 -12.39
C ILE A 367 7.93 29.79 -12.86
N GLY A 368 7.11 29.29 -13.78
CA GLY A 368 6.12 30.17 -14.35
C GLY A 368 4.72 29.93 -13.84
N GLN A 369 4.31 28.67 -13.76
CA GLN A 369 2.90 28.32 -13.56
C GLN A 369 2.61 28.04 -12.09
N ASN A 370 3.26 28.80 -11.22
CA ASN A 370 2.82 28.90 -9.83
C ASN A 370 1.51 29.64 -9.50
N PRO A 371 0.97 30.68 -10.29
CA PRO A 371 -0.05 31.55 -9.67
C PRO A 371 -1.39 30.90 -9.43
N SER A 372 -1.42 30.02 -8.42
CA SER A 372 -2.58 29.25 -7.97
C SER A 372 -3.16 28.35 -9.06
N VAL A 373 -2.36 27.92 -10.02
CA VAL A 373 -2.77 26.90 -10.99
C VAL A 373 -1.70 25.81 -11.01
N LEU A 374 -1.85 24.84 -10.12
CA LEU A 374 -0.87 23.76 -9.98
C LEU A 374 -1.58 22.42 -9.95
N ALA A 375 -2.84 22.41 -9.52
CA ALA A 375 -3.59 21.19 -9.30
C ALA A 375 -4.02 20.57 -10.62
N ARG A 384 -2.36 22.37 -1.82
CA ARG A 384 -3.14 21.85 -0.70
C ARG A 384 -4.28 22.78 -0.36
N ALA A 385 -5.00 22.44 0.71
CA ALA A 385 -6.19 23.17 1.12
C ALA A 385 -5.83 24.49 1.78
N GLN A 386 -5.54 25.50 0.97
CA GLN A 386 -5.30 26.89 1.39
C GLN A 386 -4.12 27.01 2.35
N LEU A 387 -3.11 26.16 2.19
CA LEU A 387 -1.84 26.29 2.90
C LEU A 387 -0.65 26.21 1.98
N ALA A 388 -0.68 25.34 0.96
CA ALA A 388 0.33 25.33 -0.08
C ALA A 388 0.05 26.35 -1.17
N ARG A 389 -0.94 27.22 -0.98
CA ARG A 389 -1.15 28.37 -1.86
C ARG A 389 -1.38 29.68 -1.09
N GLN A 390 -1.79 29.64 0.18
CA GLN A 390 -1.99 30.85 0.95
C GLN A 390 -0.69 31.36 1.56
N GLN A 391 0.30 30.50 1.72
CA GLN A 391 1.57 30.96 2.28
C GLN A 391 2.71 30.45 1.42
N ALA A 392 2.43 29.53 0.49
CA ALA A 392 3.47 28.94 -0.34
C ALA A 392 3.36 29.32 -1.81
N GLY A 393 2.18 29.69 -2.28
CA GLY A 393 2.04 30.05 -3.68
C GLY A 393 2.06 31.54 -3.90
N MET A 394 1.50 32.30 -2.97
CA MET A 394 1.39 33.75 -3.12
C MET A 394 2.57 34.49 -2.53
N VAL A 395 3.63 33.79 -2.14
CA VAL A 395 4.85 34.46 -1.69
C VAL A 395 5.91 34.43 -2.79
N ASP A 396 5.72 33.62 -3.84
CA ASP A 396 6.62 33.68 -4.98
C ASP A 396 6.16 34.72 -5.99
N SER A 397 4.87 35.04 -6.00
CA SER A 397 4.35 36.17 -6.77
C SER A 397 4.14 37.39 -5.91
N ALA A 398 5.03 37.66 -4.96
CA ALA A 398 4.84 38.81 -4.09
C ALA A 398 5.49 40.07 -4.67
N MET A 399 6.75 39.99 -5.09
CA MET A 399 7.30 41.02 -5.95
C MET A 399 6.57 41.03 -7.27
N ALA A 400 6.50 42.21 -7.87
CA ALA A 400 5.84 42.49 -9.16
C ALA A 400 4.37 42.11 -9.17
N LEU A 401 3.74 41.97 -8.00
CA LEU A 401 2.30 41.95 -7.89
C LEU A 401 1.94 42.87 -6.75
N ASN A 402 2.87 42.99 -5.80
CA ASN A 402 2.90 44.12 -4.87
C ASN A 402 3.86 45.18 -5.35
N GLY A 403 4.04 45.26 -6.66
CA GLY A 403 4.73 46.34 -7.31
C GLY A 403 3.77 47.05 -8.22
N LEU A 404 2.77 46.32 -8.71
CA LEU A 404 1.74 46.93 -9.54
C LEU A 404 0.67 47.60 -8.69
N ARG A 405 0.43 47.10 -7.48
CA ARG A 405 -0.39 47.83 -6.52
C ARG A 405 0.24 49.15 -6.16
N ARG A 406 1.57 49.21 -6.16
CA ARG A 406 2.27 50.43 -5.82
C ARG A 406 2.17 51.47 -6.92
N PHE A 407 2.05 51.05 -8.17
CA PHE A 407 1.72 51.97 -9.26
C PHE A 407 0.28 52.45 -9.18
N GLU A 408 -0.65 51.58 -8.82
CA GLU A 408 -2.06 51.93 -8.89
C GLU A 408 -2.43 52.94 -7.82
N LEU A 409 -1.89 52.80 -6.62
CA LEU A 409 -2.15 53.78 -5.58
C LEU A 409 -1.23 54.98 -5.65
N ALA A 410 -0.34 55.02 -6.63
CA ALA A 410 0.44 56.21 -6.91
C ALA A 410 -0.18 57.06 -7.98
N VAL A 411 -1.33 56.65 -8.51
CA VAL A 411 -2.03 57.49 -9.48
C VAL A 411 -3.16 58.19 -8.75
N TYR A 412 -3.77 57.49 -7.79
CA TYR A 412 -4.80 58.09 -6.95
C TYR A 412 -4.25 59.26 -6.17
N ARG A 413 -3.00 59.14 -5.70
CA ARG A 413 -2.32 60.28 -5.10
C ARG A 413 -2.13 61.40 -6.11
N GLN A 414 -1.80 61.06 -7.35
CA GLN A 414 -1.64 62.07 -8.39
C GLN A 414 -2.98 62.60 -8.88
N ALA A 415 -4.10 61.98 -8.50
CA ALA A 415 -5.41 62.45 -8.91
C ALA A 415 -6.11 63.30 -7.88
N TRP A 416 -5.67 63.30 -6.63
CA TRP A 416 -6.20 64.25 -5.67
C TRP A 416 -5.59 65.63 -5.84
N LEU A 417 -4.40 65.73 -6.41
CA LEU A 417 -3.84 67.04 -6.70
C LEU A 417 -4.56 67.76 -7.83
N ARG A 418 -5.27 67.03 -8.70
CA ARG A 418 -5.97 67.65 -9.82
C ARG A 418 -7.41 67.96 -9.52
N CYS A 419 -8.06 67.19 -8.66
CA CYS A 419 -9.40 67.52 -8.18
C CYS A 419 -9.34 68.33 -6.91
N ARG A 420 -8.27 69.07 -6.69
CA ARG A 420 -8.22 70.05 -5.63
C ARG A 420 -8.09 71.47 -6.16
N GLN A 421 -7.11 71.72 -7.02
CA GLN A 421 -6.86 73.07 -7.51
C GLN A 421 -7.88 73.53 -8.54
N PHE A 422 -8.73 72.65 -9.06
CA PHE A 422 -9.70 73.03 -10.06
C PHE A 422 -11.14 73.04 -9.56
N TRP A 423 -11.47 72.21 -8.58
CA TRP A 423 -12.83 72.20 -8.04
C TRP A 423 -13.00 73.33 -7.03
N LYS A 424 -13.88 74.26 -7.34
CA LYS A 424 -14.24 75.32 -6.42
C LYS A 424 -15.33 74.82 -5.49
N ALA A 425 -15.94 75.72 -4.73
CA ALA A 425 -16.91 75.35 -3.72
C ALA A 425 -18.23 74.72 -4.21
N PRO A 426 -18.87 75.13 -5.30
CA PRO A 426 -20.08 74.42 -5.72
C PRO A 426 -19.83 73.15 -6.53
N ASP A 427 -18.61 72.61 -6.52
CA ASP A 427 -18.35 71.33 -7.18
C ASP A 427 -18.22 70.18 -6.19
N TYR A 428 -17.83 70.47 -4.96
CA TYR A 428 -17.87 69.48 -3.89
C TYR A 428 -19.29 69.16 -3.47
N ILE A 429 -20.21 70.11 -3.62
CA ILE A 429 -21.57 69.90 -3.17
C ILE A 429 -22.34 69.04 -4.17
N ARG A 430 -21.96 69.08 -5.44
CA ARG A 430 -22.64 68.25 -6.43
C ARG A 430 -22.31 66.78 -6.26
N VAL A 431 -21.09 66.46 -5.85
CA VAL A 431 -20.65 65.08 -5.77
C VAL A 431 -21.10 64.43 -4.47
N THR A 432 -20.72 65.02 -3.34
CA THR A 432 -21.03 64.45 -2.03
C THR A 432 -22.47 64.71 -1.59
N ASP A 433 -23.13 65.69 -2.21
CA ASP A 433 -24.55 66.00 -2.02
C ASP A 433 -24.88 66.33 -0.58
N ASP A 434 -24.28 67.41 -0.09
CA ASP A 434 -24.53 67.93 1.25
C ASP A 434 -24.08 69.38 1.33
N GLU A 435 -25.02 70.30 1.52
CA GLU A 435 -24.64 71.69 1.72
C GLU A 435 -23.95 71.84 3.06
N GLY A 436 -22.74 72.37 3.04
CA GLY A 436 -21.88 72.35 4.20
C GLY A 436 -20.73 71.37 4.10
N ALA A 437 -20.49 70.79 2.95
CA ALA A 437 -19.31 69.99 2.67
C ALA A 437 -18.01 70.74 2.36
N PRO A 438 -17.96 71.83 1.56
CA PRO A 438 -16.65 72.44 1.29
C PRO A 438 -16.05 73.19 2.47
N GLN A 439 -16.73 73.33 3.59
CA GLN A 439 -16.12 73.95 4.76
C GLN A 439 -15.09 73.05 5.44
N PHE A 440 -15.05 71.77 5.07
CA PHE A 440 -14.15 70.80 5.69
C PHE A 440 -12.85 70.59 4.92
N VAL A 441 -12.65 71.30 3.81
CA VAL A 441 -11.48 71.08 2.96
C VAL A 441 -10.76 72.38 2.68
N GLY A 442 -10.86 73.33 3.60
CA GLY A 442 -10.05 74.54 3.49
C GLY A 442 -10.60 75.60 2.59
N ILE A 443 -11.91 75.82 2.59
CA ILE A 443 -12.48 77.01 1.96
C ILE A 443 -13.70 77.40 2.79
N ASN A 444 -13.99 78.70 2.80
CA ASN A 444 -14.99 79.35 3.68
C ASN A 444 -14.77 79.03 5.16
N ALA A 464 -30.02 75.65 -11.32
CA ALA A 464 -29.04 76.71 -11.54
C ALA A 464 -28.20 76.43 -12.78
N GLU A 465 -26.96 76.90 -12.77
CA GLU A 465 -26.08 76.65 -13.91
C GLU A 465 -25.60 75.20 -13.89
N PRO A 466 -25.22 74.66 -15.06
CA PRO A 466 -24.42 73.43 -15.05
C PRO A 466 -23.07 73.69 -14.40
N ILE A 467 -22.75 72.87 -13.41
CA ILE A 467 -21.59 73.08 -12.56
C ILE A 467 -20.46 72.11 -12.89
N LEU A 468 -20.76 70.84 -13.14
CA LEU A 468 -19.80 69.93 -13.74
C LEU A 468 -20.25 69.46 -15.11
N GLY A 469 -20.88 70.33 -15.89
CA GLY A 469 -21.45 69.89 -17.14
C GLY A 469 -22.61 68.94 -17.02
N TYR A 470 -23.34 68.99 -15.91
CA TYR A 470 -24.47 68.11 -15.67
C TYR A 470 -25.74 68.93 -15.72
N GLU A 471 -26.48 68.80 -16.81
CA GLU A 471 -27.58 69.69 -17.12
C GLU A 471 -28.87 69.35 -16.37
N ASN A 472 -28.94 68.22 -15.68
CA ASN A 472 -30.10 67.89 -14.86
C ASN A 472 -29.89 68.09 -13.38
N ALA A 473 -28.72 67.73 -12.87
CA ALA A 473 -28.34 67.77 -11.45
C ALA A 473 -29.24 66.93 -10.56
N LEU A 474 -29.92 65.93 -11.11
CA LEU A 474 -30.73 65.04 -10.29
C LEU A 474 -30.37 63.58 -10.45
N ALA A 475 -30.25 63.07 -11.69
CA ALA A 475 -29.90 61.66 -11.89
C ALA A 475 -29.14 61.51 -13.20
N GLU A 476 -27.82 61.34 -13.09
CA GLU A 476 -26.96 61.15 -14.24
C GLU A 476 -26.14 59.89 -14.05
N LEU A 477 -25.46 59.46 -15.13
CA LEU A 477 -24.82 58.15 -15.14
C LEU A 477 -23.58 58.08 -14.27
N ASP A 478 -22.68 59.03 -14.44
CA ASP A 478 -21.41 59.12 -13.73
C ASP A 478 -21.58 59.20 -12.23
N VAL A 479 -22.29 60.22 -11.76
CA VAL A 479 -22.30 60.53 -10.34
C VAL A 479 -23.03 59.44 -9.57
N ASP A 480 -24.32 59.31 -9.81
CA ASP A 480 -25.17 58.73 -8.79
C ASP A 480 -26.09 57.66 -9.34
N ILE A 481 -25.61 56.86 -10.30
CA ILE A 481 -26.34 55.68 -10.70
C ILE A 481 -25.45 54.44 -10.61
N ASN A 482 -24.34 54.41 -11.36
CA ASN A 482 -23.30 53.38 -11.30
C ASN A 482 -23.86 51.97 -11.58
N ILE A 483 -24.23 51.75 -12.85
CA ILE A 483 -24.77 50.46 -13.30
C ILE A 483 -23.78 49.34 -13.05
N ASP A 484 -24.26 48.26 -12.42
CA ASP A 484 -23.42 47.11 -12.09
C ASP A 484 -24.32 45.88 -12.09
N ALA A 485 -23.71 44.71 -12.28
CA ALA A 485 -24.46 43.47 -12.31
C ALA A 485 -24.63 42.90 -10.90
N VAL A 486 -25.47 41.88 -10.78
CA VAL A 486 -25.83 41.29 -9.49
C VAL A 486 -26.41 39.91 -9.85
N PRO A 487 -26.45 38.93 -8.93
CA PRO A 487 -27.05 37.63 -9.29
C PRO A 487 -28.55 37.71 -9.51
N ASP A 488 -29.07 36.65 -10.12
CA ASP A 488 -30.38 36.64 -10.74
C ASP A 488 -31.49 36.40 -9.73
N THR A 489 -32.66 36.97 -10.00
CA THR A 489 -33.87 36.72 -9.23
C THR A 489 -35.03 36.59 -10.22
N ALA A 490 -36.26 36.66 -9.72
CA ALA A 490 -37.44 36.63 -10.57
C ALA A 490 -38.12 37.99 -10.67
N ASN A 491 -38.30 38.66 -9.54
CA ASN A 491 -38.78 40.03 -9.52
C ASN A 491 -38.05 40.77 -8.40
N LEU A 492 -38.21 42.09 -8.36
CA LEU A 492 -37.46 42.89 -7.41
C LEU A 492 -38.00 42.73 -5.99
N ALA A 493 -39.20 42.20 -5.82
CA ALA A 493 -39.69 41.91 -4.48
C ALA A 493 -38.96 40.73 -3.86
N GLN A 494 -38.53 39.76 -4.67
CA GLN A 494 -37.85 38.60 -4.13
C GLN A 494 -36.42 38.94 -3.72
N GLU A 495 -35.74 39.79 -4.49
CA GLU A 495 -34.43 40.27 -4.08
C GLU A 495 -34.53 41.13 -2.83
N GLN A 496 -35.65 41.84 -2.65
CA GLN A 496 -35.88 42.59 -1.43
C GLN A 496 -36.14 41.65 -0.25
N PHE A 497 -36.63 40.44 -0.54
CA PHE A 497 -36.95 39.47 0.50
C PHE A 497 -35.72 38.78 1.05
N LEU A 498 -34.65 38.69 0.26
CA LEU A 498 -33.50 37.90 0.68
C LEU A 498 -32.65 38.63 1.70
N GLN A 499 -32.44 39.94 1.52
CA GLN A 499 -31.71 40.74 2.50
C GLN A 499 -32.60 41.35 3.56
N LEU A 500 -33.73 40.70 3.85
CA LEU A 500 -34.53 41.02 5.01
C LEU A 500 -34.56 39.86 5.99
N THR A 501 -34.81 38.64 5.51
CA THR A 501 -34.77 37.45 6.36
C THR A 501 -33.37 37.12 6.83
N GLU A 502 -32.34 37.48 6.05
CA GLU A 502 -30.97 37.43 6.54
C GLU A 502 -30.77 38.42 7.68
N LEU A 503 -31.38 39.59 7.58
CA LEU A 503 -31.28 40.58 8.62
C LEU A 503 -32.26 40.33 9.76
N ALA A 504 -33.42 39.74 9.47
CA ALA A 504 -34.38 39.40 10.53
C ALA A 504 -33.93 38.24 11.38
N ARG A 505 -33.04 37.40 10.86
CA ARG A 505 -32.61 36.22 11.60
C ARG A 505 -31.72 36.59 12.77
N LEU A 506 -30.94 37.66 12.64
CA LEU A 506 -30.07 38.10 13.73
C LEU A 506 -30.89 38.74 14.85
N TYR A 507 -31.89 39.54 14.51
CA TYR A 507 -32.73 40.14 15.54
C TYR A 507 -33.79 39.18 16.04
N GLY A 508 -34.67 38.74 15.16
CA GLY A 508 -35.65 37.75 15.52
C GLY A 508 -37.07 38.15 15.18
N PRO A 509 -38.04 37.41 15.72
CA PRO A 509 -39.44 37.67 15.38
C PRO A 509 -40.07 38.81 16.18
N GLN A 510 -39.26 39.65 16.80
CA GLN A 510 -39.79 40.75 17.59
C GLN A 510 -40.13 41.97 16.75
N GLU A 511 -39.23 42.36 15.84
CA GLU A 511 -39.42 43.59 15.08
C GLU A 511 -39.49 43.37 13.57
N VAL A 512 -39.55 42.13 13.10
CA VAL A 512 -39.87 41.85 11.71
C VAL A 512 -41.11 40.95 11.71
N PRO A 513 -42.31 41.52 11.71
CA PRO A 513 -43.52 40.70 11.85
C PRO A 513 -44.11 40.25 10.52
N PHE A 514 -45.27 39.58 10.56
CA PHE A 514 -46.06 39.37 9.36
C PHE A 514 -46.54 40.69 8.76
N ASP A 515 -46.99 40.60 7.50
CA ASP A 515 -47.36 41.66 6.55
C ASP A 515 -46.13 42.45 6.09
N ASP A 516 -44.94 42.12 6.59
CA ASP A 516 -43.70 42.74 6.18
C ASP A 516 -42.70 41.70 5.69
N LEU A 517 -42.94 40.43 5.98
CA LEU A 517 -42.13 39.33 5.49
C LEU A 517 -42.95 38.29 4.74
N LEU A 518 -44.26 38.24 4.94
CA LEU A 518 -45.16 37.41 4.14
C LEU A 518 -45.61 38.14 2.88
N GLU A 519 -45.68 39.47 2.93
CA GLU A 519 -46.22 40.22 1.81
C GLU A 519 -45.24 40.23 0.65
N LEU A 520 -43.98 40.55 0.90
CA LEU A 520 -43.00 40.58 -0.19
C LEU A 520 -42.28 39.24 -0.33
N SER A 521 -43.06 38.16 -0.36
CA SER A 521 -42.54 36.81 -0.45
C SER A 521 -42.64 36.32 -1.89
N SER A 522 -42.40 35.02 -2.08
CA SER A 522 -42.49 34.40 -3.39
C SER A 522 -43.44 33.20 -3.36
N MET A 523 -44.61 33.39 -2.76
CA MET A 523 -45.79 32.58 -2.49
C MET A 523 -46.84 32.81 -3.57
N PRO A 524 -47.48 31.76 -4.11
CA PRO A 524 -48.41 31.94 -5.22
C PRO A 524 -49.66 32.73 -4.91
N GLU A 525 -50.46 32.24 -3.97
CA GLU A 525 -51.73 32.86 -3.61
C GLU A 525 -51.57 33.44 -2.22
N LYS A 526 -51.39 34.77 -2.16
CA LYS A 526 -51.28 35.44 -0.88
C LYS A 526 -52.28 36.56 -0.69
N THR A 527 -52.79 37.14 -1.77
CA THR A 527 -53.83 38.16 -1.66
C THR A 527 -55.13 37.55 -1.16
N LYS A 528 -55.40 36.30 -1.51
CA LYS A 528 -56.53 35.55 -0.96
C LYS A 528 -56.17 34.84 0.33
N LEU A 529 -55.02 35.17 0.93
CA LEU A 529 -54.66 34.70 2.26
C LEU A 529 -54.30 35.83 3.21
N ILE A 530 -53.85 36.98 2.71
CA ILE A 530 -53.50 38.05 3.63
C ILE A 530 -54.74 38.78 4.12
N ALA A 531 -55.87 38.62 3.44
CA ALA A 531 -57.11 39.28 3.85
C ALA A 531 -57.99 38.39 4.71
N LYS A 532 -57.71 37.10 4.80
CA LYS A 532 -58.39 36.22 5.74
C LYS A 532 -57.64 36.12 7.07
N ARG A 533 -56.47 36.75 7.17
CA ARG A 533 -55.77 36.88 8.44
C ARG A 533 -55.80 38.30 8.99
N ARG A 534 -55.94 39.30 8.12
CA ARG A 534 -56.09 40.67 8.60
C ARG A 534 -57.45 40.87 9.26
N GLU A 535 -58.45 40.09 8.86
CA GLU A 535 -59.78 40.24 9.43
C GLU A 535 -59.84 39.66 10.84
N ARG A 536 -59.03 38.65 11.14
CA ARG A 536 -59.03 38.08 12.49
C ARG A 536 -58.35 38.96 13.51
N SER A 537 -57.44 39.85 13.08
CA SER A 537 -56.86 40.85 13.97
C SER A 537 -57.65 42.14 13.96
N GLU A 538 -58.88 42.10 13.51
CA GLU A 538 -59.77 43.25 13.52
C GLU A 538 -61.11 42.95 14.19
N GLN A 539 -61.62 41.73 14.05
CA GLN A 539 -62.77 41.34 14.86
C GLN A 539 -62.36 40.90 16.27
N MET A 540 -61.06 40.72 16.52
CA MET A 540 -60.55 40.52 17.87
C MET A 540 -60.21 41.83 18.54
N ALA A 541 -59.78 42.84 17.77
CA ALA A 541 -59.52 44.15 18.35
C ALA A 541 -60.79 44.85 18.77
N GLN A 542 -61.95 44.46 18.23
CA GLN A 542 -63.21 44.98 18.72
C GLN A 542 -63.63 44.32 20.03
N VAL A 543 -63.06 43.17 20.36
CA VAL A 543 -63.26 42.61 21.69
C VAL A 543 -62.37 43.34 22.69
N GLN A 544 -61.08 43.50 22.38
CA GLN A 544 -60.15 44.12 23.31
C GLN A 544 -60.25 45.64 23.36
N ALA A 545 -61.24 46.25 22.71
CA ALA A 545 -61.57 47.65 22.91
C ALA A 545 -62.89 47.83 23.65
N GLN A 546 -63.93 47.05 23.31
CA GLN A 546 -65.19 47.15 24.01
C GLN A 546 -65.13 46.51 25.39
N GLN A 547 -64.13 45.67 25.66
CA GLN A 547 -63.87 45.19 27.01
C GLN A 547 -62.87 46.07 27.74
N GLY A 548 -62.22 47.00 27.06
CA GLY A 548 -61.26 47.88 27.69
C GLY A 548 -61.85 49.25 27.98
N GLN A 549 -62.83 49.67 27.17
CA GLN A 549 -63.51 50.93 27.40
C GLN A 549 -64.62 50.83 28.43
N MET A 550 -64.84 49.66 29.02
CA MET A 550 -65.64 49.55 30.23
C MET A 550 -64.80 49.03 31.40
N GLN A 551 -63.49 49.21 31.32
CA GLN A 551 -62.59 49.11 32.46
C GLN A 551 -61.86 50.40 32.72
N GLU A 552 -61.39 51.05 31.66
CA GLU A 552 -60.62 52.28 31.75
C GLU A 552 -61.48 53.51 32.00
N GLN A 553 -62.80 53.37 32.06
CA GLN A 553 -63.69 54.42 32.53
C GLN A 553 -64.26 54.11 33.90
N ILE A 554 -64.07 52.89 34.39
CA ILE A 554 -64.55 52.51 35.71
C ILE A 554 -63.41 52.37 36.72
N ALA A 555 -62.20 52.05 36.27
CA ALA A 555 -61.06 52.08 37.17
C ALA A 555 -60.49 53.49 37.38
N MET A 556 -61.03 54.51 36.70
CA MET A 556 -60.61 55.89 36.91
C MET A 556 -61.74 56.81 36.51
N GLN A 557 -61.76 58.00 37.12
CA GLN A 557 -62.78 59.05 37.06
C GLN A 557 -64.13 58.63 37.64
N GLY A 558 -64.19 57.41 38.17
CA GLY A 558 -65.30 56.86 38.91
C GLY A 558 -64.62 55.79 39.72
N ALA A 559 -64.93 55.68 41.01
CA ALA A 559 -64.34 54.74 41.99
C ALA A 559 -62.84 54.96 42.23
N MET A 560 -62.24 55.96 41.59
CA MET A 560 -60.84 56.30 41.80
C MET A 560 -60.62 57.81 41.85
N ALA A 561 -61.51 58.62 41.29
CA ALA A 561 -61.56 60.04 41.60
C ALA A 561 -62.34 60.30 42.87
N GLU A 562 -63.12 59.33 43.34
CA GLU A 562 -63.82 59.45 44.60
C GLU A 562 -62.94 59.16 45.80
N ILE A 563 -61.70 58.75 45.58
CA ILE A 563 -60.72 58.77 46.66
C ILE A 563 -60.19 60.18 46.86
N GLU A 564 -60.49 61.10 45.93
CA GLU A 564 -60.31 62.52 46.14
C GLU A 564 -61.59 63.19 46.64
N ASN A 565 -62.57 62.38 47.05
CA ASN A 565 -63.82 62.91 47.59
C ASN A 565 -64.14 62.33 48.96
N THR A 566 -63.33 61.41 49.45
CA THR A 566 -63.48 60.88 50.80
C THR A 566 -62.18 60.95 51.58
N GLN A 567 -61.10 61.38 50.96
CA GLN A 567 -59.81 61.56 51.58
C GLN A 567 -59.30 62.98 51.43
N ALA A 568 -59.76 63.70 50.40
CA ALA A 568 -59.61 65.14 50.35
C ALA A 568 -60.74 65.86 51.06
N ASP A 569 -61.85 65.16 51.34
CA ASP A 569 -63.00 65.76 51.98
C ASP A 569 -63.04 65.55 53.48
N THR A 570 -62.54 64.42 53.97
CA THR A 570 -62.34 64.26 55.40
C THR A 570 -61.18 65.09 55.91
N ALA A 571 -60.39 65.67 55.02
CA ALA A 571 -59.42 66.71 55.36
C ALA A 571 -60.06 67.91 56.03
N TYR A 572 -61.32 68.22 55.72
CA TYR A 572 -62.00 69.33 56.39
C TYR A 572 -62.67 68.89 57.68
N LEU A 573 -62.79 67.58 57.94
CA LEU A 573 -63.33 67.17 59.22
C LEU A 573 -62.29 67.28 60.32
N ALA A 574 -61.11 66.69 60.08
CA ALA A 574 -60.00 66.81 61.02
C ALA A 574 -59.51 68.24 61.17
N ALA A 575 -59.77 69.11 60.20
CA ALA A 575 -59.43 70.52 60.33
C ALA A 575 -60.47 71.29 61.13
N ARG A 576 -61.75 70.96 60.98
CA ARG A 576 -62.78 71.71 61.71
C ARG A 576 -62.79 71.33 63.19
N ALA A 577 -62.39 70.10 63.53
CA ALA A 577 -62.31 69.71 64.93
C ALA A 577 -61.11 70.34 65.62
N GLN A 578 -60.26 71.05 64.90
CA GLN A 578 -59.24 71.90 65.47
C GLN A 578 -59.77 73.26 65.86
N ASN A 579 -60.59 73.86 64.99
CA ASN A 579 -61.18 75.17 65.26
C ASN A 579 -62.24 75.08 66.35
N GLU A 580 -62.89 73.93 66.48
CA GLU A 580 -63.85 73.67 67.55
C GLU A 580 -63.12 73.04 68.73
N MET A 581 -61.79 73.01 68.64
CA MET A 581 -60.97 72.75 69.82
C MET A 581 -60.27 74.00 70.29
N LEU A 582 -60.24 75.04 69.46
CA LEU A 582 -59.83 76.38 69.86
C LEU A 582 -60.84 77.04 70.78
N LYS A 583 -62.09 76.58 70.75
CA LYS A 583 -63.11 77.17 71.63
C LYS A 583 -63.06 76.71 73.09
N PRO A 584 -62.99 75.37 73.45
CA PRO A 584 -63.15 75.03 74.88
C PRO A 584 -61.95 75.30 75.77
N GLN A 585 -60.94 76.04 75.30
CA GLN A 585 -59.90 76.53 76.20
C GLN A 585 -60.10 78.01 76.53
N ILE A 586 -60.12 78.87 75.52
CA ILE A 586 -60.24 80.31 75.73
C ILE A 586 -61.54 80.78 75.08
N GLU A 587 -62.15 81.80 75.72
CA GLU A 587 -63.49 82.29 75.41
C GLU A 587 -64.52 81.16 75.51
N ALA A 588 -64.40 80.38 76.57
CA ALA A 588 -65.38 79.35 76.93
C ALA A 588 -65.91 79.53 78.34
N PHE A 589 -65.05 79.87 79.30
CA PHE A 589 -65.44 80.09 80.69
C PHE A 589 -64.59 81.20 81.25
N LYS A 590 -65.21 82.33 81.57
CA LYS A 590 -64.49 83.46 82.16
C LYS A 590 -65.43 84.31 83.03
N THR B 4 -16.70 74.95 -42.41
CA THR B 4 -17.24 73.59 -42.36
C THR B 4 -17.42 73.01 -43.76
N MET B 5 -17.87 71.76 -43.81
CA MET B 5 -18.05 71.08 -45.08
C MET B 5 -19.42 70.41 -45.19
N THR B 6 -19.58 69.59 -46.21
CA THR B 6 -20.84 68.93 -46.51
C THR B 6 -20.76 67.46 -46.12
N MET B 7 -21.79 66.73 -46.43
CA MET B 7 -21.86 65.32 -46.07
C MET B 7 -21.22 64.46 -47.15
N PRO B 8 -20.62 63.33 -46.77
CA PRO B 8 -19.94 62.48 -47.76
C PRO B 8 -20.91 61.82 -48.71
N SER B 9 -20.50 61.72 -49.98
CA SER B 9 -21.41 61.37 -51.06
C SER B 9 -20.86 60.22 -51.89
N HIS B 10 -21.03 59.00 -51.41
CA HIS B 10 -21.08 57.75 -52.17
C HIS B 10 -19.75 57.39 -52.87
N ALA B 11 -18.77 58.23 -52.83
CA ALA B 11 -17.47 57.84 -53.33
C ALA B 11 -16.47 57.66 -52.20
N GLN B 12 -16.46 58.55 -51.22
CA GLN B 12 -15.74 58.33 -49.98
C GLN B 12 -16.60 57.63 -48.94
N LEU B 13 -17.67 56.95 -49.35
CA LEU B 13 -18.29 55.94 -48.51
C LEU B 13 -17.99 54.53 -48.99
N LYS B 14 -17.92 54.29 -50.30
CA LYS B 14 -17.39 53.02 -50.77
C LYS B 14 -15.90 52.91 -50.47
N ALA B 15 -15.20 54.03 -50.44
CA ALA B 15 -13.78 54.01 -50.12
C ALA B 15 -13.51 53.76 -48.65
N TYR B 16 -14.53 53.84 -47.80
CA TYR B 16 -14.37 53.40 -46.43
C TYR B 16 -14.65 51.92 -46.27
N PHE B 17 -15.67 51.42 -46.97
CA PHE B 17 -16.00 50.00 -46.88
C PHE B 17 -14.92 49.15 -47.52
N GLU B 18 -14.24 49.66 -48.54
CA GLU B 18 -13.26 48.90 -49.28
C GLU B 18 -11.88 48.93 -48.63
N GLU B 19 -11.60 49.95 -47.82
CA GLU B 19 -10.40 49.88 -46.99
C GLU B 19 -10.58 48.88 -45.86
N ALA B 20 -11.79 48.72 -45.37
CA ALA B 20 -12.10 47.73 -44.34
C ALA B 20 -12.46 46.37 -44.90
N ARG B 21 -12.12 46.10 -46.16
CA ARG B 21 -12.24 44.77 -46.72
C ARG B 21 -10.90 44.39 -47.34
N ASP B 22 -10.16 45.39 -47.81
CA ASP B 22 -8.80 45.13 -48.32
C ASP B 22 -7.88 44.77 -47.16
N ALA B 23 -7.91 45.56 -46.10
CA ALA B 23 -7.31 45.15 -44.84
C ALA B 23 -8.31 44.28 -44.09
N ASN B 24 -7.95 43.92 -42.86
CA ASN B 24 -8.57 43.00 -41.91
C ASN B 24 -9.25 41.80 -42.56
N GLU B 25 -8.61 41.24 -43.58
CA GLU B 25 -9.05 40.02 -44.22
C GLU B 25 -8.12 38.89 -43.86
N GLU B 26 -7.00 39.19 -43.22
CA GLU B 26 -6.04 38.18 -42.81
C GLU B 26 -6.57 37.35 -41.64
N TYR B 27 -7.28 37.98 -40.70
CA TYR B 27 -7.85 37.20 -39.62
C TYR B 27 -9.28 36.82 -39.87
N ARG B 28 -9.99 37.61 -40.67
CA ARG B 28 -11.40 37.34 -40.91
C ARG B 28 -11.58 36.11 -41.79
N LYS B 29 -10.61 35.82 -42.65
CA LYS B 29 -10.53 34.54 -43.33
C LYS B 29 -9.88 33.47 -42.49
N GLU B 30 -9.29 33.85 -41.37
CA GLU B 30 -8.70 32.90 -40.45
C GLU B 30 -9.64 32.54 -39.32
N ALA B 31 -10.54 33.44 -38.93
CA ALA B 31 -11.52 33.12 -37.91
C ALA B 31 -12.59 32.18 -38.41
N PHE B 32 -12.85 32.15 -39.70
CA PHE B 32 -13.75 31.15 -40.26
C PHE B 32 -13.11 29.78 -40.33
N ILE B 33 -11.79 29.69 -40.38
CA ILE B 33 -11.13 28.41 -40.21
C ILE B 33 -11.34 27.91 -38.79
N ASP B 34 -11.27 28.81 -37.81
CA ASP B 34 -11.48 28.44 -36.40
C ASP B 34 -12.92 28.02 -36.15
N ARG B 35 -13.86 28.50 -36.95
CA ARG B 35 -15.27 28.15 -36.77
C ARG B 35 -15.51 26.71 -37.16
N ASP B 36 -15.17 26.35 -38.39
CA ASP B 36 -15.42 24.99 -38.88
C ASP B 36 -14.29 24.05 -38.49
N TYR B 37 -13.60 24.40 -37.43
CA TYR B 37 -12.60 23.54 -36.81
C TYR B 37 -13.11 22.96 -35.51
N PHE B 38 -14.20 23.49 -34.96
CA PHE B 38 -14.70 22.89 -33.74
C PHE B 38 -15.96 22.12 -33.98
N ASP B 39 -16.59 22.26 -35.14
CA ASP B 39 -17.68 21.38 -35.53
C ASP B 39 -17.26 20.57 -36.75
N GLY B 40 -16.53 19.50 -36.50
CA GLY B 40 -15.99 18.67 -37.54
C GLY B 40 -14.99 19.41 -38.41
N HIS B 41 -14.74 18.82 -39.58
CA HIS B 41 -14.02 19.42 -40.70
C HIS B 41 -12.60 19.80 -40.31
N GLN B 42 -11.91 18.86 -39.68
CA GLN B 42 -10.53 19.07 -39.27
C GLN B 42 -9.54 18.52 -40.28
N TRP B 43 -9.99 18.24 -41.50
CA TRP B 43 -9.14 17.70 -42.54
C TRP B 43 -9.24 18.58 -43.77
N THR B 44 -8.11 18.91 -44.38
CA THR B 44 -8.13 19.71 -45.58
C THR B 44 -8.54 18.85 -46.78
N GLU B 45 -8.83 19.51 -47.89
CA GLU B 45 -9.31 18.78 -49.06
C GLU B 45 -8.22 18.06 -49.82
N GLU B 46 -6.96 18.31 -49.51
CA GLU B 46 -5.87 17.54 -50.09
C GLU B 46 -5.50 16.33 -49.25
N GLU B 47 -5.60 16.44 -47.93
CA GLU B 47 -5.37 15.30 -47.07
C GLU B 47 -6.52 14.31 -47.10
N LEU B 48 -7.74 14.81 -47.30
CA LEU B 48 -8.91 13.94 -47.32
C LEU B 48 -9.00 13.14 -48.61
N GLN B 49 -8.39 13.63 -49.68
CA GLN B 49 -8.35 12.90 -50.94
C GLN B 49 -7.36 11.76 -50.88
N LYS B 50 -6.24 11.95 -50.20
CA LYS B 50 -5.18 10.95 -50.18
C LYS B 50 -5.50 9.80 -49.24
N LEU B 51 -6.25 10.03 -48.17
CA LEU B 51 -6.67 8.94 -47.30
C LEU B 51 -7.60 7.97 -47.99
N GLU B 52 -8.41 8.45 -48.93
CA GLU B 52 -9.30 7.59 -49.69
C GLU B 52 -8.56 6.74 -50.71
N ALA B 53 -7.36 7.14 -51.10
CA ALA B 53 -6.56 6.33 -52.01
C ALA B 53 -5.85 5.19 -51.29
N ARG B 54 -5.73 5.27 -49.98
CA ARG B 54 -5.26 4.13 -49.20
C ARG B 54 -6.43 3.29 -48.69
N LYS B 55 -7.65 3.62 -49.11
CA LYS B 55 -8.90 3.02 -48.63
C LYS B 55 -9.04 3.11 -47.11
N GLN B 56 -8.56 4.20 -46.51
CA GLN B 56 -8.54 4.40 -45.07
C GLN B 56 -9.66 5.31 -44.64
N PRO B 57 -10.34 5.03 -43.54
CA PRO B 57 -11.29 6.00 -43.00
C PRO B 57 -10.58 7.23 -42.46
N ALA B 58 -11.30 8.34 -42.44
CA ALA B 58 -10.76 9.62 -42.03
C ALA B 58 -11.31 9.95 -40.65
N THR B 59 -10.63 9.44 -39.62
CA THR B 59 -11.11 9.60 -38.26
C THR B 59 -10.57 10.87 -37.64
N TYR B 60 -11.39 11.50 -36.79
CA TYR B 60 -10.97 12.64 -36.02
C TYR B 60 -11.56 12.56 -34.62
N PHE B 61 -10.86 13.14 -33.66
CA PHE B 61 -11.24 13.11 -32.25
C PHE B 61 -11.46 14.56 -31.83
N ASN B 62 -12.70 15.01 -31.92
CA ASN B 62 -13.03 16.43 -31.80
C ASN B 62 -12.94 16.84 -30.33
N GLU B 63 -11.71 17.07 -29.89
CA GLU B 63 -11.42 17.36 -28.50
C GLU B 63 -11.32 18.86 -28.27
N VAL B 64 -11.80 19.67 -29.21
CA VAL B 64 -11.81 21.12 -29.06
C VAL B 64 -13.23 21.65 -28.94
N LYS B 65 -14.24 20.80 -29.12
CA LYS B 65 -15.59 21.16 -28.71
C LYS B 65 -15.78 20.98 -27.22
N LEU B 66 -15.08 20.02 -26.61
CA LEU B 66 -15.15 19.81 -25.16
C LEU B 66 -14.61 20.98 -24.37
N SER B 67 -13.58 21.63 -24.87
CA SER B 67 -12.98 22.74 -24.16
C SER B 67 -13.77 24.03 -24.27
N ILE B 68 -14.78 24.09 -25.14
CA ILE B 68 -15.55 25.30 -25.35
C ILE B 68 -16.93 25.10 -24.76
N ARG B 69 -17.45 23.89 -24.88
CA ARG B 69 -18.81 23.61 -24.42
C ARG B 69 -18.94 23.66 -22.91
N GLY B 70 -17.86 23.37 -22.20
CA GLY B 70 -17.88 23.52 -20.76
C GLY B 70 -17.42 24.85 -20.27
N LEU B 71 -16.96 25.70 -21.18
CA LEU B 71 -16.48 27.03 -20.81
C LEU B 71 -17.50 28.11 -21.11
N VAL B 72 -18.38 27.86 -22.08
CA VAL B 72 -19.56 28.69 -22.23
C VAL B 72 -20.55 28.38 -21.11
N GLY B 73 -20.63 27.12 -20.70
CA GLY B 73 -21.55 26.69 -19.67
C GLY B 73 -21.26 27.21 -18.28
N VAL B 74 -20.08 27.78 -18.06
CA VAL B 74 -19.82 28.50 -16.83
C VAL B 74 -20.38 29.91 -16.88
N PHE B 75 -20.17 30.60 -18.01
CA PHE B 75 -20.76 31.91 -18.22
C PHE B 75 -22.27 31.85 -18.27
N GLU B 76 -22.81 30.81 -18.88
CA GLU B 76 -24.24 30.72 -19.15
C GLU B 76 -25.02 30.47 -17.87
N GLN B 77 -24.41 29.84 -16.88
CA GLN B 77 -25.11 29.59 -15.62
C GLN B 77 -25.09 30.81 -14.73
N GLY B 78 -23.96 31.49 -14.64
CA GLY B 78 -23.86 32.63 -13.74
C GLY B 78 -24.33 33.92 -14.37
N ASP B 79 -25.59 33.93 -14.82
CA ASP B 79 -26.14 35.09 -15.50
C ASP B 79 -26.44 36.21 -14.52
N SER B 80 -26.90 37.34 -15.05
CA SER B 80 -27.03 38.53 -14.23
C SER B 80 -28.13 39.41 -14.77
N ASP B 81 -28.91 39.93 -13.90
CA ASP B 81 -29.83 41.02 -14.13
C ASP B 81 -29.23 42.33 -13.62
N PRO B 82 -29.48 43.45 -14.26
CA PRO B 82 -28.77 44.68 -13.92
C PRO B 82 -29.27 45.29 -12.62
N ARG B 83 -28.58 46.34 -12.19
CA ARG B 83 -28.74 46.91 -10.87
C ARG B 83 -28.02 48.25 -10.81
N ALA B 84 -28.61 49.24 -10.16
CA ALA B 84 -27.99 50.55 -10.02
C ALA B 84 -27.72 50.82 -8.56
N TRP B 85 -26.54 51.35 -8.25
CA TRP B 85 -26.13 51.59 -6.88
C TRP B 85 -26.07 53.09 -6.60
N PRO B 86 -26.93 53.65 -5.76
CA PRO B 86 -26.85 55.09 -5.46
C PRO B 86 -25.59 55.40 -4.68
N ARG B 87 -24.84 56.41 -5.13
CA ARG B 87 -23.48 56.54 -4.61
C ARG B 87 -23.46 57.14 -3.21
N ASN B 88 -24.48 57.89 -2.83
CA ASN B 88 -24.51 58.45 -1.49
C ASN B 88 -25.96 58.66 -1.07
N PRO B 89 -26.40 58.07 0.03
CA PRO B 89 -27.82 58.07 0.33
C PRO B 89 -28.35 59.38 0.87
N GLN B 90 -28.12 60.47 0.15
CA GLN B 90 -28.78 61.74 0.40
C GLN B 90 -29.55 62.03 -0.88
N ASP B 91 -30.79 61.55 -0.90
CA ASP B 91 -31.72 61.71 -2.01
C ASP B 91 -31.14 61.10 -3.30
N GLU B 92 -30.41 60.01 -3.19
CA GLU B 92 -30.03 59.26 -4.37
C GLU B 92 -30.60 57.86 -4.42
N ASP B 93 -31.08 57.34 -3.30
CA ASP B 93 -31.79 56.07 -3.35
C ASP B 93 -33.20 56.26 -3.88
N SER B 94 -33.76 57.46 -3.73
CA SER B 94 -35.07 57.74 -4.30
C SER B 94 -35.01 57.75 -5.82
N ALA B 95 -33.85 58.09 -6.39
CA ALA B 95 -33.61 58.09 -7.82
C ALA B 95 -33.06 56.75 -8.30
N ASP B 96 -33.42 55.67 -7.64
CA ASP B 96 -33.03 54.33 -8.03
C ASP B 96 -34.25 53.55 -8.52
N ILE B 97 -35.16 54.28 -9.19
CA ILE B 97 -36.20 53.72 -10.04
C ILE B 97 -35.59 53.11 -11.29
N ALA B 98 -34.36 53.55 -11.63
CA ALA B 98 -33.68 53.11 -12.84
C ALA B 98 -33.50 51.60 -12.89
N THR B 99 -33.18 50.97 -11.76
CA THR B 99 -33.06 49.52 -11.77
C THR B 99 -34.40 48.80 -11.86
N LYS B 100 -35.51 49.51 -11.76
CA LYS B 100 -36.83 48.92 -11.91
C LYS B 100 -37.34 49.06 -13.33
N ALA B 101 -36.69 49.91 -14.13
CA ALA B 101 -37.05 50.10 -15.54
C ALA B 101 -35.90 49.85 -16.48
N LEU B 102 -34.75 49.42 -15.97
CA LEU B 102 -33.67 48.97 -16.85
C LEU B 102 -33.64 47.45 -16.96
N ARG B 103 -34.25 46.75 -16.02
CA ARG B 103 -34.56 45.34 -16.18
C ARG B 103 -35.94 45.15 -16.80
N TYR B 104 -36.52 46.22 -17.31
CA TYR B 104 -37.63 46.11 -18.24
C TYR B 104 -37.15 45.77 -19.64
N VAL B 105 -36.05 46.40 -20.09
CA VAL B 105 -35.56 46.18 -21.44
C VAL B 105 -34.73 44.93 -21.56
N LYS B 106 -34.27 44.37 -20.45
CA LYS B 106 -33.60 43.08 -20.46
C LYS B 106 -34.62 41.95 -20.57
N ASP B 107 -35.89 42.23 -20.33
CA ASP B 107 -36.95 41.25 -20.46
C ASP B 107 -37.80 41.44 -21.71
N TYR B 108 -37.86 42.64 -22.26
CA TYR B 108 -38.59 42.85 -23.51
C TYR B 108 -37.85 42.24 -24.68
N SER B 109 -36.55 42.42 -24.73
CA SER B 109 -35.75 42.07 -25.88
C SER B 109 -35.22 40.65 -25.85
N GLU B 110 -35.55 39.88 -24.80
CA GLU B 110 -35.04 38.54 -24.54
C GLU B 110 -33.51 38.54 -24.53
N TRP B 111 -32.95 39.26 -23.57
CA TRP B 111 -31.51 39.18 -23.40
C TRP B 111 -31.10 37.98 -22.56
N SER B 112 -32.06 37.24 -22.01
CA SER B 112 -31.72 36.10 -21.18
C SER B 112 -31.17 34.94 -21.98
N ASP B 113 -31.49 34.86 -23.27
CA ASP B 113 -30.98 33.78 -24.11
C ASP B 113 -30.06 34.26 -25.21
N GLU B 114 -30.11 35.53 -25.57
CA GLU B 114 -29.23 36.06 -26.58
C GLU B 114 -27.92 36.54 -25.99
N ARG B 115 -27.74 36.41 -24.69
CA ARG B 115 -26.43 36.60 -24.10
C ARG B 115 -25.56 35.37 -24.25
N SER B 116 -26.17 34.21 -24.49
CA SER B 116 -25.44 32.98 -24.76
C SER B 116 -25.16 32.82 -26.23
N ARG B 117 -25.63 33.73 -27.06
CA ARG B 117 -25.32 33.73 -28.48
C ARG B 117 -24.21 34.71 -28.80
N ALA B 118 -24.00 35.70 -27.95
CA ALA B 118 -22.85 36.56 -28.03
C ALA B 118 -21.64 35.97 -27.33
N ALA B 119 -21.83 34.97 -26.48
CA ALA B 119 -20.72 34.30 -25.85
C ALA B 119 -20.13 33.21 -26.72
N LEU B 120 -20.93 32.56 -27.55
CA LEU B 120 -20.42 31.51 -28.41
C LEU B 120 -19.65 32.07 -29.59
N ASN B 121 -19.94 33.29 -30.03
CA ASN B 121 -19.12 33.97 -31.03
C ASN B 121 -17.99 34.74 -30.41
N TYR B 122 -17.82 34.65 -29.09
CA TYR B 122 -16.74 35.34 -28.42
C TYR B 122 -15.55 34.45 -28.15
N PHE B 123 -15.75 33.15 -28.02
CA PHE B 123 -14.64 32.24 -27.80
C PHE B 123 -14.21 31.54 -29.07
N VAL B 124 -15.13 31.28 -30.00
CA VAL B 124 -14.77 30.57 -31.22
C VAL B 124 -14.26 31.56 -32.27
N GLU B 125 -15.00 32.63 -32.48
CA GLU B 125 -14.56 33.73 -33.32
C GLU B 125 -13.72 34.66 -32.48
N GLY B 126 -13.49 35.88 -32.95
CA GLY B 126 -12.78 36.82 -32.11
C GLY B 126 -13.67 37.74 -31.31
N THR B 127 -14.64 38.37 -31.95
CA THR B 127 -15.37 39.50 -31.39
C THR B 127 -16.82 39.12 -31.13
N CYS B 128 -17.44 39.81 -30.19
CA CYS B 128 -18.88 39.80 -30.02
C CYS B 128 -19.38 41.22 -30.15
N ALA B 129 -20.64 41.39 -30.57
CA ALA B 129 -21.13 42.73 -30.83
C ALA B 129 -22.64 42.78 -30.64
N ALA B 130 -23.15 43.98 -30.36
CA ALA B 130 -24.58 44.20 -30.21
C ALA B 130 -24.89 45.67 -30.44
N ILE B 131 -26.11 45.94 -30.92
CA ILE B 131 -26.58 47.29 -31.18
C ILE B 131 -27.83 47.54 -30.37
N VAL B 132 -27.88 48.68 -29.66
CA VAL B 132 -29.01 49.04 -28.82
C VAL B 132 -29.64 50.31 -29.37
N GLY B 133 -30.93 50.23 -29.69
CA GLY B 133 -31.60 51.33 -30.35
C GLY B 133 -33.10 51.21 -30.23
N VAL B 134 -33.77 52.33 -30.45
CA VAL B 134 -35.18 52.48 -30.11
C VAL B 134 -36.04 52.27 -31.34
N ASP B 135 -37.01 51.36 -31.24
CA ASP B 135 -37.84 50.98 -32.37
C ASP B 135 -38.97 51.98 -32.64
N GLU B 136 -39.97 51.55 -33.41
CA GLU B 136 -41.03 52.43 -33.88
C GLU B 136 -41.90 52.98 -32.76
N ASN B 137 -41.98 52.29 -31.63
CA ASN B 137 -42.66 52.83 -30.46
C ASN B 137 -41.67 53.64 -29.64
N GLY B 138 -41.98 53.89 -28.39
CA GLY B 138 -41.04 54.62 -27.55
C GLY B 138 -40.07 53.72 -26.81
N ARG B 139 -40.15 52.43 -27.00
CA ARG B 139 -39.39 51.55 -26.13
C ARG B 139 -38.05 51.19 -26.75
N PRO B 140 -37.04 50.88 -25.96
CA PRO B 140 -35.75 50.49 -26.54
C PRO B 140 -35.53 48.99 -26.65
N GLU B 141 -34.70 48.63 -27.61
CA GLU B 141 -34.49 47.27 -28.07
C GLU B 141 -33.00 47.06 -28.30
N ILE B 142 -32.52 45.87 -28.00
CA ILE B 142 -31.12 45.50 -28.14
C ILE B 142 -31.02 44.27 -29.03
N GLU B 143 -30.54 44.47 -30.26
CA GLU B 143 -30.32 43.36 -31.18
C GLU B 143 -28.88 42.91 -31.12
N PRO B 144 -28.63 41.60 -31.13
CA PRO B 144 -27.26 41.12 -31.34
C PRO B 144 -26.94 41.02 -32.81
N ILE B 145 -25.79 41.55 -33.19
CA ILE B 145 -25.31 41.54 -34.56
C ILE B 145 -24.27 40.43 -34.69
N ARG B 146 -24.41 39.61 -35.72
CA ARG B 146 -23.58 38.42 -35.89
C ARG B 146 -22.15 38.80 -36.26
N PHE B 147 -21.23 37.87 -36.04
CA PHE B 147 -19.83 38.12 -36.38
C PHE B 147 -19.61 38.13 -37.88
N GLU B 148 -20.41 37.39 -38.64
CA GLU B 148 -20.24 37.30 -40.09
C GLU B 148 -20.59 38.58 -40.82
N GLU B 149 -21.05 39.61 -40.12
CA GLU B 149 -21.44 40.86 -40.74
C GLU B 149 -21.04 42.09 -39.94
N PHE B 150 -20.35 41.95 -38.82
CA PHE B 150 -19.83 43.13 -38.15
C PHE B 150 -18.64 43.68 -38.94
N PHE B 151 -18.44 44.98 -38.84
CA PHE B 151 -17.69 45.73 -39.83
C PHE B 151 -17.14 46.99 -39.17
N HIS B 152 -15.82 47.01 -38.94
CA HIS B 152 -15.20 48.15 -38.31
C HIS B 152 -14.01 48.60 -39.14
N ASP B 153 -13.26 49.57 -38.68
CA ASP B 153 -12.09 49.96 -39.44
C ASP B 153 -10.85 49.20 -38.98
N PRO B 154 -9.82 49.13 -39.80
CA PRO B 154 -8.49 48.85 -39.29
C PRO B 154 -7.91 50.13 -38.71
N ARG B 155 -6.64 50.05 -38.31
CA ARG B 155 -5.92 51.11 -37.62
C ARG B 155 -6.64 51.50 -36.33
N SER B 156 -7.16 50.50 -35.65
CA SER B 156 -7.82 50.64 -34.36
C SER B 156 -7.17 49.61 -33.44
N ARG B 157 -6.19 50.06 -32.65
CA ARG B 157 -5.34 49.15 -31.90
C ARG B 157 -6.08 48.52 -30.74
N GLU B 158 -7.16 49.13 -30.29
CA GLU B 158 -7.72 48.81 -28.98
C GLU B 158 -8.86 47.80 -29.07
N LEU B 159 -8.90 46.87 -28.11
CA LEU B 159 -9.90 45.81 -28.10
C LEU B 159 -11.24 46.23 -27.52
N ASP B 160 -11.49 47.51 -27.36
CA ASP B 160 -12.79 48.00 -26.93
C ASP B 160 -13.39 48.90 -28.00
N PHE B 161 -12.69 49.08 -29.11
CA PHE B 161 -13.11 49.88 -30.27
C PHE B 161 -13.34 51.34 -29.88
N SER B 162 -12.50 51.85 -28.98
CA SER B 162 -12.61 53.26 -28.63
C SER B 162 -12.00 54.14 -29.71
N ASP B 163 -10.96 53.66 -30.36
CA ASP B 163 -10.19 54.43 -31.33
C ASP B 163 -10.77 54.31 -32.74
N ALA B 164 -11.89 53.63 -32.90
CA ALA B 164 -12.44 53.42 -34.23
C ALA B 164 -13.06 54.70 -34.78
N ARG B 165 -13.13 54.77 -36.09
CA ARG B 165 -13.74 55.91 -36.77
C ARG B 165 -15.08 55.57 -37.39
N PHE B 166 -15.30 54.33 -37.82
CA PHE B 166 -16.58 53.95 -38.38
C PHE B 166 -16.90 52.48 -38.09
N LYS B 167 -18.17 52.18 -37.87
CA LYS B 167 -18.66 50.84 -37.55
C LYS B 167 -20.04 50.65 -38.17
N GLY B 168 -20.36 49.43 -38.59
CA GLY B 168 -21.59 49.19 -39.34
C GLY B 168 -22.07 47.75 -39.23
N VAL B 169 -23.07 47.40 -40.06
CA VAL B 169 -23.72 46.10 -39.92
C VAL B 169 -23.75 45.21 -41.16
N ALA B 170 -23.67 45.78 -42.37
CA ALA B 170 -23.36 45.13 -43.66
C ALA B 170 -24.12 43.81 -43.93
N LYS B 171 -25.43 43.91 -44.11
CA LYS B 171 -26.28 42.72 -44.18
C LYS B 171 -26.61 42.32 -45.62
N TRP B 172 -27.27 41.17 -45.74
CA TRP B 172 -27.99 40.73 -46.93
C TRP B 172 -29.48 40.67 -46.61
N ARG B 173 -30.30 41.26 -47.47
CA ARG B 173 -31.74 41.25 -47.27
C ARG B 173 -32.43 40.79 -48.54
N PHE B 174 -33.75 40.68 -48.47
CA PHE B 174 -34.57 40.39 -49.63
C PHE B 174 -34.92 41.69 -50.33
N ALA B 175 -34.94 41.65 -51.68
CA ALA B 175 -35.21 42.85 -52.45
C ALA B 175 -36.66 43.30 -52.35
N ASP B 176 -37.57 42.42 -51.92
CA ASP B 176 -38.92 42.85 -51.63
C ASP B 176 -38.97 43.76 -50.41
N GLU B 177 -38.28 43.38 -49.34
CA GLU B 177 -38.37 44.07 -48.05
C GLU B 177 -37.35 45.18 -47.92
N VAL B 178 -36.87 45.74 -49.04
CA VAL B 178 -36.04 46.95 -49.05
C VAL B 178 -36.67 48.02 -49.90
N GLY B 179 -37.02 47.71 -51.14
CA GLY B 179 -37.55 48.71 -52.05
C GLY B 179 -38.97 49.13 -51.69
N MET B 180 -39.79 48.19 -51.24
CA MET B 180 -41.12 48.49 -50.73
C MET B 180 -41.10 48.90 -49.27
N GLU B 181 -39.93 49.25 -48.74
CA GLU B 181 -39.79 49.91 -47.46
C GLU B 181 -39.26 51.33 -47.60
N TYR B 182 -38.42 51.59 -48.60
CA TYR B 182 -37.82 52.90 -48.81
C TYR B 182 -38.22 53.52 -50.15
N GLY B 183 -39.26 53.01 -50.79
CA GLY B 183 -39.80 53.63 -51.99
C GLY B 183 -39.03 53.41 -53.27
N ILE B 184 -37.92 52.69 -53.23
CA ILE B 184 -37.16 52.35 -54.43
C ILE B 184 -37.96 51.32 -55.23
N LYS B 185 -38.07 51.52 -56.54
CA LYS B 185 -38.82 50.59 -57.37
C LYS B 185 -37.99 49.33 -57.64
N GLY B 186 -38.70 48.25 -57.96
CA GLY B 186 -38.08 46.94 -58.01
C GLY B 186 -37.27 46.71 -59.27
N GLU B 187 -36.32 45.78 -59.14
CA GLU B 187 -35.31 45.41 -60.15
C GLU B 187 -34.56 46.65 -60.63
N ILE B 188 -33.78 47.20 -59.72
CA ILE B 188 -33.02 48.39 -60.00
C ILE B 188 -31.53 48.10 -59.91
N SER B 220 -39.07 38.42 -60.84
CA SER B 220 -38.99 37.19 -60.04
C SER B 220 -39.13 37.50 -58.55
N LYS B 221 -39.03 36.46 -57.73
CA LYS B 221 -39.16 36.61 -56.28
C LYS B 221 -37.92 36.01 -55.63
N LEU B 222 -37.62 36.50 -54.42
CA LEU B 222 -36.43 36.14 -53.63
C LEU B 222 -35.14 36.50 -54.38
N ARG B 223 -34.97 37.80 -54.59
CA ARG B 223 -33.73 38.38 -55.06
C ARG B 223 -33.06 39.06 -53.88
N ARG B 224 -31.74 38.95 -53.78
CA ARG B 224 -31.03 39.42 -52.60
C ARG B 224 -30.22 40.68 -52.92
N VAL B 225 -30.22 41.62 -51.97
CA VAL B 225 -29.45 42.86 -52.10
C VAL B 225 -28.45 42.95 -50.96
N PHE B 226 -27.70 44.05 -50.88
CA PHE B 226 -26.57 44.14 -49.97
C PHE B 226 -26.54 45.48 -49.24
N VAL B 227 -27.64 45.85 -48.59
CA VAL B 227 -27.70 47.11 -47.86
C VAL B 227 -26.76 47.06 -46.65
N VAL B 228 -26.18 48.21 -46.29
CA VAL B 228 -25.12 48.29 -45.29
C VAL B 228 -25.24 49.59 -44.50
N GLU B 229 -25.33 49.49 -43.16
CA GLU B 229 -25.32 50.69 -42.33
C GLU B 229 -23.89 51.11 -42.01
N MET B 230 -23.76 52.31 -41.46
CA MET B 230 -22.46 52.97 -41.42
C MET B 230 -22.56 54.13 -40.45
N TYR B 231 -21.73 54.15 -39.42
CA TYR B 231 -21.70 55.25 -38.44
C TYR B 231 -20.32 55.88 -38.48
N VAL B 232 -20.13 56.84 -39.36
CA VAL B 232 -18.83 57.44 -39.60
C VAL B 232 -18.74 58.77 -38.85
N ARG B 233 -17.62 58.98 -38.17
CA ARG B 233 -17.30 60.28 -37.59
C ARG B 233 -16.78 61.17 -38.70
N TRP B 234 -17.58 62.13 -39.12
CA TRP B 234 -17.22 62.92 -40.29
C TRP B 234 -16.59 64.25 -39.91
N ASN B 235 -17.03 64.81 -38.79
CA ASN B 235 -16.50 66.01 -38.16
C ASN B 235 -16.77 65.74 -36.69
N GLY B 236 -16.94 66.77 -35.87
CA GLY B 236 -17.36 66.56 -34.50
C GLY B 236 -18.65 65.77 -34.26
N VAL B 237 -19.48 65.60 -35.28
CA VAL B 237 -20.70 64.86 -35.18
C VAL B 237 -20.50 63.47 -35.76
N TRP B 238 -21.46 62.58 -35.51
CA TRP B 238 -21.46 61.21 -36.01
C TRP B 238 -22.56 61.07 -37.06
N ILE B 239 -22.16 60.94 -38.31
CA ILE B 239 -23.09 60.76 -39.41
C ILE B 239 -23.52 59.30 -39.46
N ARG B 240 -24.82 59.07 -39.58
CA ARG B 240 -25.36 57.76 -39.91
C ARG B 240 -25.75 57.73 -41.37
N ALA B 241 -25.27 56.74 -42.11
CA ALA B 241 -25.64 56.59 -43.51
C ALA B 241 -25.89 55.13 -43.80
N LEU B 242 -26.80 54.84 -44.73
CA LEU B 242 -26.95 53.48 -45.20
C LEU B 242 -27.17 53.52 -46.70
N PHE B 243 -26.42 52.69 -47.43
CA PHE B 243 -26.39 52.78 -48.88
C PHE B 243 -26.43 51.37 -49.45
N TRP B 244 -26.30 51.29 -50.78
CA TRP B 244 -26.09 50.02 -51.46
C TRP B 244 -25.25 50.33 -52.69
N GLY B 245 -25.24 49.41 -53.66
CA GLY B 245 -24.26 49.44 -54.74
C GLY B 245 -24.34 50.65 -55.64
N ARG B 246 -25.53 51.26 -55.75
CA ARG B 246 -25.67 52.53 -56.44
C ARG B 246 -26.67 53.39 -55.68
N GLY B 247 -26.26 54.61 -55.37
CA GLY B 247 -27.08 55.52 -54.59
C GLY B 247 -27.10 55.20 -53.11
N ILE B 248 -27.40 56.22 -52.33
CA ILE B 248 -27.61 56.05 -50.90
C ILE B 248 -29.11 56.07 -50.65
N LEU B 249 -29.51 55.67 -49.43
CA LEU B 249 -30.92 55.55 -49.12
C LEU B 249 -31.38 56.51 -48.03
N GLU B 250 -30.59 56.70 -46.98
CA GLU B 250 -30.82 57.77 -46.04
C GLU B 250 -29.49 58.15 -45.39
N MET B 251 -29.39 59.40 -44.96
CA MET B 251 -28.13 59.92 -44.45
C MET B 251 -28.43 61.12 -43.58
N SER B 252 -28.11 61.03 -42.29
CA SER B 252 -28.44 62.10 -41.37
C SER B 252 -27.51 62.03 -40.17
N VAL B 253 -27.56 63.06 -39.34
CA VAL B 253 -26.86 63.04 -38.07
C VAL B 253 -27.54 62.02 -37.16
N SER B 254 -26.73 61.26 -36.43
CA SER B 254 -27.23 60.17 -35.60
C SER B 254 -28.15 60.70 -34.51
N ALA B 255 -29.29 60.04 -34.34
CA ALA B 255 -30.33 60.54 -33.46
C ALA B 255 -30.05 60.30 -31.99
N TYR B 256 -29.18 59.36 -31.66
CA TYR B 256 -28.99 58.96 -30.28
C TYR B 256 -27.91 59.81 -29.63
N LEU B 257 -28.15 60.22 -28.40
CA LEU B 257 -27.20 61.07 -27.70
C LEU B 257 -26.29 60.22 -26.81
N ASP B 258 -25.54 60.89 -25.95
CA ASP B 258 -24.55 60.24 -25.10
C ASP B 258 -24.59 60.90 -23.73
N ARG B 259 -23.68 60.53 -22.82
CA ARG B 259 -23.70 61.10 -21.48
C ARG B 259 -23.18 62.53 -21.43
N ASN B 260 -22.58 63.02 -22.52
CA ASN B 260 -22.10 64.39 -22.58
C ASN B 260 -23.05 65.33 -23.30
N GLY B 261 -24.01 64.81 -24.07
CA GLY B 261 -24.99 65.60 -24.76
C GLY B 261 -24.83 65.60 -26.27
N LYS B 262 -23.69 65.22 -26.77
CA LYS B 262 -23.36 65.23 -28.18
C LYS B 262 -23.74 63.90 -28.83
N PRO B 263 -24.15 63.91 -30.11
CA PRO B 263 -24.60 62.67 -30.74
C PRO B 263 -23.46 61.72 -31.03
N THR B 264 -23.69 60.44 -30.74
CA THR B 264 -22.68 59.39 -30.89
C THR B 264 -23.26 58.15 -31.55
N CYS B 265 -22.50 57.00 -31.47
CA CYS B 265 -22.84 55.71 -32.04
C CYS B 265 -23.50 54.81 -31.00
N PRO B 266 -24.41 53.96 -31.41
CA PRO B 266 -24.96 52.98 -30.48
C PRO B 266 -24.26 51.63 -30.52
N ILE B 267 -23.44 51.39 -31.54
CA ILE B 267 -22.84 50.07 -31.72
C ILE B 267 -21.73 49.88 -30.69
N GLU B 268 -21.77 48.75 -29.97
CA GLU B 268 -20.76 48.43 -28.98
C GLU B 268 -20.34 46.98 -29.11
N ALA B 269 -19.05 46.73 -28.85
CA ALA B 269 -18.46 45.43 -29.15
C ALA B 269 -17.19 45.25 -28.35
N ARG B 270 -16.63 44.04 -28.41
CA ARG B 270 -15.44 43.70 -27.64
C ARG B 270 -14.83 42.42 -28.20
N SER B 271 -13.50 42.39 -28.27
CA SER B 271 -12.78 41.23 -28.77
C SER B 271 -11.99 40.58 -27.65
N CYS B 272 -11.55 39.34 -27.89
CA CYS B 272 -10.91 38.58 -26.83
C CYS B 272 -9.43 38.93 -26.69
N TYR B 273 -8.66 38.72 -27.74
CA TYR B 273 -7.24 39.06 -27.72
C TYR B 273 -6.88 39.88 -28.95
N ILE B 274 -5.73 40.53 -28.89
CA ILE B 274 -5.22 41.40 -29.94
C ILE B 274 -3.77 41.02 -30.17
N ASP B 275 -3.25 41.31 -31.35
CA ASP B 275 -1.88 40.95 -31.72
C ASP B 275 -1.12 42.25 -32.02
N ARG B 276 0.15 42.14 -32.42
CA ARG B 276 0.96 43.33 -32.67
C ARG B 276 0.48 44.06 -33.92
N GLU B 277 0.53 43.41 -35.07
CA GLU B 277 -0.36 43.82 -36.13
C GLU B 277 -1.77 43.40 -35.75
N ASN B 278 -2.75 44.18 -36.19
CA ASN B 278 -4.07 44.11 -35.57
C ASN B 278 -4.86 42.87 -35.98
N ARG B 279 -4.69 41.78 -35.22
CA ARG B 279 -5.47 40.58 -35.37
C ARG B 279 -6.43 40.47 -34.20
N ARG B 280 -7.57 39.82 -34.43
CA ARG B 280 -8.57 39.64 -33.39
C ARG B 280 -8.80 38.15 -33.31
N TYR B 281 -7.98 37.43 -32.56
CA TYR B 281 -8.22 36.00 -32.47
C TYR B 281 -9.02 35.72 -31.21
N GLY B 282 -9.41 34.47 -31.05
CA GLY B 282 -10.27 34.12 -29.94
C GLY B 282 -9.62 33.17 -28.95
N GLU B 283 -10.29 32.06 -28.67
CA GLU B 283 -9.71 31.02 -27.81
C GLU B 283 -9.29 29.81 -28.61
N VAL B 284 -9.98 29.54 -29.71
CA VAL B 284 -9.72 28.34 -30.51
C VAL B 284 -8.76 28.72 -31.63
N ARG B 285 -8.08 29.87 -31.52
CA ARG B 285 -6.86 30.06 -32.29
C ARG B 285 -5.75 29.20 -31.74
N ASP B 286 -5.66 29.11 -30.42
CA ASP B 286 -4.92 28.05 -29.77
C ASP B 286 -5.74 26.76 -29.88
N LEU B 287 -5.22 25.65 -29.36
CA LEU B 287 -5.85 24.33 -29.42
C LEU B 287 -6.08 23.89 -30.87
N ARG B 288 -5.24 24.34 -31.77
CA ARG B 288 -5.20 23.85 -33.14
C ARG B 288 -3.92 23.16 -33.46
N SER B 289 -2.81 23.73 -33.07
CA SER B 289 -1.56 23.03 -33.14
C SER B 289 -1.50 21.83 -32.17
N PRO B 290 -2.01 21.89 -30.93
CA PRO B 290 -2.12 20.65 -30.17
C PRO B 290 -3.32 19.78 -30.52
N GLN B 291 -4.00 20.03 -31.62
CA GLN B 291 -5.14 19.22 -31.99
C GLN B 291 -5.02 18.66 -33.39
N ASP B 292 -4.17 19.23 -34.23
CA ASP B 292 -3.68 18.54 -35.42
C ASP B 292 -2.59 17.53 -35.10
N ALA B 293 -2.14 17.43 -33.87
CA ALA B 293 -1.18 16.40 -33.49
C ALA B 293 -1.84 15.26 -32.75
N ILE B 294 -3.16 15.24 -32.66
CA ILE B 294 -3.89 14.08 -32.20
C ILE B 294 -4.57 13.37 -33.37
N ASN B 295 -5.09 14.16 -34.31
CA ASN B 295 -5.68 13.58 -35.50
C ASN B 295 -4.62 12.98 -36.41
N LYS B 296 -3.45 13.61 -36.51
CA LYS B 296 -2.42 13.08 -37.40
C LYS B 296 -1.60 11.98 -36.77
N ARG B 297 -1.30 12.05 -35.49
CA ARG B 297 -0.61 10.92 -34.86
C ARG B 297 -1.53 9.75 -34.58
N GLU B 298 -2.77 9.77 -35.06
CA GLU B 298 -3.63 8.60 -34.99
C GLU B 298 -3.74 7.90 -36.33
N SER B 299 -3.79 8.67 -37.42
CA SER B 299 -3.84 8.08 -38.74
C SER B 299 -2.48 7.58 -39.21
N LYS B 300 -1.39 8.04 -38.61
CA LYS B 300 -0.10 7.47 -38.95
C LYS B 300 0.02 6.06 -38.40
N LEU B 301 -0.49 5.82 -37.21
CA LEU B 301 -0.39 4.52 -36.55
C LEU B 301 -1.34 3.51 -37.16
N LEU B 302 -2.49 3.97 -37.64
CA LEU B 302 -3.40 3.04 -38.27
C LEU B 302 -2.87 2.61 -39.62
N HIS B 303 -2.14 3.48 -40.29
CA HIS B 303 -1.54 3.11 -41.56
C HIS B 303 -0.31 2.25 -41.37
N MET B 304 0.36 2.36 -40.24
CA MET B 304 1.61 1.68 -40.02
C MET B 304 1.41 0.31 -39.38
N LEU B 305 0.25 0.07 -38.79
CA LEU B 305 -0.06 -1.21 -38.15
C LEU B 305 -1.03 -2.06 -38.98
N ASN B 306 -1.01 -1.91 -40.29
CA ASN B 306 -1.69 -2.83 -41.18
C ASN B 306 -0.90 -3.20 -42.41
N ASN B 307 0.26 -2.60 -42.65
CA ASN B 307 1.00 -2.78 -43.88
C ASN B 307 2.40 -3.29 -43.57
N ARG B 308 2.84 -4.30 -44.31
CA ARG B 308 4.15 -4.91 -44.10
C ARG B 308 4.91 -4.76 -45.40
N GLN B 309 5.91 -3.88 -45.41
CA GLN B 309 6.66 -3.65 -46.64
C GLN B 309 7.57 -4.82 -46.94
N ALA B 310 7.67 -5.16 -48.22
CA ALA B 310 8.29 -6.40 -48.67
C ALA B 310 9.63 -6.10 -49.31
N ILE B 311 10.67 -6.77 -48.84
CA ILE B 311 12.01 -6.62 -49.38
C ILE B 311 12.33 -7.87 -50.17
N ALA B 312 13.18 -7.73 -51.18
CA ALA B 312 13.56 -8.85 -52.02
C ALA B 312 14.81 -9.51 -51.45
N THR B 313 14.82 -10.83 -51.41
CA THR B 313 15.94 -11.55 -50.85
C THR B 313 16.67 -12.37 -51.91
N ASN B 314 15.99 -13.29 -52.58
CA ASN B 314 16.63 -14.18 -53.53
C ASN B 314 16.19 -13.78 -54.93
N PRO B 315 17.02 -13.13 -55.72
CA PRO B 315 16.58 -12.57 -57.00
C PRO B 315 16.37 -13.57 -58.12
N GLU B 316 16.29 -14.87 -57.84
CA GLU B 316 15.87 -15.84 -58.84
C GLU B 316 14.44 -16.33 -58.58
N TYR B 317 14.12 -16.74 -57.35
CA TYR B 317 12.74 -17.11 -57.08
C TYR B 317 11.86 -15.88 -56.91
N ALA B 318 12.42 -14.80 -56.37
CA ALA B 318 11.78 -13.51 -56.51
C ALA B 318 12.09 -12.95 -57.89
N TYR B 319 11.67 -11.71 -58.15
CA TYR B 319 11.67 -11.09 -59.48
C TYR B 319 10.92 -11.91 -60.51
N ASN B 320 9.98 -12.73 -60.05
CA ASN B 320 9.32 -13.69 -60.92
C ASN B 320 7.81 -13.49 -60.91
N SER B 321 7.23 -13.32 -59.73
CA SER B 321 5.80 -13.13 -59.64
C SER B 321 5.41 -11.71 -59.99
N ASP B 322 5.77 -10.75 -59.15
CA ASP B 322 5.50 -9.31 -59.29
C ASP B 322 6.12 -8.68 -58.05
N ALA B 323 6.08 -7.35 -57.98
CA ALA B 323 6.44 -6.68 -56.75
C ALA B 323 5.25 -6.14 -56.00
N GLU B 324 4.41 -5.35 -56.66
CA GLU B 324 3.31 -4.68 -55.97
C GLU B 324 2.17 -5.63 -55.66
N MET B 325 2.08 -6.75 -56.37
CA MET B 325 1.10 -7.78 -56.03
C MET B 325 1.52 -8.59 -54.81
N VAL B 326 2.82 -8.72 -54.55
CA VAL B 326 3.27 -9.56 -53.45
C VAL B 326 3.06 -8.87 -52.12
N ARG B 327 3.40 -7.58 -52.02
CA ARG B 327 3.23 -6.93 -50.72
C ARG B 327 1.78 -6.65 -50.38
N LYS B 328 0.84 -6.81 -51.31
CA LYS B 328 -0.54 -6.80 -50.89
C LYS B 328 -1.01 -8.17 -50.41
N GLU B 329 -0.21 -9.21 -50.64
CA GLU B 329 -0.51 -10.54 -50.11
C GLU B 329 0.07 -10.74 -48.73
N MET B 330 1.00 -9.90 -48.31
CA MET B 330 1.55 -9.98 -46.98
C MET B 330 0.72 -9.24 -45.96
N SER B 331 0.05 -8.18 -46.37
CA SER B 331 -0.66 -7.35 -45.43
C SER B 331 -2.05 -7.87 -45.11
N LYS B 332 -2.55 -8.84 -45.84
CA LYS B 332 -3.85 -9.38 -45.47
C LYS B 332 -3.70 -10.82 -44.99
N PRO B 333 -4.44 -11.23 -43.96
CA PRO B 333 -4.19 -12.53 -43.34
C PRO B 333 -4.60 -13.73 -44.17
N ASP B 334 -5.43 -13.59 -45.20
CA ASP B 334 -5.78 -14.72 -46.05
C ASP B 334 -4.95 -14.72 -47.33
N GLY B 335 -3.63 -14.77 -47.19
CA GLY B 335 -2.77 -14.62 -48.34
C GLY B 335 -1.88 -15.80 -48.67
N ILE B 336 -1.39 -15.83 -49.91
CA ILE B 336 -0.40 -16.79 -50.38
C ILE B 336 0.80 -15.99 -50.83
N ILE B 337 1.99 -16.35 -50.34
CA ILE B 337 3.21 -15.59 -50.60
C ILE B 337 4.17 -16.45 -51.40
N PRO B 338 4.71 -15.95 -52.51
CA PRO B 338 5.68 -16.71 -53.28
C PRO B 338 7.02 -16.73 -52.59
N PRO B 339 7.93 -17.63 -52.97
CA PRO B 339 9.25 -17.65 -52.36
C PRO B 339 10.10 -16.47 -52.79
N GLY B 340 11.05 -16.13 -51.94
CA GLY B 340 12.04 -15.11 -52.26
C GLY B 340 11.75 -13.73 -51.73
N TRP B 341 10.63 -13.54 -51.03
CA TRP B 341 10.24 -12.24 -50.51
C TRP B 341 10.12 -12.34 -48.99
N GLN B 342 10.57 -11.29 -48.31
CA GLN B 342 10.67 -11.25 -46.86
C GLN B 342 9.79 -10.15 -46.28
N PRO B 343 8.87 -10.46 -45.39
CA PRO B 343 7.97 -9.43 -44.84
C PRO B 343 8.56 -8.63 -43.69
N ALA B 344 9.31 -7.59 -44.03
CA ALA B 344 9.94 -6.74 -43.02
C ALA B 344 8.96 -5.65 -42.63
N SER B 345 8.33 -5.81 -41.48
CA SER B 345 7.34 -4.81 -41.08
C SER B 345 7.98 -3.72 -40.23
N MET B 346 7.28 -2.59 -40.15
CA MET B 346 7.71 -1.45 -39.32
C MET B 346 6.98 -1.47 -37.97
N THR B 347 7.09 -2.57 -37.24
CA THR B 347 6.57 -2.62 -35.88
C THR B 347 7.63 -2.24 -34.85
N ASP B 348 8.36 -1.21 -35.19
CA ASP B 348 9.30 -0.49 -34.37
C ASP B 348 9.07 0.96 -34.71
N LEU B 349 9.54 1.87 -33.85
CA LEU B 349 9.20 3.29 -33.87
C LEU B 349 7.69 3.52 -33.93
N ALA B 350 6.93 2.64 -33.28
CA ALA B 350 5.53 2.86 -32.98
C ALA B 350 5.31 3.09 -31.51
N ASN B 351 6.16 2.51 -30.66
CA ASN B 351 6.18 2.87 -29.24
C ASN B 351 6.80 4.23 -29.02
N GLY B 352 7.49 4.79 -29.99
CA GLY B 352 7.88 6.17 -29.98
C GLY B 352 6.79 7.09 -30.47
N GLN B 353 5.78 6.57 -31.16
CA GLN B 353 4.63 7.35 -31.55
C GLN B 353 3.53 7.37 -30.51
N PHE B 354 3.31 6.24 -29.82
CA PHE B 354 2.36 6.23 -28.72
C PHE B 354 2.80 7.12 -27.57
N ALA B 355 4.10 7.23 -27.35
CA ALA B 355 4.59 8.12 -26.30
C ALA B 355 4.68 9.56 -26.76
N LEU B 356 4.27 9.84 -28.01
CA LEU B 356 4.28 11.18 -28.55
C LEU B 356 2.89 11.67 -28.92
N LEU B 357 1.91 10.77 -29.03
CA LEU B 357 0.50 11.14 -29.00
C LEU B 357 0.03 11.38 -27.58
N SER B 358 0.45 10.54 -26.65
CA SER B 358 0.02 10.68 -25.27
C SER B 358 0.65 11.85 -24.56
N SER B 359 1.63 12.51 -25.18
CA SER B 359 2.08 13.81 -24.72
C SER B 359 1.26 14.96 -25.24
N ALA B 360 0.40 14.71 -26.23
CA ALA B 360 -0.47 15.74 -26.79
C ALA B 360 -1.94 15.51 -26.47
N ARG B 361 -2.32 14.34 -25.98
CA ARG B 361 -3.62 14.18 -25.34
C ARG B 361 -3.64 14.73 -23.93
N GLU B 362 -2.48 15.02 -23.36
CA GLU B 362 -2.40 15.52 -21.99
C GLU B 362 -2.22 17.02 -21.94
N PHE B 363 -1.54 17.61 -22.90
CA PHE B 363 -1.47 19.06 -22.96
C PHE B 363 -2.79 19.67 -23.41
N ILE B 364 -3.52 18.97 -24.27
CA ILE B 364 -4.81 19.46 -24.77
C ILE B 364 -5.87 19.44 -23.68
N GLN B 365 -5.61 18.73 -22.58
CA GLN B 365 -6.50 18.68 -21.44
C GLN B 365 -6.08 19.64 -20.35
N ARG B 366 -4.90 20.24 -20.46
CA ARG B 366 -4.37 21.08 -19.40
C ARG B 366 -4.40 22.56 -19.74
N ILE B 367 -4.42 22.92 -21.01
CA ILE B 367 -4.53 24.32 -21.41
C ILE B 367 -5.97 24.64 -21.74
N GLY B 368 -6.72 23.66 -22.23
CA GLY B 368 -8.04 23.96 -22.69
C GLY B 368 -9.14 23.51 -21.76
N GLN B 369 -9.02 22.29 -21.25
CA GLN B 369 -10.16 21.64 -20.57
C GLN B 369 -10.04 21.80 -19.06
N ASN B 370 -9.57 22.96 -18.63
CA ASN B 370 -9.75 23.39 -17.26
C ASN B 370 -11.16 23.78 -16.76
N PRO B 371 -12.18 24.29 -17.60
CA PRO B 371 -13.31 24.99 -16.95
C PRO B 371 -14.26 24.09 -16.18
N SER B 372 -13.78 23.64 -15.01
CA SER B 372 -14.47 22.77 -14.07
C SER B 372 -14.87 21.43 -14.68
N VAL B 373 -14.15 20.94 -15.68
CA VAL B 373 -14.34 19.60 -16.20
C VAL B 373 -12.97 18.91 -16.26
N LEU B 374 -12.59 18.31 -15.14
CA LEU B 374 -11.28 17.67 -15.02
C LEU B 374 -11.43 16.27 -14.45
N ALA B 375 -12.49 16.05 -13.69
CA ALA B 375 -12.71 14.80 -12.96
C ALA B 375 -13.11 13.68 -13.90
N ARG B 384 -10.62 18.73 -6.70
CA ARG B 384 -10.95 18.43 -5.32
C ARG B 384 -12.27 19.05 -4.90
N ALA B 385 -12.61 18.89 -3.62
CA ALA B 385 -13.88 19.34 -3.09
C ALA B 385 -13.91 20.85 -2.91
N GLN B 386 -14.17 21.57 -4.01
CA GLN B 386 -14.37 23.02 -4.04
C GLN B 386 -13.16 23.79 -3.52
N LEU B 387 -11.96 23.26 -3.74
CA LEU B 387 -10.73 24.00 -3.49
C LEU B 387 -9.76 23.96 -4.66
N ALA B 388 -9.68 22.83 -5.37
CA ALA B 388 -8.94 22.76 -6.61
C ALA B 388 -9.76 23.21 -7.81
N ARG B 389 -10.96 23.78 -7.57
CA ARG B 389 -11.73 24.46 -8.61
C ARG B 389 -12.27 25.82 -8.18
N GLN B 390 -12.39 26.09 -6.88
CA GLN B 390 -12.88 27.38 -6.42
C GLN B 390 -11.76 28.42 -6.35
N GLN B 391 -10.51 27.99 -6.27
CA GLN B 391 -9.42 28.95 -6.24
C GLN B 391 -8.35 28.54 -7.23
N ALA B 392 -8.44 27.32 -7.77
CA ALA B 392 -7.44 26.82 -8.69
C ALA B 392 -7.94 26.62 -10.11
N GLY B 393 -9.25 26.46 -10.30
CA GLY B 393 -9.76 26.27 -11.63
C GLY B 393 -10.32 27.53 -12.24
N MET B 394 -10.94 28.37 -11.41
CA MET B 394 -11.59 29.59 -11.88
C MET B 394 -10.68 30.80 -11.86
N VAL B 395 -9.38 30.60 -11.62
CA VAL B 395 -8.43 31.70 -11.74
C VAL B 395 -7.65 31.60 -13.05
N ASP B 396 -7.73 30.49 -13.76
CA ASP B 396 -7.14 30.41 -15.08
C ASP B 396 -8.12 30.86 -16.15
N SER B 397 -9.42 30.78 -15.86
CA SER B 397 -10.45 31.37 -16.71
C SER B 397 -10.92 32.71 -16.18
N ALA B 398 -10.03 33.52 -15.61
CA ALA B 398 -10.47 34.79 -15.05
C ALA B 398 -10.45 35.91 -16.09
N MET B 399 -9.34 36.06 -16.82
CA MET B 399 -9.37 36.86 -18.04
C MET B 399 -10.28 36.20 -19.06
N ALA B 400 -10.89 37.05 -19.89
CA ALA B 400 -11.82 36.66 -20.96
C ALA B 400 -13.03 35.89 -20.44
N LEU B 401 -13.34 35.98 -19.16
CA LEU B 401 -14.63 35.58 -18.64
C LEU B 401 -15.07 36.69 -17.71
N ASN B 402 -14.09 37.39 -17.13
CA ASN B 402 -14.31 38.71 -16.56
C ASN B 402 -13.91 39.78 -17.56
N GLY B 403 -14.02 39.47 -18.83
CA GLY B 403 -13.90 40.42 -19.90
C GLY B 403 -15.22 40.46 -20.65
N LEU B 404 -15.94 39.36 -20.63
CA LEU B 404 -17.26 39.33 -21.25
C LEU B 404 -18.32 39.90 -20.35
N ARG B 405 -18.14 39.79 -19.03
CA ARG B 405 -18.97 40.53 -18.09
C ARG B 405 -18.81 42.03 -18.27
N ARG B 406 -17.62 42.46 -18.67
CA ARG B 406 -17.37 43.87 -18.86
C ARG B 406 -18.04 44.41 -20.13
N PHE B 407 -18.24 43.56 -21.14
CA PHE B 407 -19.07 43.93 -22.28
C PHE B 407 -20.54 43.98 -21.91
N GLU B 408 -21.00 43.04 -21.09
CA GLU B 408 -22.42 42.93 -20.85
C GLU B 408 -22.94 44.09 -20.00
N LEU B 409 -22.17 44.52 -19.01
CA LEU B 409 -22.58 45.67 -18.22
C LEU B 409 -22.18 46.98 -18.87
N ALA B 410 -21.57 46.95 -20.03
CA ALA B 410 -21.33 48.16 -20.81
C ALA B 410 -22.41 48.37 -21.85
N VAL B 411 -23.41 47.50 -21.92
CA VAL B 411 -24.53 47.71 -22.82
C VAL B 411 -25.69 48.26 -21.99
N TYR B 412 -25.81 47.78 -20.76
CA TYR B 412 -26.82 48.31 -19.83
C TYR B 412 -26.60 49.78 -19.56
N ARG B 413 -25.33 50.18 -19.47
CA ARG B 413 -25.01 51.60 -19.40
C ARG B 413 -25.43 52.32 -20.66
N GLN B 414 -25.23 51.70 -21.82
CA GLN B 414 -25.65 52.30 -23.08
C GLN B 414 -27.16 52.22 -23.29
N ALA B 415 -27.88 51.47 -22.45
CA ALA B 415 -29.32 51.37 -22.58
C ALA B 415 -30.08 52.28 -21.64
N TRP B 416 -29.44 52.83 -20.61
CA TRP B 416 -30.10 53.85 -19.81
C TRP B 416 -30.09 55.20 -20.49
N LEU B 417 -29.14 55.45 -21.39
CA LEU B 417 -29.16 56.68 -22.15
C LEU B 417 -30.28 56.73 -23.18
N ARG B 418 -30.82 55.60 -23.58
CA ARG B 418 -31.89 55.56 -24.58
C ARG B 418 -33.27 55.52 -23.97
N CYS B 419 -33.41 54.93 -22.78
CA CYS B 419 -34.67 55.00 -22.05
C CYS B 419 -34.70 56.17 -21.10
N ARG B 420 -33.93 57.21 -21.39
CA ARG B 420 -34.06 58.47 -20.67
C ARG B 420 -34.55 59.60 -21.57
N GLN B 421 -33.91 59.82 -22.70
CA GLN B 421 -34.25 60.93 -23.57
C GLN B 421 -35.54 60.71 -24.35
N PHE B 422 -36.10 59.49 -24.35
CA PHE B 422 -37.30 59.22 -25.10
C PHE B 422 -38.52 58.98 -24.23
N TRP B 423 -38.36 58.47 -23.02
CA TRP B 423 -39.49 58.25 -22.11
C TRP B 423 -39.86 59.55 -21.43
N LYS B 424 -41.07 60.03 -21.70
CA LYS B 424 -41.62 61.18 -21.01
C LYS B 424 -42.26 60.73 -19.71
N ALA B 425 -43.00 61.62 -19.08
CA ALA B 425 -43.58 61.35 -17.76
C ALA B 425 -44.63 60.23 -17.68
N PRO B 426 -45.58 60.05 -18.60
CA PRO B 426 -46.50 58.92 -18.46
C PRO B 426 -45.95 57.59 -18.95
N ASP B 427 -44.65 57.45 -19.16
CA ASP B 427 -44.06 56.16 -19.51
C ASP B 427 -43.34 55.50 -18.34
N TYR B 428 -42.86 56.29 -17.40
CA TYR B 428 -42.33 55.75 -16.15
C TYR B 428 -43.44 55.19 -15.27
N ILE B 429 -44.65 55.72 -15.39
CA ILE B 429 -45.74 55.30 -14.52
C ILE B 429 -46.31 53.98 -15.00
N ARG B 430 -46.21 53.69 -16.30
CA ARG B 430 -46.71 52.41 -16.81
C ARG B 430 -45.84 51.25 -16.37
N VAL B 431 -44.54 51.46 -16.26
CA VAL B 431 -43.62 50.37 -15.97
C VAL B 431 -43.56 50.10 -14.46
N THR B 432 -43.22 51.12 -13.68
CA THR B 432 -43.05 50.95 -12.25
C THR B 432 -44.37 50.92 -11.49
N ASP B 433 -45.45 51.39 -12.12
CA ASP B 433 -46.82 51.33 -11.63
C ASP B 433 -46.99 52.02 -10.27
N ASP B 434 -46.74 53.33 -10.27
CA ASP B 434 -46.91 54.17 -9.09
C ASP B 434 -47.02 55.62 -9.52
N GLU B 435 -48.16 56.24 -9.31
CA GLU B 435 -48.29 57.66 -9.59
C GLU B 435 -47.47 58.45 -8.58
N GLY B 436 -46.56 59.26 -9.09
CA GLY B 436 -45.55 59.89 -8.26
C GLY B 436 -44.18 59.31 -8.42
N ALA B 437 -43.95 58.47 -9.41
CA ALA B 437 -42.63 57.99 -9.81
C ALA B 437 -41.78 58.95 -10.65
N PRO B 438 -42.28 59.67 -11.68
CA PRO B 438 -41.36 60.50 -12.46
C PRO B 438 -40.85 61.74 -11.75
N GLN B 439 -41.33 62.06 -10.54
CA GLN B 439 -40.78 63.18 -9.80
C GLN B 439 -39.40 62.89 -9.24
N PHE B 440 -38.94 61.64 -9.26
CA PHE B 440 -37.66 61.25 -8.71
C PHE B 440 -36.55 61.17 -9.73
N VAL B 441 -36.81 61.49 -11.00
CA VAL B 441 -35.82 61.35 -12.07
C VAL B 441 -35.70 62.63 -12.87
N GLY B 442 -35.96 63.76 -12.23
CA GLY B 442 -35.69 65.03 -12.86
C GLY B 442 -36.74 65.52 -13.82
N ILE B 443 -38.02 65.34 -13.49
CA ILE B 443 -39.09 66.03 -14.20
C ILE B 443 -40.19 66.30 -13.18
N ASN B 444 -40.93 67.39 -13.43
CA ASN B 444 -41.91 67.98 -12.49
C ASN B 444 -41.33 68.26 -11.12
N ALA B 464 -57.04 55.25 -21.10
CA ALA B 464 -56.58 56.41 -21.84
C ALA B 464 -55.94 55.99 -23.16
N GLU B 465 -54.97 56.77 -23.64
CA GLU B 465 -54.28 56.42 -24.86
C GLU B 465 -53.31 55.27 -24.62
N PRO B 466 -52.98 54.51 -25.66
CA PRO B 466 -51.80 53.63 -25.58
C PRO B 466 -50.54 54.47 -25.43
N ILE B 467 -49.78 54.16 -24.40
CA ILE B 467 -48.63 54.97 -24.00
C ILE B 467 -47.31 54.32 -24.39
N LEU B 468 -47.17 53.02 -24.20
CA LEU B 468 -46.07 52.28 -24.81
C LEU B 468 -46.57 51.26 -25.82
N GLY B 469 -47.60 51.59 -26.58
CA GLY B 469 -48.19 50.62 -27.47
C GLY B 469 -48.87 49.47 -26.77
N TYR B 470 -49.36 49.67 -25.55
CA TYR B 470 -50.02 48.63 -24.78
C TYR B 470 -51.50 49.00 -24.67
N GLU B 471 -52.32 48.29 -25.43
CA GLU B 471 -53.71 48.66 -25.63
C GLU B 471 -54.62 48.24 -24.48
N ASN B 472 -54.15 47.44 -23.54
CA ASN B 472 -54.94 47.08 -22.36
C ASN B 472 -54.55 47.83 -21.10
N ALA B 473 -53.25 48.02 -20.87
CA ALA B 473 -52.66 48.65 -19.69
C ALA B 473 -53.01 47.92 -18.39
N LEU B 474 -53.37 46.65 -18.45
CA LEU B 474 -53.63 45.90 -17.23
C LEU B 474 -52.80 44.63 -17.11
N ALA B 475 -52.74 43.80 -18.16
CA ALA B 475 -51.95 42.56 -18.08
C ALA B 475 -51.43 42.22 -19.47
N GLU B 476 -50.14 42.47 -19.71
CA GLU B 476 -49.50 42.18 -20.98
C GLU B 476 -48.26 41.34 -20.72
N LEU B 477 -47.69 40.79 -21.80
CA LEU B 477 -46.61 39.79 -21.65
C LEU B 477 -45.31 40.39 -21.19
N ASP B 478 -44.86 41.44 -21.85
CA ASP B 478 -43.60 42.13 -21.59
C ASP B 478 -43.52 42.65 -20.16
N VAL B 479 -44.44 43.53 -19.78
CA VAL B 479 -44.31 44.28 -18.55
C VAL B 479 -44.43 43.34 -17.35
N ASP B 480 -45.60 42.77 -17.17
CA ASP B 480 -46.00 42.36 -15.84
C ASP B 480 -46.54 40.94 -15.81
N ILE B 481 -45.98 40.05 -16.62
CA ILE B 481 -46.29 38.64 -16.50
C ILE B 481 -45.01 37.82 -16.35
N ASN B 482 -44.12 37.86 -17.35
CA ASN B 482 -42.79 37.25 -17.33
C ASN B 482 -42.85 35.74 -17.07
N ILE B 483 -43.32 35.01 -18.09
CA ILE B 483 -43.44 33.55 -18.01
C ILE B 483 -42.08 32.91 -17.79
N ASP B 484 -42.01 32.02 -16.79
CA ASP B 484 -40.78 31.34 -16.43
C ASP B 484 -41.13 29.98 -15.85
N ALA B 485 -40.18 29.04 -15.92
CA ALA B 485 -40.43 27.70 -15.40
C ALA B 485 -40.12 27.62 -13.92
N VAL B 486 -40.50 26.50 -13.30
CA VAL B 486 -40.36 26.30 -11.86
C VAL B 486 -40.45 24.78 -11.67
N PRO B 487 -39.97 24.19 -10.56
CA PRO B 487 -40.11 22.75 -10.40
C PRO B 487 -41.56 22.31 -10.18
N ASP B 488 -41.75 21.00 -10.33
CA ASP B 488 -43.06 20.40 -10.52
C ASP B 488 -43.79 20.21 -9.21
N THR B 489 -45.11 20.28 -9.26
CA THR B 489 -46.00 19.97 -8.13
C THR B 489 -47.18 19.19 -8.69
N ALA B 490 -48.24 19.06 -7.90
CA ALA B 490 -49.46 18.41 -8.32
C ALA B 490 -50.60 19.39 -8.57
N ASN B 491 -50.80 20.32 -7.65
CA ASN B 491 -51.73 21.42 -7.84
C ASN B 491 -51.13 22.66 -7.20
N LEU B 492 -51.75 23.81 -7.46
CA LEU B 492 -51.18 25.08 -7.00
C LEU B 492 -51.35 25.26 -5.50
N ALA B 493 -52.22 24.48 -4.86
CA ALA B 493 -52.32 24.54 -3.41
C ALA B 493 -51.12 23.90 -2.75
N GLN B 494 -50.52 22.89 -3.37
CA GLN B 494 -49.37 22.22 -2.77
C GLN B 494 -48.11 23.07 -2.88
N GLU B 495 -47.95 23.78 -4.00
CA GLU B 495 -46.85 24.73 -4.13
C GLU B 495 -47.02 25.89 -3.16
N GLN B 496 -48.27 26.26 -2.86
CA GLN B 496 -48.52 27.27 -1.85
C GLN B 496 -48.20 26.76 -0.46
N PHE B 497 -48.27 25.43 -0.26
CA PHE B 497 -48.02 24.82 1.03
C PHE B 497 -46.53 24.74 1.36
N LEU B 498 -45.67 24.70 0.35
CA LEU B 498 -44.26 24.47 0.60
C LEU B 498 -43.56 25.72 1.11
N GLN B 499 -43.88 26.90 0.56
CA GLN B 499 -43.32 28.15 1.04
C GLN B 499 -44.17 28.79 2.13
N LEU B 500 -44.91 27.99 2.89
CA LEU B 500 -45.54 28.43 4.11
C LEU B 500 -44.97 27.71 5.32
N THR B 501 -44.84 26.39 5.24
CA THR B 501 -44.22 25.62 6.32
C THR B 501 -42.73 25.89 6.43
N GLU B 502 -42.07 26.25 5.34
CA GLU B 502 -40.71 26.76 5.41
C GLU B 502 -40.67 28.09 6.15
N LEU B 503 -41.69 28.92 5.94
CA LEU B 503 -41.75 30.21 6.61
C LEU B 503 -42.35 30.08 8.02
N ALA B 504 -43.24 29.10 8.23
CA ALA B 504 -43.80 28.89 9.56
C ALA B 504 -42.80 28.26 10.52
N ARG B 505 -41.78 27.59 10.00
CA ARG B 505 -40.83 26.91 10.86
C ARG B 505 -39.93 27.89 11.59
N LEU B 506 -39.64 29.04 10.96
CA LEU B 506 -38.81 30.04 11.61
C LEU B 506 -39.57 30.76 12.72
N TYR B 507 -40.85 31.07 12.50
CA TYR B 507 -41.64 31.72 13.53
C TYR B 507 -42.17 30.71 14.54
N GLY B 508 -42.97 29.77 14.09
CA GLY B 508 -43.44 28.72 14.96
C GLY B 508 -44.95 28.56 14.96
N PRO B 509 -45.46 27.78 15.91
CA PRO B 509 -46.90 27.51 15.94
C PRO B 509 -47.74 28.61 16.58
N GLN B 510 -47.19 29.81 16.70
CA GLN B 510 -47.94 30.90 17.30
C GLN B 510 -48.84 31.61 16.30
N GLU B 511 -48.33 31.92 15.11
CA GLU B 511 -49.09 32.71 14.15
C GLU B 511 -49.36 31.99 12.83
N VAL B 512 -49.05 30.69 12.73
CA VAL B 512 -49.50 29.89 11.61
C VAL B 512 -50.30 28.72 12.19
N PRO B 513 -51.60 28.89 12.40
CA PRO B 513 -52.38 27.85 13.08
C PRO B 513 -53.00 26.82 12.14
N PHE B 514 -53.81 25.91 12.68
CA PHE B 514 -54.67 25.08 11.86
C PHE B 514 -55.70 25.93 11.11
N ASP B 515 -56.30 25.29 10.09
CA ASP B 515 -57.20 25.81 9.05
C ASP B 515 -56.46 26.71 8.07
N ASP B 516 -55.17 26.94 8.27
CA ASP B 516 -54.33 27.71 7.38
C ASP B 516 -53.13 26.91 6.91
N LEU B 517 -52.83 25.79 7.56
CA LEU B 517 -51.78 24.88 7.16
C LEU B 517 -52.28 23.46 6.97
N LEU B 518 -53.42 23.10 7.55
CA LEU B 518 -54.08 21.83 7.27
C LEU B 518 -55.00 21.93 6.06
N GLU B 519 -55.54 23.11 5.79
CA GLU B 519 -56.51 23.25 4.71
C GLU B 519 -55.84 23.15 3.35
N LEU B 520 -54.75 23.89 3.14
CA LEU B 520 -54.06 23.83 1.85
C LEU B 520 -52.95 22.80 1.85
N SER B 521 -53.27 21.60 2.31
CA SER B 521 -52.32 20.50 2.43
C SER B 521 -52.50 19.54 1.26
N SER B 522 -51.85 18.39 1.34
CA SER B 522 -51.95 17.36 0.31
C SER B 522 -52.37 16.02 0.92
N MET B 523 -53.39 16.06 1.76
CA MET B 523 -54.12 15.08 2.57
C MET B 523 -55.36 14.63 1.80
N PRO B 524 -55.66 13.31 1.76
CA PRO B 524 -56.78 12.83 0.95
C PRO B 524 -58.16 13.27 1.41
N GLU B 525 -58.54 12.92 2.62
CA GLU B 525 -59.85 13.23 3.16
C GLU B 525 -59.66 14.27 4.25
N LYS B 526 -59.97 15.52 3.93
CA LYS B 526 -59.88 16.60 4.90
C LYS B 526 -61.17 17.37 5.07
N THR B 527 -62.05 17.38 4.08
CA THR B 527 -63.35 18.03 4.22
C THR B 527 -64.22 17.27 5.22
N LYS B 528 -64.08 15.95 5.29
CA LYS B 528 -64.73 15.15 6.30
C LYS B 528 -63.90 15.05 7.58
N LEU B 529 -62.87 15.88 7.72
CA LEU B 529 -62.12 16.02 8.95
C LEU B 529 -62.03 17.45 9.44
N ILE B 530 -62.13 18.44 8.56
CA ILE B 530 -62.03 19.82 9.03
C ILE B 530 -63.34 20.27 9.66
N ALA B 531 -64.44 19.58 9.41
CA ALA B 531 -65.73 19.94 9.97
C ALA B 531 -66.06 19.18 11.24
N LYS B 532 -65.31 18.14 11.57
CA LYS B 532 -65.43 17.47 12.86
C LYS B 532 -64.48 18.04 13.89
N ARG B 533 -63.62 18.98 13.49
CA ARG B 533 -62.80 19.73 14.43
C ARG B 533 -63.23 21.18 14.58
N ARG B 534 -63.89 21.74 13.56
CA ARG B 534 -64.44 23.08 13.70
C ARG B 534 -65.63 23.08 14.66
N GLU B 535 -66.33 21.96 14.77
CA GLU B 535 -67.50 21.91 15.65
C GLU B 535 -67.09 21.85 17.10
N ARG B 536 -65.92 21.29 17.41
CA ARG B 536 -65.47 21.22 18.80
C ARG B 536 -64.98 22.55 19.32
N SER B 537 -64.54 23.46 18.45
CA SER B 537 -64.22 24.82 18.84
C SER B 537 -65.41 25.75 18.73
N GLU B 538 -66.60 25.21 18.68
CA GLU B 538 -67.84 25.98 18.64
C GLU B 538 -68.82 25.56 19.73
N GLN B 539 -68.88 24.27 20.05
CA GLN B 539 -69.62 23.86 21.24
C GLN B 539 -68.83 24.06 22.52
N MET B 540 -67.54 24.36 22.42
CA MET B 540 -66.76 24.77 23.58
C MET B 540 -66.79 26.28 23.77
N ALA B 541 -66.91 27.04 22.69
CA ALA B 541 -67.05 28.49 22.80
C ALA B 541 -68.38 28.90 23.37
N GLN B 542 -69.39 28.03 23.32
CA GLN B 542 -70.65 28.29 24.00
C GLN B 542 -70.56 28.02 25.49
N VAL B 543 -69.56 27.27 25.93
CA VAL B 543 -69.29 27.16 27.36
C VAL B 543 -68.56 28.41 27.85
N GLN B 544 -67.50 28.82 27.15
CA GLN B 544 -66.70 29.96 27.58
C GLN B 544 -67.34 31.31 27.27
N ALA B 545 -68.57 31.35 26.79
CA ALA B 545 -69.36 32.57 26.72
C ALA B 545 -70.49 32.60 27.73
N GLN B 546 -71.22 31.49 27.91
CA GLN B 546 -72.27 31.45 28.90
C GLN B 546 -71.74 31.36 30.32
N GLN B 547 -70.47 30.98 30.49
CA GLN B 547 -69.80 31.09 31.78
C GLN B 547 -69.08 32.41 31.95
N GLY B 548 -68.96 33.20 30.89
CA GLY B 548 -68.28 34.48 30.98
C GLY B 548 -69.26 35.63 31.07
N GLN B 549 -70.45 35.45 30.50
CA GLN B 549 -71.50 36.46 30.58
C GLN B 549 -72.29 36.40 31.89
N MET B 550 -71.95 35.49 32.79
CA MET B 550 -72.41 35.56 34.17
C MET B 550 -71.25 35.73 35.13
N GLN B 551 -70.13 36.24 34.64
CA GLN B 551 -69.07 36.81 35.46
C GLN B 551 -68.82 38.26 35.15
N GLU B 552 -68.83 38.62 33.87
CA GLU B 552 -68.55 39.98 33.43
C GLU B 552 -69.74 40.91 33.59
N GLN B 553 -70.88 40.42 34.07
CA GLN B 553 -71.99 41.27 34.48
C GLN B 553 -72.14 41.29 35.99
N ILE B 554 -71.44 40.41 36.70
CA ILE B 554 -71.49 40.38 38.15
C ILE B 554 -70.22 40.92 38.79
N ALA B 555 -69.09 40.84 38.11
CA ALA B 555 -67.89 41.50 38.61
C ALA B 555 -67.84 42.99 38.28
N MET B 556 -68.83 43.52 37.55
CA MET B 556 -68.90 44.95 37.27
C MET B 556 -70.36 45.30 36.99
N GLN B 557 -70.68 46.58 37.25
CA GLN B 557 -72.02 47.21 37.23
C GLN B 557 -72.99 46.63 38.26
N GLY B 558 -72.51 45.71 39.08
CA GLY B 558 -73.17 45.14 40.22
C GLY B 558 -72.01 44.64 41.05
N ALA B 559 -72.02 44.89 42.36
CA ALA B 559 -70.97 44.56 43.32
C ALA B 559 -69.63 45.27 43.05
N MET B 560 -69.56 46.11 42.04
CA MET B 560 -68.37 46.89 41.74
C MET B 560 -68.70 48.33 41.35
N ALA B 561 -69.92 48.60 40.88
CA ALA B 561 -70.42 49.98 40.81
C ALA B 561 -71.00 50.41 42.14
N GLU B 562 -71.28 49.47 43.05
CA GLU B 562 -71.73 49.80 44.38
C GLU B 562 -70.60 50.20 45.32
N ILE B 563 -69.35 50.12 44.86
CA ILE B 563 -68.27 50.79 45.57
C ILE B 563 -68.27 52.27 45.25
N GLU B 564 -69.03 52.69 44.24
CA GLU B 564 -69.36 54.09 44.02
C GLU B 564 -70.67 54.48 44.68
N ASN B 565 -71.20 53.63 45.55
CA ASN B 565 -72.43 53.92 46.26
C ASN B 565 -72.26 53.76 47.76
N THR B 566 -71.09 53.34 48.22
CA THR B 566 -70.80 53.27 49.65
C THR B 566 -69.50 53.98 49.99
N GLN B 567 -68.77 54.45 48.98
CA GLN B 567 -67.55 55.21 49.15
C GLN B 567 -67.63 56.58 48.49
N ALA B 568 -68.50 56.74 47.49
CA ALA B 568 -68.89 58.07 47.04
C ALA B 568 -70.06 58.62 47.84
N ASP B 569 -70.76 57.77 48.59
CA ASP B 569 -71.92 58.18 49.35
C ASP B 569 -71.61 58.48 50.81
N THR B 570 -70.64 57.78 51.41
CA THR B 570 -70.15 58.19 52.71
C THR B 570 -69.29 59.44 52.64
N ALA B 571 -68.94 59.89 51.44
CA ALA B 571 -68.38 61.21 51.21
C ALA B 571 -69.28 62.32 51.71
N TYR B 572 -70.59 62.13 51.70
CA TYR B 572 -71.49 63.14 52.24
C TYR B 572 -71.71 63.00 53.74
N LEU B 573 -71.30 61.88 54.33
CA LEU B 573 -71.41 61.79 55.78
C LEU B 573 -70.29 62.55 56.47
N ALA B 574 -69.05 62.30 56.06
CA ALA B 574 -67.90 63.03 56.58
C ALA B 574 -67.95 64.51 56.22
N ALA B 575 -68.69 64.88 55.17
CA ALA B 575 -68.86 66.28 54.83
C ALA B 575 -69.94 66.95 55.67
N ARG B 576 -71.02 66.23 55.99
CA ARG B 576 -72.09 66.85 56.76
C ARG B 576 -71.70 67.01 58.22
N ALA B 577 -70.83 66.14 58.74
CA ALA B 577 -70.35 66.29 60.11
C ALA B 577 -69.36 67.43 60.26
N GLN B 578 -68.98 68.06 59.15
CA GLN B 578 -68.23 69.32 59.18
C GLN B 578 -69.16 70.52 59.34
N ASN B 579 -70.28 70.53 58.62
CA ASN B 579 -71.25 71.61 58.70
C ASN B 579 -71.98 71.60 60.03
N GLU B 580 -72.14 70.43 60.63
CA GLU B 580 -72.72 70.27 61.95
C GLU B 580 -71.61 70.32 63.00
N MET B 581 -70.40 70.64 62.56
CA MET B 581 -69.34 71.04 63.46
C MET B 581 -69.07 72.54 63.38
N LEU B 582 -69.57 73.19 62.33
CA LEU B 582 -69.61 74.64 62.24
C LEU B 582 -70.61 75.25 63.23
N LYS B 583 -71.59 74.48 63.68
CA LYS B 583 -72.57 74.99 64.63
C LYS B 583 -72.08 75.09 66.08
N PRO B 584 -71.46 74.02 66.73
CA PRO B 584 -71.22 74.16 68.18
C PRO B 584 -70.07 75.05 68.60
N GLN B 585 -69.50 75.84 67.69
CA GLN B 585 -68.56 76.89 68.08
C GLN B 585 -69.23 78.27 68.08
N ILE B 586 -69.74 78.70 66.93
CA ILE B 586 -70.33 80.01 66.79
C ILE B 586 -71.80 79.85 66.45
N GLU B 587 -72.62 80.79 66.96
CA GLU B 587 -74.09 80.75 66.92
C GLU B 587 -74.59 79.47 67.60
N ALA B 588 -74.00 79.16 68.75
CA ALA B 588 -74.46 78.08 69.62
C ALA B 588 -74.74 78.56 71.03
N PHE B 589 -73.91 79.44 71.58
CA PHE B 589 -74.09 79.98 72.92
C PHE B 589 -73.61 81.42 72.92
N LYS B 590 -74.53 82.36 73.10
CA LYS B 590 -74.19 83.78 73.15
C LYS B 590 -75.18 84.56 74.00
N THR C 4 -50.35 47.98 -53.46
CA THR C 4 -50.33 46.64 -52.90
C THR C 4 -50.55 45.59 -54.00
N MET C 5 -50.51 44.33 -53.60
CA MET C 5 -50.67 43.23 -54.56
C MET C 5 -51.68 42.20 -54.08
N THR C 6 -51.72 41.07 -54.77
CA THR C 6 -52.68 40.01 -54.53
C THR C 6 -52.01 38.85 -53.79
N MET C 7 -52.74 37.80 -53.61
CA MET C 7 -52.22 36.64 -52.90
C MET C 7 -51.53 35.68 -53.86
N PRO C 8 -50.49 34.97 -53.39
CA PRO C 8 -49.74 34.09 -54.28
C PRO C 8 -50.55 32.89 -54.73
N SER C 9 -50.38 32.48 -55.98
CA SER C 9 -51.29 31.55 -56.63
C SER C 9 -50.51 30.40 -57.26
N HIS C 10 -50.15 29.41 -56.45
CA HIS C 10 -49.87 28.03 -56.83
C HIS C 10 -48.67 27.84 -57.76
N ALA C 11 -48.05 28.91 -58.22
CA ALA C 11 -46.81 28.76 -58.96
C ALA C 11 -45.63 29.26 -58.16
N GLN C 12 -45.77 30.40 -57.49
CA GLN C 12 -44.80 30.82 -56.49
C GLN C 12 -45.14 30.31 -55.10
N LEU C 13 -45.95 29.25 -55.00
CA LEU C 13 -45.99 28.44 -53.80
C LEU C 13 -45.29 27.11 -53.96
N LYS C 14 -45.38 26.48 -55.12
CA LYS C 14 -44.52 25.33 -55.38
C LYS C 14 -43.07 25.75 -55.52
N ALA C 15 -42.83 26.98 -55.97
CA ALA C 15 -41.46 27.49 -56.08
C ALA C 15 -40.87 27.83 -54.73
N TYR C 16 -41.66 27.90 -53.68
CA TYR C 16 -41.10 28.01 -52.35
C TYR C 16 -40.79 26.65 -51.75
N PHE C 17 -41.66 25.67 -51.97
CA PHE C 17 -41.43 24.33 -51.44
C PHE C 17 -40.26 23.68 -52.12
N GLU C 18 -40.01 23.99 -53.39
CA GLU C 18 -38.98 23.33 -54.15
C GLU C 18 -37.61 23.98 -53.96
N GLU C 19 -37.57 25.24 -53.55
CA GLU C 19 -36.30 25.81 -53.11
C GLU C 19 -35.88 25.25 -51.76
N ALA C 20 -36.85 24.92 -50.91
CA ALA C 20 -36.59 24.29 -49.62
C ALA C 20 -36.52 22.78 -49.70
N ARG C 21 -36.34 22.21 -50.88
CA ARG C 21 -36.07 20.79 -51.03
C ARG C 21 -34.82 20.64 -51.89
N ASP C 22 -34.59 21.58 -52.80
CA ASP C 22 -33.35 21.58 -53.58
C ASP C 22 -32.17 21.92 -52.69
N ALA C 23 -32.29 22.97 -51.91
CA ALA C 23 -31.37 23.19 -50.80
C ALA C 23 -31.83 22.38 -49.60
N ASN C 24 -31.12 22.58 -48.48
CA ASN C 24 -31.20 21.89 -47.19
C ASN C 24 -31.50 20.40 -47.29
N GLU C 25 -30.90 19.75 -48.28
CA GLU C 25 -30.97 18.31 -48.43
C GLU C 25 -29.64 17.68 -48.07
N GLU C 26 -28.61 18.50 -47.88
CA GLU C 26 -27.29 18.00 -47.52
C GLU C 26 -27.25 17.51 -46.09
N TYR C 27 -27.95 18.18 -45.17
CA TYR C 27 -28.00 17.68 -43.80
C TYR C 27 -29.22 16.84 -43.53
N ARG C 28 -30.30 17.07 -44.26
CA ARG C 28 -31.52 16.33 -44.01
C ARG C 28 -31.39 14.90 -44.45
N LYS C 29 -30.57 14.63 -45.47
CA LYS C 29 -30.16 13.27 -45.80
C LYS C 29 -29.02 12.78 -44.92
N GLU C 30 -28.41 13.68 -44.15
CA GLU C 30 -27.36 13.31 -43.23
C GLU C 30 -27.89 13.08 -41.82
N ALA C 31 -28.96 13.77 -41.44
CA ALA C 31 -29.55 13.55 -40.13
C ALA C 31 -30.27 12.22 -40.04
N PHE C 32 -30.74 11.68 -41.16
CA PHE C 32 -31.29 10.34 -41.17
C PHE C 32 -30.23 9.27 -41.06
N ILE C 33 -29.00 9.56 -41.47
CA ILE C 33 -27.90 8.65 -41.16
C ILE C 33 -27.66 8.62 -39.67
N ASP C 34 -27.72 9.78 -39.02
CA ASP C 34 -27.53 9.86 -37.57
C ASP C 34 -28.64 9.16 -36.81
N ARG C 35 -29.83 9.06 -37.40
CA ARG C 35 -30.94 8.39 -36.74
C ARG C 35 -30.72 6.90 -36.66
N ASP C 36 -30.49 6.25 -37.80
CA ASP C 36 -30.33 4.80 -37.83
C ASP C 36 -28.88 4.41 -37.57
N TYR C 37 -28.17 5.28 -36.87
CA TYR C 37 -26.85 5.02 -36.37
C TYR C 37 -26.85 4.79 -34.88
N PHE C 38 -27.94 5.14 -34.19
CA PHE C 38 -27.95 4.87 -32.77
C PHE C 38 -28.88 3.72 -32.42
N ASP C 39 -29.71 3.28 -33.35
CA ASP C 39 -30.46 2.04 -33.18
C ASP C 39 -30.01 1.03 -34.22
N GLY C 40 -28.90 0.37 -33.93
CA GLY C 40 -28.29 -0.58 -34.84
C GLY C 40 -27.81 0.09 -36.11
N HIS C 41 -27.58 -0.76 -37.10
CA HIS C 41 -27.35 -0.39 -38.50
C HIS C 41 -26.11 0.49 -38.65
N GLN C 42 -25.03 0.06 -38.02
CA GLN C 42 -23.78 0.78 -38.09
C GLN C 42 -22.85 0.23 -39.17
N TRP C 43 -23.37 -0.55 -40.10
CA TRP C 43 -22.60 -1.15 -41.17
C TRP C 43 -23.25 -0.81 -42.50
N THR C 44 -22.45 -0.39 -43.47
CA THR C 44 -22.97 -0.08 -44.79
C THR C 44 -23.26 -1.37 -45.55
N GLU C 45 -23.97 -1.24 -46.66
CA GLU C 45 -24.36 -2.42 -47.41
C GLU C 45 -23.24 -3.02 -48.25
N GLU C 46 -22.11 -2.31 -48.39
CA GLU C 46 -20.95 -2.89 -49.04
C GLU C 46 -20.02 -3.58 -48.06
N GLU C 47 -19.91 -3.07 -46.84
CA GLU C 47 -19.11 -3.73 -45.82
C GLU C 47 -19.82 -4.96 -45.27
N LEU C 48 -21.14 -4.94 -45.23
CA LEU C 48 -21.90 -6.06 -44.70
C LEU C 48 -21.92 -7.23 -45.66
N GLN C 49 -21.75 -6.97 -46.94
CA GLN C 49 -21.68 -8.05 -47.92
C GLN C 49 -20.35 -8.77 -47.87
N LYS C 50 -19.27 -8.03 -47.60
CA LYS C 50 -17.94 -8.63 -47.64
C LYS C 50 -17.62 -9.43 -46.39
N LEU C 51 -18.22 -9.08 -45.24
CA LEU C 51 -18.03 -9.88 -44.04
C LEU C 51 -18.66 -11.25 -44.17
N GLU C 52 -19.74 -11.37 -44.92
CA GLU C 52 -20.37 -12.67 -45.14
C GLU C 52 -19.58 -13.55 -46.08
N ALA C 53 -18.70 -12.98 -46.89
CA ALA C 53 -17.84 -13.77 -47.76
C ALA C 53 -16.65 -14.35 -47.00
N ARG C 54 -16.33 -13.81 -45.84
CA ARG C 54 -15.34 -14.42 -44.97
C ARG C 54 -16.00 -15.34 -43.95
N LYS C 55 -17.32 -15.54 -44.07
CA LYS C 55 -18.16 -16.28 -43.12
C LYS C 55 -18.05 -15.72 -41.71
N GLN C 56 -17.89 -14.41 -41.56
CA GLN C 56 -17.67 -13.74 -40.30
C GLN C 56 -18.96 -13.10 -39.80
N PRO C 57 -19.27 -13.17 -38.52
CA PRO C 57 -20.40 -12.41 -38.00
C PRO C 57 -20.09 -10.92 -38.01
N ALA C 58 -21.15 -10.13 -38.07
CA ALA C 58 -21.06 -8.68 -38.17
C ALA C 58 -21.41 -8.08 -36.81
N THR C 59 -20.42 -7.99 -35.94
CA THR C 59 -20.67 -7.53 -34.59
C THR C 59 -20.53 -6.02 -34.49
N TYR C 60 -21.34 -5.41 -33.64
CA TYR C 60 -21.23 -4.00 -33.33
C TYR C 60 -21.49 -3.78 -31.85
N PHE C 61 -20.88 -2.73 -31.31
CA PHE C 61 -20.97 -2.39 -29.90
C PHE C 61 -21.61 -1.02 -29.80
N ASN C 62 -22.93 -1.01 -29.65
CA ASN C 62 -23.73 0.21 -29.81
C ASN C 62 -23.52 1.10 -28.59
N GLU C 63 -22.39 1.81 -28.59
CA GLU C 63 -21.98 2.62 -27.46
C GLU C 63 -22.39 4.08 -27.66
N VAL C 64 -23.30 4.35 -28.59
CA VAL C 64 -23.82 5.69 -28.82
C VAL C 64 -25.29 5.79 -28.44
N LYS C 65 -25.92 4.68 -28.09
CA LYS C 65 -27.21 4.76 -27.42
C LYS C 65 -27.05 5.04 -25.94
N LEU C 66 -25.95 4.58 -25.33
CA LEU C 66 -25.67 4.86 -23.94
C LEU C 66 -25.47 6.34 -23.66
N SER C 67 -24.84 7.06 -24.57
CA SER C 67 -24.57 8.46 -24.38
C SER C 67 -25.79 9.34 -24.59
N ILE C 68 -26.89 8.81 -25.11
CA ILE C 68 -28.07 9.62 -25.39
C ILE C 68 -29.15 9.23 -24.40
N ARG C 69 -29.21 7.94 -24.04
CA ARG C 69 -30.26 7.46 -23.16
C ARG C 69 -30.12 7.98 -21.74
N GLY C 70 -28.90 8.28 -21.33
CA GLY C 70 -28.71 8.88 -20.02
C GLY C 70 -28.68 10.37 -20.06
N LEU C 71 -28.73 10.97 -21.23
CA LEU C 71 -28.72 12.42 -21.38
C LEU C 71 -30.09 12.98 -21.63
N VAL C 72 -30.99 12.19 -22.21
CA VAL C 72 -32.40 12.53 -22.22
C VAL C 72 -32.98 12.35 -20.83
N GLY C 73 -32.51 11.33 -20.10
CA GLY C 73 -33.01 11.02 -18.77
C GLY C 73 -32.69 12.04 -17.71
N VAL C 74 -31.78 12.98 -17.99
CA VAL C 74 -31.57 14.12 -17.11
C VAL C 74 -32.61 15.19 -17.36
N PHE C 75 -32.87 15.48 -18.63
CA PHE C 75 -33.92 16.43 -18.99
C PHE C 75 -35.29 15.92 -18.59
N GLU C 76 -35.51 14.61 -18.74
CA GLU C 76 -36.84 14.04 -18.54
C GLU C 76 -37.23 14.01 -17.08
N GLN C 77 -36.26 13.96 -16.17
CA GLN C 77 -36.58 13.96 -14.75
C GLN C 77 -36.83 15.36 -14.24
N GLY C 78 -36.04 16.33 -14.66
CA GLY C 78 -36.19 17.67 -14.14
C GLY C 78 -37.21 18.48 -14.92
N ASP C 79 -38.44 17.98 -14.98
CA ASP C 79 -39.50 18.64 -15.75
C ASP C 79 -39.99 19.88 -15.03
N SER C 80 -40.92 20.58 -15.68
CA SER C 80 -41.33 21.88 -15.19
C SER C 80 -42.76 22.17 -15.61
N ASP C 81 -43.49 22.71 -14.70
CA ASP C 81 -44.78 23.34 -14.92
C ASP C 81 -44.60 24.85 -14.96
N PRO C 82 -45.37 25.57 -15.77
CA PRO C 82 -45.11 27.00 -15.98
C PRO C 82 -45.54 27.83 -14.78
N ARG C 83 -45.21 29.12 -14.85
CA ARG C 83 -45.33 30.03 -13.73
C ARG C 83 -45.14 31.45 -14.23
N ALA C 84 -45.93 32.39 -13.71
CA ALA C 84 -45.81 33.78 -14.09
C ALA C 84 -45.40 34.61 -12.89
N TRP C 85 -44.46 35.52 -13.08
CA TRP C 85 -43.92 36.32 -11.99
C TRP C 85 -44.35 37.77 -12.14
N PRO C 86 -45.19 38.31 -11.26
CA PRO C 86 -45.58 39.73 -11.36
C PRO C 86 -44.39 40.63 -11.09
N ARG C 87 -44.17 41.60 -11.98
CA ARG C 87 -42.88 42.28 -11.91
C ARG C 87 -42.81 43.30 -10.79
N ASN C 88 -43.96 43.81 -10.33
CA ASN C 88 -43.95 44.75 -9.22
C ASN C 88 -45.26 44.66 -8.48
N PRO C 89 -45.25 44.39 -7.18
CA PRO C 89 -46.50 44.06 -6.49
C PRO C 89 -47.35 45.27 -6.18
N GLN C 90 -47.68 46.06 -7.18
CA GLN C 90 -48.69 47.10 -7.09
C GLN C 90 -49.74 46.71 -8.12
N ASP C 91 -50.70 45.91 -7.67
CA ASP C 91 -51.81 45.41 -8.48
C ASP C 91 -51.30 44.60 -9.67
N GLU C 92 -50.21 43.86 -9.49
CA GLU C 92 -49.81 42.91 -10.51
C GLU C 92 -49.83 41.47 -10.02
N ASP C 93 -49.87 41.24 -8.72
CA ASP C 93 -50.07 39.89 -8.24
C ASP C 93 -51.52 39.47 -8.37
N SER C 94 -52.44 40.43 -8.39
CA SER C 94 -53.84 40.10 -8.61
C SER C 94 -54.07 39.62 -10.03
N ALA C 95 -53.24 40.08 -10.97
CA ALA C 95 -53.28 39.64 -12.37
C ALA C 95 -52.39 38.46 -12.63
N ASP C 96 -52.19 37.60 -11.64
CA ASP C 96 -51.42 36.38 -11.77
C ASP C 96 -52.35 35.17 -11.67
N ILE C 97 -53.55 35.34 -12.20
CA ILE C 97 -54.46 34.24 -12.55
C ILE C 97 -53.91 33.46 -13.73
N ALA C 98 -53.01 34.08 -14.51
CA ALA C 98 -52.46 33.48 -15.71
C ALA C 98 -51.74 32.17 -15.42
N THR C 99 -51.02 32.08 -14.31
CA THR C 99 -50.38 30.81 -13.98
C THR C 99 -51.36 29.75 -13.50
N LYS C 100 -52.61 30.10 -13.26
CA LYS C 100 -53.63 29.13 -12.88
C LYS C 100 -54.40 28.63 -14.08
N ALA C 101 -54.28 29.30 -15.22
CA ALA C 101 -54.93 28.90 -16.46
C ALA C 101 -53.96 28.69 -17.60
N LEU C 102 -52.66 28.81 -17.36
CA LEU C 102 -51.68 28.43 -18.36
C LEU C 102 -51.12 27.04 -18.09
N ARG C 103 -51.23 26.55 -16.86
CA ARG C 103 -51.05 25.14 -16.56
C ARG C 103 -52.33 24.36 -16.69
N TYR C 104 -53.36 24.98 -17.27
CA TYR C 104 -54.51 24.25 -17.78
C TYR C 104 -54.20 23.62 -19.12
N VAL C 105 -53.51 24.34 -20.00
CA VAL C 105 -53.23 23.83 -21.34
C VAL C 105 -52.03 22.91 -21.38
N LYS C 106 -51.20 22.93 -20.34
CA LYS C 106 -50.13 21.95 -20.21
C LYS C 106 -50.66 20.61 -19.73
N ASP C 107 -51.88 20.57 -19.21
CA ASP C 107 -52.52 19.34 -18.79
C ASP C 107 -53.59 18.85 -19.74
N TYR C 108 -54.19 19.72 -20.53
CA TYR C 108 -55.16 19.28 -21.53
C TYR C 108 -54.48 18.55 -22.67
N SER C 109 -53.37 19.07 -23.14
CA SER C 109 -52.73 18.60 -24.34
C SER C 109 -51.71 17.49 -24.10
N GLU C 110 -51.55 17.06 -22.85
CA GLU C 110 -50.53 16.09 -22.42
C GLU C 110 -49.14 16.53 -22.84
N TRP C 111 -48.71 17.66 -22.30
CA TRP C 111 -47.34 18.07 -22.53
C TRP C 111 -46.38 17.40 -21.57
N SER C 112 -46.89 16.64 -20.60
CA SER C 112 -46.00 16.00 -19.63
C SER C 112 -45.23 14.85 -20.24
N ASP C 113 -45.73 14.25 -21.32
CA ASP C 113 -45.02 13.14 -21.96
C ASP C 113 -44.55 13.47 -23.37
N GLU C 114 -45.13 14.47 -24.01
CA GLU C 114 -44.71 14.86 -25.33
C GLU C 114 -43.58 15.88 -25.29
N ARG C 115 -43.12 16.25 -24.10
CA ARG C 115 -41.89 17.00 -23.99
C ARG C 115 -40.68 16.10 -24.06
N SER C 116 -40.85 14.80 -23.81
CA SER C 116 -39.79 13.83 -23.96
C SER C 116 -39.73 13.26 -25.36
N ARG C 117 -40.65 13.65 -26.22
CA ARG C 117 -40.63 13.28 -27.61
C ARG C 117 -40.03 14.36 -28.49
N ALA C 118 -40.06 15.59 -28.01
CA ALA C 118 -39.33 16.68 -28.64
C ALA C 118 -37.89 16.73 -28.18
N ALA C 119 -37.54 16.06 -27.09
CA ALA C 119 -36.15 15.99 -26.66
C ALA C 119 -35.37 14.90 -27.35
N LEU C 120 -36.02 13.81 -27.72
CA LEU C 120 -35.34 12.73 -28.39
C LEU C 120 -35.05 13.04 -29.85
N ASN C 121 -35.85 13.91 -30.48
CA ASN C 121 -35.53 14.42 -31.81
C ASN C 121 -34.66 15.65 -31.76
N TYR C 122 -34.23 16.06 -30.58
CA TYR C 122 -33.37 17.22 -30.44
C TYR C 122 -31.91 16.86 -30.30
N PHE C 123 -31.60 15.67 -29.80
CA PHE C 123 -30.22 15.26 -29.68
C PHE C 123 -29.80 14.33 -30.80
N VAL C 124 -30.71 13.51 -31.33
CA VAL C 124 -30.36 12.58 -32.38
C VAL C 124 -30.45 13.25 -33.74
N GLU C 125 -31.56 13.93 -33.99
CA GLU C 125 -31.70 14.75 -35.19
C GLU C 125 -31.12 16.13 -34.88
N GLY C 126 -31.44 17.11 -35.69
CA GLY C 126 -30.98 18.44 -35.36
C GLY C 126 -31.98 19.28 -34.60
N THR C 127 -33.21 19.35 -35.07
CA THR C 127 -34.18 20.34 -34.63
C THR C 127 -35.32 19.66 -33.89
N CYS C 128 -35.97 20.43 -33.01
CA CYS C 128 -37.25 20.04 -32.44
C CYS C 128 -38.25 21.14 -32.77
N ALA C 129 -39.53 20.78 -32.84
CA ALA C 129 -40.52 21.75 -33.28
C ALA C 129 -41.88 21.43 -32.68
N ALA C 130 -42.73 22.44 -32.59
CA ALA C 130 -44.09 22.28 -32.10
C ALA C 130 -44.95 23.43 -32.60
N ILE C 131 -46.25 23.16 -32.75
CA ILE C 131 -47.22 24.15 -33.20
C ILE C 131 -48.32 24.28 -32.16
N VAL C 132 -48.63 25.52 -31.79
CA VAL C 132 -49.63 25.80 -30.78
C VAL C 132 -50.79 26.57 -31.42
N GLY C 133 -51.99 26.01 -31.32
CA GLY C 133 -53.12 26.59 -32.02
C GLY C 133 -54.43 26.08 -31.45
N VAL C 134 -55.49 26.82 -31.74
CA VAL C 134 -56.77 26.65 -31.06
C VAL C 134 -57.70 25.80 -31.90
N ASP C 135 -58.24 24.75 -31.29
CA ASP C 135 -59.07 23.79 -32.01
C ASP C 135 -60.51 24.26 -32.18
N GLU C 136 -61.41 23.33 -32.49
CA GLU C 136 -62.79 23.64 -32.85
C GLU C 136 -63.57 24.27 -31.70
N ASN C 137 -63.19 24.01 -30.46
CA ASN C 137 -63.79 24.69 -29.32
C ASN C 137 -63.03 25.98 -29.06
N GLY C 138 -63.18 26.54 -27.88
CA GLY C 138 -62.43 27.74 -27.56
C GLY C 138 -61.08 27.46 -26.93
N ARG C 139 -60.72 26.23 -26.75
CA ARG C 139 -59.55 25.95 -25.94
C ARG C 139 -58.30 25.80 -26.81
N PRO C 140 -57.12 26.08 -26.30
CA PRO C 140 -55.90 25.92 -27.10
C PRO C 140 -55.19 24.60 -26.88
N GLU C 141 -54.47 24.20 -27.91
CA GLU C 141 -53.86 22.88 -28.05
C GLU C 141 -52.47 23.05 -28.64
N ILE C 142 -51.54 22.22 -28.19
CA ILE C 142 -50.16 22.25 -28.64
C ILE C 142 -49.79 20.88 -29.17
N GLU C 143 -49.64 20.78 -30.50
CA GLU C 143 -49.20 19.54 -31.12
C GLU C 143 -47.71 19.57 -31.36
N PRO C 144 -47.00 18.47 -31.11
CA PRO C 144 -45.62 18.37 -31.58
C PRO C 144 -45.56 17.87 -33.01
N ILE C 145 -44.78 18.55 -33.82
CA ILE C 145 -44.59 18.22 -35.23
C ILE C 145 -43.26 17.48 -35.36
N ARG C 146 -43.28 16.35 -36.06
CA ARG C 146 -42.12 15.48 -36.16
C ARG C 146 -41.02 16.11 -37.01
N PHE C 147 -39.79 15.62 -36.82
CA PHE C 147 -38.68 16.13 -37.61
C PHE C 147 -38.75 15.70 -39.06
N GLU C 148 -39.35 14.54 -39.34
CA GLU C 148 -39.42 14.02 -40.71
C GLU C 148 -40.35 14.82 -41.61
N GLU C 149 -41.02 15.85 -41.09
CA GLU C 149 -41.95 16.64 -41.87
C GLU C 149 -41.89 18.13 -41.56
N PHE C 150 -40.99 18.58 -40.68
CA PHE C 150 -40.82 20.01 -40.53
C PHE C 150 -40.09 20.59 -41.73
N PHE C 151 -40.36 21.84 -42.02
CA PHE C 151 -40.13 22.41 -43.35
C PHE C 151 -39.95 23.90 -43.21
N HIS C 152 -38.73 24.39 -43.39
CA HIS C 152 -38.46 25.82 -43.28
C HIS C 152 -37.69 26.27 -44.51
N ASP C 153 -37.26 27.51 -44.53
CA ASP C 153 -36.49 27.94 -45.68
C ASP C 153 -35.00 27.78 -45.41
N PRO C 154 -34.18 27.74 -46.45
CA PRO C 154 -32.76 28.03 -46.29
C PRO C 154 -32.59 29.54 -46.24
N ARG C 155 -31.33 29.98 -46.22
CA ARG C 155 -30.94 31.38 -46.06
C ARG C 155 -31.51 31.96 -44.77
N SER C 156 -31.49 31.13 -43.73
CA SER C 156 -31.90 31.50 -42.38
C SER C 156 -30.77 31.08 -41.45
N ARG C 157 -29.89 32.03 -41.13
CA ARG C 157 -28.64 31.72 -40.45
C ARG C 157 -28.87 31.33 -38.99
N GLU C 158 -30.01 31.71 -38.43
CA GLU C 158 -30.15 31.70 -36.98
C GLU C 158 -30.84 30.44 -36.48
N LEU C 159 -30.37 29.91 -35.34
CA LEU C 159 -30.89 28.68 -34.77
C LEU C 159 -32.15 28.87 -33.95
N ASP C 160 -32.82 30.00 -34.06
CA ASP C 160 -34.12 30.21 -33.42
C ASP C 160 -35.19 30.48 -34.46
N PHE C 161 -34.81 30.46 -35.75
CA PHE C 161 -35.70 30.68 -36.89
C PHE C 161 -36.37 32.04 -36.83
N SER C 162 -35.63 33.05 -36.38
CA SER C 162 -36.18 34.39 -36.38
C SER C 162 -36.14 35.00 -37.77
N ASP C 163 -35.13 34.65 -38.56
CA ASP C 163 -34.89 35.23 -39.87
C ASP C 163 -35.63 34.48 -40.98
N ALA C 164 -36.44 33.50 -40.63
CA ALA C 164 -37.11 32.70 -41.64
C ALA C 164 -38.24 33.48 -42.29
N ARG C 165 -38.58 33.08 -43.51
CA ARG C 165 -39.67 33.69 -44.25
C ARG C 165 -40.88 32.79 -44.36
N PHE C 166 -40.70 31.47 -44.36
CA PHE C 166 -41.85 30.57 -44.41
C PHE C 166 -41.54 29.27 -43.69
N LYS C 167 -42.57 28.70 -43.04
CA LYS C 167 -42.46 27.47 -42.27
C LYS C 167 -43.77 26.69 -42.39
N GLY C 168 -43.69 25.36 -42.37
CA GLY C 168 -44.85 24.53 -42.65
C GLY C 168 -44.75 23.15 -42.05
N VAL C 169 -45.70 22.26 -42.44
CA VAL C 169 -45.79 20.95 -41.79
C VAL C 169 -45.71 19.73 -42.70
N ALA C 170 -46.07 19.85 -43.98
CA ALA C 170 -45.78 18.92 -45.10
C ALA C 170 -46.05 17.44 -44.79
N LYS C 171 -47.32 17.08 -44.61
CA LYS C 171 -47.67 15.74 -44.13
C LYS C 171 -48.10 14.80 -45.25
N TRP C 172 -48.30 13.54 -44.88
CA TRP C 172 -49.01 12.54 -45.66
C TRP C 172 -50.29 12.17 -44.93
N ARG C 173 -51.41 12.17 -45.64
CA ARG C 173 -52.69 11.81 -45.03
C ARG C 173 -53.38 10.77 -45.89
N PHE C 174 -54.54 10.32 -45.42
CA PHE C 174 -55.39 9.43 -46.19
C PHE C 174 -56.32 10.25 -47.07
N ALA C 175 -56.56 9.75 -48.28
CA ALA C 175 -57.40 10.49 -49.23
C ALA C 175 -58.86 10.52 -48.83
N ASP C 176 -59.29 9.61 -47.95
CA ASP C 176 -60.63 9.69 -47.40
C ASP C 176 -60.78 10.91 -46.49
N GLU C 177 -59.81 11.12 -45.60
CA GLU C 177 -59.91 12.15 -44.58
C GLU C 177 -59.36 13.49 -45.03
N VAL C 178 -59.34 13.74 -46.33
CA VAL C 178 -59.02 15.06 -46.89
C VAL C 178 -60.14 15.56 -47.77
N GLY C 179 -60.57 14.76 -48.74
CA GLY C 179 -61.59 15.20 -49.67
C GLY C 179 -62.98 15.28 -49.05
N MET C 180 -63.29 14.35 -48.14
CA MET C 180 -64.52 14.41 -47.37
C MET C 180 -64.39 15.28 -46.13
N GLU C 181 -63.35 16.11 -46.08
CA GLU C 181 -63.23 17.18 -45.10
C GLU C 181 -63.29 18.55 -45.74
N TYR C 182 -62.80 18.70 -46.98
CA TYR C 182 -62.77 19.97 -47.68
C TYR C 182 -63.61 19.95 -48.95
N GLY C 183 -64.49 18.97 -49.12
CA GLY C 183 -65.43 18.97 -50.22
C GLY C 183 -64.87 18.57 -51.57
N ILE C 184 -63.59 18.25 -51.67
CA ILE C 184 -63.01 17.76 -52.91
C ILE C 184 -63.50 16.34 -53.16
N LYS C 185 -63.92 16.06 -54.39
CA LYS C 185 -64.41 14.72 -54.70
C LYS C 185 -63.25 13.74 -54.86
N GLY C 186 -63.56 12.46 -54.68
CA GLY C 186 -62.52 11.45 -54.58
C GLY C 186 -61.92 11.05 -55.92
N GLU C 187 -60.70 10.53 -55.83
CA GLU C 187 -59.83 10.15 -56.96
C GLU C 187 -59.69 11.32 -57.94
N ILE C 188 -59.01 12.35 -57.46
CA ILE C 188 -58.81 13.55 -58.24
C ILE C 188 -57.31 13.74 -58.50
N SER C 220 -60.84 2.57 -54.73
CA SER C 220 -60.18 1.78 -53.71
C SER C 220 -60.14 2.51 -52.37
N LYS C 221 -59.52 1.88 -51.37
CA LYS C 221 -59.43 2.45 -50.05
C LYS C 221 -57.96 2.51 -49.64
N LEU C 222 -57.63 3.44 -48.73
CA LEU C 222 -56.28 3.74 -48.26
C LEU C 222 -55.38 4.18 -49.41
N ARG C 223 -55.73 5.32 -49.99
CA ARG C 223 -54.89 6.03 -50.93
C ARG C 223 -54.30 7.24 -50.21
N ARG C 224 -53.05 7.55 -50.46
CA ARG C 224 -52.35 8.57 -49.70
C ARG C 224 -52.14 9.83 -50.54
N VAL C 225 -52.29 11.00 -49.91
CA VAL C 225 -52.07 12.28 -50.56
C VAL C 225 -50.98 13.04 -49.82
N PHE C 226 -50.69 14.27 -50.24
CA PHE C 226 -49.52 14.99 -49.74
C PHE C 226 -49.85 16.44 -49.42
N VAL C 227 -50.87 16.68 -48.60
CA VAL C 227 -51.24 18.03 -48.24
C VAL C 227 -50.14 18.67 -47.38
N VAL C 228 -49.97 19.99 -47.50
CA VAL C 228 -48.85 20.71 -46.90
C VAL C 228 -49.29 22.10 -46.46
N GLU C 229 -49.09 22.44 -45.18
CA GLU C 229 -49.36 23.79 -44.72
C GLU C 229 -48.15 24.69 -44.95
N MET C 230 -48.36 25.98 -44.78
CA MET C 230 -47.42 26.98 -45.29
C MET C 230 -47.76 28.31 -44.66
N TYR C 231 -46.81 28.91 -43.95
CA TYR C 231 -47.00 30.23 -43.33
C TYR C 231 -45.98 31.18 -43.93
N VAL C 232 -46.32 31.80 -45.05
CA VAL C 232 -45.40 32.64 -45.79
C VAL C 232 -45.66 34.11 -45.47
N ARG C 233 -44.59 34.85 -45.20
CA ARG C 233 -44.66 36.31 -45.10
C ARG C 233 -44.71 36.87 -46.49
N TRP C 234 -45.87 37.36 -46.90
CA TRP C 234 -46.05 37.79 -48.28
C TRP C 234 -45.90 39.28 -48.46
N ASN C 235 -46.29 40.03 -47.44
CA ASN C 235 -46.13 41.47 -47.31
C ASN C 235 -46.00 41.65 -45.81
N GLY C 236 -46.37 42.80 -45.27
CA GLY C 236 -46.44 42.96 -43.82
C GLY C 236 -47.28 41.95 -43.03
N VAL C 237 -48.16 41.22 -43.70
CA VAL C 237 -48.98 40.23 -43.06
C VAL C 237 -48.40 38.85 -43.30
N TRP C 238 -48.91 37.87 -42.56
CA TRP C 238 -48.52 36.47 -42.68
C TRP C 238 -49.65 35.67 -43.30
N ILE C 239 -49.46 35.24 -44.53
CA ILE C 239 -50.45 34.44 -45.23
C ILE C 239 -50.33 32.99 -44.78
N ARG C 240 -51.45 32.37 -44.46
CA ARG C 240 -51.53 30.93 -44.27
C ARG C 240 -52.15 30.30 -45.51
N ALA C 241 -51.48 29.30 -46.07
CA ALA C 241 -52.02 28.59 -47.22
C ALA C 241 -51.77 27.11 -47.04
N LEU C 242 -52.66 26.28 -47.57
CA LEU C 242 -52.39 24.84 -47.62
C LEU C 242 -52.88 24.31 -48.96
N PHE C 243 -52.04 23.55 -49.63
CA PHE C 243 -52.30 23.14 -51.00
C PHE C 243 -51.93 21.67 -51.16
N TRP C 244 -52.02 21.20 -52.39
CA TRP C 244 -51.51 19.89 -52.77
C TRP C 244 -51.06 19.98 -54.22
N GLY C 245 -50.91 18.84 -54.88
CA GLY C 245 -50.22 18.79 -56.16
C GLY C 245 -50.91 19.55 -57.28
N ARG C 246 -52.22 19.71 -57.20
CA ARG C 246 -52.94 20.58 -58.13
C ARG C 246 -54.03 21.32 -57.35
N GLY C 247 -54.04 22.64 -57.48
CA GLY C 247 -54.99 23.48 -56.77
C GLY C 247 -54.61 23.68 -55.32
N ILE C 248 -55.11 24.76 -54.75
CA ILE C 248 -54.98 25.04 -53.34
C ILE C 248 -56.31 24.70 -52.68
N LEU C 249 -56.30 24.63 -51.35
CA LEU C 249 -57.50 24.24 -50.62
C LEU C 249 -58.06 25.34 -49.74
N GLU C 250 -57.22 26.08 -49.03
CA GLU C 250 -57.65 27.29 -48.37
C GLU C 250 -56.45 28.23 -48.25
N MET C 251 -56.73 29.52 -48.20
CA MET C 251 -55.68 30.54 -48.22
C MET C 251 -56.23 31.82 -47.64
N SER C 252 -55.67 32.26 -46.52
CA SER C 252 -56.19 33.43 -45.84
C SER C 252 -55.09 34.03 -45.00
N VAL C 253 -55.36 35.23 -44.47
CA VAL C 253 -54.49 35.85 -43.49
C VAL C 253 -54.56 35.05 -42.20
N SER C 254 -53.41 34.84 -41.56
CA SER C 254 -53.32 34.00 -40.37
C SER C 254 -54.15 34.58 -39.24
N ALA C 255 -54.93 33.71 -38.59
CA ALA C 255 -55.90 34.16 -37.61
C ALA C 255 -55.28 34.52 -36.26
N TYR C 256 -54.09 34.04 -35.97
CA TYR C 256 -53.51 34.20 -34.65
C TYR C 256 -52.71 35.49 -34.58
N LEU C 257 -52.85 36.21 -33.48
CA LEU C 257 -52.17 37.48 -33.32
C LEU C 257 -50.87 37.29 -32.54
N ASP C 258 -50.27 38.40 -32.14
CA ASP C 258 -48.97 38.38 -31.47
C ASP C 258 -49.00 39.42 -30.36
N ARG C 259 -47.87 39.66 -29.68
CA ARG C 259 -47.84 40.62 -28.59
C ARG C 259 -47.88 42.07 -29.07
N ASN C 260 -47.72 42.32 -30.36
CA ASN C 260 -47.79 43.66 -30.90
C ASN C 260 -49.13 43.98 -31.54
N GLY C 261 -49.95 42.98 -31.83
CA GLY C 261 -51.27 43.18 -32.40
C GLY C 261 -51.40 42.71 -33.84
N LYS C 262 -50.31 42.53 -34.53
CA LYS C 262 -50.27 42.16 -35.93
C LYS C 262 -50.26 40.64 -36.08
N PRO C 263 -50.86 40.10 -37.14
CA PRO C 263 -50.94 38.64 -37.28
C PRO C 263 -49.60 38.02 -37.64
N THR C 264 -49.29 36.91 -36.97
CA THR C 264 -48.02 36.20 -37.13
C THR C 264 -48.22 34.71 -37.26
N CYS C 265 -47.09 33.92 -37.11
CA CYS C 265 -47.04 32.48 -37.21
C CYS C 265 -47.12 31.83 -35.84
N PRO C 266 -47.72 30.67 -35.74
CA PRO C 266 -47.69 29.94 -34.48
C PRO C 266 -46.57 28.93 -34.37
N ILE C 267 -45.92 28.60 -35.48
CA ILE C 267 -44.92 27.53 -35.48
C ILE C 267 -43.65 28.03 -34.81
N GLU C 268 -43.15 27.25 -33.84
CA GLU C 268 -41.92 27.59 -33.12
C GLU C 268 -41.03 26.37 -33.00
N ALA C 269 -39.71 26.60 -33.08
CA ALA C 269 -38.76 25.52 -33.20
C ALA C 269 -37.38 25.99 -32.78
N ARG C 270 -36.45 25.05 -32.68
CA ARG C 270 -35.10 25.35 -32.21
C ARG C 270 -34.17 24.20 -32.58
N SER C 271 -32.97 24.52 -33.02
CA SER C 271 -31.97 23.52 -33.39
C SER C 271 -30.81 23.55 -32.42
N CYS C 272 -30.01 22.49 -32.46
CA CYS C 272 -28.95 22.34 -31.47
C CYS C 272 -27.69 23.13 -31.85
N TYR C 273 -27.09 22.82 -33.00
CA TYR C 273 -25.93 23.54 -33.47
C TYR C 273 -26.13 23.96 -34.92
N ILE C 274 -25.30 24.90 -35.36
CA ILE C 274 -25.35 25.47 -36.69
C ILE C 274 -23.92 25.46 -37.23
N ASP C 275 -23.78 25.48 -38.55
CA ASP C 275 -22.48 25.44 -39.19
C ASP C 275 -22.30 26.71 -40.01
N ARG C 276 -21.16 26.85 -40.72
CA ARG C 276 -20.92 28.07 -41.48
C ARG C 276 -21.84 28.16 -42.68
N GLU C 277 -21.77 27.21 -43.59
CA GLU C 277 -22.93 26.96 -44.43
C GLU C 277 -24.00 26.30 -43.57
N ASN C 278 -25.26 26.56 -43.89
CA ASN C 278 -26.32 26.32 -42.92
C ASN C 278 -26.66 24.86 -42.75
N ARG C 279 -25.97 24.19 -41.83
CA ARG C 279 -26.27 22.82 -41.43
C ARG C 279 -26.90 22.85 -40.05
N ARG C 280 -27.74 21.86 -39.76
CA ARG C 280 -28.41 21.76 -38.47
C ARG C 280 -28.04 20.38 -37.96
N TYR C 281 -26.91 20.23 -37.31
CA TYR C 281 -26.58 18.91 -36.80
C TYR C 281 -26.97 18.85 -35.33
N GLY C 282 -26.86 17.67 -34.75
CA GLY C 282 -27.31 17.49 -33.39
C GLY C 282 -26.19 17.16 -32.43
N GLU C 283 -26.33 16.06 -31.69
CA GLU C 283 -25.28 15.59 -30.80
C GLU C 283 -24.59 14.35 -31.35
N VAL C 284 -25.33 13.54 -32.10
CA VAL C 284 -24.81 12.28 -32.61
C VAL C 284 -24.27 12.51 -34.01
N ARG C 285 -24.06 13.78 -34.40
CA ARG C 285 -23.15 14.04 -35.52
C ARG C 285 -21.71 13.79 -35.10
N ASP C 286 -21.37 14.18 -33.89
CA ASP C 286 -20.19 13.65 -33.23
C ASP C 286 -20.48 12.23 -32.76
N LEU C 287 -19.49 11.56 -32.15
CA LEU C 287 -19.61 10.17 -31.68
C LEU C 287 -19.92 9.22 -32.84
N ARG C 288 -19.49 9.57 -34.03
CA ARG C 288 -19.53 8.68 -35.19
C ARG C 288 -18.15 8.31 -35.68
N SER C 289 -17.29 9.28 -35.78
CA SER C 289 -15.89 8.99 -36.03
C SER C 289 -15.23 8.27 -34.84
N PRO C 290 -15.49 8.58 -33.57
CA PRO C 290 -15.00 7.70 -32.52
C PRO C 290 -15.84 6.47 -32.27
N GLN C 291 -16.76 6.12 -33.16
CA GLN C 291 -17.57 4.93 -32.97
C GLN C 291 -17.51 3.99 -34.15
N ASP C 292 -17.09 4.46 -35.32
CA ASP C 292 -16.62 3.59 -36.38
C ASP C 292 -15.19 3.11 -36.15
N ALA C 293 -14.53 3.57 -35.10
CA ALA C 293 -13.21 3.05 -34.77
C ALA C 293 -13.25 2.09 -33.61
N ILE C 294 -14.43 1.72 -33.14
CA ILE C 294 -14.59 0.61 -32.21
C ILE C 294 -15.18 -0.60 -32.91
N ASN C 295 -16.11 -0.36 -33.83
CA ASN C 295 -16.65 -1.46 -34.62
C ASN C 295 -15.64 -2.00 -35.61
N LYS C 296 -14.82 -1.14 -36.19
CA LYS C 296 -13.85 -1.60 -37.18
C LYS C 296 -12.58 -2.14 -36.56
N ARG C 297 -12.09 -1.56 -35.47
CA ARG C 297 -10.94 -2.16 -34.81
C ARG C 297 -11.30 -3.37 -33.98
N GLU C 298 -12.53 -3.88 -34.07
CA GLU C 298 -12.87 -5.15 -33.47
C GLU C 298 -12.96 -6.26 -34.49
N SER C 299 -13.49 -5.96 -35.68
CA SER C 299 -13.57 -6.95 -36.73
C SER C 299 -12.23 -7.16 -37.43
N LYS C 300 -11.30 -6.23 -37.30
CA LYS C 300 -9.97 -6.48 -37.84
C LYS C 300 -9.24 -7.52 -37.02
N LEU C 301 -9.39 -7.48 -35.70
CA LEU C 301 -8.71 -8.40 -34.81
C LEU C 301 -9.32 -9.77 -34.82
N LEU C 302 -10.62 -9.87 -35.06
CA LEU C 302 -11.25 -11.18 -35.14
C LEU C 302 -10.86 -11.87 -36.43
N HIS C 303 -10.62 -11.09 -37.48
CA HIS C 303 -10.17 -11.67 -38.73
C HIS C 303 -8.71 -12.04 -38.69
N MET C 304 -7.93 -11.36 -37.86
CA MET C 304 -6.49 -11.53 -37.86
C MET C 304 -6.05 -12.59 -36.85
N LEU C 305 -6.92 -12.96 -35.91
CA LEU C 305 -6.63 -13.98 -34.91
C LEU C 305 -7.35 -15.29 -35.18
N ASN C 306 -7.63 -15.59 -36.44
CA ASN C 306 -8.08 -16.92 -36.82
C ASN C 306 -7.43 -17.44 -38.10
N ASN C 307 -6.65 -16.64 -38.80
CA ASN C 307 -6.13 -17.01 -40.10
C ASN C 307 -4.61 -16.96 -40.08
N ARG C 308 -3.98 -17.98 -40.63
CA ARG C 308 -2.52 -18.09 -40.67
C ARG C 308 -2.12 -18.16 -42.13
N GLN C 309 -1.53 -17.09 -42.65
CA GLN C 309 -1.16 -17.07 -44.06
C GLN C 309 0.04 -17.96 -44.30
N ALA C 310 0.03 -18.67 -45.43
CA ALA C 310 0.96 -19.75 -45.70
C ALA C 310 1.96 -19.31 -46.75
N ILE C 311 3.24 -19.45 -46.44
CA ILE C 311 4.30 -19.11 -47.37
C ILE C 311 4.91 -20.41 -47.87
N ALA C 312 5.44 -20.37 -49.09
CA ALA C 312 6.05 -21.55 -49.67
C ALA C 312 7.54 -21.58 -49.35
N THR C 313 8.03 -22.76 -48.97
CA THR C 313 9.43 -22.89 -48.61
C THR C 313 10.20 -23.77 -49.57
N ASN C 314 9.78 -25.01 -49.77
CA ASN C 314 10.51 -25.95 -50.61
C ASN C 314 9.71 -26.19 -51.87
N PRO C 315 10.09 -25.63 -53.01
CA PRO C 315 9.24 -25.69 -54.20
C PRO C 315 9.22 -27.03 -54.92
N GLU C 316 9.67 -28.11 -54.31
CA GLU C 316 9.45 -29.44 -54.86
C GLU C 316 8.37 -30.21 -54.09
N TYR C 317 8.45 -30.25 -52.76
CA TYR C 317 7.39 -30.89 -52.02
C TYR C 317 6.16 -29.99 -51.92
N ALA C 318 6.37 -28.68 -51.87
CA ALA C 318 5.29 -27.75 -52.13
C ALA C 318 5.13 -27.63 -53.64
N TYR C 319 4.24 -26.72 -54.07
CA TYR C 319 3.77 -26.62 -55.46
C TYR C 319 3.20 -27.92 -55.97
N ASN C 320 2.71 -28.76 -55.09
CA ASN C 320 2.31 -30.10 -55.45
C ASN C 320 0.86 -30.36 -55.06
N SER C 321 0.49 -29.99 -53.84
CA SER C 321 -0.88 -30.20 -53.40
C SER C 321 -1.82 -29.15 -53.98
N ASP C 322 -1.68 -27.91 -53.54
CA ASP C 322 -2.47 -26.75 -53.96
C ASP C 322 -1.91 -25.59 -53.16
N ALA C 323 -2.42 -24.38 -53.42
CA ALA C 323 -2.10 -23.26 -52.55
C ALA C 323 -3.26 -22.87 -51.66
N GLU C 324 -4.43 -22.62 -52.23
CA GLU C 324 -5.54 -22.12 -51.45
C GLU C 324 -6.19 -23.19 -50.59
N MET C 325 -6.00 -24.47 -50.94
CA MET C 325 -6.45 -25.55 -50.08
C MET C 325 -5.56 -25.75 -48.87
N VAL C 326 -4.27 -25.40 -48.97
CA VAL C 326 -3.35 -25.65 -47.86
C VAL C 326 -3.54 -24.63 -46.75
N ARG C 327 -3.69 -23.35 -47.09
CA ARG C 327 -3.84 -22.38 -46.01
C ARG C 327 -5.21 -22.43 -45.35
N LYS C 328 -6.17 -23.17 -45.89
CA LYS C 328 -7.37 -23.42 -45.11
C LYS C 328 -7.20 -24.61 -44.19
N GLU C 329 -6.13 -25.40 -44.35
CA GLU C 329 -5.83 -26.49 -43.45
C GLU C 329 -4.96 -26.04 -42.28
N MET C 330 -4.35 -24.87 -42.38
CA MET C 330 -3.57 -24.34 -41.28
C MET C 330 -4.41 -23.57 -40.30
N SER C 331 -5.49 -22.95 -40.76
CA SER C 331 -6.27 -22.09 -39.90
C SER C 331 -7.30 -22.85 -39.06
N LYS C 332 -7.52 -24.12 -39.34
CA LYS C 332 -8.44 -24.86 -38.51
C LYS C 332 -7.70 -25.95 -37.73
N PRO C 333 -8.04 -26.17 -36.47
CA PRO C 333 -7.22 -27.06 -35.63
C PRO C 333 -7.31 -28.54 -35.97
N ASP C 334 -8.31 -28.98 -36.72
CA ASP C 334 -8.37 -30.40 -37.12
C ASP C 334 -7.85 -30.59 -38.54
N GLY C 335 -6.60 -30.21 -38.77
CA GLY C 335 -6.08 -30.21 -40.11
C GLY C 335 -4.91 -31.13 -40.38
N ILE C 336 -4.67 -31.42 -41.65
CA ILE C 336 -3.50 -32.15 -42.13
C ILE C 336 -2.78 -31.23 -43.10
N ILE C 337 -1.48 -31.05 -42.90
CA ILE C 337 -0.68 -30.10 -43.68
C ILE C 337 0.35 -30.87 -44.48
N PRO C 338 0.46 -30.63 -45.79
CA PRO C 338 1.48 -31.30 -46.58
C PRO C 338 2.85 -30.69 -46.32
N PRO C 339 3.93 -31.37 -46.71
CA PRO C 339 5.27 -30.79 -46.51
C PRO C 339 5.52 -29.64 -47.46
N GLY C 340 6.43 -28.77 -47.04
CA GLY C 340 6.90 -27.68 -47.87
C GLY C 340 6.22 -26.36 -47.65
N TRP C 341 5.26 -26.27 -46.73
CA TRP C 341 4.53 -25.05 -46.47
C TRP C 341 4.73 -24.64 -45.01
N GLN C 342 4.89 -23.35 -44.78
CA GLN C 342 5.23 -22.80 -43.47
C GLN C 342 4.14 -21.87 -42.96
N PRO C 343 3.57 -22.12 -41.80
CA PRO C 343 2.48 -21.28 -41.29
C PRO C 343 2.93 -19.99 -40.61
N ALA C 344 3.19 -18.96 -41.41
CA ALA C 344 3.63 -17.67 -40.87
C ALA C 344 2.41 -16.84 -40.51
N SER C 345 2.10 -16.79 -39.22
CA SER C 345 0.91 -16.05 -38.83
C SER C 345 1.25 -14.59 -38.50
N MET C 346 0.22 -13.75 -38.51
CA MET C 346 0.35 -12.34 -38.15
C MET C 346 -0.07 -12.10 -36.70
N THR C 347 0.58 -12.82 -35.78
CA THR C 347 0.36 -12.54 -34.36
C THR C 347 1.38 -11.56 -33.81
N ASP C 348 1.61 -10.53 -34.60
CA ASP C 348 2.37 -9.34 -34.29
C ASP C 348 1.55 -8.23 -34.91
N LEU C 349 1.82 -6.99 -34.48
CA LEU C 349 0.98 -5.81 -34.76
C LEU C 349 -0.49 -6.07 -34.45
N ALA C 350 -0.75 -6.85 -33.41
CA ALA C 350 -2.05 -6.96 -32.78
C ALA C 350 -2.06 -6.32 -31.41
N ASN C 351 -0.92 -6.31 -30.73
CA ASN C 351 -0.77 -5.50 -29.52
C ASN C 351 -0.67 -4.03 -29.83
N GLY C 352 -0.41 -3.67 -31.08
CA GLY C 352 -0.56 -2.31 -31.53
C GLY C 352 -1.98 -1.96 -31.90
N GLN C 353 -2.83 -2.95 -32.11
CA GLN C 353 -4.24 -2.72 -32.36
C GLN C 353 -5.06 -2.67 -31.07
N PHE C 354 -4.73 -3.51 -30.09
CA PHE C 354 -5.39 -3.43 -28.79
C PHE C 354 -5.10 -2.12 -28.08
N ALA C 355 -3.91 -1.56 -28.27
CA ALA C 355 -3.60 -0.28 -27.68
C ALA C 355 -4.12 0.88 -28.51
N LEU C 356 -4.83 0.60 -29.60
CA LEU C 356 -5.41 1.63 -30.45
C LEU C 356 -6.93 1.53 -30.51
N LEU C 357 -7.51 0.40 -30.10
CA LEU C 357 -8.93 0.35 -29.77
C LEU C 357 -9.18 0.90 -28.38
N SER C 358 -8.33 0.58 -27.42
CA SER C 358 -8.52 1.04 -26.06
C SER C 358 -8.23 2.52 -25.89
N SER C 359 -7.70 3.18 -26.91
CA SER C 359 -7.66 4.64 -26.94
C SER C 359 -8.95 5.24 -27.49
N ALA C 360 -9.81 4.44 -28.10
CA ALA C 360 -11.08 4.93 -28.62
C ALA C 360 -12.28 4.41 -27.84
N ARG C 361 -12.11 3.41 -26.98
CA ARG C 361 -13.12 3.10 -25.98
C ARG C 361 -13.08 4.06 -24.81
N GLU C 362 -12.03 4.85 -24.69
CA GLU C 362 -11.89 5.78 -23.58
C GLU C 362 -12.25 7.19 -23.95
N PHE C 363 -12.02 7.60 -25.20
CA PHE C 363 -12.50 8.91 -25.64
C PHE C 363 -14.00 8.91 -25.84
N ILE C 364 -14.58 7.78 -26.24
CA ILE C 364 -16.02 7.69 -26.45
C ILE C 364 -16.78 7.73 -25.13
N GLN C 365 -16.09 7.53 -24.02
CA GLN C 365 -16.67 7.60 -22.69
C GLN C 365 -16.44 8.96 -22.05
N ARG C 366 -15.60 9.80 -22.65
CA ARG C 366 -15.22 11.06 -22.04
C ARG C 366 -15.87 12.27 -22.71
N ILE C 367 -16.25 12.16 -23.98
CA ILE C 367 -16.93 13.25 -24.67
C ILE C 367 -18.43 13.00 -24.64
N GLY C 368 -18.83 11.75 -24.63
CA GLY C 368 -20.24 11.47 -24.75
C GLY C 368 -20.89 11.07 -23.46
N GLN C 369 -20.26 10.18 -22.71
CA GLN C 369 -20.93 9.50 -21.60
C GLN C 369 -20.60 10.18 -20.27
N ASN C 370 -20.53 11.50 -20.31
CA ASN C 370 -20.60 12.30 -19.10
C ASN C 370 -21.93 12.41 -18.34
N PRO C 371 -23.20 12.30 -18.94
CA PRO C 371 -24.37 12.82 -18.20
C PRO C 371 -24.76 11.99 -16.98
N SER C 372 -23.94 12.11 -15.94
CA SER C 372 -24.09 11.46 -14.64
C SER C 372 -24.08 9.94 -14.75
N VAL C 373 -23.43 9.37 -15.76
CA VAL C 373 -23.21 7.93 -15.83
C VAL C 373 -21.71 7.70 -16.10
N LEU C 374 -20.93 7.64 -15.03
CA LEU C 374 -19.49 7.49 -15.14
C LEU C 374 -19.01 6.39 -14.21
N ALA C 375 -19.77 6.14 -13.15
CA ALA C 375 -19.37 5.20 -12.09
C ALA C 375 -19.51 3.76 -12.55
N ARG C 384 -17.76 11.44 -7.91
CA ARG C 384 -17.69 11.54 -6.46
C ARG C 384 -19.04 11.85 -5.85
N ALA C 385 -19.05 12.05 -4.54
CA ALA C 385 -20.28 12.26 -3.80
C ALA C 385 -20.83 13.67 -4.01
N GLN C 386 -21.52 13.86 -5.14
CA GLN C 386 -22.25 15.09 -5.48
C GLN C 386 -21.33 16.31 -5.54
N LEU C 387 -20.08 16.12 -5.95
CA LEU C 387 -19.17 17.21 -6.26
C LEU C 387 -18.50 17.06 -7.61
N ALA C 388 -18.13 15.83 -8.00
CA ALA C 388 -17.67 15.56 -9.35
C ALA C 388 -18.81 15.33 -10.33
N ARG C 389 -20.06 15.57 -9.91
CA ARG C 389 -21.19 15.61 -10.83
C ARG C 389 -22.10 16.81 -10.61
N GLN C 390 -22.08 17.45 -9.44
CA GLN C 390 -22.91 18.63 -9.21
C GLN C 390 -22.26 19.90 -9.73
N GLN C 391 -20.94 19.90 -9.90
CA GLN C 391 -20.29 21.09 -10.43
C GLN C 391 -19.35 20.71 -11.56
N ALA C 392 -19.09 19.40 -11.72
CA ALA C 392 -18.15 18.93 -12.72
C ALA C 392 -18.81 18.14 -13.84
N GLY C 393 -19.97 17.55 -13.60
CA GLY C 393 -20.62 16.77 -14.63
C GLY C 393 -21.69 17.55 -15.35
N MET C 394 -22.41 18.39 -14.63
CA MET C 394 -23.53 19.13 -15.18
C MET C 394 -23.15 20.49 -15.73
N VAL C 395 -21.85 20.77 -15.84
CA VAL C 395 -21.40 21.99 -16.50
C VAL C 395 -20.90 21.69 -17.91
N ASP C 396 -20.69 20.43 -18.25
CA ASP C 396 -20.36 20.08 -19.62
C ASP C 396 -21.62 19.84 -20.44
N SER C 397 -22.72 19.49 -19.79
CA SER C 397 -24.03 19.43 -20.43
C SER C 397 -24.86 20.67 -20.13
N ALA C 398 -24.24 21.85 -20.09
CA ALA C 398 -25.00 23.06 -19.76
C ALA C 398 -25.57 23.71 -21.01
N MET C 399 -24.75 23.92 -22.04
CA MET C 399 -25.29 24.22 -23.35
C MET C 399 -26.08 23.02 -23.87
N ALA C 400 -27.09 23.31 -24.68
CA ALA C 400 -28.00 22.35 -25.30
C ALA C 400 -28.73 21.48 -24.28
N LEU C 401 -28.81 21.90 -23.03
CA LEU C 401 -29.75 21.35 -22.07
C LEU C 401 -30.37 22.53 -21.37
N ASN C 402 -29.64 23.63 -21.30
CA ASN C 402 -30.21 24.94 -21.05
C ASN C 402 -30.42 25.68 -22.35
N GLY C 403 -30.64 24.93 -23.42
CA GLY C 403 -31.07 25.46 -24.70
C GLY C 403 -32.43 24.87 -25.01
N LEU C 404 -32.68 23.67 -24.51
CA LEU C 404 -33.98 23.06 -24.69
C LEU C 404 -35.00 23.57 -23.69
N ARG C 405 -34.55 23.97 -22.50
CA ARG C 405 -35.41 24.70 -21.57
C ARG C 405 -35.84 26.03 -22.18
N ARG C 406 -34.99 26.63 -23.00
CA ARG C 406 -35.30 27.90 -23.61
C ARG C 406 -36.34 27.76 -24.72
N PHE C 407 -36.40 26.60 -25.38
CA PHE C 407 -37.50 26.30 -26.29
C PHE C 407 -38.80 26.06 -25.54
N GLU C 408 -38.72 25.35 -24.41
CA GLU C 408 -39.94 24.92 -23.74
C GLU C 408 -40.67 26.09 -23.11
N LEU C 409 -39.95 27.03 -22.53
CA LEU C 409 -40.60 28.22 -21.97
C LEU C 409 -40.83 29.29 -23.01
N ALA C 410 -40.47 29.05 -24.27
CA ALA C 410 -40.84 29.93 -25.36
C ALA C 410 -42.10 29.46 -26.06
N VAL C 411 -42.70 28.37 -25.61
CA VAL C 411 -43.97 27.93 -26.18
C VAL C 411 -45.08 28.36 -25.22
N TYR C 412 -44.79 28.32 -23.92
CA TYR C 412 -45.73 28.80 -22.92
C TYR C 412 -46.02 30.28 -23.10
N ARG C 413 -44.99 31.04 -23.48
CA ARG C 413 -45.19 32.43 -23.87
C ARG C 413 -46.07 32.53 -25.10
N GLN C 414 -45.88 31.64 -26.06
CA GLN C 414 -46.71 31.63 -27.26
C GLN C 414 -48.09 31.06 -27.00
N ALA C 415 -48.33 30.46 -25.84
CA ALA C 415 -49.62 29.90 -25.51
C ALA C 415 -50.49 30.82 -24.66
N TRP C 416 -49.91 31.84 -24.03
CA TRP C 416 -50.74 32.82 -23.36
C TRP C 416 -51.34 33.82 -24.35
N LEU C 417 -50.73 34.01 -25.50
CA LEU C 417 -51.34 34.86 -26.52
C LEU C 417 -52.57 34.23 -27.15
N ARG C 418 -52.73 32.91 -27.08
CA ARG C 418 -53.87 32.24 -27.69
C ARG C 418 -55.00 32.01 -26.71
N CYS C 419 -54.71 31.83 -25.43
CA CYS C 419 -55.74 31.79 -24.41
C CYS C 419 -56.01 33.16 -23.82
N ARG C 420 -55.76 34.21 -24.58
CA ARG C 420 -56.20 35.54 -24.19
C ARG C 420 -57.21 36.10 -25.16
N GLN C 421 -56.92 36.10 -26.46
CA GLN C 421 -57.81 36.70 -27.44
C GLN C 421 -59.04 35.87 -27.73
N PHE C 422 -59.11 34.62 -27.26
CA PHE C 422 -60.25 33.77 -27.54
C PHE C 422 -61.11 33.50 -26.33
N TRP C 423 -60.54 33.50 -25.12
CA TRP C 423 -61.33 33.28 -23.91
C TRP C 423 -62.02 34.56 -23.50
N LYS C 424 -63.35 34.55 -23.53
CA LYS C 424 -64.14 35.66 -23.04
C LYS C 424 -64.34 35.51 -21.53
N ALA C 425 -65.21 36.30 -20.95
CA ALA C 425 -65.40 36.34 -19.50
C ALA C 425 -65.94 35.06 -18.84
N PRO C 426 -66.91 34.31 -19.37
CA PRO C 426 -67.31 33.08 -18.69
C PRO C 426 -66.41 31.88 -18.97
N ASP C 427 -65.20 32.06 -19.49
CA ASP C 427 -64.27 30.97 -19.67
C ASP C 427 -63.16 30.96 -18.63
N TYR C 428 -62.83 32.13 -18.09
CA TYR C 428 -61.93 32.22 -16.95
C TYR C 428 -62.57 31.71 -15.68
N ILE C 429 -63.90 31.79 -15.58
CA ILE C 429 -64.57 31.38 -14.35
C ILE C 429 -64.69 29.87 -14.31
N ARG C 430 -64.74 29.20 -15.45
CA ARG C 430 -64.83 27.75 -15.45
C ARG C 430 -63.53 27.10 -15.00
N VAL C 431 -62.39 27.71 -15.32
CA VAL C 431 -61.11 27.09 -15.04
C VAL C 431 -60.67 27.38 -13.61
N THR C 432 -60.59 28.65 -13.23
CA THR C 432 -60.11 29.04 -11.92
C THR C 432 -61.17 28.88 -10.84
N ASP C 433 -62.44 28.78 -11.22
CA ASP C 433 -63.59 28.49 -10.35
C ASP C 433 -63.73 29.52 -9.23
N ASP C 434 -63.98 30.76 -9.64
CA ASP C 434 -64.24 31.87 -8.71
C ASP C 434 -64.93 32.99 -9.46
N GLU C 435 -66.17 33.28 -9.08
CA GLU C 435 -66.86 34.43 -9.67
C GLU C 435 -66.21 35.70 -9.18
N GLY C 436 -65.77 36.53 -10.11
CA GLY C 436 -64.93 37.66 -9.80
C GLY C 436 -63.48 37.49 -10.20
N ALA C 437 -63.16 36.47 -10.96
CA ALA C 437 -61.85 36.30 -11.58
C ALA C 437 -61.58 37.11 -12.85
N PRO C 438 -62.48 37.25 -13.84
CA PRO C 438 -62.08 38.01 -15.04
C PRO C 438 -61.95 39.51 -14.84
N GLN C 439 -62.28 40.06 -13.67
CA GLN C 439 -62.04 41.47 -13.43
C GLN C 439 -60.57 41.81 -13.23
N PHE C 440 -59.72 40.80 -13.07
CA PHE C 440 -58.30 41.01 -12.81
C PHE C 440 -57.44 40.92 -14.07
N VAL C 441 -58.03 40.70 -15.24
CA VAL C 441 -57.27 40.50 -16.48
C VAL C 441 -57.78 41.42 -17.57
N GLY C 442 -58.31 42.57 -17.20
CA GLY C 442 -58.64 43.58 -18.18
C GLY C 442 -59.95 43.38 -18.89
N ILE C 443 -60.99 42.97 -18.18
CA ILE C 443 -62.35 43.02 -18.71
C ILE C 443 -63.27 43.29 -17.52
N ASN C 444 -64.39 43.98 -17.80
CA ASN C 444 -65.32 44.53 -16.81
C ASN C 444 -64.65 45.42 -15.77
N ALA C 464 -76.08 25.85 -17.16
CA ALA C 464 -76.22 26.78 -18.28
C ALA C 464 -75.73 26.13 -19.57
N GLU C 465 -75.21 26.95 -20.49
CA GLU C 465 -74.68 26.42 -21.73
C GLU C 465 -73.33 25.76 -21.49
N PRO C 466 -72.94 24.82 -22.35
CA PRO C 466 -71.53 24.40 -22.40
C PRO C 466 -70.66 25.57 -22.83
N ILE C 467 -69.66 25.87 -22.02
CA ILE C 467 -68.84 27.06 -22.19
C ILE C 467 -67.47 26.73 -22.76
N LEU C 468 -66.83 25.67 -22.29
CA LEU C 468 -65.66 25.12 -22.98
C LEU C 468 -65.93 23.72 -23.51
N GLY C 469 -67.13 23.46 -24.00
CA GLY C 469 -67.48 22.11 -24.41
C GLY C 469 -67.56 21.13 -23.28
N TYR C 470 -67.86 21.58 -22.07
CA TYR C 470 -67.94 20.72 -20.90
C TYR C 470 -69.40 20.64 -20.46
N GLU C 471 -70.04 19.52 -20.75
CA GLU C 471 -71.47 19.39 -20.62
C GLU C 471 -71.94 19.14 -19.20
N ASN C 472 -71.04 18.87 -18.26
CA ASN C 472 -71.42 18.71 -16.85
C ASN C 472 -71.10 19.93 -15.99
N ALA C 473 -69.95 20.54 -16.21
CA ALA C 473 -69.42 21.68 -15.44
C ALA C 473 -69.24 21.37 -13.96
N LEU C 474 -69.10 20.10 -13.58
CA LEU C 474 -68.85 19.76 -12.19
C LEU C 474 -67.61 18.90 -11.99
N ALA C 475 -67.43 17.83 -12.77
CA ALA C 475 -66.25 16.98 -12.61
C ALA C 475 -65.91 16.35 -13.96
N GLU C 476 -64.87 16.87 -14.61
CA GLU C 476 -64.41 16.36 -15.89
C GLU C 476 -62.92 16.06 -15.80
N LEU C 477 -62.40 15.37 -16.81
CA LEU C 477 -61.03 14.84 -16.74
C LEU C 477 -59.97 15.90 -16.83
N ASP C 478 -60.06 16.76 -17.85
CA ASP C 478 -59.12 17.82 -18.13
C ASP C 478 -58.97 18.79 -16.99
N VAL C 479 -60.06 19.44 -16.59
CA VAL C 479 -59.98 20.56 -15.68
C VAL C 479 -59.54 20.10 -14.30
N ASP C 480 -60.37 19.31 -13.64
CA ASP C 480 -60.34 19.27 -12.19
C ASP C 480 -60.31 17.85 -11.65
N ILE C 481 -59.63 16.95 -12.34
CA ILE C 481 -59.37 15.64 -11.77
C ILE C 481 -57.88 15.32 -11.80
N ASN C 482 -57.27 15.28 -12.99
CA ASN C 482 -55.82 15.13 -13.19
C ASN C 482 -55.27 13.84 -12.56
N ILE C 483 -55.63 12.70 -13.17
CA ILE C 483 -55.18 11.38 -12.70
C ILE C 483 -53.66 11.29 -12.71
N ASP C 484 -53.10 10.85 -11.59
CA ASP C 484 -51.65 10.71 -11.44
C ASP C 484 -51.38 9.59 -10.46
N ALA C 485 -50.19 9.00 -10.55
CA ALA C 485 -49.83 7.91 -9.66
C ALA C 485 -49.24 8.42 -8.36
N VAL C 486 -49.07 7.52 -7.40
CA VAL C 486 -48.61 7.87 -6.05
C VAL C 486 -48.09 6.55 -5.46
N PRO C 487 -47.25 6.53 -4.44
CA PRO C 487 -46.81 5.25 -3.86
C PRO C 487 -47.93 4.51 -3.14
N ASP C 488 -47.66 3.24 -2.90
CA ASP C 488 -48.67 2.24 -2.54
C ASP C 488 -49.02 2.31 -1.06
N THR C 489 -50.27 1.97 -0.76
CA THR C 489 -50.76 1.81 0.61
C THR C 489 -51.66 0.59 0.64
N ALA C 490 -52.43 0.44 1.71
CA ALA C 490 -53.39 -0.64 1.84
C ALA C 490 -54.82 -0.17 1.68
N ASN C 491 -55.18 0.91 2.36
CA ASN C 491 -56.47 1.56 2.17
C ASN C 491 -56.26 3.06 2.26
N LEU C 492 -57.29 3.82 1.91
CA LEU C 492 -57.15 5.27 1.85
C LEU C 492 -57.09 5.89 3.25
N ALA C 493 -57.48 5.16 4.29
CA ALA C 493 -57.33 5.67 5.64
C ALA C 493 -55.87 5.67 6.07
N GLN C 494 -55.07 4.72 5.58
CA GLN C 494 -53.67 4.67 5.97
C GLN C 494 -52.86 5.75 5.28
N GLU C 495 -53.17 6.06 4.02
CA GLU C 495 -52.53 7.19 3.35
C GLU C 495 -52.93 8.50 4.00
N GLN C 496 -54.15 8.58 4.54
CA GLN C 496 -54.57 9.75 5.29
C GLN C 496 -53.84 9.84 6.61
N PHE C 497 -53.39 8.71 7.15
CA PHE C 497 -52.69 8.67 8.42
C PHE C 497 -51.25 9.14 8.32
N LEU C 498 -50.63 9.01 7.15
CA LEU C 498 -49.21 9.31 7.03
C LEU C 498 -48.93 10.80 6.99
N GLN C 499 -49.76 11.57 6.27
CA GLN C 499 -49.61 13.02 6.24
C GLN C 499 -50.42 13.71 7.32
N LEU C 500 -50.66 13.03 8.43
CA LEU C 500 -51.18 13.66 9.64
C LEU C 500 -50.17 13.58 10.77
N THR C 501 -49.58 12.41 11.00
CA THR C 501 -48.54 12.28 12.01
C THR C 501 -47.25 12.99 11.63
N GLU C 502 -46.99 13.12 10.32
CA GLU C 502 -45.92 14.00 9.87
C GLU C 502 -46.23 15.45 10.21
N LEU C 503 -47.49 15.83 10.09
CA LEU C 503 -47.90 17.19 10.40
C LEU C 503 -48.14 17.38 11.91
N ALA C 504 -48.56 16.32 12.61
CA ALA C 504 -48.75 16.41 14.05
C ALA C 504 -47.45 16.46 14.80
N ARG C 505 -46.36 15.98 14.20
CA ARG C 505 -45.08 15.94 14.91
C ARG C 505 -44.49 17.32 15.07
N LEU C 506 -44.75 18.22 14.11
CA LEU C 506 -44.24 19.58 14.22
C LEU C 506 -45.00 20.38 15.28
N TYR C 507 -46.31 20.21 15.36
CA TYR C 507 -47.08 20.91 16.38
C TYR C 507 -47.01 20.21 17.72
N GLY C 508 -47.49 18.97 17.77
CA GLY C 508 -47.37 18.19 18.98
C GLY C 508 -48.69 17.61 19.44
N PRO C 509 -48.70 17.09 20.67
CA PRO C 509 -49.91 16.43 21.19
C PRO C 509 -50.96 17.39 21.73
N GLN C 510 -50.87 18.67 21.38
CA GLN C 510 -51.84 19.63 21.88
C GLN C 510 -53.11 19.67 21.03
N GLU C 511 -52.98 19.69 19.71
CA GLU C 511 -54.13 19.85 18.83
C GLU C 511 -54.35 18.69 17.88
N VAL C 512 -53.61 17.58 18.03
CA VAL C 512 -53.94 16.34 17.33
C VAL C 512 -54.14 15.27 18.39
N PRO C 513 -55.35 15.11 18.92
CA PRO C 513 -55.56 14.18 20.03
C PRO C 513 -55.92 12.76 19.60
N PHE C 514 -56.23 11.90 20.57
CA PHE C 514 -56.87 10.63 20.26
C PHE C 514 -58.25 10.83 19.66
N ASP C 515 -58.76 9.74 19.05
CA ASP C 515 -59.96 9.60 18.22
C ASP C 515 -59.79 10.30 16.87
N ASP C 516 -58.66 10.94 16.63
CA ASP C 516 -58.33 11.57 15.37
C ASP C 516 -57.03 11.04 14.79
N LEU C 517 -56.24 10.35 15.59
CA LEU C 517 -55.02 9.70 15.15
C LEU C 517 -54.99 8.21 15.48
N LEU C 518 -55.79 7.76 16.44
CA LEU C 518 -55.99 6.34 16.69
C LEU C 518 -57.08 5.75 15.81
N GLU C 519 -58.06 6.56 15.41
CA GLU C 519 -59.19 6.04 14.66
C GLU C 519 -58.80 5.69 13.24
N LEU C 520 -58.11 6.60 12.55
CA LEU C 520 -57.70 6.31 11.18
C LEU C 520 -56.30 5.70 11.12
N SER C 521 -56.07 4.69 11.95
CA SER C 521 -54.79 4.03 12.06
C SER C 521 -54.82 2.72 11.28
N SER C 522 -53.79 1.90 11.45
CA SER C 522 -53.68 0.61 10.79
C SER C 522 -53.47 -0.51 11.82
N MET C 523 -54.27 -0.49 12.88
CA MET C 523 -54.43 -1.30 14.08
C MET C 523 -55.54 -2.33 13.85
N PRO C 524 -55.33 -3.60 14.23
CA PRO C 524 -56.34 -4.64 13.93
C PRO C 524 -57.67 -4.48 14.63
N GLU C 525 -57.66 -4.50 15.95
CA GLU C 525 -58.88 -4.42 16.75
C GLU C 525 -58.89 -3.06 17.43
N LYS C 526 -59.68 -2.14 16.90
CA LYS C 526 -59.81 -0.83 17.51
C LYS C 526 -61.24 -0.44 17.83
N THR C 527 -62.23 -1.03 17.16
CA THR C 527 -63.62 -0.78 17.51
C THR C 527 -63.96 -1.37 18.87
N LYS C 528 -63.34 -2.49 19.23
CA LYS C 528 -63.44 -3.05 20.56
C LYS C 528 -62.42 -2.47 21.53
N LEU C 529 -61.76 -1.38 21.14
CA LEU C 529 -60.89 -0.63 22.04
C LEU C 529 -61.25 0.84 22.10
N ILE C 530 -61.86 1.41 21.06
CA ILE C 530 -62.19 2.83 21.12
C ILE C 530 -63.43 3.06 21.96
N ALA C 531 -64.24 2.04 22.21
CA ALA C 531 -65.44 2.18 23.01
C ALA C 531 -65.23 1.84 24.47
N LYS C 532 -64.10 1.24 24.83
CA LYS C 532 -63.74 1.03 26.22
C LYS C 532 -62.89 2.17 26.75
N ARG C 533 -62.51 3.12 25.90
CA ARG C 533 -61.86 4.34 26.35
C ARG C 533 -62.76 5.57 26.24
N ARG C 534 -63.75 5.54 25.35
CA ARG C 534 -64.73 6.62 25.29
C ARG C 534 -65.63 6.62 26.51
N GLU C 535 -65.84 5.44 27.11
CA GLU C 535 -66.73 5.35 28.26
C GLU C 535 -66.07 5.91 29.51
N ARG C 536 -64.73 5.84 29.59
CA ARG C 536 -64.04 6.39 30.76
C ARG C 536 -63.98 7.90 30.76
N SER C 537 -64.08 8.54 29.60
CA SER C 537 -64.21 9.99 29.52
C SER C 537 -65.66 10.44 29.52
N GLU C 538 -66.56 9.59 29.96
CA GLU C 538 -67.97 9.92 30.09
C GLU C 538 -68.51 9.62 31.48
N GLN C 539 -68.04 8.55 32.13
CA GLN C 539 -68.35 8.37 33.54
C GLN C 539 -67.47 9.22 34.44
N MET C 540 -66.41 9.82 33.91
CA MET C 540 -65.64 10.81 34.64
C MET C 540 -66.18 12.21 34.44
N ALA C 541 -66.76 12.50 33.28
CA ALA C 541 -67.39 13.80 33.06
C ALA C 541 -68.66 13.96 33.87
N GLN C 542 -69.28 12.87 34.33
CA GLN C 542 -70.39 12.97 35.25
C GLN C 542 -69.93 13.27 36.68
N VAL C 543 -68.67 13.02 36.99
CA VAL C 543 -68.12 13.48 38.25
C VAL C 543 -67.81 14.98 38.18
N GLN C 544 -67.13 15.42 37.13
CA GLN C 544 -66.74 16.81 37.00
C GLN C 544 -67.87 17.73 36.55
N ALA C 545 -69.10 17.25 36.46
CA ALA C 545 -70.27 18.09 36.31
C ALA C 545 -71.14 18.13 37.56
N GLN C 546 -71.35 16.99 38.21
CA GLN C 546 -72.13 16.98 39.45
C GLN C 546 -71.35 17.53 40.62
N GLN C 547 -70.02 17.62 40.51
CA GLN C 547 -69.21 18.35 41.49
C GLN C 547 -68.99 19.80 41.10
N GLY C 548 -69.37 20.18 39.88
CA GLY C 548 -69.20 21.55 39.44
C GLY C 548 -70.50 22.34 39.51
N GLN C 549 -71.62 21.64 39.38
CA GLN C 549 -72.94 22.26 39.50
C GLN C 549 -73.40 22.42 40.94
N MET C 550 -72.59 22.00 41.91
CA MET C 550 -72.79 22.39 43.30
C MET C 550 -71.61 23.22 43.80
N GLN C 551 -70.86 23.83 42.90
CA GLN C 551 -69.95 24.92 43.21
C GLN C 551 -70.31 26.20 42.48
N GLU C 552 -70.68 26.09 41.22
CA GLU C 552 -71.00 27.22 40.38
C GLU C 552 -72.40 27.78 40.63
N GLN C 553 -73.18 27.16 41.52
CA GLN C 553 -74.41 27.74 42.01
C GLN C 553 -74.29 28.22 43.44
N ILE C 554 -73.20 27.88 44.12
CA ILE C 554 -72.97 28.33 45.49
C ILE C 554 -71.88 29.39 45.58
N ALA C 555 -70.94 29.42 44.63
CA ALA C 555 -70.00 30.53 44.59
C ALA C 555 -70.57 31.77 43.89
N MET C 556 -71.79 31.71 43.36
CA MET C 556 -72.44 32.87 42.76
C MET C 556 -73.94 32.68 42.83
N GLN C 557 -74.66 33.81 42.85
CA GLN C 557 -76.11 33.98 43.04
C GLN C 557 -76.59 33.53 44.42
N GLY C 558 -75.66 33.12 45.28
CA GLY C 558 -75.86 32.80 46.66
C GLY C 558 -74.46 32.97 47.22
N ALA C 559 -74.32 33.63 48.37
CA ALA C 559 -73.06 33.97 49.04
C ALA C 559 -72.15 34.90 48.23
N MET C 560 -72.58 35.34 47.05
CA MET C 560 -71.83 36.28 46.24
C MET C 560 -72.73 37.34 45.61
N ALA C 561 -74.03 37.07 45.45
CA ALA C 561 -75.00 38.13 45.19
C ALA C 561 -75.44 38.81 46.47
N GLU C 562 -75.19 38.18 47.63
CA GLU C 562 -75.48 38.81 48.92
C GLU C 562 -74.41 39.80 49.35
N ILE C 563 -73.33 39.94 48.58
CA ILE C 563 -72.45 41.08 48.76
C ILE C 563 -73.04 42.31 48.08
N GLU C 564 -74.10 42.12 47.26
CA GLU C 564 -74.94 43.21 46.80
C GLU C 564 -76.15 43.41 47.68
N ASN C 565 -76.18 42.77 48.86
CA ASN C 565 -77.26 42.92 49.80
C ASN C 565 -76.78 43.33 51.17
N THR C 566 -75.47 43.45 51.38
CA THR C 566 -74.91 43.96 52.61
C THR C 566 -73.92 45.07 52.37
N GLN C 567 -73.63 45.37 51.12
CA GLN C 567 -72.75 46.47 50.73
C GLN C 567 -73.44 47.45 49.80
N ALA C 568 -74.48 47.00 49.09
CA ALA C 568 -75.41 47.91 48.44
C ALA C 568 -76.53 48.34 49.37
N ASP C 569 -76.72 47.64 50.48
CA ASP C 569 -77.79 47.93 51.41
C ASP C 569 -77.34 48.79 52.59
N THR C 570 -76.10 48.63 53.05
CA THR C 570 -75.55 49.58 54.01
C THR C 570 -75.24 50.93 53.38
N ALA C 571 -75.30 51.03 52.05
CA ALA C 571 -75.31 52.29 51.34
C ALA C 571 -76.45 53.20 51.78
N TYR C 572 -77.58 52.65 52.19
CA TYR C 572 -78.68 53.47 52.69
C TYR C 572 -78.55 53.79 54.17
N LEU C 573 -77.65 53.10 54.89
CA LEU C 573 -77.45 53.48 56.29
C LEU C 573 -76.58 54.72 56.41
N ALA C 574 -75.44 54.72 55.73
CA ALA C 574 -74.56 55.87 55.70
C ALA C 574 -75.20 57.07 55.00
N ALA C 575 -76.20 56.83 54.15
CA ALA C 575 -76.94 57.92 53.53
C ALA C 575 -78.01 58.48 54.45
N ARG C 576 -78.68 57.64 55.23
CA ARG C 576 -79.74 58.15 56.10
C ARG C 576 -79.17 58.90 57.29
N ALA C 577 -77.96 58.54 57.74
CA ALA C 577 -77.33 59.27 58.83
C ALA C 577 -76.81 60.63 58.38
N GLN C 578 -76.90 60.94 57.10
CA GLN C 578 -76.68 62.28 56.59
C GLN C 578 -77.92 63.15 56.69
N ASN C 579 -79.09 62.59 56.35
CA ASN C 579 -80.34 63.30 56.43
C ASN C 579 -80.77 63.53 57.88
N GLU C 580 -80.37 62.64 58.77
CA GLU C 580 -80.60 62.78 60.20
C GLU C 580 -79.42 63.49 60.84
N MET C 581 -78.51 63.99 60.00
CA MET C 581 -77.52 64.96 60.43
C MET C 581 -77.84 66.34 59.89
N LEU C 582 -78.73 66.42 58.91
CA LEU C 582 -79.31 67.69 58.46
C LEU C 582 -80.26 68.28 59.50
N LYS C 583 -80.79 67.46 60.40
CA LYS C 583 -81.70 67.95 61.42
C LYS C 583 -81.02 68.66 62.60
N PRO C 584 -79.95 68.12 63.29
CA PRO C 584 -79.51 68.79 64.53
C PRO C 584 -78.71 70.07 64.36
N GLN C 585 -78.65 70.63 63.15
CA GLN C 585 -78.10 71.98 62.98
C GLN C 585 -79.21 73.02 62.82
N ILE C 586 -80.04 72.86 61.80
CA ILE C 586 -81.08 73.83 61.50
C ILE C 586 -82.44 73.14 61.64
N GLU C 587 -83.43 73.91 62.11
CA GLU C 587 -84.76 73.44 62.52
C GLU C 587 -84.63 72.37 63.61
N ALA C 588 -83.76 72.66 64.58
CA ALA C 588 -83.64 71.85 65.78
C ALA C 588 -83.81 72.68 67.05
N PHE C 589 -83.27 73.89 67.09
CA PHE C 589 -83.39 74.77 68.25
C PHE C 589 -83.47 76.20 67.74
N LYS C 590 -84.62 76.84 67.93
CA LYS C 590 -84.82 78.23 67.52
C LYS C 590 -85.84 78.93 68.40
N THR D 4 -73.28 10.40 -47.09
CA THR D 4 -72.67 9.38 -46.24
C THR D 4 -72.68 8.01 -46.92
N MET D 5 -72.12 7.02 -46.24
CA MET D 5 -72.03 5.67 -46.80
C MET D 5 -72.50 4.61 -45.81
N THR D 6 -72.26 3.36 -46.15
CA THR D 6 -72.71 2.21 -45.38
C THR D 6 -71.53 1.62 -44.60
N MET D 7 -71.78 0.52 -43.94
CA MET D 7 -70.75 -0.13 -43.15
C MET D 7 -69.95 -1.10 -43.99
N PRO D 8 -68.66 -1.29 -43.67
CA PRO D 8 -67.81 -2.16 -44.49
C PRO D 8 -68.20 -3.62 -44.36
N SER D 9 -68.13 -4.35 -45.46
CA SER D 9 -68.73 -5.68 -45.56
C SER D 9 -67.72 -6.69 -46.09
N HIS D 10 -66.88 -7.20 -45.19
CA HIS D 10 -66.19 -8.49 -45.26
C HIS D 10 -65.19 -8.61 -46.42
N ALA D 11 -65.11 -7.65 -47.29
CA ALA D 11 -64.06 -7.66 -48.29
C ALA D 11 -63.02 -6.60 -48.02
N GLN D 12 -63.44 -5.40 -47.64
CA GLN D 12 -62.52 -4.41 -47.11
C GLN D 12 -62.39 -4.50 -45.60
N LEU D 13 -62.72 -5.64 -45.01
CA LEU D 13 -62.24 -5.97 -43.68
C LEU D 13 -61.15 -7.02 -43.68
N LYS D 14 -61.22 -8.01 -44.57
CA LYS D 14 -60.06 -8.86 -44.78
C LYS D 14 -58.91 -8.11 -45.43
N ALA D 15 -59.23 -7.09 -46.23
CA ALA D 15 -58.19 -6.29 -46.85
C ALA D 15 -57.51 -5.34 -45.86
N TYR D 16 -58.07 -5.17 -44.68
CA TYR D 16 -57.36 -4.45 -43.64
C TYR D 16 -56.47 -5.38 -42.83
N PHE D 17 -56.95 -6.58 -42.53
CA PHE D 17 -56.16 -7.54 -41.77
C PHE D 17 -54.96 -8.01 -42.56
N GLU D 18 -55.09 -8.09 -43.88
CA GLU D 18 -54.04 -8.64 -44.72
C GLU D 18 -53.00 -7.59 -45.11
N GLU D 19 -53.34 -6.31 -45.07
CA GLU D 19 -52.31 -5.29 -45.16
C GLU D 19 -51.48 -5.22 -43.89
N ALA D 20 -52.09 -5.50 -42.75
CA ALA D 20 -51.38 -5.56 -41.47
C ALA D 20 -50.79 -6.92 -41.18
N ARG D 21 -50.63 -7.77 -42.18
CA ARG D 21 -49.89 -9.01 -42.04
C ARG D 21 -48.85 -9.08 -43.15
N ASP D 22 -49.15 -8.48 -44.30
CA ASP D 22 -48.17 -8.39 -45.36
C ASP D 22 -47.05 -7.44 -44.97
N ALA D 23 -47.39 -6.27 -44.48
CA ALA D 23 -46.43 -5.43 -43.79
C ALA D 23 -46.33 -5.88 -42.34
N ASN D 24 -45.57 -5.13 -41.56
CA ASN D 24 -45.13 -5.32 -40.16
C ASN D 24 -44.88 -6.79 -39.79
N GLU D 25 -44.28 -7.52 -40.71
CA GLU D 25 -43.86 -8.88 -40.46
C GLU D 25 -42.35 -8.94 -40.36
N GLU D 26 -41.67 -7.85 -40.68
CA GLU D 26 -40.22 -7.79 -40.60
C GLU D 26 -39.74 -7.74 -39.17
N TYR D 27 -40.46 -7.04 -38.29
CA TYR D 27 -40.06 -7.03 -36.89
C TYR D 27 -40.81 -8.05 -36.06
N ARG D 28 -42.02 -8.40 -36.49
CA ARG D 28 -42.82 -9.33 -35.73
C ARG D 28 -42.26 -10.74 -35.80
N LYS D 29 -41.60 -11.08 -36.90
CA LYS D 29 -40.79 -12.28 -36.99
C LYS D 29 -39.42 -12.09 -36.38
N GLU D 30 -39.05 -10.85 -36.07
CA GLU D 30 -37.78 -10.58 -35.42
C GLU D 30 -37.92 -10.45 -33.92
N ALA D 31 -39.08 -10.02 -33.44
CA ALA D 31 -39.30 -9.94 -32.00
C ALA D 31 -39.46 -11.32 -31.38
N PHE D 32 -39.89 -12.30 -32.13
CA PHE D 32 -39.91 -13.67 -31.64
C PHE D 32 -38.53 -14.29 -31.57
N ILE D 33 -37.59 -13.80 -32.38
CA ILE D 33 -36.20 -14.21 -32.19
C ILE D 33 -35.69 -13.66 -30.87
N ASP D 34 -36.05 -12.41 -30.54
CA ASP D 34 -35.64 -11.80 -29.28
C ASP D 34 -36.26 -12.49 -28.07
N ARG D 35 -37.41 -13.13 -28.25
CA ARG D 35 -38.07 -13.83 -27.16
C ARG D 35 -37.31 -15.07 -26.76
N ASP D 36 -37.07 -15.97 -27.72
CA ASP D 36 -36.40 -17.23 -27.42
C ASP D 36 -34.89 -17.07 -27.49
N TYR D 37 -34.43 -15.85 -27.28
CA TYR D 37 -33.03 -15.54 -27.13
C TYR D 37 -32.68 -15.24 -25.69
N PHE D 38 -33.66 -15.01 -24.84
CA PHE D 38 -33.32 -14.78 -23.45
C PHE D 38 -33.69 -15.95 -22.58
N ASP D 39 -34.46 -16.90 -23.08
CA ASP D 39 -34.65 -18.17 -22.38
C ASP D 39 -34.06 -19.30 -23.22
N GLY D 40 -32.76 -19.47 -23.10
CA GLY D 40 -32.03 -20.44 -23.88
C GLY D 40 -32.07 -20.14 -25.35
N HIS D 41 -31.74 -21.18 -26.13
CA HIS D 41 -31.92 -21.25 -27.57
C HIS D 41 -31.13 -20.15 -28.29
N GLN D 42 -29.87 -20.01 -27.92
CA GLN D 42 -29.00 -19.02 -28.54
C GLN D 42 -28.15 -19.60 -29.64
N TRP D 43 -28.52 -20.78 -30.15
CA TRP D 43 -27.79 -21.45 -31.22
C TRP D 43 -28.76 -21.77 -32.34
N THR D 44 -28.34 -21.49 -33.58
CA THR D 44 -29.18 -21.81 -34.72
C THR D 44 -29.11 -23.31 -35.01
N GLU D 45 -30.01 -23.78 -35.86
CA GLU D 45 -30.08 -25.20 -36.15
C GLU D 45 -28.99 -25.68 -37.09
N GLU D 46 -28.24 -24.79 -37.72
CA GLU D 46 -27.09 -25.18 -38.52
C GLU D 46 -25.81 -25.21 -37.70
N GLU D 47 -25.68 -24.31 -36.74
CA GLU D 47 -24.53 -24.32 -35.85
C GLU D 47 -24.62 -25.43 -34.83
N LEU D 48 -25.83 -25.79 -34.41
CA LEU D 48 -26.00 -26.82 -33.42
C LEU D 48 -25.78 -28.22 -34.00
N GLN D 49 -25.95 -28.37 -35.31
CA GLN D 49 -25.68 -29.63 -35.96
C GLN D 49 -24.19 -29.88 -36.10
N LYS D 50 -23.42 -28.82 -36.36
CA LYS D 50 -22.00 -28.97 -36.62
C LYS D 50 -21.19 -29.19 -35.36
N LEU D 51 -21.64 -28.65 -34.22
CA LEU D 51 -20.97 -28.91 -32.95
C LEU D 51 -21.06 -30.37 -32.54
N GLU D 52 -22.15 -31.05 -32.91
CA GLU D 52 -22.29 -32.45 -32.59
C GLU D 52 -21.42 -33.34 -33.46
N ALA D 53 -20.97 -32.84 -34.60
CA ALA D 53 -20.06 -33.60 -35.45
C ALA D 53 -18.63 -33.51 -34.95
N ARG D 54 -18.31 -32.54 -34.11
CA ARG D 54 -17.03 -32.52 -33.43
C ARG D 54 -17.11 -33.19 -32.08
N LYS D 55 -18.27 -33.79 -31.75
CA LYS D 55 -18.58 -34.36 -30.44
C LYS D 55 -18.42 -33.36 -29.30
N GLN D 56 -18.73 -32.10 -29.56
CA GLN D 56 -18.54 -31.01 -28.61
C GLN D 56 -19.86 -30.63 -27.96
N PRO D 57 -19.88 -30.36 -26.66
CA PRO D 57 -21.09 -29.81 -26.05
C PRO D 57 -21.36 -28.40 -26.53
N ALA D 58 -22.63 -28.03 -26.48
CA ALA D 58 -23.09 -26.73 -26.98
C ALA D 58 -23.38 -25.84 -25.78
N THR D 59 -22.35 -25.19 -25.26
CA THR D 59 -22.48 -24.38 -24.07
C THR D 59 -22.89 -22.97 -24.40
N TYR D 60 -23.71 -22.36 -23.54
CA TYR D 60 -24.07 -20.96 -23.64
C TYR D 60 -24.10 -20.33 -22.26
N PHE D 61 -23.83 -19.04 -22.21
CA PHE D 61 -23.77 -18.28 -20.97
C PHE D 61 -24.84 -17.21 -21.04
N ASN D 62 -26.03 -17.52 -20.52
CA ASN D 62 -27.22 -16.72 -20.74
C ASN D 62 -27.14 -15.46 -19.91
N GLU D 63 -26.37 -14.49 -20.41
CA GLU D 63 -26.08 -13.26 -19.70
C GLU D 63 -27.02 -12.15 -20.14
N VAL D 64 -28.11 -12.49 -20.80
CA VAL D 64 -29.12 -11.52 -21.21
C VAL D 64 -30.42 -11.72 -20.45
N LYS D 65 -30.55 -12.77 -19.67
CA LYS D 65 -31.62 -12.86 -18.69
C LYS D 65 -31.30 -12.05 -17.45
N LEU D 66 -30.02 -11.94 -17.09
CA LEU D 66 -29.61 -11.14 -15.94
C LEU D 66 -29.90 -9.66 -16.13
N SER D 67 -29.77 -9.16 -17.34
CA SER D 67 -30.00 -7.75 -17.58
C SER D 67 -31.48 -7.37 -17.66
N ILE D 68 -32.38 -8.35 -17.69
CA ILE D 68 -33.81 -8.07 -17.81
C ILE D 68 -34.47 -8.39 -16.48
N ARG D 69 -33.98 -9.44 -15.81
CA ARG D 69 -34.61 -9.89 -14.58
C ARG D 69 -34.40 -8.90 -13.44
N GLY D 70 -33.32 -8.14 -13.48
CA GLY D 70 -33.13 -7.11 -12.49
C GLY D 70 -33.66 -5.77 -12.90
N LEU D 71 -34.14 -5.64 -14.13
CA LEU D 71 -34.67 -4.39 -14.64
C LEU D 71 -36.18 -4.37 -14.61
N VAL D 72 -36.81 -5.53 -14.69
CA VAL D 72 -38.23 -5.64 -14.38
C VAL D 72 -38.44 -5.50 -12.88
N GLY D 73 -37.50 -6.03 -12.09
CA GLY D 73 -37.61 -6.01 -10.64
C GLY D 73 -37.49 -4.64 -10.02
N VAL D 74 -37.05 -3.64 -10.77
CA VAL D 74 -37.11 -2.26 -10.30
C VAL D 74 -38.49 -1.68 -10.51
N PHE D 75 -39.08 -1.91 -11.68
CA PHE D 75 -40.45 -1.51 -11.96
C PHE D 75 -41.44 -2.22 -11.06
N GLU D 76 -41.20 -3.50 -10.80
CA GLU D 76 -42.16 -4.33 -10.10
C GLU D 76 -42.24 -3.98 -8.62
N GLN D 77 -41.17 -3.43 -8.06
CA GLN D 77 -41.19 -3.05 -6.66
C GLN D 77 -41.84 -1.69 -6.45
N GLY D 78 -41.55 -0.74 -7.32
CA GLY D 78 -42.08 0.60 -7.15
C GLY D 78 -43.46 0.76 -7.77
N ASP D 79 -44.41 -0.06 -7.35
CA ASP D 79 -45.75 -0.04 -7.92
C ASP D 79 -46.53 1.17 -7.43
N SER D 80 -47.74 1.31 -7.94
CA SER D 80 -48.49 2.52 -7.71
C SER D 80 -49.98 2.23 -7.75
N ASP D 81 -50.68 2.79 -6.84
CA ASP D 81 -52.13 2.92 -6.84
C ASP D 81 -52.53 4.32 -7.31
N PRO D 82 -53.65 4.46 -8.02
CA PRO D 82 -53.96 5.75 -8.65
C PRO D 82 -54.43 6.78 -7.63
N ARG D 83 -54.62 7.99 -8.12
CA ARG D 83 -54.85 9.15 -7.29
C ARG D 83 -55.29 10.32 -8.16
N ALA D 84 -56.25 11.10 -7.70
CA ALA D 84 -56.72 12.26 -8.44
C ALA D 84 -56.42 13.52 -7.65
N TRP D 85 -55.93 14.55 -8.33
CA TRP D 85 -55.54 15.79 -7.68
C TRP D 85 -56.48 16.92 -8.06
N PRO D 86 -57.29 17.45 -7.14
CA PRO D 86 -58.19 18.57 -7.49
C PRO D 86 -57.38 19.81 -7.80
N ARG D 87 -57.68 20.45 -8.94
CA ARG D 87 -56.74 21.45 -9.42
C ARG D 87 -56.85 22.76 -8.66
N ASN D 88 -57.99 23.04 -8.04
CA ASN D 88 -58.12 24.26 -7.27
C ASN D 88 -59.15 24.05 -6.17
N PRO D 89 -58.80 24.24 -4.91
CA PRO D 89 -59.70 23.83 -3.84
C PRO D 89 -60.86 24.77 -3.61
N GLN D 90 -61.63 25.05 -4.65
CA GLN D 90 -62.92 25.71 -4.52
C GLN D 90 -63.92 24.71 -5.07
N ASP D 91 -64.43 23.87 -4.18
CA ASP D 91 -65.41 22.82 -4.48
C ASP D 91 -64.86 21.85 -5.52
N GLU D 92 -63.56 21.56 -5.48
CA GLU D 92 -63.04 20.49 -6.29
C GLU D 92 -62.44 19.36 -5.48
N ASP D 93 -62.15 19.57 -4.20
CA ASP D 93 -61.76 18.47 -3.36
C ASP D 93 -62.96 17.62 -2.95
N SER D 94 -64.14 18.22 -2.95
CA SER D 94 -65.34 17.45 -2.67
C SER D 94 -65.65 16.46 -3.80
N ALA D 95 -65.23 16.80 -5.02
CA ALA D 95 -65.37 15.92 -6.18
C ALA D 95 -64.16 15.04 -6.38
N ASP D 96 -63.49 14.66 -5.30
CA ASP D 96 -62.37 13.74 -5.34
C ASP D 96 -62.75 12.42 -4.67
N ILE D 97 -64.02 12.05 -4.86
CA ILE D 97 -64.50 10.69 -4.64
C ILE D 97 -63.95 9.74 -5.69
N ALA D 98 -63.49 10.30 -6.82
CA ALA D 98 -62.98 9.51 -7.94
C ALA D 98 -61.80 8.64 -7.54
N THR D 99 -60.90 9.15 -6.71
CA THR D 99 -59.80 8.31 -6.25
C THR D 99 -60.21 7.24 -5.27
N LYS D 100 -61.45 7.26 -4.77
CA LYS D 100 -61.94 6.24 -3.89
C LYS D 100 -62.69 5.16 -4.64
N ALA D 101 -63.03 5.41 -5.90
CA ALA D 101 -63.71 4.44 -6.75
C ALA D 101 -62.96 4.15 -8.03
N LEU D 102 -61.76 4.72 -8.21
CA LEU D 102 -60.91 4.32 -9.32
C LEU D 102 -59.85 3.34 -8.88
N ARG D 103 -59.55 3.27 -7.58
CA ARG D 103 -58.81 2.17 -7.01
C ARG D 103 -59.73 1.05 -6.56
N TYR D 104 -61.00 1.11 -6.95
CA TYR D 104 -61.86 -0.05 -6.91
C TYR D 104 -61.60 -0.98 -8.07
N VAL D 105 -61.40 -0.42 -9.28
CA VAL D 105 -61.21 -1.25 -10.46
C VAL D 105 -59.78 -1.75 -10.60
N LYS D 106 -58.84 -1.15 -9.89
CA LYS D 106 -57.48 -1.66 -9.82
C LYS D 106 -57.39 -2.85 -8.90
N ASP D 107 -58.41 -3.06 -8.05
CA ASP D 107 -58.45 -4.20 -7.16
C ASP D 107 -59.42 -5.29 -7.60
N TYR D 108 -60.44 -4.94 -8.39
CA TYR D 108 -61.35 -5.95 -8.92
C TYR D 108 -60.67 -6.80 -9.98
N SER D 109 -59.92 -6.16 -10.87
CA SER D 109 -59.39 -6.81 -12.04
C SER D 109 -58.02 -7.42 -11.83
N GLU D 110 -57.48 -7.34 -10.61
CA GLU D 110 -56.12 -7.76 -10.26
C GLU D 110 -55.09 -7.11 -11.16
N TRP D 111 -55.01 -5.79 -11.07
CA TRP D 111 -53.95 -5.11 -11.78
C TRP D 111 -52.65 -5.11 -11.00
N SER D 112 -52.66 -5.60 -9.77
CA SER D 112 -51.44 -5.59 -8.97
C SER D 112 -50.43 -6.61 -9.46
N ASP D 113 -50.86 -7.66 -10.16
CA ASP D 113 -49.93 -8.66 -10.68
C ASP D 113 -49.88 -8.70 -12.19
N GLU D 114 -50.89 -8.18 -12.87
CA GLU D 114 -50.89 -8.16 -14.32
C GLU D 114 -50.23 -6.91 -14.85
N ARG D 115 -49.73 -6.04 -13.98
CA ARG D 115 -48.85 -4.98 -14.43
C ARG D 115 -47.43 -5.47 -14.61
N SER D 116 -47.07 -6.59 -14.00
CA SER D 116 -45.78 -7.21 -14.19
C SER D 116 -45.77 -8.17 -15.36
N ARG D 117 -46.91 -8.37 -15.99
CA ARG D 117 -47.01 -9.18 -17.18
C ARG D 117 -47.02 -8.33 -18.44
N ALA D 118 -47.40 -7.07 -18.31
CA ALA D 118 -47.25 -6.09 -19.37
C ALA D 118 -45.87 -5.48 -19.38
N ALA D 119 -45.11 -5.61 -18.30
CA ALA D 119 -43.74 -5.12 -18.28
C ALA D 119 -42.76 -6.10 -18.87
N LEU D 120 -43.02 -7.39 -18.75
CA LEU D 120 -42.12 -8.40 -19.29
C LEU D 120 -42.25 -8.52 -20.79
N ASN D 121 -43.40 -8.19 -21.37
CA ASN D 121 -43.54 -8.10 -22.81
C ASN D 121 -43.19 -6.72 -23.33
N TYR D 122 -42.73 -5.83 -22.47
CA TYR D 122 -42.34 -4.49 -22.89
C TYR D 122 -40.86 -4.35 -23.08
N PHE D 123 -40.05 -5.15 -22.41
CA PHE D 123 -38.61 -5.08 -22.60
C PHE D 123 -38.09 -6.18 -23.51
N VAL D 124 -38.73 -7.34 -23.52
CA VAL D 124 -38.25 -8.43 -24.36
C VAL D 124 -38.84 -8.31 -25.77
N GLU D 125 -40.14 -8.11 -25.85
CA GLU D 125 -40.79 -7.83 -27.12
C GLU D 125 -40.70 -6.33 -27.36
N GLY D 126 -41.51 -5.80 -28.26
CA GLY D 126 -41.51 -4.37 -28.43
C GLY D 126 -42.58 -3.64 -27.65
N THR D 127 -43.82 -4.10 -27.75
CA THR D 127 -44.99 -3.35 -27.32
C THR D 127 -45.64 -4.03 -26.13
N CYS D 128 -46.35 -3.24 -25.32
CA CYS D 128 -47.28 -3.75 -24.34
C CYS D 128 -48.65 -3.18 -24.64
N ALA D 129 -49.70 -3.90 -24.24
CA ALA D 129 -51.04 -3.46 -24.61
C ALA D 129 -52.05 -3.95 -23.59
N ALA D 130 -53.18 -3.25 -23.51
CA ALA D 130 -54.27 -3.63 -22.62
C ALA D 130 -55.57 -3.02 -23.12
N ILE D 131 -56.68 -3.68 -22.82
CA ILE D 131 -58.02 -3.23 -23.21
C ILE D 131 -58.87 -3.08 -21.97
N VAL D 132 -59.54 -1.93 -21.85
CA VAL D 132 -60.38 -1.63 -20.70
C VAL D 132 -61.82 -1.49 -21.16
N GLY D 133 -62.71 -2.30 -20.58
CA GLY D 133 -64.08 -2.35 -21.05
C GLY D 133 -64.98 -2.99 -20.02
N VAL D 134 -66.27 -2.74 -20.17
CA VAL D 134 -67.25 -3.02 -19.14
C VAL D 134 -67.95 -4.34 -19.42
N ASP D 135 -67.94 -5.23 -18.43
CA ASP D 135 -68.49 -6.58 -18.62
C ASP D 135 -70.00 -6.63 -18.49
N GLU D 136 -70.54 -7.83 -18.27
CA GLU D 136 -71.98 -8.07 -18.29
C GLU D 136 -72.71 -7.35 -17.16
N ASN D 137 -72.04 -7.05 -16.06
CA ASN D 137 -72.62 -6.23 -15.01
C ASN D 137 -72.35 -4.76 -15.32
N GLY D 138 -72.47 -3.91 -14.31
CA GLY D 138 -72.17 -2.51 -14.55
C GLY D 138 -70.72 -2.16 -14.28
N ARG D 139 -69.91 -3.10 -13.91
CA ARG D 139 -68.59 -2.72 -13.43
C ARG D 139 -67.56 -2.80 -14.55
N PRO D 140 -66.48 -2.02 -14.49
CA PRO D 140 -65.47 -2.10 -15.54
C PRO D 140 -64.29 -3.00 -15.19
N GLU D 141 -63.68 -3.49 -16.26
CA GLU D 141 -62.67 -4.55 -16.23
C GLU D 141 -61.57 -4.19 -17.21
N ILE D 142 -60.34 -4.52 -16.86
CA ILE D 142 -59.18 -4.24 -17.67
C ILE D 142 -58.42 -5.54 -17.93
N GLU D 143 -58.50 -6.03 -19.17
CA GLU D 143 -57.77 -7.23 -19.55
C GLU D 143 -56.46 -6.85 -20.22
N PRO D 144 -55.37 -7.54 -19.90
CA PRO D 144 -54.16 -7.40 -20.71
C PRO D 144 -54.18 -8.31 -21.92
N ILE D 145 -53.87 -7.74 -23.07
CA ILE D 145 -53.82 -8.46 -24.33
C ILE D 145 -52.37 -8.78 -24.65
N ARG D 146 -52.10 -10.04 -25.01
CA ARG D 146 -50.75 -10.51 -25.21
C ARG D 146 -50.13 -9.91 -26.47
N PHE D 147 -48.79 -9.95 -26.53
CA PHE D 147 -48.10 -9.43 -27.71
C PHE D 147 -48.29 -10.32 -28.91
N GLU D 148 -48.46 -11.62 -28.70
CA GLU D 148 -48.59 -12.57 -29.81
C GLU D 148 -49.90 -12.43 -30.58
N GLU D 149 -50.78 -11.52 -30.17
CA GLU D 149 -52.06 -11.34 -30.83
C GLU D 149 -52.49 -9.88 -30.93
N PHE D 150 -51.68 -8.94 -30.50
CA PHE D 150 -52.01 -7.54 -30.77
C PHE D 150 -51.78 -7.23 -32.23
N PHE D 151 -52.54 -6.28 -32.75
CA PHE D 151 -52.77 -6.15 -34.18
C PHE D 151 -53.13 -4.72 -34.49
N HIS D 152 -52.23 -3.99 -35.13
CA HIS D 152 -52.47 -2.60 -35.46
C HIS D 152 -52.16 -2.38 -36.93
N ASP D 153 -52.23 -1.16 -37.40
CA ASP D 153 -51.89 -0.93 -38.79
C ASP D 153 -50.43 -0.55 -38.93
N PRO D 154 -49.86 -0.70 -40.12
CA PRO D 154 -48.64 0.03 -40.45
C PRO D 154 -49.03 1.45 -40.85
N ARG D 155 -48.03 2.21 -41.30
CA ARG D 155 -48.15 3.63 -41.62
C ARG D 155 -48.64 4.42 -40.40
N SER D 156 -48.13 4.04 -39.24
CA SER D 156 -48.40 4.70 -37.97
C SER D 156 -47.05 4.96 -37.34
N ARG D 157 -46.53 6.19 -37.53
CA ARG D 157 -45.15 6.48 -37.18
C ARG D 157 -44.94 6.56 -35.66
N GLU D 158 -46.01 6.77 -34.92
CA GLU D 158 -45.88 7.21 -33.54
C GLU D 158 -45.96 6.05 -32.56
N LEU D 159 -45.13 6.10 -31.51
CA LEU D 159 -45.04 5.03 -30.52
C LEU D 159 -46.13 5.11 -29.45
N ASP D 160 -47.17 5.90 -29.65
CA ASP D 160 -48.29 5.92 -28.73
C ASP D 160 -49.57 5.50 -29.45
N PHE D 161 -49.45 5.17 -30.74
CA PHE D 161 -50.55 4.71 -31.60
C PHE D 161 -51.66 5.77 -31.70
N SER D 162 -51.26 7.03 -31.75
CA SER D 162 -52.26 8.07 -31.93
C SER D 162 -52.70 8.16 -33.39
N ASP D 163 -51.79 7.87 -34.31
CA ASP D 163 -52.02 8.02 -35.75
C ASP D 163 -52.62 6.76 -36.37
N ALA D 164 -52.95 5.77 -35.56
CA ALA D 164 -53.45 4.52 -36.10
C ALA D 164 -54.88 4.67 -36.57
N ARG D 165 -55.28 3.80 -37.49
CA ARG D 165 -56.63 3.78 -38.01
C ARG D 165 -57.43 2.59 -37.54
N PHE D 166 -56.79 1.45 -37.26
CA PHE D 166 -57.51 0.31 -36.75
C PHE D 166 -56.63 -0.53 -35.84
N LYS D 167 -57.23 -1.12 -34.80
CA LYS D 167 -56.54 -1.93 -33.79
C LYS D 167 -57.47 -3.05 -33.35
N GLY D 168 -56.92 -4.21 -33.01
CA GLY D 168 -57.73 -5.39 -32.72
C GLY D 168 -57.03 -6.40 -31.84
N VAL D 169 -57.63 -7.58 -31.70
CA VAL D 169 -57.12 -8.56 -30.74
C VAL D 169 -56.77 -9.95 -31.29
N ALA D 170 -57.39 -10.38 -32.42
CA ALA D 170 -56.99 -11.51 -33.28
C ALA D 170 -56.64 -12.81 -32.55
N LYS D 171 -57.63 -13.43 -31.93
CA LYS D 171 -57.37 -14.57 -31.05
C LYS D 171 -57.63 -15.91 -31.72
N TRP D 172 -57.29 -16.98 -30.99
CA TRP D 172 -57.72 -18.34 -31.26
C TRP D 172 -58.61 -18.80 -30.11
N ARG D 173 -59.77 -19.36 -30.45
CA ARG D 173 -60.69 -19.85 -29.43
C ARG D 173 -61.10 -21.27 -29.76
N PHE D 174 -61.91 -21.85 -28.87
CA PHE D 174 -62.50 -23.16 -29.11
C PHE D 174 -63.81 -22.99 -29.87
N ALA D 175 -64.08 -23.91 -30.79
CA ALA D 175 -65.27 -23.81 -31.61
C ALA D 175 -66.55 -24.08 -30.83
N ASP D 176 -66.45 -24.72 -29.67
CA ASP D 176 -67.60 -24.85 -28.79
C ASP D 176 -68.01 -23.50 -28.22
N GLU D 177 -67.05 -22.73 -27.73
CA GLU D 177 -67.33 -21.48 -27.02
C GLU D 177 -67.39 -20.27 -27.93
N VAL D 178 -67.71 -20.48 -29.21
CA VAL D 178 -68.00 -19.40 -30.15
C VAL D 178 -69.36 -19.57 -30.76
N GLY D 179 -69.65 -20.75 -31.33
CA GLY D 179 -70.90 -20.97 -32.01
C GLY D 179 -72.08 -21.07 -31.06
N MET D 180 -71.87 -21.69 -29.90
CA MET D 180 -72.87 -21.74 -28.84
C MET D 180 -72.84 -20.50 -27.97
N GLU D 181 -72.19 -19.44 -28.42
CA GLU D 181 -72.27 -18.12 -27.83
C GLU D 181 -72.95 -17.12 -28.75
N TYR D 182 -72.78 -17.27 -30.06
CA TYR D 182 -73.35 -16.36 -31.05
C TYR D 182 -74.35 -17.04 -31.98
N GLY D 183 -74.83 -18.23 -31.63
CA GLY D 183 -75.89 -18.88 -32.38
C GLY D 183 -75.48 -19.54 -33.68
N ILE D 184 -74.21 -19.47 -34.06
CA ILE D 184 -73.73 -20.16 -35.26
C ILE D 184 -73.70 -21.67 -34.98
N LYS D 185 -74.21 -22.46 -35.92
CA LYS D 185 -74.23 -23.90 -35.72
C LYS D 185 -72.84 -24.49 -35.97
N GLY D 186 -72.62 -25.67 -35.38
CA GLY D 186 -71.29 -26.24 -35.32
C GLY D 186 -70.85 -26.87 -36.63
N GLU D 187 -69.52 -26.95 -36.78
CA GLU D 187 -68.80 -27.42 -37.96
C GLU D 187 -69.28 -26.67 -39.20
N ILE D 188 -68.94 -25.39 -39.22
CA ILE D 188 -69.33 -24.52 -40.31
C ILE D 188 -68.09 -24.00 -41.03
N SER D 220 -66.55 -33.76 -33.69
CA SER D 220 -65.46 -33.93 -32.73
C SER D 220 -65.45 -32.83 -31.69
N LYS D 221 -64.48 -32.86 -30.79
CA LYS D 221 -64.36 -31.87 -29.73
C LYS D 221 -62.96 -31.27 -29.80
N LEU D 222 -62.84 -30.04 -29.29
CA LEU D 222 -61.62 -29.22 -29.32
C LEU D 222 -61.16 -28.95 -30.75
N ARG D 223 -62.00 -28.22 -31.47
CA ARG D 223 -61.68 -27.65 -32.77
C ARG D 223 -61.45 -26.17 -32.57
N ARG D 224 -60.46 -25.60 -33.25
CA ARG D 224 -60.05 -24.22 -33.01
C ARG D 224 -60.48 -23.33 -34.17
N VAL D 225 -60.93 -22.11 -33.84
CA VAL D 225 -61.32 -21.11 -34.84
C VAL D 225 -60.46 -19.87 -34.65
N PHE D 226 -60.72 -18.83 -35.44
CA PHE D 226 -59.82 -17.68 -35.50
C PHE D 226 -60.59 -16.36 -35.48
N VAL D 227 -61.46 -16.17 -34.49
CA VAL D 227 -62.22 -14.94 -34.39
C VAL D 227 -61.29 -13.76 -34.07
N VAL D 228 -61.64 -12.57 -34.57
CA VAL D 228 -60.77 -11.40 -34.52
C VAL D 228 -61.59 -10.13 -34.35
N GLU D 229 -61.30 -9.35 -33.30
CA GLU D 229 -61.96 -8.06 -33.15
C GLU D 229 -61.23 -6.98 -33.93
N MET D 230 -61.86 -5.82 -34.05
CA MET D 230 -61.45 -4.83 -35.04
C MET D 230 -62.13 -3.52 -34.70
N TYR D 231 -61.35 -2.46 -34.47
CA TYR D 231 -61.89 -1.13 -34.19
C TYR D 231 -61.42 -0.17 -35.26
N VAL D 232 -62.15 -0.11 -36.36
CA VAL D 232 -61.76 0.67 -37.52
C VAL D 232 -62.47 2.01 -37.53
N ARG D 233 -61.72 3.08 -37.79
CA ARG D 233 -62.30 4.39 -38.03
C ARG D 233 -62.80 4.42 -39.46
N TRP D 234 -64.11 4.38 -39.62
CA TRP D 234 -64.69 4.25 -40.95
C TRP D 234 -65.13 5.57 -41.53
N ASN D 235 -65.57 6.47 -40.68
CA ASN D 235 -65.93 7.86 -40.97
C ASN D 235 -65.59 8.55 -39.67
N GLY D 236 -66.25 9.65 -39.34
CA GLY D 236 -66.11 10.26 -38.03
C GLY D 236 -66.36 9.39 -36.81
N VAL D 237 -67.02 8.26 -36.99
CA VAL D 237 -67.30 7.34 -35.91
C VAL D 237 -66.31 6.19 -35.94
N TRP D 238 -66.28 5.41 -34.86
CA TRP D 238 -65.42 4.25 -34.73
C TRP D 238 -66.29 2.99 -34.78
N ILE D 239 -66.19 2.24 -35.85
CA ILE D 239 -66.93 1.01 -36.01
C ILE D 239 -66.21 -0.11 -35.27
N ARG D 240 -66.94 -0.89 -34.49
CA ARG D 240 -66.46 -2.14 -33.93
C ARG D 240 -67.01 -3.29 -34.73
N ALA D 241 -66.15 -4.19 -35.18
CA ALA D 241 -66.59 -5.36 -35.92
C ALA D 241 -65.79 -6.56 -35.44
N LEU D 242 -66.39 -7.74 -35.46
CA LEU D 242 -65.64 -8.96 -35.23
C LEU D 242 -66.14 -10.04 -36.17
N PHE D 243 -65.21 -10.70 -36.85
CA PHE D 243 -65.56 -11.59 -37.93
C PHE D 243 -64.72 -12.86 -37.82
N TRP D 244 -64.85 -13.73 -38.80
CA TRP D 244 -63.97 -14.88 -38.97
C TRP D 244 -63.87 -15.15 -40.45
N GLY D 245 -63.43 -16.36 -40.82
CA GLY D 245 -63.02 -16.64 -42.19
C GLY D 245 -64.13 -16.53 -43.23
N ARG D 246 -65.38 -16.74 -42.82
CA ARG D 246 -66.53 -16.49 -43.67
C ARG D 246 -67.64 -15.88 -42.84
N GLY D 247 -68.16 -14.74 -43.30
CA GLY D 247 -69.19 -14.02 -42.58
C GLY D 247 -68.65 -13.24 -41.40
N ILE D 248 -69.41 -12.23 -41.01
CA ILE D 248 -69.13 -11.47 -39.81
C ILE D 248 -70.09 -11.93 -38.73
N LEU D 249 -69.82 -11.54 -37.49
CA LEU D 249 -70.64 -11.99 -36.37
C LEU D 249 -71.39 -10.88 -35.67
N GLU D 250 -70.75 -9.72 -35.45
CA GLU D 250 -71.47 -8.54 -35.02
C GLU D 250 -70.70 -7.32 -35.50
N MET D 251 -71.42 -6.22 -35.71
CA MET D 251 -70.83 -5.02 -36.28
C MET D 251 -71.69 -3.83 -35.91
N SER D 252 -71.13 -2.90 -35.15
CA SER D 252 -71.92 -1.77 -34.68
C SER D 252 -70.97 -0.63 -34.36
N VAL D 253 -71.56 0.55 -34.10
CA VAL D 253 -70.80 1.68 -33.61
C VAL D 253 -70.35 1.37 -32.19
N SER D 254 -69.10 1.75 -31.88
CA SER D 254 -68.49 1.42 -30.60
C SER D 254 -69.25 2.07 -29.46
N ALA D 255 -69.53 1.29 -28.41
CA ALA D 255 -70.40 1.74 -27.33
C ALA D 255 -69.72 2.70 -26.37
N TYR D 256 -68.39 2.72 -26.32
CA TYR D 256 -67.69 3.47 -25.30
C TYR D 256 -67.42 4.87 -25.79
N LEU D 257 -67.60 5.85 -24.92
CA LEU D 257 -67.41 7.24 -25.29
C LEU D 257 -66.01 7.71 -24.90
N ASP D 258 -65.80 9.01 -24.99
CA ASP D 258 -64.49 9.60 -24.74
C ASP D 258 -64.67 10.90 -23.97
N ARG D 259 -63.62 11.67 -23.73
CA ARG D 259 -63.74 12.91 -22.98
C ARG D 259 -64.39 14.03 -23.78
N ASN D 260 -64.57 13.86 -25.08
CA ASN D 260 -65.22 14.87 -25.90
C ASN D 260 -66.67 14.54 -26.18
N GLY D 261 -67.11 13.32 -25.96
CA GLY D 261 -68.49 12.92 -26.17
C GLY D 261 -68.70 11.99 -27.33
N LYS D 262 -67.78 11.90 -28.23
CA LYS D 262 -67.86 11.10 -29.44
C LYS D 262 -67.33 9.70 -29.21
N PRO D 263 -67.88 8.67 -29.87
CA PRO D 263 -67.44 7.31 -29.60
C PRO D 263 -66.06 7.01 -30.15
N THR D 264 -65.25 6.33 -29.34
CA THR D 264 -63.86 6.02 -29.68
C THR D 264 -63.51 4.58 -29.36
N CYS D 265 -62.17 4.26 -29.35
CA CYS D 265 -61.63 2.93 -29.09
C CYS D 265 -61.21 2.80 -27.64
N PRO D 266 -61.31 1.61 -27.08
CA PRO D 266 -60.79 1.40 -25.73
C PRO D 266 -59.38 0.86 -25.70
N ILE D 267 -58.86 0.37 -26.83
CA ILE D 267 -57.57 -0.30 -26.84
C ILE D 267 -56.46 0.74 -26.71
N GLU D 268 -55.54 0.52 -25.77
CA GLU D 268 -54.41 1.41 -25.55
C GLU D 268 -53.14 0.63 -25.38
N ALA D 269 -52.03 1.19 -25.88
CA ALA D 269 -50.78 0.45 -25.99
C ALA D 269 -49.63 1.42 -26.12
N ARG D 270 -48.41 0.88 -26.06
CA ARG D 270 -47.20 1.69 -26.10
C ARG D 270 -46.01 0.80 -26.41
N SER D 271 -45.10 1.29 -27.25
CA SER D 271 -43.90 0.56 -27.62
C SER D 271 -42.67 1.25 -27.07
N CYS D 272 -41.55 0.52 -27.07
CA CYS D 272 -40.35 1.02 -26.41
C CYS D 272 -39.57 1.97 -27.33
N TYR D 273 -39.12 1.48 -28.47
CA TYR D 273 -38.41 2.30 -29.43
C TYR D 273 -39.00 2.12 -30.82
N ILE D 274 -38.68 3.07 -31.70
CA ILE D 274 -39.17 3.11 -33.06
C ILE D 274 -37.96 3.34 -33.97
N ASP D 275 -38.09 2.95 -35.23
CA ASP D 275 -37.00 3.07 -36.19
C ASP D 275 -37.44 3.99 -37.33
N ARG D 276 -36.60 4.20 -38.34
CA ARG D 276 -36.95 5.11 -39.42
C ARG D 276 -38.05 4.53 -40.29
N GLU D 277 -37.81 3.37 -40.91
CA GLU D 277 -38.92 2.54 -41.28
C GLU D 277 -39.51 1.93 -40.01
N ASN D 278 -40.81 1.69 -40.02
CA ASN D 278 -41.51 1.50 -38.76
C ASN D 278 -41.25 0.14 -38.13
N ARG D 279 -40.21 0.05 -37.31
CA ARG D 279 -39.92 -1.12 -36.50
C ARG D 279 -40.25 -0.82 -35.05
N ARG D 280 -40.61 -1.84 -34.30
CA ARG D 280 -40.94 -1.69 -32.88
C ARG D 280 -40.01 -2.65 -32.16
N TYR D 281 -38.80 -2.24 -31.86
CA TYR D 281 -37.93 -3.15 -31.15
C TYR D 281 -38.00 -2.83 -29.66
N GLY D 282 -37.35 -3.65 -28.85
CA GLY D 282 -37.44 -3.49 -27.42
C GLY D 282 -36.12 -3.13 -26.77
N GLU D 283 -35.72 -3.91 -25.77
CA GLU D 283 -34.43 -3.73 -25.13
C GLU D 283 -33.45 -4.83 -25.52
N VAL D 284 -33.96 -6.02 -25.79
CA VAL D 284 -33.12 -7.16 -26.09
C VAL D 284 -32.97 -7.28 -27.61
N ARG D 285 -33.31 -6.21 -28.34
CA ARG D 285 -32.78 -6.09 -29.70
C ARG D 285 -31.30 -5.76 -29.67
N ASP D 286 -30.90 -4.91 -28.75
CA ASP D 286 -29.51 -4.81 -28.35
C ASP D 286 -29.18 -6.01 -27.46
N LEU D 287 -27.93 -6.12 -27.02
CA LEU D 287 -27.43 -7.24 -26.20
C LEU D 287 -27.59 -8.57 -26.93
N ARG D 288 -27.54 -8.54 -28.25
CA ARG D 288 -27.46 -9.73 -29.07
C ARG D 288 -26.17 -9.83 -29.83
N SER D 289 -25.75 -8.74 -30.41
CA SER D 289 -24.41 -8.68 -30.98
C SER D 289 -23.33 -8.75 -29.89
N PRO D 290 -23.45 -8.11 -28.72
CA PRO D 290 -22.48 -8.40 -27.67
C PRO D 290 -22.76 -9.66 -26.88
N GLN D 291 -23.63 -10.55 -27.35
CA GLN D 291 -23.90 -11.78 -26.63
C GLN D 291 -23.73 -13.00 -27.51
N ASP D 292 -23.73 -12.86 -28.82
CA ASP D 292 -23.17 -13.85 -29.72
C ASP D 292 -21.65 -13.79 -29.79
N ALA D 293 -21.02 -12.84 -29.13
CA ALA D 293 -19.57 -12.80 -29.07
C ALA D 293 -19.04 -13.29 -27.75
N ILE D 294 -19.90 -13.80 -26.88
CA ILE D 294 -19.47 -14.53 -25.69
C ILE D 294 -19.68 -16.02 -25.86
N ASN D 295 -20.80 -16.39 -26.51
CA ASN D 295 -21.04 -17.79 -26.80
C ASN D 295 -20.10 -18.32 -27.87
N LYS D 296 -19.77 -17.50 -28.86
CA LYS D 296 -18.91 -17.96 -29.93
C LYS D 296 -17.44 -17.88 -29.58
N ARG D 297 -16.99 -16.85 -28.87
CA ARG D 297 -15.61 -16.83 -28.43
C ARG D 297 -15.34 -17.75 -27.26
N GLU D 298 -16.29 -18.58 -26.86
CA GLU D 298 -16.03 -19.62 -25.88
C GLU D 298 -15.90 -20.99 -26.52
N SER D 299 -16.72 -21.27 -27.53
CA SER D 299 -16.61 -22.53 -28.24
C SER D 299 -15.45 -22.57 -29.21
N LYS D 300 -14.91 -21.42 -29.61
CA LYS D 300 -13.70 -21.45 -30.42
C LYS D 300 -12.50 -21.88 -29.61
N LEU D 301 -12.42 -21.44 -28.35
CA LEU D 301 -11.31 -21.78 -27.48
C LEU D 301 -11.35 -23.20 -26.98
N LEU D 302 -12.55 -23.73 -26.79
CA LEU D 302 -12.67 -25.11 -26.36
C LEU D 302 -12.29 -26.05 -27.48
N HIS D 303 -12.55 -25.64 -28.73
CA HIS D 303 -12.16 -26.45 -29.86
C HIS D 303 -10.68 -26.34 -30.15
N MET D 304 -10.06 -25.23 -29.79
CA MET D 304 -8.69 -24.97 -30.14
C MET D 304 -7.72 -25.46 -29.08
N LEU D 305 -8.21 -25.70 -27.86
CA LEU D 305 -7.38 -26.20 -26.75
C LEU D 305 -7.61 -27.68 -26.46
N ASN D 306 -7.99 -28.45 -27.47
CA ASN D 306 -7.98 -29.90 -27.37
C ASN D 306 -7.45 -30.61 -28.59
N ASN D 307 -7.15 -29.91 -29.67
CA ASN D 307 -6.78 -30.53 -30.93
C ASN D 307 -5.40 -30.04 -31.36
N ARG D 308 -4.56 -30.95 -31.78
CA ARG D 308 -3.21 -30.64 -32.21
C ARG D 308 -3.07 -31.08 -33.66
N GLN D 309 -3.02 -30.13 -34.58
CA GLN D 309 -2.95 -30.47 -35.99
C GLN D 309 -1.56 -31.01 -36.34
N ALA D 310 -1.53 -32.03 -37.19
CA ALA D 310 -0.34 -32.81 -37.43
C ALA D 310 0.23 -32.49 -38.81
N ILE D 311 1.50 -32.14 -38.85
CA ILE D 311 2.18 -31.84 -40.11
C ILE D 311 3.11 -33.00 -40.42
N ALA D 312 3.36 -33.22 -41.70
CA ALA D 312 4.24 -34.30 -42.12
C ALA D 312 5.67 -33.79 -42.23
N THR D 313 6.61 -34.57 -41.72
CA THR D 313 8.01 -34.15 -41.75
C THR D 313 8.85 -35.04 -42.65
N ASN D 314 8.88 -36.34 -42.39
CA ASN D 314 9.74 -37.26 -43.14
C ASN D 314 8.86 -38.13 -44.01
N PRO D 315 8.79 -37.91 -45.31
CA PRO D 315 7.83 -38.60 -46.16
C PRO D 315 8.15 -40.05 -46.48
N GLU D 316 9.08 -40.69 -45.76
CA GLU D 316 9.25 -42.13 -45.87
C GLU D 316 8.70 -42.87 -44.65
N TYR D 317 9.03 -42.44 -43.44
CA TYR D 317 8.43 -43.06 -42.27
C TYR D 317 7.00 -42.58 -42.07
N ALA D 318 6.73 -41.33 -42.42
CA ALA D 318 5.35 -40.90 -42.59
C ALA D 318 4.88 -41.35 -43.96
N TYR D 319 3.66 -40.95 -44.33
CA TYR D 319 2.93 -41.44 -45.50
C TYR D 319 2.78 -42.95 -45.49
N ASN D 320 2.82 -43.55 -44.31
CA ASN D 320 2.87 -44.99 -44.18
C ASN D 320 1.72 -45.51 -43.35
N SER D 321 1.46 -44.87 -42.21
CA SER D 321 0.38 -45.31 -41.36
C SER D 321 -0.97 -44.84 -41.89
N ASP D 322 -1.22 -43.53 -41.84
CA ASP D 322 -2.44 -42.87 -42.29
C ASP D 322 -2.21 -41.39 -42.01
N ALA D 323 -3.16 -40.55 -42.41
CA ALA D 323 -3.11 -39.16 -41.99
C ALA D 323 -4.15 -38.84 -40.93
N GLU D 324 -5.41 -39.16 -41.18
CA GLU D 324 -6.47 -38.76 -40.28
C GLU D 324 -6.50 -39.62 -39.02
N MET D 325 -5.93 -40.82 -39.07
CA MET D 325 -5.80 -41.63 -37.87
C MET D 325 -4.68 -41.14 -36.96
N VAL D 326 -3.66 -40.49 -37.50
CA VAL D 326 -2.52 -40.08 -36.69
C VAL D 326 -2.86 -38.85 -35.87
N ARG D 327 -3.53 -37.86 -36.46
CA ARG D 327 -3.81 -36.67 -35.67
C ARG D 327 -4.93 -36.88 -34.65
N LYS D 328 -5.64 -38.00 -34.69
CA LYS D 328 -6.49 -38.31 -33.55
C LYS D 328 -5.73 -39.03 -32.45
N GLU D 329 -4.51 -39.47 -32.71
CA GLU D 329 -3.67 -40.06 -31.68
C GLU D 329 -2.83 -39.01 -30.97
N MET D 330 -2.71 -37.83 -31.54
CA MET D 330 -1.99 -36.76 -30.89
C MET D 330 -2.86 -35.97 -29.93
N SER D 331 -4.15 -35.90 -30.20
CA SER D 331 -5.01 -35.05 -29.40
C SER D 331 -5.52 -35.74 -28.14
N LYS D 332 -5.31 -37.04 -28.02
CA LYS D 332 -5.73 -37.69 -26.78
C LYS D 332 -4.51 -38.18 -26.01
N PRO D 333 -4.51 -38.06 -24.68
CA PRO D 333 -3.29 -38.34 -23.92
C PRO D 333 -2.90 -39.80 -23.83
N ASP D 334 -3.79 -40.74 -24.12
CA ASP D 334 -3.41 -42.16 -24.12
C ASP D 334 -3.11 -42.66 -25.53
N GLY D 335 -2.16 -42.03 -26.20
CA GLY D 335 -1.92 -42.35 -27.59
C GLY D 335 -0.56 -42.91 -27.95
N ILE D 336 -0.48 -43.54 -29.12
CA ILE D 336 0.76 -44.01 -29.70
C ILE D 336 0.92 -43.32 -31.04
N ILE D 337 2.07 -42.70 -31.27
CA ILE D 337 2.30 -41.88 -32.46
C ILE D 337 3.38 -42.53 -33.30
N PRO D 338 3.16 -42.74 -34.60
CA PRO D 338 4.18 -43.31 -35.46
C PRO D 338 5.26 -42.29 -35.77
N PRO D 339 6.43 -42.71 -36.26
CA PRO D 339 7.47 -41.74 -36.61
C PRO D 339 7.11 -40.95 -37.85
N GLY D 340 7.70 -39.76 -37.95
CA GLY D 340 7.57 -38.94 -39.14
C GLY D 340 6.51 -37.86 -39.07
N TRP D 341 5.78 -37.76 -37.97
CA TRP D 341 4.71 -36.79 -37.83
C TRP D 341 5.02 -35.88 -36.65
N GLN D 342 4.73 -34.59 -36.79
CA GLN D 342 5.08 -33.56 -35.83
C GLN D 342 3.85 -32.88 -35.28
N PRO D 343 3.63 -32.87 -33.99
CA PRO D 343 2.41 -32.26 -33.42
C PRO D 343 2.48 -30.75 -33.25
N ALA D 344 2.19 -30.02 -34.31
CA ALA D 344 2.23 -28.55 -34.28
C ALA D 344 0.87 -28.04 -33.80
N SER D 345 0.81 -27.65 -32.53
CA SER D 345 -0.47 -27.19 -32.01
C SER D 345 -0.63 -25.69 -32.17
N MET D 346 -1.88 -25.23 -32.11
CA MET D 346 -2.21 -23.81 -32.18
C MET D 346 -2.41 -23.23 -30.78
N THR D 347 -1.39 -23.37 -29.93
CA THR D 347 -1.43 -22.71 -28.62
C THR D 347 -0.75 -21.35 -28.67
N ASP D 348 -1.06 -20.63 -29.73
CA ASP D 348 -0.75 -19.23 -29.96
C ASP D 348 -2.01 -18.68 -30.57
N LEU D 349 -2.14 -17.35 -30.57
CA LEU D 349 -3.38 -16.64 -30.90
C LEU D 349 -4.58 -17.18 -30.11
N ALA D 350 -4.33 -17.61 -28.88
CA ALA D 350 -5.37 -17.87 -27.90
C ALA D 350 -5.35 -16.85 -26.79
N ASN D 351 -4.19 -16.27 -26.50
CA ASN D 351 -4.14 -15.10 -25.63
C ASN D 351 -4.64 -13.85 -26.32
N GLY D 352 -4.75 -13.87 -27.63
CA GLY D 352 -5.47 -12.86 -28.35
C GLY D 352 -6.96 -13.08 -28.37
N GLN D 353 -7.42 -14.29 -28.08
CA GLN D 353 -8.84 -14.57 -27.95
C GLN D 353 -9.36 -14.33 -26.55
N PHE D 354 -8.57 -14.65 -25.51
CA PHE D 354 -8.97 -14.33 -24.15
C PHE D 354 -9.05 -12.84 -23.91
N ALA D 355 -8.21 -12.05 -24.58
CA ALA D 355 -8.28 -10.62 -24.45
C ALA D 355 -9.33 -10.00 -25.35
N LEU D 356 -10.08 -10.83 -26.08
CA LEU D 356 -11.14 -10.37 -26.95
C LEU D 356 -12.49 -10.91 -26.56
N LEU D 357 -12.53 -11.96 -25.73
CA LEU D 357 -13.75 -12.31 -25.00
C LEU D 357 -13.93 -11.41 -23.79
N SER D 358 -12.86 -11.14 -23.07
CA SER D 358 -12.95 -10.31 -21.86
C SER D 358 -13.20 -8.85 -22.16
N SER D 359 -13.14 -8.44 -23.43
CA SER D 359 -13.64 -7.15 -23.85
C SER D 359 -15.13 -7.15 -24.14
N ALA D 360 -15.74 -8.33 -24.24
CA ALA D 360 -17.17 -8.44 -24.48
C ALA D 360 -17.94 -8.98 -23.30
N ARG D 361 -17.27 -9.54 -22.29
CA ARG D 361 -17.90 -9.77 -20.99
C ARG D 361 -17.99 -8.51 -20.17
N GLU D 362 -17.29 -7.46 -20.56
CA GLU D 362 -17.29 -6.21 -19.82
C GLU D 362 -18.22 -5.17 -20.42
N PHE D 363 -18.38 -5.16 -21.74
CA PHE D 363 -19.37 -4.28 -22.34
C PHE D 363 -20.78 -4.78 -22.08
N ILE D 364 -20.98 -6.10 -22.01
CA ILE D 364 -22.29 -6.67 -21.76
C ILE D 364 -22.77 -6.40 -20.34
N GLN D 365 -21.85 -6.00 -19.46
CA GLN D 365 -22.17 -5.66 -18.09
C GLN D 365 -22.34 -4.16 -17.91
N ARG D 366 -21.98 -3.36 -18.91
CA ARG D 366 -21.99 -1.92 -18.78
C ARG D 366 -23.14 -1.25 -19.52
N ILE D 367 -23.67 -1.89 -20.55
CA ILE D 367 -24.81 -1.34 -21.28
C ILE D 367 -26.09 -1.99 -20.76
N GLY D 368 -26.01 -3.23 -20.31
CA GLY D 368 -27.21 -3.92 -19.95
C GLY D 368 -27.43 -4.03 -18.47
N GLN D 369 -26.39 -4.40 -17.72
CA GLN D 369 -26.55 -4.82 -16.33
C GLN D 369 -26.25 -3.68 -15.38
N ASN D 370 -26.67 -2.48 -15.77
CA ASN D 370 -26.80 -1.37 -14.84
C ASN D 370 -27.92 -1.40 -13.78
N PRO D 371 -29.14 -2.08 -13.94
CA PRO D 371 -30.27 -1.71 -13.06
C PRO D 371 -30.10 -2.15 -11.61
N SER D 372 -29.21 -1.44 -10.90
CA SER D 372 -28.87 -1.65 -9.50
C SER D 372 -28.32 -3.04 -9.21
N VAL D 373 -27.71 -3.70 -10.18
CA VAL D 373 -26.99 -4.95 -9.96
C VAL D 373 -25.59 -4.81 -10.58
N LEU D 374 -24.67 -4.28 -9.79
CA LEU D 374 -23.32 -4.02 -10.27
C LEU D 374 -22.30 -4.56 -9.27
N ALA D 375 -22.71 -4.65 -8.00
CA ALA D 375 -21.81 -5.01 -6.92
C ALA D 375 -21.49 -6.50 -6.93
N ARG D 384 -21.84 2.45 -5.11
CA ARG D 384 -21.54 3.04 -3.81
C ARG D 384 -22.78 3.14 -2.94
N ALA D 385 -22.62 3.75 -1.77
CA ALA D 385 -23.69 3.84 -0.78
C ALA D 385 -24.74 4.86 -1.19
N GLN D 386 -25.65 4.46 -2.07
CA GLN D 386 -26.82 5.23 -2.49
C GLN D 386 -26.43 6.57 -3.12
N LEU D 387 -25.30 6.61 -3.82
CA LEU D 387 -24.92 7.76 -4.64
C LEU D 387 -24.50 7.36 -6.05
N ALA D 388 -23.80 6.24 -6.19
CA ALA D 388 -23.51 5.68 -7.50
C ALA D 388 -24.65 4.82 -8.03
N ARG D 389 -25.81 4.81 -7.34
CA ARG D 389 -27.03 4.20 -7.86
C ARG D 389 -28.26 5.10 -7.72
N GLN D 390 -28.25 6.07 -6.81
CA GLN D 390 -29.39 6.96 -6.65
C GLN D 390 -29.36 8.11 -7.64
N GLN D 391 -28.19 8.43 -8.19
CA GLN D 391 -28.13 9.51 -9.16
C GLN D 391 -27.33 9.06 -10.37
N ALA D 392 -26.65 7.92 -10.27
CA ALA D 392 -25.81 7.43 -11.34
C ALA D 392 -26.32 6.14 -11.98
N GLY D 393 -27.13 5.36 -11.28
CA GLY D 393 -27.63 4.13 -11.85
C GLY D 393 -29.03 4.27 -12.40
N MET D 394 -29.86 5.06 -11.74
CA MET D 394 -31.26 5.21 -12.11
C MET D 394 -31.49 6.36 -13.08
N VAL D 395 -30.43 6.95 -13.62
CA VAL D 395 -30.59 7.95 -14.67
C VAL D 395 -30.28 7.35 -16.04
N ASP D 396 -29.68 6.16 -16.09
CA ASP D 396 -29.52 5.48 -17.37
C ASP D 396 -30.73 4.63 -17.70
N SER D 397 -31.49 4.22 -16.69
CA SER D 397 -32.78 3.57 -16.89
C SER D 397 -33.93 4.55 -16.70
N ALA D 398 -33.79 5.79 -17.13
CA ALA D 398 -34.86 6.76 -16.93
C ALA D 398 -35.85 6.76 -18.08
N MET D 399 -35.37 6.83 -19.32
CA MET D 399 -36.20 6.50 -20.45
C MET D 399 -36.58 5.03 -20.40
N ALA D 400 -37.78 4.72 -20.93
CA ALA D 400 -38.36 3.39 -20.99
C ALA D 400 -38.52 2.74 -19.62
N LEU D 401 -38.51 3.53 -18.54
CA LEU D 401 -38.99 3.08 -17.25
C LEU D 401 -39.88 4.18 -16.72
N ASN D 402 -39.59 5.41 -17.14
CA ASN D 402 -40.54 6.51 -17.09
C ASN D 402 -41.24 6.67 -18.42
N GLY D 403 -41.36 5.57 -19.16
CA GLY D 403 -42.19 5.49 -20.34
C GLY D 403 -43.26 4.47 -20.09
N LEU D 404 -42.97 3.49 -19.25
CA LEU D 404 -43.97 2.50 -18.89
C LEU D 404 -44.90 3.00 -17.80
N ARG D 405 -44.41 3.89 -16.93
CA ARG D 405 -45.30 4.61 -16.02
C ARG D 405 -46.28 5.47 -16.79
N ARG D 406 -45.87 5.98 -17.95
CA ARG D 406 -46.74 6.82 -18.75
C ARG D 406 -47.84 6.02 -19.43
N PHE D 407 -47.59 4.74 -19.73
CA PHE D 407 -48.66 3.86 -20.18
C PHE D 407 -49.61 3.50 -19.06
N GLU D 408 -49.08 3.27 -17.85
CA GLU D 408 -49.91 2.77 -16.77
C GLU D 408 -50.89 3.81 -16.28
N LEU D 409 -50.47 5.07 -16.19
CA LEU D 409 -51.39 6.12 -15.80
C LEU D 409 -52.19 6.67 -16.96
N ALA D 410 -52.00 6.13 -18.16
CA ALA D 410 -52.86 6.43 -19.28
C ALA D 410 -53.97 5.42 -19.45
N VAL D 411 -54.03 4.42 -18.57
CA VAL D 411 -55.14 3.48 -18.63
C VAL D 411 -56.12 3.86 -17.54
N TYR D 412 -55.61 4.34 -16.41
CA TYR D 412 -56.45 4.85 -15.33
C TYR D 412 -57.29 6.03 -15.81
N ARG D 413 -56.70 6.88 -16.64
CA ARG D 413 -57.47 7.93 -17.29
C ARG D 413 -58.53 7.34 -18.20
N GLN D 414 -58.21 6.28 -18.92
CA GLN D 414 -59.18 5.63 -19.79
C GLN D 414 -60.19 4.80 -19.00
N ALA D 415 -59.97 4.59 -17.70
CA ALA D 415 -60.90 3.82 -16.89
C ALA D 415 -61.85 4.68 -16.09
N TRP D 416 -61.59 5.98 -15.93
CA TRP D 416 -62.58 6.85 -15.34
C TRP D 416 -63.67 7.22 -16.32
N LEU D 417 -63.40 7.18 -17.61
CA LEU D 417 -64.45 7.42 -18.59
C LEU D 417 -65.46 6.29 -18.66
N ARG D 418 -65.11 5.09 -18.21
CA ARG D 418 -66.02 3.95 -18.27
C ARG D 418 -66.79 3.75 -16.99
N CYS D 419 -66.22 4.11 -15.84
CA CYS D 419 -66.96 4.11 -14.59
C CYS D 419 -67.60 5.46 -14.32
N ARG D 420 -67.89 6.23 -15.36
CA ARG D 420 -68.70 7.41 -15.22
C ARG D 420 -70.02 7.30 -15.97
N GLN D 421 -69.98 6.94 -17.25
CA GLN D 421 -71.19 6.89 -18.05
C GLN D 421 -72.07 5.69 -17.75
N PHE D 422 -71.59 4.73 -16.99
CA PHE D 422 -72.37 3.53 -16.70
C PHE D 422 -72.84 3.44 -15.25
N TRP D 423 -72.10 4.02 -14.31
CA TRP D 423 -72.51 3.99 -12.90
C TRP D 423 -73.54 5.09 -12.65
N LYS D 424 -74.76 4.68 -12.30
CA LYS D 424 -75.79 5.62 -11.89
C LYS D 424 -75.63 5.93 -10.41
N ALA D 425 -76.62 6.58 -9.83
CA ALA D 425 -76.54 7.05 -8.45
C ALA D 425 -76.44 5.97 -7.35
N PRO D 426 -77.15 4.84 -7.38
CA PRO D 426 -76.93 3.85 -6.31
C PRO D 426 -75.73 2.94 -6.53
N ASP D 427 -74.79 3.28 -7.40
CA ASP D 427 -73.58 2.50 -7.55
C ASP D 427 -72.37 3.18 -6.92
N TYR D 428 -72.40 4.51 -6.81
CA TYR D 428 -71.40 5.23 -6.04
C TYR D 428 -71.56 5.01 -4.55
N ILE D 429 -72.78 4.73 -4.10
CA ILE D 429 -73.02 4.58 -2.67
C ILE D 429 -72.58 3.22 -2.20
N ARG D 430 -72.58 2.21 -3.07
CA ARG D 430 -72.14 0.89 -2.68
C ARG D 430 -70.63 0.83 -2.47
N VAL D 431 -69.87 1.60 -3.26
CA VAL D 431 -68.43 1.52 -3.20
C VAL D 431 -67.87 2.38 -2.08
N THR D 432 -68.20 3.67 -2.08
CA THR D 432 -67.66 4.60 -1.10
C THR D 432 -68.36 4.52 0.24
N ASP D 433 -69.56 3.93 0.28
CA ASP D 433 -70.34 3.63 1.48
C ASP D 433 -70.64 4.88 2.30
N ASP D 434 -71.40 5.79 1.67
CA ASP D 434 -71.86 7.02 2.33
C ASP D 434 -73.04 7.57 1.55
N GLU D 435 -74.21 7.61 2.18
CA GLU D 435 -75.36 8.23 1.54
C GLU D 435 -75.14 9.74 1.48
N GLY D 436 -75.21 10.28 0.29
CA GLY D 436 -74.80 11.65 0.04
C GLY D 436 -73.49 11.78 -0.70
N ALA D 437 -72.97 10.70 -1.23
CA ALA D 437 -71.82 10.71 -2.13
C ALA D 437 -72.10 11.08 -3.61
N PRO D 438 -73.16 10.62 -4.29
CA PRO D 438 -73.30 11.01 -5.70
C PRO D 438 -73.68 12.47 -5.94
N GLN D 439 -73.97 13.25 -4.90
CA GLN D 439 -74.22 14.67 -5.11
C GLN D 439 -72.96 15.46 -5.44
N PHE D 440 -71.79 14.87 -5.28
CA PHE D 440 -70.52 15.55 -5.51
C PHE D 440 -69.94 15.29 -6.89
N VAL D 441 -70.61 14.54 -7.74
CA VAL D 441 -70.07 14.15 -9.04
C VAL D 441 -71.07 14.46 -10.15
N GLY D 442 -71.91 15.46 -9.94
CA GLY D 442 -72.75 15.93 -11.02
C GLY D 442 -74.02 15.14 -11.24
N ILE D 443 -74.69 14.71 -10.18
CA ILE D 443 -76.04 14.19 -10.29
C ILE D 443 -76.76 14.57 -9.00
N ASN D 444 -78.08 14.76 -9.11
CA ASN D 444 -78.95 15.32 -8.07
C ASN D 444 -78.47 16.67 -7.53
N ALA D 464 -82.04 -4.65 -0.54
CA ALA D 464 -82.71 -4.23 -1.77
C ALA D 464 -82.26 -5.10 -2.94
N GLU D 465 -82.25 -4.53 -4.14
CA GLU D 465 -81.80 -5.27 -5.31
C GLU D 465 -80.28 -5.40 -5.30
N PRO D 466 -79.75 -6.41 -5.98
CA PRO D 466 -78.32 -6.40 -6.32
C PRO D 466 -78.03 -5.25 -7.26
N ILE D 467 -77.07 -4.40 -6.88
CA ILE D 467 -76.79 -3.17 -7.58
C ILE D 467 -75.52 -3.26 -8.42
N LEU D 468 -74.47 -3.87 -7.90
CA LEU D 468 -73.33 -4.26 -8.72
C LEU D 468 -73.15 -5.77 -8.78
N GLY D 469 -74.25 -6.51 -8.83
CA GLY D 469 -74.16 -7.95 -8.75
C GLY D 469 -73.66 -8.48 -7.43
N TYR D 470 -73.87 -7.75 -6.35
CA TYR D 470 -73.42 -8.15 -5.03
C TYR D 470 -74.64 -8.49 -4.19
N GLU D 471 -74.87 -9.77 -3.99
CA GLU D 471 -76.11 -10.27 -3.42
C GLU D 471 -76.18 -10.15 -1.90
N ASN D 472 -75.09 -9.81 -1.22
CA ASN D 472 -75.12 -9.58 0.22
C ASN D 472 -75.12 -8.12 0.63
N ALA D 473 -74.33 -7.31 -0.07
CA ALA D 473 -74.11 -5.88 0.19
C ALA D 473 -73.57 -5.60 1.59
N LEU D 474 -72.91 -6.58 2.22
CA LEU D 474 -72.30 -6.33 3.52
C LEU D 474 -70.82 -6.67 3.56
N ALA D 475 -70.41 -7.85 3.06
CA ALA D 475 -69.00 -8.22 3.09
C ALA D 475 -68.70 -9.13 1.91
N GLU D 476 -68.06 -8.59 0.88
CA GLU D 476 -67.69 -9.35 -0.30
C GLU D 476 -66.20 -9.15 -0.57
N LEU D 477 -65.66 -9.96 -1.49
CA LEU D 477 -64.21 -10.01 -1.67
C LEU D 477 -63.64 -8.78 -2.34
N ASP D 478 -64.23 -8.39 -3.46
CA ASP D 478 -63.80 -7.25 -4.27
C ASP D 478 -63.81 -5.95 -3.51
N VAL D 479 -64.97 -5.56 -2.99
CA VAL D 479 -65.14 -4.22 -2.46
C VAL D 479 -64.31 -4.05 -1.19
N ASP D 480 -64.66 -4.77 -0.14
CA ASP D 480 -64.35 -4.30 1.19
C ASP D 480 -63.71 -5.38 2.04
N ILE D 481 -62.89 -6.23 1.45
CA ILE D 481 -62.06 -7.14 2.23
C ILE D 481 -60.59 -7.00 1.86
N ASN D 482 -60.24 -7.26 0.59
CA ASN D 482 -58.90 -7.05 0.03
C ASN D 482 -57.81 -7.83 0.78
N ILE D 483 -57.84 -9.16 0.61
CA ILE D 483 -56.87 -10.05 1.25
C ILE D 483 -55.45 -9.70 0.83
N ASP D 484 -54.56 -9.55 1.81
CA ASP D 484 -53.17 -9.20 1.56
C ASP D 484 -52.33 -9.80 2.68
N ALA D 485 -51.04 -10.02 2.41
CA ALA D 485 -50.15 -10.60 3.40
C ALA D 485 -49.57 -9.52 4.31
N VAL D 486 -48.89 -9.96 5.37
CA VAL D 486 -48.36 -9.06 6.39
C VAL D 486 -47.31 -9.90 7.13
N PRO D 487 -46.33 -9.32 7.83
CA PRO D 487 -45.36 -10.15 8.57
C PRO D 487 -45.98 -10.89 9.73
N ASP D 488 -45.22 -11.87 10.22
CA ASP D 488 -45.72 -12.92 11.08
C ASP D 488 -45.80 -12.47 12.53
N THR D 489 -46.76 -13.04 13.26
CA THR D 489 -46.90 -12.85 14.71
C THR D 489 -47.26 -14.21 15.31
N ALA D 490 -47.72 -14.20 16.56
CA ALA D 490 -48.17 -15.41 17.22
C ALA D 490 -49.68 -15.46 17.37
N ASN D 491 -50.29 -14.37 17.82
CA ASN D 491 -51.72 -14.22 17.85
C ASN D 491 -52.06 -12.77 17.49
N LEU D 492 -53.35 -12.51 17.27
CA LEU D 492 -53.76 -11.19 16.81
C LEU D 492 -53.67 -10.15 17.92
N ALA D 493 -53.57 -10.57 19.18
CA ALA D 493 -53.37 -9.61 20.25
C ALA D 493 -51.96 -9.04 20.23
N GLN D 494 -50.98 -9.82 19.79
CA GLN D 494 -49.61 -9.34 19.76
C GLN D 494 -49.38 -8.37 18.62
N GLU D 495 -50.01 -8.60 17.46
CA GLU D 495 -49.97 -7.64 16.38
C GLU D 495 -50.70 -6.35 16.75
N GLN D 496 -51.73 -6.47 17.58
CA GLN D 496 -52.40 -5.27 18.10
C GLN D 496 -51.53 -4.53 19.09
N PHE D 497 -50.60 -5.24 19.74
CA PHE D 497 -49.72 -4.64 20.73
C PHE D 497 -48.59 -3.84 20.10
N LEU D 498 -48.20 -4.17 18.88
CA LEU D 498 -47.02 -3.53 18.28
C LEU D 498 -47.33 -2.12 17.78
N GLN D 499 -48.49 -1.92 17.16
CA GLN D 499 -48.90 -0.60 16.71
C GLN D 499 -49.67 0.17 17.77
N LEU D 500 -49.46 -0.14 19.04
CA LEU D 500 -49.93 0.67 20.15
C LEU D 500 -48.78 1.28 20.92
N THR D 501 -47.77 0.49 21.26
CA THR D 501 -46.57 1.00 21.93
C THR D 501 -45.74 1.87 21.02
N GLU D 502 -45.78 1.64 19.71
CA GLU D 502 -45.21 2.60 18.76
C GLU D 502 -45.96 3.91 18.79
N LEU D 503 -47.27 3.85 18.95
CA LEU D 503 -48.09 5.06 19.02
C LEU D 503 -48.09 5.64 20.42
N ALA D 504 -47.96 4.81 21.46
CA ALA D 504 -47.90 5.33 22.82
C ALA D 504 -46.59 6.01 23.12
N ARG D 505 -45.53 5.70 22.38
CA ARG D 505 -44.22 6.26 22.67
C ARG D 505 -44.15 7.73 22.30
N LEU D 506 -44.90 8.14 21.27
CA LEU D 506 -44.91 9.54 20.88
C LEU D 506 -45.69 10.39 21.87
N TYR D 507 -46.82 9.88 22.36
CA TYR D 507 -47.60 10.63 23.34
C TYR D 507 -47.03 10.47 24.74
N GLY D 508 -47.00 9.24 25.25
CA GLY D 508 -46.39 8.99 26.53
C GLY D 508 -47.29 8.25 27.48
N PRO D 509 -46.89 8.19 28.76
CA PRO D 509 -47.66 7.42 29.74
C PRO D 509 -48.86 8.15 30.30
N GLN D 510 -49.32 9.22 29.63
CA GLN D 510 -50.46 9.97 30.12
C GLN D 510 -51.79 9.35 29.69
N GLU D 511 -51.91 8.95 28.42
CA GLU D 511 -53.19 8.46 27.90
C GLU D 511 -53.14 7.03 27.39
N VAL D 512 -52.04 6.31 27.60
CA VAL D 512 -52.01 4.87 27.35
C VAL D 512 -51.61 4.21 28.67
N PRO D 513 -52.56 3.89 29.55
CA PRO D 513 -52.21 3.38 30.88
C PRO D 513 -52.10 1.87 30.94
N PHE D 514 -51.89 1.32 32.13
CA PHE D 514 -52.06 -0.11 32.36
C PHE D 514 -53.52 -0.53 32.15
N ASP D 515 -53.70 -1.85 32.02
CA ASP D 515 -54.89 -2.61 31.63
C ASP D 515 -55.24 -2.39 30.16
N ASP D 516 -54.48 -1.57 29.44
CA ASP D 516 -54.65 -1.33 28.03
C ASP D 516 -53.38 -1.63 27.25
N LEU D 517 -52.25 -1.74 27.94
CA LEU D 517 -50.99 -2.12 27.34
C LEU D 517 -50.35 -3.33 28.03
N LEU D 518 -50.74 -3.65 29.26
CA LEU D 518 -50.36 -4.89 29.91
C LEU D 518 -51.31 -6.04 29.56
N GLU D 519 -52.56 -5.73 29.27
CA GLU D 519 -53.55 -6.77 29.03
C GLU D 519 -53.32 -7.45 27.68
N LEU D 520 -53.15 -6.68 26.62
CA LEU D 520 -52.93 -7.28 25.31
C LEU D 520 -51.44 -7.44 25.02
N SER D 521 -50.71 -8.00 25.97
CA SER D 521 -49.27 -8.18 25.86
C SER D 521 -48.97 -9.62 25.49
N SER D 522 -47.70 -10.00 25.57
CA SER D 522 -47.25 -11.35 25.26
C SER D 522 -46.46 -11.94 26.43
N MET D 523 -47.00 -11.80 27.63
CA MET D 523 -46.63 -12.18 28.99
C MET D 523 -47.31 -13.49 29.36
N PRO D 524 -46.59 -14.45 29.97
CA PRO D 524 -47.19 -15.76 30.24
C PRO D 524 -48.33 -15.77 31.24
N GLU D 525 -48.08 -15.34 32.46
CA GLU D 525 -49.08 -15.35 33.53
C GLU D 525 -49.44 -13.90 33.82
N LYS D 526 -50.61 -13.50 33.33
CA LYS D 526 -51.09 -12.15 33.59
C LYS D 526 -52.48 -12.11 34.20
N THR D 527 -53.28 -13.15 34.01
CA THR D 527 -54.59 -13.21 34.67
C THR D 527 -54.43 -13.38 36.18
N LYS D 528 -53.38 -14.08 36.60
CA LYS D 528 -53.04 -14.17 38.02
C LYS D 528 -52.15 -13.03 38.46
N LEU D 529 -51.99 -11.98 37.63
CA LEU D 529 -51.32 -10.76 38.03
C LEU D 529 -52.16 -9.51 37.81
N ILE D 530 -53.12 -9.53 36.88
CA ILE D 530 -53.92 -8.34 36.66
C ILE D 530 -55.00 -8.21 37.73
N ALA D 531 -55.30 -9.27 38.47
CA ALA D 531 -56.31 -9.23 39.51
C ALA D 531 -55.73 -8.98 40.90
N LYS D 532 -54.41 -9.08 41.05
CA LYS D 532 -53.75 -8.68 42.29
C LYS D 532 -53.28 -7.24 42.24
N ARG D 533 -53.45 -6.56 41.11
CA ARG D 533 -53.22 -5.13 41.02
C ARG D 533 -54.50 -4.34 40.86
N ARG D 534 -55.56 -4.94 40.34
CA ARG D 534 -56.85 -4.27 40.28
C ARG D 534 -57.45 -4.14 41.67
N GLU D 535 -57.12 -5.05 42.58
CA GLU D 535 -57.68 -4.99 43.92
C GLU D 535 -57.05 -3.88 44.74
N ARG D 536 -55.79 -3.52 44.46
CA ARG D 536 -55.14 -2.45 45.20
C ARG D 536 -55.63 -1.06 44.79
N SER D 537 -56.18 -0.92 43.59
CA SER D 537 -56.83 0.32 43.18
C SER D 537 -58.32 0.30 43.49
N GLU D 538 -58.75 -0.57 44.38
CA GLU D 538 -60.14 -0.64 44.81
C GLU D 538 -60.27 -0.60 46.32
N GLN D 539 -59.32 -1.19 47.06
CA GLN D 539 -59.28 -0.98 48.50
C GLN D 539 -58.62 0.34 48.86
N MET D 540 -57.98 1.01 47.91
CA MET D 540 -57.49 2.36 48.12
C MET D 540 -58.54 3.41 47.73
N ALA D 541 -59.39 3.10 46.76
CA ALA D 541 -60.47 3.99 46.40
C ALA D 541 -61.55 4.06 47.47
N GLN D 542 -61.63 3.05 48.34
CA GLN D 542 -62.51 3.13 49.50
C GLN D 542 -61.94 4.00 50.61
N VAL D 543 -60.63 4.26 50.59
CA VAL D 543 -60.07 5.27 51.48
C VAL D 543 -60.35 6.66 50.95
N GLN D 544 -60.08 6.89 49.66
CA GLN D 544 -60.26 8.22 49.07
C GLN D 544 -61.71 8.58 48.75
N ALA D 545 -62.66 7.74 49.15
CA ALA D 545 -64.08 8.11 49.13
C ALA D 545 -64.65 8.32 50.53
N GLN D 546 -64.30 7.45 51.48
CA GLN D 546 -64.79 7.64 52.85
C GLN D 546 -64.05 8.76 53.57
N GLN D 547 -62.90 9.18 53.06
CA GLN D 547 -62.24 10.39 53.54
C GLN D 547 -62.65 11.63 52.76
N GLY D 548 -63.35 11.46 51.63
CA GLY D 548 -63.78 12.57 50.83
C GLY D 548 -65.23 12.92 51.07
N GLN D 549 -66.03 11.93 51.45
CA GLN D 549 -67.44 12.15 51.78
C GLN D 549 -67.64 12.64 53.21
N MET D 550 -66.58 12.82 53.98
CA MET D 550 -66.65 13.60 55.21
C MET D 550 -65.78 14.84 55.14
N GLN D 551 -65.49 15.30 53.93
CA GLN D 551 -64.99 16.65 53.67
C GLN D 551 -65.93 17.45 52.78
N GLU D 552 -66.45 16.81 51.76
CA GLU D 552 -67.31 17.46 50.77
C GLU D 552 -68.74 17.63 51.27
N GLN D 553 -69.07 17.15 52.47
CA GLN D 553 -70.33 17.47 53.14
C GLN D 553 -70.12 18.43 54.30
N ILE D 554 -68.87 18.67 54.69
CA ILE D 554 -68.58 19.59 55.78
C ILE D 554 -67.95 20.89 55.27
N ALA D 555 -67.28 20.88 54.13
CA ALA D 555 -66.83 22.13 53.53
C ALA D 555 -67.93 22.84 52.73
N MET D 556 -69.12 22.25 52.61
CA MET D 556 -70.24 22.90 51.95
C MET D 556 -71.54 22.32 52.50
N GLN D 557 -72.61 23.13 52.43
CA GLN D 557 -73.95 22.93 52.98
C GLN D 557 -73.97 22.85 54.50
N GLY D 558 -72.82 23.04 55.13
CA GLY D 558 -72.62 23.16 56.56
C GLY D 558 -71.31 23.91 56.62
N ALA D 559 -71.22 24.93 57.48
CA ALA D 559 -70.05 25.82 57.65
C ALA D 559 -69.72 26.65 56.41
N MET D 560 -70.48 26.51 55.32
CA MET D 560 -70.30 27.30 54.12
C MET D 560 -71.62 27.78 53.53
N ALA D 561 -72.73 27.11 53.82
CA ALA D 561 -74.05 27.69 53.59
C ALA D 561 -74.47 28.60 54.74
N GLU D 562 -73.79 28.50 55.88
CA GLU D 562 -74.05 29.41 56.99
C GLU D 562 -73.37 30.75 56.83
N ILE D 563 -72.56 30.93 55.78
CA ILE D 563 -72.16 32.28 55.40
C ILE D 563 -73.26 32.97 54.64
N GLU D 564 -74.31 32.22 54.23
CA GLU D 564 -75.55 32.80 53.76
C GLU D 564 -76.57 32.91 54.88
N ASN D 565 -76.14 32.74 56.13
CA ASN D 565 -77.02 32.88 57.28
C ASN D 565 -76.48 33.86 58.30
N THR D 566 -75.29 34.41 58.08
CA THR D 566 -74.74 35.43 58.94
C THR D 566 -74.29 36.64 58.15
N GLN D 567 -74.35 36.57 56.82
CA GLN D 567 -74.02 37.67 55.93
C GLN D 567 -75.18 38.03 55.02
N ALA D 568 -76.09 37.10 54.77
CA ALA D 568 -77.40 37.44 54.22
C ALA D 568 -78.40 37.80 55.30
N ASP D 569 -78.11 37.49 56.55
CA ASP D 569 -79.03 37.76 57.65
C ASP D 569 -78.71 39.05 58.38
N THR D 570 -77.43 39.43 58.49
CA THR D 570 -77.11 40.76 58.97
C THR D 570 -77.43 41.84 57.96
N ALA D 571 -77.76 41.46 56.72
CA ALA D 571 -78.36 42.35 55.75
C ALA D 571 -79.66 42.99 56.25
N TYR D 572 -80.42 42.30 57.11
CA TYR D 572 -81.62 42.89 57.66
C TYR D 572 -81.34 43.71 58.92
N LEU D 573 -80.14 43.61 59.50
CA LEU D 573 -79.84 44.47 60.63
C LEU D 573 -79.48 45.87 60.18
N ALA D 574 -78.55 45.98 59.23
CA ALA D 574 -78.18 47.26 58.65
C ALA D 574 -79.33 47.90 57.89
N ALA D 575 -80.32 47.11 57.45
CA ALA D 575 -81.50 47.67 56.81
C ALA D 575 -82.52 48.17 57.82
N ARG D 576 -82.67 47.49 58.96
CA ARG D 576 -83.67 47.92 59.94
C ARG D 576 -83.20 49.17 60.68
N ALA D 577 -81.89 49.35 60.83
CA ALA D 577 -81.37 50.55 61.47
C ALA D 577 -81.48 51.77 60.56
N GLN D 578 -81.91 51.59 59.32
CA GLN D 578 -82.29 52.68 58.45
C GLN D 578 -83.72 53.13 58.68
N ASN D 579 -84.65 52.18 58.85
CA ASN D 579 -86.05 52.49 59.10
C ASN D 579 -86.24 53.05 60.50
N GLU D 580 -85.39 52.66 61.44
CA GLU D 580 -85.39 53.20 62.79
C GLU D 580 -84.45 54.40 62.85
N MET D 581 -83.96 54.83 61.69
CA MET D 581 -83.33 56.12 61.55
C MET D 581 -84.22 57.10 60.79
N LEU D 582 -85.24 56.59 60.11
CA LEU D 582 -86.32 57.39 59.56
C LEU D 582 -87.20 58.00 60.64
N LYS D 583 -87.22 57.41 61.83
CA LYS D 583 -88.04 57.94 62.92
C LYS D 583 -87.47 59.17 63.63
N PRO D 584 -86.16 59.22 64.10
CA PRO D 584 -85.79 60.37 64.94
C PRO D 584 -85.54 61.69 64.22
N GLN D 585 -85.92 61.81 62.94
CA GLN D 585 -85.94 63.11 62.29
C GLN D 585 -87.36 63.67 62.20
N ILE D 586 -88.25 62.94 61.53
CA ILE D 586 -89.62 63.40 61.31
C ILE D 586 -90.57 62.44 62.02
N GLU D 587 -91.67 63.01 62.53
CA GLU D 587 -92.64 62.33 63.41
C GLU D 587 -91.93 61.78 64.65
N ALA D 588 -91.07 62.62 65.22
CA ALA D 588 -90.43 62.35 66.51
C ALA D 588 -90.66 63.46 67.52
N PHE D 589 -90.60 64.71 67.08
CA PHE D 589 -90.81 65.86 67.96
C PHE D 589 -91.52 66.95 67.16
N LYS D 590 -92.75 67.25 67.50
CA LYS D 590 -93.51 68.29 66.82
C LYS D 590 -94.55 68.91 67.75
N THR E 4 -79.34 -27.79 -25.07
CA THR E 4 -78.25 -28.24 -24.20
C THR E 4 -77.90 -29.69 -24.47
N MET E 5 -76.89 -30.20 -23.76
CA MET E 5 -76.43 -31.57 -23.95
C MET E 5 -76.30 -32.31 -22.63
N THR E 6 -75.67 -33.48 -22.70
CA THR E 6 -75.52 -34.37 -21.56
C THR E 6 -74.09 -34.30 -21.04
N MET E 7 -73.80 -35.14 -20.08
CA MET E 7 -72.48 -35.15 -19.47
C MET E 7 -71.53 -36.08 -20.24
N PRO E 8 -70.23 -35.77 -20.27
CA PRO E 8 -69.30 -36.58 -21.04
C PRO E 8 -69.10 -37.96 -20.43
N SER E 9 -68.96 -38.96 -21.30
CA SER E 9 -69.05 -40.35 -20.87
C SER E 9 -67.86 -41.15 -21.38
N HIS E 10 -66.74 -41.06 -20.66
CA HIS E 10 -65.65 -42.03 -20.61
C HIS E 10 -64.92 -42.25 -21.94
N ALA E 11 -65.34 -41.64 -23.00
CA ALA E 11 -64.56 -41.70 -24.23
C ALA E 11 -63.95 -40.35 -24.55
N GLN E 12 -64.70 -39.27 -24.39
CA GLN E 12 -64.13 -37.94 -24.41
C GLN E 12 -63.70 -37.47 -23.02
N LEU E 13 -63.48 -38.39 -22.10
CA LEU E 13 -62.68 -38.10 -20.92
C LEU E 13 -61.30 -38.72 -20.97
N LYS E 14 -61.17 -39.93 -21.53
CA LYS E 14 -59.83 -40.43 -21.82
C LYS E 14 -59.18 -39.64 -22.94
N ALA E 15 -59.98 -39.10 -23.85
CA ALA E 15 -59.44 -38.27 -24.93
C ALA E 15 -58.98 -36.90 -24.45
N TYR E 16 -59.35 -36.51 -23.24
CA TYR E 16 -58.75 -35.31 -22.67
C TYR E 16 -57.46 -35.61 -21.95
N PHE E 17 -57.41 -36.73 -21.23
CA PHE E 17 -56.20 -37.10 -20.51
C PHE E 17 -55.08 -37.44 -21.46
N GLU E 18 -55.41 -37.99 -22.62
CA GLU E 18 -54.41 -38.46 -23.57
C GLU E 18 -53.90 -37.36 -24.48
N GLU E 19 -54.69 -36.30 -24.67
CA GLU E 19 -54.13 -35.11 -25.32
C GLU E 19 -53.17 -34.38 -24.40
N ALA E 20 -53.40 -34.43 -23.10
CA ALA E 20 -52.50 -33.84 -22.11
C ALA E 20 -51.41 -34.79 -21.66
N ARG E 21 -51.14 -35.84 -22.41
CA ARG E 21 -49.99 -36.69 -22.18
C ARG E 21 -49.21 -36.83 -23.48
N ASP E 22 -49.92 -36.76 -24.61
CA ASP E 22 -49.26 -36.76 -25.91
C ASP E 22 -48.50 -35.45 -26.10
N ALA E 23 -49.15 -34.33 -25.85
CA ALA E 23 -48.46 -33.07 -25.70
C ALA E 23 -47.94 -32.97 -24.28
N ASN E 24 -47.36 -31.79 -23.96
CA ASN E 24 -46.65 -31.38 -22.76
C ASN E 24 -45.82 -32.49 -22.11
N GLU E 25 -45.16 -33.29 -22.94
CA GLU E 25 -44.23 -34.30 -22.49
C GLU E 25 -42.82 -33.88 -22.81
N GLU E 26 -42.66 -32.81 -23.59
CA GLU E 26 -41.34 -32.32 -23.95
C GLU E 26 -40.65 -31.65 -22.77
N TYR E 27 -41.41 -30.93 -21.93
CA TYR E 27 -40.79 -30.33 -20.76
C TYR E 27 -40.96 -31.19 -19.52
N ARG E 28 -42.00 -31.99 -19.48
CA ARG E 28 -42.27 -32.81 -18.30
C ARG E 28 -41.26 -33.92 -18.17
N LYS E 29 -40.72 -34.41 -19.30
CA LYS E 29 -39.56 -35.28 -19.30
C LYS E 29 -38.27 -34.51 -19.18
N GLU E 30 -38.32 -33.19 -19.32
CA GLU E 30 -37.15 -32.36 -19.16
C GLU E 30 -37.05 -31.77 -17.76
N ALA E 31 -38.18 -31.56 -17.09
CA ALA E 31 -38.13 -31.08 -15.71
C ALA E 31 -37.67 -32.13 -14.74
N PHE E 32 -37.84 -33.41 -15.06
CA PHE E 32 -37.27 -34.47 -14.26
C PHE E 32 -35.78 -34.60 -14.44
N ILE E 33 -35.24 -34.17 -15.57
CA ILE E 33 -33.79 -34.06 -15.69
C ILE E 33 -33.28 -32.97 -14.76
N ASP E 34 -34.00 -31.86 -14.67
CA ASP E 34 -33.62 -30.76 -13.77
C ASP E 34 -33.71 -31.15 -12.32
N ARG E 35 -34.56 -32.12 -11.99
CA ARG E 35 -34.70 -32.56 -10.61
C ARG E 35 -33.48 -33.32 -10.15
N ASP E 36 -33.12 -34.39 -10.87
CA ASP E 36 -31.99 -35.23 -10.47
C ASP E 36 -30.69 -34.66 -11.01
N TYR E 37 -30.67 -33.36 -11.26
CA TYR E 37 -29.48 -32.63 -11.60
C TYR E 37 -29.00 -31.77 -10.45
N PHE E 38 -29.83 -31.56 -9.43
CA PHE E 38 -29.35 -30.79 -8.31
C PHE E 38 -29.09 -31.66 -7.10
N ASP E 39 -29.54 -32.91 -7.10
CA ASP E 39 -29.13 -33.85 -6.08
C ASP E 39 -28.34 -34.98 -6.73
N GLY E 40 -27.06 -34.71 -6.95
CA GLY E 40 -26.18 -35.63 -7.62
C GLY E 40 -26.60 -35.88 -9.07
N HIS E 41 -26.06 -36.97 -9.61
CA HIS E 41 -26.46 -37.57 -10.88
C HIS E 41 -26.28 -36.60 -12.04
N GLN E 42 -25.11 -35.98 -12.10
CA GLN E 42 -24.79 -35.05 -13.16
C GLN E 42 -24.01 -35.71 -14.29
N TRP E 43 -24.01 -37.03 -14.35
CA TRP E 43 -23.29 -37.78 -15.37
C TRP E 43 -24.26 -38.74 -16.05
N THR E 44 -24.22 -38.78 -17.38
CA THR E 44 -25.07 -39.70 -18.11
C THR E 44 -24.52 -41.11 -18.03
N GLU E 45 -25.33 -42.08 -18.43
CA GLU E 45 -24.92 -43.47 -18.31
C GLU E 45 -23.92 -43.90 -19.38
N GLU E 46 -23.68 -43.10 -20.40
CA GLU E 46 -22.64 -43.38 -21.36
C GLU E 46 -21.31 -42.76 -20.97
N GLU E 47 -21.34 -41.59 -20.35
CA GLU E 47 -20.12 -40.97 -19.86
C GLU E 47 -19.60 -41.65 -18.61
N LEU E 48 -20.51 -42.18 -17.78
CA LEU E 48 -20.11 -42.82 -16.54
C LEU E 48 -19.51 -44.19 -16.79
N GLN E 49 -19.84 -44.83 -17.91
CA GLN E 49 -19.26 -46.10 -18.27
C GLN E 49 -17.83 -45.93 -18.78
N LYS E 50 -17.57 -44.86 -19.50
CA LYS E 50 -16.26 -44.68 -20.12
C LYS E 50 -15.21 -44.20 -19.11
N LEU E 51 -15.61 -43.47 -18.07
CA LEU E 51 -14.66 -43.07 -17.04
C LEU E 51 -14.14 -44.26 -16.26
N GLU E 52 -14.96 -45.31 -16.10
CA GLU E 52 -14.51 -46.51 -15.41
C GLU E 52 -13.55 -47.34 -16.24
N ALA E 53 -13.54 -47.16 -17.56
CA ALA E 53 -12.58 -47.85 -18.40
C ALA E 53 -11.22 -47.20 -18.38
N ARG E 54 -11.13 -45.95 -17.95
CA ARG E 54 -9.85 -45.33 -17.69
C ARG E 54 -9.42 -45.49 -16.24
N LYS E 55 -10.20 -46.26 -15.46
CA LYS E 55 -10.03 -46.43 -14.01
C LYS E 55 -10.05 -45.10 -13.26
N GLN E 56 -10.84 -44.14 -13.73
CA GLN E 56 -10.89 -42.79 -13.19
C GLN E 56 -12.11 -42.62 -12.30
N PRO E 57 -11.99 -41.94 -11.17
CA PRO E 57 -13.18 -41.60 -10.40
C PRO E 57 -14.03 -40.58 -11.13
N ALA E 58 -15.31 -40.58 -10.81
CA ALA E 58 -16.29 -39.73 -11.46
C ALA E 58 -16.67 -38.61 -10.50
N THR E 59 -15.86 -37.55 -10.48
CA THR E 59 -16.07 -36.47 -9.54
C THR E 59 -17.02 -35.42 -10.10
N TYR E 60 -17.82 -34.83 -9.22
CA TYR E 60 -18.68 -33.71 -9.58
C TYR E 60 -18.68 -32.69 -8.44
N PHE E 61 -18.90 -31.44 -8.80
CA PHE E 61 -18.89 -30.33 -7.86
C PHE E 61 -20.28 -29.70 -7.90
N ASN E 62 -21.14 -30.15 -7.00
CA ASN E 62 -22.57 -29.86 -7.07
C ASN E 62 -22.80 -28.41 -6.64
N GLU E 63 -22.54 -27.50 -7.58
CA GLU E 63 -22.60 -26.08 -7.31
C GLU E 63 -23.94 -25.49 -7.72
N VAL E 64 -24.94 -26.34 -7.94
CA VAL E 64 -26.29 -25.90 -8.28
C VAL E 64 -27.27 -26.20 -7.15
N LYS E 65 -26.85 -26.91 -6.12
CA LYS E 65 -27.62 -26.98 -4.89
C LYS E 65 -27.40 -25.74 -4.05
N LEU E 66 -26.21 -25.16 -4.11
CA LEU E 66 -25.91 -23.93 -3.37
C LEU E 66 -26.75 -22.75 -3.83
N SER E 67 -27.04 -22.67 -5.11
CA SER E 67 -27.80 -21.56 -5.64
C SER E 67 -29.29 -21.67 -5.37
N ILE E 68 -29.77 -22.81 -4.90
CA ILE E 68 -31.19 -23.02 -4.67
C ILE E 68 -31.44 -23.06 -3.18
N ARG E 69 -30.50 -23.62 -2.43
CA ARG E 69 -30.67 -23.79 -0.99
C ARG E 69 -30.65 -22.46 -0.26
N GLY E 70 -29.93 -21.48 -0.79
CA GLY E 70 -29.96 -20.17 -0.20
C GLY E 70 -31.00 -19.26 -0.77
N LEU E 71 -31.71 -19.71 -1.80
CA LEU E 71 -32.75 -18.91 -2.42
C LEU E 71 -34.14 -19.32 -1.98
N VAL E 72 -34.30 -20.57 -1.57
CA VAL E 72 -35.49 -20.97 -0.85
C VAL E 72 -35.46 -20.41 0.56
N GLY E 73 -34.27 -20.34 1.16
CA GLY E 73 -34.11 -19.85 2.52
C GLY E 73 -34.38 -18.38 2.71
N VAL E 74 -34.48 -17.62 1.64
CA VAL E 74 -34.95 -16.24 1.73
C VAL E 74 -36.47 -16.19 1.79
N PHE E 75 -37.13 -16.97 0.93
CA PHE E 75 -38.58 -17.09 0.98
C PHE E 75 -39.06 -17.72 2.27
N GLU E 76 -38.33 -18.71 2.77
CA GLU E 76 -38.77 -19.49 3.89
C GLU E 76 -38.70 -18.71 5.20
N GLN E 77 -37.81 -17.71 5.27
CA GLN E 77 -37.72 -16.91 6.48
C GLN E 77 -38.77 -15.81 6.50
N GLY E 78 -39.02 -15.16 5.37
CA GLY E 78 -39.95 -14.06 5.35
C GLY E 78 -41.39 -14.52 5.13
N ASP E 79 -41.88 -15.40 5.99
CA ASP E 79 -43.21 -15.96 5.85
C ASP E 79 -44.27 -14.93 6.21
N SER E 80 -45.53 -15.33 6.05
CA SER E 80 -46.61 -14.39 6.19
C SER E 80 -47.88 -15.09 6.64
N ASP E 81 -48.56 -14.48 7.54
CA ASP E 81 -49.92 -14.79 7.92
C ASP E 81 -50.87 -13.81 7.25
N PRO E 82 -52.08 -14.25 6.88
CA PRO E 82 -52.95 -13.40 6.06
C PRO E 82 -53.57 -12.27 6.88
N ARG E 83 -54.27 -11.39 6.17
CA ARG E 83 -54.76 -10.13 6.71
C ARG E 83 -55.74 -9.53 5.73
N ALA E 84 -56.82 -8.94 6.24
CA ALA E 84 -57.82 -8.29 5.39
C ALA E 84 -57.85 -6.81 5.72
N TRP E 85 -57.91 -5.98 4.68
CA TRP E 85 -57.88 -4.54 4.85
C TRP E 85 -59.22 -3.92 4.48
N PRO E 86 -59.98 -3.37 5.43
CA PRO E 86 -61.26 -2.75 5.09
C PRO E 86 -61.04 -1.51 4.24
N ARG E 87 -61.76 -1.40 3.13
CA ARG E 87 -61.35 -0.39 2.15
C ARG E 87 -61.80 1.01 2.55
N ASN E 88 -62.82 1.13 3.37
CA ASN E 88 -63.25 2.45 3.83
C ASN E 88 -63.92 2.34 5.18
N PRO E 89 -63.42 3.03 6.19
CA PRO E 89 -63.90 2.76 7.56
C PRO E 89 -65.25 3.35 7.86
N GLN E 90 -66.26 3.02 7.05
CA GLN E 90 -67.65 3.28 7.36
C GLN E 90 -68.30 1.91 7.40
N ASP E 91 -68.29 1.31 8.58
CA ASP E 91 -68.86 -0.01 8.85
C ASP E 91 -68.20 -1.08 7.99
N GLU E 92 -66.90 -0.94 7.72
CA GLU E 92 -66.18 -2.03 7.09
C GLU E 92 -65.08 -2.60 7.96
N ASP E 93 -64.66 -1.88 9.00
CA ASP E 93 -63.73 -2.48 9.95
C ASP E 93 -64.44 -3.44 10.88
N SER E 94 -65.75 -3.25 11.08
CA SER E 94 -66.52 -4.20 11.88
C SER E 94 -66.63 -5.54 11.17
N ALA E 95 -66.60 -5.55 9.84
CA ALA E 95 -66.63 -6.75 9.03
C ALA E 95 -65.23 -7.26 8.72
N ASP E 96 -64.29 -7.05 9.63
CA ASP E 96 -62.93 -7.56 9.50
C ASP E 96 -62.68 -8.62 10.57
N ILE E 97 -63.73 -9.39 10.84
CA ILE E 97 -63.64 -10.67 11.54
C ILE E 97 -62.98 -11.71 10.65
N ALA E 98 -62.97 -11.47 9.33
CA ALA E 98 -62.43 -12.40 8.35
C ALA E 98 -60.96 -12.70 8.59
N THR E 99 -60.17 -11.70 8.99
CA THR E 99 -58.77 -11.99 9.30
C THR E 99 -58.58 -12.73 10.60
N LYS E 100 -59.62 -12.90 11.41
CA LYS E 100 -59.54 -13.66 12.64
C LYS E 100 -59.97 -15.11 12.42
N ALA E 101 -60.61 -15.40 11.29
CA ALA E 101 -61.03 -16.75 10.95
C ALA E 101 -60.47 -17.22 9.62
N LEU E 102 -59.63 -16.43 8.97
CA LEU E 102 -58.90 -16.91 7.81
C LEU E 102 -57.49 -17.34 8.16
N ARG E 103 -56.95 -16.88 9.28
CA ARG E 103 -55.77 -17.46 9.89
C ARG E 103 -56.12 -18.57 10.85
N TYR E 104 -57.37 -19.02 10.83
CA TYR E 104 -57.74 -20.29 11.42
C TYR E 104 -57.38 -21.44 10.50
N VAL E 105 -57.61 -21.29 9.19
CA VAL E 105 -57.36 -22.38 8.25
C VAL E 105 -55.90 -22.45 7.84
N LYS E 106 -55.12 -21.39 8.08
CA LYS E 106 -53.68 -21.44 7.87
C LYS E 106 -53.00 -22.17 9.02
N ASP E 107 -53.68 -22.37 10.13
CA ASP E 107 -53.15 -23.10 11.26
C ASP E 107 -53.72 -24.50 11.40
N TYR E 108 -54.93 -24.76 10.88
CA TYR E 108 -55.47 -26.11 10.91
C TYR E 108 -54.76 -27.03 9.95
N SER E 109 -54.47 -26.54 8.76
CA SER E 109 -53.95 -27.36 7.69
C SER E 109 -52.44 -27.44 7.65
N GLU E 110 -51.76 -26.80 8.59
CA GLU E 110 -50.30 -26.67 8.65
C GLU E 110 -49.76 -26.08 7.34
N TRP E 111 -50.15 -24.86 7.06
CA TRP E 111 -49.56 -24.17 5.93
C TRP E 111 -48.24 -23.54 6.27
N SER E 112 -47.83 -23.57 7.54
CA SER E 112 -46.58 -22.93 7.93
C SER E 112 -45.37 -23.71 7.45
N ASP E 113 -45.52 -25.01 7.19
CA ASP E 113 -44.40 -25.81 6.70
C ASP E 113 -44.61 -26.35 5.30
N GLU E 114 -45.85 -26.41 4.83
CA GLU E 114 -46.12 -26.87 3.49
C GLU E 114 -46.07 -25.74 2.48
N ARG E 115 -45.77 -24.53 2.92
CA ARG E 115 -45.44 -23.47 2.00
C ARG E 115 -44.00 -23.55 1.53
N SER E 116 -43.15 -24.26 2.28
CA SER E 116 -41.77 -24.49 1.89
C SER E 116 -41.64 -25.75 1.07
N ARG E 117 -42.73 -26.47 0.86
CA ARG E 117 -42.74 -27.63 -0.01
C ARG E 117 -43.29 -27.30 -1.39
N ALA E 118 -44.07 -26.23 -1.48
CA ALA E 118 -44.48 -25.67 -2.75
C ALA E 118 -43.45 -24.72 -3.31
N ALA E 119 -42.50 -24.26 -2.50
CA ALA E 119 -41.42 -23.41 -3.01
C ALA E 119 -40.28 -24.21 -3.58
N LEU E 120 -40.03 -25.40 -3.05
CA LEU E 120 -38.95 -26.23 -3.56
C LEU E 120 -39.30 -26.88 -4.88
N ASN E 121 -40.57 -27.11 -5.17
CA ASN E 121 -41.00 -27.55 -6.49
C ASN E 121 -41.27 -26.39 -7.42
N TYR E 122 -41.02 -25.18 -6.98
CA TYR E 122 -41.23 -24.00 -7.81
C TYR E 122 -39.96 -23.51 -8.46
N PHE E 123 -38.81 -23.77 -7.86
CA PHE E 123 -37.55 -23.35 -8.47
C PHE E 123 -36.85 -24.48 -9.18
N VAL E 124 -37.01 -25.72 -8.71
CA VAL E 124 -36.33 -26.85 -9.35
C VAL E 124 -37.16 -27.38 -10.51
N GLU E 125 -38.44 -27.61 -10.27
CA GLU E 125 -39.38 -27.96 -11.32
C GLU E 125 -39.88 -26.67 -11.94
N GLY E 126 -40.97 -26.75 -12.69
CA GLY E 126 -41.54 -25.52 -13.20
C GLY E 126 -42.63 -24.91 -12.36
N THR E 127 -43.62 -25.73 -11.98
CA THR E 127 -44.87 -25.24 -11.44
C THR E 127 -45.01 -25.64 -9.97
N CYS E 128 -45.79 -24.86 -9.24
CA CYS E 128 -46.27 -25.26 -7.93
C CYS E 128 -47.79 -25.25 -7.95
N ALA E 129 -48.41 -26.05 -7.10
CA ALA E 129 -49.87 -26.18 -7.17
C ALA E 129 -50.43 -26.56 -5.81
N ALA E 130 -51.70 -26.24 -5.59
CA ALA E 130 -52.40 -26.59 -4.36
C ALA E 130 -53.89 -26.59 -4.61
N ILE E 131 -54.60 -27.41 -3.84
CA ILE E 131 -56.06 -27.52 -3.94
C ILE E 131 -56.67 -27.21 -2.58
N VAL E 132 -57.67 -26.34 -2.57
CA VAL E 132 -58.34 -25.92 -1.34
C VAL E 132 -59.79 -26.38 -1.39
N GLY E 133 -60.20 -27.16 -0.40
CA GLY E 133 -61.51 -27.76 -0.42
C GLY E 133 -61.92 -28.24 0.95
N VAL E 134 -63.21 -28.45 1.12
CA VAL E 134 -63.82 -28.64 2.44
C VAL E 134 -64.02 -30.11 2.70
N ASP E 135 -63.51 -30.58 3.84
CA ASP E 135 -63.55 -32.01 4.17
C ASP E 135 -64.89 -32.44 4.74
N GLU E 136 -64.91 -33.61 5.40
CA GLU E 136 -66.15 -34.24 5.85
C GLU E 136 -66.87 -33.43 6.92
N ASN E 137 -66.15 -32.59 7.67
CA ASN E 137 -66.79 -31.68 8.60
C ASN E 137 -67.14 -30.39 7.87
N GLY E 138 -67.38 -29.32 8.61
CA GLY E 138 -67.65 -28.06 7.95
C GLY E 138 -66.41 -27.23 7.69
N ARG E 139 -65.26 -27.72 8.04
CA ARG E 139 -64.09 -26.83 8.01
C ARG E 139 -63.33 -26.98 6.69
N PRO E 140 -62.62 -25.95 6.24
CA PRO E 140 -61.86 -26.08 5.00
C PRO E 140 -60.40 -26.43 5.21
N GLU E 141 -59.85 -27.05 4.18
CA GLU E 141 -58.55 -27.70 4.19
C GLU E 141 -57.85 -27.39 2.87
N ILE E 142 -56.54 -27.21 2.93
CA ILE E 142 -55.73 -26.89 1.76
C ILE E 142 -54.63 -27.93 1.65
N GLU E 143 -54.73 -28.81 0.66
CA GLU E 143 -53.70 -29.79 0.39
C GLU E 143 -52.76 -29.30 -0.69
N PRO E 144 -51.46 -29.50 -0.55
CA PRO E 144 -50.55 -29.29 -1.67
C PRO E 144 -50.47 -30.53 -2.55
N ILE E 145 -50.60 -30.31 -3.84
CA ILE E 145 -50.52 -31.36 -4.84
C ILE E 145 -49.14 -31.34 -5.47
N ARG E 146 -48.51 -32.51 -5.56
CA ARG E 146 -47.13 -32.61 -6.01
C ARG E 146 -47.02 -32.33 -7.50
N PHE E 147 -45.80 -31.99 -7.93
CA PHE E 147 -45.58 -31.71 -9.35
C PHE E 147 -45.64 -32.98 -10.19
N GLU E 148 -45.29 -34.12 -9.62
CA GLU E 148 -45.26 -35.38 -10.35
C GLU E 148 -46.64 -35.89 -10.73
N GLU E 149 -47.71 -35.20 -10.32
CA GLU E 149 -49.06 -35.64 -10.61
C GLU E 149 -50.00 -34.49 -10.96
N PHE E 150 -49.53 -33.24 -11.03
CA PHE E 150 -50.39 -32.20 -11.54
C PHE E 150 -50.56 -32.34 -13.04
N PHE E 151 -51.69 -31.88 -13.54
CA PHE E 151 -52.21 -32.32 -14.82
C PHE E 151 -53.14 -31.24 -15.37
N HIS E 152 -52.69 -30.54 -16.41
CA HIS E 152 -53.48 -29.48 -17.01
C HIS E 152 -53.55 -29.69 -18.51
N ASP E 153 -54.14 -28.77 -19.22
CA ASP E 153 -54.16 -28.94 -20.66
C ASP E 153 -53.00 -28.23 -21.31
N PRO E 154 -52.63 -28.59 -22.52
CA PRO E 154 -51.85 -27.70 -23.37
C PRO E 154 -52.79 -26.68 -23.99
N ARG E 155 -52.24 -25.86 -24.88
CA ARG E 155 -52.94 -24.73 -25.51
C ARG E 155 -53.45 -23.75 -24.45
N SER E 156 -52.62 -23.55 -23.42
CA SER E 156 -52.88 -22.60 -22.35
C SER E 156 -51.62 -21.76 -22.21
N ARG E 157 -51.62 -20.59 -22.85
CA ARG E 157 -50.41 -19.79 -23.00
C ARG E 157 -49.98 -19.16 -21.69
N GLU E 158 -50.89 -19.03 -20.74
CA GLU E 158 -50.68 -18.14 -19.62
C GLU E 158 -50.15 -18.87 -18.39
N LEU E 159 -49.21 -18.23 -17.67
CA LEU E 159 -48.57 -18.83 -16.51
C LEU E 159 -49.38 -18.71 -15.23
N ASP E 160 -50.65 -18.37 -15.31
CA ASP E 160 -51.53 -18.37 -14.15
C ASP E 160 -52.67 -19.36 -14.35
N PHE E 161 -52.68 -20.06 -15.49
CA PHE E 161 -53.68 -21.08 -15.84
C PHE E 161 -55.09 -20.49 -15.89
N SER E 162 -55.20 -19.26 -16.37
CA SER E 162 -56.52 -18.66 -16.52
C SER E 162 -57.22 -19.21 -17.76
N ASP E 163 -56.45 -19.51 -18.80
CA ASP E 163 -56.98 -19.94 -20.10
C ASP E 163 -57.20 -21.44 -20.17
N ALA E 164 -56.98 -22.16 -19.08
CA ALA E 164 -57.08 -23.61 -19.11
C ALA E 164 -58.53 -24.04 -19.18
N ARG E 165 -58.74 -25.24 -19.70
CA ARG E 165 -60.07 -25.83 -19.79
C ARG E 165 -60.28 -26.97 -18.82
N PHE E 166 -59.22 -27.70 -18.46
CA PHE E 166 -59.37 -28.77 -17.48
C PHE E 166 -58.09 -28.96 -16.68
N LYS E 167 -58.23 -29.31 -15.39
CA LYS E 167 -57.13 -29.50 -14.46
C LYS E 167 -57.49 -30.61 -13.49
N GLY E 168 -56.50 -31.38 -13.05
CA GLY E 168 -56.76 -32.57 -12.25
C GLY E 168 -55.59 -32.98 -11.37
N VAL E 169 -55.68 -34.17 -10.78
CA VAL E 169 -54.68 -34.58 -9.78
C VAL E 169 -53.96 -35.91 -10.04
N ALA E 170 -54.57 -36.85 -10.79
CA ALA E 170 -53.96 -38.04 -11.42
C ALA E 170 -53.02 -38.85 -10.51
N LYS E 171 -53.58 -39.48 -9.49
CA LYS E 171 -52.78 -40.14 -8.47
C LYS E 171 -52.65 -41.64 -8.67
N TRP E 172 -51.81 -42.25 -7.83
CA TRP E 172 -51.76 -43.69 -7.60
C TRP E 172 -52.20 -43.97 -6.17
N ARG E 173 -53.10 -44.92 -6.00
CA ARG E 173 -53.58 -45.28 -4.68
C ARG E 173 -53.50 -46.79 -4.49
N PHE E 174 -53.86 -47.24 -3.30
CA PHE E 174 -53.97 -48.66 -3.02
C PHE E 174 -55.37 -49.14 -3.39
N ALA E 175 -55.45 -50.37 -3.92
CA ALA E 175 -56.72 -50.89 -4.36
C ALA E 175 -57.65 -51.24 -3.21
N ASP E 176 -57.11 -51.39 -2.00
CA ASP E 176 -57.96 -51.55 -0.83
C ASP E 176 -58.73 -50.26 -0.52
N GLU E 177 -58.03 -49.12 -0.55
CA GLU E 177 -58.60 -47.86 -0.13
C GLU E 177 -59.28 -47.09 -1.26
N VAL E 178 -59.72 -47.81 -2.29
CA VAL E 178 -60.55 -47.24 -3.35
C VAL E 178 -61.85 -47.99 -3.49
N GLY E 179 -61.78 -49.32 -3.63
CA GLY E 179 -62.98 -50.10 -3.84
C GLY E 179 -63.83 -50.22 -2.59
N MET E 180 -63.20 -50.33 -1.43
CA MET E 180 -63.91 -50.30 -0.16
C MET E 180 -64.17 -48.89 0.33
N GLU E 181 -64.04 -47.91 -0.55
CA GLU E 181 -64.50 -46.55 -0.31
C GLU E 181 -65.66 -46.16 -1.22
N TYR E 182 -65.68 -46.69 -2.44
CA TYR E 182 -66.71 -46.37 -3.42
C TYR E 182 -67.55 -47.58 -3.82
N GLY E 183 -67.48 -48.67 -3.06
CA GLY E 183 -68.35 -49.81 -3.28
C GLY E 183 -67.98 -50.72 -4.43
N ILE E 184 -66.92 -50.42 -5.16
CA ILE E 184 -66.45 -51.30 -6.23
C ILE E 184 -65.82 -52.54 -5.59
N LYS E 185 -66.16 -53.71 -6.12
CA LYS E 185 -65.62 -54.95 -5.57
C LYS E 185 -64.18 -55.16 -6.03
N GLY E 186 -63.45 -55.96 -5.26
CA GLY E 186 -62.02 -56.06 -5.44
C GLY E 186 -61.63 -56.93 -6.62
N GLU E 187 -60.41 -56.68 -7.10
CA GLU E 187 -59.80 -57.29 -8.30
C GLU E 187 -60.73 -57.18 -9.50
N ILE E 188 -60.90 -55.94 -9.93
CA ILE E 188 -61.78 -55.64 -11.05
C ILE E 188 -60.96 -55.05 -12.20
N SER E 220 -54.65 -60.87 -3.38
CA SER E 220 -53.41 -60.39 -2.76
C SER E 220 -53.62 -59.04 -2.09
N LYS E 221 -52.55 -58.49 -1.53
CA LYS E 221 -52.60 -57.22 -0.85
C LYS E 221 -51.56 -56.29 -1.46
N LEU E 222 -51.81 -54.98 -1.34
CA LEU E 222 -51.00 -53.90 -1.93
C LEU E 222 -50.95 -54.01 -3.45
N ARG E 223 -52.11 -53.85 -4.05
CA ARG E 223 -52.26 -53.68 -5.48
C ARG E 223 -52.55 -52.21 -5.75
N ARG E 224 -51.98 -51.65 -6.81
CA ARG E 224 -52.07 -50.22 -7.06
C ARG E 224 -53.00 -49.93 -8.23
N VAL E 225 -53.78 -48.86 -8.10
CA VAL E 225 -54.69 -48.42 -9.16
C VAL E 225 -54.33 -47.00 -9.56
N PHE E 226 -55.09 -46.40 -10.48
CA PHE E 226 -54.69 -45.12 -11.08
C PHE E 226 -55.88 -44.17 -11.18
N VAL E 227 -56.55 -43.91 -10.06
CA VAL E 227 -57.68 -42.99 -10.06
C VAL E 227 -57.20 -41.56 -10.34
N VAL E 228 -58.04 -40.77 -11.00
CA VAL E 228 -57.67 -39.46 -11.50
C VAL E 228 -58.85 -38.49 -11.43
N GLU E 229 -58.68 -37.36 -10.75
CA GLU E 229 -59.72 -36.33 -10.75
C GLU E 229 -59.59 -35.42 -11.96
N MET E 230 -60.61 -34.61 -12.18
CA MET E 230 -60.79 -33.94 -13.46
C MET E 230 -61.82 -32.84 -13.29
N TYR E 231 -61.44 -31.59 -13.56
CA TYR E 231 -62.37 -30.47 -13.49
C TYR E 231 -62.49 -29.83 -14.86
N VAL E 232 -63.39 -30.36 -15.68
CA VAL E 232 -63.52 -29.94 -17.06
C VAL E 232 -64.66 -28.94 -17.21
N ARG E 233 -64.41 -27.86 -17.93
CA ARG E 233 -65.46 -26.92 -18.33
C ARG E 233 -66.20 -27.54 -19.50
N TRP E 234 -67.42 -28.01 -19.27
CA TRP E 234 -68.13 -28.74 -20.29
C TRP E 234 -69.12 -27.87 -21.05
N ASN E 235 -69.70 -26.91 -20.36
CA ASN E 235 -70.58 -25.87 -20.88
C ASN E 235 -70.28 -24.71 -19.95
N GLY E 236 -71.24 -23.80 -19.75
CA GLY E 236 -71.08 -22.77 -18.73
C GLY E 236 -70.77 -23.22 -17.31
N VAL E 237 -71.00 -24.49 -16.99
CA VAL E 237 -70.72 -25.02 -15.68
C VAL E 237 -69.40 -25.77 -15.71
N TRP E 238 -68.89 -26.10 -14.52
CA TRP E 238 -67.66 -26.85 -14.35
C TRP E 238 -68.00 -28.24 -13.82
N ILE E 239 -67.83 -29.25 -14.65
CA ILE E 239 -68.09 -30.63 -14.27
C ILE E 239 -66.89 -31.16 -13.52
N ARG E 240 -67.14 -31.81 -12.38
CA ARG E 240 -66.13 -32.60 -11.69
C ARG E 240 -66.37 -34.07 -11.97
N ALA E 241 -65.33 -34.77 -12.41
CA ALA E 241 -65.44 -36.20 -12.65
C ALA E 241 -64.19 -36.88 -12.15
N LEU E 242 -64.31 -38.12 -11.68
CA LEU E 242 -63.14 -38.92 -11.38
C LEU E 242 -63.38 -40.34 -11.84
N PHE E 243 -62.42 -40.90 -12.56
CA PHE E 243 -62.59 -42.16 -13.23
C PHE E 243 -61.35 -43.01 -13.05
N TRP E 244 -61.34 -44.16 -13.69
CA TRP E 244 -60.14 -44.99 -13.80
C TRP E 244 -60.23 -45.71 -15.14
N GLY E 245 -59.46 -46.79 -15.29
CA GLY E 245 -59.23 -47.38 -16.61
C GLY E 245 -60.47 -47.96 -17.27
N ARG E 246 -61.46 -48.37 -16.47
CA ARG E 246 -62.76 -48.76 -17.00
C ARG E 246 -63.84 -48.25 -16.07
N GLY E 247 -64.81 -47.54 -16.63
CA GLY E 247 -65.88 -46.96 -15.85
C GLY E 247 -65.46 -45.70 -15.12
N ILE E 248 -66.45 -44.88 -14.81
CA ILE E 248 -66.25 -43.71 -13.97
C ILE E 248 -66.77 -44.04 -12.58
N LEU E 249 -66.43 -43.20 -11.60
CA LEU E 249 -66.80 -43.47 -10.22
C LEU E 249 -67.76 -42.45 -9.64
N GLU E 250 -67.57 -41.16 -9.92
CA GLU E 250 -68.58 -40.16 -9.63
C GLU E 250 -68.40 -39.00 -10.59
N MET E 251 -69.50 -38.30 -10.86
CA MET E 251 -69.50 -37.24 -11.86
C MET E 251 -70.66 -36.31 -11.58
N SER E 252 -70.34 -35.05 -11.27
CA SER E 252 -71.38 -34.11 -10.90
C SER E 252 -70.88 -32.69 -11.18
N VAL E 253 -71.80 -31.74 -11.06
CA VAL E 253 -71.43 -30.33 -11.11
C VAL E 253 -70.64 -29.99 -9.86
N SER E 254 -69.58 -29.20 -10.02
CA SER E 254 -68.67 -28.89 -8.92
C SER E 254 -69.40 -28.13 -7.83
N ALA E 255 -69.17 -28.55 -6.58
CA ALA E 255 -69.93 -28.05 -5.45
C ALA E 255 -69.48 -26.67 -5.00
N TYR E 256 -68.27 -26.25 -5.33
CA TYR E 256 -67.71 -25.02 -4.79
C TYR E 256 -68.07 -23.86 -5.68
N LEU E 257 -68.44 -22.74 -5.08
CA LEU E 257 -68.83 -21.56 -5.82
C LEU E 257 -67.65 -20.61 -5.98
N ASP E 258 -67.95 -19.40 -6.46
CA ASP E 258 -66.91 -18.41 -6.76
C ASP E 258 -67.43 -17.06 -6.32
N ARG E 259 -66.70 -15.98 -6.60
CA ARG E 259 -67.11 -14.64 -6.18
C ARG E 259 -68.26 -14.09 -7.02
N ASN E 260 -68.61 -14.74 -8.13
CA ASN E 260 -69.72 -14.31 -8.95
C ASN E 260 -70.99 -15.11 -8.72
N GLY E 261 -70.90 -16.26 -8.07
CA GLY E 261 -72.04 -17.09 -7.77
C GLY E 261 -72.12 -18.37 -8.54
N LYS E 262 -71.40 -18.49 -9.62
CA LYS E 262 -71.42 -19.64 -10.51
C LYS E 262 -70.37 -20.66 -10.08
N PRO E 263 -70.62 -21.95 -10.28
CA PRO E 263 -69.68 -22.97 -9.81
C PRO E 263 -68.41 -23.02 -10.65
N THR E 264 -67.27 -23.12 -9.95
CA THR E 264 -65.95 -23.12 -10.58
C THR E 264 -65.05 -24.19 -10.02
N CYS E 265 -63.71 -24.09 -10.31
CA CYS E 265 -62.68 -25.03 -9.90
C CYS E 265 -61.97 -24.54 -8.64
N PRO E 266 -61.54 -25.44 -7.79
CA PRO E 266 -60.74 -25.03 -6.65
C PRO E 266 -59.25 -25.10 -6.88
N ILE E 267 -58.81 -25.77 -7.95
CA ILE E 267 -57.39 -25.98 -8.17
C ILE E 267 -56.73 -24.69 -8.62
N GLU E 268 -55.64 -24.31 -7.96
CA GLU E 268 -54.89 -23.11 -8.30
C GLU E 268 -53.40 -23.38 -8.32
N ALA E 269 -52.69 -22.74 -9.24
CA ALA E 269 -51.32 -23.07 -9.52
C ALA E 269 -50.63 -21.91 -10.22
N ARG E 270 -49.31 -22.02 -10.37
CA ARG E 270 -48.51 -20.96 -10.96
C ARG E 270 -47.15 -21.52 -11.36
N SER E 271 -46.66 -21.09 -12.52
CA SER E 271 -45.36 -21.52 -13.03
C SER E 271 -44.39 -20.36 -13.04
N CYS E 272 -43.10 -20.69 -13.17
CA CYS E 272 -42.07 -19.67 -13.05
C CYS E 272 -41.88 -18.91 -14.35
N TYR E 273 -41.49 -19.60 -15.41
CA TYR E 273 -41.31 -18.99 -16.72
C TYR E 273 -42.06 -19.78 -17.79
N ILE E 274 -42.25 -19.13 -18.94
CA ILE E 274 -42.97 -19.71 -20.06
C ILE E 274 -42.12 -19.45 -21.31
N ASP E 275 -42.31 -20.27 -22.33
CA ASP E 275 -41.54 -20.16 -23.56
C ASP E 275 -42.50 -19.85 -24.72
N ARG E 276 -41.98 -19.76 -25.95
CA ARG E 276 -42.84 -19.41 -27.08
C ARG E 276 -43.80 -20.55 -27.42
N GLU E 277 -43.26 -21.71 -27.76
CA GLU E 277 -44.05 -22.91 -27.57
C GLU E 277 -44.12 -23.19 -26.08
N ASN E 278 -45.22 -23.80 -25.65
CA ASN E 278 -45.57 -23.75 -24.24
C ASN E 278 -44.72 -24.68 -23.38
N ARG E 279 -43.59 -24.17 -22.89
CA ARG E 279 -42.75 -24.87 -21.94
C ARG E 279 -42.90 -24.21 -20.59
N ARG E 280 -42.70 -24.97 -19.52
CA ARG E 280 -42.80 -24.46 -18.16
C ARG E 280 -41.48 -24.80 -17.51
N TYR E 281 -40.46 -23.98 -17.69
CA TYR E 281 -39.20 -24.31 -17.04
C TYR E 281 -39.11 -23.53 -15.74
N GLY E 282 -38.07 -23.82 -14.97
CA GLY E 282 -37.95 -23.21 -13.67
C GLY E 282 -36.76 -22.30 -13.54
N GLU E 283 -35.93 -22.53 -12.52
CA GLU E 283 -34.69 -21.78 -12.35
C GLU E 283 -33.48 -22.61 -12.71
N VAL E 284 -33.55 -23.92 -12.52
CA VAL E 284 -32.42 -24.81 -12.74
C VAL E 284 -32.52 -25.37 -14.16
N ARG E 285 -33.36 -24.76 -15.01
CA ARG E 285 -33.17 -24.96 -16.44
C ARG E 285 -31.93 -24.23 -16.92
N ASP E 286 -31.71 -23.04 -16.40
CA ASP E 286 -30.40 -22.41 -16.46
C ASP E 286 -29.50 -23.10 -15.44
N LEU E 287 -28.23 -22.67 -15.35
CA LEU E 287 -27.22 -23.26 -14.46
C LEU E 287 -27.02 -24.75 -14.75
N ARG E 288 -27.22 -25.14 -15.99
CA ARG E 288 -26.87 -26.48 -16.47
C ARG E 288 -25.79 -26.44 -17.52
N SER E 289 -25.90 -25.54 -18.46
CA SER E 289 -24.81 -25.29 -19.37
C SER E 289 -23.61 -24.66 -18.66
N PRO E 290 -23.74 -23.73 -17.71
CA PRO E 290 -22.55 -23.35 -16.94
C PRO E 290 -22.19 -24.31 -15.81
N GLN E 291 -22.76 -25.51 -15.77
CA GLN E 291 -22.43 -26.44 -14.72
C GLN E 291 -21.98 -27.79 -15.25
N ASP E 292 -22.28 -28.10 -16.51
CA ASP E 292 -21.57 -29.13 -17.25
C ASP E 292 -20.22 -28.66 -17.77
N ALA E 293 -19.86 -27.40 -17.58
CA ALA E 293 -18.54 -26.94 -17.96
C ALA E 293 -17.64 -26.77 -16.76
N ILE E 294 -18.08 -27.18 -15.57
CA ILE E 294 -17.20 -27.32 -14.42
C ILE E 294 -16.89 -28.77 -14.13
N ASN E 295 -17.89 -29.64 -14.32
CA ASN E 295 -17.65 -31.07 -14.16
C ASN E 295 -16.80 -31.62 -15.28
N LYS E 296 -16.98 -31.13 -16.50
CA LYS E 296 -16.21 -31.66 -17.62
C LYS E 296 -14.84 -31.03 -17.74
N ARG E 297 -14.69 -29.74 -17.48
CA ARG E 297 -13.34 -29.17 -17.48
C ARG E 297 -12.55 -29.52 -16.23
N GLU E 298 -13.03 -30.41 -15.38
CA GLU E 298 -12.24 -30.94 -14.28
C GLU E 298 -11.75 -32.34 -14.57
N SER E 299 -12.57 -33.17 -15.20
CA SER E 299 -12.15 -34.51 -15.56
C SER E 299 -11.25 -34.54 -16.78
N LYS E 300 -11.25 -33.48 -17.59
CA LYS E 300 -10.28 -33.43 -18.68
C LYS E 300 -8.88 -33.20 -18.16
N LEU E 301 -8.73 -32.36 -17.14
CA LEU E 301 -7.44 -32.03 -16.58
C LEU E 301 -6.88 -33.15 -15.73
N LEU E 302 -7.74 -33.92 -15.08
CA LEU E 302 -7.26 -35.04 -14.30
C LEU E 302 -6.79 -36.15 -15.21
N HIS E 303 -7.39 -36.28 -16.37
CA HIS E 303 -6.95 -37.29 -17.33
C HIS E 303 -5.69 -36.85 -18.05
N MET E 304 -5.47 -35.55 -18.18
CA MET E 304 -4.38 -35.04 -18.97
C MET E 304 -3.12 -34.84 -18.14
N LEU E 305 -3.24 -34.79 -16.81
CA LEU E 305 -2.10 -34.62 -15.91
C LEU E 305 -1.73 -35.91 -15.20
N ASN E 306 -1.98 -37.06 -15.81
CA ASN E 306 -1.43 -38.32 -15.35
C ASN E 306 -0.91 -39.22 -16.45
N ASN E 307 -1.08 -38.86 -17.72
CA ASN E 307 -0.74 -39.73 -18.83
C ASN E 307 0.25 -39.03 -19.75
N ARG E 308 1.28 -39.77 -20.15
CA ARG E 308 2.32 -39.23 -21.02
C ARG E 308 2.34 -40.07 -22.27
N GLN E 309 1.86 -39.52 -23.38
CA GLN E 309 1.80 -40.28 -24.62
C GLN E 309 3.20 -40.48 -25.20
N ALA E 310 3.43 -41.66 -25.73
CA ALA E 310 4.77 -42.11 -26.11
C ALA E 310 4.92 -42.11 -27.61
N ILE E 311 5.94 -41.45 -28.11
CA ILE E 311 6.22 -41.41 -29.54
C ILE E 311 7.44 -42.28 -29.80
N ALA E 312 7.51 -42.83 -31.00
CA ALA E 312 8.62 -43.69 -31.36
C ALA E 312 9.72 -42.85 -32.01
N THR E 313 10.96 -43.11 -31.62
CA THR E 313 12.08 -42.35 -32.14
C THR E 313 13.01 -43.20 -32.99
N ASN E 314 13.57 -44.27 -32.43
CA ASN E 314 14.55 -45.08 -33.13
C ASN E 314 13.90 -46.42 -33.47
N PRO E 315 13.52 -46.68 -34.71
CA PRO E 315 12.73 -47.87 -35.04
C PRO E 315 13.50 -49.17 -35.05
N GLU E 316 14.71 -49.24 -34.49
CA GLU E 316 15.37 -50.51 -34.27
C GLU E 316 15.36 -50.92 -32.81
N TYR E 317 15.73 -50.04 -31.89
CA TYR E 317 15.61 -50.38 -30.48
C TYR E 317 14.18 -50.29 -30.01
N ALA E 318 13.41 -49.36 -30.56
CA ALA E 318 11.96 -49.44 -30.44
C ALA E 318 11.44 -50.44 -31.46
N TYR E 319 10.11 -50.55 -31.56
CA TYR E 319 9.42 -51.61 -32.31
C TYR E 319 9.84 -53.00 -31.86
N ASN E 320 10.30 -53.13 -30.63
CA ASN E 320 10.90 -54.36 -30.16
C ASN E 320 10.19 -54.87 -28.92
N SER E 321 9.92 -54.00 -27.96
CA SER E 321 9.25 -54.42 -26.75
C SER E 321 7.76 -54.56 -26.97
N ASP E 322 7.06 -53.45 -27.19
CA ASP E 322 5.62 -53.36 -27.42
C ASP E 322 5.34 -51.88 -27.61
N ALA E 323 4.10 -51.53 -27.93
CA ALA E 323 3.71 -50.13 -27.90
C ALA E 323 2.85 -49.79 -26.69
N GLU E 324 1.76 -50.52 -26.49
CA GLU E 324 0.81 -50.16 -25.45
C GLU E 324 1.33 -50.53 -24.06
N MET E 325 2.29 -51.45 -23.97
CA MET E 325 2.92 -51.74 -22.69
C MET E 325 3.92 -50.66 -22.31
N VAL E 326 4.52 -49.97 -23.27
CA VAL E 326 5.56 -49.00 -22.94
C VAL E 326 4.95 -47.72 -22.40
N ARG E 327 3.88 -47.23 -23.01
CA ARG E 327 3.32 -45.98 -22.50
C ARG E 327 2.58 -46.15 -21.18
N LYS E 328 2.32 -47.36 -20.72
CA LYS E 328 1.87 -47.51 -19.36
C LYS E 328 3.02 -47.56 -18.37
N GLU E 329 4.26 -47.70 -18.85
CA GLU E 329 5.42 -47.62 -17.99
C GLU E 329 5.94 -46.21 -17.85
N MET E 330 5.51 -45.30 -18.71
CA MET E 330 5.90 -43.91 -18.58
C MET E 330 5.00 -43.13 -17.65
N SER E 331 3.74 -43.53 -17.55
CA SER E 331 2.79 -42.76 -16.77
C SER E 331 2.81 -43.10 -15.29
N LYS E 332 3.50 -44.16 -14.90
CA LYS E 332 3.58 -44.44 -13.47
C LYS E 332 5.01 -44.27 -12.99
N PRO E 333 5.20 -43.72 -11.79
CA PRO E 333 6.57 -43.35 -11.37
C PRO E 333 7.48 -44.53 -11.03
N ASP E 334 6.96 -45.72 -10.81
CA ASP E 334 7.81 -46.88 -10.55
C ASP E 334 8.01 -47.72 -11.82
N GLY E 335 8.54 -47.10 -12.87
CA GLY E 335 8.60 -47.79 -14.14
C GLY E 335 9.98 -48.02 -14.70
N ILE E 336 10.07 -48.95 -15.66
CA ILE E 336 11.28 -49.22 -16.43
C ILE E 336 10.91 -48.99 -17.89
N ILE E 337 11.70 -48.19 -18.59
CA ILE E 337 11.40 -47.78 -19.96
C ILE E 337 12.46 -48.34 -20.88
N PRO E 338 12.10 -49.03 -21.97
CA PRO E 338 13.09 -49.54 -22.91
C PRO E 338 13.64 -48.41 -23.76
N PRO E 339 14.76 -48.61 -24.45
CA PRO E 339 15.30 -47.56 -25.32
C PRO E 339 14.46 -47.37 -26.55
N GLY E 340 14.54 -46.17 -27.12
CA GLY E 340 13.91 -45.87 -28.39
C GLY E 340 12.56 -45.19 -28.29
N TRP E 341 12.06 -44.95 -27.09
CA TRP E 341 10.76 -44.33 -26.91
C TRP E 341 10.92 -43.04 -26.13
N GLN E 342 10.16 -42.02 -26.53
CA GLN E 342 10.28 -40.66 -25.99
C GLN E 342 9.01 -40.22 -25.30
N PRO E 343 9.05 -39.84 -24.04
CA PRO E 343 7.82 -39.46 -23.33
C PRO E 343 7.36 -38.02 -23.58
N ALA E 344 6.63 -37.81 -24.67
CA ALA E 344 6.14 -36.49 -25.01
C ALA E 344 4.81 -36.25 -24.31
N SER E 345 4.83 -35.50 -23.22
CA SER E 345 3.60 -35.28 -22.49
C SER E 345 2.87 -34.03 -22.98
N MET E 346 1.58 -33.96 -22.68
CA MET E 346 0.75 -32.81 -23.01
C MET E 346 0.61 -31.88 -21.81
N THR E 347 1.74 -31.43 -21.27
CA THR E 347 1.71 -30.40 -20.23
C THR E 347 1.82 -29.00 -20.81
N ASP E 348 1.09 -28.80 -21.88
CA ASP E 348 0.82 -27.54 -22.55
C ASP E 348 -0.64 -27.62 -22.89
N LEU E 349 -1.25 -26.46 -23.19
CA LEU E 349 -2.70 -26.29 -23.31
C LEU E 349 -3.46 -26.87 -22.11
N ALA E 350 -2.85 -26.76 -20.93
CA ALA E 350 -3.51 -26.96 -19.66
C ALA E 350 -3.68 -25.67 -18.91
N ASN E 351 -2.77 -24.72 -19.11
CA ASN E 351 -2.98 -23.36 -18.62
C ASN E 351 -4.02 -22.62 -19.44
N GLY E 352 -4.36 -23.12 -20.61
CA GLY E 352 -5.53 -22.66 -21.33
C GLY E 352 -6.81 -23.29 -20.87
N GLN E 353 -6.73 -24.40 -20.15
CA GLN E 353 -7.90 -25.03 -19.55
C GLN E 353 -8.21 -24.49 -18.17
N PHE E 354 -7.18 -24.21 -17.36
CA PHE E 354 -7.40 -23.57 -16.06
C PHE E 354 -7.98 -22.17 -16.21
N ALA E 355 -7.61 -21.46 -17.26
CA ALA E 355 -8.19 -20.14 -17.49
C ALA E 355 -9.53 -20.21 -18.17
N LEU E 356 -10.05 -21.40 -18.42
CA LEU E 356 -11.34 -21.60 -19.05
C LEU E 356 -12.31 -22.34 -18.15
N LEU E 357 -11.82 -23.01 -17.11
CA LEU E 357 -12.66 -23.43 -15.99
C LEU E 357 -12.93 -22.27 -15.04
N SER E 358 -11.92 -21.46 -14.76
CA SER E 358 -12.09 -20.36 -13.84
C SER E 358 -12.90 -19.22 -14.42
N SER E 359 -13.22 -19.27 -15.70
CA SER E 359 -14.23 -18.39 -16.27
C SER E 359 -15.65 -18.92 -16.11
N ALA E 360 -15.79 -20.20 -15.74
CA ALA E 360 -17.10 -20.78 -15.52
C ALA E 360 -17.38 -21.09 -14.05
N ARG E 361 -16.38 -21.06 -13.18
CA ARG E 361 -16.63 -21.02 -11.75
C ARG E 361 -17.04 -19.63 -11.28
N GLU E 362 -16.86 -18.61 -12.11
CA GLU E 362 -17.17 -17.25 -11.74
C GLU E 362 -18.50 -16.79 -12.30
N PHE E 363 -18.90 -17.27 -13.47
CA PHE E 363 -20.24 -16.97 -13.97
C PHE E 363 -21.30 -17.73 -13.20
N ILE E 364 -20.98 -18.95 -12.73
CA ILE E 364 -21.93 -19.76 -11.99
C ILE E 364 -22.18 -19.18 -10.60
N GLN E 365 -21.34 -18.26 -10.16
CA GLN E 365 -21.51 -17.59 -8.89
C GLN E 365 -22.17 -16.22 -9.05
N ARG E 366 -22.32 -15.75 -10.28
CA ARG E 366 -22.83 -14.41 -10.53
C ARG E 366 -24.25 -14.40 -11.06
N ILE E 367 -24.70 -15.48 -11.68
CA ILE E 367 -26.09 -15.56 -12.17
C ILE E 367 -26.92 -16.33 -11.16
N GLY E 368 -26.30 -17.26 -10.45
CA GLY E 368 -27.08 -18.12 -9.59
C GLY E 368 -26.96 -17.79 -8.13
N GLN E 369 -25.75 -17.55 -7.66
CA GLN E 369 -25.48 -17.51 -6.22
C GLN E 369 -25.46 -16.07 -5.71
N ASN E 370 -26.34 -15.26 -6.26
CA ASN E 370 -26.70 -13.99 -5.64
C ASN E 370 -27.51 -13.99 -4.33
N PRO E 371 -28.41 -15.01 -3.96
CA PRO E 371 -29.41 -14.70 -2.91
C PRO E 371 -28.83 -14.55 -1.51
N SER E 372 -28.15 -13.43 -1.29
CA SER E 372 -27.50 -13.04 -0.05
C SER E 372 -26.44 -14.02 0.41
N VAL E 373 -25.82 -14.77 -0.50
CA VAL E 373 -24.67 -15.60 -0.17
C VAL E 373 -23.56 -15.29 -1.18
N LEU E 374 -22.76 -14.28 -0.86
CA LEU E 374 -21.70 -13.82 -1.75
C LEU E 374 -20.40 -13.67 -0.98
N ALA E 375 -20.51 -13.44 0.32
CA ALA E 375 -19.36 -13.14 1.16
C ALA E 375 -18.53 -14.38 1.43
N ARG E 384 -21.77 -5.85 0.95
CA ARG E 384 -21.48 -4.79 1.90
C ARG E 384 -22.49 -4.78 3.04
N ALA E 385 -22.35 -3.79 3.92
CA ALA E 385 -23.17 -3.68 5.11
C ALA E 385 -24.58 -3.20 4.79
N GLN E 386 -25.43 -4.13 4.33
CA GLN E 386 -26.86 -3.92 4.08
C GLN E 386 -27.11 -2.82 3.04
N LEU E 387 -26.22 -2.68 2.07
CA LEU E 387 -26.44 -1.82 0.91
C LEU E 387 -26.17 -2.54 -0.41
N ALA E 388 -25.15 -3.38 -0.47
CA ALA E 388 -24.93 -4.25 -1.61
C ALA E 388 -25.74 -5.53 -1.54
N ARG E 389 -26.67 -5.63 -0.58
CA ARG E 389 -27.66 -6.71 -0.55
C ARG E 389 -29.07 -6.22 -0.29
N GLN E 390 -29.26 -5.03 0.29
CA GLN E 390 -30.60 -4.51 0.54
C GLN E 390 -31.17 -3.82 -0.68
N GLN E 391 -30.33 -3.37 -1.60
CA GLN E 391 -30.83 -2.71 -2.79
C GLN E 391 -30.16 -3.29 -4.02
N ALA E 392 -29.11 -4.09 -3.83
CA ALA E 392 -28.36 -4.64 -4.94
C ALA E 392 -28.47 -6.15 -5.05
N GLY E 393 -28.79 -6.85 -3.97
CA GLY E 393 -28.91 -8.29 -4.04
C GLY E 393 -30.34 -8.76 -4.19
N MET E 394 -31.26 -8.06 -3.54
CA MET E 394 -32.66 -8.46 -3.52
C MET E 394 -33.47 -7.83 -4.64
N VAL E 395 -32.82 -7.18 -5.60
CA VAL E 395 -33.51 -6.68 -6.77
C VAL E 395 -33.26 -7.59 -7.97
N ASP E 396 -32.31 -8.50 -7.89
CA ASP E 396 -32.15 -9.48 -8.94
C ASP E 396 -33.00 -10.72 -8.69
N SER E 397 -33.36 -10.97 -7.43
CA SER E 397 -34.34 -11.99 -7.09
C SER E 397 -35.70 -11.38 -6.82
N ALA E 398 -36.11 -10.37 -7.57
CA ALA E 398 -37.40 -9.74 -7.32
C ALA E 398 -38.52 -10.42 -8.11
N MET E 399 -38.33 -10.63 -9.41
CA MET E 399 -39.19 -11.55 -10.12
C MET E 399 -38.98 -12.96 -9.60
N ALA E 400 -40.05 -13.76 -9.67
CA ALA E 400 -40.11 -15.15 -9.21
C ALA E 400 -39.78 -15.32 -7.73
N LEU E 401 -39.86 -14.25 -6.95
CA LEU E 401 -39.89 -14.35 -5.50
C LEU E 401 -41.00 -13.44 -5.04
N ASN E 402 -41.27 -12.40 -5.84
CA ASN E 402 -42.52 -11.67 -5.78
C ASN E 402 -43.47 -12.18 -6.85
N GLY E 403 -43.32 -13.45 -7.21
CA GLY E 403 -44.25 -14.15 -8.05
C GLY E 403 -44.82 -15.29 -7.25
N LEU E 404 -44.04 -15.81 -6.31
CA LEU E 404 -44.52 -16.87 -5.43
C LEU E 404 -45.36 -16.31 -4.30
N ARG E 405 -45.08 -15.09 -3.86
CA ARG E 405 -45.99 -14.39 -2.95
C ARG E 405 -47.34 -14.17 -3.60
N ARG E 406 -47.36 -13.98 -4.90
CA ARG E 406 -48.60 -13.74 -5.60
C ARG E 406 -49.44 -15.02 -5.72
N PHE E 407 -48.82 -16.18 -5.75
CA PHE E 407 -49.53 -17.44 -5.63
C PHE E 407 -50.07 -17.65 -4.22
N GLU E 408 -49.29 -17.30 -3.20
CA GLU E 408 -49.66 -17.64 -1.84
C GLU E 408 -50.85 -16.81 -1.37
N LEU E 409 -50.89 -15.54 -1.73
CA LEU E 409 -52.05 -14.72 -1.36
C LEU E 409 -53.19 -14.86 -2.36
N ALA E 410 -53.04 -15.70 -3.38
CA ALA E 410 -54.15 -16.04 -4.25
C ALA E 410 -54.82 -17.33 -3.83
N VAL E 411 -54.36 -17.95 -2.75
CA VAL E 411 -55.02 -19.13 -2.24
C VAL E 411 -55.87 -18.71 -1.04
N TYR E 412 -55.36 -17.74 -0.27
CA TYR E 412 -56.13 -17.18 0.84
C TYR E 412 -57.41 -16.52 0.34
N ARG E 413 -57.33 -15.87 -0.82
CA ARG E 413 -58.53 -15.37 -1.47
C ARG E 413 -59.46 -16.52 -1.85
N GLN E 414 -58.91 -17.62 -2.34
CA GLN E 414 -59.72 -18.77 -2.70
C GLN E 414 -60.20 -19.54 -1.47
N ALA E 415 -59.68 -19.22 -0.28
CA ALA E 415 -60.09 -19.91 0.94
C ALA E 415 -61.13 -19.14 1.74
N TRP E 416 -61.34 -17.86 1.47
CA TRP E 416 -62.45 -17.16 2.09
C TRP E 416 -63.76 -17.47 1.40
N LEU E 417 -63.74 -17.86 0.13
CA LEU E 417 -64.96 -18.28 -0.53
C LEU E 417 -65.49 -19.61 -0.02
N ARG E 418 -64.65 -20.44 0.60
CA ARG E 418 -65.07 -21.74 1.10
C ARG E 418 -65.47 -21.71 2.55
N CYS E 419 -64.87 -20.84 3.36
CA CYS E 419 -65.32 -20.63 4.72
C CYS E 419 -66.34 -19.52 4.82
N ARG E 420 -67.07 -19.27 3.75
CA ARG E 420 -68.23 -18.39 3.81
C ARG E 420 -69.52 -19.12 3.52
N GLN E 421 -69.59 -19.86 2.41
CA GLN E 421 -70.83 -20.53 2.04
C GLN E 421 -71.13 -21.76 2.87
N PHE E 422 -70.20 -22.23 3.69
CA PHE E 422 -70.43 -23.42 4.49
C PHE E 422 -70.56 -23.16 5.98
N TRP E 423 -69.92 -22.11 6.49
CA TRP E 423 -70.03 -21.77 7.91
C TRP E 423 -71.32 -21.01 8.16
N LYS E 424 -72.22 -21.60 8.94
CA LYS E 424 -73.43 -20.93 9.37
C LYS E 424 -73.13 -20.11 10.62
N ALA E 425 -74.15 -19.61 11.27
CA ALA E 425 -74.00 -18.70 12.41
C ALA E 425 -73.32 -19.27 13.65
N PRO E 426 -73.56 -20.50 14.13
CA PRO E 426 -72.81 -20.96 15.30
C PRO E 426 -71.42 -21.50 15.00
N ASP E 427 -70.84 -21.23 13.83
CA ASP E 427 -69.48 -21.61 13.53
C ASP E 427 -68.52 -20.44 13.61
N TYR E 428 -68.99 -19.23 13.38
CA TYR E 428 -68.20 -18.03 13.61
C TYR E 428 -67.99 -17.77 15.09
N ILE E 429 -68.93 -18.22 15.93
CA ILE E 429 -68.84 -17.95 17.36
C ILE E 429 -67.84 -18.89 18.02
N ARG E 430 -67.64 -20.07 17.47
CA ARG E 430 -66.68 -21.01 18.03
C ARG E 430 -65.24 -20.55 17.81
N VAL E 431 -64.98 -19.90 16.68
CA VAL E 431 -63.61 -19.54 16.32
C VAL E 431 -63.22 -18.22 16.98
N THR E 432 -63.98 -17.17 16.75
CA THR E 432 -63.65 -15.85 17.25
C THR E 432 -64.02 -15.67 18.72
N ASP E 433 -64.89 -16.54 19.24
CA ASP E 433 -65.28 -16.63 20.66
C ASP E 433 -65.86 -15.30 21.18
N ASP E 434 -66.99 -14.93 20.59
CA ASP E 434 -67.74 -13.75 21.01
C ASP E 434 -69.16 -13.85 20.49
N GLU E 435 -70.13 -13.95 21.40
CA GLU E 435 -71.52 -13.93 20.98
C GLU E 435 -71.88 -12.55 20.49
N GLY E 436 -72.37 -12.48 19.26
CA GLY E 436 -72.53 -11.22 18.57
C GLY E 436 -71.52 -10.97 17.49
N ALA E 437 -70.75 -11.97 17.11
CA ALA E 437 -69.87 -11.93 15.94
C ALA E 437 -70.54 -12.17 14.58
N PRO E 438 -71.47 -13.12 14.36
CA PRO E 438 -71.99 -13.29 13.00
C PRO E 438 -72.90 -12.18 12.52
N GLN E 439 -73.27 -11.21 13.36
CA GLN E 439 -74.06 -10.08 12.89
C GLN E 439 -73.26 -9.12 12.01
N PHE E 440 -71.93 -9.26 11.97
CA PHE E 440 -71.07 -8.36 11.23
C PHE E 440 -70.70 -8.88 9.85
N VAL E 441 -71.19 -10.05 9.45
CA VAL E 441 -70.80 -10.66 8.19
C VAL E 441 -72.02 -11.06 7.38
N GLY E 442 -73.11 -10.33 7.55
CA GLY E 442 -74.25 -10.52 6.68
C GLY E 442 -75.16 -11.66 7.03
N ILE E 443 -75.42 -11.89 8.32
CA ILE E 443 -76.49 -12.79 8.74
C ILE E 443 -77.05 -12.22 10.04
N ASN E 444 -78.34 -12.47 10.27
CA ASN E 444 -79.15 -11.87 11.34
C ASN E 444 -79.10 -10.34 11.35
N ALA E 464 -73.31 -28.10 24.26
CA ALA E 464 -74.30 -28.35 23.22
C ALA E 464 -73.79 -29.39 22.23
N GLU E 465 -74.21 -29.27 20.97
CA GLU E 465 -73.74 -30.21 19.95
C GLU E 465 -72.30 -29.88 19.55
N PRO E 466 -71.57 -30.86 19.04
CA PRO E 466 -70.34 -30.54 18.30
C PRO E 466 -70.66 -29.75 17.06
N ILE E 467 -70.03 -28.59 16.92
CA ILE E 467 -70.35 -27.64 15.88
C ILE E 467 -69.31 -27.62 14.76
N LEU E 468 -68.03 -27.70 15.10
CA LEU E 468 -67.00 -27.99 14.11
C LEU E 468 -66.30 -29.31 14.39
N GLY E 469 -67.05 -30.32 14.85
CA GLY E 469 -66.42 -31.55 15.25
C GLY E 469 -65.53 -31.44 16.46
N TYR E 470 -65.79 -30.48 17.35
CA TYR E 470 -64.99 -30.26 18.54
C TYR E 470 -65.83 -30.63 19.76
N GLU E 471 -65.53 -31.78 20.33
CA GLU E 471 -66.37 -32.40 21.33
C GLU E 471 -66.21 -31.80 22.72
N ASN E 472 -65.22 -30.96 22.95
CA ASN E 472 -65.06 -30.28 24.24
C ASN E 472 -65.51 -28.83 24.23
N ALA E 473 -65.22 -28.10 23.15
CA ALA E 473 -65.49 -26.67 22.98
C ALA E 473 -64.84 -25.79 24.03
N LEU E 474 -63.77 -26.26 24.68
CA LEU E 474 -63.06 -25.44 25.65
C LEU E 474 -61.58 -25.29 25.34
N ALA E 475 -60.86 -26.39 25.07
CA ALA E 475 -59.44 -26.30 24.78
C ALA E 475 -59.05 -27.44 23.84
N GLU E 476 -58.85 -27.11 22.56
CA GLU E 476 -58.45 -28.07 21.55
C GLU E 476 -57.22 -27.56 20.83
N LEU E 477 -56.59 -28.44 20.04
CA LEU E 477 -55.29 -28.14 19.46
C LEU E 477 -55.34 -27.09 18.36
N ASP E 478 -56.22 -27.28 17.39
CA ASP E 478 -56.39 -26.42 16.24
C ASP E 478 -56.74 -24.99 16.63
N VAL E 479 -57.85 -24.81 17.34
CA VAL E 479 -58.39 -23.47 17.54
C VAL E 479 -57.47 -22.66 18.41
N ASP E 480 -57.33 -23.05 19.67
CA ASP E 480 -56.97 -22.09 20.69
C ASP E 480 -55.84 -22.59 21.57
N ILE E 481 -54.88 -23.32 21.00
CA ILE E 481 -53.65 -23.62 21.72
C ILE E 481 -52.43 -23.20 20.91
N ASN E 482 -52.26 -23.75 19.71
CA ASN E 482 -51.20 -23.37 18.75
C ASN E 482 -49.80 -23.50 19.34
N ILE E 483 -49.36 -24.75 19.52
CA ILE E 483 -48.04 -25.05 20.06
C ILE E 483 -46.94 -24.47 19.17
N ASP E 484 -46.01 -23.75 19.79
CA ASP E 484 -44.91 -23.11 19.08
C ASP E 484 -43.72 -23.04 20.01
N ALA E 485 -42.51 -22.95 19.45
CA ALA E 485 -41.30 -22.87 20.26
C ALA E 485 -41.00 -21.44 20.65
N VAL E 486 -40.04 -21.27 21.55
CA VAL E 486 -39.68 -19.97 22.12
C VAL E 486 -38.28 -20.17 22.70
N PRO E 487 -37.47 -19.12 22.92
CA PRO E 487 -36.15 -19.34 23.53
C PRO E 487 -36.23 -19.79 24.99
N ASP E 488 -35.09 -20.29 25.46
CA ASP E 488 -35.00 -21.09 26.68
C ASP E 488 -34.97 -20.21 27.92
N THR E 489 -35.51 -20.75 29.01
CA THR E 489 -35.44 -20.13 30.34
C THR E 489 -35.16 -21.25 31.33
N ALA E 490 -35.35 -20.96 32.62
CA ALA E 490 -35.21 -21.95 33.67
C ALA E 490 -36.54 -22.37 34.26
N ASN E 491 -37.41 -21.42 34.57
CA ASN E 491 -38.78 -21.69 34.97
C ASN E 491 -39.67 -20.63 34.37
N LEU E 492 -40.98 -20.84 34.47
CA LEU E 492 -41.92 -19.93 33.83
C LEU E 492 -42.02 -18.59 34.56
N ALA E 493 -41.55 -18.52 35.80
CA ALA E 493 -41.51 -17.24 36.49
C ALA E 493 -40.44 -16.33 35.91
N GLN E 494 -39.34 -16.89 35.44
CA GLN E 494 -38.26 -16.07 34.88
C GLN E 494 -38.62 -15.52 33.52
N GLU E 495 -39.33 -16.31 32.70
CA GLU E 495 -39.83 -15.79 31.43
C GLU E 495 -40.90 -14.72 31.66
N GLN E 496 -41.65 -14.84 32.75
CA GLN E 496 -42.60 -13.80 33.12
C GLN E 496 -41.89 -12.55 33.59
N PHE E 497 -40.68 -12.69 34.10
CA PHE E 497 -39.91 -11.56 34.61
C PHE E 497 -39.27 -10.73 33.50
N LEU E 498 -39.02 -11.33 32.34
CA LEU E 498 -38.29 -10.62 31.30
C LEU E 498 -39.17 -9.62 30.56
N GLN E 499 -40.43 -9.98 30.28
CA GLN E 499 -41.36 -9.06 29.65
C GLN E 499 -42.16 -8.25 30.65
N LEU E 500 -41.60 -8.02 31.84
CA LEU E 500 -42.14 -7.06 32.79
C LEU E 500 -41.17 -5.92 33.02
N THR E 501 -39.88 -6.23 33.24
CA THR E 501 -38.87 -5.20 33.39
C THR E 501 -38.58 -4.48 32.08
N GLU E 502 -38.78 -5.14 30.95
CA GLU E 502 -38.77 -4.45 29.66
C GLU E 502 -39.94 -3.48 29.57
N LEU E 503 -41.09 -3.85 30.11
CA LEU E 503 -42.26 -2.99 30.11
C LEU E 503 -42.22 -1.99 31.25
N ALA E 504 -41.61 -2.35 32.38
CA ALA E 504 -41.49 -1.40 33.49
C ALA E 504 -40.49 -0.31 33.22
N ARG E 505 -39.55 -0.54 32.31
CA ARG E 505 -38.49 0.44 32.06
C ARG E 505 -39.04 1.65 31.32
N LEU E 506 -40.05 1.45 30.47
CA LEU E 506 -40.65 2.58 29.75
C LEU E 506 -41.50 3.44 30.68
N TYR E 507 -42.25 2.83 31.60
CA TYR E 507 -43.05 3.60 32.53
C TYR E 507 -42.21 4.10 33.69
N GLY E 508 -41.64 3.18 34.47
CA GLY E 508 -40.76 3.55 35.53
C GLY E 508 -41.14 2.95 36.87
N PRO E 509 -40.52 3.45 37.94
CA PRO E 509 -40.76 2.87 39.27
C PRO E 509 -42.02 3.37 39.95
N GLN E 510 -42.95 3.95 39.19
CA GLN E 510 -44.17 4.46 39.77
C GLN E 510 -45.24 3.38 39.92
N GLU E 511 -45.45 2.56 38.89
CA GLU E 511 -46.53 1.59 38.90
C GLU E 511 -46.05 0.15 38.78
N VAL E 512 -44.75 -0.11 38.83
CA VAL E 512 -44.24 -1.47 38.97
C VAL E 512 -43.40 -1.51 40.24
N PRO E 513 -43.99 -1.77 41.40
CA PRO E 513 -43.23 -1.68 42.66
C PRO E 513 -42.58 -2.98 43.07
N PHE E 514 -41.96 -3.01 44.25
CA PHE E 514 -41.56 -4.26 44.88
C PHE E 514 -42.77 -5.13 45.20
N ASP E 515 -42.47 -6.42 45.47
CA ASP E 515 -43.36 -7.58 45.65
C ASP E 515 -44.03 -7.97 44.33
N ASP E 516 -43.77 -7.25 43.25
CA ASP E 516 -44.26 -7.58 41.93
C ASP E 516 -43.14 -7.72 40.92
N LEU E 517 -41.94 -7.27 41.26
CA LEU E 517 -40.75 -7.45 40.45
C LEU E 517 -39.61 -8.12 41.21
N LEU E 518 -39.63 -8.11 42.53
CA LEU E 518 -38.71 -8.89 43.34
C LEU E 518 -39.22 -10.30 43.58
N GLU E 519 -40.54 -10.49 43.60
CA GLU E 519 -41.10 -11.79 43.93
C GLU E 519 -40.89 -12.79 42.79
N LEU E 520 -41.21 -12.40 41.57
CA LEU E 520 -41.03 -13.31 40.45
C LEU E 520 -39.66 -13.13 39.77
N SER E 521 -38.61 -13.09 40.59
CA SER E 521 -37.26 -12.88 40.13
C SER E 521 -36.53 -14.20 40.06
N SER E 522 -35.21 -14.15 39.86
CA SER E 522 -34.37 -15.33 39.80
C SER E 522 -33.22 -15.24 40.79
N MET E 523 -33.54 -14.86 42.03
CA MET E 523 -32.82 -14.64 43.28
C MET E 523 -32.89 -15.89 44.14
N PRO E 524 -31.78 -16.33 44.75
CA PRO E 524 -31.79 -17.59 45.51
C PRO E 524 -32.66 -17.59 46.76
N GLU E 525 -32.34 -16.73 47.70
CA GLU E 525 -33.06 -16.66 48.98
C GLU E 525 -33.88 -15.38 48.98
N LYS E 526 -35.18 -15.51 48.76
CA LYS E 526 -36.05 -14.36 48.79
C LYS E 526 -37.23 -14.51 49.74
N THR E 527 -37.62 -15.74 50.07
CA THR E 527 -38.66 -15.96 51.06
C THR E 527 -38.18 -15.56 52.45
N LYS E 528 -36.89 -15.73 52.73
CA LYS E 528 -36.28 -15.23 53.96
C LYS E 528 -35.80 -13.80 53.82
N LEU E 529 -36.20 -13.10 52.75
CA LEU E 529 -35.96 -11.67 52.61
C LEU E 529 -37.23 -10.88 52.33
N ILE E 530 -38.25 -11.49 51.75
CA ILE E 530 -39.46 -10.73 51.48
C ILE E 530 -40.29 -10.55 52.74
N ALA E 531 -40.06 -11.35 53.78
CA ALA E 531 -40.80 -11.25 55.02
C ALA E 531 -40.10 -10.39 56.07
N LYS E 532 -38.84 -10.05 55.86
CA LYS E 532 -38.15 -9.09 56.70
C LYS E 532 -38.26 -7.68 56.17
N ARG E 533 -38.87 -7.50 54.99
CA ARG E 533 -39.20 -6.17 54.48
C ARG E 533 -40.68 -5.89 54.50
N ARG E 534 -41.54 -6.92 54.47
CA ARG E 534 -42.96 -6.71 54.63
C ARG E 534 -43.30 -6.29 56.05
N GLU E 535 -42.49 -6.71 57.02
CA GLU E 535 -42.78 -6.36 58.41
C GLU E 535 -42.46 -4.90 58.70
N ARG E 536 -41.50 -4.32 57.99
CA ARG E 536 -41.16 -2.92 58.21
C ARG E 536 -42.18 -1.97 57.63
N SER E 537 -42.95 -2.40 56.63
CA SER E 537 -44.08 -1.61 56.13
C SER E 537 -45.38 -1.96 56.85
N GLU E 538 -45.29 -2.56 58.01
CA GLU E 538 -46.44 -2.89 58.83
C GLU E 538 -46.30 -2.38 60.25
N GLN E 539 -45.09 -2.39 60.81
CA GLN E 539 -44.87 -1.70 62.07
C GLN E 539 -44.68 -0.20 61.88
N MET E 540 -44.50 0.27 60.65
CA MET E 540 -44.53 1.69 60.36
C MET E 540 -45.93 2.19 60.04
N ALA E 541 -46.77 1.33 59.46
CA ALA E 541 -48.16 1.71 59.21
C ALA E 541 -48.97 1.81 60.50
N GLN E 542 -48.51 1.18 61.58
CA GLN E 542 -49.13 1.39 62.87
C GLN E 542 -48.72 2.71 63.51
N VAL E 543 -47.63 3.32 63.06
CA VAL E 543 -47.32 4.67 63.46
C VAL E 543 -48.18 5.66 62.70
N GLN E 544 -48.26 5.52 61.37
CA GLN E 544 -49.01 6.45 60.54
C GLN E 544 -50.51 6.24 60.57
N ALA E 545 -51.01 5.35 61.43
CA ALA E 545 -52.45 5.27 61.72
C ALA E 545 -52.78 5.76 63.12
N GLN E 546 -51.98 5.41 64.12
CA GLN E 546 -52.23 5.89 65.48
C GLN E 546 -51.84 7.36 65.64
N GLN E 547 -51.04 7.89 64.73
CA GLN E 547 -50.79 9.33 64.68
C GLN E 547 -51.75 10.06 63.76
N GLY E 548 -52.53 9.32 62.98
CA GLY E 548 -53.49 9.93 62.07
C GLY E 548 -54.89 9.90 62.62
N GLN E 549 -55.20 8.90 63.45
CA GLN E 549 -56.49 8.80 64.11
C GLN E 549 -56.61 9.67 65.35
N MET E 550 -55.55 10.41 65.71
CA MET E 550 -55.67 11.49 66.68
C MET E 550 -55.35 12.84 66.04
N GLN E 551 -55.47 12.92 64.72
CA GLN E 551 -55.55 14.19 64.00
C GLN E 551 -56.85 14.32 63.24
N GLU E 552 -57.30 13.25 62.61
CA GLU E 552 -58.50 13.26 61.79
C GLU E 552 -59.78 13.16 62.61
N GLN E 553 -59.68 13.05 63.94
CA GLN E 553 -60.82 13.20 64.82
C GLN E 553 -60.77 14.50 65.60
N ILE E 554 -59.65 15.22 65.54
CA ILE E 554 -59.52 16.50 66.22
C ILE E 554 -59.51 17.67 65.24
N ALA E 555 -59.10 17.47 64.01
CA ALA E 555 -59.26 18.51 63.00
C ALA E 555 -60.66 18.56 62.40
N MET E 556 -61.56 17.65 62.79
CA MET E 556 -62.95 17.68 62.33
C MET E 556 -63.81 16.97 63.35
N GLN E 557 -65.10 17.37 63.39
CA GLN E 557 -66.14 16.98 64.34
C GLN E 557 -65.85 17.42 65.77
N GLY E 558 -64.76 18.13 65.98
CA GLY E 558 -64.36 18.78 67.20
C GLY E 558 -63.43 19.85 66.69
N ALA E 559 -63.56 21.08 67.20
CA ALA E 559 -62.79 22.27 66.79
C ALA E 559 -63.01 22.70 65.34
N MET E 560 -63.86 21.98 64.60
CA MET E 560 -64.20 22.34 63.23
C MET E 560 -65.68 22.19 62.94
N ALA E 561 -66.40 21.36 63.70
CA ALA E 561 -67.87 21.42 63.72
C ALA E 561 -68.36 22.50 64.66
N GLU E 562 -67.50 23.00 65.55
CA GLU E 562 -67.87 24.12 66.42
C GLU E 562 -67.75 25.46 65.74
N ILE E 563 -67.28 25.50 64.48
CA ILE E 563 -67.47 26.70 63.68
C ILE E 563 -68.88 26.73 63.12
N GLU E 564 -69.62 25.63 63.22
CA GLU E 564 -71.06 25.62 63.01
C GLU E 564 -71.83 25.81 64.31
N ASN E 565 -71.15 26.20 65.38
CA ASN E 565 -71.79 26.45 66.65
C ASN E 565 -71.46 27.83 67.19
N THR E 566 -70.61 28.59 66.51
CA THR E 566 -70.32 29.96 66.88
C THR E 566 -70.51 30.91 65.71
N GLN E 567 -70.78 30.38 64.53
CA GLN E 567 -71.04 31.16 63.33
C GLN E 567 -72.40 30.84 62.73
N ALA E 568 -72.94 29.66 63.00
CA ALA E 568 -74.35 29.40 62.77
C ALA E 568 -75.21 29.79 63.96
N ASP E 569 -74.60 30.02 65.12
CA ASP E 569 -75.34 30.37 66.33
C ASP E 569 -75.38 31.86 66.60
N THR E 570 -74.33 32.60 66.23
CA THR E 570 -74.43 34.06 66.24
C THR E 570 -75.30 34.60 65.12
N ALA E 571 -75.69 33.74 64.17
CA ALA E 571 -76.75 34.03 63.22
C ALA E 571 -78.06 34.40 63.89
N TYR E 572 -78.35 33.85 65.07
CA TYR E 572 -79.57 34.22 65.79
C TYR E 572 -79.37 35.46 66.65
N LEU E 573 -78.14 35.90 66.87
CA LEU E 573 -77.97 37.15 67.61
C LEU E 573 -78.23 38.36 66.73
N ALA E 574 -77.60 38.40 65.57
CA ALA E 574 -77.84 39.46 64.60
C ALA E 574 -79.26 39.44 64.06
N ALA E 575 -79.95 38.31 64.14
CA ALA E 575 -81.35 38.25 63.75
C ALA E 575 -82.28 38.75 64.84
N ARG E 576 -81.97 38.47 66.11
CA ARG E 576 -82.86 38.90 67.19
C ARG E 576 -82.74 40.40 67.42
N ALA E 577 -81.58 40.99 67.14
CA ALA E 577 -81.43 42.44 67.28
C ALA E 577 -82.14 43.19 66.16
N GLN E 578 -82.69 42.49 65.18
CA GLN E 578 -83.60 43.06 64.21
C GLN E 578 -85.02 43.12 64.73
N ASN E 579 -85.50 42.06 65.38
CA ASN E 579 -86.83 42.02 65.94
C ASN E 579 -86.97 42.93 67.14
N GLU E 580 -85.87 43.15 67.86
CA GLU E 580 -85.82 44.10 68.97
C GLU E 580 -85.39 45.47 68.45
N MET E 581 -85.31 45.59 67.14
CA MET E 581 -85.23 46.90 66.50
C MET E 581 -86.54 47.25 65.81
N LEU E 582 -87.41 46.26 65.60
CA LEU E 582 -88.78 46.49 65.19
C LEU E 582 -89.62 47.14 66.30
N LYS E 583 -89.20 47.01 67.54
CA LYS E 583 -89.95 47.60 68.65
C LYS E 583 -89.74 49.12 68.83
N PRO E 584 -88.49 49.70 68.87
CA PRO E 584 -88.40 51.12 69.25
C PRO E 584 -88.79 52.13 68.18
N GLN E 585 -89.41 51.70 67.08
CA GLN E 585 -90.03 52.64 66.15
C GLN E 585 -91.54 52.69 66.33
N ILE E 586 -92.22 51.56 66.15
CA ILE E 586 -93.67 51.51 66.22
C ILE E 586 -94.06 50.61 67.39
N GLU E 587 -95.18 50.97 68.05
CA GLU E 587 -95.66 50.38 69.30
C GLU E 587 -94.58 50.51 70.38
N ALA E 588 -93.99 51.70 70.46
CA ALA E 588 -93.08 52.07 71.54
C ALA E 588 -93.50 53.34 72.24
N PHE E 589 -93.98 54.35 71.51
CA PHE E 589 -94.44 55.60 72.09
C PHE E 589 -95.62 56.10 71.26
N LYS E 590 -96.80 56.13 71.87
CA LYS E 590 -98.01 56.61 71.19
C LYS E 590 -99.01 57.19 72.18
N THR F 4 -66.91 -56.31 6.74
CA THR F 4 -65.60 -56.11 7.35
C THR F 4 -64.79 -57.41 7.36
N MET F 5 -63.56 -57.32 7.86
CA MET F 5 -62.68 -58.48 7.90
C MET F 5 -62.03 -58.67 9.27
N THR F 6 -61.05 -59.55 9.32
CA THR F 6 -60.38 -59.92 10.56
C THR F 6 -59.01 -59.27 10.62
N MET F 7 -58.25 -59.62 11.63
CA MET F 7 -56.94 -59.04 11.82
C MET F 7 -55.88 -59.85 11.07
N PRO F 8 -54.81 -59.20 10.58
CA PRO F 8 -53.80 -59.93 9.81
C PRO F 8 -53.01 -60.89 10.67
N SER F 9 -52.67 -62.04 10.09
CA SER F 9 -52.17 -63.17 10.86
C SER F 9 -50.88 -63.72 10.25
N HIS F 10 -49.77 -63.07 10.56
CA HIS F 10 -48.40 -63.61 10.56
C HIS F 10 -47.90 -64.03 9.17
N ALA F 11 -48.71 -63.98 8.16
CA ALA F 11 -48.20 -64.22 6.82
C ALA F 11 -48.19 -62.94 6.00
N GLN F 12 -49.24 -62.13 6.09
CA GLN F 12 -49.21 -60.77 5.56
C GLN F 12 -48.73 -59.77 6.59
N LEU F 13 -48.02 -60.22 7.62
CA LEU F 13 -47.19 -59.33 8.41
C LEU F 13 -45.71 -59.51 8.12
N LYS F 14 -45.24 -60.74 7.88
CA LYS F 14 -43.90 -60.91 7.35
C LYS F 14 -43.80 -60.38 5.93
N ALA F 15 -44.89 -60.43 5.17
CA ALA F 15 -44.90 -59.91 3.81
C ALA F 15 -44.89 -58.38 3.78
N TYR F 16 -45.14 -57.73 4.89
CA TYR F 16 -44.95 -56.29 4.95
C TYR F 16 -43.52 -55.93 5.33
N PHE F 17 -42.93 -56.68 6.27
CA PHE F 17 -41.56 -56.41 6.67
C PHE F 17 -40.58 -56.73 5.55
N GLU F 18 -40.90 -57.71 4.72
CA GLU F 18 -39.98 -58.15 3.68
C GLU F 18 -40.10 -57.33 2.41
N GLU F 19 -41.24 -56.66 2.19
CA GLU F 19 -41.29 -55.66 1.13
C GLU F 19 -40.49 -54.42 1.51
N ALA F 20 -40.45 -54.08 2.80
CA ALA F 20 -39.67 -52.97 3.30
C ALA F 20 -38.23 -53.35 3.64
N ARG F 21 -37.75 -54.48 3.13
CA ARG F 21 -36.34 -54.82 3.23
C ARG F 21 -35.82 -55.16 1.85
N ASP F 22 -36.71 -55.68 0.99
CA ASP F 22 -36.33 -55.93 -0.40
C ASP F 22 -36.16 -54.61 -1.13
N ALA F 23 -37.12 -53.70 -1.00
CA ALA F 23 -36.91 -52.32 -1.38
C ALA F 23 -36.21 -51.59 -0.24
N ASN F 24 -36.06 -50.28 -0.42
CA ASN F 24 -35.33 -49.29 0.39
C ASN F 24 -34.05 -49.82 1.03
N GLU F 25 -33.32 -50.64 0.28
CA GLU F 25 -32.02 -51.11 0.68
C GLU F 25 -30.93 -50.44 -0.13
N GLU F 26 -31.32 -49.70 -1.16
CA GLU F 26 -30.36 -48.99 -2.00
C GLU F 26 -29.77 -47.79 -1.27
N TYR F 27 -30.56 -47.09 -0.47
CA TYR F 27 -30.00 -45.98 0.29
C TYR F 27 -29.61 -46.38 1.69
N ARG F 28 -30.27 -47.39 2.23
CA ARG F 28 -30.00 -47.79 3.61
C ARG F 28 -28.64 -48.46 3.72
N LYS F 29 -28.19 -49.12 2.65
CA LYS F 29 -26.81 -49.57 2.54
C LYS F 29 -25.89 -48.46 2.08
N GLU F 30 -26.44 -47.34 1.63
CA GLU F 30 -25.64 -46.20 1.22
C GLU F 30 -25.51 -45.17 2.33
N ALA F 31 -26.49 -45.09 3.24
CA ALA F 31 -26.38 -44.18 4.36
C ALA F 31 -25.39 -44.66 5.40
N PHE F 32 -25.14 -45.97 5.47
CA PHE F 32 -24.08 -46.48 6.33
C PHE F 32 -22.70 -46.22 5.77
N ILE F 33 -22.58 -46.06 4.45
CA ILE F 33 -21.32 -45.58 3.89
C ILE F 33 -21.08 -44.14 4.33
N ASP F 34 -22.13 -43.33 4.34
CA ASP F 34 -22.02 -41.94 4.77
C ASP F 34 -21.69 -41.82 6.25
N ARG F 35 -22.05 -42.83 7.04
CA ARG F 35 -21.77 -42.79 8.47
C ARG F 35 -20.29 -42.97 8.74
N ASP F 36 -19.70 -44.06 8.24
CA ASP F 36 -18.29 -44.34 8.50
C ASP F 36 -17.41 -43.65 7.48
N TYR F 37 -17.91 -42.56 6.92
CA TYR F 37 -17.16 -41.67 6.07
C TYR F 37 -16.82 -40.39 6.78
N PHE F 38 -17.46 -40.10 7.90
CA PHE F 38 -17.10 -38.88 8.60
C PHE F 38 -16.33 -39.17 9.86
N ASP F 39 -16.28 -40.42 10.31
CA ASP F 39 -15.37 -40.81 11.37
C ASP F 39 -14.36 -41.80 10.83
N GLY F 40 -13.33 -41.28 10.20
CA GLY F 40 -12.31 -42.08 9.55
C GLY F 40 -12.87 -42.90 8.41
N HIS F 41 -12.08 -43.89 8.03
CA HIS F 41 -12.47 -44.98 7.13
C HIS F 41 -12.86 -44.46 5.75
N GLN F 42 -12.03 -43.59 5.21
CA GLN F 42 -12.28 -43.01 3.89
C GLN F 42 -11.53 -43.75 2.80
N TRP F 43 -11.05 -44.97 3.08
CA TRP F 43 -10.32 -45.77 2.12
C TRP F 43 -10.99 -47.13 2.01
N THR F 44 -11.17 -47.60 0.79
CA THR F 44 -11.75 -48.93 0.59
C THR F 44 -10.72 -50.01 0.87
N GLU F 45 -11.18 -51.24 0.97
CA GLU F 45 -10.28 -52.33 1.32
C GLU F 45 -9.40 -52.79 0.17
N GLU F 46 -9.67 -52.34 -1.05
CA GLU F 46 -8.79 -52.61 -2.17
C GLU F 46 -7.73 -51.54 -2.35
N GLU F 47 -8.07 -50.29 -2.07
CA GLU F 47 -7.08 -49.22 -2.13
C GLU F 47 -6.14 -49.26 -0.94
N LEU F 48 -6.62 -49.72 0.21
CA LEU F 48 -5.80 -49.77 1.40
C LEU F 48 -4.79 -50.90 1.35
N GLN F 49 -5.08 -51.94 0.58
CA GLN F 49 -4.13 -53.03 0.40
C GLN F 49 -2.99 -52.64 -0.52
N LYS F 50 -3.27 -51.84 -1.53
CA LYS F 50 -2.26 -51.50 -2.52
C LYS F 50 -1.29 -50.44 -2.03
N LEU F 51 -1.73 -49.55 -1.13
CA LEU F 51 -0.82 -48.58 -0.55
C LEU F 51 0.23 -49.23 0.33
N GLU F 52 -0.10 -50.35 0.96
CA GLU F 52 0.87 -51.07 1.78
C GLU F 52 1.90 -51.81 0.95
N ALA F 53 1.59 -52.09 -0.32
CA ALA F 53 2.57 -52.72 -1.19
C ALA F 53 3.58 -51.73 -1.73
N ARG F 54 3.28 -50.43 -1.67
CA ARG F 54 4.28 -49.42 -1.96
C ARG F 54 5.00 -48.96 -0.71
N LYS F 55 4.70 -49.60 0.43
CA LYS F 55 5.18 -49.21 1.76
C LYS F 55 4.82 -47.78 2.12
N GLN F 56 3.67 -47.31 1.66
CA GLN F 56 3.23 -45.93 1.84
C GLN F 56 2.21 -45.83 2.97
N PRO F 57 2.29 -44.80 3.81
CA PRO F 57 1.21 -44.59 4.78
C PRO F 57 -0.06 -44.16 4.09
N ALA F 58 -1.18 -44.43 4.75
CA ALA F 58 -2.51 -44.16 4.21
C ALA F 58 -3.07 -42.95 4.92
N THR F 59 -2.73 -41.76 4.43
CA THR F 59 -3.13 -40.53 5.08
C THR F 59 -4.48 -40.07 4.58
N TYR F 60 -5.27 -39.47 5.47
CA TYR F 60 -6.53 -38.83 5.11
C TYR F 60 -6.69 -37.55 5.90
N PHE F 61 -7.42 -36.60 5.30
CA PHE F 61 -7.64 -35.29 5.88
C PHE F 61 -9.13 -35.14 6.09
N ASN F 62 -9.60 -35.49 7.29
CA ASN F 62 -11.03 -35.67 7.56
C ASN F 62 -11.68 -34.29 7.66
N GLU F 63 -11.95 -33.71 6.49
CA GLU F 63 -12.48 -32.36 6.38
C GLU F 63 -13.98 -32.37 6.23
N VAL F 64 -14.62 -33.49 6.53
CA VAL F 64 -16.08 -33.60 6.51
C VAL F 64 -16.66 -33.77 7.90
N LYS F 65 -15.82 -33.95 8.92
CA LYS F 65 -16.28 -33.81 10.28
C LYS F 65 -16.37 -32.36 10.69
N LEU F 66 -15.51 -31.50 10.14
CA LEU F 66 -15.54 -30.07 10.42
C LEU F 66 -16.82 -29.42 9.94
N SER F 67 -17.36 -29.85 8.82
CA SER F 67 -18.56 -29.26 8.27
C SER F 67 -19.83 -29.70 8.97
N ILE F 68 -19.76 -30.70 9.85
CA ILE F 68 -20.95 -31.23 10.51
C ILE F 68 -20.88 -30.82 11.98
N ARG F 69 -19.68 -30.81 12.53
CA ARG F 69 -19.51 -30.53 13.95
C ARG F 69 -19.83 -29.07 14.29
N GLY F 70 -19.65 -28.17 13.34
CA GLY F 70 -20.03 -26.81 13.56
C GLY F 70 -21.42 -26.48 13.10
N LEU F 71 -22.09 -27.44 12.48
CA LEU F 71 -23.44 -27.23 11.98
C LEU F 71 -24.48 -27.85 12.90
N VAL F 72 -24.10 -28.89 13.65
CA VAL F 72 -24.91 -29.35 14.76
C VAL F 72 -24.83 -28.35 15.90
N GLY F 73 -23.67 -27.75 16.10
CA GLY F 73 -23.43 -26.82 17.18
C GLY F 73 -24.19 -25.50 17.06
N VAL F 74 -24.76 -25.20 15.90
CA VAL F 74 -25.67 -24.09 15.77
C VAL F 74 -27.06 -24.46 16.26
N PHE F 75 -27.53 -25.63 15.86
CA PHE F 75 -28.81 -26.15 16.34
C PHE F 75 -28.78 -26.42 17.83
N GLU F 76 -27.65 -26.92 18.33
CA GLU F 76 -27.57 -27.38 19.71
C GLU F 76 -27.56 -26.20 20.68
N GLN F 77 -27.09 -25.03 20.25
CA GLN F 77 -27.09 -23.87 21.13
C GLN F 77 -28.44 -23.20 21.17
N GLY F 78 -29.10 -23.06 20.03
CA GLY F 78 -30.36 -22.37 20.00
C GLY F 78 -31.54 -23.25 20.32
N ASP F 79 -31.51 -23.90 21.50
CA ASP F 79 -32.55 -24.83 21.88
C ASP F 79 -33.83 -24.10 22.26
N SER F 80 -34.86 -24.87 22.58
CA SER F 80 -36.16 -24.29 22.77
C SER F 80 -36.98 -25.13 23.74
N ASP F 81 -37.66 -24.48 24.61
CA ASP F 81 -38.72 -25.02 25.44
C ASP F 81 -40.07 -24.65 24.84
N PRO F 82 -41.08 -25.51 24.94
CA PRO F 82 -42.34 -25.28 24.23
C PRO F 82 -43.16 -24.18 24.88
N ARG F 83 -44.26 -23.84 24.20
CA ARG F 83 -45.05 -22.67 24.52
C ARG F 83 -46.35 -22.73 23.74
N ALA F 84 -47.47 -22.35 24.37
CA ALA F 84 -48.75 -22.34 23.72
C ALA F 84 -49.28 -20.92 23.64
N TRP F 85 -49.82 -20.54 22.49
CA TRP F 85 -50.28 -19.18 22.27
C TRP F 85 -51.80 -19.15 22.16
N PRO F 86 -52.52 -18.55 23.11
CA PRO F 86 -53.99 -18.48 23.00
C PRO F 86 -54.39 -17.59 21.84
N ARG F 87 -55.30 -18.08 20.99
CA ARG F 87 -55.47 -17.39 19.72
C ARG F 87 -56.30 -16.13 19.85
N ASN F 88 -57.13 -16.03 20.89
CA ASN F 88 -57.92 -14.82 21.09
C ASN F 88 -58.24 -14.66 22.56
N PRO F 89 -57.86 -13.56 23.17
CA PRO F 89 -57.94 -13.47 24.64
C PRO F 89 -59.34 -13.25 25.17
N GLN F 90 -60.28 -14.09 24.79
CA GLN F 90 -61.60 -14.16 25.41
C GLN F 90 -61.68 -15.57 25.97
N ASP F 91 -61.24 -15.70 27.22
CA ASP F 91 -61.23 -16.96 27.97
C ASP F 91 -60.39 -18.02 27.26
N GLU F 92 -59.31 -17.60 26.59
CA GLU F 92 -58.37 -18.59 26.09
C GLU F 92 -56.99 -18.48 26.72
N ASP F 93 -56.68 -17.37 27.38
CA ASP F 93 -55.45 -17.32 28.14
C ASP F 93 -55.57 -18.07 29.45
N SER F 94 -56.79 -18.21 29.96
CA SER F 94 -57.00 -19.02 31.16
C SER F 94 -56.75 -20.49 30.88
N ALA F 95 -56.96 -20.92 29.64
CA ALA F 95 -56.70 -22.28 29.21
C ALA F 95 -55.29 -22.44 28.65
N ASP F 96 -54.35 -21.68 29.17
CA ASP F 96 -52.94 -21.78 28.79
C ASP F 96 -52.13 -22.31 29.97
N ILE F 97 -52.76 -23.20 30.73
CA ILE F 97 -52.09 -24.09 31.67
C ILE F 97 -51.26 -25.13 30.91
N ALA F 98 -51.59 -25.35 29.63
CA ALA F 98 -50.94 -26.36 28.81
C ALA F 98 -49.44 -26.12 28.69
N THR F 99 -49.00 -24.87 28.57
CA THR F 99 -47.57 -24.61 28.53
C THR F 99 -46.89 -24.78 29.87
N LYS F 100 -47.63 -24.96 30.95
CA LYS F 100 -47.05 -25.21 32.27
C LYS F 100 -46.96 -26.70 32.55
N ALA F 101 -47.64 -27.53 31.77
CA ALA F 101 -47.60 -28.97 31.91
C ALA F 101 -47.15 -29.69 30.66
N LEU F 102 -46.79 -28.96 29.60
CA LEU F 102 -46.17 -29.57 28.45
C LEU F 102 -44.66 -29.43 28.48
N ARG F 103 -44.14 -28.47 29.24
CA ARG F 103 -42.73 -28.45 29.60
C ARG F 103 -42.47 -29.22 30.87
N TYR F 104 -43.45 -29.99 31.33
CA TYR F 104 -43.21 -31.04 32.31
C TYR F 104 -42.63 -32.27 31.64
N VAL F 105 -43.15 -32.64 30.46
CA VAL F 105 -42.68 -33.86 29.81
C VAL F 105 -41.40 -33.65 29.02
N LYS F 106 -41.04 -32.39 28.75
CA LYS F 106 -39.74 -32.09 28.16
C LYS F 106 -38.64 -32.16 29.21
N ASP F 107 -38.99 -32.17 30.49
CA ASP F 107 -38.02 -32.29 31.56
C ASP F 107 -38.02 -33.66 32.21
N TYR F 108 -39.11 -34.40 32.14
CA TYR F 108 -39.12 -35.77 32.67
C TYR F 108 -38.30 -36.70 31.81
N SER F 109 -38.44 -36.59 30.50
CA SER F 109 -37.87 -37.53 29.57
C SER F 109 -36.47 -37.18 29.12
N GLU F 110 -35.90 -36.09 29.64
CA GLU F 110 -34.61 -35.54 29.22
C GLU F 110 -34.57 -35.29 27.72
N TRP F 111 -35.42 -34.40 27.27
CA TRP F 111 -35.35 -34.01 25.87
C TRP F 111 -34.30 -32.93 25.65
N SER F 112 -33.69 -32.41 26.71
CA SER F 112 -32.71 -31.35 26.55
C SER F 112 -31.41 -31.86 25.95
N ASP F 113 -31.11 -33.15 26.08
CA ASP F 113 -29.89 -33.71 25.52
C ASP F 113 -30.14 -34.73 24.42
N GLU F 114 -31.34 -35.30 24.36
CA GLU F 114 -31.67 -36.25 23.31
C GLU F 114 -32.21 -35.56 22.09
N ARG F 115 -32.30 -34.24 22.10
CA ARG F 115 -32.56 -33.50 20.88
C ARG F 115 -31.30 -33.31 20.07
N SER F 116 -30.13 -33.44 20.68
CA SER F 116 -28.86 -33.39 19.99
C SER F 116 -28.43 -34.76 19.50
N ARG F 117 -29.20 -35.80 19.81
CA ARG F 117 -28.95 -37.13 19.31
C ARG F 117 -29.82 -37.45 18.11
N ALA F 118 -30.94 -36.75 17.99
CA ALA F 118 -31.75 -36.80 16.78
C ALA F 118 -31.26 -35.84 15.72
N ALA F 119 -30.42 -34.87 16.08
CA ALA F 119 -29.83 -33.98 15.10
C ALA F 119 -28.60 -34.56 14.44
N LEU F 120 -27.85 -35.38 15.15
CA LEU F 120 -26.65 -35.96 14.59
C LEU F 120 -26.97 -37.10 13.63
N ASN F 121 -28.11 -37.78 13.79
CA ASN F 121 -28.58 -38.74 12.81
C ASN F 121 -29.42 -38.09 11.74
N TYR F 122 -29.55 -36.78 11.76
CA TYR F 122 -30.33 -36.07 10.76
C TYR F 122 -29.47 -35.48 9.66
N PHE F 123 -28.21 -35.18 9.95
CA PHE F 123 -27.32 -34.65 8.92
C PHE F 123 -26.41 -35.70 8.35
N VAL F 124 -26.00 -36.69 9.14
CA VAL F 124 -25.10 -37.71 8.64
C VAL F 124 -25.87 -38.83 7.95
N GLU F 125 -26.92 -39.32 8.60
CA GLU F 125 -27.83 -40.26 7.98
C GLU F 125 -28.89 -39.46 7.23
N GLY F 126 -29.98 -40.10 6.88
CA GLY F 126 -31.04 -39.34 6.24
C GLY F 126 -32.11 -38.83 7.18
N THR F 127 -32.64 -39.71 8.03
CA THR F 127 -33.87 -39.46 8.77
C THR F 127 -33.58 -39.36 10.26
N CYS F 128 -34.44 -38.64 10.97
CA CYS F 128 -34.49 -38.70 12.41
C CYS F 128 -35.88 -39.13 12.83
N ALA F 129 -36.01 -39.75 13.99
CA ALA F 129 -37.30 -40.30 14.38
C ALA F 129 -37.41 -40.34 15.90
N ALA F 130 -38.66 -40.36 16.38
CA ALA F 130 -38.94 -40.46 17.81
C ALA F 130 -40.35 -40.98 18.01
N ILE F 131 -40.57 -41.66 19.13
CA ILE F 131 -41.87 -42.20 19.49
C ILE F 131 -42.29 -41.65 20.84
N VAL F 132 -43.52 -41.16 20.91
CA VAL F 132 -44.06 -40.56 22.13
C VAL F 132 -45.22 -41.41 22.62
N GLY F 133 -45.13 -41.89 23.85
CA GLY F 133 -46.12 -42.81 24.37
C GLY F 133 -46.05 -42.90 25.87
N VAL F 134 -47.13 -43.41 26.45
CA VAL F 134 -47.37 -43.30 27.89
C VAL F 134 -46.98 -44.59 28.58
N ASP F 135 -46.13 -44.49 29.59
CA ASP F 135 -45.58 -45.66 30.27
C ASP F 135 -46.54 -46.25 31.29
N GLU F 136 -46.01 -47.07 32.20
CA GLU F 136 -46.83 -47.84 33.13
C GLU F 136 -47.58 -46.97 34.13
N ASN F 137 -47.10 -45.76 34.40
CA ASN F 137 -47.85 -44.81 35.21
C ASN F 137 -48.77 -44.00 34.31
N GLY F 138 -49.24 -42.87 34.78
CA GLY F 138 -50.08 -42.03 33.94
C GLY F 138 -49.29 -41.02 33.13
N ARG F 139 -47.99 -41.00 33.24
CA ARG F 139 -47.26 -39.89 32.66
C ARG F 139 -46.76 -40.24 31.27
N PRO F 140 -46.56 -39.27 30.39
CA PRO F 140 -46.05 -39.57 29.05
C PRO F 140 -44.54 -39.40 28.90
N GLU F 141 -44.01 -40.15 27.95
CA GLU F 141 -42.58 -40.35 27.75
C GLU F 141 -42.30 -40.31 26.26
N ILE F 142 -41.16 -39.76 25.89
CA ILE F 142 -40.75 -39.63 24.50
C ILE F 142 -39.38 -40.28 24.34
N GLU F 143 -39.35 -41.43 23.67
CA GLU F 143 -38.09 -42.10 23.39
C GLU F 143 -37.61 -41.75 21.99
N PRO F 144 -36.33 -41.51 21.80
CA PRO F 144 -35.78 -41.44 20.45
C PRO F 144 -35.42 -42.81 19.94
N ILE F 145 -35.85 -43.10 18.71
CA ILE F 145 -35.59 -44.36 18.04
C ILE F 145 -34.44 -44.14 17.05
N ARG F 146 -33.46 -45.04 17.09
CA ARG F 146 -32.25 -44.89 16.30
C ARG F 146 -32.53 -45.10 14.82
N PHE F 147 -31.62 -44.59 13.98
CA PHE F 147 -31.77 -44.76 12.54
C PHE F 147 -31.52 -46.19 12.11
N GLU F 148 -30.68 -46.92 12.83
CA GLU F 148 -30.33 -48.28 12.46
C GLU F 148 -31.47 -49.27 12.64
N GLU F 149 -32.62 -48.82 13.14
CA GLU F 149 -33.76 -49.71 13.38
C GLU F 149 -35.09 -49.06 13.04
N PHE F 150 -35.13 -47.85 12.53
CA PHE F 150 -36.39 -47.31 12.04
C PHE F 150 -36.77 -48.01 10.73
N PHE F 151 -38.07 -48.09 10.47
CA PHE F 151 -38.61 -49.07 9.55
C PHE F 151 -39.95 -48.55 9.04
N HIS F 152 -39.98 -48.15 7.77
CA HIS F 152 -41.20 -47.62 7.18
C HIS F 152 -41.47 -48.34 5.88
N ASP F 153 -42.47 -47.93 5.14
CA ASP F 153 -42.69 -48.57 3.86
C ASP F 153 -42.01 -47.81 2.74
N PRO F 154 -41.78 -48.45 1.61
CA PRO F 154 -41.54 -47.70 0.38
C PRO F 154 -42.89 -47.26 -0.18
N ARG F 155 -42.83 -46.67 -1.38
CA ARG F 155 -44.00 -46.08 -2.04
C ARG F 155 -44.62 -44.99 -1.17
N SER F 156 -43.76 -44.23 -0.51
CA SER F 156 -44.14 -43.09 0.32
C SER F 156 -43.27 -41.93 -0.13
N ARG F 157 -43.82 -41.10 -1.01
CA ARG F 157 -43.04 -40.09 -1.70
C ARG F 157 -42.63 -38.95 -0.78
N GLU F 158 -43.33 -38.78 0.33
CA GLU F 158 -43.26 -37.54 1.07
C GLU F 158 -42.28 -37.61 2.24
N LEU F 159 -41.53 -36.54 2.46
CA LEU F 159 -40.52 -36.49 3.51
C LEU F 159 -41.06 -36.19 4.89
N ASP F 160 -42.36 -36.29 5.10
CA ASP F 160 -42.95 -36.15 6.42
C ASP F 160 -43.66 -37.42 6.82
N PHE F 161 -43.64 -38.44 5.96
CA PHE F 161 -44.24 -39.77 6.17
C PHE F 161 -45.75 -39.66 6.38
N SER F 162 -46.38 -38.75 5.66
CA SER F 162 -47.83 -38.66 5.75
C SER F 162 -48.50 -39.76 4.94
N ASP F 163 -47.88 -40.16 3.84
CA ASP F 163 -48.45 -41.13 2.91
C ASP F 163 -48.10 -42.56 3.28
N ALA F 164 -47.45 -42.78 4.41
CA ALA F 164 -47.01 -44.11 4.77
C ALA F 164 -48.19 -44.95 5.24
N ARG F 165 -48.05 -46.26 5.12
CA ARG F 165 -49.05 -47.20 5.57
C ARG F 165 -48.66 -47.95 6.83
N PHE F 166 -47.36 -48.18 7.05
CA PHE F 166 -46.92 -48.86 8.26
C PHE F 166 -45.54 -48.38 8.67
N LYS F 167 -45.32 -48.31 9.98
CA LYS F 167 -44.06 -47.84 10.58
C LYS F 167 -43.80 -48.62 11.87
N GLY F 168 -42.54 -48.87 12.19
CA GLY F 168 -42.20 -49.74 13.30
C GLY F 168 -40.82 -49.47 13.87
N VAL F 169 -40.36 -50.37 14.75
CA VAL F 169 -39.11 -50.11 15.49
C VAL F 169 -38.02 -51.18 15.38
N ALA F 170 -38.37 -52.44 15.11
CA ALA F 170 -37.51 -53.54 14.65
C ALA F 170 -36.18 -53.70 15.43
N LYS F 171 -36.27 -54.08 16.69
CA LYS F 171 -35.11 -54.09 17.57
C LYS F 171 -34.48 -55.46 17.73
N TRP F 172 -33.34 -55.48 18.42
CA TRP F 172 -32.72 -56.68 18.99
C TRP F 172 -32.76 -56.57 20.50
N ARG F 173 -33.22 -57.63 21.17
CA ARG F 173 -33.27 -57.65 22.61
C ARG F 173 -32.62 -58.91 23.14
N PHE F 174 -32.56 -59.02 24.46
CA PHE F 174 -32.10 -60.23 25.12
C PHE F 174 -33.26 -61.18 25.31
N ALA F 175 -32.99 -62.48 25.15
CA ALA F 175 -34.04 -63.48 25.24
C ALA F 175 -34.54 -63.67 26.66
N ASP F 176 -33.78 -63.25 27.66
CA ASP F 176 -34.28 -63.23 29.03
C ASP F 176 -35.39 -62.20 29.20
N GLU F 177 -35.18 -60.99 28.69
CA GLU F 177 -36.09 -59.87 28.91
C GLU F 177 -37.18 -59.77 27.87
N VAL F 178 -37.52 -60.89 27.23
CA VAL F 178 -38.68 -60.97 26.34
C VAL F 178 -39.61 -62.07 26.78
N GLY F 179 -39.10 -63.28 26.97
CA GLY F 179 -39.94 -64.41 27.31
C GLY F 179 -40.45 -64.35 28.74
N MET F 180 -39.62 -63.86 29.67
CA MET F 180 -40.04 -63.61 31.03
C MET F 180 -40.71 -62.26 31.21
N GLU F 181 -41.11 -61.63 30.11
CA GLU F 181 -41.98 -60.48 30.11
C GLU F 181 -43.34 -60.76 29.50
N TYR F 182 -43.40 -61.66 28.51
CA TYR F 182 -44.64 -62.00 27.82
C TYR F 182 -45.03 -63.46 28.01
N GLY F 183 -44.43 -64.17 28.97
CA GLY F 183 -44.86 -65.51 29.31
C GLY F 183 -44.40 -66.61 28.37
N ILE F 184 -43.66 -66.29 27.31
CA ILE F 184 -43.11 -67.30 26.41
C ILE F 184 -41.98 -68.01 27.14
N LYS F 185 -41.95 -69.34 27.05
CA LYS F 185 -40.91 -70.09 27.72
C LYS F 185 -39.61 -70.03 26.93
N GLY F 186 -38.50 -70.27 27.64
CA GLY F 186 -37.18 -70.01 27.08
C GLY F 186 -36.73 -71.07 26.10
N GLU F 187 -35.80 -70.65 25.23
CA GLU F 187 -35.25 -71.43 24.12
C GLU F 187 -36.36 -72.00 23.25
N ILE F 188 -37.04 -71.08 22.58
CA ILE F 188 -38.14 -71.45 21.73
C ILE F 188 -37.83 -71.08 20.28
N SER F 220 -28.32 -71.49 28.09
CA SER F 220 -27.26 -70.49 28.18
C SER F 220 -27.82 -69.11 28.52
N LYS F 221 -26.94 -68.12 28.59
CA LYS F 221 -27.33 -66.76 28.92
C LYS F 221 -26.83 -65.85 27.81
N LEU F 222 -27.51 -64.70 27.66
CA LEU F 222 -27.27 -63.70 26.61
C LEU F 222 -27.46 -64.29 25.22
N ARG F 223 -28.69 -64.69 24.95
CA ARG F 223 -29.15 -65.07 23.63
C ARG F 223 -30.02 -63.93 23.10
N ARG F 224 -29.88 -63.61 21.81
CA ARG F 224 -30.54 -62.43 21.24
C ARG F 224 -31.70 -62.84 20.35
N VAL F 225 -32.79 -62.07 20.43
CA VAL F 225 -33.97 -62.29 19.60
C VAL F 225 -34.23 -61.05 18.76
N PHE F 226 -35.30 -61.04 17.98
CA PHE F 226 -35.52 -59.99 16.98
C PHE F 226 -36.97 -59.51 17.00
N VAL F 227 -37.48 -59.09 18.15
CA VAL F 227 -38.85 -58.60 18.24
C VAL F 227 -38.98 -57.27 17.49
N VAL F 228 -40.15 -57.04 16.91
CA VAL F 228 -40.38 -55.92 16.00
C VAL F 228 -41.80 -55.38 16.18
N GLU F 229 -41.94 -54.08 16.45
CA GLU F 229 -43.25 -53.46 16.50
C GLU F 229 -43.69 -53.01 15.11
N MET F 230 -44.96 -52.66 15.00
CA MET F 230 -45.60 -52.54 13.69
C MET F 230 -46.91 -51.79 13.87
N TYR F 231 -47.08 -50.66 13.19
CA TYR F 231 -48.33 -49.90 13.24
C TYR F 231 -48.91 -49.83 11.84
N VAL F 232 -49.69 -50.82 11.48
CA VAL F 232 -50.22 -50.96 10.12
C VAL F 232 -51.65 -50.44 10.08
N ARG F 233 -51.94 -49.65 9.06
CA ARG F 233 -53.32 -49.25 8.75
C ARG F 233 -53.99 -50.41 8.04
N TRP F 234 -54.88 -51.10 8.73
CA TRP F 234 -55.46 -52.32 8.17
C TRP F 234 -56.81 -52.08 7.53
N ASN F 235 -57.57 -51.15 8.09
CA ASN F 235 -58.84 -50.65 7.60
C ASN F 235 -58.83 -49.21 8.08
N GLY F 236 -59.99 -48.60 8.31
CA GLY F 236 -60.04 -47.29 8.94
C GLY F 236 -59.33 -47.12 10.29
N VAL F 237 -59.01 -48.22 10.97
CA VAL F 237 -58.32 -48.17 12.23
C VAL F 237 -56.85 -48.47 12.02
N TRP F 238 -56.04 -48.22 13.04
CA TRP F 238 -54.62 -48.49 13.04
C TRP F 238 -54.32 -49.64 13.99
N ILE F 239 -53.96 -50.78 13.43
CA ILE F 239 -53.62 -51.97 14.20
C ILE F 239 -52.19 -51.83 14.68
N ARG F 240 -51.97 -52.11 15.97
CA ARG F 240 -50.64 -52.29 16.53
C ARG F 240 -50.37 -53.78 16.71
N ALA F 241 -49.25 -54.25 16.18
CA ALA F 241 -48.88 -55.64 16.35
C ALA F 241 -47.39 -55.71 16.63
N LEU F 242 -46.97 -56.71 17.40
CA LEU F 242 -45.55 -56.98 17.56
C LEU F 242 -45.33 -58.47 17.57
N PHE F 243 -44.38 -58.94 16.76
CA PHE F 243 -44.21 -60.35 16.52
C PHE F 243 -42.73 -60.68 16.54
N TRP F 244 -42.42 -61.93 16.23
CA TRP F 244 -41.05 -62.37 16.00
C TRP F 244 -41.11 -63.49 14.97
N GLY F 245 -40.03 -64.28 14.89
CA GLY F 245 -39.87 -65.19 13.76
C GLY F 245 -40.91 -66.29 13.65
N ARG F 246 -41.50 -66.68 14.78
CA ARG F 246 -42.65 -67.57 14.75
C ARG F 246 -43.65 -67.12 15.81
N GLY F 247 -44.90 -66.96 15.39
CA GLY F 247 -45.94 -66.48 16.26
C GLY F 247 -45.88 -64.99 16.51
N ILE F 248 -47.04 -64.43 16.87
CA ILE F 248 -47.13 -63.05 17.28
C ILE F 248 -47.21 -63.02 18.80
N LEU F 249 -47.04 -61.84 19.39
CA LEU F 249 -47.02 -61.72 20.84
C LEU F 249 -48.17 -60.89 21.38
N GLU F 250 -48.51 -59.78 20.74
CA GLU F 250 -49.74 -59.07 21.06
C GLU F 250 -50.18 -58.31 19.81
N MET F 251 -51.48 -58.09 19.71
CA MET F 251 -52.05 -57.48 18.51
C MET F 251 -53.39 -56.88 18.87
N SER F 252 -53.51 -55.56 18.74
CA SER F 252 -54.74 -54.88 19.15
C SER F 252 -54.85 -53.58 18.40
N VAL F 253 -56.01 -52.95 18.51
CA VAL F 253 -56.20 -51.60 18.00
C VAL F 253 -55.36 -50.64 18.84
N SER F 254 -54.72 -49.68 18.19
CA SER F 254 -53.80 -48.76 18.86
C SER F 254 -54.54 -47.92 19.89
N ALA F 255 -53.94 -47.82 21.08
CA ALA F 255 -54.62 -47.20 22.21
C ALA F 255 -54.63 -45.69 22.15
N TYR F 256 -53.74 -45.08 21.38
CA TYR F 256 -53.57 -43.64 21.42
C TYR F 256 -54.49 -42.99 20.39
N LEU F 257 -55.12 -41.89 20.78
CA LEU F 257 -56.05 -41.21 19.90
C LEU F 257 -55.36 -40.06 19.18
N ASP F 258 -56.14 -39.23 18.51
CA ASP F 258 -55.62 -38.15 17.69
C ASP F 258 -56.50 -36.92 17.90
N ARG F 259 -56.28 -35.84 17.14
CA ARG F 259 -57.07 -34.63 17.31
C ARG F 259 -58.47 -34.75 16.74
N ASN F 260 -58.76 -35.81 15.97
CA ASN F 260 -60.07 -36.02 15.42
C ASN F 260 -60.90 -37.02 16.21
N GLY F 261 -60.27 -37.82 17.07
CA GLY F 261 -60.97 -38.78 17.90
C GLY F 261 -60.72 -40.22 17.53
N LYS F 262 -60.21 -40.48 16.36
CA LYS F 262 -59.97 -41.80 15.83
C LYS F 262 -58.56 -42.28 16.19
N PRO F 263 -58.35 -43.58 16.40
CA PRO F 263 -57.04 -44.05 16.83
C PRO F 263 -56.02 -44.01 15.70
N THR F 264 -54.81 -43.54 16.03
CA THR F 264 -53.73 -43.37 15.08
C THR F 264 -52.41 -43.89 15.61
N CYS F 265 -51.27 -43.50 14.93
CA CYS F 265 -49.92 -43.91 15.25
C CYS F 265 -49.22 -42.84 16.09
N PRO F 266 -48.34 -43.24 16.98
CA PRO F 266 -47.55 -42.24 17.71
C PRO F 266 -46.20 -41.95 17.07
N ILE F 267 -45.75 -42.79 16.13
CA ILE F 267 -44.41 -42.64 15.58
C ILE F 267 -44.37 -41.45 14.63
N GLU F 268 -43.39 -40.57 14.84
CA GLU F 268 -43.22 -39.40 14.00
C GLU F 268 -41.76 -39.21 13.63
N ALA F 269 -41.53 -38.74 12.41
CA ALA F 269 -40.18 -38.72 11.84
C ALA F 269 -40.11 -37.73 10.70
N ARG F 270 -38.89 -37.49 10.21
CA ARG F 270 -38.66 -36.51 9.16
C ARG F 270 -37.29 -36.75 8.54
N SER F 271 -37.21 -36.63 7.23
CA SER F 271 -35.96 -36.81 6.49
C SER F 271 -35.49 -35.48 5.90
N CYS F 272 -34.23 -35.45 5.49
CA CYS F 272 -33.63 -34.19 5.06
C CYS F 272 -33.97 -33.90 3.59
N TYR F 273 -33.56 -34.78 2.68
CA TYR F 273 -33.87 -34.61 1.27
C TYR F 273 -34.45 -35.89 0.71
N ILE F 274 -35.07 -35.76 -0.46
CA ILE F 274 -35.73 -36.86 -1.15
C ILE F 274 -35.27 -36.80 -2.61
N ASP F 275 -35.35 -37.94 -3.30
CA ASP F 275 -34.91 -38.03 -4.68
C ASP F 275 -36.11 -38.42 -5.55
N ARG F 276 -35.90 -38.61 -6.86
CA ARG F 276 -37.01 -38.92 -7.75
C ARG F 276 -37.53 -40.33 -7.49
N GLU F 277 -36.69 -41.34 -7.67
CA GLU F 277 -36.92 -42.58 -6.96
C GLU F 277 -36.62 -42.35 -5.49
N ASN F 278 -37.33 -43.06 -4.63
CA ASN F 278 -37.40 -42.64 -3.23
C ASN F 278 -36.13 -42.93 -2.44
N ARG F 279 -35.19 -42.00 -2.45
CA ARG F 279 -34.00 -42.06 -1.64
C ARG F 279 -34.12 -41.04 -0.51
N ARG F 280 -33.47 -41.32 0.61
CA ARG F 280 -33.50 -40.43 1.76
C ARG F 280 -32.04 -40.13 2.07
N TYR F 281 -31.45 -39.16 1.40
CA TYR F 281 -30.06 -38.88 1.72
C TYR F 281 -30.02 -37.71 2.69
N GLY F 282 -28.82 -37.41 3.19
CA GLY F 282 -28.69 -36.38 4.20
C GLY F 282 -27.92 -35.17 3.75
N GLU F 283 -26.90 -34.81 4.50
CA GLU F 283 -26.00 -33.72 4.11
C GLU F 283 -24.65 -34.24 3.64
N VAL F 284 -24.21 -35.36 4.17
CA VAL F 284 -22.90 -35.91 3.87
C VAL F 284 -23.05 -36.92 2.73
N ARG F 285 -24.18 -36.90 2.04
CA ARG F 285 -24.20 -37.51 0.70
C ARG F 285 -23.43 -36.66 -0.28
N ASP F 286 -23.57 -35.34 -0.17
CA ASP F 286 -22.61 -34.42 -0.76
C ASP F 286 -21.35 -34.44 0.11
N LEU F 287 -20.32 -33.66 -0.29
CA LEU F 287 -19.02 -33.60 0.40
C LEU F 287 -18.36 -34.97 0.44
N ARG F 288 -18.62 -35.80 -0.54
CA ARG F 288 -17.91 -37.05 -0.74
C ARG F 288 -17.13 -37.06 -2.04
N SER F 289 -17.74 -36.60 -3.10
CA SER F 289 -17.00 -36.37 -4.32
C SER F 289 -16.00 -35.22 -4.17
N PRO F 290 -16.28 -34.10 -3.50
CA PRO F 290 -15.19 -33.17 -3.21
C PRO F 290 -14.31 -33.53 -2.03
N GLN F 291 -14.37 -34.76 -1.53
CA GLN F 291 -13.53 -35.15 -0.41
C GLN F 291 -12.74 -36.41 -0.70
N ASP F 292 -13.13 -37.20 -1.69
CA ASP F 292 -12.24 -38.16 -2.31
C ASP F 292 -11.28 -37.53 -3.30
N ALA F 293 -11.38 -36.23 -3.54
CA ALA F 293 -10.41 -35.55 -4.39
C ALA F 293 -9.43 -34.73 -3.59
N ILE F 294 -9.46 -34.84 -2.27
CA ILE F 294 -8.40 -34.31 -1.42
C ILE F 294 -7.54 -35.43 -0.87
N ASN F 295 -8.15 -36.56 -0.54
CA ASN F 295 -7.39 -37.71 -0.10
C ASN F 295 -6.62 -38.34 -1.24
N LYS F 296 -7.19 -38.37 -2.44
CA LYS F 296 -6.50 -39.00 -3.55
C LYS F 296 -5.49 -38.08 -4.22
N ARG F 297 -5.78 -36.79 -4.35
CA ARG F 297 -4.77 -35.89 -4.88
C ARG F 297 -3.68 -35.56 -3.87
N GLU F 298 -3.64 -36.19 -2.71
CA GLU F 298 -2.52 -36.07 -1.80
C GLU F 298 -1.62 -37.28 -1.85
N SER F 299 -2.18 -38.48 -1.98
CA SER F 299 -1.37 -39.68 -2.10
C SER F 299 -0.77 -39.85 -3.47
N LYS F 300 -1.30 -39.18 -4.50
CA LYS F 300 -0.63 -39.23 -5.79
C LYS F 300 0.65 -38.44 -5.77
N LEU F 301 0.66 -37.30 -5.08
CA LEU F 301 1.84 -36.44 -5.02
C LEU F 301 2.92 -37.00 -4.12
N LEU F 302 2.52 -37.71 -3.07
CA LEU F 302 3.51 -38.31 -2.20
C LEU F 302 4.18 -39.48 -2.90
N HIS F 303 3.47 -40.17 -3.77
CA HIS F 303 4.05 -41.26 -4.52
C HIS F 303 4.91 -40.75 -5.66
N MET F 304 4.62 -39.57 -6.17
CA MET F 304 5.29 -39.05 -7.34
C MET F 304 6.52 -38.22 -6.99
N LEU F 305 6.63 -37.77 -5.74
CA LEU F 305 7.76 -36.99 -5.27
C LEU F 305 8.72 -37.79 -4.39
N ASN F 306 8.80 -39.10 -4.60
CA ASN F 306 9.84 -39.92 -4.02
C ASN F 306 10.44 -40.94 -4.96
N ASN F 307 9.92 -41.09 -6.16
CA ASN F 307 10.33 -42.15 -7.06
C ASN F 307 10.82 -41.55 -8.38
N ARG F 308 11.94 -42.04 -8.86
CA ARG F 308 12.54 -41.55 -10.09
C ARG F 308 12.65 -42.73 -11.05
N GLN F 309 11.80 -42.74 -12.08
CA GLN F 309 11.80 -43.86 -13.00
C GLN F 309 13.03 -43.83 -13.89
N ALA F 310 13.60 -45.00 -14.14
CA ALA F 310 14.89 -45.15 -14.76
C ALA F 310 14.76 -45.62 -16.19
N ILE F 311 15.36 -44.89 -17.13
CA ILE F 311 15.34 -45.25 -18.53
C ILE F 311 16.72 -45.77 -18.90
N ALA F 312 16.77 -46.65 -19.89
CA ALA F 312 18.03 -47.22 -20.33
C ALA F 312 18.60 -46.38 -21.45
N THR F 313 19.90 -46.11 -21.37
CA THR F 313 20.55 -45.28 -22.38
C THR F 313 21.55 -46.06 -23.21
N ASN F 314 22.55 -46.66 -22.58
CA ASN F 314 23.62 -47.35 -23.31
C ASN F 314 23.45 -48.85 -23.09
N PRO F 315 22.98 -49.60 -24.06
CA PRO F 315 22.62 -51.01 -23.82
C PRO F 315 23.80 -51.97 -23.73
N GLU F 316 25.03 -51.49 -23.54
CA GLU F 316 26.14 -52.36 -23.21
C GLU F 316 26.55 -52.24 -21.75
N TYR F 317 26.73 -51.02 -21.24
CA TYR F 317 27.01 -50.89 -19.81
C TYR F 317 25.75 -51.07 -18.99
N ALA F 318 24.61 -50.65 -19.51
CA ALA F 318 23.34 -51.09 -18.97
C ALA F 318 23.05 -52.48 -19.50
N TYR F 319 21.86 -53.00 -19.18
CA TYR F 319 21.46 -54.40 -19.40
C TYR F 319 22.43 -55.37 -18.76
N ASN F 320 23.14 -54.93 -17.72
CA ASN F 320 24.21 -55.71 -17.14
C ASN F 320 23.98 -55.96 -15.67
N SER F 321 23.60 -54.93 -14.93
CA SER F 321 23.36 -55.09 -13.51
C SER F 321 22.01 -55.73 -13.25
N ASP F 322 20.92 -55.00 -13.54
CA ASP F 322 19.54 -55.43 -13.35
C ASP F 322 18.71 -54.24 -13.83
N ALA F 323 17.39 -54.39 -13.84
CA ALA F 323 16.52 -53.24 -14.07
C ALA F 323 15.84 -52.78 -12.80
N GLU F 324 15.15 -53.68 -12.11
CA GLU F 324 14.35 -53.29 -10.97
C GLU F 324 15.20 -53.00 -9.74
N MET F 325 16.42 -53.51 -9.69
CA MET F 325 17.34 -53.15 -8.63
C MET F 325 17.94 -51.77 -8.83
N VAL F 326 18.06 -51.30 -10.06
CA VAL F 326 18.71 -50.02 -10.31
C VAL F 326 17.79 -48.87 -9.96
N ARG F 327 16.52 -48.93 -10.33
CA ARG F 327 15.66 -47.81 -10.03
C ARG F 327 15.27 -47.73 -8.56
N LYS F 328 15.57 -48.74 -7.75
CA LYS F 328 15.46 -48.54 -6.32
C LYS F 328 16.71 -47.93 -5.73
N GLU F 329 17.80 -47.85 -6.49
CA GLU F 329 18.99 -47.15 -6.06
C GLU F 329 18.98 -45.69 -6.42
N MET F 330 18.10 -45.30 -7.33
CA MET F 330 17.97 -43.89 -7.68
C MET F 330 17.03 -43.15 -6.76
N SER F 331 16.06 -43.83 -6.21
CA SER F 331 15.05 -43.15 -5.41
C SER F 331 15.46 -42.96 -3.96
N LYS F 332 16.55 -43.58 -3.52
CA LYS F 332 16.99 -43.33 -2.16
C LYS F 332 18.32 -42.59 -2.17
N PRO F 333 18.52 -41.63 -1.26
CA PRO F 333 19.70 -40.77 -1.36
C PRO F 333 21.02 -41.44 -1.01
N ASP F 334 21.03 -42.58 -0.34
CA ASP F 334 22.28 -43.28 -0.06
C ASP F 334 22.54 -44.41 -1.07
N GLY F 335 22.59 -44.06 -2.35
CA GLY F 335 22.67 -45.09 -3.36
C GLY F 335 23.91 -45.08 -4.23
N ILE F 336 24.15 -46.21 -4.90
CA ILE F 336 25.21 -46.36 -5.90
C ILE F 336 24.53 -46.76 -7.19
N ILE F 337 24.83 -46.04 -8.27
CA ILE F 337 24.15 -46.24 -9.55
C ILE F 337 25.16 -46.74 -10.57
N PRO F 338 24.87 -47.83 -11.28
CA PRO F 338 25.79 -48.30 -12.31
C PRO F 338 25.72 -47.43 -13.55
N PRO F 339 26.70 -47.52 -14.45
CA PRO F 339 26.65 -46.72 -15.67
C PRO F 339 25.57 -47.21 -16.62
N GLY F 340 25.11 -46.30 -17.48
CA GLY F 340 24.20 -46.63 -18.54
C GLY F 340 22.74 -46.38 -18.24
N TRP F 341 22.40 -45.91 -17.05
CA TRP F 341 21.03 -45.67 -16.65
C TRP F 341 20.85 -44.21 -16.32
N GLN F 342 19.71 -43.64 -16.72
CA GLN F 342 19.43 -42.21 -16.61
C GLN F 342 18.22 -41.96 -15.72
N PRO F 343 18.36 -41.18 -14.67
CA PRO F 343 17.22 -40.95 -13.75
C PRO F 343 16.24 -39.88 -14.22
N ALA F 344 15.30 -40.27 -15.06
CA ALA F 344 14.30 -39.33 -15.57
C ALA F 344 13.13 -39.28 -14.61
N SER F 345 13.08 -38.23 -13.80
CA SER F 345 12.01 -38.15 -12.83
C SER F 345 10.80 -37.41 -13.39
N MET F 346 9.65 -37.62 -12.75
CA MET F 346 8.40 -36.94 -13.12
C MET F 346 8.16 -35.73 -12.21
N THR F 347 9.14 -34.82 -12.15
CA THR F 347 8.92 -33.56 -11.43
C THR F 347 8.42 -32.47 -12.36
N ASP F 348 7.47 -32.87 -13.19
CA ASP F 348 6.65 -32.03 -14.04
C ASP F 348 5.27 -32.65 -13.92
N LEU F 349 4.24 -31.89 -14.32
CA LEU F 349 2.83 -32.20 -14.06
C LEU F 349 2.58 -32.53 -12.58
N ALA F 350 3.31 -31.86 -11.70
CA ALA F 350 3.01 -31.80 -10.28
C ALA F 350 2.52 -30.43 -9.87
N ASN F 351 2.96 -29.39 -10.56
CA ASN F 351 2.37 -28.08 -10.40
C ASN F 351 1.00 -27.98 -11.04
N GLY F 352 0.65 -28.92 -11.89
CA GLY F 352 -0.70 -29.09 -12.34
C GLY F 352 -1.56 -29.87 -11.39
N GLN F 353 -0.95 -30.61 -10.46
CA GLN F 353 -1.68 -31.30 -9.42
C GLN F 353 -1.90 -30.44 -8.19
N PHE F 354 -0.93 -29.62 -7.81
CA PHE F 354 -1.12 -28.67 -6.71
C PHE F 354 -2.18 -27.64 -7.03
N ALA F 355 -2.30 -27.24 -8.28
CA ALA F 355 -3.34 -26.31 -8.67
C ALA F 355 -4.67 -27.00 -8.90
N LEU F 356 -4.75 -28.30 -8.67
CA LEU F 356 -5.98 -29.05 -8.83
C LEU F 356 -6.43 -29.70 -7.54
N LEU F 357 -5.54 -29.80 -6.54
CA LEU F 357 -5.95 -30.04 -5.17
C LEU F 357 -6.46 -28.77 -4.51
N SER F 358 -5.77 -27.66 -4.74
CA SER F 358 -6.16 -26.40 -4.13
C SER F 358 -7.43 -25.81 -4.72
N SER F 359 -7.94 -26.38 -5.79
CA SER F 359 -9.28 -26.08 -6.26
C SER F 359 -10.34 -26.92 -5.57
N ALA F 360 -9.95 -27.96 -4.85
CA ALA F 360 -10.89 -28.80 -4.13
C ALA F 360 -10.76 -28.67 -2.62
N ARG F 361 -9.70 -28.05 -2.10
CA ARG F 361 -9.69 -27.60 -0.72
C ARG F 361 -10.47 -26.32 -0.52
N GLU F 362 -10.82 -25.63 -1.61
CA GLU F 362 -11.54 -24.38 -1.52
C GLU F 362 -13.04 -24.54 -1.77
N PHE F 363 -13.43 -25.49 -2.62
CA PHE F 363 -14.85 -25.76 -2.76
C PHE F 363 -15.40 -26.51 -1.55
N ILE F 364 -14.58 -27.35 -0.91
CA ILE F 364 -15.02 -28.09 0.27
C ILE F 364 -15.21 -27.18 1.47
N GLN F 365 -14.70 -25.96 1.41
CA GLN F 365 -14.86 -24.97 2.45
C GLN F 365 -15.98 -24.01 2.14
N ARG F 366 -16.52 -24.04 0.93
CA ARG F 366 -17.52 -23.07 0.51
C ARG F 366 -18.93 -23.65 0.43
N ILE F 367 -19.06 -24.96 0.25
CA ILE F 367 -20.37 -25.59 0.22
C ILE F 367 -20.67 -26.18 1.59
N GLY F 368 -19.63 -26.61 2.30
CA GLY F 368 -19.88 -27.31 3.53
C GLY F 368 -19.63 -26.48 4.77
N GLN F 369 -18.52 -25.76 4.80
CA GLN F 369 -18.02 -25.16 6.04
C GLN F 369 -18.42 -23.70 6.13
N ASN F 370 -19.64 -23.40 5.67
CA ASN F 370 -20.31 -22.16 6.02
C ASN F 370 -20.81 -21.95 7.47
N PRO F 371 -21.20 -23.00 8.33
CA PRO F 371 -22.03 -22.66 9.49
C PRO F 371 -21.30 -21.89 10.59
N SER F 372 -21.03 -20.61 10.31
CA SER F 372 -20.37 -19.65 11.17
C SER F 372 -18.95 -20.07 11.55
N VAL F 373 -18.28 -20.87 10.72
CA VAL F 373 -16.86 -21.18 10.90
C VAL F 373 -16.15 -20.91 9.57
N LEU F 374 -15.73 -19.67 9.38
CA LEU F 374 -15.10 -19.25 8.14
C LEU F 374 -13.82 -18.48 8.43
N ALA F 375 -13.77 -17.86 9.61
CA ALA F 375 -12.67 -16.98 9.99
C ALA F 375 -11.40 -17.76 10.31
N ARG F 384 -17.57 -11.22 8.62
CA ARG F 384 -17.50 -9.87 9.14
C ARG F 384 -18.22 -9.76 10.48
N ALA F 385 -18.29 -8.54 11.00
CA ALA F 385 -18.86 -8.28 12.32
C ALA F 385 -20.39 -8.37 12.29
N GLN F 386 -20.91 -9.60 12.35
CA GLN F 386 -22.33 -9.91 12.48
C GLN F 386 -23.15 -9.35 11.31
N LEU F 387 -22.57 -9.29 10.12
CA LEU F 387 -23.30 -8.98 8.90
C LEU F 387 -23.03 -9.98 7.78
N ALA F 388 -21.81 -10.47 7.65
CA ALA F 388 -21.49 -11.56 6.75
C ALA F 388 -21.77 -12.92 7.38
N ARG F 389 -22.39 -12.96 8.56
CA ARG F 389 -22.90 -14.20 9.14
C ARG F 389 -24.32 -14.09 9.67
N GLN F 390 -24.82 -12.88 9.97
CA GLN F 390 -26.19 -12.72 10.44
C GLN F 390 -27.18 -12.66 9.30
N GLN F 391 -26.74 -12.33 8.09
CA GLN F 391 -27.67 -12.30 6.97
C GLN F 391 -27.07 -13.04 5.79
N ALA F 392 -25.78 -13.37 5.87
CA ALA F 392 -25.09 -14.03 4.77
C ALA F 392 -24.68 -15.46 5.08
N GLY F 393 -24.51 -15.81 6.35
CA GLY F 393 -24.11 -17.16 6.67
C GLY F 393 -25.26 -18.05 7.08
N MET F 394 -26.25 -17.46 7.77
CA MET F 394 -27.38 -18.22 8.29
C MET F 394 -28.55 -18.27 7.32
N VAL F 395 -28.37 -17.82 6.09
CA VAL F 395 -29.41 -17.97 5.08
C VAL F 395 -29.07 -19.11 4.13
N ASP F 396 -27.84 -19.63 4.16
CA ASP F 396 -27.52 -20.83 3.40
C ASP F 396 -27.81 -22.08 4.19
N SER F 397 -27.82 -21.99 5.51
CA SER F 397 -28.27 -23.07 6.39
C SER F 397 -29.69 -22.83 6.87
N ALA F 398 -30.57 -22.29 6.02
CA ALA F 398 -31.93 -22.02 6.47
C ALA F 398 -32.85 -23.22 6.24
N MET F 399 -32.84 -23.80 5.04
CA MET F 399 -33.42 -25.12 4.85
C MET F 399 -32.63 -26.14 5.65
N ALA F 400 -33.32 -27.18 6.09
CA ALA F 400 -32.79 -28.29 6.88
C ALA F 400 -32.16 -27.84 8.19
N LEU F 401 -32.47 -26.64 8.66
CA LEU F 401 -32.20 -26.26 10.04
C LEU F 401 -33.47 -25.61 10.55
N ASN F 402 -34.23 -25.01 9.63
CA ASN F 402 -35.63 -24.71 9.86
C ASN F 402 -36.50 -25.81 9.27
N GLY F 403 -35.97 -27.02 9.21
CA GLY F 403 -36.72 -28.20 8.89
C GLY F 403 -36.67 -29.12 10.09
N LEU F 404 -35.60 -29.04 10.86
CA LEU F 404 -35.50 -29.83 12.07
C LEU F 404 -36.25 -29.19 13.23
N ARG F 405 -36.36 -27.86 13.24
CA ARG F 405 -37.27 -27.20 14.16
C ARG F 405 -38.71 -27.61 13.90
N ARG F 406 -39.04 -27.88 12.64
CA ARG F 406 -40.39 -28.27 12.30
C ARG F 406 -40.72 -29.69 12.75
N PHE F 407 -39.71 -30.57 12.84
CA PHE F 407 -39.90 -31.86 13.48
C PHE F 407 -40.04 -31.73 14.98
N GLU F 408 -39.28 -30.85 15.62
CA GLU F 408 -39.24 -30.79 17.07
C GLU F 408 -40.54 -30.23 17.63
N LEU F 409 -41.12 -29.23 16.98
CA LEU F 409 -42.40 -28.71 17.45
C LEU F 409 -43.57 -29.51 16.90
N ALA F 410 -43.32 -30.55 16.12
CA ALA F 410 -44.36 -31.48 15.73
C ALA F 410 -44.43 -32.68 16.64
N VAL F 411 -43.59 -32.74 17.66
CA VAL F 411 -43.67 -33.83 18.63
C VAL F 411 -44.38 -33.29 19.86
N TYR F 412 -44.12 -32.02 20.18
CA TYR F 412 -44.83 -31.35 21.29
C TYR F 412 -46.32 -31.30 21.03
N ARG F 413 -46.70 -31.09 19.77
CA ARG F 413 -48.10 -31.21 19.39
C ARG F 413 -48.60 -32.63 19.59
N GLN F 414 -47.79 -33.62 19.26
CA GLN F 414 -48.17 -35.01 19.46
C GLN F 414 -48.10 -35.42 20.92
N ALA F 415 -47.52 -34.60 21.80
CA ALA F 415 -47.43 -34.92 23.21
C ALA F 415 -48.51 -34.26 24.05
N TRP F 416 -49.21 -33.26 23.54
CA TRP F 416 -50.37 -32.75 24.25
C TRP F 416 -51.59 -33.63 24.07
N LEU F 417 -51.65 -34.42 22.99
CA LEU F 417 -52.74 -35.36 22.84
C LEU F 417 -52.64 -36.53 23.80
N ARG F 418 -51.46 -36.82 24.34
CA ARG F 418 -51.28 -37.94 25.26
C ARG F 418 -51.38 -37.54 26.71
N CYS F 419 -51.01 -36.32 27.06
CA CYS F 419 -51.24 -35.79 28.39
C CYS F 419 -52.56 -35.06 28.49
N ARG F 420 -53.52 -35.41 27.65
CA ARG F 420 -54.88 -34.93 27.81
C ARG F 420 -55.84 -36.07 28.11
N GLN F 421 -55.84 -37.13 27.30
CA GLN F 421 -56.80 -38.21 27.48
C GLN F 421 -56.48 -39.11 28.64
N PHE F 422 -55.30 -39.00 29.25
CA PHE F 422 -54.93 -39.86 30.36
C PHE F 422 -54.88 -39.15 31.70
N TRP F 423 -54.58 -37.85 31.72
CA TRP F 423 -54.55 -37.11 32.98
C TRP F 423 -55.95 -36.71 33.39
N LYS F 424 -56.41 -37.24 34.51
CA LYS F 424 -57.68 -36.85 35.09
C LYS F 424 -57.48 -35.60 35.95
N ALA F 425 -58.48 -35.23 36.72
CA ALA F 425 -58.46 -33.99 37.49
C ALA F 425 -57.40 -33.88 38.60
N PRO F 426 -57.08 -34.89 39.41
CA PRO F 426 -56.01 -34.70 40.40
C PRO F 426 -54.61 -34.88 39.85
N ASP F 427 -54.40 -34.86 38.54
CA ASP F 427 -53.06 -34.90 37.97
C ASP F 427 -52.59 -33.55 37.47
N TYR F 428 -53.52 -32.68 37.09
CA TYR F 428 -53.18 -31.31 36.77
C TYR F 428 -52.82 -30.52 38.01
N ILE F 429 -53.35 -30.90 39.17
CA ILE F 429 -53.11 -30.14 40.38
C ILE F 429 -51.74 -30.47 40.94
N ARG F 430 -51.22 -31.67 40.68
CA ARG F 430 -49.90 -32.04 41.17
C ARG F 430 -48.80 -31.29 40.43
N VAL F 431 -49.00 -31.01 39.14
CA VAL F 431 -47.95 -30.41 38.33
C VAL F 431 -47.94 -28.90 38.49
N THR F 432 -49.07 -28.25 38.23
CA THR F 432 -49.15 -26.80 38.27
C THR F 432 -49.28 -26.25 39.68
N ASP F 433 -49.67 -27.11 40.64
CA ASP F 433 -49.73 -26.82 42.07
C ASP F 433 -50.65 -25.63 42.39
N ASP F 434 -51.92 -25.81 42.07
CA ASP F 434 -52.97 -24.84 42.37
C ASP F 434 -54.32 -25.52 42.33
N GLU F 435 -54.99 -25.57 43.47
CA GLU F 435 -56.34 -26.10 43.49
C GLU F 435 -57.27 -25.13 42.78
N GLY F 436 -57.97 -25.63 41.77
CA GLY F 436 -58.70 -24.77 40.85
C GLY F 436 -58.08 -24.63 39.50
N ALA F 437 -57.07 -25.43 39.18
CA ALA F 437 -56.51 -25.54 37.84
C ALA F 437 -57.27 -26.40 36.83
N PRO F 438 -57.81 -27.59 37.15
CA PRO F 438 -58.48 -28.35 36.08
C PRO F 438 -59.81 -27.79 35.62
N GLN F 439 -60.34 -26.74 36.25
CA GLN F 439 -61.56 -26.12 35.75
C GLN F 439 -61.34 -25.32 34.48
N PHE F 440 -60.09 -25.07 34.09
CA PHE F 440 -59.76 -24.27 32.93
C PHE F 440 -59.48 -25.09 31.68
N VAL F 441 -59.59 -26.43 31.75
CA VAL F 441 -59.24 -27.29 30.63
C VAL F 441 -60.36 -28.27 30.33
N GLY F 442 -61.59 -27.87 30.62
CA GLY F 442 -62.73 -28.66 30.20
C GLY F 442 -63.06 -29.84 31.08
N ILE F 443 -62.99 -29.67 32.39
CA ILE F 443 -63.56 -30.64 33.32
C ILE F 443 -64.04 -29.86 34.53
N ASN F 444 -65.08 -30.39 35.18
CA ASN F 444 -65.84 -29.72 36.26
C ASN F 444 -66.35 -28.33 35.86
N ALA F 464 -52.21 -38.22 50.63
CA ALA F 464 -53.22 -39.07 50.01
C ALA F 464 -52.56 -40.19 49.22
N GLU F 465 -53.22 -40.63 48.15
CA GLU F 465 -52.65 -41.67 47.32
C GLU F 465 -51.53 -41.10 46.45
N PRO F 466 -50.59 -41.94 46.01
CA PRO F 466 -49.71 -41.55 44.90
C PRO F 466 -50.53 -41.34 43.64
N ILE F 467 -50.39 -40.18 43.04
CA ILE F 467 -51.23 -39.76 41.92
C ILE F 467 -50.49 -39.83 40.59
N LEU F 468 -49.23 -39.41 40.55
CA LEU F 468 -48.37 -39.71 39.41
C LEU F 468 -47.21 -40.59 39.81
N GLY F 469 -47.42 -41.55 40.70
CA GLY F 469 -46.33 -42.35 41.21
C GLY F 469 -45.34 -41.58 42.04
N TYR F 470 -45.76 -40.50 42.69
CA TYR F 470 -44.89 -39.67 43.50
C TYR F 470 -45.30 -39.84 44.97
N GLU F 471 -44.49 -40.58 45.70
CA GLU F 471 -44.86 -41.04 47.02
C GLU F 471 -44.67 -39.99 48.11
N ASN F 472 -44.02 -38.86 47.82
CA ASN F 472 -43.90 -37.78 48.79
C ASN F 472 -44.85 -36.61 48.54
N ALA F 473 -45.04 -36.24 47.28
CA ALA F 473 -45.84 -35.10 46.83
C ALA F 473 -45.37 -33.76 47.40
N LEU F 474 -44.11 -33.66 47.80
CA LEU F 474 -43.58 -32.39 48.28
C LEU F 474 -42.33 -31.93 47.54
N ALA F 475 -41.33 -32.80 47.36
CA ALA F 475 -40.12 -32.40 46.66
C ALA F 475 -39.52 -33.63 45.97
N GLU F 476 -39.69 -33.71 44.65
CA GLU F 476 -39.17 -34.80 43.85
C GLU F 476 -38.36 -34.23 42.70
N LEU F 477 -37.61 -35.10 42.01
CA LEU F 477 -36.64 -34.64 41.02
C LEU F 477 -37.26 -34.09 39.77
N ASP F 478 -38.19 -34.84 39.17
CA ASP F 478 -38.86 -34.51 37.94
C ASP F 478 -39.62 -33.21 38.02
N VAL F 479 -40.57 -33.12 38.95
CA VAL F 479 -41.53 -32.02 38.96
C VAL F 479 -40.81 -30.72 39.29
N ASP F 480 -40.31 -30.61 40.51
CA ASP F 480 -40.15 -29.30 41.11
C ASP F 480 -38.77 -29.12 41.72
N ILE F 481 -37.74 -29.69 41.10
CA ILE F 481 -36.38 -29.36 41.49
C ILE F 481 -35.56 -28.90 40.29
N ASN F 482 -35.41 -29.75 39.27
CA ASN F 482 -34.78 -29.42 37.98
C ASN F 482 -33.33 -28.94 38.15
N ILE F 483 -32.45 -29.88 38.52
CA ILE F 483 -31.03 -29.58 38.70
C ILE F 483 -30.41 -29.05 37.42
N ASP F 484 -29.70 -27.92 37.54
CA ASP F 484 -29.06 -27.27 36.40
C ASP F 484 -27.83 -26.53 36.91
N ALA F 485 -26.88 -26.30 36.02
CA ALA F 485 -25.64 -25.62 36.39
C ALA F 485 -25.82 -24.10 36.31
N VAL F 486 -24.83 -23.38 36.82
CA VAL F 486 -24.88 -21.92 36.90
C VAL F 486 -23.42 -21.48 37.09
N PRO F 487 -23.01 -20.25 36.80
CA PRO F 487 -21.62 -19.85 37.04
C PRO F 487 -21.27 -19.80 38.51
N ASP F 488 -19.96 -19.74 38.76
CA ASP F 488 -19.36 -20.02 40.05
C ASP F 488 -19.42 -18.81 40.97
N THR F 489 -19.52 -19.07 42.27
CA THR F 489 -19.43 -18.06 43.32
C THR F 489 -18.59 -18.65 44.45
N ALA F 490 -18.64 -18.01 45.61
CA ALA F 490 -17.95 -18.50 46.80
C ALA F 490 -18.90 -19.07 47.82
N ASN F 491 -19.98 -18.35 48.12
CA ASN F 491 -21.06 -18.86 48.95
C ASN F 491 -22.37 -18.37 48.39
N LEU F 492 -23.48 -18.90 48.91
CA LEU F 492 -24.79 -18.57 48.35
C LEU F 492 -25.22 -17.16 48.71
N ALA F 493 -24.59 -16.54 49.70
CA ALA F 493 -24.90 -15.15 50.01
C ALA F 493 -24.35 -14.21 48.94
N GLN F 494 -23.23 -14.56 48.32
CA GLN F 494 -22.66 -13.70 47.30
C GLN F 494 -23.43 -13.78 46.00
N GLU F 495 -23.94 -14.96 45.64
CA GLU F 495 -24.83 -15.07 44.49
C GLU F 495 -26.14 -14.35 44.74
N GLN F 496 -26.59 -14.30 45.98
CA GLN F 496 -27.77 -13.52 46.34
C GLN F 496 -27.49 -12.03 46.25
N PHE F 497 -26.23 -11.64 46.41
CA PHE F 497 -25.84 -10.23 46.37
C PHE F 497 -25.78 -9.68 44.96
N LEU F 498 -25.54 -10.53 43.96
CA LEU F 498 -25.33 -10.04 42.60
C LEU F 498 -26.63 -9.64 41.93
N GLN F 499 -27.69 -10.43 42.11
CA GLN F 499 -29.00 -10.08 41.56
C GLN F 499 -29.83 -9.26 42.51
N LEU F 500 -29.20 -8.50 43.40
CA LEU F 500 -29.86 -7.46 44.18
C LEU F 500 -29.34 -6.09 43.82
N THR F 501 -28.02 -5.92 43.75
CA THR F 501 -27.44 -4.65 43.31
C THR F 501 -27.69 -4.36 41.84
N GLU F 502 -27.83 -5.39 41.02
CA GLU F 502 -28.33 -5.21 39.66
C GLU F 502 -29.75 -4.70 39.66
N LEU F 503 -30.56 -5.19 40.59
CA LEU F 503 -31.95 -4.76 40.69
C LEU F 503 -32.06 -3.46 41.49
N ALA F 504 -31.17 -3.23 42.44
CA ALA F 504 -31.21 -1.98 43.20
C ALA F 504 -30.73 -0.79 42.39
N ARG F 505 -29.95 -1.04 41.33
CA ARG F 505 -29.40 0.06 40.55
C ARG F 505 -30.48 0.74 39.71
N LEU F 506 -31.49 -0.01 39.28
CA LEU F 506 -32.57 0.57 38.50
C LEU F 506 -33.49 1.43 39.37
N TYR F 507 -33.78 0.96 40.58
CA TYR F 507 -34.63 1.75 41.49
C TYR F 507 -33.82 2.82 42.20
N GLY F 508 -32.84 2.43 42.98
CA GLY F 508 -31.97 3.38 43.62
C GLY F 508 -31.84 3.18 45.11
N PRO F 509 -31.27 4.16 45.80
CA PRO F 509 -31.03 4.01 47.24
C PRO F 509 -32.24 4.32 48.10
N GLN F 510 -33.43 4.33 47.52
CA GLN F 510 -34.64 4.63 48.29
C GLN F 510 -35.18 3.40 49.00
N GLU F 511 -35.26 2.25 48.31
CA GLU F 511 -35.89 1.08 48.88
C GLU F 511 -34.96 -0.13 49.00
N VAL F 512 -33.67 0.05 48.75
CA VAL F 512 -32.68 -0.99 49.07
C VAL F 512 -31.66 -0.34 50.00
N PRO F 513 -31.89 -0.36 51.32
CA PRO F 513 -31.01 0.37 52.23
C PRO F 513 -29.85 -0.47 52.76
N PHE F 514 -29.06 0.09 53.68
CA PHE F 514 -28.13 -0.71 54.46
C PHE F 514 -28.86 -1.73 55.33
N ASP F 515 -28.07 -2.70 55.82
CA ASP F 515 -28.43 -3.94 56.54
C ASP F 515 -29.13 -4.93 55.61
N ASP F 516 -29.35 -4.58 54.35
CA ASP F 516 -29.94 -5.45 53.36
C ASP F 516 -29.04 -5.61 52.15
N LEU F 517 -28.05 -4.74 52.01
CA LEU F 517 -27.05 -4.83 50.95
C LEU F 517 -25.62 -4.84 51.49
N LEU F 518 -25.40 -4.38 52.72
CA LEU F 518 -24.12 -4.55 53.41
C LEU F 518 -24.03 -5.88 54.12
N GLU F 519 -25.16 -6.43 54.57
CA GLU F 519 -25.14 -7.64 55.37
C GLU F 519 -24.79 -8.85 54.51
N LEU F 520 -25.45 -9.02 53.37
CA LEU F 520 -25.16 -10.16 52.52
C LEU F 520 -24.11 -9.82 51.47
N SER F 521 -23.01 -9.22 51.90
CA SER F 521 -21.93 -8.79 51.04
C SER F 521 -20.79 -9.79 51.11
N SER F 522 -19.66 -9.42 50.53
CA SER F 522 -18.47 -10.26 50.53
C SER F 522 -17.27 -9.51 51.10
N MET F 523 -17.47 -8.85 52.23
CA MET F 523 -16.67 -8.02 53.11
C MET F 523 -16.12 -8.87 54.25
N PRO F 524 -14.82 -8.73 54.60
CA PRO F 524 -14.24 -9.61 55.63
C PRO F 524 -14.80 -9.44 57.03
N GLU F 525 -14.66 -8.26 57.59
CA GLU F 525 -15.09 -7.98 58.95
C GLU F 525 -16.31 -7.06 58.87
N LYS F 526 -17.49 -7.63 59.07
CA LYS F 526 -18.71 -6.83 59.06
C LYS F 526 -19.54 -7.00 60.32
N THR F 527 -19.39 -8.10 61.04
CA THR F 527 -20.09 -8.25 62.32
C THR F 527 -19.53 -7.29 63.37
N LYS F 528 -18.25 -6.99 63.29
CA LYS F 528 -17.65 -5.94 64.12
C LYS F 528 -17.75 -4.57 63.49
N LEU F 529 -18.56 -4.43 62.44
CA LEU F 529 -18.89 -3.12 61.88
C LEU F 529 -20.38 -2.87 61.79
N ILE F 530 -21.21 -3.92 61.70
CA ILE F 530 -22.64 -3.67 61.60
C ILE F 530 -23.23 -3.33 62.96
N ALA F 531 -22.53 -3.62 64.05
CA ALA F 531 -23.02 -3.33 65.39
C ALA F 531 -22.51 -2.01 65.93
N LYS F 532 -21.51 -1.40 65.29
CA LYS F 532 -21.08 -0.06 65.63
C LYS F 532 -21.80 1.00 64.80
N ARG F 533 -22.63 0.58 63.85
CA ARG F 533 -23.51 1.50 63.13
C ARG F 533 -24.97 1.33 63.51
N ARG F 534 -25.37 0.15 64.00
CA ARG F 534 -26.72 -0.02 64.49
C ARG F 534 -26.92 0.73 65.79
N GLU F 535 -25.85 0.92 66.56
CA GLU F 535 -25.99 1.61 67.84
C GLU F 535 -26.17 3.11 67.65
N ARG F 536 -25.64 3.68 66.56
CA ARG F 536 -25.79 5.10 66.31
C ARG F 536 -27.19 5.46 65.83
N SER F 537 -27.92 4.52 65.25
CA SER F 537 -29.32 4.73 64.90
C SER F 537 -30.25 4.28 66.02
N GLU F 538 -29.73 4.16 67.23
CA GLU F 538 -30.52 3.82 68.40
C GLU F 538 -30.32 4.79 69.54
N GLN F 539 -29.11 5.32 69.72
CA GLN F 539 -28.91 6.43 70.64
C GLN F 539 -29.32 7.77 70.02
N MET F 540 -29.56 7.81 68.72
CA MET F 540 -30.15 8.99 68.09
C MET F 540 -31.67 8.92 68.07
N ALA F 541 -32.24 7.70 68.00
CA ALA F 541 -33.68 7.57 68.07
C ALA F 541 -34.22 7.86 69.47
N GLN F 542 -33.38 7.79 70.49
CA GLN F 542 -33.79 8.24 71.82
C GLN F 542 -33.78 9.74 71.95
N VAL F 543 -33.08 10.45 71.06
CA VAL F 543 -33.22 11.90 71.00
C VAL F 543 -34.51 12.28 70.29
N GLN F 544 -34.77 11.68 69.12
CA GLN F 544 -35.95 12.01 68.34
C GLN F 544 -37.24 11.40 68.86
N ALA F 545 -37.22 10.75 70.01
CA ALA F 545 -38.44 10.36 70.72
C ALA F 545 -38.67 11.18 71.98
N GLN F 546 -37.62 11.43 72.77
CA GLN F 546 -37.79 12.24 73.96
C GLN F 546 -37.93 13.72 73.63
N GLN F 547 -37.55 14.13 72.42
CA GLN F 547 -37.86 15.48 71.94
C GLN F 547 -39.18 15.54 71.18
N GLY F 548 -39.77 14.38 70.87
CA GLY F 548 -41.02 14.35 70.15
C GLY F 548 -42.19 14.10 71.07
N GLN F 549 -41.96 13.40 72.18
CA GLN F 549 -42.99 13.16 73.18
C GLN F 549 -43.17 14.32 74.14
N MET F 550 -42.41 15.40 73.99
CA MET F 550 -42.74 16.67 74.64
C MET F 550 -43.05 17.75 73.62
N GLN F 551 -43.44 17.35 72.41
CA GLN F 551 -44.11 18.21 71.44
C GLN F 551 -45.49 17.71 71.09
N GLU F 552 -45.62 16.41 70.90
CA GLU F 552 -46.86 15.78 70.48
C GLU F 552 -47.84 15.61 71.64
N GLN F 553 -47.47 15.98 72.86
CA GLN F 553 -48.40 16.09 73.98
C GLN F 553 -48.70 17.53 74.34
N ILE F 554 -47.93 18.47 73.78
CA ILE F 554 -48.16 19.89 74.05
C ILE F 554 -48.76 20.61 72.84
N ALA F 555 -48.54 20.13 71.64
CA ALA F 555 -49.24 20.68 70.49
C ALA F 555 -50.65 20.12 70.32
N MET F 556 -51.07 19.17 71.16
CA MET F 556 -52.44 18.64 71.13
C MET F 556 -52.78 18.10 72.51
N GLN F 557 -54.08 18.10 72.82
CA GLN F 557 -54.73 17.77 74.09
C GLN F 557 -54.36 18.73 75.22
N GLY F 558 -53.58 19.75 74.91
CA GLY F 558 -53.24 20.86 75.76
C GLY F 558 -52.86 21.91 74.75
N ALA F 559 -53.34 23.15 74.94
CA ALA F 559 -53.14 24.30 74.05
C ALA F 559 -53.77 24.13 72.66
N MET F 560 -54.42 22.99 72.40
CA MET F 560 -55.11 22.76 71.14
C MET F 560 -56.47 22.09 71.34
N ALA F 561 -56.68 21.40 72.46
CA ALA F 561 -58.03 21.03 72.88
C ALA F 561 -58.71 22.18 73.63
N GLU F 562 -57.94 23.18 74.06
CA GLU F 562 -58.52 24.36 74.69
C GLU F 562 -59.04 25.37 73.68
N ILE F 563 -58.84 25.11 72.38
CA ILE F 563 -59.60 25.86 71.39
C ILE F 563 -61.00 25.30 71.26
N GLU F 564 -61.26 24.14 71.86
CA GLU F 564 -62.61 23.63 72.08
C GLU F 564 -63.14 24.01 73.45
N ASN F 565 -62.46 24.92 74.14
CA ASN F 565 -62.91 25.40 75.44
C ASN F 565 -63.01 26.91 75.50
N THR F 566 -62.64 27.61 74.42
CA THR F 566 -62.81 29.05 74.34
C THR F 566 -63.53 29.45 73.07
N GLN F 567 -63.82 28.49 72.19
CA GLN F 567 -64.55 28.71 70.96
C GLN F 567 -65.79 27.83 70.87
N ALA F 568 -65.80 26.70 71.58
CA ALA F 568 -67.03 25.99 71.85
C ALA F 568 -67.75 26.50 73.09
N ASP F 569 -67.06 27.26 73.92
CA ASP F 569 -67.63 27.77 75.16
C ASP F 569 -68.16 29.19 75.04
N THR F 570 -67.55 30.03 74.21
CA THR F 570 -68.16 31.31 73.88
C THR F 570 -69.36 31.15 72.96
N ALA F 571 -69.59 29.96 72.42
CA ALA F 571 -70.84 29.60 71.77
C ALA F 571 -72.04 29.77 72.67
N TYR F 572 -71.89 29.59 73.99
CA TYR F 572 -73.00 29.81 74.89
C TYR F 572 -73.11 31.27 75.32
N LEU F 573 -72.11 32.10 75.06
CA LEU F 573 -72.27 33.51 75.38
C LEU F 573 -73.11 34.22 74.33
N ALA F 574 -72.76 34.05 73.06
CA ALA F 574 -73.55 34.60 71.97
C ALA F 574 -74.94 33.99 71.88
N ALA F 575 -75.14 32.80 72.45
CA ALA F 575 -76.47 32.22 72.51
C ALA F 575 -77.30 32.76 73.66
N ARG F 576 -76.67 33.04 74.81
CA ARG F 576 -77.44 33.53 75.94
C ARG F 576 -77.84 34.99 75.75
N ALA F 577 -77.05 35.75 75.00
CA ALA F 577 -77.41 37.14 74.72
C ALA F 577 -78.54 37.23 73.70
N GLN F 578 -78.97 36.11 73.13
CA GLN F 578 -80.19 36.03 72.36
C GLN F 578 -81.42 35.85 73.22
N ASN F 579 -81.34 34.98 74.23
CA ASN F 579 -82.44 34.74 75.15
C ASN F 579 -82.68 35.94 76.06
N GLU F 580 -81.63 36.69 76.36
CA GLU F 580 -81.72 37.92 77.12
C GLU F 580 -81.92 39.09 76.17
N MET F 581 -82.14 38.79 74.89
CA MET F 581 -82.67 39.76 73.96
C MET F 581 -84.11 39.47 73.60
N LEU F 582 -84.58 38.26 73.92
CA LEU F 582 -85.99 37.94 73.88
C LEU F 582 -86.79 38.64 74.97
N LYS F 583 -86.13 39.07 76.03
CA LYS F 583 -86.83 39.76 77.12
C LYS F 583 -87.15 41.23 76.84
N PRO F 584 -86.21 42.13 76.37
CA PRO F 584 -86.59 43.56 76.33
C PRO F 584 -87.51 43.98 75.20
N GLN F 585 -88.12 43.05 74.46
CA GLN F 585 -89.19 43.40 73.55
C GLN F 585 -90.57 43.07 74.13
N ILE F 586 -90.80 41.81 74.46
CA ILE F 586 -92.09 41.36 74.95
C ILE F 586 -91.91 40.84 76.38
N GLU F 587 -92.94 41.05 77.20
CA GLU F 587 -92.92 40.81 78.66
C GLU F 587 -91.79 41.61 79.31
N ALA F 588 -91.67 42.86 78.91
CA ALA F 588 -90.78 43.83 79.54
C ALA F 588 -91.50 45.09 80.00
N PHE F 589 -92.44 45.59 79.20
CA PHE F 589 -93.21 46.78 79.54
C PHE F 589 -94.61 46.62 79.00
N LYS F 590 -95.59 46.49 79.89
CA LYS F 590 -96.99 46.36 79.48
C LYS F 590 -97.94 46.91 80.55
N THR G 4 -39.32 -67.57 39.80
CA THR G 4 -38.08 -66.81 39.92
C THR G 4 -36.87 -67.72 40.03
N MET G 5 -35.69 -67.12 40.12
CA MET G 5 -34.46 -67.89 40.19
C MET G 5 -33.55 -67.41 41.31
N THR G 6 -32.31 -67.89 41.31
CA THR G 6 -31.35 -67.62 42.35
C THR G 6 -30.31 -66.62 41.84
N MET G 7 -29.32 -66.37 42.66
CA MET G 7 -28.29 -65.41 42.30
C MET G 7 -27.16 -66.08 41.51
N PRO G 8 -26.52 -65.35 40.59
CA PRO G 8 -25.47 -65.97 39.77
C PRO G 8 -24.24 -66.32 40.58
N SER G 9 -23.62 -67.45 40.24
CA SER G 9 -22.60 -68.05 41.09
C SER G 9 -21.35 -68.37 40.30
N HIS G 10 -20.50 -67.35 40.11
CA HIS G 10 -19.07 -67.45 39.85
C HIS G 10 -18.71 -68.15 38.53
N ALA G 11 -19.65 -68.68 37.81
CA ALA G 11 -19.35 -69.20 36.49
C ALA G 11 -19.96 -68.33 35.41
N GLN G 12 -21.19 -67.88 35.58
CA GLN G 12 -21.76 -66.83 34.75
C GLN G 12 -21.49 -65.45 35.30
N LEU G 13 -20.49 -65.29 36.16
CA LEU G 13 -19.91 -63.99 36.42
C LEU G 13 -18.54 -63.82 35.78
N LYS G 14 -17.72 -64.87 35.73
CA LYS G 14 -16.53 -64.81 34.90
C LYS G 14 -16.89 -64.79 33.43
N ALA G 15 -18.01 -65.40 33.06
CA ALA G 15 -18.44 -65.39 31.67
C ALA G 15 -19.01 -64.05 31.25
N TYR G 16 -19.28 -63.15 32.19
CA TYR G 16 -19.60 -61.78 31.82
C TYR G 16 -18.36 -60.93 31.66
N PHE G 17 -17.38 -61.11 32.55
CA PHE G 17 -16.15 -60.33 32.45
C PHE G 17 -15.35 -60.71 31.22
N GLU G 18 -15.43 -61.96 30.79
CA GLU G 18 -14.64 -62.45 29.68
C GLU G 18 -15.27 -62.16 28.34
N GLU G 19 -16.59 -61.98 28.29
CA GLU G 19 -17.20 -61.45 27.07
C GLU G 19 -16.85 -59.98 26.88
N ALA G 20 -16.70 -59.23 27.97
CA ALA G 20 -16.30 -57.84 27.92
C ALA G 20 -14.79 -57.65 27.92
N ARG G 21 -14.03 -58.68 27.61
CA ARG G 21 -12.60 -58.55 27.39
C ARG G 21 -12.26 -59.17 26.03
N ASP G 22 -13.03 -60.18 25.64
CA ASP G 22 -12.86 -60.77 24.31
C ASP G 22 -13.31 -59.79 23.24
N ALA G 23 -14.49 -59.20 23.41
CA ALA G 23 -14.88 -58.04 22.65
C ALA G 23 -14.30 -56.79 23.31
N ASN G 24 -14.67 -55.63 22.77
CA ASN G 24 -14.21 -54.27 23.06
C ASN G 24 -12.74 -54.16 23.41
N GLU G 25 -11.91 -54.93 22.71
CA GLU G 25 -10.47 -54.84 22.84
C GLU G 25 -9.88 -54.19 21.60
N GLU G 26 -10.69 -54.00 20.57
CA GLU G 26 -10.23 -53.37 19.35
C GLU G 26 -9.99 -51.87 19.54
N TYR G 27 -10.82 -51.21 20.33
CA TYR G 27 -10.58 -49.79 20.58
C TYR G 27 -9.81 -49.57 21.88
N ARG G 28 -9.95 -50.48 22.82
CA ARG G 28 -9.30 -50.29 24.11
C ARG G 28 -7.80 -50.47 24.00
N LYS G 29 -7.35 -51.28 23.05
CA LYS G 29 -5.94 -51.32 22.66
C LYS G 29 -5.58 -50.22 21.69
N GLU G 30 -6.58 -49.52 21.15
CA GLU G 30 -6.35 -48.41 20.25
C GLU G 30 -6.39 -47.08 20.98
N ALA G 31 -7.15 -46.98 22.07
CA ALA G 31 -7.18 -45.76 22.85
C ALA G 31 -5.90 -45.55 23.64
N PHE G 32 -5.19 -46.62 23.97
CA PHE G 32 -3.88 -46.48 24.59
C PHE G 32 -2.82 -46.05 23.60
N ILE G 33 -3.00 -46.31 22.32
CA ILE G 33 -2.13 -45.70 21.32
C ILE G 33 -2.36 -44.20 21.28
N ASP G 34 -3.62 -43.77 21.39
CA ASP G 34 -3.94 -42.34 21.41
C ASP G 34 -3.41 -41.65 22.64
N ARG G 35 -3.23 -42.39 23.73
CA ARG G 35 -2.72 -41.79 24.97
C ARG G 35 -1.25 -41.43 24.83
N ASP G 36 -0.42 -42.41 24.49
CA ASP G 36 1.03 -42.17 24.38
C ASP G 36 1.40 -41.63 23.02
N TYR G 37 0.44 -40.98 22.37
CA TYR G 37 0.65 -40.27 21.14
C TYR G 37 0.62 -38.77 21.36
N PHE G 38 0.12 -38.32 22.52
CA PHE G 38 0.14 -36.89 22.75
C PHE G 38 1.19 -36.50 23.77
N ASP G 39 1.77 -37.45 24.48
CA ASP G 39 2.93 -37.18 25.31
C ASP G 39 4.12 -37.97 24.77
N GLY G 40 4.75 -37.41 23.74
CA GLY G 40 5.85 -38.04 23.07
C GLY G 40 5.42 -39.33 22.38
N HIS G 41 6.44 -40.12 22.05
CA HIS G 41 6.32 -41.51 21.61
C HIS G 41 5.51 -41.62 20.32
N GLN G 42 5.86 -40.78 19.36
CA GLN G 42 5.19 -40.78 18.06
C GLN G 42 5.94 -41.61 17.03
N TRP G 43 6.87 -42.45 17.47
CA TRP G 43 7.65 -43.29 16.58
C TRP G 43 7.52 -44.73 17.02
N THR G 44 7.30 -45.63 16.05
CA THR G 44 7.21 -47.04 16.38
C THR G 44 8.60 -47.61 16.61
N GLU G 45 8.66 -48.83 17.15
CA GLU G 45 9.94 -49.42 17.49
C GLU G 45 10.69 -49.96 16.29
N GLU G 46 10.05 -50.05 15.13
CA GLU G 46 10.76 -50.42 13.91
C GLU G 46 11.30 -49.22 13.16
N GLU G 47 10.59 -48.09 13.21
CA GLU G 47 11.08 -46.87 12.60
C GLU G 47 12.18 -46.24 13.43
N LEU G 48 12.12 -46.39 14.76
CA LEU G 48 13.11 -45.79 15.63
C LEU G 48 14.43 -46.54 15.57
N GLN G 49 14.40 -47.82 15.21
CA GLN G 49 15.63 -48.57 15.06
C GLN G 49 16.37 -48.21 13.78
N LYS G 50 15.63 -47.92 12.72
CA LYS G 50 16.25 -47.65 11.42
C LYS G 50 16.83 -46.25 11.34
N LEU G 51 16.27 -45.28 12.06
CA LEU G 51 16.86 -43.93 12.09
C LEU G 51 18.23 -43.93 12.76
N GLU G 52 18.44 -44.82 13.73
CA GLU G 52 19.73 -44.90 14.39
C GLU G 52 20.79 -45.55 13.51
N ALA G 53 20.39 -46.32 12.50
CA ALA G 53 21.34 -46.89 11.57
C ALA G 53 21.81 -45.89 10.53
N ARG G 54 21.08 -44.80 10.34
CA ARG G 54 21.57 -43.70 9.53
C ARG G 54 22.28 -42.65 10.37
N LYS G 55 22.46 -42.92 11.67
CA LYS G 55 23.00 -42.00 12.66
C LYS G 55 22.21 -40.70 12.73
N GLN G 56 20.90 -40.76 12.53
CA GLN G 56 20.03 -39.60 12.46
C GLN G 56 19.28 -39.42 13.76
N PRO G 57 19.12 -38.20 14.26
CA PRO G 57 18.24 -37.99 15.40
C PRO G 57 16.79 -38.21 15.03
N ALA G 58 16.00 -38.55 16.02
CA ALA G 58 14.59 -38.88 15.85
C ALA G 58 13.76 -37.71 16.36
N THR G 59 13.55 -36.72 15.50
CA THR G 59 12.85 -35.51 15.91
C THR G 59 11.35 -35.66 15.71
N TYR G 60 10.58 -35.04 16.61
CA TYR G 60 9.14 -34.97 16.47
C TYR G 60 8.66 -33.59 16.92
N PHE G 61 7.55 -33.16 16.35
CA PHE G 61 6.97 -31.84 16.61
C PHE G 61 5.59 -32.08 17.19
N ASN G 62 5.52 -32.12 18.52
CA ASN G 62 4.32 -32.60 19.22
C ASN G 62 3.24 -31.53 19.15
N GLU G 63 2.57 -31.48 18.00
CA GLU G 63 1.59 -30.46 17.71
C GLU G 63 0.17 -30.96 18.01
N VAL G 64 0.06 -32.04 18.76
CA VAL G 64 -1.24 -32.57 19.18
C VAL G 64 -1.44 -32.43 20.68
N LYS G 65 -0.43 -32.00 21.41
CA LYS G 65 -0.65 -31.55 22.78
C LYS G 65 -1.18 -30.13 22.81
N LEU G 66 -0.81 -29.30 21.83
CA LEU G 66 -1.32 -27.93 21.74
C LEU G 66 -2.81 -27.88 21.50
N SER G 67 -3.34 -28.81 20.73
CA SER G 67 -4.75 -28.81 20.41
C SER G 67 -5.63 -29.34 21.53
N ILE G 68 -5.04 -29.92 22.58
CA ILE G 68 -5.80 -30.51 23.67
C ILE G 68 -5.63 -29.64 24.90
N ARG G 69 -4.43 -29.08 25.06
CA ARG G 69 -4.12 -28.30 26.26
C ARG G 69 -4.89 -26.98 26.29
N GLY G 70 -5.21 -26.44 25.13
CA GLY G 70 -6.02 -25.25 25.10
C GLY G 70 -7.49 -25.52 25.00
N LEU G 71 -7.87 -26.78 24.85
CA LEU G 71 -9.27 -27.16 24.73
C LEU G 71 -9.83 -27.70 26.03
N VAL G 72 -8.96 -28.27 26.87
CA VAL G 72 -9.33 -28.55 28.25
C VAL G 72 -9.41 -27.24 29.03
N GLY G 73 -8.53 -26.30 28.72
CA GLY G 73 -8.46 -25.03 29.42
C GLY G 73 -9.64 -24.11 29.19
N VAL G 74 -10.49 -24.41 28.21
CA VAL G 74 -11.76 -23.70 28.07
C VAL G 74 -12.80 -24.27 29.01
N PHE G 75 -12.88 -25.61 29.07
CA PHE G 75 -13.77 -26.27 30.01
C PHE G 75 -13.37 -26.00 31.45
N GLU G 76 -12.07 -25.96 31.72
CA GLU G 76 -11.57 -25.88 33.08
C GLU G 76 -11.80 -24.50 33.68
N GLN G 77 -11.88 -23.46 32.84
CA GLN G 77 -12.14 -22.12 33.36
C GLN G 77 -13.61 -21.89 33.62
N GLY G 78 -14.47 -22.35 32.73
CA GLY G 78 -15.89 -22.10 32.88
C GLY G 78 -16.58 -23.12 33.74
N ASP G 79 -16.10 -23.30 34.98
CA ASP G 79 -16.64 -24.31 35.87
C ASP G 79 -18.01 -23.89 36.40
N SER G 80 -18.60 -24.78 37.19
CA SER G 80 -19.98 -24.57 37.60
C SER G 80 -20.24 -25.24 38.94
N ASP G 81 -20.93 -24.55 39.76
CA ASP G 81 -21.55 -25.07 40.97
C ASP G 81 -23.03 -25.33 40.72
N PRO G 82 -23.63 -26.35 41.33
CA PRO G 82 -24.98 -26.74 40.97
C PRO G 82 -26.02 -25.79 41.52
N ARG G 83 -27.27 -26.03 41.12
CA ARG G 83 -28.36 -25.10 41.34
C ARG G 83 -29.67 -25.80 41.02
N ALA G 84 -30.70 -25.57 41.83
CA ALA G 84 -32.01 -26.15 41.59
C ALA G 84 -33.01 -25.05 41.31
N TRP G 85 -33.86 -25.26 40.30
CA TRP G 85 -34.83 -24.25 39.89
C TRP G 85 -36.24 -24.70 40.22
N PRO G 86 -36.94 -24.06 41.15
CA PRO G 86 -38.32 -24.45 41.45
C PRO G 86 -39.23 -24.16 40.27
N ARG G 87 -40.03 -25.15 39.87
CA ARG G 87 -40.67 -25.01 38.57
C ARG G 87 -41.86 -24.07 38.62
N ASN G 88 -42.49 -23.88 39.78
CA ASN G 88 -43.60 -22.96 39.88
C ASN G 88 -43.68 -22.41 41.29
N PRO G 89 -43.62 -21.10 41.47
CA PRO G 89 -43.46 -20.56 42.83
C PRO G 89 -44.72 -20.58 43.65
N GLN G 90 -45.34 -21.75 43.79
CA GLN G 90 -46.40 -21.98 44.76
C GLN G 90 -45.87 -23.07 45.66
N ASP G 91 -45.18 -22.64 46.72
CA ASP G 91 -44.58 -23.51 47.73
C ASP G 91 -43.56 -24.46 47.10
N GLU G 92 -42.84 -24.00 46.07
CA GLU G 92 -41.71 -24.77 45.59
C GLU G 92 -40.38 -24.06 45.75
N ASP G 93 -40.38 -22.76 45.98
CA ASP G 93 -39.13 -22.09 46.32
C ASP G 93 -38.74 -22.37 47.76
N SER G 94 -39.71 -22.68 48.61
CA SER G 94 -39.38 -23.05 49.98
C SER G 94 -38.66 -24.39 50.03
N ALA G 95 -38.93 -25.27 49.06
CA ALA G 95 -38.27 -26.55 48.93
C ALA G 95 -37.03 -26.48 48.06
N ASP G 96 -36.36 -25.34 48.06
CA ASP G 96 -35.10 -25.16 47.33
C ASP G 96 -33.96 -24.98 48.32
N ILE G 97 -34.06 -25.72 49.44
CA ILE G 97 -32.95 -26.00 50.34
C ILE G 97 -31.96 -26.94 49.66
N ALA G 98 -32.41 -27.68 48.64
CA ALA G 98 -31.60 -28.67 47.94
C ALA G 98 -30.34 -28.06 47.35
N THR G 99 -30.42 -26.85 46.80
CA THR G 99 -29.21 -26.22 46.28
C THR G 99 -28.28 -25.72 47.36
N LYS G 100 -28.69 -25.74 48.62
CA LYS G 100 -27.83 -25.35 49.72
C LYS G 100 -27.15 -26.55 50.35
N ALA G 101 -27.62 -27.76 50.02
CA ALA G 101 -27.03 -28.99 50.52
C ALA G 101 -26.59 -29.92 49.41
N LEU G 102 -26.73 -29.52 48.15
CA LEU G 102 -26.14 -30.28 47.06
C LEU G 102 -24.81 -29.71 46.61
N ARG G 103 -24.55 -28.44 46.93
CA ARG G 103 -23.20 -27.89 46.85
C ARG G 103 -22.45 -28.08 48.15
N TYR G 104 -22.98 -28.90 49.05
CA TYR G 104 -22.20 -29.45 50.15
C TYR G 104 -21.33 -30.60 49.68
N VAL G 105 -21.89 -31.48 48.83
CA VAL G 105 -21.15 -32.66 48.39
C VAL G 105 -20.20 -32.36 47.26
N LYS G 106 -20.38 -31.23 46.58
CA LYS G 106 -19.41 -30.78 45.59
C LYS G 106 -18.19 -30.16 46.25
N ASP G 107 -18.27 -29.84 47.53
CA ASP G 107 -17.15 -29.31 48.29
C ASP G 107 -16.52 -30.32 49.23
N TYR G 108 -17.26 -31.33 49.67
CA TYR G 108 -16.68 -32.36 50.50
C TYR G 108 -15.74 -33.27 49.72
N SER G 109 -16.15 -33.64 48.52
CA SER G 109 -15.46 -34.64 47.74
C SER G 109 -14.39 -34.07 46.83
N GLU G 110 -14.17 -32.75 46.87
CA GLU G 110 -13.28 -32.02 45.98
C GLU G 110 -13.60 -32.29 44.52
N TRP G 111 -14.79 -31.89 44.11
CA TRP G 111 -15.12 -31.99 42.69
C TRP G 111 -14.59 -30.80 41.92
N SER G 112 -14.04 -29.79 42.59
CA SER G 112 -13.55 -28.62 41.89
C SER G 112 -12.28 -28.90 41.09
N ASP G 113 -11.52 -29.92 41.47
CA ASP G 113 -10.31 -30.27 40.73
C ASP G 113 -10.38 -31.62 40.06
N GLU G 114 -11.27 -32.49 40.48
CA GLU G 114 -11.41 -33.78 39.85
C GLU G 114 -12.39 -33.75 38.70
N ARG G 115 -12.95 -32.59 38.40
CA ARG G 115 -13.68 -32.42 37.16
C ARG G 115 -12.74 -32.16 35.99
N SER G 116 -11.51 -31.72 36.27
CA SER G 116 -10.50 -31.55 35.24
C SER G 116 -9.70 -32.81 35.02
N ARG G 117 -9.97 -33.85 35.79
CA ARG G 117 -9.34 -35.15 35.60
C ARG G 117 -10.24 -36.08 34.83
N ALA G 118 -11.55 -35.83 34.85
CA ALA G 118 -12.49 -36.51 33.98
C ALA G 118 -12.58 -35.86 32.62
N ALA G 119 -12.10 -34.64 32.46
CA ALA G 119 -12.08 -34.00 31.16
C ALA G 119 -10.86 -34.38 30.34
N LEU G 120 -9.75 -34.66 31.00
CA LEU G 120 -8.54 -35.02 30.27
C LEU G 120 -8.59 -36.46 29.78
N ASN G 121 -9.35 -37.34 30.42
CA ASN G 121 -9.62 -38.67 29.89
C ASN G 121 -10.82 -38.70 28.98
N TYR G 122 -11.42 -37.55 28.71
CA TYR G 122 -12.57 -37.48 27.82
C TYR G 122 -12.20 -37.08 26.41
N PHE G 123 -11.10 -36.34 26.24
CA PHE G 123 -10.68 -35.95 24.90
C PHE G 123 -9.56 -36.82 24.37
N VAL G 124 -8.69 -37.33 25.25
CA VAL G 124 -7.57 -38.16 24.79
C VAL G 124 -8.00 -39.61 24.65
N GLU G 125 -8.66 -40.13 25.68
CA GLU G 125 -9.27 -41.45 25.62
C GLU G 125 -10.66 -41.29 25.01
N GLY G 126 -11.50 -42.29 25.17
CA GLY G 126 -12.85 -42.14 24.70
C GLY G 126 -13.84 -41.68 25.74
N THR G 127 -13.85 -42.33 26.90
CA THR G 127 -14.93 -42.21 27.86
C THR G 127 -14.43 -41.54 29.13
N CYS G 128 -15.34 -40.90 29.86
CA CYS G 128 -15.10 -40.47 31.23
C CYS G 128 -16.14 -41.13 32.11
N ALA G 129 -15.81 -41.33 33.38
CA ALA G 129 -16.71 -42.07 34.25
C ALA G 129 -16.53 -41.63 35.70
N ALA G 130 -17.57 -41.84 36.50
CA ALA G 130 -17.53 -41.53 37.93
C ALA G 130 -18.60 -42.33 38.65
N ILE G 131 -18.34 -42.62 39.92
CA ILE G 131 -19.26 -43.37 40.76
C ILE G 131 -19.60 -42.54 41.99
N VAL G 132 -20.89 -42.44 42.29
CA VAL G 132 -21.37 -41.65 43.41
C VAL G 132 -22.04 -42.58 44.42
N GLY G 133 -21.55 -42.57 45.65
CA GLY G 133 -22.01 -43.50 46.65
C GLY G 133 -21.65 -43.07 48.04
N VAL G 134 -22.35 -43.63 49.02
CA VAL G 134 -22.34 -43.12 50.38
C VAL G 134 -21.39 -43.94 51.23
N ASP G 135 -20.46 -43.25 51.90
CA ASP G 135 -19.41 -43.91 52.66
C ASP G 135 -19.88 -44.38 54.04
N GLU G 136 -18.92 -44.65 54.93
CA GLU G 136 -19.22 -45.26 56.23
C GLU G 136 -20.05 -44.36 57.13
N ASN G 137 -20.00 -43.04 56.94
CA ASN G 137 -20.88 -42.14 57.66
C ASN G 137 -22.18 -41.98 56.89
N GLY G 138 -22.94 -40.94 57.18
CA GLY G 138 -24.16 -40.73 56.42
C GLY G 138 -23.95 -39.86 55.19
N ARG G 139 -22.76 -39.44 54.92
CA ARG G 139 -22.61 -38.43 53.89
C ARG G 139 -22.27 -39.06 52.54
N PRO G 140 -22.61 -38.43 51.43
CA PRO G 140 -22.28 -39.00 50.12
C PRO G 140 -21.00 -38.46 49.52
N GLU G 141 -20.40 -39.31 48.68
CA GLU G 141 -19.07 -39.14 48.12
C GLU G 141 -19.10 -39.53 46.66
N ILE G 142 -18.33 -38.82 45.85
CA ILE G 142 -18.26 -39.05 44.41
C ILE G 142 -16.80 -39.29 44.04
N GLU G 143 -16.47 -40.54 43.71
CA GLU G 143 -15.13 -40.88 43.25
C GLU G 143 -15.08 -40.89 41.74
N PRO G 144 -14.02 -40.37 41.13
CA PRO G 144 -13.81 -40.59 39.70
C PRO G 144 -13.06 -41.90 39.48
N ILE G 145 -13.58 -42.69 38.54
CA ILE G 145 -13.00 -43.97 38.17
C ILE G 145 -12.22 -43.77 36.88
N ARG G 146 -10.99 -44.29 36.86
CA ARG G 146 -10.08 -44.07 35.74
C ARG G 146 -10.53 -44.83 34.51
N PHE G 147 -10.04 -44.40 33.34
CA PHE G 147 -10.38 -45.07 32.10
C PHE G 147 -9.72 -46.43 32.00
N GLU G 148 -8.54 -46.60 32.60
CA GLU G 148 -7.79 -47.85 32.51
C GLU G 148 -8.46 -49.00 33.26
N GLU G 149 -9.57 -48.77 33.94
CA GLU G 149 -10.24 -49.80 34.70
C GLU G 149 -11.76 -49.74 34.61
N PHE G 150 -12.33 -48.83 33.84
CA PHE G 150 -13.77 -48.88 33.61
C PHE G 150 -14.10 -50.04 32.68
N PHE G 151 -15.30 -50.58 32.85
CA PHE G 151 -15.61 -51.93 32.40
C PHE G 151 -17.11 -52.03 32.18
N HIS G 152 -17.52 -52.10 30.92
CA HIS G 152 -18.94 -52.18 30.59
C HIS G 152 -19.16 -53.34 29.64
N ASP G 153 -20.36 -53.52 29.15
CA ASP G 153 -20.56 -54.58 28.19
C ASP G 153 -20.42 -54.08 26.77
N PRO G 154 -20.18 -54.96 25.82
CA PRO G 154 -20.46 -54.65 24.43
C PRO G 154 -21.95 -54.83 24.19
N ARG G 155 -22.35 -54.69 22.92
CA ARG G 155 -23.75 -54.72 22.49
C ARG G 155 -24.56 -53.64 23.19
N SER G 156 -23.92 -52.48 23.37
CA SER G 156 -24.53 -51.30 23.95
C SER G 156 -24.25 -50.15 22.98
N ARG G 157 -25.21 -49.86 22.11
CA ARG G 157 -24.99 -48.96 20.99
C ARG G 157 -24.86 -47.51 21.44
N GLU G 158 -25.36 -47.19 22.62
CA GLU G 158 -25.61 -45.81 22.98
C GLU G 158 -24.48 -45.20 23.79
N LEU G 159 -24.14 -43.93 23.51
CA LEU G 159 -23.03 -43.26 24.17
C LEU G 159 -23.39 -42.67 25.53
N ASP G 160 -24.51 -43.07 26.11
CA ASP G 160 -24.85 -42.67 27.47
C ASP G 160 -24.97 -43.89 28.36
N PHE G 161 -24.73 -45.08 27.82
CA PHE G 161 -24.75 -46.37 28.52
C PHE G 161 -26.13 -46.64 29.13
N SER G 162 -27.18 -46.25 28.41
CA SER G 162 -28.52 -46.56 28.88
C SER G 162 -28.87 -48.02 28.62
N ASP G 163 -28.37 -48.57 27.52
CA ASP G 163 -28.71 -49.91 27.07
C ASP G 163 -27.80 -50.98 27.69
N ALA G 164 -26.91 -50.59 28.59
CA ALA G 164 -25.96 -51.54 29.14
C ALA G 164 -26.65 -52.47 30.12
N ARG G 165 -26.05 -53.64 30.31
CA ARG G 165 -26.56 -54.62 31.25
C ARG G 165 -25.69 -54.76 32.49
N PHE G 166 -24.39 -54.52 32.38
CA PHE G 166 -23.51 -54.59 33.54
C PHE G 166 -22.35 -53.62 33.40
N LYS G 167 -21.93 -53.04 34.53
CA LYS G 167 -20.84 -52.06 34.61
C LYS G 167 -20.09 -52.25 35.92
N GLY G 168 -18.78 -52.00 35.91
CA GLY G 168 -17.95 -52.31 37.07
C GLY G 168 -16.69 -51.47 37.13
N VAL G 169 -15.77 -51.85 38.04
CA VAL G 169 -14.59 -51.00 38.29
C VAL G 169 -13.23 -51.68 38.15
N ALA G 170 -13.14 -53.00 38.33
CA ALA G 170 -12.02 -53.90 37.93
C ALA G 170 -10.62 -53.40 38.30
N LYS G 171 -10.34 -53.33 39.60
CA LYS G 171 -9.11 -52.70 40.09
C LYS G 171 -8.00 -53.70 40.39
N TRP G 172 -6.82 -53.15 40.71
CA TRP G 172 -5.73 -53.86 41.36
C TRP G 172 -5.52 -53.27 42.75
N ARG G 173 -5.43 -54.12 43.76
CA ARG G 173 -5.21 -53.67 45.11
C ARG G 173 -4.06 -54.42 45.74
N PHE G 174 -3.72 -54.06 46.97
CA PHE G 174 -2.73 -54.80 47.75
C PHE G 174 -3.41 -55.92 48.50
N ALA G 175 -2.72 -57.06 48.60
CA ALA G 175 -3.30 -58.23 49.25
C ALA G 175 -3.43 -58.06 50.75
N ASP G 176 -2.70 -57.12 51.34
CA ASP G 176 -2.92 -56.80 52.74
C ASP G 176 -4.27 -56.14 52.96
N GLU G 177 -4.62 -55.16 52.12
CA GLU G 177 -5.81 -54.34 52.30
C GLU G 177 -7.03 -54.92 51.63
N VAL G 178 -7.06 -56.23 51.42
CA VAL G 178 -8.26 -56.95 50.96
C VAL G 178 -8.63 -58.05 51.91
N GLY G 179 -7.67 -58.93 52.24
CA GLY G 179 -7.96 -60.06 53.10
C GLY G 179 -8.19 -59.68 54.54
N MET G 180 -7.44 -58.69 55.03
CA MET G 180 -7.67 -58.12 56.36
C MET G 180 -8.74 -57.05 56.36
N GLU G 181 -9.53 -56.98 55.30
CA GLU G 181 -10.74 -56.19 55.26
C GLU G 181 -11.99 -57.05 55.16
N TYR G 182 -11.91 -58.20 54.49
CA TYR G 182 -13.04 -59.10 54.31
C TYR G 182 -12.83 -60.46 54.96
N GLY G 183 -11.86 -60.59 55.85
CA GLY G 183 -11.69 -61.80 56.63
C GLY G 183 -11.05 -62.97 55.90
N ILE G 184 -10.69 -62.82 54.64
CA ILE G 184 -9.98 -63.86 53.91
C ILE G 184 -8.55 -63.94 54.43
N LYS G 185 -8.07 -65.15 54.68
CA LYS G 185 -6.71 -65.30 55.19
C LYS G 185 -5.68 -65.13 54.07
N GLY G 186 -4.46 -64.79 54.48
CA GLY G 186 -3.46 -64.36 53.52
C GLY G 186 -2.82 -65.52 52.75
N GLU G 187 -2.29 -65.16 51.57
CA GLU G 187 -1.71 -66.07 50.58
C GLU G 187 -2.68 -67.20 50.24
N ILE G 188 -3.76 -66.80 49.59
CA ILE G 188 -4.79 -67.74 49.21
C ILE G 188 -4.90 -67.81 47.69
N SER G 220 5.35 -62.77 52.27
CA SER G 220 5.98 -61.55 51.80
C SER G 220 5.03 -60.36 51.92
N LYS G 221 5.49 -59.19 51.48
CA LYS G 221 4.70 -57.98 51.55
C LYS G 221 4.61 -57.39 50.15
N LEU G 222 3.55 -56.61 49.91
CA LEU G 222 3.22 -55.99 48.62
C LEU G 222 2.99 -57.06 47.53
N ARG G 223 1.96 -57.85 47.75
CA ARG G 223 1.45 -58.77 46.76
C ARG G 223 0.15 -58.18 46.23
N ARG G 224 -0.09 -58.30 44.91
CA ARG G 224 -1.21 -57.62 44.29
C ARG G 224 -2.30 -58.62 43.90
N VAL G 225 -3.55 -58.22 44.08
CA VAL G 225 -4.71 -59.05 43.71
C VAL G 225 -5.55 -58.29 42.69
N PHE G 226 -6.68 -58.85 42.27
CA PHE G 226 -7.44 -58.32 41.15
C PHE G 226 -8.94 -58.29 41.46
N VAL G 227 -9.34 -57.68 42.57
CA VAL G 227 -10.75 -57.61 42.92
C VAL G 227 -11.49 -56.72 41.93
N VAL G 228 -12.76 -57.03 41.67
CA VAL G 228 -13.54 -56.40 40.61
C VAL G 228 -15.01 -56.27 41.04
N GLU G 229 -15.55 -55.06 41.00
CA GLU G 229 -16.96 -54.86 41.27
C GLU G 229 -17.78 -55.05 39.99
N MET G 230 -19.10 -55.14 40.17
CA MET G 230 -19.96 -55.67 39.11
C MET G 230 -21.40 -55.32 39.46
N TYR G 231 -22.09 -54.59 38.60
CA TYR G 231 -23.50 -54.23 38.80
C TYR G 231 -24.31 -54.83 37.67
N VAL G 232 -24.73 -56.07 37.82
CA VAL G 232 -25.40 -56.80 36.76
C VAL G 232 -26.91 -56.77 36.99
N ARG G 233 -27.66 -56.49 35.92
CA ARG G 233 -29.11 -56.62 35.94
C ARG G 233 -29.43 -58.10 35.76
N TRP G 234 -29.87 -58.74 36.83
CA TRP G 234 -30.06 -60.19 36.79
C TRP G 234 -31.50 -60.58 36.53
N ASN G 235 -32.42 -59.78 37.03
CA ASN G 235 -33.86 -59.86 36.82
C ASN G 235 -34.28 -58.41 36.89
N GLY G 236 -35.52 -58.12 37.28
CA GLY G 236 -35.92 -56.75 37.54
C GLY G 236 -35.10 -55.94 38.54
N VAL G 237 -34.28 -56.60 39.34
CA VAL G 237 -33.44 -55.94 40.31
C VAL G 237 -32.02 -55.85 39.77
N TRP G 238 -31.19 -55.04 40.42
CA TRP G 238 -29.79 -54.87 40.08
C TRP G 238 -28.93 -55.50 41.16
N ILE G 239 -28.29 -56.61 40.82
CA ILE G 239 -27.41 -57.31 41.75
C ILE G 239 -26.05 -56.61 41.75
N ARG G 240 -25.52 -56.36 42.94
CA ARG G 240 -24.13 -55.95 43.12
C ARG G 240 -23.32 -57.13 43.59
N ALA G 241 -22.22 -57.42 42.90
CA ALA G 241 -21.33 -58.50 43.30
C ALA G 241 -19.90 -58.05 43.15
N LEU G 242 -19.01 -58.55 44.00
CA LEU G 242 -17.59 -58.32 43.80
C LEU G 242 -16.85 -59.60 44.13
N PHE G 243 -15.96 -60.01 43.24
CA PHE G 243 -15.33 -61.31 43.31
C PHE G 243 -13.85 -61.17 43.01
N TRP G 244 -13.17 -62.31 42.94
CA TRP G 244 -11.80 -62.37 42.45
C TRP G 244 -11.63 -63.74 41.80
N GLY G 245 -10.39 -64.17 41.61
CA GLY G 245 -10.10 -65.31 40.76
C GLY G 245 -10.68 -66.64 41.24
N ARG G 246 -10.88 -66.78 42.53
CA ARG G 246 -11.59 -67.93 43.08
C ARG G 246 -12.48 -67.45 44.23
N GLY G 247 -13.76 -67.81 44.16
CA GLY G 247 -14.72 -67.39 45.14
C GLY G 247 -15.17 -65.95 44.96
N ILE G 248 -16.35 -65.66 45.49
CA ILE G 248 -16.87 -64.31 45.55
C ILE G 248 -16.68 -63.80 46.96
N LEU G 249 -16.84 -62.50 47.16
CA LEU G 249 -16.61 -61.89 48.46
C LEU G 249 -17.85 -61.29 49.09
N GLU G 250 -18.69 -60.62 48.31
CA GLU G 250 -20.01 -60.23 48.77
C GLU G 250 -20.91 -60.10 47.56
N MET G 251 -22.21 -60.31 47.77
CA MET G 251 -23.17 -60.33 46.68
C MET G 251 -24.55 -60.07 47.24
N SER G 252 -25.16 -58.97 46.83
CA SER G 252 -26.45 -58.58 47.38
C SER G 252 -27.17 -57.69 46.38
N VAL G 253 -28.44 -57.43 46.67
CA VAL G 253 -29.19 -56.44 45.90
C VAL G 253 -28.62 -55.06 46.20
N SER G 254 -28.50 -54.23 45.16
CA SER G 254 -27.88 -52.92 45.28
C SER G 254 -28.67 -52.03 46.24
N ALA G 255 -27.94 -51.36 47.13
CA ALA G 255 -28.58 -50.63 48.22
C ALA G 255 -29.15 -49.29 47.78
N TYR G 256 -28.70 -48.75 46.66
CA TYR G 256 -29.07 -47.40 46.27
C TYR G 256 -30.33 -47.43 45.43
N LEU G 257 -31.23 -46.50 45.69
CA LEU G 257 -32.49 -46.45 44.97
C LEU G 257 -32.41 -45.46 43.81
N ASP G 258 -33.55 -45.17 43.20
CA ASP G 258 -33.62 -44.33 42.02
C ASP G 258 -34.84 -43.42 42.16
N ARG G 259 -35.16 -42.64 41.12
CA ARG G 259 -36.29 -41.74 41.20
C ARG G 259 -37.64 -42.44 41.11
N ASN G 260 -37.65 -43.72 40.74
CA ASN G 260 -38.88 -44.48 40.67
C ASN G 260 -39.13 -45.35 41.88
N GLY G 261 -38.10 -45.59 42.70
CA GLY G 261 -38.24 -46.37 43.91
C GLY G 261 -37.54 -47.72 43.86
N LYS G 262 -37.21 -48.19 42.70
CA LYS G 262 -36.60 -49.50 42.48
C LYS G 262 -35.07 -49.39 42.53
N PRO G 263 -34.38 -50.43 43.00
CA PRO G 263 -32.93 -50.33 43.14
C PRO G 263 -32.22 -50.37 41.80
N THR G 264 -31.22 -49.49 41.64
CA THR G 264 -30.47 -49.34 40.40
C THR G 264 -28.98 -49.24 40.64
N CYS G 265 -28.21 -48.81 39.59
CA CYS G 265 -26.77 -48.66 39.60
C CYS G 265 -26.36 -47.22 39.90
N PRO G 266 -25.25 -47.02 40.56
CA PRO G 266 -24.76 -45.66 40.76
C PRO G 266 -23.75 -45.22 39.71
N ILE G 267 -23.21 -46.15 38.93
CA ILE G 267 -22.14 -45.82 37.99
C ILE G 267 -22.71 -45.06 36.82
N GLU G 268 -22.10 -43.92 36.49
CA GLU G 268 -22.52 -43.10 35.37
C GLU G 268 -21.32 -42.64 34.56
N ALA G 269 -21.51 -42.56 33.24
CA ALA G 269 -20.39 -42.35 32.34
C ALA G 269 -20.90 -41.82 31.01
N ARG G 270 -19.96 -41.43 30.14
CA ARG G 270 -20.30 -40.83 28.86
C ARG G 270 -19.08 -40.86 27.95
N SER G 271 -19.28 -41.16 26.68
CA SER G 271 -18.22 -41.21 25.70
C SER G 271 -18.39 -40.10 24.68
N CYS G 272 -17.32 -39.83 23.92
CA CYS G 272 -17.31 -38.69 23.03
C CYS G 272 -17.99 -39.01 21.71
N TYR G 273 -17.47 -39.98 20.97
CA TYR G 273 -18.07 -40.40 19.71
C TYR G 273 -18.24 -41.91 19.68
N ILE G 274 -19.07 -42.36 18.75
CA ILE G 274 -19.40 -43.77 18.58
C ILE G 274 -19.27 -44.08 17.10
N ASP G 275 -19.05 -45.34 16.77
CA ASP G 275 -18.86 -45.77 15.38
C ASP G 275 -19.98 -46.76 15.03
N ARG G 276 -19.95 -47.30 13.80
CA ARG G 276 -21.02 -48.21 13.39
C ARG G 276 -20.93 -49.54 14.13
N GLU G 277 -19.83 -50.25 13.98
CA GLU G 277 -19.47 -51.20 15.02
C GLU G 277 -19.00 -50.41 16.23
N ASN G 278 -19.23 -50.95 17.41
CA ASN G 278 -19.19 -50.13 18.61
C ASN G 278 -17.78 -49.76 19.05
N ARG G 279 -17.27 -48.66 18.54
CA ARG G 279 -16.00 -48.09 18.95
C ARG G 279 -16.28 -46.83 19.77
N ARG G 280 -15.38 -46.51 20.69
CA ARG G 280 -15.52 -45.34 21.54
C ARG G 280 -14.24 -44.55 21.33
N TYR G 281 -14.18 -43.73 20.29
CA TYR G 281 -12.95 -42.96 20.12
C TYR G 281 -13.16 -41.58 20.72
N GLY G 282 -12.09 -40.79 20.74
CA GLY G 282 -12.16 -39.50 21.38
C GLY G 282 -11.98 -38.35 20.43
N GLU G 283 -11.03 -37.47 20.74
CA GLU G 283 -10.69 -36.37 19.85
C GLU G 283 -9.36 -36.59 19.16
N VAL G 284 -8.44 -37.30 19.81
CA VAL G 284 -7.10 -37.50 19.29
C VAL G 284 -7.08 -38.84 18.55
N ARG G 285 -8.25 -39.39 18.21
CA ARG G 285 -8.29 -40.38 17.15
C ARG G 285 -8.08 -39.73 15.80
N ASP G 286 -8.66 -38.56 15.61
CA ASP G 286 -8.23 -37.66 14.56
C ASP G 286 -6.92 -37.01 14.99
N LEU G 287 -6.33 -36.15 14.13
CA LEU G 287 -5.05 -35.48 14.39
C LEU G 287 -3.92 -36.50 14.58
N ARG G 288 -4.05 -37.65 13.96
CA ARG G 288 -2.98 -38.63 13.89
C ARG G 288 -2.50 -38.86 12.48
N SER G 289 -3.42 -38.98 11.55
CA SER G 289 -3.05 -38.97 10.15
C SER G 289 -2.53 -37.60 9.71
N PRO G 290 -3.06 -36.45 10.13
CA PRO G 290 -2.36 -35.20 9.84
C PRO G 290 -1.21 -34.88 10.76
N GLN G 291 -0.73 -35.83 11.57
CA GLN G 291 0.38 -35.56 12.46
C GLN G 291 1.51 -36.54 12.28
N ASP G 292 1.26 -37.70 11.68
CA ASP G 292 2.31 -38.51 11.09
C ASP G 292 2.78 -38.00 9.74
N ALA G 293 2.17 -36.96 9.21
CA ALA G 293 2.65 -36.36 7.98
C ALA G 293 3.40 -35.06 8.23
N ILE G 294 3.65 -34.72 9.49
CA ILE G 294 4.57 -33.66 9.83
C ILE G 294 5.88 -34.23 10.37
N ASN G 295 5.78 -35.30 11.15
CA ASN G 295 6.98 -35.96 11.63
C ASN G 295 7.70 -36.70 10.52
N LYS G 296 6.98 -37.29 9.58
CA LYS G 296 7.63 -38.02 8.50
C LYS G 296 8.08 -37.13 7.37
N ARG G 297 7.33 -36.10 7.00
CA ARG G 297 7.85 -35.19 6.00
C ARG G 297 8.89 -34.23 6.53
N GLU G 298 9.38 -34.41 7.75
CA GLU G 298 10.51 -33.67 8.25
C GLU G 298 11.78 -34.49 8.24
N SER G 299 11.67 -35.77 8.58
CA SER G 299 12.83 -36.65 8.56
C SER G 299 13.19 -37.10 7.16
N LYS G 300 12.28 -36.99 6.20
CA LYS G 300 12.65 -37.28 4.82
C LYS G 300 13.55 -36.19 4.27
N LEU G 301 13.28 -34.94 4.60
CA LEU G 301 14.04 -33.81 4.11
C LEU G 301 15.40 -33.69 4.78
N LEU G 302 15.49 -34.10 6.04
CA LEU G 302 16.77 -34.05 6.70
C LEU G 302 17.68 -35.14 6.16
N HIS G 303 17.12 -36.25 5.75
CA HIS G 303 17.91 -37.32 5.16
C HIS G 303 18.30 -36.99 3.73
N MET G 304 17.51 -36.19 3.05
CA MET G 304 17.72 -35.92 1.64
C MET G 304 18.61 -34.71 1.40
N LEU G 305 18.77 -33.86 2.40
CA LEU G 305 19.61 -32.67 2.31
C LEU G 305 20.93 -32.82 3.06
N ASN G 306 21.44 -34.04 3.17
CA ASN G 306 22.80 -34.26 3.62
C ASN G 306 23.55 -35.32 2.84
N ASN G 307 22.91 -36.02 1.91
CA ASN G 307 23.51 -37.16 1.24
C ASN G 307 23.49 -36.93 -0.26
N ARG G 308 24.61 -37.20 -0.91
CA ARG G 308 24.75 -37.00 -2.36
C ARG G 308 25.09 -38.35 -2.96
N GLN G 309 24.14 -38.95 -3.66
CA GLN G 309 24.38 -40.27 -4.24
C GLN G 309 25.33 -40.18 -5.41
N ALA G 310 26.22 -41.15 -5.51
CA ALA G 310 27.35 -41.12 -6.43
C ALA G 310 27.13 -42.06 -7.58
N ILE G 311 27.24 -41.54 -8.80
CA ILE G 311 27.10 -42.35 -10.00
C ILE G 311 28.47 -42.53 -10.61
N ALA G 312 28.66 -43.65 -11.30
CA ALA G 312 29.94 -43.93 -11.93
C ALA G 312 29.95 -43.39 -13.35
N THR G 313 31.06 -42.76 -13.72
CA THR G 313 31.16 -42.16 -15.05
C THR G 313 32.21 -42.85 -15.90
N ASN G 314 33.46 -42.89 -15.46
CA ASN G 314 34.54 -43.44 -16.25
C ASN G 314 34.98 -44.75 -15.63
N PRO G 315 34.64 -45.90 -16.18
CA PRO G 315 34.87 -47.19 -15.52
C PRO G 315 36.32 -47.66 -15.52
N GLU G 316 37.30 -46.81 -15.83
CA GLU G 316 38.69 -47.16 -15.62
C GLU G 316 39.29 -46.44 -14.41
N TYR G 317 39.10 -45.13 -14.31
CA TYR G 317 39.57 -44.46 -13.11
C TYR G 317 38.64 -44.69 -11.94
N ALA G 318 37.34 -44.83 -12.20
CA ALA G 318 36.45 -45.40 -11.21
C ALA G 318 36.59 -46.92 -11.27
N TYR G 319 35.75 -47.62 -10.50
CA TYR G 319 35.86 -49.07 -10.24
C TYR G 319 37.23 -49.43 -9.67
N ASN G 320 37.90 -48.49 -9.03
CA ASN G 320 39.27 -48.69 -8.61
C ASN G 320 39.41 -48.47 -7.12
N SER G 321 38.83 -47.41 -6.59
CA SER G 321 38.92 -47.15 -5.17
C SER G 321 37.98 -48.02 -4.37
N ASP G 322 36.67 -47.78 -4.51
CA ASP G 322 35.58 -48.50 -3.84
C ASP G 322 34.31 -47.83 -4.34
N ALA G 323 33.16 -48.36 -3.94
CA ALA G 323 31.91 -47.66 -4.19
C ALA G 323 31.34 -47.02 -2.93
N GLU G 324 31.17 -47.79 -1.87
CA GLU G 324 30.51 -47.28 -0.69
C GLU G 324 31.41 -46.36 0.12
N MET G 325 32.72 -46.46 -0.05
CA MET G 325 33.63 -45.51 0.57
C MET G 325 33.64 -44.17 -0.13
N VAL G 326 33.34 -44.12 -1.42
CA VAL G 326 33.42 -42.88 -2.17
C VAL G 326 32.23 -41.98 -1.87
N ARG G 327 31.03 -42.55 -1.84
CA ARG G 327 29.88 -41.68 -1.59
C ARG G 327 29.78 -41.23 -0.14
N LYS G 328 30.56 -41.77 0.77
CA LYS G 328 30.65 -41.15 2.08
C LYS G 328 31.67 -40.03 2.10
N GLU G 329 32.50 -39.91 1.07
CA GLU G 329 33.43 -38.79 0.95
C GLU G 329 32.80 -37.61 0.24
N MET G 330 31.69 -37.81 -0.45
CA MET G 330 31.00 -36.71 -1.08
C MET G 330 30.04 -36.00 -0.15
N SER G 331 29.49 -36.71 0.81
CA SER G 331 28.48 -36.13 1.66
C SER G 331 29.05 -35.34 2.83
N LYS G 332 30.34 -35.44 3.08
CA LYS G 332 30.90 -34.62 4.14
C LYS G 332 31.85 -33.59 3.57
N PRO G 333 31.85 -32.36 4.11
CA PRO G 333 32.60 -31.28 3.46
C PRO G 333 34.12 -31.38 3.57
N ASP G 334 34.67 -32.18 4.48
CA ASP G 334 36.11 -32.34 4.55
C ASP G 334 36.56 -33.63 3.84
N GLY G 335 36.26 -33.73 2.55
CA GLY G 335 36.51 -34.97 1.85
C GLY G 335 37.48 -34.89 0.69
N ILE G 336 38.00 -36.05 0.30
CA ILE G 336 38.84 -36.22 -0.89
C ILE G 336 38.11 -37.21 -1.79
N ILE G 337 37.93 -36.85 -3.06
CA ILE G 337 37.15 -37.65 -3.99
C ILE G 337 38.06 -38.16 -5.09
N PRO G 338 38.08 -39.45 -5.40
CA PRO G 338 38.90 -39.96 -6.49
C PRO G 338 38.28 -39.62 -7.83
N PRO G 339 39.04 -39.71 -8.92
CA PRO G 339 38.48 -39.42 -10.23
C PRO G 339 37.51 -40.49 -10.69
N GLY G 340 36.60 -40.10 -11.57
CA GLY G 340 35.69 -41.03 -12.20
C GLY G 340 34.32 -41.13 -11.58
N TRP G 341 34.06 -40.39 -10.49
CA TRP G 341 32.79 -40.45 -9.79
C TRP G 341 32.15 -39.07 -9.81
N GLN G 342 30.84 -39.03 -10.00
CA GLN G 342 30.08 -37.80 -10.18
C GLN G 342 29.05 -37.62 -9.08
N PRO G 343 29.08 -36.52 -8.34
CA PRO G 343 28.12 -36.34 -7.22
C PRO G 343 26.75 -35.82 -7.65
N ALA G 344 25.89 -36.73 -8.06
CA ALA G 344 24.54 -36.35 -8.49
C ALA G 344 23.63 -36.32 -7.27
N SER G 345 23.34 -35.12 -6.77
CA SER G 345 22.51 -35.03 -5.58
C SER G 345 21.04 -34.91 -5.95
N MET G 346 20.19 -35.21 -4.98
CA MET G 346 18.73 -35.09 -5.13
C MET G 346 18.24 -33.76 -4.52
N THR G 347 18.81 -32.66 -4.99
CA THR G 347 18.28 -31.34 -4.59
C THR G 347 17.25 -30.82 -5.57
N ASP G 348 16.38 -31.73 -5.96
CA ASP G 348 15.17 -31.52 -6.73
C ASP G 348 14.16 -32.43 -6.06
N LEU G 349 12.87 -32.18 -6.33
CA LEU G 349 11.74 -32.77 -5.60
C LEU G 349 11.90 -32.65 -4.09
N ALA G 350 12.49 -31.53 -3.65
CA ALA G 350 12.45 -31.09 -2.27
C ALA G 350 11.58 -29.87 -2.10
N ASN G 351 11.48 -29.04 -3.12
CA ASN G 351 10.50 -27.98 -3.14
C ASN G 351 9.09 -28.50 -3.37
N GLY G 352 8.96 -29.74 -3.81
CA GLY G 352 7.69 -30.43 -3.79
C GLY G 352 7.38 -31.06 -2.47
N GLN G 353 8.37 -31.22 -1.60
CA GLN G 353 8.15 -31.72 -0.26
C GLN G 353 7.86 -30.59 0.74
N PHE G 354 8.52 -29.44 0.59
CA PHE G 354 8.20 -28.28 1.42
C PHE G 354 6.80 -27.77 1.17
N ALA G 355 6.31 -27.88 -0.06
CA ALA G 355 4.95 -27.47 -0.35
C ALA G 355 3.94 -28.54 -0.01
N LEU G 356 4.38 -29.67 0.55
CA LEU G 356 3.51 -30.75 0.95
C LEU G 356 3.57 -31.02 2.45
N LEU G 357 4.60 -30.52 3.14
CA LEU G 357 4.56 -30.40 4.59
C LEU G 357 3.77 -29.17 5.01
N SER G 358 3.94 -28.05 4.31
CA SER G 358 3.25 -26.84 4.67
C SER G 358 1.77 -26.87 4.34
N SER G 359 1.31 -27.90 3.64
CA SER G 359 -0.12 -28.17 3.52
C SER G 359 -0.66 -28.99 4.68
N ALA G 360 0.23 -29.58 5.49
CA ALA G 360 -0.19 -30.36 6.65
C ALA G 360 0.14 -29.69 7.97
N ARG G 361 0.98 -28.66 7.97
CA ARG G 361 1.09 -27.79 9.14
C ARG G 361 -0.05 -26.80 9.21
N GLU G 362 -0.83 -26.66 8.14
CA GLU G 362 -1.93 -25.70 8.11
C GLU G 362 -3.28 -26.37 8.35
N PHE G 363 -3.45 -27.61 7.93
CA PHE G 363 -4.67 -28.33 8.27
C PHE G 363 -4.68 -28.73 9.74
N ILE G 364 -3.50 -29.03 10.31
CA ILE G 364 -3.41 -29.44 11.71
C ILE G 364 -3.70 -28.27 12.64
N GLN G 365 -3.70 -27.05 12.12
CA GLN G 365 -4.00 -25.86 12.88
C GLN G 365 -5.45 -25.42 12.68
N ARG G 366 -6.14 -26.03 11.72
CA ARG G 366 -7.49 -25.58 11.36
C ARG G 366 -8.57 -26.54 11.85
N ILE G 367 -8.25 -27.81 12.06
CA ILE G 367 -9.23 -28.76 12.57
C ILE G 367 -9.03 -28.92 14.07
N GLY G 368 -7.81 -28.75 14.53
CA GLY G 368 -7.55 -29.04 15.92
C GLY G 368 -7.39 -27.81 16.77
N GLN G 369 -6.62 -26.84 16.30
CA GLN G 369 -6.17 -25.74 17.15
C GLN G 369 -7.06 -24.51 16.99
N ASN G 370 -8.35 -24.75 16.83
CA ASN G 370 -9.35 -23.71 17.03
C ASN G 370 -9.62 -23.19 18.45
N PRO G 371 -9.43 -23.95 19.63
CA PRO G 371 -10.10 -23.48 20.86
C PRO G 371 -9.51 -22.22 21.47
N SER G 372 -9.79 -21.10 20.80
CA SER G 372 -9.37 -19.75 21.16
C SER G 372 -7.86 -19.59 21.21
N VAL G 373 -7.11 -20.39 20.46
CA VAL G 373 -5.67 -20.19 20.30
C VAL G 373 -5.36 -20.20 18.80
N LEU G 374 -5.47 -19.03 18.18
CA LEU G 374 -5.26 -18.89 16.74
C LEU G 374 -4.32 -17.73 16.46
N ALA G 375 -4.29 -16.76 17.36
CA ALA G 375 -3.54 -15.52 17.17
C ALA G 375 -2.04 -15.75 17.31
N ARG G 384 -10.36 -12.25 15.85
CA ARG G 384 -10.70 -10.84 15.99
C ARG G 384 -11.14 -10.51 17.39
N ALA G 385 -11.56 -9.25 17.58
CA ALA G 385 -11.94 -8.74 18.89
C ALA G 385 -13.29 -9.27 19.32
N GLN G 386 -13.31 -10.51 19.85
CA GLN G 386 -14.49 -11.15 20.45
C GLN G 386 -15.65 -11.27 19.47
N LEU G 387 -15.35 -11.46 18.19
CA LEU G 387 -16.35 -11.81 17.19
C LEU G 387 -15.96 -13.00 16.34
N ALA G 388 -14.67 -13.13 15.99
CA ALA G 388 -14.16 -14.32 15.35
C ALA G 388 -13.79 -15.40 16.35
N ARG G 389 -14.13 -15.23 17.63
CA ARG G 389 -14.04 -16.29 18.63
C ARG G 389 -15.29 -16.41 19.50
N GLN G 390 -16.12 -15.38 19.60
CA GLN G 390 -17.35 -15.47 20.40
C GLN G 390 -18.49 -16.10 19.62
N GLN G 391 -18.43 -16.08 18.30
CA GLN G 391 -19.49 -16.69 17.52
C GLN G 391 -18.89 -17.58 16.44
N ALA G 392 -17.58 -17.48 16.23
CA ALA G 392 -16.91 -18.25 15.18
C ALA G 392 -15.95 -19.30 15.71
N GLY G 393 -15.45 -19.13 16.92
CA GLY G 393 -14.53 -20.11 17.46
C GLY G 393 -15.18 -21.10 18.39
N MET G 394 -16.16 -20.64 19.16
CA MET G 394 -16.83 -21.47 20.15
C MET G 394 -18.06 -22.18 19.61
N VAL G 395 -18.28 -22.14 18.30
CA VAL G 395 -19.35 -22.91 17.71
C VAL G 395 -18.81 -24.17 17.02
N ASP G 396 -17.50 -24.26 16.84
CA ASP G 396 -16.91 -25.50 16.34
C ASP G 396 -16.57 -26.44 17.48
N SER G 397 -16.36 -25.90 18.67
CA SER G 397 -16.23 -26.72 19.89
C SER G 397 -17.52 -26.75 20.68
N ALA G 398 -18.68 -26.81 20.01
CA ALA G 398 -19.93 -26.81 20.75
C ALA G 398 -20.38 -28.22 21.11
N MET G 399 -20.39 -29.14 20.14
CA MET G 399 -20.46 -30.55 20.48
C MET G 399 -19.22 -30.97 21.24
N ALA G 400 -19.39 -31.96 22.11
CA ALA G 400 -18.35 -32.53 22.97
C ALA G 400 -17.70 -31.51 23.89
N LEU G 401 -18.33 -30.36 24.11
CA LEU G 401 -17.97 -29.48 25.20
C LEU G 401 -19.27 -29.08 25.87
N ASN G 402 -20.36 -29.09 25.09
CA ASN G 402 -21.71 -29.15 25.62
C ASN G 402 -22.22 -30.58 25.61
N GLY G 403 -21.29 -31.53 25.72
CA GLY G 403 -21.61 -32.91 25.93
C GLY G 403 -21.01 -33.33 27.26
N LEU G 404 -19.92 -32.67 27.65
CA LEU G 404 -19.32 -32.94 28.94
C LEU G 404 -20.02 -32.21 30.06
N ARG G 405 -20.60 -31.04 29.76
CA ARG G 405 -21.52 -30.40 30.70
C ARG G 405 -22.73 -31.27 30.98
N ARG G 406 -23.15 -32.04 29.99
CA ARG G 406 -24.31 -32.89 30.16
C ARG G 406 -24.00 -34.10 31.03
N PHE G 407 -22.76 -34.57 31.05
CA PHE G 407 -22.34 -35.56 32.03
C PHE G 407 -22.24 -34.98 33.43
N GLU G 408 -21.75 -33.75 33.55
CA GLU G 408 -21.47 -33.21 34.87
C GLU G 408 -22.74 -32.90 35.62
N LEU G 409 -23.76 -32.39 34.93
CA LEU G 409 -25.04 -32.13 35.59
C LEU G 409 -25.92 -33.36 35.62
N ALA G 410 -25.45 -34.50 35.11
CA ALA G 410 -26.14 -35.76 35.27
C ALA G 410 -25.59 -36.55 36.44
N VAL G 411 -24.61 -36.01 37.16
CA VAL G 411 -24.12 -36.68 38.34
C VAL G 411 -24.73 -35.99 39.56
N TYR G 412 -24.90 -34.67 39.46
CA TYR G 412 -25.58 -33.91 40.51
C TYR G 412 -27.02 -34.38 40.69
N ARG G 413 -27.67 -34.72 39.59
CA ARG G 413 -28.97 -35.36 39.66
C ARG G 413 -28.88 -36.71 40.36
N GLN G 414 -27.84 -37.48 40.07
CA GLN G 414 -27.64 -38.77 40.72
C GLN G 414 -27.15 -38.62 42.16
N ALA G 415 -26.77 -37.42 42.58
CA ALA G 415 -26.31 -37.20 43.94
C ALA G 415 -27.38 -36.64 44.86
N TRP G 416 -28.48 -36.13 44.33
CA TRP G 416 -29.59 -35.76 45.20
C TRP G 416 -30.42 -36.97 45.61
N LEU G 417 -30.39 -38.04 44.83
CA LEU G 417 -31.06 -39.27 45.24
C LEU G 417 -30.36 -39.96 46.41
N ARG G 418 -29.09 -39.69 46.63
CA ARG G 418 -28.34 -40.33 47.71
C ARG G 418 -28.32 -39.52 48.98
N CYS G 419 -28.36 -38.19 48.88
CA CYS G 419 -28.52 -37.35 50.04
C CYS G 419 -29.97 -37.04 50.33
N ARG G 420 -30.88 -37.91 49.92
CA ARG G 420 -32.26 -37.83 50.34
C ARG G 420 -32.67 -39.02 51.18
N GLN G 421 -32.44 -40.24 50.70
CA GLN G 421 -32.88 -41.42 51.42
C GLN G 421 -32.04 -41.75 52.64
N PHE G 422 -30.90 -41.10 52.82
CA PHE G 422 -30.04 -41.39 53.96
C PHE G 422 -30.01 -40.29 55.01
N TRP G 423 -30.20 -39.03 54.61
CA TRP G 423 -30.21 -37.93 55.57
C TRP G 423 -31.56 -37.85 56.24
N LYS G 424 -31.59 -38.08 57.55
CA LYS G 424 -32.78 -37.90 58.36
C LYS G 424 -32.89 -36.43 58.76
N ALA G 425 -33.80 -36.12 59.67
CA ALA G 425 -34.09 -34.75 60.06
C ALA G 425 -32.96 -33.97 60.74
N PRO G 426 -32.15 -34.51 61.67
CA PRO G 426 -31.06 -33.70 62.22
C PRO G 426 -29.81 -33.63 61.37
N ASP G 427 -29.87 -34.00 60.09
CA ASP G 427 -28.74 -33.84 59.19
C ASP G 427 -28.89 -32.67 58.24
N TYR G 428 -30.14 -32.29 57.93
CA TYR G 428 -30.39 -31.07 57.19
C TYR G 428 -30.11 -29.83 58.04
N ILE G 429 -30.24 -29.95 59.36
CA ILE G 429 -30.08 -28.79 60.22
C ILE G 429 -28.60 -28.49 60.42
N ARG G 430 -27.75 -29.51 60.34
CA ARG G 430 -26.32 -29.28 60.51
C ARG G 430 -25.73 -28.54 59.31
N VAL G 431 -26.24 -28.79 58.12
CA VAL G 431 -25.65 -28.21 56.91
C VAL G 431 -26.17 -26.80 56.67
N THR G 432 -27.47 -26.64 56.58
CA THR G 432 -28.08 -25.36 56.27
C THR G 432 -28.13 -24.43 57.48
N ASP G 433 -28.01 -24.98 58.69
CA ASP G 433 -27.90 -24.26 59.96
C ASP G 433 -29.11 -23.35 60.21
N ASP G 434 -30.27 -24.00 60.34
CA ASP G 434 -31.51 -23.31 60.66
C ASP G 434 -32.51 -24.33 61.19
N GLU G 435 -32.90 -24.20 62.45
CA GLU G 435 -33.94 -25.06 62.99
C GLU G 435 -35.27 -24.69 62.35
N GLY G 436 -35.92 -25.68 61.75
CA GLY G 436 -37.05 -25.43 60.90
C GLY G 436 -36.78 -25.58 59.42
N ALA G 437 -35.64 -26.11 59.06
CA ALA G 437 -35.32 -26.50 57.68
C ALA G 437 -35.89 -27.83 57.19
N PRO G 438 -35.90 -28.95 57.93
CA PRO G 438 -36.43 -30.19 57.33
C PRO G 438 -37.93 -30.23 57.15
N GLN G 439 -38.68 -29.22 57.61
CA GLN G 439 -40.11 -29.18 57.35
C GLN G 439 -40.43 -28.84 55.90
N PHE G 440 -39.45 -28.38 55.13
CA PHE G 440 -39.67 -27.97 53.75
C PHE G 440 -39.33 -29.04 52.73
N VAL G 441 -38.93 -30.24 53.16
CA VAL G 441 -38.50 -31.29 52.24
C VAL G 441 -39.23 -32.60 52.54
N GLY G 442 -40.44 -32.50 53.07
CA GLY G 442 -41.27 -33.67 53.20
C GLY G 442 -40.99 -34.53 54.41
N ILE G 443 -40.73 -33.92 55.56
CA ILE G 443 -40.74 -34.64 56.82
C ILE G 443 -41.24 -33.66 57.88
N ASN G 444 -41.88 -34.22 58.91
CA ASN G 444 -42.62 -33.48 59.96
C ASN G 444 -43.65 -32.52 59.38
N ALA G 464 -24.44 -32.29 71.48
CA ALA G 464 -25.16 -33.56 71.41
C ALA G 464 -24.29 -34.64 70.78
N GLU G 465 -24.93 -35.59 70.10
CA GLU G 465 -24.18 -36.64 69.42
C GLU G 465 -23.53 -36.09 68.15
N PRO G 466 -22.44 -36.72 67.69
CA PRO G 466 -22.00 -36.49 66.31
C PRO G 466 -23.05 -36.97 65.34
N ILE G 467 -23.45 -36.09 64.44
CA ILE G 467 -24.58 -36.33 63.55
C ILE G 467 -24.13 -36.63 62.13
N LEU G 468 -23.13 -35.90 61.62
CA LEU G 468 -22.45 -36.31 60.40
C LEU G 468 -20.99 -36.63 60.65
N GLY G 469 -20.68 -37.25 61.79
CA GLY G 469 -19.30 -37.47 62.14
C GLY G 469 -18.52 -36.20 62.43
N TYR G 470 -19.18 -35.15 62.87
CA TYR G 470 -18.54 -33.88 63.17
C TYR G 470 -18.57 -33.66 64.67
N GLU G 471 -17.44 -33.84 65.31
CA GLU G 471 -17.36 -33.92 66.75
C GLU G 471 -17.37 -32.55 67.44
N ASN G 472 -17.25 -31.45 66.70
CA ASN G 472 -17.35 -30.12 67.28
C ASN G 472 -18.68 -29.43 67.02
N ALA G 473 -19.23 -29.58 65.82
CA ALA G 473 -20.45 -28.94 65.35
C ALA G 473 -20.40 -27.41 65.40
N LEU G 474 -19.22 -26.82 65.38
CA LEU G 474 -19.12 -25.37 65.35
C LEU G 474 -18.28 -24.85 64.18
N ALA G 475 -17.08 -25.40 63.96
CA ALA G 475 -16.24 -24.92 62.85
C ALA G 475 -15.38 -26.09 62.36
N GLU G 476 -15.75 -26.65 61.21
CA GLU G 476 -15.02 -27.75 60.60
C GLU G 476 -14.69 -27.39 59.16
N LEU G 477 -13.83 -28.17 58.53
CA LEU G 477 -13.29 -27.83 57.21
C LEU G 477 -14.29 -27.94 56.10
N ASP G 478 -14.96 -29.08 56.00
CA ASP G 478 -15.94 -29.39 54.98
C ASP G 478 -17.09 -28.41 54.94
N VAL G 479 -17.82 -28.30 56.06
CA VAL G 479 -19.08 -27.58 56.04
C VAL G 479 -18.85 -26.10 55.82
N ASP G 480 -18.21 -25.45 56.78
CA ASP G 480 -18.42 -24.03 56.94
C ASP G 480 -17.11 -23.26 57.07
N ILE G 481 -16.08 -23.68 56.35
CA ILE G 481 -14.88 -22.86 56.23
C ILE G 481 -14.53 -22.62 54.77
N ASN G 482 -14.27 -23.68 54.01
CA ASN G 482 -14.04 -23.64 52.55
C ASN G 482 -12.88 -22.73 52.17
N ILE G 483 -11.66 -23.19 52.48
CA ILE G 483 -10.44 -22.45 52.18
C ILE G 483 -10.30 -22.21 50.68
N ASP G 484 -10.05 -20.96 50.30
CA ASP G 484 -9.90 -20.58 48.91
C ASP G 484 -8.95 -19.39 48.82
N ALA G 485 -8.33 -19.21 47.66
CA ALA G 485 -7.38 -18.11 47.49
C ALA G 485 -8.11 -16.83 47.07
N VAL G 486 -7.38 -15.73 47.08
CA VAL G 486 -7.94 -14.40 46.80
C VAL G 486 -6.73 -13.53 46.44
N PRO G 487 -6.87 -12.41 45.74
CA PRO G 487 -5.70 -11.56 45.46
C PRO G 487 -5.12 -10.91 46.71
N ASP G 488 -3.91 -10.41 46.54
CA ASP G 488 -3.02 -10.05 47.64
C ASP G 488 -3.35 -8.67 48.19
N THR G 489 -3.10 -8.50 49.48
CA THR G 489 -3.19 -7.21 50.18
C THR G 489 -2.01 -7.11 51.12
N ALA G 490 -2.07 -6.16 52.05
CA ALA G 490 -1.04 -5.99 53.07
C ALA G 490 -1.52 -6.44 54.44
N ASN G 491 -2.71 -6.01 54.84
CA ASN G 491 -3.36 -6.50 56.05
C ASN G 491 -4.84 -6.63 55.78
N LEU G 492 -5.56 -7.24 56.71
CA LEU G 492 -6.97 -7.52 56.50
C LEU G 492 -7.82 -6.27 56.59
N ALA G 493 -7.29 -5.19 57.17
CA ALA G 493 -8.03 -3.94 57.18
C ALA G 493 -8.06 -3.30 55.80
N GLN G 494 -7.03 -3.50 54.99
CA GLN G 494 -7.00 -2.90 53.66
C GLN G 494 -7.93 -3.63 52.70
N GLU G 495 -8.02 -4.95 52.82
CA GLU G 495 -9.00 -5.71 52.04
C GLU G 495 -10.42 -5.35 52.46
N GLN G 496 -10.61 -5.02 53.74
CA GLN G 496 -11.90 -4.55 54.20
C GLN G 496 -12.21 -3.16 53.65
N PHE G 497 -11.18 -2.39 53.34
CA PHE G 497 -11.35 -1.03 52.84
C PHE G 497 -11.74 -0.99 51.37
N LEU G 498 -11.40 -2.03 50.60
CA LEU G 498 -11.63 -1.98 49.17
C LEU G 498 -13.10 -2.23 48.82
N GLN G 499 -13.75 -3.17 49.49
CA GLN G 499 -15.16 -3.43 49.27
C GLN G 499 -16.05 -2.61 50.18
N LEU G 500 -15.59 -1.44 50.62
CA LEU G 500 -16.43 -0.45 51.27
C LEU G 500 -16.51 0.81 50.44
N THR G 501 -15.39 1.32 49.94
CA THR G 501 -15.40 2.48 49.06
C THR G 501 -16.00 2.18 47.70
N GLU G 502 -15.91 0.92 47.24
CA GLU G 502 -16.66 0.50 46.07
C GLU G 502 -18.16 0.54 46.36
N LEU G 503 -18.54 0.17 47.58
CA LEU G 503 -19.95 0.19 47.96
C LEU G 503 -20.39 1.59 48.40
N ALA G 504 -19.49 2.39 48.96
CA ALA G 504 -19.84 3.75 49.35
C ALA G 504 -19.98 4.66 48.16
N ARG G 505 -19.38 4.32 47.03
CA ARG G 505 -19.41 5.20 45.87
C ARG G 505 -20.80 5.21 45.23
N LEU G 506 -21.52 4.10 45.30
CA LEU G 506 -22.87 4.05 44.75
C LEU G 506 -23.86 4.84 45.61
N TYR G 507 -23.73 4.75 46.94
CA TYR G 507 -24.62 5.50 47.80
C TYR G 507 -24.15 6.94 47.96
N GLY G 508 -22.96 7.14 48.50
CA GLY G 508 -22.39 8.46 48.59
C GLY G 508 -21.93 8.82 49.99
N PRO G 509 -21.64 10.10 50.20
CA PRO G 509 -21.11 10.53 51.50
C PRO G 509 -22.17 10.75 52.57
N GLN G 510 -23.37 10.20 52.37
CA GLN G 510 -24.43 10.38 53.35
C GLN G 510 -24.35 9.37 54.48
N GLU G 511 -24.14 8.09 54.16
CA GLU G 511 -24.18 7.04 55.17
C GLU G 511 -22.87 6.27 55.32
N VAL G 512 -21.79 6.71 54.66
CA VAL G 512 -20.46 6.19 54.95
C VAL G 512 -19.59 7.37 55.35
N PRO G 513 -19.56 7.74 56.63
CA PRO G 513 -18.84 8.95 57.03
C PRO G 513 -17.39 8.71 57.41
N PHE G 514 -16.70 9.75 57.89
CA PHE G 514 -15.42 9.57 58.54
C PHE G 514 -15.55 8.74 59.82
N ASP G 515 -14.39 8.25 60.28
CA ASP G 515 -14.13 7.29 61.36
C ASP G 515 -14.58 5.88 60.97
N ASP G 516 -15.15 5.71 59.78
CA ASP G 516 -15.54 4.42 59.25
C ASP G 516 -14.89 4.14 57.92
N LEU G 517 -14.32 5.15 57.27
CA LEU G 517 -13.56 5.01 56.04
C LEU G 517 -12.16 5.59 56.14
N LEU G 518 -11.90 6.48 57.09
CA LEU G 518 -10.55 6.93 57.39
C LEU G 518 -9.85 6.01 58.37
N GLU G 519 -10.61 5.34 59.24
CA GLU G 519 -10.00 4.53 60.29
C GLU G 519 -9.39 3.26 59.70
N LEU G 520 -10.15 2.53 58.89
CA LEU G 520 -9.62 1.30 58.31
C LEU G 520 -8.97 1.56 56.94
N SER G 521 -8.11 2.57 56.88
CA SER G 521 -7.45 2.97 55.66
C SER G 521 -6.03 2.44 55.64
N SER G 522 -5.23 2.89 54.69
CA SER G 522 -3.83 2.49 54.57
C SER G 522 -2.91 3.70 54.55
N MET G 523 -3.14 4.61 55.49
CA MET G 523 -2.53 5.89 55.86
C MET G 523 -1.52 5.67 56.97
N PRO G 524 -0.32 6.29 56.89
CA PRO G 524 0.72 6.01 57.89
C PRO G 524 0.41 6.48 59.30
N GLU G 525 0.21 7.77 59.49
CA GLU G 525 -0.05 8.35 60.80
C GLU G 525 -1.50 8.79 60.84
N LYS G 526 -2.34 8.01 61.50
CA LYS G 526 -3.74 8.36 61.65
C LYS G 526 -4.20 8.39 63.08
N THR G 527 -3.53 7.70 63.99
CA THR G 527 -3.88 7.79 65.40
C THR G 527 -3.54 9.17 65.97
N LYS G 528 -2.48 9.79 65.46
CA LYS G 528 -2.17 11.17 65.79
C LYS G 528 -2.88 12.17 64.88
N LEU G 529 -3.86 11.71 64.11
CA LEU G 529 -4.73 12.58 63.34
C LEU G 529 -6.21 12.34 63.62
N ILE G 530 -6.60 11.14 64.06
CA ILE G 530 -8.01 10.91 64.32
C ILE G 530 -8.43 11.50 65.65
N ALA G 531 -7.48 11.81 66.54
CA ALA G 531 -7.79 12.38 67.83
C ALA G 531 -7.70 13.90 67.85
N LYS G 532 -7.13 14.51 66.82
CA LYS G 532 -7.16 15.96 66.67
C LYS G 532 -8.36 16.42 65.83
N ARG G 533 -9.15 15.48 65.31
CA ARG G 533 -10.41 15.81 64.66
C ARG G 533 -11.61 15.36 65.47
N ARG G 534 -11.46 14.36 66.33
CA ARG G 534 -12.54 13.97 67.22
C ARG G 534 -12.76 15.03 68.29
N GLU G 535 -11.71 15.78 68.65
CA GLU G 535 -11.85 16.79 69.69
C GLU G 535 -12.60 18.00 69.18
N ARG G 536 -12.52 18.30 67.89
CA ARG G 536 -13.23 19.44 67.33
C ARG G 536 -14.72 19.20 67.20
N SER G 537 -15.15 17.95 67.10
CA SER G 537 -16.57 17.61 67.14
C SER G 537 -17.05 17.32 68.56
N GLU G 538 -16.31 17.77 69.55
CA GLU G 538 -16.69 17.62 70.94
C GLU G 538 -16.64 18.95 71.70
N GLN G 539 -15.70 19.83 71.38
CA GLN G 539 -15.77 21.19 71.89
C GLN G 539 -16.73 22.06 71.10
N MET G 540 -17.21 21.59 69.95
CA MET G 540 -18.30 22.26 69.24
C MET G 540 -19.65 21.75 69.68
N ALA G 541 -19.75 20.48 70.08
CA ALA G 541 -21.00 19.96 70.60
C ALA G 541 -21.35 20.53 71.97
N GLN G 542 -20.36 21.07 72.69
CA GLN G 542 -20.65 21.79 73.91
C GLN G 542 -21.17 23.20 73.65
N VAL G 543 -20.96 23.73 72.46
CA VAL G 543 -21.62 24.96 72.07
C VAL G 543 -23.07 24.69 71.68
N GLN G 544 -23.30 23.68 70.84
CA GLN G 544 -24.64 23.38 70.36
C GLN G 544 -25.50 22.63 71.37
N ALA G 545 -25.03 22.44 72.60
CA ALA G 545 -25.88 21.98 73.70
C ALA G 545 -26.15 23.07 74.71
N GLN G 546 -25.15 23.86 75.08
CA GLN G 546 -25.36 24.95 76.03
C GLN G 546 -26.09 26.12 75.39
N GLN G 547 -26.13 26.19 74.05
CA GLN G 547 -26.99 27.14 73.36
C GLN G 547 -28.35 26.55 73.01
N GLY G 548 -28.53 25.24 73.20
CA GLY G 548 -29.79 24.61 72.90
C GLY G 548 -30.61 24.36 74.15
N GLN G 549 -29.93 24.18 75.28
CA GLN G 549 -30.60 24.00 76.56
C GLN G 549 -31.01 25.31 77.21
N MET G 550 -30.74 26.45 76.58
CA MET G 550 -31.38 27.71 76.94
C MET G 550 -32.25 28.24 75.82
N GLN G 551 -32.68 27.36 74.92
CA GLN G 551 -33.78 27.62 73.99
C GLN G 551 -34.92 26.64 74.19
N GLU G 552 -34.60 25.37 74.38
CA GLU G 552 -35.59 24.32 74.53
C GLU G 552 -36.21 24.26 75.91
N GLN G 553 -35.78 25.12 76.84
CA GLN G 553 -36.46 25.31 78.11
C GLN G 553 -37.18 26.65 78.16
N ILE G 554 -36.94 27.53 77.19
CA ILE G 554 -37.61 28.82 77.14
C ILE G 554 -38.64 28.88 76.02
N ALA G 555 -38.48 28.10 74.96
CA ALA G 555 -39.54 28.01 73.97
C ALA G 555 -40.66 27.04 74.36
N MET G 556 -40.54 26.36 75.50
CA MET G 556 -41.60 25.48 76.00
C MET G 556 -41.46 25.36 77.50
N GLN G 557 -42.59 25.08 78.16
CA GLN G 557 -42.83 25.02 79.60
C GLN G 557 -42.64 26.37 80.30
N GLY G 558 -42.35 27.41 79.53
CA GLY G 558 -42.28 28.80 79.93
C GLY G 558 -42.52 29.50 78.63
N ALA G 559 -43.36 30.54 78.61
CA ALA G 559 -43.78 31.33 77.44
C ALA G 559 -44.53 30.52 76.38
N MET G 560 -44.76 29.23 76.62
CA MET G 560 -45.54 28.39 75.72
C MET G 560 -46.49 27.47 76.46
N ALA G 561 -46.24 27.17 77.74
CA ALA G 561 -47.25 26.59 78.61
C ALA G 561 -48.15 27.67 79.19
N GLU G 562 -47.74 28.93 79.13
CA GLU G 562 -48.58 30.04 79.58
C GLU G 562 -49.61 30.45 78.54
N ILE G 563 -49.58 29.85 77.34
CA ILE G 563 -50.72 29.95 76.45
C ILE G 563 -51.82 29.00 76.87
N GLU G 564 -51.52 28.08 77.81
CA GLU G 564 -52.53 27.32 78.52
C GLU G 564 -52.91 27.98 79.84
N ASN G 565 -52.49 29.22 80.06
CA ASN G 565 -52.82 29.95 81.26
C ASN G 565 -53.46 31.29 80.95
N THR G 566 -53.58 31.66 79.68
CA THR G 566 -54.27 32.87 79.28
C THR G 566 -55.30 32.59 78.21
N GLN G 567 -55.38 31.36 77.73
CA GLN G 567 -56.37 30.93 76.75
C GLN G 567 -57.19 29.76 77.25
N ALA G 568 -56.66 28.99 78.19
CA ALA G 568 -57.47 28.07 78.98
C ALA G 568 -58.08 28.73 80.20
N ASP G 569 -57.57 29.91 80.58
CA ASP G 569 -58.05 30.61 81.75
C ASP G 569 -59.08 31.68 81.44
N THR G 570 -58.98 32.34 80.28
CA THR G 570 -60.06 33.20 79.83
C THR G 570 -61.28 32.40 79.36
N ALA G 571 -61.14 31.08 79.23
CA ALA G 571 -62.27 30.18 79.07
C ALA G 571 -63.27 30.29 80.21
N TYR G 572 -62.82 30.62 81.42
CA TYR G 572 -63.75 30.80 82.53
C TYR G 572 -64.31 32.22 82.59
N LEU G 573 -63.74 33.16 81.85
CA LEU G 573 -64.35 34.49 81.83
C LEU G 573 -65.57 34.53 80.92
N ALA G 574 -65.42 34.04 79.69
CA ALA G 574 -66.53 33.94 78.76
C ALA G 574 -67.60 32.97 79.24
N ALA G 575 -67.24 32.03 80.12
CA ALA G 575 -68.23 31.14 80.71
C ALA G 575 -68.98 31.77 81.87
N ARG G 576 -68.29 32.59 82.68
CA ARG G 576 -68.97 33.19 83.83
C ARG G 576 -69.90 34.31 83.40
N ALA G 577 -69.60 34.98 82.28
CA ALA G 577 -70.48 36.02 81.77
C ALA G 577 -71.74 35.43 81.13
N GLN G 578 -71.82 34.11 81.02
CA GLN G 578 -73.05 33.43 80.66
C GLN G 578 -73.94 33.20 81.87
N ASN G 579 -73.37 32.79 83.00
CA ASN G 579 -74.13 32.56 84.22
C ASN G 579 -74.61 33.86 84.83
N GLU G 580 -73.87 34.95 84.61
CA GLU G 580 -74.26 36.28 85.04
C GLU G 580 -75.04 36.96 83.91
N MET G 581 -75.36 36.19 82.87
CA MET G 581 -76.37 36.59 81.91
C MET G 581 -77.65 35.80 82.07
N LEU G 582 -77.59 34.69 82.80
CA LEU G 582 -78.76 33.96 83.26
C LEU G 582 -79.55 34.73 84.30
N LYS G 583 -78.90 35.67 85.01
CA LYS G 583 -79.59 36.45 86.02
C LYS G 583 -80.48 37.58 85.49
N PRO G 584 -80.03 38.50 84.56
CA PRO G 584 -80.90 39.66 84.26
C PRO G 584 -82.10 39.39 83.37
N GLN G 585 -82.45 38.13 83.11
CA GLN G 585 -83.74 37.82 82.49
C GLN G 585 -84.75 37.33 83.50
N ILE G 586 -84.45 36.24 84.19
CA ILE G 586 -85.38 35.63 85.14
C ILE G 586 -84.75 35.70 86.53
N GLU G 587 -85.62 35.87 87.53
CA GLU G 587 -85.26 36.15 88.93
C GLU G 587 -84.40 37.41 89.01
N ALA G 588 -84.83 38.44 88.28
CA ALA G 588 -84.24 39.76 88.36
C ALA G 588 -85.27 40.84 88.67
N PHE G 589 -86.46 40.75 88.08
CA PHE G 589 -87.53 41.72 88.31
C PHE G 589 -88.85 40.97 88.26
N LYS G 590 -89.55 40.88 89.39
CA LYS G 590 -90.85 40.21 89.45
C LYS G 590 -91.71 40.80 90.56
N THR H 4 -3.98 -58.48 65.26
CA THR H 4 -3.10 -57.39 64.83
C THR H 4 -1.64 -57.82 64.81
N MET H 5 -0.77 -56.92 64.39
CA MET H 5 0.66 -57.22 64.30
C MET H 5 1.51 -56.15 64.96
N THR H 6 2.82 -56.23 64.73
CA THR H 6 3.79 -55.35 65.33
C THR H 6 4.28 -54.33 64.32
N MET H 7 5.24 -53.54 64.71
CA MET H 7 5.77 -52.50 63.84
C MET H 7 6.90 -53.04 62.97
N PRO H 8 7.06 -52.51 61.74
CA PRO H 8 8.08 -53.04 60.85
C PRO H 8 9.48 -52.72 61.32
N SER H 9 10.39 -53.67 61.13
CA SER H 9 11.70 -53.63 61.78
C SER H 9 12.82 -53.82 60.76
N HIS H 10 13.18 -52.74 60.08
CA HIS H 10 14.48 -52.49 59.45
C HIS H 10 14.82 -53.46 58.30
N ALA H 11 14.02 -54.45 58.05
CA ALA H 11 14.24 -55.27 56.88
C ALA H 11 13.18 -55.03 55.83
N GLN H 12 11.91 -54.92 56.24
CA GLN H 12 10.87 -54.43 55.35
C GLN H 12 10.70 -52.93 55.45
N LEU H 13 11.72 -52.21 55.91
CA LEU H 13 11.83 -50.79 55.65
C LEU H 13 12.88 -50.45 54.62
N LYS H 14 14.01 -51.18 54.60
CA LYS H 14 14.93 -51.06 53.48
C LYS H 14 14.32 -51.64 52.21
N ALA H 15 13.45 -52.64 52.36
CA ALA H 15 12.79 -53.22 51.20
C ALA H 15 11.71 -52.32 50.63
N TYR H 16 11.31 -51.28 51.34
CA TYR H 16 10.45 -50.28 50.74
C TYR H 16 11.24 -49.20 50.03
N PHE H 17 12.37 -48.78 50.61
CA PHE H 17 13.19 -47.76 49.97
C PHE H 17 13.84 -48.28 48.70
N GLU H 18 14.14 -49.58 48.65
CA GLU H 18 14.85 -50.15 47.52
C GLU H 18 13.91 -50.54 46.38
N GLU H 19 12.63 -50.76 46.67
CA GLU H 19 11.66 -50.88 45.59
C GLU H 19 11.40 -49.52 44.94
N ALA H 20 11.47 -48.45 45.71
CA ALA H 20 11.32 -47.10 45.20
C ALA H 20 12.62 -46.49 44.71
N ARG H 21 13.64 -47.31 44.47
CA ARG H 21 14.86 -46.85 43.82
C ARG H 21 15.14 -47.76 42.64
N ASP H 22 14.74 -49.03 42.74
CA ASP H 22 14.85 -49.95 41.61
C ASP H 22 13.89 -49.56 40.51
N ALA H 23 12.63 -49.32 40.87
CA ALA H 23 11.71 -48.65 39.97
C ALA H 23 11.91 -47.15 40.10
N ASN H 24 11.05 -46.39 39.42
CA ASN H 24 11.02 -44.93 39.19
C ASN H 24 12.40 -44.30 39.07
N GLU H 25 13.30 -44.97 38.38
CA GLU H 25 14.61 -44.44 38.07
C GLU H 25 14.68 -44.11 36.59
N GLU H 26 13.69 -44.52 35.82
CA GLU H 26 13.66 -44.23 34.39
C GLU H 26 13.36 -42.76 34.12
N TYR H 27 12.50 -42.13 34.92
CA TYR H 27 12.26 -40.71 34.73
C TYR H 27 13.10 -39.85 35.64
N ARG H 28 13.49 -40.38 36.79
CA ARG H 28 14.25 -39.61 37.75
C ARG H 28 15.67 -39.36 37.25
N LYS H 29 16.21 -40.28 36.46
CA LYS H 29 17.44 -40.03 35.71
C LYS H 29 17.17 -39.28 34.42
N GLU H 30 15.92 -39.13 34.03
CA GLU H 30 15.55 -38.36 32.86
C GLU H 30 15.17 -36.93 33.19
N ALA H 31 14.64 -36.70 34.40
CA ALA H 31 14.31 -35.35 34.81
C ALA H 31 15.55 -34.53 35.13
N PHE H 32 16.65 -35.17 35.49
CA PHE H 32 17.91 -34.46 35.66
C PHE H 32 18.53 -34.09 34.33
N ILE H 33 18.23 -34.82 33.26
CA ILE H 33 18.62 -34.35 31.93
C ILE H 33 17.86 -33.08 31.59
N ASP H 34 16.57 -33.03 31.94
CA ASP H 34 15.76 -31.84 31.68
C ASP H 34 16.21 -30.64 32.49
N ARG H 35 16.85 -30.88 33.64
CA ARG H 35 17.33 -29.79 34.48
C ARG H 35 18.51 -29.08 33.84
N ASP H 36 19.57 -29.83 33.52
CA ASP H 36 20.77 -29.24 32.96
C ASP H 36 20.66 -29.11 31.44
N TYR H 37 19.44 -29.03 30.97
CA TYR H 37 19.14 -28.74 29.59
C TYR H 37 18.61 -27.33 29.42
N PHE H 38 18.21 -26.68 30.52
CA PHE H 38 17.75 -25.32 30.36
C PHE H 38 18.74 -24.32 30.90
N ASP H 39 19.75 -24.77 31.64
CA ASP H 39 20.87 -23.90 31.99
C ASP H 39 22.14 -24.45 31.36
N GLY H 40 22.33 -24.11 30.08
CA GLY H 40 23.44 -24.59 29.31
C GLY H 40 23.39 -26.10 29.12
N HIS H 41 24.55 -26.62 28.72
CA HIS H 41 24.87 -28.05 28.71
C HIS H 41 23.93 -28.82 27.78
N GLN H 42 23.76 -28.29 26.57
CA GLN H 42 22.91 -28.93 25.58
C GLN H 42 23.70 -29.79 24.61
N TRP H 43 24.94 -30.14 24.96
CA TRP H 43 25.79 -30.96 24.13
C TRP H 43 26.29 -32.14 24.93
N THR H 44 26.23 -33.33 24.34
CA THR H 44 26.72 -34.51 25.02
C THR H 44 28.25 -34.54 24.99
N GLU H 45 28.83 -35.43 25.78
CA GLU H 45 30.29 -35.48 25.87
C GLU H 45 30.95 -36.15 24.69
N GLU H 46 30.19 -36.81 23.83
CA GLU H 46 30.75 -37.35 22.59
C GLU H 46 30.67 -36.37 21.44
N GLU H 47 29.61 -35.55 21.40
CA GLU H 47 29.50 -34.51 20.39
C GLU H 47 30.43 -33.34 20.67
N LEU H 48 30.67 -33.06 21.95
CA LEU H 48 31.52 -31.94 22.32
C LEU H 48 32.99 -32.24 22.09
N GLN H 49 33.36 -33.52 22.07
CA GLN H 49 34.73 -33.90 21.78
C GLN H 49 35.03 -33.79 20.29
N LYS H 50 34.05 -34.10 19.45
CA LYS H 50 34.29 -34.12 18.01
C LYS H 50 34.30 -32.72 17.41
N LEU H 51 33.57 -31.77 17.99
CA LEU H 51 33.62 -30.39 17.50
C LEU H 51 34.98 -29.77 17.73
N GLU H 52 35.68 -30.16 18.79
CA GLU H 52 37.01 -29.65 19.06
C GLU H 52 38.06 -30.22 18.10
N ALA H 53 37.78 -31.36 17.48
CA ALA H 53 38.69 -31.91 16.49
C ALA H 53 38.56 -31.23 15.15
N ARG H 54 37.46 -30.53 14.90
CA ARG H 54 37.35 -29.68 13.73
C ARG H 54 37.78 -28.25 14.04
N LYS H 55 38.28 -28.01 15.24
CA LYS H 55 38.62 -26.69 15.77
C LYS H 55 37.44 -25.72 15.72
N GLN H 56 36.23 -26.22 15.94
CA GLN H 56 34.99 -25.46 15.83
C GLN H 56 34.48 -25.08 17.21
N PRO H 57 33.99 -23.86 17.39
CA PRO H 57 33.32 -23.54 18.65
C PRO H 57 32.00 -24.28 18.78
N ALA H 58 31.59 -24.49 20.02
CA ALA H 58 30.40 -25.25 20.34
C ALA H 58 29.30 -24.27 20.75
N THR H 59 28.59 -23.73 19.78
CA THR H 59 27.59 -22.71 20.04
C THR H 59 26.23 -23.34 20.32
N TYR H 60 25.47 -22.72 21.22
CA TYR H 60 24.11 -23.10 21.49
C TYR H 60 23.25 -21.86 21.69
N PHE H 61 21.97 -21.99 21.37
CA PHE H 61 21.01 -20.90 21.44
C PHE H 61 19.95 -21.30 22.44
N ASN H 62 20.14 -20.92 23.69
CA ASN H 62 19.35 -21.46 24.80
C ASN H 62 17.96 -20.83 24.77
N GLU H 63 17.12 -21.37 23.90
CA GLU H 63 15.80 -20.84 23.65
C GLU H 63 14.75 -21.59 24.46
N VAL H 64 15.17 -22.35 25.47
CA VAL H 64 14.26 -23.05 26.36
C VAL H 64 14.29 -22.48 27.76
N LYS H 65 15.20 -21.55 28.04
CA LYS H 65 15.08 -20.75 29.26
C LYS H 65 14.09 -19.62 29.07
N LEU H 66 13.95 -19.10 27.85
CA LEU H 66 12.96 -18.06 27.57
C LEU H 66 11.54 -18.52 27.76
N SER H 67 11.25 -19.77 27.43
CA SER H 67 9.90 -20.29 27.55
C SER H 67 9.51 -20.63 28.97
N ILE H 68 10.45 -20.64 29.92
CA ILE H 68 10.16 -21.01 31.29
C ILE H 68 10.23 -19.76 32.15
N ARG H 69 11.16 -18.86 31.82
CA ARG H 69 11.37 -17.68 32.64
C ARG H 69 10.20 -16.70 32.55
N GLY H 70 9.49 -16.71 31.44
CA GLY H 70 8.31 -15.88 31.33
C GLY H 70 7.04 -16.59 31.73
N LEU H 71 7.14 -17.88 32.02
CA LEU H 71 5.96 -18.66 32.42
C LEU H 71 5.90 -18.86 33.91
N VAL H 72 7.05 -18.84 34.58
CA VAL H 72 7.07 -18.72 36.03
C VAL H 72 6.67 -17.32 36.44
N GLY H 73 7.08 -16.32 35.66
CA GLY H 73 6.79 -14.93 35.97
C GLY H 73 5.34 -14.53 35.86
N VAL H 74 4.49 -15.37 35.28
CA VAL H 74 3.06 -15.15 35.34
C VAL H 74 2.49 -15.65 36.64
N PHE H 75 2.92 -16.84 37.07
CA PHE H 75 2.52 -17.39 38.36
C PHE H 75 3.05 -16.53 39.50
N GLU H 76 4.27 -16.03 39.37
CA GLU H 76 4.94 -15.36 40.46
C GLU H 76 4.34 -13.98 40.72
N GLN H 77 3.73 -13.37 39.72
CA GLN H 77 3.11 -12.06 39.92
C GLN H 77 1.73 -12.19 40.53
N GLY H 78 0.94 -13.16 40.07
CA GLY H 78 -0.42 -13.29 40.56
C GLY H 78 -0.52 -14.12 41.81
N ASP H 79 0.20 -13.72 42.86
CA ASP H 79 0.25 -14.48 44.09
C ASP H 79 -1.05 -14.32 44.88
N SER H 80 -1.12 -15.03 46.00
CA SER H 80 -2.38 -15.11 46.72
C SER H 80 -2.13 -15.32 48.20
N ASP H 81 -2.86 -14.63 48.99
CA ASP H 81 -3.01 -14.86 50.41
C ASP H 81 -4.32 -15.61 50.67
N PRO H 82 -4.38 -16.49 51.67
CA PRO H 82 -5.54 -17.36 51.82
C PRO H 82 -6.73 -16.62 52.38
N ARG H 83 -7.85 -17.33 52.44
CA ARG H 83 -9.15 -16.74 52.72
C ARG H 83 -10.16 -17.85 52.98
N ALA H 84 -11.03 -17.67 53.96
CA ALA H 84 -12.06 -18.66 54.26
C ALA H 84 -13.43 -18.05 54.01
N TRP H 85 -14.31 -18.83 53.38
CA TRP H 85 -15.63 -18.34 53.02
C TRP H 85 -16.70 -19.04 53.85
N PRO H 86 -17.41 -18.35 54.74
CA PRO H 86 -18.47 -19.00 55.52
C PRO H 86 -19.61 -19.40 54.62
N ARG H 87 -20.05 -20.65 54.73
CA ARG H 87 -20.94 -21.15 53.68
C ARG H 87 -22.36 -20.64 53.83
N ASN H 88 -22.77 -20.26 55.03
CA ASN H 88 -24.11 -19.73 55.20
C ASN H 88 -24.12 -18.78 56.39
N PRO H 89 -24.51 -17.53 56.21
CA PRO H 89 -24.31 -16.54 57.27
C PRO H 89 -25.31 -16.65 58.40
N GLN H 90 -25.43 -17.83 59.00
CA GLN H 90 -26.14 -18.01 60.27
C GLN H 90 -25.08 -18.52 61.22
N ASP H 91 -24.42 -17.58 61.90
CA ASP H 91 -23.36 -17.84 62.87
C ASP H 91 -22.21 -18.62 62.24
N GLU H 92 -21.91 -18.34 60.97
CA GLU H 92 -20.69 -18.89 60.39
C GLU H 92 -19.70 -17.80 59.98
N ASP H 93 -20.13 -16.56 59.86
CA ASP H 93 -19.17 -15.48 59.65
C ASP H 93 -18.44 -15.13 60.93
N SER H 94 -19.05 -15.40 62.08
CA SER H 94 -18.37 -15.17 63.34
C SER H 94 -17.23 -16.15 63.52
N ALA H 95 -17.32 -17.34 62.92
CA ALA H 95 -16.28 -18.35 62.94
C ALA H 95 -15.33 -18.22 61.76
N ASP H 96 -15.13 -17.00 61.28
CA ASP H 96 -14.19 -16.71 60.20
C ASP H 96 -13.02 -15.90 60.74
N ILE H 97 -12.64 -16.21 61.99
CA ILE H 97 -11.36 -15.84 62.57
C ILE H 97 -10.23 -16.63 61.91
N ALA H 98 -10.58 -17.75 61.28
CA ALA H 98 -9.60 -18.65 60.65
C ALA H 98 -8.78 -17.93 59.58
N THR H 99 -9.39 -17.06 58.79
CA THR H 99 -8.62 -16.32 57.80
C THR H 99 -7.75 -15.24 58.40
N LYS H 100 -7.88 -14.95 59.69
CA LYS H 100 -7.04 -13.98 60.37
C LYS H 100 -5.87 -14.65 61.05
N ALA H 101 -5.91 -15.98 61.19
CA ALA H 101 -4.83 -16.74 61.80
C ALA H 101 -4.30 -17.83 60.88
N LEU H 102 -4.80 -17.93 59.66
CA LEU H 102 -4.19 -18.81 58.68
C LEU H 102 -3.27 -18.06 57.74
N ARG H 103 -3.43 -16.74 57.63
CA ARG H 103 -2.41 -15.89 57.03
C ARG H 103 -1.42 -15.40 58.06
N TYR H 104 -1.44 -15.98 59.25
CA TYR H 104 -0.33 -15.87 60.17
C TYR H 104 0.80 -16.82 59.80
N VAL H 105 0.46 -18.05 59.40
CA VAL H 105 1.48 -19.04 59.09
C VAL H 105 2.02 -18.88 57.68
N LYS H 106 1.34 -18.14 56.82
CA LYS H 106 1.87 -17.80 55.52
C LYS H 106 2.88 -16.68 55.62
N ASP H 107 2.93 -15.98 56.75
CA ASP H 107 3.89 -14.92 56.98
C ASP H 107 5.01 -15.32 57.93
N TYR H 108 4.78 -16.30 58.80
CA TYR H 108 5.84 -16.78 59.67
C TYR H 108 6.88 -17.57 58.90
N SER H 109 6.43 -18.43 58.01
CA SER H 109 7.27 -19.39 57.34
C SER H 109 7.88 -18.88 56.05
N GLU H 110 7.60 -17.62 55.68
CA GLU H 110 7.99 -17.00 54.42
C GLU H 110 7.52 -17.84 53.24
N TRP H 111 6.22 -17.96 53.10
CA TRP H 111 5.70 -18.61 51.92
C TRP H 111 5.60 -17.66 50.74
N SER H 112 5.87 -16.38 50.95
CA SER H 112 5.75 -15.42 49.87
C SER H 112 6.86 -15.58 48.84
N ASP H 113 8.00 -16.15 49.22
CA ASP H 113 9.10 -16.35 48.28
C ASP H 113 9.40 -17.81 48.02
N GLU H 114 8.99 -18.70 48.90
CA GLU H 114 9.21 -20.12 48.68
C GLU H 114 8.10 -20.75 47.89
N ARG H 115 7.10 -19.98 47.47
CA ARG H 115 6.15 -20.46 46.49
C ARG H 115 6.70 -20.34 45.09
N SER H 116 7.71 -19.51 44.88
CA SER H 116 8.38 -19.40 43.59
C SER H 116 9.53 -20.37 43.49
N ARG H 117 9.81 -21.12 44.53
CA ARG H 117 10.82 -22.17 44.50
C ARG H 117 10.19 -23.53 44.29
N ALA H 118 8.91 -23.68 44.62
CA ALA H 118 8.15 -24.85 44.27
C ALA H 118 7.57 -24.76 42.87
N ALA H 119 7.54 -23.57 42.28
CA ALA H 119 7.08 -23.43 40.90
C ALA H 119 8.18 -23.70 39.90
N LEU H 120 9.42 -23.40 40.24
CA LEU H 120 10.53 -23.62 39.33
C LEU H 120 10.90 -25.09 39.24
N ASN H 121 10.65 -25.88 40.29
CA ASN H 121 10.79 -27.32 40.22
C ASN H 121 9.55 -28.01 39.72
N TYR H 122 8.53 -27.25 39.35
CA TYR H 122 7.29 -27.82 38.84
C TYR H 122 7.22 -27.82 37.33
N PHE H 123 7.92 -26.91 36.67
CA PHE H 123 7.92 -26.89 35.22
C PHE H 123 9.17 -27.51 34.63
N VAL H 124 10.31 -27.42 35.32
CA VAL H 124 11.53 -28.00 34.78
C VAL H 124 11.65 -29.47 35.15
N GLU H 125 11.42 -29.78 36.42
CA GLU H 125 11.34 -31.16 36.87
C GLU H 125 9.91 -31.63 36.68
N GLY H 126 9.53 -32.71 37.31
CA GLY H 126 8.15 -33.12 37.23
C GLY H 126 7.27 -32.63 38.36
N THR H 127 7.71 -32.84 39.60
CA THR H 127 6.87 -32.73 40.77
C THR H 127 7.31 -31.55 41.62
N CYS H 128 6.39 -31.00 42.39
CA CYS H 128 6.69 -30.09 43.48
C CYS H 128 6.15 -30.68 44.77
N ALA H 129 6.75 -30.33 45.90
CA ALA H 129 6.35 -30.96 47.14
C ALA H 129 6.63 -30.03 48.31
N ALA H 130 5.90 -30.24 49.41
CA ALA H 130 6.09 -29.48 50.63
C ALA H 130 5.54 -30.25 51.81
N ILE H 131 6.11 -30.02 52.99
CA ILE H 131 5.71 -30.67 54.22
C ILE H 131 5.32 -29.60 55.24
N VAL H 132 4.16 -29.78 55.86
CA VAL H 132 3.64 -28.84 56.84
C VAL H 132 3.55 -29.53 58.19
N GLY H 133 4.22 -28.96 59.19
CA GLY H 133 4.32 -29.60 60.48
C GLY H 133 4.75 -28.63 61.55
N VAL H 134 4.49 -29.00 62.79
CA VAL H 134 4.57 -28.10 63.92
C VAL H 134 5.90 -28.26 64.64
N ASP H 135 6.61 -27.14 64.82
CA ASP H 135 7.95 -27.18 65.39
C ASP H 135 7.95 -27.27 66.91
N GLU H 136 9.08 -26.94 67.53
CA GLU H 136 9.27 -27.13 68.97
C GLU H 136 8.35 -26.26 69.82
N ASN H 137 7.88 -25.14 69.29
CA ASN H 137 6.88 -24.33 69.98
C ASN H 137 5.50 -24.84 69.60
N GLY H 138 4.48 -24.02 69.81
CA GLY H 138 3.15 -24.44 69.41
C GLY H 138 2.79 -24.02 68.00
N ARG H 139 3.67 -23.38 67.29
CA ARG H 139 3.26 -22.78 66.04
C ARG H 139 3.55 -23.71 64.87
N PRO H 140 2.81 -23.62 63.78
CA PRO H 140 3.08 -24.48 62.63
C PRO H 140 3.94 -23.82 61.55
N GLU H 141 4.64 -24.68 60.82
CA GLU H 141 5.69 -24.33 59.88
C GLU H 141 5.53 -25.19 58.64
N ILE H 142 5.82 -24.60 57.49
CA ILE H 142 5.72 -25.28 56.20
C ILE H 142 7.07 -25.20 55.49
N GLU H 143 7.77 -26.33 55.42
CA GLU H 143 9.03 -26.39 54.69
C GLU H 143 8.80 -26.91 53.28
N PRO H 144 9.46 -26.33 52.30
CA PRO H 144 9.48 -26.96 50.97
C PRO H 144 10.59 -27.98 50.87
N ILE H 145 10.23 -29.15 50.37
CA ILE H 145 11.16 -30.26 50.18
C ILE H 145 11.56 -30.31 48.72
N ARG H 146 12.87 -30.41 48.47
CA ARG H 146 13.41 -30.32 47.12
C ARG H 146 13.05 -31.56 46.30
N PHE H 147 13.13 -31.42 44.97
CA PHE H 147 12.83 -32.54 44.10
C PHE H 147 13.92 -33.60 44.16
N GLU H 148 15.17 -33.21 44.43
CA GLU H 148 16.28 -34.15 44.44
C GLU H 148 16.24 -35.11 45.62
N GLU H 149 15.26 -34.99 46.51
CA GLU H 149 15.16 -35.86 47.67
C GLU H 149 13.74 -36.26 48.01
N PHE H 150 12.75 -35.88 47.21
CA PHE H 150 11.41 -36.43 47.44
C PHE H 150 11.36 -37.88 46.98
N PHE H 151 10.49 -38.65 47.61
CA PHE H 151 10.62 -40.10 47.63
C PHE H 151 9.25 -40.69 47.88
N HIS H 152 8.66 -41.30 46.85
CA HIS H 152 7.34 -41.90 46.98
C HIS H 152 7.38 -43.32 46.45
N ASP H 153 6.26 -43.99 46.40
CA ASP H 153 6.28 -45.33 45.85
C ASP H 153 5.97 -45.31 44.36
N PRO H 154 6.34 -46.36 43.64
CA PRO H 154 5.71 -46.62 42.35
C PRO H 154 4.37 -47.30 42.61
N ARG H 155 3.73 -47.72 41.52
CA ARG H 155 2.38 -48.29 41.52
C ARG H 155 1.38 -47.32 42.13
N SER H 156 1.57 -46.04 41.82
CA SER H 156 0.69 -44.95 42.23
C SER H 156 0.35 -44.18 40.97
N ARG H 157 -0.80 -44.50 40.37
CA ARG H 157 -1.12 -44.00 39.03
C ARG H 157 -1.45 -42.51 39.05
N GLU H 158 -1.81 -41.97 40.20
CA GLU H 158 -2.48 -40.68 40.24
C GLU H 158 -1.51 -39.54 40.51
N LEU H 159 -1.72 -38.40 39.84
CA LEU H 159 -0.84 -37.25 39.95
C LEU H 159 -1.12 -36.37 41.17
N ASP H 160 -1.89 -36.85 42.13
CA ASP H 160 -2.10 -36.14 43.37
C ASP H 160 -1.60 -36.96 44.55
N PHE H 161 -1.04 -38.15 44.27
CA PHE H 161 -0.48 -39.06 45.26
C PHE H 161 -1.52 -39.50 46.29
N SER H 162 -2.74 -39.71 45.82
CA SER H 162 -3.77 -40.21 46.73
C SER H 162 -3.62 -41.70 46.95
N ASP H 163 -3.15 -42.42 45.94
CA ASP H 163 -3.05 -43.87 45.95
C ASP H 163 -1.73 -44.36 46.52
N ALA H 164 -0.89 -43.45 47.01
CA ALA H 164 0.42 -43.84 47.50
C ALA H 164 0.32 -44.54 48.84
N ARG H 165 1.32 -45.36 49.15
CA ARG H 165 1.39 -46.06 50.41
C ARG H 165 2.46 -45.52 51.32
N PHE H 166 3.55 -44.96 50.79
CA PHE H 166 4.58 -44.37 51.63
C PHE H 166 5.27 -43.22 50.93
N LYS H 167 5.64 -42.20 51.70
CA LYS H 167 6.29 -40.99 51.20
C LYS H 167 7.29 -40.50 52.25
N GLY H 168 8.39 -39.89 51.80
CA GLY H 168 9.48 -39.54 52.70
C GLY H 168 10.34 -38.40 52.19
N VAL H 169 11.48 -38.17 52.86
CA VAL H 169 12.29 -36.98 52.54
C VAL H 169 13.76 -37.25 52.19
N ALA H 170 14.35 -38.35 52.66
CA ALA H 170 15.62 -38.96 52.20
C ALA H 170 16.79 -37.97 52.02
N LYS H 171 17.27 -37.40 53.12
CA LYS H 171 18.24 -36.31 53.05
C LYS H 171 19.68 -36.79 53.28
N TRP H 172 20.61 -35.85 53.09
CA TRP H 172 21.99 -35.95 53.55
C TRP H 172 22.22 -34.89 54.62
N ARG H 173 22.80 -35.29 55.75
CA ARG H 173 23.08 -34.34 56.82
C ARG H 173 24.53 -34.49 57.26
N PHE H 174 24.93 -33.66 58.21
CA PHE H 174 26.24 -33.76 58.83
C PHE H 174 26.16 -34.71 60.00
N ALA H 175 27.23 -35.50 60.19
CA ALA H 175 27.24 -36.50 61.25
C ALA H 175 27.35 -35.88 62.63
N ASP H 176 27.78 -34.63 62.73
CA ASP H 176 27.72 -33.92 64.00
C ASP H 176 26.28 -33.65 64.42
N GLU H 177 25.45 -33.16 63.50
CA GLU H 177 24.10 -32.71 63.80
C GLU H 177 23.08 -33.82 63.68
N VAL H 178 23.48 -35.07 63.82
CA VAL H 178 22.57 -36.20 63.92
C VAL H 178 22.82 -36.98 65.20
N GLY H 179 24.06 -37.39 65.46
CA GLY H 179 24.36 -38.19 66.61
C GLY H 179 24.28 -37.43 67.91
N MET H 180 24.70 -36.16 67.90
CA MET H 180 24.54 -35.27 69.04
C MET H 180 23.16 -34.61 69.08
N GLU H 181 22.21 -35.14 68.31
CA GLU H 181 20.81 -34.79 68.43
C GLU H 181 19.96 -35.96 68.91
N TYR H 182 20.35 -37.19 68.56
CA TYR H 182 19.60 -38.39 68.94
C TYR H 182 20.40 -39.32 69.82
N GLY H 183 21.50 -38.86 70.41
CA GLY H 183 22.24 -39.64 71.38
C GLY H 183 23.12 -40.75 70.83
N ILE H 184 23.16 -40.93 69.51
CA ILE H 184 24.06 -41.91 68.91
C ILE H 184 25.49 -41.38 69.00
N LYS H 185 26.42 -42.24 69.40
CA LYS H 185 27.80 -41.82 69.53
C LYS H 185 28.47 -41.75 68.15
N GLY H 186 29.53 -40.95 68.08
CA GLY H 186 30.12 -40.60 66.79
C GLY H 186 30.98 -41.70 66.20
N GLU H 187 31.11 -41.63 64.88
CA GLU H 187 31.80 -42.61 64.02
C GLU H 187 31.26 -44.02 64.27
N ILE H 188 30.01 -44.19 63.88
CA ILE H 188 29.34 -45.45 64.07
C ILE H 188 28.98 -46.06 62.71
N SER H 220 37.36 -37.04 62.72
CA SER H 220 37.40 -35.93 61.78
C SER H 220 36.12 -35.10 61.87
N LYS H 221 36.03 -34.07 61.03
CA LYS H 221 34.88 -33.19 61.01
C LYS H 221 34.33 -33.15 59.60
N LEU H 222 33.03 -32.83 59.48
CA LEU H 222 32.26 -32.82 58.23
C LEU H 222 32.25 -34.19 57.56
N ARG H 223 31.63 -35.14 58.26
CA ARG H 223 31.32 -36.45 57.72
C ARG H 223 29.82 -36.48 57.45
N ARG H 224 29.41 -37.09 56.34
CA ARG H 224 28.01 -37.02 55.90
C ARG H 224 27.32 -38.35 56.12
N VAL H 225 26.06 -38.31 56.55
CA VAL H 225 25.24 -39.51 56.74
C VAL H 225 24.00 -39.41 55.86
N PHE H 226 23.12 -40.38 55.94
CA PHE H 226 22.01 -40.50 55.00
C PHE H 226 20.69 -40.81 55.69
N VAL H 227 20.31 -40.01 56.68
CA VAL H 227 19.06 -40.23 57.39
C VAL H 227 17.87 -39.98 56.46
N VAL H 228 16.78 -40.72 56.67
CA VAL H 228 15.64 -40.73 55.76
C VAL H 228 14.34 -40.90 56.54
N GLU H 229 13.39 -39.98 56.35
CA GLU H 229 12.08 -40.13 56.95
C GLU H 229 11.17 -40.97 56.06
N MET H 230 10.03 -41.37 56.62
CA MET H 230 9.24 -42.44 56.03
C MET H 230 7.86 -42.43 56.67
N TYR H 231 6.81 -42.26 55.89
CA TYR H 231 5.44 -42.29 56.39
C TYR H 231 4.70 -43.44 55.73
N VAL H 232 4.79 -44.62 56.30
CA VAL H 232 4.24 -45.82 55.71
C VAL H 232 2.90 -46.16 56.34
N ARG H 233 1.91 -46.47 55.50
CA ARG H 233 0.65 -47.02 55.98
C ARG H 233 0.86 -48.48 56.27
N TRP H 234 0.89 -48.84 57.55
CA TRP H 234 1.24 -50.19 57.94
C TRP H 234 0.02 -51.05 58.22
N ASN H 235 -1.03 -50.43 58.74
CA ASN H 235 -2.35 -50.99 58.97
C ASN H 235 -3.24 -49.79 58.79
N GLY H 236 -4.40 -49.77 59.44
CA GLY H 236 -5.23 -48.56 59.45
C GLY H 236 -4.58 -47.26 59.92
N VAL H 237 -3.45 -47.35 60.61
CA VAL H 237 -2.75 -46.18 61.07
C VAL H 237 -1.58 -45.87 60.15
N TRP H 238 -1.00 -44.69 60.31
CA TRP H 238 0.15 -44.24 59.55
C TRP H 238 1.37 -44.20 60.45
N ILE H 239 2.29 -45.10 60.25
CA ILE H 239 3.53 -45.18 61.02
C ILE H 239 4.51 -44.16 60.46
N ARG H 240 5.11 -43.38 61.34
CA ARG H 240 6.27 -42.55 61.00
C ARG H 240 7.53 -43.22 61.50
N ALA H 241 8.50 -43.39 60.62
CA ALA H 241 9.78 -43.97 61.02
C ALA H 241 10.90 -43.18 60.35
N LEU H 242 12.05 -43.10 61.00
CA LEU H 242 13.23 -42.55 60.35
C LEU H 242 14.44 -43.38 60.77
N PHE H 243 15.23 -43.78 59.79
CA PHE H 243 16.30 -44.73 60.02
C PHE H 243 17.54 -44.29 59.26
N TRP H 244 18.56 -45.12 59.31
CA TRP H 244 19.74 -44.96 58.47
C TRP H 244 20.27 -46.36 58.18
N GLY H 245 21.54 -46.44 57.75
CA GLY H 245 22.05 -47.68 57.17
C GLY H 245 22.10 -48.86 58.11
N ARG H 246 22.20 -48.61 59.41
CA ARG H 246 22.07 -49.67 60.40
C ARG H 246 21.30 -49.11 61.60
N GLY H 247 20.26 -49.82 61.99
CA GLY H 247 19.40 -49.39 63.08
C GLY H 247 18.44 -48.29 62.67
N ILE H 248 17.35 -48.20 63.42
CA ILE H 248 16.39 -47.12 63.28
C ILE H 248 16.65 -46.13 64.41
N LEU H 249 16.05 -44.95 64.29
CA LEU H 249 16.29 -43.90 65.28
C LEU H 249 15.05 -43.51 66.07
N GLU H 250 13.90 -43.40 65.41
CA GLU H 250 12.63 -43.29 66.12
C GLU H 250 11.53 -43.84 65.23
N MET H 251 10.47 -44.33 65.86
CA MET H 251 9.40 -45.00 65.13
C MET H 251 8.14 -44.97 65.98
N SER H 252 7.11 -44.30 65.49
CA SER H 252 5.90 -44.14 66.26
C SER H 252 4.74 -43.89 65.33
N VAL H 253 3.53 -43.92 65.89
CA VAL H 253 2.34 -43.51 65.15
C VAL H 253 2.41 -42.02 64.92
N SER H 254 2.02 -41.59 63.70
CA SER H 254 2.14 -40.19 63.31
C SER H 254 1.28 -39.31 64.19
N ALA H 255 1.85 -38.19 64.64
CA ALA H 255 1.21 -37.35 65.63
C ALA H 255 0.12 -36.47 65.05
N TYR H 256 0.13 -36.22 63.75
CA TYR H 256 -0.77 -35.26 63.16
C TYR H 256 -2.07 -35.93 62.75
N LEU H 257 -3.18 -35.27 63.01
CA LEU H 257 -4.48 -35.83 62.70
C LEU H 257 -4.97 -35.32 61.35
N ASP H 258 -6.25 -35.59 61.05
CA ASP H 258 -6.82 -35.26 59.75
C ASP H 258 -8.24 -34.75 59.99
N ARG H 259 -9.01 -34.49 58.94
CA ARG H 259 -10.36 -33.97 59.11
C ARG H 259 -11.35 -35.04 59.58
N ASN H 260 -10.97 -36.31 59.58
CA ASN H 260 -11.83 -37.37 60.06
C ASN H 260 -11.50 -37.82 61.47
N GLY H 261 -10.33 -37.45 62.00
CA GLY H 261 -9.94 -37.79 63.35
C GLY H 261 -8.83 -38.80 63.45
N LYS H 262 -8.57 -39.53 62.40
CA LYS H 262 -7.58 -40.59 62.36
C LYS H 262 -6.22 -40.04 61.93
N PRO H 263 -5.12 -40.60 62.43
CA PRO H 263 -3.80 -40.05 62.11
C PRO H 263 -3.39 -40.34 60.67
N THR H 264 -2.83 -39.31 60.03
CA THR H 264 -2.43 -39.38 58.62
C THR H 264 -1.06 -38.78 58.40
N CYS H 265 -0.70 -38.52 57.09
CA CYS H 265 0.56 -37.96 56.65
C CYS H 265 0.46 -36.46 56.45
N PRO H 266 1.52 -35.74 56.69
CA PRO H 266 1.52 -34.31 56.38
C PRO H 266 2.08 -33.97 55.02
N ILE H 267 2.77 -34.92 54.37
CA ILE H 267 3.46 -34.63 53.12
C ILE H 267 2.44 -34.52 52.00
N GLU H 268 2.52 -33.42 51.23
CA GLU H 268 1.64 -33.19 50.10
C GLU H 268 2.41 -32.70 48.89
N ALA H 269 1.97 -33.13 47.71
CA ALA H 269 2.75 -32.93 46.50
C ALA H 269 1.84 -33.04 45.29
N ARG H 270 2.40 -32.70 44.12
CA ARG H 270 1.64 -32.70 42.88
C ARG H 270 2.59 -32.68 41.70
N SER H 271 2.29 -33.44 40.66
CA SER H 271 3.10 -33.51 39.45
C SER H 271 2.36 -32.90 38.28
N CYS H 272 3.10 -32.61 37.22
CA CYS H 272 2.52 -31.88 36.09
C CYS H 272 1.77 -32.81 35.15
N TYR H 273 2.47 -33.79 34.57
CA TYR H 273 1.83 -34.75 33.68
C TYR H 273 2.23 -36.16 34.08
N ILE H 274 1.47 -37.13 33.58
CA ILE H 274 1.64 -38.54 33.88
C ILE H 274 1.60 -39.28 32.55
N ASP H 275 2.21 -40.47 32.51
CA ASP H 275 2.28 -41.26 31.28
C ASP H 275 1.56 -42.59 31.53
N ARG H 276 1.55 -43.48 30.54
CA ARG H 276 0.82 -44.74 30.69
C ARG H 276 1.53 -45.65 31.68
N GLU H 277 2.77 -46.04 31.41
CA GLU H 277 3.63 -46.42 32.51
C GLU H 277 3.99 -45.16 33.29
N ASN H 278 4.20 -45.32 34.59
CA ASN H 278 4.15 -44.16 35.47
C ASN H 278 5.39 -43.29 35.38
N ARG H 279 5.36 -42.32 34.47
CA ARG H 279 6.38 -41.30 34.35
C ARG H 279 5.82 -39.98 34.86
N ARG H 280 6.70 -39.13 35.37
CA ARG H 280 6.30 -37.82 35.90
C ARG H 280 7.14 -36.82 35.13
N TYR H 281 6.71 -36.42 33.95
CA TYR H 281 7.51 -35.43 33.24
C TYR H 281 6.93 -34.06 33.50
N GLY H 282 7.62 -33.04 33.02
CA GLY H 282 7.21 -31.67 33.30
C GLY H 282 6.79 -30.91 32.07
N GLU H 283 7.39 -29.75 31.86
CA GLU H 283 7.13 -28.97 30.65
C GLU H 283 8.30 -29.01 29.70
N VAL H 284 9.51 -29.16 30.22
CA VAL H 284 10.72 -29.13 29.40
C VAL H 284 11.09 -30.57 29.05
N ARG H 285 10.16 -31.51 29.22
CA ARG H 285 10.28 -32.78 28.50
C ARG H 285 10.00 -32.58 27.03
N ASP H 286 9.00 -31.77 26.72
CA ASP H 286 8.87 -31.19 25.39
C ASP H 286 9.92 -30.08 25.25
N LEU H 287 9.98 -29.44 24.09
CA LEU H 287 10.95 -28.38 23.77
C LEU H 287 12.38 -28.89 23.89
N ARG H 288 12.58 -30.18 23.65
CA ARG H 288 13.90 -30.77 23.53
C ARG H 288 14.16 -31.31 22.14
N SER H 289 13.20 -32.00 21.58
CA SER H 289 13.27 -32.35 20.18
C SER H 289 13.17 -31.12 19.26
N PRO H 290 12.34 -30.11 19.52
CA PRO H 290 12.47 -28.88 18.73
C PRO H 290 13.58 -27.95 19.17
N GLN H 291 14.50 -28.39 20.01
CA GLN H 291 15.58 -27.53 20.45
C GLN H 291 16.94 -28.14 20.21
N ASP H 292 17.02 -29.46 20.02
CA ASP H 292 18.18 -30.08 19.39
C ASP H 292 18.16 -29.93 17.88
N ALA H 293 17.13 -29.36 17.30
CA ALA H 293 17.13 -29.10 15.87
C ALA H 293 17.39 -27.64 15.55
N ILE H 294 17.72 -26.83 16.56
CA ILE H 294 18.24 -25.49 16.33
C ILE H 294 19.73 -25.44 16.60
N ASN H 295 20.18 -26.17 17.63
CA ASN H 295 21.61 -26.26 17.89
C ASN H 295 22.34 -27.08 16.84
N LYS H 296 21.71 -28.14 16.34
CA LYS H 296 22.38 -28.97 15.34
C LYS H 296 22.26 -28.43 13.94
N ARG H 297 21.14 -27.84 13.56
CA ARG H 297 21.07 -27.22 12.24
C ARG H 297 21.78 -25.88 12.19
N GLU H 298 22.52 -25.48 13.23
CA GLU H 298 23.37 -24.31 13.16
C GLU H 298 24.83 -24.69 13.01
N SER H 299 25.26 -25.76 13.68
CA SER H 299 26.63 -26.22 13.55
C SER H 299 26.87 -26.99 12.26
N LYS H 300 25.81 -27.48 11.61
CA LYS H 300 26.01 -28.09 10.31
C LYS H 300 26.34 -27.05 9.27
N LEU H 301 25.70 -25.89 9.34
CA LEU H 301 25.89 -24.82 8.37
C LEU H 301 27.20 -24.10 8.57
N LEU H 302 27.67 -24.00 9.81
CA LEU H 302 28.94 -23.37 10.03
C LEU H 302 30.07 -24.26 9.56
N HIS H 303 29.88 -25.57 9.62
CA HIS H 303 30.89 -26.49 9.11
C HIS H 303 30.86 -26.57 7.60
N MET H 304 29.73 -26.31 7.00
CA MET H 304 29.56 -26.49 5.56
C MET H 304 29.88 -25.22 4.79
N LEU H 305 29.91 -24.08 5.45
CA LEU H 305 30.22 -22.80 4.81
C LEU H 305 31.62 -22.30 5.16
N ASN H 306 32.55 -23.20 5.42
CA ASN H 306 33.96 -22.86 5.51
C ASN H 306 34.89 -23.86 4.84
N ASN H 307 34.39 -24.98 4.36
CA ASN H 307 35.22 -26.05 3.85
C ASN H 307 34.84 -26.35 2.41
N ARG H 308 35.84 -26.49 1.55
CA ARG H 308 35.64 -26.76 0.14
C ARG H 308 36.33 -28.07 -0.17
N GLN H 309 35.55 -29.12 -0.40
CA GLN H 309 36.14 -30.43 -0.67
C GLN H 309 36.76 -30.47 -2.05
N ALA H 310 37.91 -31.12 -2.14
CA ALA H 310 38.76 -31.07 -3.32
C ALA H 310 38.69 -32.37 -4.09
N ILE H 311 38.38 -32.28 -5.38
CA ILE H 311 38.33 -33.45 -6.24
C ILE H 311 39.53 -33.42 -7.15
N ALA H 312 39.98 -34.60 -7.56
CA ALA H 312 41.13 -34.70 -8.44
C ALA H 312 40.69 -34.69 -9.88
N THR H 313 41.40 -33.92 -10.71
CA THR H 313 41.03 -33.81 -12.12
C THR H 313 42.09 -34.41 -13.03
N ASN H 314 43.32 -33.94 -12.97
CA ASN H 314 44.37 -34.38 -13.88
C ASN H 314 45.36 -35.22 -13.09
N PRO H 315 45.36 -36.54 -13.21
CA PRO H 315 46.17 -37.39 -12.33
C PRO H 315 47.66 -37.41 -12.64
N GLU H 316 48.18 -36.46 -13.42
CA GLU H 316 49.63 -36.30 -13.54
C GLU H 316 50.13 -35.08 -12.78
N TYR H 317 49.50 -33.92 -12.96
CA TYR H 317 49.91 -32.77 -12.16
C TYR H 317 49.35 -32.86 -10.75
N ALA H 318 48.18 -33.45 -10.58
CA ALA H 318 47.75 -33.89 -9.27
C ALA H 318 48.42 -35.23 -8.98
N TYR H 319 48.05 -35.84 -7.84
CA TYR H 319 48.73 -37.01 -7.27
C TYR H 319 50.21 -36.76 -7.04
N ASN H 320 50.60 -35.50 -6.88
CA ASN H 320 52.00 -35.14 -6.84
C ASN H 320 52.33 -34.40 -5.56
N SER H 321 51.50 -33.44 -5.18
CA SER H 321 51.76 -32.70 -3.96
C SER H 321 51.35 -33.49 -2.72
N ASP H 322 50.05 -33.70 -2.54
CA ASP H 322 49.44 -34.43 -1.43
C ASP H 322 47.94 -34.37 -1.69
N ALA H 323 47.16 -35.04 -0.86
CA ALA H 323 45.72 -34.85 -0.91
C ALA H 323 45.21 -34.02 0.25
N GLU H 324 45.52 -34.41 1.48
CA GLU H 324 44.94 -33.74 2.64
C GLU H 324 45.57 -32.38 2.89
N MET H 325 46.79 -32.15 2.38
CA MET H 325 47.39 -30.82 2.46
C MET H 325 46.77 -29.85 1.46
N VAL H 326 46.25 -30.34 0.33
CA VAL H 326 45.73 -29.44 -0.69
C VAL H 326 44.37 -28.90 -0.30
N ARG H 327 43.48 -29.74 0.22
CA ARG H 327 42.17 -29.21 0.56
C ARG H 327 42.17 -28.35 1.80
N LYS H 328 43.26 -28.31 2.56
CA LYS H 328 43.35 -27.28 3.59
C LYS H 328 43.88 -25.97 3.03
N GLU H 329 44.40 -25.97 1.80
CA GLU H 329 44.81 -24.74 1.14
C GLU H 329 43.69 -24.10 0.37
N MET H 330 42.62 -24.84 0.11
CA MET H 330 41.46 -24.26 -0.57
C MET H 330 40.51 -23.60 0.39
N SER H 331 40.44 -24.06 1.63
CA SER H 331 39.46 -23.55 2.55
C SER H 331 39.92 -22.28 3.26
N LYS H 332 41.17 -21.91 3.15
CA LYS H 332 41.59 -20.66 3.76
C LYS H 332 41.97 -19.65 2.69
N PRO H 333 41.62 -18.38 2.87
CA PRO H 333 41.79 -17.41 1.78
C PRO H 333 43.23 -17.02 1.49
N ASP H 334 44.19 -17.27 2.36
CA ASP H 334 45.59 -16.98 2.06
C ASP H 334 46.34 -18.23 1.60
N GLY H 335 45.85 -18.84 0.52
CA GLY H 335 46.41 -20.12 0.11
C GLY H 335 47.05 -20.16 -1.25
N ILE H 336 47.87 -21.18 -1.47
CA ILE H 336 48.48 -21.49 -2.76
C ILE H 336 48.02 -22.89 -3.14
N ILE H 337 47.49 -23.05 -4.34
CA ILE H 337 46.90 -24.31 -4.78
C ILE H 337 47.71 -24.87 -5.93
N PRO H 338 48.13 -26.13 -5.88
CA PRO H 338 48.87 -26.71 -6.99
C PRO H 338 47.93 -27.03 -8.15
N PRO H 339 48.47 -27.26 -9.34
CA PRO H 339 47.60 -27.61 -10.47
C PRO H 339 47.03 -29.00 -10.34
N GLY H 340 45.89 -29.22 -10.99
CA GLY H 340 45.28 -30.53 -11.07
C GLY H 340 44.18 -30.79 -10.08
N TRP H 341 43.88 -29.85 -9.20
CA TRP H 341 42.86 -30.03 -8.17
C TRP H 341 41.78 -28.98 -8.35
N GLN H 342 40.52 -29.40 -8.16
CA GLN H 342 39.35 -28.57 -8.42
C GLN H 342 38.55 -28.33 -7.15
N PRO H 343 38.32 -27.10 -6.75
CA PRO H 343 37.59 -26.83 -5.50
C PRO H 343 36.07 -26.90 -5.63
N ALA H 344 35.53 -28.11 -5.53
CA ALA H 344 34.08 -28.31 -5.63
C ALA H 344 33.46 -28.14 -4.25
N SER H 345 32.86 -26.98 -4.02
CA SER H 345 32.29 -26.74 -2.72
C SER H 345 30.82 -27.17 -2.66
N MET H 346 30.34 -27.36 -1.43
CA MET H 346 28.93 -27.72 -1.19
C MET H 346 28.12 -26.47 -0.82
N THR H 347 28.14 -25.48 -1.70
CA THR H 347 27.27 -24.32 -1.51
C THR H 347 25.95 -24.48 -2.25
N ASP H 348 25.41 -25.68 -2.13
CA ASP H 348 24.09 -26.10 -2.55
C ASP H 348 23.62 -26.98 -1.41
N LEU H 349 22.31 -27.22 -1.35
CA LEU H 349 21.62 -27.83 -0.20
C LEU H 349 22.01 -27.16 1.12
N ALA H 350 22.22 -25.84 1.08
CA ALA H 350 22.28 -24.99 2.24
C ALA H 350 21.07 -24.09 2.34
N ASN H 351 20.49 -23.72 1.21
CA ASN H 351 19.19 -23.06 1.21
C ASN H 351 18.06 -24.02 1.54
N GLY H 352 18.31 -25.32 1.48
CA GLY H 352 17.42 -26.30 2.03
C GLY H 352 17.59 -26.50 3.51
N GLN H 353 18.72 -26.07 4.07
CA GLN H 353 18.94 -26.12 5.51
C GLN H 353 18.45 -24.86 6.21
N PHE H 354 18.61 -23.69 5.59
CA PHE H 354 18.05 -22.46 6.16
C PHE H 354 16.53 -22.50 6.20
N ALA H 355 15.91 -23.15 5.23
CA ALA H 355 14.46 -23.28 5.25
C ALA H 355 13.99 -24.42 6.13
N LEU H 356 14.91 -25.10 6.81
CA LEU H 356 14.57 -26.19 7.70
C LEU H 356 15.01 -25.91 9.13
N LEU H 357 15.89 -24.94 9.35
CA LEU H 357 16.08 -24.34 10.66
C LEU H 357 14.99 -23.33 10.97
N SER H 358 14.61 -22.53 10.00
CA SER H 358 13.60 -21.51 10.21
C SER H 358 12.20 -22.09 10.34
N SER H 359 12.02 -23.37 10.08
CA SER H 359 10.80 -24.07 10.46
C SER H 359 10.82 -24.57 11.90
N ALA H 360 11.98 -24.57 12.54
CA ALA H 360 12.10 -24.99 13.92
C ALA H 360 12.41 -23.85 14.88
N ARG H 361 12.81 -22.68 14.38
CA ARG H 361 12.79 -21.48 15.20
C ARG H 361 11.40 -20.90 15.35
N GLU H 362 10.44 -21.36 14.54
CA GLU H 362 9.09 -20.84 14.59
C GLU H 362 8.15 -21.74 15.37
N PHE H 363 8.36 -23.04 15.35
CA PHE H 363 7.57 -23.92 16.20
C PHE H 363 7.98 -23.80 17.66
N ILE H 364 9.27 -23.53 17.92
CA ILE H 364 9.75 -23.40 19.29
C ILE H 364 9.24 -22.12 19.94
N GLN H 365 8.71 -21.19 19.14
CA GLN H 365 8.12 -19.96 19.64
C GLN H 365 6.61 -20.06 19.75
N ARG H 366 6.02 -21.11 19.22
CA ARG H 366 4.57 -21.23 19.17
C ARG H 366 4.01 -22.24 20.16
N ILE H 367 4.81 -23.22 20.59
CA ILE H 367 4.36 -24.18 21.58
C ILE H 367 4.88 -23.76 22.95
N GLY H 368 6.02 -23.10 22.99
CA GLY H 368 6.61 -22.81 24.27
C GLY H 368 6.46 -21.38 24.70
N GLN H 369 6.72 -20.44 23.78
CA GLN H 369 6.89 -19.04 24.17
C GLN H 369 5.60 -18.26 23.96
N ASN H 370 4.49 -18.89 24.25
CA ASN H 370 3.23 -18.19 24.45
C ASN H 370 3.05 -17.32 25.71
N PRO H 371 3.72 -17.55 26.94
CA PRO H 371 3.16 -16.91 28.15
C PRO H 371 3.36 -15.40 28.22
N SER H 372 2.56 -14.70 27.40
CA SER H 372 2.53 -13.25 27.26
C SER H 372 3.86 -12.66 26.83
N VAL H 373 4.70 -13.41 26.13
CA VAL H 373 5.91 -12.87 25.51
C VAL H 373 5.92 -13.29 24.04
N LEU H 374 5.28 -12.48 23.20
CA LEU H 374 5.15 -12.78 21.79
C LEU H 374 5.53 -11.57 20.95
N ALA H 375 5.38 -10.38 21.53
CA ALA H 375 5.58 -9.13 20.83
C ALA H 375 7.05 -8.85 20.58
N ARG H 384 -2.08 -8.61 20.74
CA ARG H 384 -2.88 -7.41 20.60
C ARG H 384 -3.16 -6.75 21.94
N ALA H 385 -3.96 -5.70 21.91
CA ALA H 385 -4.24 -4.91 23.10
C ALA H 385 -5.21 -5.62 24.03
N GLN H 386 -4.68 -6.55 24.84
CA GLN H 386 -5.41 -7.27 25.89
C GLN H 386 -6.61 -8.05 25.35
N LEU H 387 -6.50 -8.56 24.13
CA LEU H 387 -7.48 -9.50 23.59
C LEU H 387 -6.83 -10.73 22.99
N ALA H 388 -5.68 -10.59 22.33
CA ALA H 388 -4.89 -11.73 21.88
C ALA H 388 -3.98 -12.27 22.98
N ARG H 389 -4.12 -11.77 24.23
CA ARG H 389 -3.47 -12.35 25.39
C ARG H 389 -4.40 -12.54 26.58
N GLN H 390 -5.52 -11.82 26.65
CA GLN H 390 -6.45 -11.98 27.76
C GLN H 390 -7.41 -13.14 27.53
N GLN H 391 -7.61 -13.55 26.28
CA GLN H 391 -8.50 -14.68 26.03
C GLN H 391 -7.82 -15.66 25.09
N ALA H 392 -6.70 -15.26 24.49
CA ALA H 392 -6.01 -16.10 23.53
C ALA H 392 -4.65 -16.59 24.01
N GLY H 393 -4.02 -15.89 24.95
CA GLY H 393 -2.73 -16.32 25.42
C GLY H 393 -2.80 -17.09 26.72
N MET H 394 -3.72 -16.70 27.59
CA MET H 394 -3.84 -17.29 28.92
C MET H 394 -4.80 -18.46 28.95
N VAL H 395 -5.26 -18.94 27.79
CA VAL H 395 -6.07 -20.15 27.75
C VAL H 395 -5.24 -21.34 27.28
N ASP H 396 -4.04 -21.10 26.76
CA ASP H 396 -3.15 -22.20 26.44
C ASP H 396 -2.28 -22.56 27.63
N SER H 397 -2.08 -21.63 28.55
CA SER H 397 -1.43 -21.90 29.83
C SER H 397 -2.45 -22.05 30.95
N ALA H 398 -3.61 -22.66 30.68
CA ALA H 398 -4.63 -22.78 31.72
C ALA H 398 -4.44 -24.05 32.54
N MET H 399 -4.29 -25.19 31.88
CA MET H 399 -3.79 -26.37 32.57
C MET H 399 -2.36 -26.14 33.02
N ALA H 400 -2.01 -26.77 34.13
CA ALA H 400 -0.69 -26.70 34.77
C ALA H 400 -0.30 -25.28 35.16
N LEU H 401 -1.25 -24.36 35.26
CA LEU H 401 -1.04 -23.09 35.94
C LEU H 401 -2.26 -22.90 36.84
N ASN H 402 -3.38 -23.47 36.42
CA ASN H 402 -4.49 -23.74 37.32
C ASN H 402 -4.44 -25.17 37.82
N GLY H 403 -3.24 -25.72 37.89
CA GLY H 403 -2.97 -26.98 38.55
C GLY H 403 -2.03 -26.73 39.69
N LEU H 404 -1.21 -25.69 39.57
CA LEU H 404 -0.32 -25.33 40.66
C LEU H 404 -1.03 -24.50 41.71
N ARG H 405 -2.05 -23.72 41.31
CA ARG H 405 -2.93 -23.09 42.27
C ARG H 405 -3.67 -24.12 43.10
N ARG H 406 -3.96 -25.27 42.50
CA ARG H 406 -4.67 -26.32 43.21
C ARG H 406 -3.79 -27.01 44.24
N PHE H 407 -2.48 -27.07 44.01
CA PHE H 407 -1.55 -27.50 45.05
C PHE H 407 -1.42 -26.49 46.16
N GLU H 408 -1.39 -25.20 45.82
CA GLU H 408 -1.09 -24.19 46.82
C GLU H 408 -2.24 -24.03 47.81
N LEU H 409 -3.48 -24.09 47.34
CA LEU H 409 -4.61 -24.01 48.24
C LEU H 409 -4.97 -25.36 48.85
N ALA H 410 -4.22 -26.40 48.52
CA ALA H 410 -4.36 -27.68 49.19
C ALA H 410 -3.35 -27.84 50.31
N VAL H 411 -2.53 -26.84 50.56
CA VAL H 411 -1.61 -26.89 51.69
C VAL H 411 -2.20 -26.04 52.80
N TYR H 412 -2.86 -24.94 52.43
CA TYR H 412 -3.56 -24.10 53.39
C TYR H 412 -4.66 -24.88 54.09
N ARG H 413 -5.34 -25.75 53.35
CA ARG H 413 -6.27 -26.68 53.96
C ARG H 413 -5.58 -27.62 54.91
N GLN H 414 -4.39 -28.10 54.54
CA GLN H 414 -3.62 -28.99 55.42
C GLN H 414 -2.98 -28.22 56.57
N ALA H 415 -2.99 -26.89 56.55
CA ALA H 415 -2.40 -26.10 57.61
C ALA H 415 -3.40 -25.61 58.63
N TRP H 416 -4.69 -25.64 58.32
CA TRP H 416 -5.69 -25.34 59.35
C TRP H 416 -5.92 -26.52 60.27
N LEU H 417 -5.65 -27.74 59.82
CA LEU H 417 -5.74 -28.89 60.70
C LEU H 417 -4.64 -28.92 61.76
N ARG H 418 -3.53 -28.24 61.52
CA ARG H 418 -2.42 -28.23 62.48
C ARG H 418 -2.46 -27.07 63.44
N CYS H 419 -3.00 -25.92 63.01
CA CYS H 419 -3.23 -24.82 63.92
C CYS H 419 -4.62 -24.86 64.51
N ARG H 420 -5.21 -26.05 64.62
CA ARG H 420 -6.42 -26.24 65.39
C ARG H 420 -6.21 -27.14 66.59
N GLN H 421 -5.64 -28.33 66.39
CA GLN H 421 -5.48 -29.28 67.47
C GLN H 421 -4.37 -28.91 68.45
N PHE H 422 -3.54 -27.94 68.12
CA PHE H 422 -2.43 -27.57 69.00
C PHE H 422 -2.61 -26.21 69.67
N TRP H 423 -3.32 -25.27 69.04
CA TRP H 423 -3.55 -23.97 69.66
C TRP H 423 -4.70 -24.06 70.65
N LYS H 424 -4.39 -23.83 71.92
CA LYS H 424 -5.40 -23.74 72.95
C LYS H 424 -5.96 -22.33 72.99
N ALA H 425 -6.73 -22.01 74.02
CA ALA H 425 -7.43 -20.73 74.10
C ALA H 425 -6.56 -19.47 74.22
N PRO H 426 -5.45 -19.41 74.97
CA PRO H 426 -4.65 -18.18 74.96
C PRO H 426 -3.69 -18.05 73.80
N ASP H 427 -3.85 -18.83 72.73
CA ASP H 427 -3.03 -18.66 71.53
C ASP H 427 -3.78 -17.97 70.40
N TYR H 428 -5.10 -18.09 70.38
CA TYR H 428 -5.91 -17.32 69.45
C TYR H 428 -5.96 -15.85 69.85
N ILE H 429 -5.79 -15.55 71.13
CA ILE H 429 -5.91 -14.17 71.58
C ILE H 429 -4.62 -13.41 71.27
N ARG H 430 -3.49 -14.10 71.20
CA ARG H 430 -2.24 -13.43 70.89
C ARG H 430 -2.19 -12.99 69.43
N VAL H 431 -2.79 -13.77 68.53
CA VAL H 431 -2.68 -13.49 67.11
C VAL H 431 -3.71 -12.46 66.68
N THR H 432 -4.98 -12.73 66.92
CA THR H 432 -6.05 -11.85 66.49
C THR H 432 -6.22 -10.62 67.38
N ASP H 433 -5.68 -10.67 68.60
CA ASP H 433 -5.62 -9.57 69.56
C ASP H 433 -7.00 -9.02 69.91
N ASP H 434 -7.80 -9.89 70.52
CA ASP H 434 -9.13 -9.53 71.01
C ASP H 434 -9.58 -10.55 72.04
N GLU H 435 -9.74 -10.12 73.28
CA GLU H 435 -10.28 -11.01 74.30
C GLU H 435 -11.75 -11.29 74.00
N GLY H 436 -12.08 -12.56 73.87
CA GLY H 436 -13.37 -12.96 73.36
C GLY H 436 -13.35 -13.51 71.95
N ALA H 437 -12.17 -13.78 71.42
CA ALA H 437 -11.99 -14.50 70.16
C ALA H 437 -12.12 -16.02 70.20
N PRO H 438 -11.58 -16.77 71.18
CA PRO H 438 -11.72 -18.24 71.09
C PRO H 438 -13.12 -18.77 71.37
N GLN H 439 -14.08 -17.93 71.75
CA GLN H 439 -15.45 -18.41 71.91
C GLN H 439 -16.13 -18.67 70.58
N PHE H 440 -15.55 -18.24 69.47
CA PHE H 440 -16.14 -18.39 68.15
C PHE H 440 -15.64 -19.60 67.39
N VAL H 441 -14.77 -20.41 67.98
CA VAL H 441 -14.15 -21.54 67.28
C VAL H 441 -14.28 -22.82 68.09
N GLY H 442 -15.33 -22.91 68.90
CA GLY H 442 -15.64 -24.16 69.55
C GLY H 442 -14.85 -24.43 70.82
N ILE H 443 -14.61 -23.42 71.65
CA ILE H 443 -14.13 -23.64 73.00
C ILE H 443 -14.74 -22.56 73.88
N ASN H 444 -14.95 -22.89 75.15
CA ASN H 444 -15.70 -22.10 76.13
C ASN H 444 -17.10 -21.73 75.66
N ALA H 464 2.59 -11.88 81.25
CA ALA H 464 2.38 -13.25 81.71
C ALA H 464 3.45 -14.18 81.15
N GLU H 465 3.09 -15.45 80.96
CA GLU H 465 4.03 -16.39 80.38
C GLU H 465 4.20 -16.14 78.88
N PRO H 466 5.33 -16.55 78.30
CA PRO H 466 5.40 -16.67 76.84
C PRO H 466 4.43 -17.75 76.37
N ILE H 467 3.58 -17.37 75.43
CA ILE H 467 2.47 -18.22 75.00
C ILE H 467 2.73 -18.83 73.62
N LEU H 468 3.29 -18.06 72.68
CA LEU H 468 3.83 -18.64 71.47
C LEU H 468 5.33 -18.42 71.36
N GLY H 469 6.04 -18.50 72.48
CA GLY H 469 7.46 -18.18 72.46
C GLY H 469 7.76 -16.72 72.19
N TYR H 470 6.85 -15.82 72.52
CA TYR H 470 7.02 -14.40 72.28
C TYR H 470 7.19 -13.70 73.62
N GLU H 471 8.41 -13.33 73.94
CA GLU H 471 8.77 -12.88 75.26
C GLU H 471 8.39 -11.43 75.55
N ASN H 472 7.97 -10.66 74.55
CA ASN H 472 7.50 -9.30 74.78
C ASN H 472 5.99 -9.15 74.75
N ALA H 473 5.32 -9.84 73.83
CA ALA H 473 3.87 -9.79 73.59
C ALA H 473 3.37 -8.40 73.23
N LEU H 474 4.24 -7.52 72.73
CA LEU H 474 3.80 -6.20 72.29
C LEU H 474 4.17 -5.89 70.84
N ALA H 475 5.41 -6.11 70.43
CA ALA H 475 5.81 -5.82 69.05
C ALA H 475 6.92 -6.78 68.64
N GLU H 476 6.58 -7.77 67.84
CA GLU H 476 7.54 -8.75 67.33
C GLU H 476 7.43 -8.82 65.81
N LEU H 477 8.40 -9.50 65.19
CA LEU H 477 8.52 -9.46 63.73
C LEU H 477 7.44 -10.23 63.02
N ASP H 478 7.23 -11.48 63.42
CA ASP H 478 6.26 -12.39 62.83
C ASP H 478 4.85 -11.85 62.88
N VAL H 479 4.34 -11.59 64.08
CA VAL H 479 2.92 -11.32 64.25
C VAL H 479 2.56 -10.00 63.60
N ASP H 480 3.08 -8.91 64.14
CA ASP H 480 2.40 -7.64 63.99
C ASP H 480 3.34 -6.54 63.54
N ILE H 481 4.30 -6.85 62.68
CA ILE H 481 5.07 -5.81 62.02
C ILE H 481 5.04 -5.99 60.51
N ASN H 482 5.52 -7.12 60.00
CA ASN H 482 5.45 -7.51 58.58
C ASN H 482 6.11 -6.48 57.66
N ILE H 483 7.45 -6.43 57.72
CA ILE H 483 8.24 -5.52 56.90
C ILE H 483 8.01 -5.77 55.42
N ASP H 484 7.72 -4.71 54.67
CA ASP H 484 7.44 -4.79 53.24
C ASP H 484 7.87 -3.49 52.60
N ALA H 485 8.16 -3.53 51.30
CA ALA H 485 8.58 -2.33 50.59
C ALA H 485 7.38 -1.54 50.08
N VAL H 486 7.64 -0.33 49.59
CA VAL H 486 6.60 0.60 49.16
C VAL H 486 7.32 1.61 48.26
N PRO H 487 6.65 2.34 47.37
CA PRO H 487 7.36 3.33 46.55
C PRO H 487 7.88 4.51 47.38
N ASP H 488 8.78 5.26 46.74
CA ASP H 488 9.66 6.20 47.41
C ASP H 488 8.96 7.53 47.66
N THR H 489 9.36 8.19 48.75
CA THR H 489 8.94 9.55 49.08
C THR H 489 10.16 10.30 49.59
N ALA H 490 9.92 11.45 50.22
CA ALA H 490 10.98 12.23 50.83
C ALA H 490 10.96 12.17 52.34
N ASN H 491 9.80 12.33 52.95
CA ASN H 491 9.61 12.12 54.37
C ASN H 491 8.24 11.48 54.58
N LEU H 492 7.99 11.04 55.81
CA LEU H 492 6.76 10.31 56.08
C LEU H 492 5.55 11.22 56.10
N ALA H 493 5.74 12.54 56.20
CA ALA H 493 4.62 13.45 56.11
C ALA H 493 4.09 13.54 54.68
N GLN H 494 4.97 13.39 53.69
CA GLN H 494 4.53 13.49 52.30
C GLN H 494 3.78 12.24 51.86
N GLU H 495 4.19 11.07 52.35
CA GLU H 495 3.43 9.85 52.10
C GLU H 495 2.08 9.89 52.80
N GLN H 496 2.02 10.57 53.95
CA GLN H 496 0.75 10.77 54.63
C GLN H 496 -0.14 11.74 53.86
N PHE H 497 0.47 12.62 53.07
CA PHE H 497 -0.26 13.63 52.31
C PHE H 497 -0.92 13.05 51.07
N LEU H 498 -0.38 11.96 50.52
CA LEU H 498 -0.87 11.46 49.24
C LEU H 498 -2.17 10.69 49.40
N GLN H 499 -2.29 9.88 50.45
CA GLN H 499 -3.54 9.17 50.73
C GLN H 499 -4.49 9.95 51.61
N LEU H 500 -4.39 11.28 51.58
CA LEU H 500 -5.41 12.14 52.17
C LEU H 500 -6.11 12.97 51.11
N THR H 501 -5.35 13.58 50.20
CA THR H 501 -5.94 14.33 49.09
C THR H 501 -6.64 13.42 48.09
N GLU H 502 -6.18 12.17 47.96
CA GLU H 502 -6.93 11.18 47.20
C GLU H 502 -8.25 10.87 47.89
N LEU H 503 -8.25 10.84 49.21
CA LEU H 503 -9.47 10.59 49.97
C LEU H 503 -10.30 11.85 50.15
N ALA H 504 -9.66 13.02 50.21
CA ALA H 504 -10.40 14.27 50.32
C ALA H 504 -11.09 14.66 49.02
N ARG H 505 -10.62 14.13 47.89
CA ARG H 505 -11.19 14.52 46.61
C ARG H 505 -12.58 13.92 46.42
N LEU H 506 -12.82 12.74 46.98
CA LEU H 506 -14.12 12.11 46.87
C LEU H 506 -15.15 12.82 47.73
N TYR H 507 -14.76 13.22 48.94
CA TYR H 507 -15.70 13.94 49.82
C TYR H 507 -15.76 15.42 49.46
N GLY H 508 -14.64 16.12 49.57
CA GLY H 508 -14.59 17.50 49.15
C GLY H 508 -14.05 18.43 50.21
N PRO H 509 -14.21 19.73 50.01
CA PRO H 509 -13.65 20.70 50.94
C PRO H 509 -14.49 20.95 52.18
N GLN H 510 -15.42 20.06 52.48
CA GLN H 510 -16.27 20.24 53.64
C GLN H 510 -15.63 19.73 54.93
N GLU H 511 -15.03 18.54 54.89
CA GLU H 511 -14.49 17.93 56.10
C GLU H 511 -12.99 17.66 56.05
N VAL H 512 -12.30 18.16 55.02
CA VAL H 512 -10.83 18.16 55.05
C VAL H 512 -10.40 19.62 54.86
N PRO H 513 -10.26 20.37 55.94
CA PRO H 513 -9.98 21.81 55.80
C PRO H 513 -8.49 22.14 55.78
N PHE H 514 -8.16 23.44 55.76
CA PHE H 514 -6.79 23.86 56.05
C PHE H 514 -6.38 23.51 57.47
N ASP H 515 -5.06 23.57 57.70
CA ASP H 515 -4.27 23.15 58.87
C ASP H 515 -4.24 21.63 58.98
N ASP H 516 -4.92 20.91 58.10
CA ASP H 516 -4.90 19.46 58.05
C ASP H 516 -4.44 18.95 56.70
N LEU H 517 -4.42 19.80 55.69
CA LEU H 517 -3.91 19.47 54.37
C LEU H 517 -2.82 20.43 53.91
N LEU H 518 -2.73 21.62 54.49
CA LEU H 518 -1.60 22.53 54.26
C LEU H 518 -0.45 22.23 55.19
N GLU H 519 -0.73 21.71 56.39
CA GLU H 519 0.31 21.51 57.38
C GLU H 519 1.22 20.35 56.99
N LEU H 520 0.64 19.21 56.64
CA LEU H 520 1.46 18.06 56.26
C LEU H 520 1.71 18.01 54.76
N SER H 521 2.11 19.15 54.20
CA SER H 521 2.35 19.29 52.78
C SER H 521 3.85 19.21 52.49
N SER H 522 4.23 19.54 51.26
CA SER H 522 5.62 19.53 50.85
C SER H 522 6.02 20.89 50.26
N MET H 523 5.66 21.95 50.95
CA MET H 523 5.81 23.40 50.80
C MET H 523 7.03 23.87 51.60
N PRO H 524 7.88 24.74 51.02
CA PRO H 524 9.11 25.14 51.71
C PRO H 524 8.92 25.93 52.99
N GLU H 525 8.29 27.10 52.89
CA GLU H 525 8.09 27.99 54.02
C GLU H 525 6.62 27.98 54.36
N LYS H 526 6.26 27.26 55.41
CA LYS H 526 4.88 27.21 55.86
C LYS H 526 4.70 27.60 57.32
N THR H 527 5.74 27.47 58.14
CA THR H 527 5.64 27.93 59.53
C THR H 527 5.56 29.45 59.59
N LYS H 528 6.20 30.13 58.66
CA LYS H 528 6.05 31.58 58.52
C LYS H 528 4.87 31.96 57.63
N LEU H 529 4.00 31.01 57.32
CA LEU H 529 2.74 31.27 56.66
C LEU H 529 1.53 30.73 57.39
N ILE H 530 1.69 29.69 58.21
CA ILE H 530 0.53 29.16 58.91
C ILE H 530 0.18 30.02 60.12
N ALA H 531 1.10 30.87 60.57
CA ALA H 531 0.84 31.73 61.72
C ALA H 531 0.38 33.13 61.32
N LYS H 532 0.49 33.48 60.05
CA LYS H 532 -0.10 34.72 59.55
C LYS H 532 -1.50 34.51 59.02
N ARG H 533 -1.98 33.26 58.98
CA ARG H 533 -3.37 32.96 58.67
C ARG H 533 -4.16 32.50 59.88
N ARG H 534 -3.50 31.93 60.88
CA ARG H 534 -4.19 31.57 62.12
C ARG H 534 -4.58 32.81 62.90
N GLU H 535 -3.82 33.91 62.74
CA GLU H 535 -4.11 35.12 63.48
C GLU H 535 -5.34 35.83 62.91
N ARG H 536 -5.61 35.68 61.62
CA ARG H 536 -6.78 36.32 61.03
C ARG H 536 -8.08 35.63 61.39
N SER H 537 -8.04 34.34 61.74
CA SER H 537 -9.20 33.64 62.27
C SER H 537 -9.27 33.73 63.79
N GLU H 538 -8.58 34.66 64.39
CA GLU H 538 -8.61 34.90 65.82
C GLU H 538 -8.92 36.34 66.16
N GLN H 539 -8.44 37.30 65.37
CA GLN H 539 -8.89 38.67 65.51
C GLN H 539 -10.24 38.91 64.85
N MET H 540 -10.72 37.96 64.03
CA MET H 540 -12.07 38.01 63.52
C MET H 540 -13.06 37.31 64.45
N ALA H 541 -12.61 36.28 65.17
CA ALA H 541 -13.47 35.62 66.14
C ALA H 541 -13.74 36.49 67.36
N GLN H 542 -12.90 37.51 67.60
CA GLN H 542 -13.20 38.49 68.64
C GLN H 542 -14.24 39.50 68.18
N VAL H 543 -14.45 39.64 66.88
CA VAL H 543 -15.58 40.42 66.41
C VAL H 543 -16.87 39.63 66.53
N GLN H 544 -16.87 38.37 66.07
CA GLN H 544 -18.08 37.55 66.09
C GLN H 544 -18.40 36.97 67.47
N ALA H 545 -17.68 37.36 68.51
CA ALA H 545 -18.08 37.06 69.89
C ALA H 545 -18.54 38.31 70.63
N GLN H 546 -17.85 39.43 70.48
CA GLN H 546 -18.27 40.66 71.14
C GLN H 546 -19.48 41.28 70.45
N GLN H 547 -19.78 40.89 69.23
CA GLN H 547 -21.03 41.25 68.58
C GLN H 547 -22.13 40.22 68.81
N GLY H 548 -21.79 39.06 69.35
CA GLY H 548 -22.76 38.03 69.62
C GLY H 548 -23.19 37.99 71.07
N GLN H 549 -22.29 38.41 71.96
CA GLN H 549 -22.60 38.48 73.38
C GLN H 549 -23.33 39.75 73.76
N MET H 550 -23.63 40.64 72.81
CA MET H 550 -24.60 41.70 73.02
C MET H 550 -25.79 41.54 72.08
N GLN H 551 -26.02 40.33 71.60
CA GLN H 551 -27.30 39.94 71.00
C GLN H 551 -27.94 38.79 71.76
N GLU H 552 -27.16 37.82 72.16
CA GLU H 552 -27.65 36.64 72.85
C GLU H 552 -27.94 36.87 74.33
N GLN H 553 -27.69 38.07 74.84
CA GLN H 553 -28.15 38.48 76.16
C GLN H 553 -29.28 39.48 76.08
N ILE H 554 -29.57 40.02 74.89
CA ILE H 554 -30.64 40.96 74.70
C ILE H 554 -31.82 40.34 73.94
N ALA H 555 -31.59 39.33 73.12
CA ALA H 555 -32.71 38.60 72.53
C ALA H 555 -33.29 37.55 73.45
N MET H 556 -32.73 37.35 74.66
CA MET H 556 -33.29 36.44 75.64
C MET H 556 -32.84 36.87 77.02
N GLN H 557 -33.65 36.51 78.03
CA GLN H 557 -33.58 36.89 79.44
C GLN H 557 -33.77 38.38 79.69
N GLY H 558 -34.03 39.13 78.62
CA GLY H 558 -34.40 40.52 78.63
C GLY H 558 -35.11 40.66 77.31
N ALA H 559 -36.25 41.34 77.28
CA ALA H 559 -37.14 41.53 76.11
C ALA H 559 -37.73 40.22 75.56
N MET H 560 -37.43 39.09 76.17
CA MET H 560 -37.99 37.80 75.78
C MET H 560 -38.39 36.95 76.98
N ALA H 561 -37.81 37.19 78.16
CA ALA H 561 -38.38 36.67 79.40
C ALA H 561 -39.48 37.57 79.92
N GLU H 562 -39.57 38.81 79.42
CA GLU H 562 -40.66 39.70 79.78
C GLU H 562 -41.94 39.42 79.01
N ILE H 563 -41.92 38.49 78.07
CA ILE H 563 -43.16 37.95 77.54
C ILE H 563 -43.74 36.92 78.50
N GLU H 564 -42.96 36.50 79.50
CA GLU H 564 -43.47 35.76 80.64
C GLU H 564 -43.81 36.69 81.81
N ASN H 565 -43.84 37.99 81.56
CA ASN H 565 -44.20 38.96 82.59
C ASN H 565 -45.32 39.88 82.15
N THR H 566 -45.80 39.74 80.91
CA THR H 566 -46.95 40.49 80.44
C THR H 566 -47.98 39.58 79.82
N GLN H 567 -47.70 38.29 79.70
CA GLN H 567 -48.60 37.29 79.19
C GLN H 567 -48.85 36.18 80.19
N ALA H 568 -47.90 35.96 81.11
CA ALA H 568 -48.17 35.16 82.30
C ALA H 568 -48.74 35.99 83.43
N ASP H 569 -48.64 37.32 83.34
CA ASP H 569 -49.12 38.21 84.38
C ASP H 569 -50.51 38.77 84.11
N THR H 570 -50.86 38.99 82.85
CA THR H 570 -52.26 39.29 82.52
C THR H 570 -53.16 38.07 82.64
N ALA H 571 -52.58 36.88 82.82
CA ALA H 571 -53.31 35.70 83.23
C ALA H 571 -54.05 35.88 84.54
N TYR H 572 -53.53 36.72 85.45
CA TYR H 572 -54.25 36.98 86.69
C TYR H 572 -55.26 38.12 86.55
N LEU H 573 -55.22 38.88 85.45
CA LEU H 573 -56.26 39.87 85.27
C LEU H 573 -57.56 39.26 84.78
N ALA H 574 -57.47 38.44 83.72
CA ALA H 574 -58.62 37.72 83.21
C ALA H 574 -59.16 36.71 84.21
N ALA H 575 -58.33 36.27 85.15
CA ALA H 575 -58.80 35.38 86.21
C ALA H 575 -59.49 36.13 87.33
N ARG H 576 -59.02 37.32 87.68
CA ARG H 576 -59.64 38.05 88.78
C ARG H 576 -60.98 38.64 88.36
N ALA H 577 -61.15 38.96 87.08
CA ALA H 577 -62.44 39.46 86.59
C ALA H 577 -63.48 38.35 86.51
N GLN H 578 -63.10 37.11 86.77
CA GLN H 578 -64.03 36.02 86.97
C GLN H 578 -64.55 35.96 88.40
N ASN H 579 -63.67 36.14 89.38
CA ASN H 579 -64.05 36.14 90.78
C ASN H 579 -64.85 37.37 91.15
N GLU H 580 -64.61 38.47 90.46
CA GLU H 580 -65.38 39.70 90.62
C GLU H 580 -66.55 39.71 89.64
N MET H 581 -66.75 38.57 88.97
CA MET H 581 -67.99 38.32 88.26
C MET H 581 -68.84 37.29 88.98
N LEU H 582 -68.24 36.56 89.93
CA LEU H 582 -68.97 35.72 90.87
C LEU H 582 -69.77 36.54 91.88
N LYS H 583 -69.40 37.80 92.09
CA LYS H 583 -70.12 38.64 93.02
C LYS H 583 -71.45 39.21 92.50
N PRO H 584 -71.55 39.85 91.27
CA PRO H 584 -72.82 40.54 90.96
C PRO H 584 -73.99 39.66 90.55
N GLN H 585 -73.88 38.34 90.73
CA GLN H 585 -75.06 37.48 90.60
C GLN H 585 -75.63 37.09 91.96
N ILE H 586 -74.82 36.42 92.79
CA ILE H 586 -75.27 35.93 94.08
C ILE H 586 -74.47 36.63 95.17
N GLU H 587 -75.15 36.89 96.31
CA GLU H 587 -74.66 37.71 97.42
C GLU H 587 -74.31 39.11 96.92
N ALA H 588 -75.21 39.66 96.11
CA ALA H 588 -75.15 41.05 95.67
C ALA H 588 -76.42 41.82 95.98
N PHE H 589 -77.59 41.20 95.80
CA PHE H 589 -78.88 41.83 96.08
C PHE H 589 -79.81 40.76 96.60
N LYS H 590 -80.21 40.86 97.87
CA LYS H 590 -81.14 39.92 98.47
C LYS H 590 -81.94 40.56 99.59
N THR I 4 29.67 -31.53 76.29
CA THR I 4 29.99 -30.45 75.37
C THR I 4 31.49 -30.43 75.05
N MET I 5 31.88 -29.49 74.18
CA MET I 5 33.27 -29.39 73.77
C MET I 5 33.79 -27.96 73.85
N THR I 6 34.96 -27.73 73.28
CA THR I 6 35.65 -26.46 73.34
C THR I 6 35.53 -25.74 71.99
N MET I 7 36.20 -24.62 71.89
CA MET I 7 36.13 -23.84 70.66
C MET I 7 37.20 -24.28 69.67
N PRO I 8 36.92 -24.18 68.37
CA PRO I 8 37.89 -24.66 67.38
C PRO I 8 39.15 -23.80 67.33
N SER I 9 40.28 -24.45 67.13
CA SER I 9 41.58 -23.83 67.34
C SER I 9 42.49 -24.01 66.13
N HIS I 10 42.29 -23.16 65.12
CA HIS I 10 43.28 -22.78 64.11
C HIS I 10 43.74 -23.93 63.20
N ALA I 11 43.32 -25.14 63.44
CA ALA I 11 43.60 -26.21 62.51
C ALA I 11 42.35 -26.66 61.78
N GLN I 12 41.23 -26.79 62.50
CA GLN I 12 39.93 -26.94 61.86
C GLN I 12 39.25 -25.62 61.61
N LEU I 13 40.01 -24.52 61.56
CA LEU I 13 39.54 -23.31 60.92
C LEU I 13 40.19 -23.05 59.58
N LYS I 14 41.47 -23.37 59.43
CA LYS I 14 42.06 -23.38 58.10
C LYS I 14 41.49 -24.50 57.26
N ALA I 15 41.09 -25.60 57.89
CA ALA I 15 40.48 -26.70 57.16
C ALA I 15 39.06 -26.41 56.71
N TYR I 16 38.45 -25.35 57.22
CA TYR I 16 37.19 -24.89 56.66
C TYR I 16 37.39 -23.95 55.50
N PHE I 17 38.36 -23.05 55.61
CA PHE I 17 38.64 -22.11 54.53
C PHE I 17 39.18 -22.82 53.30
N GLU I 18 39.90 -23.91 53.49
CA GLU I 18 40.56 -24.60 52.39
C GLU I 18 39.64 -25.60 51.72
N GLU I 19 38.60 -26.08 52.39
CA GLU I 19 37.56 -26.83 51.70
C GLU I 19 36.72 -25.91 50.84
N ALA I 20 36.53 -24.66 51.26
CA ALA I 20 35.81 -23.67 50.48
C ALA I 20 36.68 -22.92 49.50
N ARG I 21 37.86 -23.43 49.19
CA ARG I 21 38.70 -22.89 48.13
C ARG I 21 39.07 -24.03 47.19
N ASP I 22 39.17 -25.25 47.72
CA ASP I 22 39.42 -26.41 46.88
C ASP I 22 38.18 -26.71 46.04
N ALA I 23 37.02 -26.75 46.67
CA ALA I 23 35.77 -26.70 45.94
C ALA I 23 35.43 -25.25 45.62
N ASN I 24 34.24 -25.06 45.04
CA ASN I 24 33.65 -23.84 44.47
C ASN I 24 34.64 -22.91 43.80
N GLU I 25 35.59 -23.49 43.08
CA GLU I 25 36.53 -22.74 42.27
C GLU I 25 36.21 -22.92 40.81
N GLU I 26 35.29 -23.83 40.48
CA GLU I 26 34.91 -24.06 39.11
C GLU I 26 34.06 -22.93 38.56
N TYR I 27 33.19 -22.34 39.38
CA TYR I 27 32.41 -21.21 38.92
C TYR I 27 33.03 -19.89 39.30
N ARG I 28 33.80 -19.86 40.38
CA ARG I 28 34.39 -18.62 40.85
C ARG I 28 35.50 -18.15 39.93
N LYS I 29 36.17 -19.10 39.26
CA LYS I 29 37.06 -18.78 38.15
C LYS I 29 36.32 -18.60 36.86
N GLU I 30 35.04 -18.96 36.82
CA GLU I 30 34.22 -18.78 35.64
C GLU I 30 33.41 -17.49 35.71
N ALA I 31 33.06 -17.04 36.91
CA ALA I 31 32.34 -15.78 37.04
C ALA I 31 33.23 -14.58 36.76
N PHE I 32 34.54 -14.71 36.96
CA PHE I 32 35.46 -13.66 36.56
C PHE I 32 35.65 -13.59 35.06
N ILE I 33 35.44 -14.70 34.35
CA ILE I 33 35.39 -14.61 32.90
C ILE I 33 34.17 -13.82 32.47
N ASP I 34 33.04 -14.02 33.15
CA ASP I 34 31.81 -13.28 32.83
C ASP I 34 31.95 -11.80 33.16
N ARG I 35 32.82 -11.44 34.08
CA ARG I 35 33.01 -10.04 34.44
C ARG I 35 33.71 -9.28 33.34
N ASP I 36 34.90 -9.75 32.94
CA ASP I 36 35.68 -9.06 31.92
C ASP I 36 35.25 -9.49 30.52
N TYR I 37 34.01 -9.94 30.40
CA TYR I 37 33.38 -10.22 29.14
C TYR I 37 32.35 -9.18 28.79
N PHE I 38 31.96 -8.34 29.74
CA PHE I 38 31.01 -7.30 29.39
C PHE I 38 31.66 -5.94 29.35
N ASP I 39 32.87 -5.80 29.85
CA ASP I 39 33.65 -4.59 29.64
C ASP I 39 34.88 -4.91 28.82
N GLY I 40 34.70 -4.99 27.52
CA GLY I 40 35.74 -5.36 26.59
C GLY I 40 36.21 -6.78 26.81
N HIS I 41 37.40 -7.05 26.26
CA HIS I 41 38.20 -8.25 26.52
C HIS I 41 37.45 -9.52 26.12
N GLN I 42 36.88 -9.50 24.92
CA GLN I 42 36.15 -10.65 24.41
C GLN I 42 37.02 -11.52 23.51
N TRP I 43 38.34 -11.36 23.57
CA TRP I 43 39.27 -12.13 22.75
C TRP I 43 40.30 -12.77 23.66
N THR I 44 40.57 -14.05 23.43
CA THR I 44 41.58 -14.74 24.22
C THR I 44 42.97 -14.34 23.75
N GLU I 45 43.97 -14.70 24.55
CA GLU I 45 45.33 -14.28 24.23
C GLU I 45 45.97 -15.09 23.11
N GLU I 46 45.35 -16.20 22.70
CA GLU I 46 45.83 -16.93 21.54
C GLU I 46 45.18 -16.46 20.25
N GLU I 47 43.92 -16.05 20.31
CA GLU I 47 43.26 -15.50 19.14
C GLU I 47 43.73 -14.08 18.84
N LEU I 48 44.08 -13.33 19.88
CA LEU I 48 44.52 -11.96 19.69
C LEU I 48 45.92 -11.89 19.12
N GLN I 49 46.73 -12.92 19.34
CA GLN I 49 48.07 -12.97 18.77
C GLN I 49 48.02 -13.27 17.28
N LYS I 50 47.09 -14.13 16.86
CA LYS I 50 47.05 -14.56 15.47
C LYS I 50 46.44 -13.52 14.56
N LEU I 51 45.52 -12.67 15.06
CA LEU I 51 44.98 -11.59 14.25
C LEU I 51 46.03 -10.55 13.91
N GLU I 52 47.02 -10.35 14.77
CA GLU I 52 48.10 -9.41 14.51
C GLU I 52 49.08 -9.94 13.48
N ALA I 53 49.13 -11.25 13.28
CA ALA I 53 49.98 -11.82 12.24
C ALA I 53 49.36 -11.70 10.86
N ARG I 54 48.06 -11.47 10.77
CA ARG I 54 47.44 -11.14 9.51
C ARG I 54 47.37 -9.64 9.30
N LYS I 55 47.95 -8.86 10.21
CA LYS I 55 47.88 -7.39 10.27
C LYS I 55 46.44 -6.89 10.32
N GLN I 56 45.56 -7.62 11.00
CA GLN I 56 44.13 -7.33 11.04
C GLN I 56 43.78 -6.67 12.37
N PRO I 57 42.92 -5.66 12.38
CA PRO I 57 42.42 -5.14 13.65
C PRO I 57 41.51 -6.15 14.33
N ALA I 58 41.44 -6.03 15.65
CA ALA I 58 40.68 -6.95 16.49
C ALA I 58 39.41 -6.25 16.93
N THR I 59 38.38 -6.31 16.09
CA THR I 59 37.14 -5.60 16.37
C THR I 59 36.19 -6.46 17.17
N TYR I 60 35.43 -5.82 18.06
CA TYR I 60 34.38 -6.47 18.81
C TYR I 60 33.18 -5.54 18.92
N PHE I 61 32.00 -6.13 19.02
CA PHE I 61 30.74 -5.40 19.08
C PHE I 61 30.10 -5.74 20.42
N ASN I 62 30.36 -4.92 21.42
CA ASN I 62 30.04 -5.25 22.82
C ASN I 62 28.55 -5.11 23.03
N GLU I 63 27.82 -6.12 22.59
CA GLU I 63 26.37 -6.12 22.62
C GLU I 63 25.82 -6.82 23.86
N VAL I 64 26.67 -7.03 24.86
CA VAL I 64 26.26 -7.64 26.11
C VAL I 64 26.34 -6.64 27.27
N LYS I 65 26.88 -5.45 27.03
CA LYS I 65 26.72 -4.36 27.97
C LYS I 65 25.35 -3.70 27.80
N LEU I 66 24.81 -3.68 26.59
CA LEU I 66 23.49 -3.13 26.34
C LEU I 66 22.38 -3.89 27.05
N SER I 67 22.52 -5.20 27.15
CA SER I 67 21.49 -6.01 27.77
C SER I 67 21.52 -5.96 29.29
N ILE I 68 22.55 -5.37 29.89
CA ILE I 68 22.68 -5.32 31.33
C ILE I 68 22.45 -3.90 31.79
N ARG I 69 22.90 -2.94 30.99
CA ARG I 69 22.83 -1.54 31.38
C ARG I 69 21.38 -1.04 31.38
N GLY I 70 20.53 -1.61 30.56
CA GLY I 70 19.14 -1.27 30.60
C GLY I 70 18.31 -2.12 31.51
N LEU I 71 18.90 -3.15 32.08
CA LEU I 71 18.21 -4.06 32.98
C LEU I 71 18.50 -3.76 34.43
N VAL I 72 19.65 -3.17 34.72
CA VAL I 72 19.90 -2.57 36.02
C VAL I 72 19.10 -1.29 36.16
N GLY I 73 18.95 -0.55 35.07
CA GLY I 73 18.25 0.72 35.07
C GLY I 73 16.76 0.63 35.29
N VAL I 74 16.19 -0.56 35.20
CA VAL I 74 14.81 -0.77 35.61
C VAL I 74 14.71 -0.95 37.12
N PHE I 75 15.61 -1.75 37.69
CA PHE I 75 15.68 -1.90 39.14
C PHE I 75 16.07 -0.61 39.83
N GLU I 76 16.97 0.14 39.22
CA GLU I 76 17.55 1.32 39.86
C GLU I 76 16.54 2.46 39.93
N GLN I 77 15.57 2.50 39.02
CA GLN I 77 14.58 3.56 39.06
C GLN I 77 13.47 3.24 40.05
N GLY I 78 13.01 2.00 40.09
CA GLY I 78 11.92 1.65 40.97
C GLY I 78 12.36 1.30 42.36
N ASP I 79 13.07 2.22 43.02
CA ASP I 79 13.61 1.98 44.34
C ASP I 79 12.51 2.00 45.40
N SER I 80 12.90 1.73 46.63
CA SER I 80 11.92 1.54 47.69
C SER I 80 12.50 1.91 49.03
N ASP I 81 11.73 2.59 49.80
CA ASP I 81 11.93 2.81 51.21
C ASP I 81 11.06 1.85 52.02
N PRO I 82 11.51 1.38 53.17
CA PRO I 82 10.80 0.32 53.87
C PRO I 82 9.54 0.83 54.55
N ARG I 83 8.78 -0.12 55.11
CA ARG I 83 7.44 0.14 55.59
C ARG I 83 6.97 -1.07 56.39
N ALA I 84 6.28 -0.83 57.51
CA ALA I 84 5.76 -1.91 58.33
C ALA I 84 4.25 -1.85 58.34
N TRP I 85 3.61 -3.01 58.21
CA TRP I 85 2.16 -3.08 58.13
C TRP I 85 1.59 -3.74 59.38
N PRO I 86 0.86 -3.02 60.23
CA PRO I 86 0.27 -3.65 61.42
C PRO I 86 -0.79 -4.64 61.02
N ARG I 87 -0.72 -5.86 61.58
CA ARG I 87 -1.54 -6.92 60.98
C ARG I 87 -3.00 -6.82 61.40
N ASN I 88 -3.30 -6.19 62.53
CA ASN I 88 -4.68 -6.04 62.94
C ASN I 88 -4.82 -4.79 63.80
N PRO I 89 -5.66 -3.85 63.43
CA PRO I 89 -5.64 -2.55 64.10
C PRO I 89 -6.30 -2.55 65.46
N GLN I 90 -5.88 -3.44 66.35
CA GLN I 90 -6.21 -3.38 67.76
C GLN I 90 -4.89 -3.21 68.47
N ASP I 91 -4.50 -1.95 68.66
CA ASP I 91 -3.27 -1.55 69.32
C ASP I 91 -2.05 -2.13 68.61
N GLU I 92 -2.10 -2.21 67.28
CA GLU I 92 -0.90 -2.54 66.53
C GLU I 92 -0.47 -1.44 65.60
N ASP I 93 -1.34 -0.48 65.29
CA ASP I 93 -0.89 0.69 64.54
C ASP I 93 -0.12 1.65 65.43
N SER I 94 -0.38 1.62 66.74
CA SER I 94 0.40 2.44 67.65
C SER I 94 1.84 1.96 67.73
N ALA I 95 2.07 0.67 67.51
CA ALA I 95 3.40 0.08 67.48
C ALA I 95 3.99 0.06 66.09
N ASP I 96 3.65 1.05 65.27
CA ASP I 96 4.20 1.22 63.93
C ASP I 96 5.07 2.46 63.90
N ILE I 97 5.76 2.72 65.01
CA ILE I 97 6.90 3.61 65.10
C ILE I 97 8.09 3.02 64.35
N ALA I 98 8.08 1.69 64.15
CA ALA I 98 9.18 0.98 63.52
C ALA I 98 9.47 1.49 62.12
N THR I 99 8.45 1.82 61.34
CA THR I 99 8.71 2.37 60.02
C THR I 99 9.22 3.80 60.05
N LYS I 100 9.23 4.45 61.21
CA LYS I 100 9.76 5.80 61.34
C LYS I 100 11.21 5.76 61.80
N ALA I 101 11.68 4.61 62.29
CA ALA I 101 13.06 4.44 62.73
C ALA I 101 13.76 3.31 62.01
N LEU I 102 13.12 2.67 61.04
CA LEU I 102 13.81 1.73 60.19
C LEU I 102 14.21 2.34 58.86
N ARG I 103 13.57 3.44 58.47
CA ARG I 103 14.07 4.30 57.41
C ARG I 103 14.99 5.37 57.95
N TYR I 104 15.40 5.25 59.20
CA TYR I 104 16.55 5.97 59.71
C TYR I 104 17.84 5.33 59.28
N VAL I 105 17.91 3.99 59.33
CA VAL I 105 19.15 3.29 58.99
C VAL I 105 19.34 3.12 57.49
N LYS I 106 18.28 3.29 56.71
CA LYS I 106 18.40 3.32 55.27
C LYS I 106 18.93 4.64 54.78
N ASP I 107 18.92 5.67 55.64
CA ASP I 107 19.47 6.97 55.30
C ASP I 107 20.80 7.26 55.96
N TYR I 108 21.10 6.61 57.08
CA TYR I 108 22.42 6.79 57.70
C TYR I 108 23.51 6.12 56.89
N SER I 109 23.24 4.92 56.42
CA SER I 109 24.24 4.07 55.81
C SER I 109 24.37 4.27 54.31
N GLU I 110 23.59 5.19 53.73
CA GLU I 110 23.50 5.43 52.29
C GLU I 110 23.16 4.15 51.55
N TRP I 111 21.98 3.61 51.83
CA TRP I 111 21.53 2.48 51.06
C TRP I 111 20.87 2.91 49.76
N SER I 112 20.69 4.21 49.54
CA SER I 112 20.03 4.67 48.32
C SER I 112 20.91 4.50 47.10
N ASP I 113 22.24 4.45 47.26
CA ASP I 113 23.13 4.27 46.14
C ASP I 113 23.90 2.96 46.18
N GLU I 114 24.01 2.33 47.34
CA GLU I 114 24.69 1.06 47.43
C GLU I 114 23.75 -0.10 47.19
N ARG I 115 22.49 0.18 46.89
CA ARG I 115 21.61 -0.86 46.38
C ARG I 115 21.81 -1.08 44.90
N SER I 116 22.39 -0.11 44.19
CA SER I 116 22.73 -0.25 42.80
C SER I 116 24.12 -0.82 42.60
N ARG I 117 24.83 -1.07 43.68
CA ARG I 117 26.13 -1.72 43.64
C ARG I 117 26.02 -3.20 43.97
N ALA I 118 24.96 -3.58 44.68
CA ALA I 118 24.62 -4.98 44.87
C ALA I 118 23.81 -5.53 43.71
N ALA I 119 23.24 -4.67 42.88
CA ALA I 119 22.53 -5.15 41.71
C ALA I 119 23.44 -5.41 40.54
N LEU I 120 24.54 -4.66 40.42
CA LEU I 120 25.45 -4.85 39.32
C LEU I 120 26.31 -6.09 39.50
N ASN I 121 26.56 -6.51 40.74
CA ASN I 121 27.21 -7.80 41.00
C ASN I 121 26.22 -8.93 41.08
N TYR I 122 24.95 -8.67 40.83
CA TYR I 122 23.94 -9.71 40.87
C TYR I 122 23.60 -10.23 39.49
N PHE I 123 23.77 -9.44 38.45
CA PHE I 123 23.50 -9.92 37.11
C PHE I 123 24.76 -10.31 36.36
N VAL I 124 25.89 -9.68 36.64
CA VAL I 124 27.12 -10.01 35.94
C VAL I 124 27.83 -11.17 36.63
N GLU I 125 27.98 -11.09 37.94
CA GLU I 125 28.49 -12.19 38.72
C GLU I 125 27.31 -13.10 39.08
N GLY I 126 27.49 -13.97 40.06
CA GLY I 126 26.35 -14.76 40.47
C GLY I 126 25.58 -14.20 41.65
N THR I 127 26.29 -13.84 42.72
CA THR I 127 25.69 -13.58 44.02
C THR I 127 25.82 -12.11 44.38
N CYS I 128 24.92 -11.62 45.22
CA CYS I 128 25.07 -10.35 45.89
C CYS I 128 25.02 -10.61 47.39
N ALA I 129 25.66 -9.74 48.17
CA ALA I 129 25.74 -10.00 49.59
C ALA I 129 25.87 -8.69 50.36
N ALA I 130 25.49 -8.72 51.64
CA ALA I 130 25.61 -7.57 52.52
C ALA I 130 25.61 -8.02 53.96
N ILE I 131 26.26 -7.26 54.82
CA ILE I 131 26.35 -7.54 56.25
C ILE I 131 25.80 -6.36 57.03
N VAL I 132 24.92 -6.65 57.98
CA VAL I 132 24.27 -5.61 58.79
C VAL I 132 24.70 -5.79 60.24
N GLY I 133 25.29 -4.76 60.82
CA GLY I 133 25.85 -4.87 62.15
C GLY I 133 26.08 -3.52 62.77
N VAL I 134 26.22 -3.51 64.08
CA VAL I 134 26.16 -2.29 64.87
C VAL I 134 27.56 -1.81 65.19
N ASP I 135 27.84 -0.55 64.87
CA ASP I 135 29.18 0.01 65.02
C ASP I 135 29.48 0.43 66.46
N GLU I 136 30.52 1.27 66.61
CA GLU I 136 31.03 1.64 67.94
C GLU I 136 30.03 2.43 68.77
N ASN I 137 29.10 3.14 68.12
CA ASN I 137 28.01 3.80 68.84
C ASN I 137 26.86 2.81 69.01
N GLY I 138 25.68 3.32 69.30
CA GLY I 138 24.54 2.42 69.42
C GLY I 138 23.81 2.22 68.11
N ARG I 139 24.25 2.80 67.05
CA ARG I 139 23.42 2.80 65.85
C ARG I 139 23.81 1.66 64.92
N PRO I 140 22.89 1.16 64.10
CA PRO I 140 23.24 0.08 63.18
C PRO I 140 23.60 0.56 61.77
N GLU I 141 24.40 -0.26 61.12
CA GLU I 141 25.07 0.04 59.87
C GLU I 141 25.01 -1.19 58.97
N ILE I 142 24.86 -0.96 57.68
CA ILE I 142 24.76 -2.03 56.70
C ILE I 142 25.84 -1.81 55.63
N GLU I 143 26.87 -2.65 55.65
CA GLU I 143 27.90 -2.59 54.64
C GLU I 143 27.63 -3.59 53.54
N PRO I 144 27.85 -3.21 52.28
CA PRO I 144 27.85 -4.22 51.22
C PRO I 144 29.22 -4.85 51.07
N ILE I 145 29.22 -6.17 51.00
CA ILE I 145 30.44 -6.96 50.84
C ILE I 145 30.56 -7.37 49.38
N ARG I 146 31.74 -7.17 48.81
CA ARG I 146 31.95 -7.39 47.38
C ARG I 146 31.93 -8.88 47.04
N PHE I 147 31.70 -9.18 45.77
CA PHE I 147 31.69 -10.57 45.33
C PHE I 147 33.07 -11.18 45.33
N GLU I 148 34.11 -10.37 45.13
CA GLU I 148 35.47 -10.89 45.06
C GLU I 148 36.01 -11.37 46.40
N GLU I 149 35.23 -11.24 47.47
CA GLU I 149 35.67 -11.66 48.80
C GLU I 149 34.58 -12.32 49.62
N PHE I 150 33.39 -12.54 49.08
CA PHE I 150 32.41 -13.33 49.81
C PHE I 150 32.81 -14.79 49.76
N PHE I 151 32.42 -15.53 50.80
CA PHE I 151 33.06 -16.78 51.15
C PHE I 151 32.07 -17.63 51.93
N HIS I 152 31.56 -18.69 51.30
CA HIS I 152 30.61 -19.57 51.95
C HIS I 152 31.07 -21.00 51.81
N ASP I 153 30.27 -21.95 52.26
CA ASP I 153 30.68 -23.33 52.08
C ASP I 153 30.12 -23.91 50.79
N PRO I 154 30.71 -24.97 50.29
CA PRO I 154 29.99 -25.83 49.34
C PRO I 154 29.06 -26.74 50.15
N ARG I 155 28.43 -27.67 49.42
CA ARG I 155 27.40 -28.57 49.97
C ARG I 155 26.25 -27.77 50.57
N SER I 156 25.90 -26.69 49.89
CA SER I 156 24.77 -25.84 50.25
C SER I 156 23.95 -25.66 48.99
N ARG I 157 22.90 -26.48 48.84
CA ARG I 157 22.18 -26.57 47.58
C ARG I 157 21.34 -25.33 47.30
N GLU I 158 21.03 -24.57 48.33
CA GLU I 158 19.96 -23.59 48.24
C GLU I 158 20.47 -22.19 47.92
N LEU I 159 19.75 -21.47 47.07
CA LEU I 159 20.16 -20.14 46.63
C LEU I 159 19.80 -19.03 47.61
N ASP I 160 19.44 -19.36 48.83
CA ASP I 160 19.22 -18.36 49.87
C ASP I 160 20.20 -18.55 51.01
N PHE I 161 21.09 -19.54 50.91
CA PHE I 161 22.13 -19.87 51.89
C PHE I 161 21.51 -20.22 53.24
N SER I 162 20.39 -20.91 53.22
CA SER I 162 19.80 -21.35 54.48
C SER I 162 20.53 -22.57 55.02
N ASP I 163 21.02 -23.42 54.14
CA ASP I 163 21.64 -24.69 54.50
C ASP I 163 23.14 -24.55 54.77
N ALA I 164 23.67 -23.33 54.74
CA ALA I 164 25.09 -23.14 54.91
C ALA I 164 25.50 -23.34 56.36
N ARG I 165 26.76 -23.68 56.55
CA ARG I 165 27.32 -23.87 57.88
C ARG I 165 28.27 -22.75 58.28
N PHE I 166 28.96 -22.13 57.33
CA PHE I 166 29.84 -21.02 57.67
C PHE I 166 29.92 -20.02 56.53
N LYS I 167 30.04 -18.73 56.87
CA LYS I 167 30.09 -17.63 55.92
C LYS I 167 31.02 -16.55 56.47
N GLY I 168 31.72 -15.83 55.59
CA GLY I 168 32.75 -14.90 56.01
C GLY I 168 33.03 -13.81 55.01
N VAL I 169 34.10 -13.04 55.24
CA VAL I 169 34.35 -11.85 54.41
C VAL I 169 35.73 -11.78 53.73
N ALA I 170 36.76 -12.44 54.28
CA ALA I 170 38.06 -12.77 53.64
C ALA I 170 38.73 -11.61 52.89
N LYS I 171 39.16 -10.59 53.61
CA LYS I 171 39.64 -9.36 53.00
C LYS I 171 41.16 -9.29 52.91
N TRP I 172 41.63 -8.24 52.24
CA TRP I 172 43.02 -7.77 52.29
C TRP I 172 43.04 -6.40 52.93
N ARG I 173 43.92 -6.21 53.91
CA ARG I 173 44.03 -4.92 54.58
C ARG I 173 45.49 -4.49 54.61
N PHE I 174 45.72 -3.30 55.16
CA PHE I 174 47.07 -2.81 55.38
C PHE I 174 47.57 -3.29 56.73
N ALA I 175 48.86 -3.62 56.79
CA ALA I 175 49.43 -4.15 58.02
C ALA I 175 49.55 -3.10 59.11
N ASP I 176 49.50 -1.83 58.76
CA ASP I 176 49.43 -0.78 59.78
C ASP I 176 48.09 -0.81 60.51
N GLU I 177 47.00 -0.92 59.77
CA GLU I 177 45.66 -0.81 60.32
C GLU I 177 45.09 -2.14 60.80
N VAL I 178 45.95 -3.09 61.12
CA VAL I 178 45.55 -4.34 61.76
C VAL I 178 46.29 -4.54 63.06
N GLY I 179 47.62 -4.45 63.04
CA GLY I 179 48.40 -4.69 64.23
C GLY I 179 48.29 -3.59 65.26
N MET I 180 48.20 -2.34 64.82
CA MET I 180 47.94 -1.21 65.69
C MET I 180 46.46 -1.01 65.95
N GLU I 181 45.64 -2.01 65.64
CA GLU I 181 44.25 -2.08 66.06
C GLU I 181 44.00 -3.19 67.05
N TYR I 182 44.73 -4.30 66.94
CA TYR I 182 44.56 -5.46 67.80
C TYR I 182 45.80 -5.77 68.63
N GLY I 183 46.74 -4.84 68.73
CA GLY I 183 47.88 -5.00 69.62
C GLY I 183 48.98 -5.91 69.14
N ILE I 184 48.85 -6.52 67.96
CA ILE I 184 49.90 -7.34 67.38
C ILE I 184 51.04 -6.42 66.93
N LYS I 185 52.27 -6.79 67.25
CA LYS I 185 53.40 -5.97 66.85
C LYS I 185 53.73 -6.17 65.38
N GLY I 186 54.40 -5.17 64.80
CA GLY I 186 54.57 -5.13 63.36
C GLY I 186 55.65 -6.06 62.84
N GLU I 187 55.50 -6.40 61.56
CA GLU I 187 56.33 -7.37 60.83
C GLU I 187 56.40 -8.71 61.57
N ILE I 188 55.25 -9.35 61.61
CA ILE I 188 55.12 -10.62 62.30
C ILE I 188 54.77 -11.72 61.31
N SER I 220 59.14 -1.22 56.61
CA SER I 220 58.59 -0.51 55.45
C SER I 220 57.13 -0.12 55.68
N LYS I 221 56.52 0.50 54.68
CA LYS I 221 55.15 0.94 54.76
C LYS I 221 54.37 0.35 53.60
N LEU I 222 53.05 0.20 53.79
CA LEU I 222 52.12 -0.42 52.85
C LEU I 222 52.48 -1.88 52.60
N ARG I 223 52.40 -2.67 53.66
CA ARG I 223 52.49 -4.12 53.58
C ARG I 223 51.08 -4.67 53.77
N ARG I 224 50.72 -5.70 53.03
CA ARG I 224 49.35 -6.20 53.00
C ARG I 224 49.24 -7.53 53.74
N VAL I 225 48.15 -7.71 54.49
CA VAL I 225 47.87 -8.95 55.21
C VAL I 225 46.55 -9.51 54.72
N PHE I 226 46.09 -10.62 55.31
CA PHE I 226 44.96 -11.36 54.77
C PHE I 226 44.00 -11.79 55.88
N VAL I 227 43.54 -10.84 56.69
CA VAL I 227 42.61 -11.16 57.76
C VAL I 227 41.26 -11.60 57.18
N VAL I 228 40.57 -12.51 57.88
CA VAL I 228 39.37 -13.15 57.36
C VAL I 228 38.38 -13.42 58.50
N GLU I 229 37.15 -12.93 58.37
CA GLU I 229 36.12 -13.25 59.35
C GLU I 229 35.43 -14.55 59.00
N MET I 230 34.64 -15.06 59.93
CA MET I 230 34.20 -16.45 59.90
C MET I 230 33.06 -16.62 60.88
N TYR I 231 31.89 -17.04 60.42
CA TYR I 231 30.74 -17.29 61.28
C TYR I 231 30.36 -18.75 61.18
N VAL I 232 30.99 -19.59 61.97
CA VAL I 232 30.81 -21.03 61.89
C VAL I 232 29.83 -21.50 62.94
N ARG I 233 28.89 -22.36 62.54
CA ARG I 233 28.02 -23.05 63.48
C ARG I 233 28.80 -24.21 64.07
N TRP I 234 29.19 -24.08 65.32
CA TRP I 234 30.07 -25.07 65.93
C TRP I 234 29.33 -26.09 66.76
N ASN I 235 28.24 -25.67 67.38
CA ASN I 235 27.28 -26.48 68.12
C ASN I 235 25.98 -25.71 67.91
N GLY I 236 25.03 -25.81 68.83
CA GLY I 236 23.86 -24.97 68.77
C GLY I 236 24.05 -23.47 68.69
N VAL I 237 25.24 -22.98 69.02
CA VAL I 237 25.54 -21.56 68.95
C VAL I 237 26.32 -21.27 67.69
N TRP I 238 26.46 -19.98 67.36
CA TRP I 238 27.21 -19.51 66.22
C TRP I 238 28.47 -18.82 66.69
N ILE I 239 29.60 -19.43 66.46
CA ILE I 239 30.89 -18.87 66.84
C ILE I 239 31.32 -17.87 65.78
N ARG I 240 31.75 -16.70 66.22
CA ARG I 240 32.44 -15.73 65.37
C ARG I 240 33.93 -15.80 65.64
N ALA I 241 34.72 -15.96 64.58
CA ALA I 241 36.17 -15.98 64.73
C ALA I 241 36.78 -15.18 63.59
N LEU I 242 37.92 -14.54 63.84
CA LEU I 242 38.69 -13.93 62.77
C LEU I 242 40.16 -14.18 63.01
N PHE I 243 40.85 -14.65 61.98
CA PHE I 243 42.21 -15.12 62.13
C PHE I 243 43.05 -14.61 60.96
N TRP I 244 44.29 -15.05 60.92
CA TRP I 244 45.16 -14.84 59.77
C TRP I 244 46.09 -16.04 59.70
N GLY I 245 47.20 -15.90 58.97
CA GLY I 245 48.02 -17.05 58.59
C GLY I 245 48.66 -17.77 59.75
N ARG I 246 48.91 -17.08 60.86
CA ARG I 246 49.35 -17.72 62.09
C ARG I 246 48.67 -17.06 63.27
N GLY I 247 48.04 -17.87 64.12
CA GLY I 247 47.30 -17.36 65.25
C GLY I 247 45.95 -16.79 64.87
N ILE I 248 45.06 -16.77 65.86
CA ILE I 248 43.78 -16.12 65.72
C ILE I 248 43.85 -14.78 66.44
N LEU I 249 42.85 -13.93 66.20
CA LEU I 249 42.87 -12.59 66.78
C LEU I 249 41.74 -12.34 67.76
N GLU I 250 40.52 -12.80 67.47
CA GLU I 250 39.46 -12.83 68.45
C GLU I 250 38.50 -13.93 68.09
N MET I 251 37.82 -14.47 69.10
CA MET I 251 36.95 -15.62 68.90
C MET I 251 35.95 -15.68 70.04
N SER I 252 34.67 -15.54 69.71
CA SER I 252 33.65 -15.49 70.74
C SER I 252 32.33 -15.92 70.14
N VAL I 253 31.34 -16.10 71.02
CA VAL I 253 29.98 -16.33 70.57
C VAL I 253 29.45 -15.05 69.95
N SER I 254 28.72 -15.19 68.84
CA SER I 254 28.24 -14.04 68.08
C SER I 254 27.29 -13.20 68.91
N ALA I 255 27.50 -11.88 68.88
CA ALA I 255 26.78 -10.98 69.77
C ALA I 255 25.36 -10.70 69.33
N TYR I 256 25.03 -10.92 68.06
CA TYR I 256 23.76 -10.50 67.52
C TYR I 256 22.74 -11.63 67.69
N LEU I 257 21.53 -11.27 68.08
CA LEU I 257 20.49 -12.26 68.31
C LEU I 257 19.61 -12.40 67.07
N ASP I 258 18.50 -13.10 67.23
CA ASP I 258 17.61 -13.41 66.13
C ASP I 258 16.17 -13.29 66.62
N ARG I 259 15.18 -13.63 65.80
CA ARG I 259 13.79 -13.51 66.21
C ARG I 259 13.36 -14.58 67.20
N ASN I 260 14.18 -15.61 67.42
CA ASN I 260 13.86 -16.65 68.38
C ASN I 260 14.58 -16.48 69.70
N GLY I 261 15.61 -15.64 69.76
CA GLY I 261 16.34 -15.36 70.99
C GLY I 261 17.74 -15.93 71.01
N LYS I 262 18.05 -16.85 70.16
CA LYS I 262 19.34 -17.53 70.10
C LYS I 262 20.30 -16.79 69.18
N PRO I 263 21.60 -16.81 69.47
CA PRO I 263 22.55 -16.03 68.65
C PRO I 263 22.76 -16.65 67.28
N THR I 264 22.78 -15.79 66.25
CA THR I 264 22.91 -16.22 64.87
C THR I 264 23.90 -15.35 64.11
N CYS I 265 23.88 -15.46 62.74
CA CYS I 265 24.76 -14.74 61.82
C CYS I 265 24.08 -13.50 61.29
N PRO I 266 24.83 -12.46 61.02
CA PRO I 266 24.25 -11.29 60.36
C PRO I 266 24.40 -11.28 58.86
N ILE I 267 25.25 -12.15 58.31
CA ILE I 267 25.54 -12.11 56.88
C ILE I 267 24.36 -12.68 56.11
N GLU I 268 23.91 -11.93 55.10
CA GLU I 268 22.80 -12.36 54.26
C GLU I 268 23.10 -12.11 52.79
N ALA I 269 22.64 -13.01 51.93
CA ALA I 269 23.05 -13.02 50.54
C ALA I 269 22.05 -13.79 49.71
N ARG I 270 22.22 -13.73 48.39
CA ARG I 270 21.30 -14.36 47.46
C ARG I 270 21.95 -14.47 46.09
N SER I 271 21.75 -15.59 45.42
CA SER I 271 22.29 -15.81 44.09
C SER I 271 21.17 -15.88 43.06
N CYS I 272 21.55 -15.77 41.79
CA CYS I 272 20.55 -15.66 40.73
C CYS I 272 20.03 -17.03 40.32
N TYR I 273 20.91 -17.90 39.83
CA TYR I 273 20.53 -19.24 39.43
C TYR I 273 21.47 -20.26 40.05
N ILE I 274 21.04 -21.51 40.06
CA ILE I 274 21.77 -22.63 40.64
C ILE I 274 21.75 -23.75 39.61
N ASP I 275 22.73 -24.65 39.70
CA ASP I 275 22.86 -25.75 38.75
C ASP I 275 22.74 -27.07 39.52
N ARG I 276 22.86 -28.21 38.83
CA ARG I 276 22.70 -29.50 39.50
C ARG I 276 23.85 -29.77 40.45
N GLU I 277 25.07 -29.84 39.93
CA GLU I 277 26.20 -29.57 40.80
C GLU I 277 26.22 -28.08 41.10
N ASN I 278 26.71 -27.72 42.28
CA ASN I 278 26.41 -26.40 42.82
C ASN I 278 27.19 -25.29 42.15
N ARG I 279 26.64 -24.73 41.07
CA ARG I 279 27.19 -23.56 40.40
C ARG I 279 26.29 -22.38 40.71
N ARG I 280 26.87 -21.18 40.71
CA ARG I 280 26.13 -19.95 40.97
C ARG I 280 26.39 -19.07 39.77
N TYR I 281 25.64 -19.23 38.70
CA TYR I 281 25.89 -18.36 37.57
C TYR I 281 24.90 -17.21 37.62
N GLY I 282 25.07 -16.25 36.72
CA GLY I 282 24.25 -15.06 36.75
C GLY I 282 23.35 -14.91 35.55
N GLU I 283 23.44 -13.76 34.89
CA GLU I 283 22.70 -13.55 33.65
C GLU I 283 23.61 -13.57 32.44
N VAL I 284 24.86 -13.18 32.60
CA VAL I 284 25.80 -13.07 31.50
C VAL I 284 26.60 -14.38 31.43
N ARG I 285 26.13 -15.43 32.10
CA ARG I 285 26.57 -16.78 31.72
C ARG I 285 25.97 -17.18 30.40
N ASP I 286 24.71 -16.83 30.19
CA ASP I 286 24.13 -16.81 28.86
C ASP I 286 24.65 -15.56 28.14
N LEU I 287 24.26 -15.36 26.87
CA LEU I 287 24.71 -14.24 26.04
C LEU I 287 26.22 -14.25 25.86
N ARG I 288 26.82 -15.42 25.92
CA ARG I 288 28.23 -15.61 25.57
C ARG I 288 28.40 -16.48 24.35
N SER I 289 27.68 -17.56 24.29
CA SER I 289 27.62 -18.33 23.06
C SER I 289 26.90 -17.57 21.94
N PRO I 290 25.83 -16.82 22.15
CA PRO I 290 25.35 -15.96 21.07
C PRO I 290 26.10 -14.65 20.93
N GLN I 291 27.26 -14.49 21.55
CA GLN I 291 28.02 -13.26 21.42
C GLN I 291 29.44 -13.49 20.96
N ASP I 292 29.96 -14.71 21.10
CA ASP I 292 31.12 -15.15 20.34
C ASP I 292 30.78 -15.53 18.91
N ALA I 293 29.52 -15.51 18.54
CA ALA I 293 29.15 -15.75 17.15
C ALA I 293 28.80 -14.48 16.41
N ILE I 294 29.00 -13.32 17.03
CA ILE I 294 28.95 -12.05 16.34
C ILE I 294 30.33 -11.48 16.15
N ASN I 295 31.21 -11.66 17.14
CA ASN I 295 32.59 -11.23 17.01
C ASN I 295 33.35 -12.11 16.03
N LYS I 296 33.07 -13.41 16.01
CA LYS I 296 33.80 -14.30 15.12
C LYS I 296 33.24 -14.32 13.71
N ARG I 297 31.93 -14.24 13.54
CA ARG I 297 31.40 -14.14 12.18
C ARG I 297 31.55 -12.76 11.60
N GLU I 298 32.26 -11.85 12.24
CA GLU I 298 32.61 -10.58 11.64
C GLU I 298 34.06 -10.55 11.17
N SER I 299 34.96 -11.14 11.94
CA SER I 299 36.36 -11.21 11.54
C SER I 299 36.61 -12.26 10.48
N LYS I 300 35.72 -13.22 10.32
CA LYS I 300 35.88 -14.15 9.20
C LYS I 300 35.60 -13.48 7.88
N LEU I 301 34.60 -12.60 7.84
CA LEU I 301 34.21 -11.92 6.61
C LEU I 301 35.19 -10.82 6.24
N LEU I 302 35.81 -10.19 7.22
CA LEU I 302 36.79 -9.17 6.91
C LEU I 302 38.05 -9.80 6.37
N HIS I 303 38.36 -11.01 6.81
CA HIS I 303 39.52 -11.71 6.29
C HIS I 303 39.26 -12.30 4.92
N MET I 304 38.01 -12.59 4.63
CA MET I 304 37.66 -13.30 3.40
C MET I 304 37.35 -12.33 2.27
N LEU I 305 37.08 -11.06 2.58
CA LEU I 305 36.78 -10.04 1.57
C LEU I 305 37.94 -9.08 1.36
N ASN I 306 39.17 -9.53 1.57
CA ASN I 306 40.35 -8.78 1.15
C ASN I 306 41.43 -9.64 0.53
N ASN I 307 41.29 -10.95 0.51
CA ASN I 307 42.35 -11.84 0.07
C ASN I 307 41.86 -12.70 -1.08
N ARG I 308 42.66 -12.82 -2.12
CA ARG I 308 42.31 -13.60 -3.30
C ARG I 308 43.37 -14.69 -3.45
N GLN I 309 43.00 -15.93 -3.17
CA GLN I 309 43.96 -17.01 -3.24
C GLN I 309 44.29 -17.34 -4.70
N ALA I 310 45.56 -17.63 -4.94
CA ALA I 310 46.09 -17.72 -6.29
C ALA I 310 46.36 -19.17 -6.65
N ILE I 311 45.82 -19.61 -7.76
CA ILE I 311 46.02 -20.96 -8.25
C ILE I 311 46.96 -20.91 -9.45
N ALA I 312 47.71 -21.96 -9.66
CA ALA I 312 48.64 -22.01 -10.77
C ALA I 312 47.97 -22.61 -11.98
N THR I 313 48.18 -22.01 -13.14
CA THR I 313 47.55 -22.49 -14.37
C THR I 313 48.56 -23.02 -15.36
N ASN I 314 49.53 -22.23 -15.78
CA ASN I 314 50.48 -22.64 -16.80
C ASN I 314 51.84 -22.82 -16.14
N PRO I 315 52.29 -24.05 -15.94
CA PRO I 315 53.50 -24.28 -15.13
C PRO I 315 54.82 -23.97 -15.84
N GLU I 316 54.81 -23.23 -16.94
CA GLU I 316 56.05 -22.71 -17.51
C GLU I 316 56.20 -21.22 -17.27
N TYR I 317 55.17 -20.41 -17.55
CA TYR I 317 55.27 -19.00 -17.22
C TYR I 317 55.05 -18.77 -15.73
N ALA I 318 54.22 -19.58 -15.10
CA ALA I 318 54.24 -19.65 -13.66
C ALA I 318 55.39 -20.55 -13.24
N TYR I 319 55.48 -20.83 -11.92
CA TYR I 319 56.63 -21.49 -11.28
C TYR I 319 57.93 -20.75 -11.57
N ASN I 320 57.85 -19.47 -11.85
CA ASN I 320 59.01 -18.72 -12.30
C ASN I 320 59.28 -17.54 -11.41
N SER I 321 58.25 -16.78 -11.06
CA SER I 321 58.44 -15.63 -10.20
C SER I 321 58.58 -16.04 -8.74
N ASP I 322 57.51 -16.54 -8.14
CA ASP I 322 57.42 -17.00 -6.76
C ASP I 322 55.98 -17.48 -6.58
N ALA I 323 55.66 -18.02 -5.41
CA ALA I 323 54.27 -18.28 -5.09
C ALA I 323 53.71 -17.30 -4.09
N GLU I 324 54.36 -17.14 -2.96
CA GLU I 324 53.81 -16.32 -1.89
C GLU I 324 53.93 -14.83 -2.18
N MET I 325 54.86 -14.44 -3.06
CA MET I 325 54.93 -13.06 -3.50
C MET I 325 53.83 -12.70 -4.49
N VAL I 326 53.33 -13.67 -5.25
CA VAL I 326 52.35 -13.37 -6.28
C VAL I 326 50.98 -13.14 -5.67
N ARG I 327 50.57 -13.97 -4.71
CA ARG I 327 49.23 -13.77 -4.16
C ARG I 327 49.16 -12.56 -3.23
N LYS I 328 50.27 -11.96 -2.85
CA LYS I 328 50.16 -10.67 -2.20
C LYS I 328 50.08 -9.53 -3.20
N GLU I 329 50.32 -9.79 -4.48
CA GLU I 329 50.14 -8.79 -5.51
C GLU I 329 48.73 -8.81 -6.07
N MET I 330 47.97 -9.87 -5.82
CA MET I 330 46.59 -9.92 -6.26
C MET I 330 45.65 -9.27 -5.27
N SER I 331 45.99 -9.29 -3.99
CA SER I 331 45.07 -8.80 -2.99
C SER I 331 45.16 -7.30 -2.78
N LYS I 332 46.14 -6.64 -3.34
CA LYS I 332 46.18 -5.20 -3.21
C LYS I 332 45.98 -4.53 -4.57
N PRO I 333 45.22 -3.43 -4.62
CA PRO I 333 44.82 -2.89 -5.93
C PRO I 333 45.93 -2.22 -6.72
N ASP I 334 47.06 -1.88 -6.11
CA ASP I 334 48.18 -1.30 -6.87
C ASP I 334 49.24 -2.37 -7.19
N GLY I 335 48.82 -3.42 -7.89
CA GLY I 335 49.72 -4.54 -8.10
C GLY I 335 50.08 -4.86 -9.54
N ILE I 336 51.16 -5.60 -9.72
CA ILE I 336 51.58 -6.14 -11.00
C ILE I 336 51.60 -7.65 -10.87
N ILE I 337 50.96 -8.36 -11.78
CA ILE I 337 50.78 -9.80 -11.69
C ILE I 337 51.52 -10.46 -12.85
N PRO I 338 52.38 -11.45 -12.60
CA PRO I 338 53.06 -12.13 -13.69
C PRO I 338 52.11 -13.07 -14.41
N PRO I 339 52.46 -13.54 -15.61
CA PRO I 339 51.60 -14.48 -16.32
C PRO I 339 51.60 -15.84 -15.67
N GLY I 340 50.52 -16.58 -15.89
CA GLY I 340 50.42 -17.96 -15.46
C GLY I 340 49.70 -18.19 -14.16
N TRP I 341 49.24 -17.14 -13.50
CA TRP I 341 48.57 -17.24 -12.21
C TRP I 341 47.16 -16.68 -12.33
N GLN I 342 46.21 -17.34 -11.69
CA GLN I 342 44.78 -17.04 -11.81
C GLN I 342 44.20 -16.63 -10.46
N PRO I 343 43.60 -15.46 -10.34
CA PRO I 343 43.08 -15.01 -9.05
C PRO I 343 41.69 -15.56 -8.71
N ALA I 344 41.66 -16.76 -8.15
CA ALA I 344 40.40 -17.39 -7.77
C ALA I 344 40.02 -16.95 -6.37
N SER I 345 39.08 -16.01 -6.28
CA SER I 345 38.72 -15.51 -4.97
C SER I 345 37.55 -16.30 -4.38
N MET I 346 37.40 -16.21 -3.06
CA MET I 346 36.30 -16.85 -2.35
C MET I 346 35.17 -15.85 -2.09
N THR I 347 34.66 -15.24 -3.16
CA THR I 347 33.47 -14.40 -3.03
C THR I 347 32.19 -15.17 -3.29
N ASP I 348 32.16 -16.36 -2.72
CA ASP I 348 31.03 -17.26 -2.62
C ASP I 348 31.13 -17.79 -1.21
N LEU I 349 30.04 -18.37 -0.72
CA LEU I 349 29.85 -18.74 0.69
C LEU I 349 30.19 -17.59 1.63
N ALA I 350 29.89 -16.36 1.19
CA ALA I 350 29.85 -15.19 2.05
C ALA I 350 28.44 -14.70 2.26
N ASN I 351 27.56 -14.91 1.28
CA ASN I 351 26.14 -14.70 1.48
C ASN I 351 25.52 -15.76 2.36
N GLY I 352 26.21 -16.88 2.56
CA GLY I 352 25.85 -17.83 3.57
C GLY I 352 26.36 -17.46 4.94
N GLN I 353 27.33 -16.57 5.03
CA GLN I 353 27.81 -16.06 6.30
C GLN I 353 27.05 -14.84 6.77
N PHE I 354 26.65 -13.95 5.86
CA PHE I 354 25.79 -12.83 6.23
C PHE I 354 24.42 -13.28 6.71
N ALA I 355 23.92 -14.37 6.17
CA ALA I 355 22.65 -14.90 6.62
C ALA I 355 22.80 -15.76 7.86
N LEU I 356 24.00 -15.87 8.40
CA LEU I 356 24.26 -16.64 9.60
C LEU I 356 24.82 -15.78 10.72
N LEU I 357 25.31 -14.58 10.43
CA LEU I 357 25.51 -13.55 11.44
C LEU I 357 24.20 -12.86 11.78
N SER I 358 23.38 -12.57 10.78
CA SER I 358 22.13 -11.88 11.01
C SER I 358 21.08 -12.76 11.68
N SER I 359 21.34 -14.05 11.82
CA SER I 359 20.56 -14.91 12.69
C SER I 359 21.02 -14.86 14.13
N ALA I 360 22.20 -14.31 14.40
CA ALA I 360 22.71 -14.19 15.75
C ALA I 360 22.76 -12.76 16.26
N ARG I 361 22.60 -11.76 15.39
CA ARG I 361 22.29 -10.41 15.84
C ARG I 361 20.84 -10.25 16.23
N GLU I 362 19.99 -11.20 15.88
CA GLU I 362 18.57 -11.11 16.18
C GLU I 362 18.19 -11.92 17.40
N PHE I 363 18.85 -13.05 17.65
CA PHE I 363 18.60 -13.78 18.88
C PHE I 363 19.21 -13.05 20.07
N ILE I 364 20.33 -12.35 19.89
CA ILE I 364 20.98 -11.62 20.98
C ILE I 364 20.15 -10.42 21.40
N GLN I 365 19.19 -10.01 20.58
CA GLN I 365 18.31 -8.91 20.89
C GLN I 365 16.97 -9.39 21.45
N ARG I 366 16.72 -10.70 21.40
CA ARG I 366 15.43 -11.24 21.80
C ARG I 366 15.47 -11.96 23.13
N ILE I 367 16.62 -12.47 23.55
CA ILE I 367 16.76 -13.12 24.85
C ILE I 367 17.32 -12.13 25.85
N GLY I 368 18.13 -11.20 25.39
CA GLY I 368 18.81 -10.34 26.33
C GLY I 368 18.23 -8.96 26.41
N GLN I 369 17.95 -8.34 25.25
CA GLN I 369 17.67 -6.92 25.19
C GLN I 369 16.17 -6.65 25.17
N ASN I 370 15.44 -7.45 25.93
CA ASN I 370 14.07 -7.11 26.29
C ASN I 370 13.82 -5.96 27.29
N PRO I 371 14.74 -5.56 28.29
CA PRO I 371 14.22 -4.74 29.40
C PRO I 371 13.86 -3.31 29.03
N SER I 372 12.73 -3.19 28.31
CA SER I 372 12.15 -1.94 27.84
C SER I 372 13.07 -1.17 26.90
N VAL I 373 13.98 -1.84 26.20
CA VAL I 373 14.78 -1.21 25.14
C VAL I 373 14.66 -2.08 23.89
N LEU I 374 13.63 -1.83 23.10
CA LEU I 374 13.36 -2.61 21.90
C LEU I 374 13.12 -1.69 20.71
N ALA I 375 12.65 -0.48 21.00
CA ALA I 375 12.25 0.46 19.97
C ALA I 375 13.44 1.06 19.24
N ARG I 384 5.05 -1.32 21.95
CA ARG I 384 3.85 -0.52 21.74
C ARG I 384 3.61 0.43 22.89
N ALA I 385 2.48 1.14 22.83
CA ALA I 385 2.16 2.17 23.81
C ALA I 385 1.71 1.56 25.13
N GLN I 386 2.68 1.15 25.96
CA GLN I 386 2.47 0.65 27.33
C GLN I 386 1.56 -0.58 27.37
N LEU I 387 1.62 -1.42 26.34
CA LEU I 387 0.97 -2.72 26.36
C LEU I 387 1.90 -3.84 25.94
N ALA I 388 2.78 -3.61 24.96
CA ALA I 388 3.83 -4.55 24.62
C ALA I 388 5.06 -4.39 25.51
N ARG I 389 4.98 -3.58 26.56
CA ARG I 389 6.01 -3.51 27.60
C ARG I 389 5.44 -3.54 29.01
N GLN I 390 4.16 -3.20 29.22
CA GLN I 390 3.58 -3.24 30.55
C GLN I 390 3.08 -4.64 30.91
N GLN I 391 2.82 -5.48 29.92
CA GLN I 391 2.37 -6.83 30.23
C GLN I 391 3.18 -7.83 29.41
N ALA I 392 3.94 -7.36 28.44
CA ALA I 392 4.71 -8.24 27.56
C ALA I 392 6.21 -8.12 27.75
N GLY I 393 6.70 -7.00 28.25
CA GLY I 393 8.13 -6.84 28.42
C GLY I 393 8.58 -7.11 29.84
N MET I 394 7.76 -6.73 30.81
CA MET I 394 8.11 -6.85 32.22
C MET I 394 7.67 -8.17 32.82
N VAL I 395 7.20 -9.12 32.01
CA VAL I 395 6.90 -10.44 32.51
C VAL I 395 8.00 -11.43 32.14
N ASP I 396 8.91 -11.05 31.25
CA ASP I 396 10.08 -11.89 30.99
C ASP I 396 11.22 -11.56 31.93
N SER I 397 11.24 -10.35 32.47
CA SER I 397 12.15 -9.98 33.54
C SER I 397 11.48 -10.03 34.90
N ALA I 398 10.60 -10.99 35.14
CA ALA I 398 9.90 -11.05 36.43
C ALA I 398 10.68 -11.86 37.46
N MET I 399 11.11 -13.07 37.10
CA MET I 399 12.13 -13.74 37.89
C MET I 399 13.43 -12.96 37.83
N ALA I 400 14.20 -13.06 38.92
CA ALA I 400 15.49 -12.39 39.12
C ALA I 400 15.41 -10.87 39.01
N LEU I 401 14.22 -10.29 39.13
CA LEU I 401 14.07 -8.87 39.38
C LEU I 401 13.06 -8.74 40.50
N ASN I 402 12.17 -9.72 40.59
CA ASN I 402 11.41 -9.98 41.81
C ASN I 402 12.07 -11.08 42.62
N GLY I 403 13.38 -11.20 42.48
CA GLY I 403 14.20 -12.04 43.33
C GLY I 403 15.18 -11.15 44.06
N LEU I 404 15.54 -10.03 43.44
CA LEU I 404 16.42 -9.07 44.09
C LEU I 404 15.65 -8.17 45.05
N ARG I 405 14.37 -7.92 44.78
CA ARG I 405 13.51 -7.28 45.77
C ARG I 405 13.37 -8.15 47.01
N ARG I 406 13.41 -9.45 46.83
CA ARG I 406 13.27 -10.36 47.95
C ARG I 406 14.52 -10.38 48.82
N PHE I 407 15.69 -10.12 48.26
CA PHE I 407 16.89 -9.90 49.05
C PHE I 407 16.84 -8.58 49.78
N GLU I 408 16.33 -7.53 49.15
CA GLU I 408 16.42 -6.20 49.72
C GLU I 408 15.49 -6.06 50.92
N LEU I 409 14.31 -6.63 50.85
CA LEU I 409 13.41 -6.58 52.01
C LEU I 409 13.69 -7.69 53.00
N ALA I 410 14.69 -8.52 52.75
CA ALA I 410 15.15 -9.48 53.74
C ALA I 410 16.33 -8.94 54.52
N VAL I 411 16.77 -7.72 54.25
CA VAL I 411 17.83 -7.13 55.05
C VAL I 411 17.18 -6.17 56.03
N TYR I 412 16.12 -5.50 55.59
CA TYR I 412 15.34 -4.62 56.48
C TYR I 412 14.76 -5.40 57.63
N ARG I 413 14.32 -6.63 57.36
CA ARG I 413 13.91 -7.53 58.44
C ARG I 413 15.07 -7.84 59.35
N GLN I 414 16.25 -8.06 58.80
CA GLN I 414 17.43 -8.33 59.60
C GLN I 414 17.97 -7.07 60.28
N ALA I 415 17.47 -5.89 59.93
CA ALA I 415 17.92 -4.65 60.54
C ALA I 415 17.00 -4.17 61.64
N TRP I 416 15.77 -4.66 61.74
CA TRP I 416 14.95 -4.34 62.90
C TRP I 416 15.35 -5.16 64.11
N LEU I 417 15.95 -6.32 63.93
CA LEU I 417 16.45 -7.07 65.07
C LEU I 417 17.65 -6.43 65.73
N ARG I 418 18.38 -5.56 65.03
CA ARG I 418 19.57 -4.92 65.58
C ARG I 418 19.28 -3.57 66.18
N CYS I 419 18.30 -2.85 65.66
CA CYS I 419 17.84 -1.62 66.28
C CYS I 419 16.70 -1.85 67.24
N ARG I 420 16.63 -3.05 67.81
CA ARG I 420 15.72 -3.31 68.92
C ARG I 420 16.46 -3.66 70.19
N GLN I 421 17.38 -4.63 70.14
CA GLN I 421 18.07 -5.06 71.34
C GLN I 421 19.13 -4.09 71.83
N PHE I 422 19.47 -3.08 71.05
CA PHE I 422 20.51 -2.14 71.44
C PHE I 422 19.98 -0.74 71.77
N TRP I 423 18.88 -0.32 71.15
CA TRP I 423 18.31 0.98 71.45
C TRP I 423 17.47 0.91 72.72
N LYS I 424 17.89 1.63 73.74
CA LYS I 424 17.13 1.77 74.97
C LYS I 424 16.11 2.89 74.81
N ALA I 425 15.48 3.29 75.89
CA ALA I 425 14.39 4.27 75.85
C ALA I 425 14.75 5.68 75.39
N PRO I 426 15.88 6.32 75.75
CA PRO I 426 16.16 7.65 75.20
C PRO I 426 16.78 7.64 73.80
N ASP I 427 16.72 6.54 73.06
CA ASP I 427 17.18 6.53 71.69
C ASP I 427 16.05 6.54 70.68
N TYR I 428 14.88 6.04 71.07
CA TYR I 428 13.68 6.19 70.26
C TYR I 428 13.17 7.62 70.25
N ILE I 429 13.45 8.37 71.32
CA ILE I 429 12.93 9.74 71.42
C ILE I 429 13.77 10.68 70.57
N ARG I 430 15.05 10.37 70.35
CA ARG I 430 15.88 11.22 69.52
C ARG I 430 15.50 11.13 68.06
N VAL I 431 15.08 9.96 67.59
CA VAL I 431 14.81 9.76 66.18
C VAL I 431 13.42 10.25 65.81
N THR I 432 12.39 9.72 66.48
CA THR I 432 11.01 10.05 66.16
C THR I 432 10.58 11.40 66.73
N ASP I 433 11.31 11.92 67.70
CA ASP I 433 11.15 13.25 68.29
C ASP I 433 9.75 13.46 68.87
N ASP I 434 9.45 12.66 69.89
CA ASP I 434 8.19 12.76 70.63
C ASP I 434 8.35 12.06 71.97
N GLU I 435 8.27 12.82 73.06
CA GLU I 435 8.29 12.21 74.38
C GLU I 435 7.00 11.44 74.59
N GLY I 436 7.12 10.15 74.90
CA GLY I 436 6.00 9.25 74.89
C GLY I 436 5.97 8.29 73.72
N ALA I 437 7.05 8.22 72.96
CA ALA I 437 7.23 7.20 71.93
C ALA I 437 7.67 5.81 72.40
N PRO I 438 8.62 5.62 73.34
CA PRO I 438 9.01 4.25 73.67
C PRO I 438 7.99 3.46 74.46
N GLN I 439 6.87 4.06 74.88
CA GLN I 439 5.82 3.29 75.54
C GLN I 439 5.05 2.40 74.58
N PHE I 440 5.23 2.58 73.27
CA PHE I 440 4.49 1.83 72.27
C PHE I 440 5.25 0.63 71.73
N VAL I 441 6.46 0.35 72.22
CA VAL I 441 7.30 -0.71 71.69
C VAL I 441 7.80 -1.62 72.80
N GLY I 442 7.02 -1.73 73.86
CA GLY I 442 7.31 -2.71 74.89
C GLY I 442 8.37 -2.31 75.89
N ILE I 443 8.36 -1.06 76.34
CA ILE I 443 9.13 -0.66 77.50
C ILE I 443 8.34 0.43 78.20
N ASN I 444 8.52 0.51 79.53
CA ASN I 444 7.72 1.33 80.45
C ASN I 444 6.22 1.09 80.33
N ALA I 464 21.63 17.50 77.31
CA ALA I 464 22.02 16.38 78.16
C ALA I 464 23.23 15.66 77.57
N GLU I 465 23.33 14.35 77.81
CA GLU I 465 24.43 13.58 77.25
C GLU I 465 24.22 13.35 75.75
N PRO I 466 25.29 13.12 74.99
CA PRO I 466 25.13 12.53 73.66
C PRO I 466 24.56 11.13 73.77
N ILE I 467 23.46 10.91 73.06
CA ILE I 467 22.68 9.68 73.18
C ILE I 467 22.90 8.75 72.00
N LEU I 468 22.94 9.28 70.77
CA LEU I 468 23.44 8.51 69.64
C LEU I 468 24.69 9.10 69.06
N GLY I 469 25.59 9.61 69.91
CA GLY I 469 26.75 10.31 69.41
C GLY I 469 26.45 11.61 68.69
N TYR I 470 25.35 12.27 69.03
CA TYR I 470 24.95 13.51 68.39
C TYR I 470 25.09 14.62 69.41
N GLU I 471 26.13 15.43 69.26
CA GLU I 471 26.54 16.38 70.27
C GLU I 471 25.72 17.67 70.27
N ASN I 472 24.86 17.89 69.27
CA ASN I 472 23.98 19.05 69.27
C ASN I 472 22.54 18.74 69.64
N ALA I 473 22.02 17.61 69.16
CA ALA I 473 20.63 17.16 69.34
C ALA I 473 19.61 18.15 68.79
N LEU I 474 19.99 19.01 67.86
CA LEU I 474 19.02 19.92 67.25
C LEU I 474 18.97 19.82 65.73
N ALA I 475 20.12 19.84 65.04
CA ALA I 475 20.12 19.75 63.58
C ALA I 475 21.41 19.07 63.12
N GLU I 476 21.32 17.82 62.73
CA GLU I 476 22.44 17.05 62.25
C GLU I 476 22.10 16.45 60.90
N LEU I 477 23.11 15.91 60.21
CA LEU I 477 22.94 15.48 58.82
C LEU I 477 22.11 14.24 58.67
N ASP I 478 22.44 13.20 59.41
CA ASP I 478 21.78 11.90 59.38
C ASP I 478 20.31 11.98 59.70
N VAL I 479 19.97 12.48 60.89
CA VAL I 479 18.61 12.37 61.38
C VAL I 479 17.67 13.23 60.55
N ASP I 480 17.85 14.54 60.61
CA ASP I 480 16.74 15.43 60.36
C ASP I 480 17.11 16.54 59.39
N ILE I 481 17.94 16.25 58.40
CA ILE I 481 18.15 17.18 57.30
C ILE I 481 17.90 16.50 55.96
N ASN I 482 18.67 15.45 55.64
CA ASN I 482 18.48 14.61 54.45
C ASN I 482 18.54 15.41 53.14
N ILE I 483 19.75 15.85 52.81
CA ILE I 483 19.99 16.63 51.58
C ILE I 483 19.60 15.83 50.35
N ASP I 484 18.81 16.45 49.47
CA ASP I 484 18.33 15.81 48.25
C ASP I 484 18.12 16.89 47.21
N ALA I 485 18.16 16.50 45.94
CA ALA I 485 17.99 17.45 44.84
C ALA I 485 16.50 17.65 44.53
N VAL I 486 16.22 18.64 43.69
CA VAL I 486 14.85 19.02 43.35
C VAL I 486 14.97 19.83 42.07
N PRO I 487 13.93 19.99 41.24
CA PRO I 487 14.07 20.82 40.03
C PRO I 487 14.27 22.29 40.35
N ASP I 488 14.70 23.01 39.31
CA ASP I 488 15.27 24.34 39.43
C ASP I 488 14.20 25.41 39.54
N THR I 489 14.53 26.49 40.25
CA THR I 489 13.70 27.69 40.33
C THR I 489 14.63 28.90 40.26
N ALA I 490 14.12 30.07 40.62
CA ALA I 490 14.92 31.28 40.67
C ALA I 490 15.20 31.72 42.09
N ASN I 491 14.18 31.74 42.94
CA ASN I 491 14.35 31.98 44.36
C ASN I 491 13.38 31.07 45.11
N LEU I 492 13.53 31.02 46.43
CA LEU I 492 12.72 30.10 47.23
C LEU I 492 11.28 30.58 47.35
N ALA I 493 11.01 31.84 47.07
CA ALA I 493 9.62 32.30 47.07
C ALA I 493 8.86 31.75 45.87
N GLN I 494 9.53 31.54 44.75
CA GLN I 494 8.84 31.03 43.57
C GLN I 494 8.52 29.54 43.70
N GLU I 495 9.42 28.77 44.32
CA GLU I 495 9.12 27.38 44.62
C GLU I 495 8.01 27.27 45.65
N GLN I 496 7.91 28.24 46.55
CA GLN I 496 6.80 28.29 47.49
C GLN I 496 5.50 28.65 46.79
N PHE I 497 5.58 29.34 45.67
CA PHE I 497 4.41 29.77 44.92
C PHE I 497 3.79 28.64 44.11
N LEU I 498 4.59 27.64 43.73
CA LEU I 498 4.09 26.62 42.81
C LEU I 498 3.21 25.61 43.53
N GLN I 499 3.58 25.20 44.74
CA GLN I 499 2.76 24.29 45.54
C GLN I 499 1.76 25.02 46.43
N LEU I 500 1.36 26.22 46.04
CA LEU I 500 0.23 26.90 46.65
C LEU I 500 -0.91 27.08 45.66
N THR I 501 -0.61 27.55 44.45
CA THR I 501 -1.62 27.66 43.40
C THR I 501 -2.10 26.31 42.90
N GLU I 502 -1.25 25.29 42.97
CA GLU I 502 -1.72 23.92 42.75
C GLU I 502 -2.69 23.49 43.84
N LEU I 503 -2.44 23.91 45.07
CA LEU I 503 -3.31 23.59 46.18
C LEU I 503 -4.50 24.54 46.26
N ALA I 504 -4.33 25.80 45.83
CA ALA I 504 -5.45 26.74 45.83
C ALA I 504 -6.45 26.44 44.74
N ARG I 505 -6.05 25.73 43.69
CA ARG I 505 -6.94 25.48 42.56
C ARG I 505 -8.02 24.47 42.94
N LEU I 506 -7.70 23.54 43.83
CA LEU I 506 -8.69 22.57 44.26
C LEU I 506 -9.73 23.19 45.18
N TYR I 507 -9.30 24.07 46.08
CA TYR I 507 -10.25 24.74 46.98
C TYR I 507 -10.92 25.92 46.29
N GLY I 508 -10.13 26.91 45.89
CA GLY I 508 -10.66 28.02 45.14
C GLY I 508 -10.31 29.37 45.73
N PRO I 509 -10.97 30.42 45.25
CA PRO I 509 -10.63 31.78 45.71
C PRO I 509 -11.27 32.16 47.02
N GLN I 510 -11.75 31.19 47.80
CA GLN I 510 -12.37 31.50 49.07
C GLN I 510 -11.36 31.66 50.19
N GLU I 511 -10.39 30.76 50.30
CA GLU I 511 -9.45 30.77 51.42
C GLU I 511 -8.00 30.96 51.00
N VAL I 512 -7.73 31.25 49.74
CA VAL I 512 -6.39 31.69 49.33
C VAL I 512 -6.56 33.06 48.67
N PRO I 513 -6.51 34.15 49.42
CA PRO I 513 -6.80 35.47 48.86
C PRO I 513 -5.57 36.18 48.33
N PHE I 514 -5.73 37.43 47.89
CA PHE I 514 -4.60 38.31 47.64
C PHE I 514 -3.82 38.59 48.93
N ASP I 515 -2.60 39.11 48.74
CA ASP I 515 -1.52 39.35 49.71
C ASP I 515 -0.91 38.03 50.20
N ASP I 516 -1.42 36.89 49.74
CA ASP I 516 -0.90 35.59 50.07
C ASP I 516 -0.54 34.80 48.82
N LEU I 517 -1.02 35.24 47.67
CA LEU I 517 -0.67 34.65 46.38
C LEU I 517 -0.11 35.66 45.39
N LEU I 518 -0.35 36.95 45.60
CA LEU I 518 0.30 38.00 44.84
C LEU I 518 1.64 38.40 45.45
N GLU I 519 1.79 38.25 46.76
CA GLU I 519 3.00 38.71 47.43
C GLU I 519 4.18 37.80 47.11
N LEU I 520 4.00 36.49 47.25
CA LEU I 520 5.10 35.58 46.95
C LEU I 520 5.06 35.09 45.49
N SER I 521 4.92 36.04 44.58
CA SER I 521 4.81 35.75 43.15
C SER I 521 6.15 36.02 42.49
N SER I 522 6.16 36.01 41.16
CA SER I 522 7.37 36.27 40.38
C SER I 522 7.13 37.40 39.38
N MET I 523 6.54 38.49 39.85
CA MET I 523 6.12 39.77 39.30
C MET I 523 7.20 40.82 39.56
N PRO I 524 7.56 41.65 38.56
CA PRO I 524 8.67 42.60 38.74
C PRO I 524 8.43 43.69 39.78
N GLU I 525 7.42 44.51 39.56
CA GLU I 525 7.12 45.63 40.45
C GLU I 525 5.83 45.30 41.18
N LYS I 526 5.97 44.91 42.44
CA LYS I 526 4.81 44.63 43.27
C LYS I 526 4.77 45.41 44.56
N THR I 527 5.91 45.87 45.05
CA THR I 527 5.92 46.72 46.25
C THR I 527 5.30 48.08 45.95
N LYS I 528 5.46 48.57 44.72
CA LYS I 528 4.78 49.77 44.27
C LYS I 528 3.40 49.47 43.70
N LEU I 529 2.89 48.26 43.90
CA LEU I 529 1.52 47.91 43.58
C LEU I 529 0.74 47.32 44.74
N ILE I 530 1.42 46.71 45.71
CA ILE I 530 0.69 46.14 46.83
C ILE I 530 0.28 47.21 47.82
N ALA I 531 0.89 48.39 47.77
CA ALA I 531 0.56 49.47 48.68
C ALA I 531 -0.45 50.46 48.09
N LYS I 532 -0.72 50.38 46.80
CA LYS I 532 -1.79 51.16 46.19
C LYS I 532 -3.10 50.37 46.15
N ARG I 533 -3.09 49.11 46.57
CA ARG I 533 -4.30 48.34 46.76
C ARG I 533 -4.63 48.09 48.22
N ARG I 534 -3.64 48.11 49.11
CA ARG I 534 -3.90 48.01 50.53
C ARG I 534 -4.56 49.28 51.05
N GLU I 535 -4.31 50.42 50.41
CA GLU I 535 -4.89 51.67 50.87
C GLU I 535 -6.37 51.76 50.52
N ARG I 536 -6.79 51.11 49.44
CA ARG I 536 -8.20 51.14 49.06
C ARG I 536 -9.07 50.27 49.96
N SER I 537 -8.49 49.26 50.60
CA SER I 537 -9.21 48.47 51.59
C SER I 537 -9.03 49.02 52.99
N GLU I 538 -8.63 50.28 53.11
CA GLU I 538 -8.48 50.96 54.38
C GLU I 538 -9.22 52.28 54.41
N GLN I 539 -9.28 53.01 53.29
CA GLN I 539 -10.17 54.15 53.21
C GLN I 539 -11.61 53.75 52.92
N MET I 540 -11.85 52.49 52.56
CA MET I 540 -13.20 51.97 52.46
C MET I 540 -13.67 51.37 53.78
N ALA I 541 -12.75 50.82 54.58
CA ALA I 541 -13.11 50.31 55.89
C ALA I 541 -13.46 51.42 56.87
N GLN I 542 -13.01 52.66 56.60
CA GLN I 542 -13.46 53.79 57.39
C GLN I 542 -14.86 54.25 57.01
N VAL I 543 -15.34 53.87 55.83
CA VAL I 543 -16.75 54.09 55.52
C VAL I 543 -17.61 53.04 56.21
N GLN I 544 -17.25 51.76 56.10
CA GLN I 544 -18.04 50.69 56.67
C GLN I 544 -17.87 50.54 58.19
N ALA I 545 -17.16 51.44 58.86
CA ALA I 545 -17.17 51.53 60.30
C ALA I 545 -17.90 52.76 60.82
N GLN I 546 -17.71 53.92 60.19
CA GLN I 546 -18.42 55.12 60.61
C GLN I 546 -19.87 55.10 60.16
N GLN I 547 -20.23 54.24 59.21
CA GLN I 547 -21.63 53.98 58.88
C GLN I 547 -22.21 52.82 59.67
N GLY I 548 -21.37 52.06 60.37
CA GLY I 548 -21.84 50.94 61.16
C GLY I 548 -21.94 51.27 62.62
N GLN I 549 -21.10 52.20 63.09
CA GLN I 549 -21.16 52.66 64.47
C GLN I 549 -22.22 53.72 64.71
N MET I 550 -22.99 54.11 63.69
CA MET I 550 -24.23 54.85 63.89
C MET I 550 -25.43 54.05 63.41
N GLN I 551 -25.29 52.73 63.34
CA GLN I 551 -26.41 51.80 63.25
C GLN I 551 -26.46 50.86 64.43
N GLU I 552 -25.30 50.35 64.83
CA GLU I 552 -25.20 49.37 65.90
C GLU I 552 -25.28 49.99 67.29
N GLN I 553 -25.39 51.32 67.38
CA GLN I 553 -25.72 52.00 68.63
C GLN I 553 -27.14 52.54 68.63
N ILE I 554 -27.80 52.54 67.47
CA ILE I 554 -29.17 53.00 67.37
C ILE I 554 -30.15 51.85 67.17
N ALA I 555 -29.73 50.74 66.60
CA ALA I 555 -30.59 49.57 66.56
C ALA I 555 -30.57 48.76 67.86
N MET I 556 -29.77 49.15 68.85
CA MET I 556 -29.76 48.50 70.16
C MET I 556 -29.25 49.49 71.19
N GLN I 557 -29.69 49.26 72.44
CA GLN I 557 -29.49 50.10 73.64
C GLN I 557 -30.16 51.47 73.53
N GLY I 558 -30.87 51.71 72.43
CA GLY I 558 -31.72 52.85 72.19
C GLY I 558 -32.65 52.32 71.13
N ALA I 559 -33.96 52.58 71.27
CA ALA I 559 -35.04 52.11 70.40
C ALA I 559 -35.21 50.59 70.39
N MET I 560 -34.40 49.86 71.16
CA MET I 560 -34.53 48.41 71.29
C MET I 560 -34.37 47.93 72.72
N ALA I 561 -33.71 48.71 73.59
CA ALA I 561 -33.80 48.50 75.03
C ALA I 561 -35.04 49.17 75.60
N GLU I 562 -35.66 50.08 74.85
CA GLU I 562 -36.92 50.69 75.27
C GLU I 562 -38.12 49.80 75.00
N ILE I 563 -37.94 48.66 74.36
CA ILE I 563 -38.98 47.64 74.36
C ILE I 563 -38.95 46.88 75.67
N GLU I 564 -37.90 47.06 76.49
CA GLU I 564 -37.89 46.64 77.87
C GLU I 564 -38.33 47.76 78.81
N ASN I 565 -38.87 48.83 78.26
CA ASN I 565 -39.36 49.95 79.06
C ASN I 565 -40.81 50.29 78.75
N THR I 566 -41.42 49.62 77.77
CA THR I 566 -42.82 49.80 77.48
C THR I 566 -43.56 48.47 77.43
N GLN I 567 -42.84 47.37 77.58
CA GLN I 567 -43.41 46.02 77.62
C GLN I 567 -43.04 45.29 78.89
N ALA I 568 -41.92 45.68 79.53
CA ALA I 568 -41.65 45.29 80.91
C ALA I 568 -42.28 46.25 81.90
N ASP I 569 -42.68 47.43 81.45
CA ASP I 569 -43.25 48.45 82.33
C ASP I 569 -44.77 48.45 82.33
N THR I 570 -45.41 48.12 81.20
CA THR I 570 -46.85 47.88 81.23
C THR I 570 -47.20 46.57 81.91
N ALA I 571 -46.21 45.73 82.21
CA ALA I 571 -46.37 44.60 83.11
C ALA I 571 -46.87 44.99 84.48
N TYR I 572 -46.54 46.20 84.96
CA TYR I 572 -47.06 46.65 86.25
C TYR I 572 -48.42 47.32 86.12
N LEU I 573 -48.87 47.64 84.90
CA LEU I 573 -50.22 48.18 84.77
C LEU I 573 -51.26 47.08 84.85
N ALA I 574 -51.08 46.02 84.05
CA ALA I 574 -51.97 44.87 84.10
C ALA I 574 -51.89 44.14 85.43
N ALA I 575 -50.80 44.31 86.18
CA ALA I 575 -50.71 43.73 87.52
C ALA I 575 -51.42 44.57 88.57
N ARG I 576 -51.36 45.90 88.45
CA ARG I 576 -51.99 46.75 89.45
C ARG I 576 -53.50 46.75 89.30
N ALA I 577 -54.02 46.55 88.08
CA ALA I 577 -55.46 46.46 87.88
C ALA I 577 -56.02 45.14 88.39
N GLN I 578 -55.17 44.22 88.84
CA GLN I 578 -55.59 43.05 89.56
C GLN I 578 -55.78 43.32 91.04
N ASN I 579 -54.86 44.07 91.65
CA ASN I 579 -54.95 44.43 93.05
C ASN I 579 -56.06 45.42 93.31
N GLU I 580 -56.38 46.25 92.32
CA GLU I 580 -57.49 47.18 92.39
C GLU I 580 -58.74 46.51 91.81
N MET I 581 -58.63 45.21 91.54
CA MET I 581 -59.81 44.39 91.31
C MET I 581 -60.07 43.46 92.48
N LEU I 582 -59.09 43.30 93.37
CA LEU I 582 -59.27 42.66 94.66
C LEU I 582 -60.12 43.50 95.60
N LYS I 583 -60.20 44.81 95.38
CA LYS I 583 -60.99 45.67 96.24
C LYS I 583 -62.51 45.63 95.99
N PRO I 584 -63.06 45.76 94.72
CA PRO I 584 -64.53 45.90 94.62
C PRO I 584 -65.34 44.63 94.80
N GLN I 585 -64.73 43.54 95.28
CA GLN I 585 -65.53 42.39 95.71
C GLN I 585 -65.65 42.32 97.22
N ILE I 586 -64.52 42.24 97.93
CA ILE I 586 -64.52 42.11 99.38
C ILE I 586 -63.84 43.34 99.97
N GLU I 587 -64.34 43.74 101.16
CA GLU I 587 -63.98 45.00 101.83
C GLU I 587 -64.28 46.19 100.92
N ALA I 588 -65.45 46.16 100.29
CA ALA I 588 -65.97 47.27 99.51
C ALA I 588 -67.36 47.69 99.97
N PHE I 589 -68.23 46.73 100.30
CA PHE I 589 -69.59 47.02 100.76
C PHE I 589 -69.96 45.96 101.78
N LYS I 590 -70.12 46.37 103.04
CA LYS I 590 -70.51 45.46 104.11
C LYS I 590 -71.27 46.18 105.21
N THR J 4 52.61 6.07 69.93
CA THR J 4 52.34 6.82 68.71
C THR J 4 53.63 7.17 67.98
N MET J 5 53.49 7.83 66.83
CA MET J 5 54.65 8.18 66.02
C MET J 5 54.61 9.64 65.59
N THR J 6 55.49 10.00 64.66
CA THR J 6 55.67 11.36 64.19
C THR J 6 55.05 11.51 62.81
N MET J 7 55.23 12.67 62.23
CA MET J 7 54.67 12.94 60.92
C MET J 7 55.62 12.51 59.81
N PRO J 8 55.09 12.09 58.65
CA PRO J 8 55.96 11.60 57.59
C PRO J 8 56.79 12.71 56.97
N SER J 9 58.03 12.39 56.62
CA SER J 9 59.02 13.40 56.28
C SER J 9 59.69 13.09 54.95
N HIS J 10 59.03 13.46 53.86
CA HIS J 10 59.60 13.74 52.54
C HIS J 10 60.27 12.53 51.87
N ALA J 11 60.37 11.41 52.52
CA ALA J 11 60.85 10.22 51.84
C ALA J 11 59.73 9.21 51.65
N GLN J 12 58.90 9.01 52.66
CA GLN J 12 57.66 8.29 52.49
C GLN J 12 56.50 9.20 52.11
N LEU J 13 56.78 10.37 51.58
CA LEU J 13 55.79 11.11 50.81
C LEU J 13 56.06 11.08 49.32
N LYS J 14 57.32 11.12 48.89
CA LYS J 14 57.60 10.83 47.49
C LYS J 14 57.34 9.37 47.17
N ALA J 15 57.49 8.48 48.14
CA ALA J 15 57.21 7.08 47.93
C ALA J 15 55.71 6.78 47.85
N TYR J 16 54.87 7.73 48.22
CA TYR J 16 53.45 7.57 47.95
C TYR J 16 53.07 8.09 46.58
N PHE J 17 53.66 9.21 46.17
CA PHE J 17 53.36 9.76 44.86
C PHE J 17 53.88 8.87 43.74
N GLU J 18 54.98 8.17 43.99
CA GLU J 18 55.63 7.37 42.97
C GLU J 18 55.03 5.98 42.86
N GLU J 19 54.39 5.48 43.92
CA GLU J 19 53.58 4.28 43.76
C GLU J 19 52.31 4.56 42.97
N ALA J 20 51.77 5.77 43.10
CA ALA J 20 50.59 6.18 42.34
C ALA J 20 50.95 6.78 40.98
N ARG J 21 52.15 6.56 40.49
CA ARG J 21 52.51 6.93 39.13
C ARG J 21 53.10 5.70 38.44
N ASP J 22 53.74 4.83 39.22
CA ASP J 22 54.23 3.57 38.67
C ASP J 22 53.07 2.66 38.32
N ALA J 23 52.13 2.49 39.26
CA ALA J 23 50.84 1.93 38.92
C ALA J 23 49.94 3.01 38.36
N ASN J 24 48.67 2.65 38.11
CA ASN J 24 47.58 3.38 37.46
C ASN J 24 48.04 4.27 36.31
N GLU J 25 48.98 3.79 35.51
CA GLU J 25 49.42 4.46 34.31
C GLU J 25 48.92 3.71 33.09
N GLU J 26 48.36 2.52 33.29
CA GLU J 26 47.83 1.73 32.19
C GLU J 26 46.54 2.33 31.64
N TYR J 27 45.69 2.88 32.51
CA TYR J 27 44.48 3.51 32.01
C TYR J 27 44.64 5.00 31.84
N ARG J 28 45.52 5.60 32.61
CA ARG J 28 45.69 7.05 32.56
C ARG J 28 46.37 7.47 31.27
N LYS J 29 47.21 6.61 30.71
CA LYS J 29 47.71 6.78 29.35
C LYS J 29 46.72 6.28 28.32
N GLU J 30 45.68 5.58 28.74
CA GLU J 30 44.64 5.10 27.84
C GLU J 30 43.45 6.04 27.81
N ALA J 31 43.19 6.75 28.91
CA ALA J 31 42.10 7.72 28.91
C ALA J 31 42.42 8.95 28.09
N PHE J 32 43.69 9.28 27.93
CA PHE J 32 44.07 10.36 27.03
C PHE J 32 43.96 9.97 25.57
N ILE J 33 44.03 8.68 25.26
CA ILE J 33 43.68 8.25 23.91
C ILE J 33 42.21 8.46 23.67
N ASP J 34 41.37 8.19 24.67
CA ASP J 34 39.92 8.39 24.54
C ASP J 34 39.56 9.85 24.42
N ARG J 35 40.41 10.75 24.94
CA ARG J 35 40.14 12.17 24.86
C ARG J 35 40.30 12.68 23.44
N ASP J 36 41.48 12.47 22.85
CA ASP J 36 41.75 12.97 21.51
C ASP J 36 41.26 11.99 20.45
N TYR J 37 40.28 11.20 20.81
CA TYR J 37 39.57 10.33 19.91
C TYR J 37 38.19 10.86 19.61
N PHE J 38 37.68 11.81 20.39
CA PHE J 38 36.38 12.33 20.07
C PHE J 38 36.47 13.74 19.49
N ASP J 39 37.62 14.39 19.58
CA ASP J 39 37.85 15.62 18.85
C ASP J 39 38.95 15.41 17.83
N GLY J 40 38.56 14.85 16.68
CA GLY J 40 39.49 14.51 15.63
C GLY J 40 40.47 13.44 16.07
N HIS J 41 41.55 13.36 15.28
CA HIS J 41 42.76 12.61 15.58
C HIS J 41 42.48 11.11 15.76
N GLN J 42 41.72 10.57 14.82
CA GLN J 42 41.39 9.15 14.85
C GLN J 42 42.33 8.33 13.98
N TRP J 43 43.48 8.87 13.61
CA TRP J 43 44.46 8.18 12.80
C TRP J 43 45.80 8.20 13.50
N THR J 44 46.47 7.06 13.54
CA THR J 44 47.79 7.00 14.15
C THR J 44 48.83 7.61 13.22
N GLU J 45 50.02 7.84 13.76
CA GLU J 45 51.06 8.50 12.97
C GLU J 45 51.73 7.58 11.96
N GLU J 46 51.49 6.27 12.03
CA GLU J 46 51.98 5.36 11.02
C GLU J 46 50.98 5.17 9.89
N GLU J 47 49.69 5.18 10.21
CA GLU J 47 48.67 5.09 9.17
C GLU J 47 48.53 6.40 8.40
N LEU J 48 48.77 7.52 9.06
CA LEU J 48 48.63 8.82 8.42
C LEU J 48 49.78 9.10 7.47
N GLN J 49 50.93 8.48 7.70
CA GLN J 49 52.07 8.63 6.80
C GLN J 49 51.86 7.84 5.52
N LYS J 50 51.25 6.67 5.62
CA LYS J 50 51.11 5.80 4.45
C LYS J 50 50.00 6.24 3.52
N LEU J 51 48.96 6.90 4.04
CA LEU J 51 47.92 7.45 3.16
C LEU J 51 48.44 8.56 2.28
N GLU J 52 49.43 9.32 2.75
CA GLU J 52 50.02 10.38 1.95
C GLU J 52 50.92 9.85 0.86
N ALA J 53 51.40 8.62 0.99
CA ALA J 53 52.20 8.01 -0.07
C ALA J 53 51.33 7.47 -1.19
N ARG J 54 50.05 7.27 -0.96
CA ARG J 54 49.13 6.97 -2.03
C ARG J 54 48.48 8.21 -2.59
N LYS J 55 48.90 9.39 -2.10
CA LYS J 55 48.31 10.70 -2.41
C LYS J 55 46.82 10.75 -2.08
N GLN J 56 46.40 10.06 -1.01
CA GLN J 56 45.01 9.93 -0.63
C GLN J 56 44.68 10.87 0.52
N PRO J 57 43.53 11.52 0.52
CA PRO J 57 43.13 12.28 1.71
C PRO J 57 42.79 11.34 2.85
N ALA J 58 42.92 11.87 4.06
CA ALA J 58 42.72 11.10 5.29
C ALA J 58 41.38 11.51 5.88
N THR J 59 40.31 10.89 5.42
CA THR J 59 38.98 11.26 5.85
C THR J 59 38.57 10.48 7.08
N TYR J 60 37.80 11.13 7.95
CA TYR J 60 37.21 10.50 9.12
C TYR J 60 35.80 11.02 9.33
N PHE J 61 34.96 10.18 9.91
CA PHE J 61 33.56 10.49 10.15
C PHE J 61 33.34 10.45 11.65
N ASN J 62 33.46 11.61 12.29
CA ASN J 62 33.55 11.69 13.75
C ASN J 62 32.16 11.45 14.34
N GLU J 63 31.79 10.18 14.41
CA GLU J 63 30.46 9.77 14.85
C GLU J 63 30.46 9.40 16.33
N VAL J 64 31.49 9.80 17.06
CA VAL J 64 31.57 9.57 18.49
C VAL J 64 31.49 10.87 19.28
N LYS J 65 31.50 12.01 18.60
CA LYS J 65 31.13 13.25 19.24
C LYS J 65 29.61 13.39 19.32
N LEU J 66 28.89 12.85 18.34
CA LEU J 66 27.44 12.88 18.34
C LEU J 66 26.84 12.11 19.52
N SER J 67 27.45 11.01 19.90
CA SER J 67 26.93 10.20 20.98
C SER J 67 27.22 10.77 22.36
N ILE J 68 28.05 11.79 22.46
CA ILE J 68 28.42 12.36 23.75
C ILE J 68 27.78 13.73 23.88
N ARG J 69 27.69 14.45 22.77
CA ARG J 69 27.17 15.80 22.78
C ARG J 69 25.68 15.84 23.08
N GLY J 70 24.96 14.80 22.72
CA GLY J 70 23.57 14.72 23.06
C GLY J 70 23.29 14.02 24.35
N LEU J 71 24.32 13.47 24.98
CA LEU J 71 24.18 12.75 26.23
C LEU J 71 24.60 13.59 27.42
N VAL J 72 25.49 14.55 27.20
CA VAL J 72 25.74 15.59 28.19
C VAL J 72 24.56 16.55 28.21
N GLY J 73 23.96 16.82 27.06
CA GLY J 73 22.87 17.75 26.94
C GLY J 73 21.57 17.31 27.60
N VAL J 74 21.46 16.05 27.98
CA VAL J 74 20.36 15.60 28.81
C VAL J 74 20.61 15.92 30.27
N PHE J 75 21.82 15.66 30.74
CA PHE J 75 22.21 16.03 32.10
C PHE J 75 22.22 17.52 32.30
N GLU J 76 22.67 18.26 31.28
CA GLU J 76 22.87 19.70 31.41
C GLU J 76 21.55 20.45 31.47
N GLN J 77 20.49 19.90 30.89
CA GLN J 77 19.19 20.57 30.96
C GLN J 77 18.48 20.30 32.27
N GLY J 78 18.53 19.07 32.75
CA GLY J 78 17.82 18.73 33.97
C GLY J 78 18.61 19.02 35.21
N ASP J 79 19.04 20.27 35.39
CA ASP J 79 19.87 20.66 36.52
C ASP J 79 19.05 20.72 37.80
N SER J 80 19.73 21.00 38.90
CA SER J 80 19.09 20.90 40.20
C SER J 80 19.74 21.86 41.17
N ASP J 81 18.92 22.50 41.93
CA ASP J 81 19.28 23.24 43.12
C ASP J 81 18.99 22.39 44.36
N PRO J 82 19.79 22.50 45.41
CA PRO J 82 19.66 21.57 46.54
C PRO J 82 18.44 21.89 47.39
N ARG J 83 18.19 21.02 48.37
CA ARG J 83 16.96 21.01 49.14
C ARG J 83 17.13 20.07 50.32
N ALA J 84 16.62 20.47 51.49
CA ALA J 84 16.69 19.62 52.67
C ALA J 84 15.29 19.24 53.10
N TRP J 85 15.09 17.97 53.46
CA TRP J 85 13.78 17.46 53.82
C TRP J 85 13.72 17.13 55.30
N PRO J 86 12.96 17.86 56.12
CA PRO J 86 12.88 17.52 57.54
C PRO J 86 12.19 16.18 57.74
N ARG J 87 12.80 15.30 58.53
CA ARG J 87 12.34 13.92 58.49
C ARG J 87 11.04 13.72 59.28
N ASN J 88 10.74 14.58 60.24
CA ASN J 88 9.51 14.45 60.99
C ASN J 88 9.09 15.82 61.50
N PRO J 89 7.89 16.29 61.15
CA PRO J 89 7.56 17.69 61.44
C PRO J 89 7.21 17.95 62.88
N GLN J 90 8.09 17.59 63.80
CA GLN J 90 8.02 18.02 65.19
C GLN J 90 9.30 18.78 65.43
N ASP J 91 9.23 20.09 65.18
CA ASP J 91 10.33 21.04 65.33
C ASP J 91 11.52 20.64 64.47
N GLU J 92 11.26 20.09 63.28
CA GLU J 92 12.34 19.89 62.32
C GLU J 92 12.16 20.69 61.05
N ASP J 93 10.96 21.20 60.78
CA ASP J 93 10.80 22.11 59.66
C ASP J 93 11.32 23.50 60.00
N SER J 94 11.34 23.84 61.29
CA SER J 94 11.91 25.11 61.71
C SER J 94 13.42 25.12 61.49
N ALA J 95 14.06 23.96 61.55
CA ALA J 95 15.48 23.80 61.29
C ALA J 95 15.77 23.50 59.84
N ASP J 96 14.95 24.00 58.94
CA ASP J 96 15.15 23.85 57.50
C ASP J 96 15.49 25.22 56.89
N ILE J 97 16.23 26.02 57.66
CA ILE J 97 16.95 27.18 57.18
C ILE J 97 18.13 26.74 56.31
N ALA J 98 18.56 25.49 56.46
CA ALA J 98 19.71 24.95 55.75
C ALA J 98 19.54 25.01 54.24
N THR J 99 18.33 24.75 53.74
CA THR J 99 18.12 24.88 52.29
C THR J 99 18.07 26.31 51.81
N LYS J 100 18.05 27.29 52.71
CA LYS J 100 18.09 28.70 52.34
C LYS J 100 19.50 29.24 52.36
N ALA J 101 20.44 28.51 52.97
CA ALA J 101 21.84 28.91 53.03
C ALA J 101 22.76 27.85 52.44
N LEU J 102 22.23 26.77 51.89
CA LEU J 102 23.05 25.83 51.15
C LEU J 102 22.94 26.06 49.64
N ARG J 103 21.88 26.72 49.20
CA ARG J 103 21.83 27.28 47.86
C ARG J 103 22.38 28.68 47.81
N TYR J 104 23.04 29.12 48.88
CA TYR J 104 23.91 30.27 48.84
C TYR J 104 25.26 29.92 48.24
N VAL J 105 25.81 28.76 48.60
CA VAL J 105 27.14 28.38 48.11
C VAL J 105 27.08 27.79 46.72
N LYS J 106 25.92 27.36 46.26
CA LYS J 106 25.76 26.93 44.88
C LYS J 106 25.66 28.11 43.94
N ASP J 107 25.44 29.31 44.47
CA ASP J 107 25.41 30.52 43.68
C ASP J 107 26.64 31.39 43.83
N TYR J 108 27.36 31.28 44.94
CA TYR J 108 28.60 32.02 45.09
C TYR J 108 29.70 31.46 44.20
N SER J 109 29.81 30.15 44.15
CA SER J 109 30.92 29.48 43.51
C SER J 109 30.68 29.20 42.03
N GLU J 110 29.53 29.60 41.50
CA GLU J 110 29.08 29.30 40.13
C GLU J 110 29.11 27.80 39.86
N TRP J 111 28.29 27.08 40.60
CA TRP J 111 28.14 25.67 40.31
C TRP J 111 27.15 25.42 39.19
N SER J 112 26.47 26.46 38.71
CA SER J 112 25.48 26.27 37.66
C SER J 112 26.12 25.97 36.31
N ASP J 113 27.37 26.36 36.11
CA ASP J 113 28.05 26.08 34.85
C ASP J 113 29.24 25.14 35.00
N GLU J 114 29.78 25.01 36.19
CA GLU J 114 30.88 24.10 36.42
C GLU J 114 30.41 22.70 36.75
N ARG J 115 29.10 22.47 36.78
CA ARG J 115 28.58 21.12 36.82
C ARG J 115 28.56 20.49 35.44
N SER J 116 28.61 21.29 34.39
CA SER J 116 28.72 20.78 33.04
C SER J 116 30.16 20.60 32.60
N ARG J 117 31.10 20.95 33.46
CA ARG J 117 32.51 20.73 33.21
C ARG J 117 33.01 19.50 33.93
N ALA J 118 32.32 19.08 34.98
CA ALA J 118 32.55 17.80 35.60
C ALA J 118 31.80 16.68 34.92
N ALA J 119 30.81 16.99 34.09
CA ALA J 119 30.11 15.97 33.33
C ALA J 119 30.83 15.61 32.05
N LEU J 120 31.53 16.55 31.45
CA LEU J 120 32.23 16.27 30.21
C LEU J 120 33.51 15.49 30.45
N ASN J 121 34.12 15.59 31.63
CA ASN J 121 35.23 14.71 32.01
C ASN J 121 34.76 13.43 32.66
N TYR J 122 33.45 13.22 32.73
CA TYR J 122 32.91 12.01 33.31
C TYR J 122 32.54 10.97 32.28
N PHE J 123 32.22 11.39 31.06
CA PHE J 123 31.89 10.43 30.01
C PHE J 123 33.06 10.19 29.07
N VAL J 124 33.90 11.18 28.84
CA VAL J 124 35.03 11.01 27.93
C VAL J 124 36.22 10.40 28.65
N GLU J 125 36.57 10.96 29.79
CA GLU J 125 37.58 10.38 30.67
C GLU J 125 36.90 9.35 31.56
N GLY J 126 37.55 8.95 32.62
CA GLY J 126 36.89 8.06 33.55
C GLY J 126 36.20 8.73 34.71
N THR J 127 36.91 9.62 35.39
CA THR J 127 36.50 10.12 36.70
C THR J 127 36.15 11.59 36.62
N CYS J 128 35.30 12.04 37.53
CA CYS J 128 35.10 13.46 37.79
C CYS J 128 35.42 13.72 39.25
N ALA J 129 35.83 14.94 39.57
CA ALA J 129 36.27 15.22 40.92
C ALA J 129 36.06 16.69 41.26
N ALA J 130 35.95 16.97 42.56
CA ALA J 130 35.80 18.35 43.04
C ALA J 130 36.23 18.42 44.50
N ILE J 131 36.70 19.59 44.90
CA ILE J 131 37.15 19.84 46.26
C ILE J 131 36.36 21.00 46.84
N VAL J 132 35.83 20.82 48.04
CA VAL J 132 35.02 21.82 48.72
C VAL J 132 35.74 22.27 49.98
N GLY J 133 36.01 23.57 50.08
CA GLY J 133 36.80 24.07 51.18
C GLY J 133 36.63 25.56 51.33
N VAL J 134 37.00 26.06 52.50
CA VAL J 134 36.64 27.39 52.95
C VAL J 134 37.81 28.34 52.72
N ASP J 135 37.55 29.44 52.02
CA ASP J 135 38.60 30.38 51.64
C ASP J 135 38.98 31.33 52.76
N GLU J 136 39.65 32.44 52.40
CA GLU J 136 40.22 33.35 53.38
C GLU J 136 39.17 34.06 54.22
N ASN J 137 37.95 34.20 53.72
CA ASN J 137 36.86 34.72 54.53
C ASN J 137 36.19 33.57 55.27
N GLY J 138 34.98 33.78 55.74
CA GLY J 138 34.28 32.68 56.42
C GLY J 138 33.44 31.84 55.47
N ARG J 139 33.44 32.14 54.21
CA ARG J 139 32.46 31.49 53.34
C ARG J 139 33.06 30.27 52.66
N PRO J 140 32.26 29.28 52.30
CA PRO J 140 32.81 28.11 51.62
C PRO J 140 32.71 28.16 50.10
N GLU J 141 33.61 27.43 49.47
CA GLU J 141 33.88 27.48 48.05
C GLU J 141 34.11 26.06 47.55
N ILE J 142 33.65 25.78 46.34
CA ILE J 142 33.77 24.47 45.73
C ILE J 142 34.48 24.61 44.39
N GLU J 143 35.73 24.17 44.32
CA GLU J 143 36.47 24.19 43.07
C GLU J 143 36.38 22.83 42.39
N PRO J 144 36.21 22.80 41.07
CA PRO J 144 36.38 21.55 40.34
C PRO J 144 37.83 21.34 39.97
N ILE J 145 38.31 20.13 40.24
CA ILE J 145 39.68 19.72 39.95
C ILE J 145 39.67 18.89 38.67
N ARG J 146 40.57 19.22 37.75
CA ARG J 146 40.58 18.61 36.43
C ARG J 146 41.04 17.15 36.51
N PHE J 147 40.71 16.39 35.47
CA PHE J 147 41.11 14.99 35.42
C PHE J 147 42.61 14.84 35.19
N GLU J 148 43.23 15.79 34.49
CA GLU J 148 44.64 15.72 34.16
C GLU J 148 45.55 15.88 35.37
N GLU J 149 45.00 16.13 36.56
CA GLU J 149 45.79 16.34 37.75
C GLU J 149 45.19 15.70 39.00
N PHE J 150 44.08 14.99 38.90
CA PHE J 150 43.61 14.24 40.06
C PHE J 150 44.50 13.02 40.27
N PHE J 151 44.59 12.60 41.53
CA PHE J 151 45.71 11.78 41.98
C PHE J 151 45.25 11.00 43.20
N HIS J 152 45.06 9.70 43.04
CA HIS J 152 44.62 8.85 44.14
C HIS J 152 45.55 7.65 44.25
N ASP J 153 45.25 6.72 45.12
CA ASP J 153 46.09 5.55 45.19
C ASP J 153 45.55 4.44 44.32
N PRO J 154 46.38 3.47 43.95
CA PRO J 154 45.87 2.18 43.51
C PRO J 154 45.49 1.37 44.74
N ARG J 155 45.12 0.11 44.50
CA ARG J 155 44.62 -0.81 45.52
C ARG J 155 43.39 -0.23 46.20
N SER J 156 42.55 0.41 45.40
CA SER J 156 41.27 0.97 45.85
C SER J 156 40.22 0.46 44.87
N ARG J 157 39.55 -0.62 45.24
CA ARG J 157 38.68 -1.35 44.31
C ARG J 157 37.42 -0.58 43.98
N GLU J 158 37.04 0.37 44.83
CA GLU J 158 35.69 0.91 44.80
C GLU J 158 35.59 2.20 44.00
N LEU J 159 34.51 2.36 43.23
CA LEU J 159 34.32 3.52 42.37
C LEU J 159 33.77 4.73 43.09
N ASP J 160 33.78 4.76 44.42
CA ASP J 160 33.41 5.94 45.18
C ASP J 160 34.59 6.43 46.00
N PHE J 161 35.73 5.76 45.91
CA PHE J 161 36.98 6.10 46.60
C PHE J 161 36.81 6.07 48.11
N SER J 162 36.02 5.11 48.59
CA SER J 162 35.88 4.97 50.03
C SER J 162 37.09 4.27 50.64
N ASP J 163 37.69 3.35 49.90
CA ASP J 163 38.78 2.52 50.37
C ASP J 163 40.14 3.18 50.15
N ALA J 164 40.18 4.41 49.68
CA ALA J 164 41.43 5.06 49.37
C ALA J 164 42.15 5.47 50.63
N ARG J 165 43.47 5.60 50.54
CA ARG J 165 44.28 6.05 51.66
C ARG J 165 44.82 7.45 51.47
N PHE J 166 45.04 7.90 50.23
CA PHE J 166 45.51 9.25 50.01
C PHE J 166 45.00 9.79 48.68
N LYS J 167 44.70 11.10 48.63
CA LYS J 167 44.18 11.78 47.46
C LYS J 167 44.73 13.20 47.42
N GLY J 168 44.95 13.74 46.22
CA GLY J 168 45.63 15.02 46.10
C GLY J 168 45.30 15.73 44.80
N VAL J 169 46.04 16.81 44.50
CA VAL J 169 45.69 17.67 43.37
C VAL J 169 46.79 17.91 42.33
N ALA J 170 48.07 17.80 42.70
CA ALA J 170 49.26 17.67 41.83
C ALA J 170 49.32 18.64 40.65
N LYS J 171 49.46 19.93 40.93
CA LYS J 171 49.35 20.96 39.92
C LYS J 171 50.70 21.44 39.38
N TRP J 172 50.62 22.29 38.34
CA TRP J 172 51.72 23.12 37.88
C TRP J 172 51.36 24.58 38.13
N ARG J 173 52.28 25.33 38.72
CA ARG J 173 52.04 26.74 38.99
C ARG J 173 53.21 27.56 38.47
N PHE J 174 53.09 28.88 38.61
CA PHE J 174 54.18 29.79 38.31
C PHE J 174 55.06 29.96 39.53
N ALA J 175 56.37 30.06 39.31
CA ALA J 175 57.31 30.16 40.41
C ALA J 175 57.24 31.50 41.12
N ASP J 176 56.66 32.52 40.48
CA ASP J 176 56.41 33.78 41.17
C ASP J 176 55.33 33.60 42.24
N GLU J 177 54.24 32.93 41.89
CA GLU J 177 53.07 32.84 42.77
C GLU J 177 53.12 31.64 43.70
N VAL J 178 54.31 31.15 44.00
CA VAL J 178 54.53 30.13 45.02
C VAL J 178 55.50 30.60 46.07
N GLY J 179 56.69 31.06 45.64
CA GLY J 179 57.71 31.47 46.58
C GLY J 179 57.40 32.77 47.28
N MET J 180 56.78 33.71 46.57
CA MET J 180 56.29 34.95 47.16
C MET J 180 54.90 34.79 47.78
N GLU J 181 54.47 33.55 47.99
CA GLU J 181 53.31 33.23 48.79
C GLU J 181 53.66 32.48 50.06
N TYR J 182 54.71 31.66 50.03
CA TYR J 182 55.14 30.87 51.18
C TYR J 182 56.53 31.23 51.67
N GLY J 183 57.07 32.37 51.24
CA GLY J 183 58.33 32.86 51.77
C GLY J 183 59.58 32.20 51.25
N ILE J 184 59.47 31.22 50.36
CA ILE J 184 60.63 30.60 49.73
C ILE J 184 61.24 31.60 48.75
N LYS J 185 62.56 31.74 48.79
CA LYS J 185 63.21 32.67 47.88
C LYS J 185 63.32 32.08 46.48
N GLY J 186 63.47 32.97 45.50
CA GLY J 186 63.34 32.58 44.11
C GLY J 186 64.57 31.88 43.57
N GLU J 187 64.33 31.09 42.51
CA GLU J 187 65.30 30.22 41.84
C GLU J 187 65.98 29.30 42.85
N ILE J 188 65.18 28.39 43.38
CA ILE J 188 65.66 27.46 44.37
C ILE J 188 65.55 26.03 43.83
N SER J 220 64.84 35.12 35.56
CA SER J 220 63.88 35.20 34.47
C SER J 220 62.45 35.21 35.01
N LYS J 221 61.48 35.25 34.09
CA LYS J 221 60.08 35.29 34.46
C LYS J 221 59.38 34.13 33.76
N LEU J 222 58.25 33.69 34.36
CA LEU J 222 57.46 32.54 33.91
C LEU J 222 58.28 31.24 33.94
N ARG J 223 58.68 30.87 35.14
CA ARG J 223 59.27 29.58 35.43
C ARG J 223 58.22 28.74 36.15
N ARG J 224 58.13 27.45 35.82
CA ARG J 224 57.06 26.61 36.32
C ARG J 224 57.57 25.63 37.37
N VAL J 225 56.79 25.42 38.42
CA VAL J 225 57.12 24.46 39.47
C VAL J 225 56.03 23.41 39.55
N PHE J 226 56.13 22.49 40.51
CA PHE J 226 55.26 21.30 40.53
C PHE J 226 54.74 21.02 41.94
N VAL J 227 54.12 22.01 42.58
CA VAL J 227 53.59 21.81 43.92
C VAL J 227 52.41 20.84 43.88
N VAL J 228 52.24 20.06 44.95
CA VAL J 228 51.29 18.95 44.99
C VAL J 228 50.69 18.82 46.40
N GLU J 229 49.36 18.85 46.50
CA GLU J 229 48.72 18.60 47.78
C GLU J 229 48.50 17.11 47.98
N MET J 230 48.14 16.75 49.21
CA MET J 230 48.23 15.36 49.66
C MET J 230 47.43 15.21 50.93
N TYR J 231 46.44 14.35 50.95
CA TYR J 231 45.63 14.08 52.14
C TYR J 231 45.80 12.62 52.52
N VAL J 232 46.82 12.32 53.30
CA VAL J 232 47.18 10.95 53.64
C VAL J 232 46.64 10.60 55.02
N ARG J 233 46.02 9.42 55.13
CA ARG J 233 45.65 8.87 56.42
C ARG J 233 46.90 8.26 57.04
N TRP J 234 47.44 8.91 58.05
CA TRP J 234 48.71 8.48 58.61
C TRP J 234 48.55 7.63 59.84
N ASN J 235 47.53 7.90 60.62
CA ASN J 235 47.08 7.16 61.79
C ASN J 235 45.58 7.38 61.77
N GLY J 236 44.92 7.34 62.92
CA GLY J 236 43.52 7.73 62.99
C GLY J 236 43.13 9.11 62.47
N VAL J 237 44.10 9.99 62.31
CA VAL J 237 43.86 11.33 61.81
C VAL J 237 44.23 11.39 60.33
N TRP J 238 43.82 12.47 59.67
CA TRP J 238 44.12 12.72 58.27
C TRP J 238 45.11 13.88 58.17
N ILE J 239 46.34 13.58 57.79
CA ILE J 239 47.37 14.57 57.62
C ILE J 239 47.20 15.24 56.27
N ARG J 240 47.25 16.57 56.25
CA ARG J 240 47.37 17.34 55.02
C ARG J 240 48.80 17.80 54.86
N ALA J 241 49.39 17.53 53.71
CA ALA J 241 50.74 17.98 53.42
C ALA J 241 50.81 18.50 51.99
N LEU J 242 51.66 19.47 51.74
CA LEU J 242 51.93 19.88 50.37
C LEU J 242 53.42 20.18 50.24
N PHE J 243 54.03 19.61 49.21
CA PHE J 243 55.47 19.63 49.07
C PHE J 243 55.83 19.94 47.63
N TRP J 244 57.13 19.88 47.34
CA TRP J 244 57.63 19.94 45.98
C TRP J 244 58.91 19.11 45.94
N GLY J 245 59.72 19.31 44.92
CA GLY J 245 60.82 18.39 44.63
C GLY J 245 61.90 18.32 45.70
N ARG J 246 62.07 19.38 46.47
CA ARG J 246 62.93 19.35 47.64
C ARG J 246 62.28 20.16 48.76
N GLY J 247 62.16 19.53 49.93
CA GLY J 247 61.51 20.14 51.06
C GLY J 247 60.00 20.14 50.96
N ILE J 248 59.36 20.23 52.12
CA ILE J 248 57.92 20.40 52.20
C ILE J 248 57.63 21.85 52.49
N LEU J 249 56.37 22.25 52.35
CA LEU J 249 56.00 23.65 52.53
C LEU J 249 55.06 23.88 53.70
N GLU J 250 54.06 23.01 53.89
CA GLU J 250 53.29 23.02 55.12
C GLU J 250 52.75 21.62 55.33
N MET J 251 52.50 21.30 56.60
CA MET J 251 52.10 19.94 56.96
C MET J 251 51.41 19.98 58.32
N SER J 252 50.14 19.63 58.35
CA SER J 252 49.37 19.73 59.58
C SER J 252 48.21 18.76 59.51
N VAL J 253 47.54 18.60 60.65
CA VAL J 253 46.30 17.84 60.69
C VAL J 253 45.23 18.63 59.94
N SER J 254 44.41 17.92 59.15
CA SER J 254 43.42 18.55 58.31
C SER J 254 42.39 19.32 59.14
N ALA J 255 42.10 20.55 58.71
CA ALA J 255 41.28 21.45 59.50
C ALA J 255 39.79 21.13 59.44
N TYR J 256 39.35 20.42 58.42
CA TYR J 256 37.94 20.23 58.18
C TYR J 256 37.45 19.00 58.91
N LEU J 257 36.28 19.09 59.53
CA LEU J 257 35.74 17.98 60.29
C LEU J 257 34.75 17.19 59.44
N ASP J 258 34.03 16.28 60.08
CA ASP J 258 33.12 15.38 59.39
C ASP J 258 31.86 15.25 60.24
N ARG J 259 30.92 14.37 59.85
CA ARG J 259 29.68 14.21 60.60
C ARG J 259 29.86 13.46 61.91
N ASN J 260 31.03 12.85 62.13
CA ASN J 260 31.30 12.15 63.37
C ASN J 260 32.13 12.96 64.35
N GLY J 261 32.77 14.03 63.90
CA GLY J 261 33.57 14.90 64.75
C GLY J 261 35.06 14.82 64.51
N LYS J 262 35.52 13.79 63.86
CA LYS J 262 36.93 13.54 63.62
C LYS J 262 37.36 14.16 62.31
N PRO J 263 38.62 14.63 62.19
CA PRO J 263 39.05 15.31 60.98
C PRO J 263 39.22 14.36 59.81
N THR J 264 38.73 14.79 58.64
CA THR J 264 38.75 13.98 57.43
C THR J 264 39.21 14.78 56.22
N CYS J 265 38.97 14.22 54.98
CA CYS J 265 39.36 14.81 53.71
C CYS J 265 38.17 15.55 53.09
N PRO J 266 38.43 16.61 52.36
CA PRO J 266 37.35 17.27 51.63
C PRO J 266 37.20 16.80 50.20
N ILE J 267 38.20 16.09 49.66
CA ILE J 267 38.19 15.73 48.24
C ILE J 267 37.18 14.62 48.02
N GLU J 268 36.30 14.80 47.03
CA GLU J 268 35.30 13.82 46.68
C GLU J 268 35.22 13.64 45.17
N ALA J 269 34.97 12.41 44.75
CA ALA J 269 35.09 12.06 43.34
C ALA J 269 34.30 10.79 43.06
N ARG J 270 34.19 10.45 41.77
CA ARG J 270 33.41 9.30 41.34
C ARG J 270 33.79 8.93 39.92
N SER J 271 33.89 7.65 39.64
CA SER J 271 34.23 7.15 38.31
C SER J 271 33.04 6.41 37.71
N CYS J 272 33.12 6.21 36.39
CA CYS J 272 31.97 5.66 35.68
C CYS J 272 31.92 4.14 35.79
N TYR J 273 32.94 3.45 35.30
CA TYR J 273 33.01 2.00 35.40
C TYR J 273 34.36 1.58 35.95
N ILE J 274 34.42 0.32 36.40
CA ILE J 274 35.60 -0.26 37.01
C ILE J 274 35.81 -1.62 36.35
N ASP J 275 37.04 -2.12 36.39
CA ASP J 275 37.38 -3.39 35.75
C ASP J 275 37.89 -4.34 36.83
N ARG J 276 38.30 -5.55 36.45
CA ARG J 276 38.74 -6.53 37.45
C ARG J 276 40.07 -6.13 38.06
N GLU J 277 41.11 -6.01 37.25
CA GLU J 277 42.20 -5.14 37.66
C GLU J 277 41.74 -3.71 37.55
N ASN J 278 42.27 -2.84 38.41
CA ASN J 278 41.61 -1.56 38.66
C ASN J 278 41.79 -0.57 37.52
N ARG J 279 40.90 -0.59 36.55
CA ARG J 279 40.84 0.39 35.49
C ARG J 279 39.65 1.30 35.71
N ARG J 280 39.75 2.53 35.25
CA ARG J 280 38.67 3.50 35.39
C ARG J 280 38.36 3.97 33.98
N TYR J 281 37.54 3.25 33.25
CA TYR J 281 37.24 3.71 31.91
C TYR J 281 35.92 4.48 31.95
N GLY J 282 35.57 5.08 30.82
CA GLY J 282 34.39 5.92 30.79
C GLY J 282 33.30 5.39 29.89
N GLU J 283 32.83 6.21 28.96
CA GLU J 283 31.86 5.79 27.97
C GLU J 283 32.47 5.61 26.61
N VAL J 284 33.50 6.39 26.29
CA VAL J 284 34.12 6.37 24.98
C VAL J 284 35.31 5.41 25.02
N ARG J 285 35.39 4.56 26.04
CA ARG J 285 36.21 3.37 25.91
C ARG J 285 35.56 2.38 24.96
N ASP J 286 34.25 2.25 25.05
CA ASP J 286 33.47 1.66 23.97
C ASP J 286 33.37 2.69 22.84
N LEU J 287 32.70 2.32 21.73
CA LEU J 287 32.54 3.18 20.55
C LEU J 287 33.91 3.55 19.96
N ARG J 288 34.89 2.69 20.13
CA ARG J 288 36.17 2.81 19.45
C ARG J 288 36.42 1.66 18.50
N SER J 289 36.14 0.46 18.93
CA SER J 289 36.15 -0.66 18.01
C SER J 289 35.01 -0.56 16.99
N PRO J 290 33.79 -0.13 17.30
CA PRO J 290 32.84 0.15 16.21
C PRO J 290 33.03 1.49 15.54
N GLN J 291 34.14 2.17 15.73
CA GLN J 291 34.36 3.45 15.08
C GLN J 291 35.66 3.51 14.31
N ASP J 292 36.60 2.61 14.60
CA ASP J 292 37.68 2.31 13.69
C ASP J 292 37.25 1.38 12.56
N ALA J 293 36.02 0.91 12.56
CA ALA J 293 35.52 0.11 11.45
C ALA J 293 34.60 0.90 10.55
N ILE J 294 34.47 2.20 10.77
CA ILE J 294 33.83 3.09 9.82
C ILE J 294 34.86 3.94 9.10
N ASN J 295 35.90 4.37 9.81
CA ASN J 295 36.98 5.11 9.18
C ASN J 295 37.82 4.21 8.29
N LYS J 296 38.04 2.96 8.68
CA LYS J 296 38.86 2.08 7.87
C LYS J 296 38.11 1.42 6.75
N ARG J 297 36.84 1.05 6.94
CA ARG J 297 36.07 0.53 5.81
C ARG J 297 35.60 1.61 4.88
N GLU J 298 36.04 2.85 5.04
CA GLU J 298 35.78 3.89 4.05
C GLU J 298 37.00 4.18 3.19
N SER J 299 38.19 4.16 3.80
CA SER J 299 39.42 4.37 3.05
C SER J 299 39.84 3.15 2.26
N LYS J 300 39.34 1.96 2.61
CA LYS J 300 39.62 0.81 1.78
C LYS J 300 38.88 0.89 0.46
N LEU J 301 37.64 1.37 0.49
CA LEU J 301 36.82 1.46 -0.71
C LEU J 301 37.22 2.59 -1.61
N LEU J 302 37.75 3.67 -1.04
CA LEU J 302 38.21 4.76 -1.87
C LEU J 302 39.49 4.38 -2.58
N HIS J 303 40.30 3.55 -1.96
CA HIS J 303 41.52 3.07 -2.58
C HIS J 303 41.25 2.00 -3.62
N MET J 304 40.16 1.28 -3.46
CA MET J 304 39.87 0.14 -4.32
C MET J 304 39.03 0.52 -5.52
N LEU J 305 38.37 1.69 -5.47
CA LEU J 305 37.54 2.18 -6.58
C LEU J 305 38.21 3.31 -7.35
N ASN J 306 39.53 3.33 -7.39
CA ASN J 306 40.27 4.20 -8.31
C ASN J 306 41.45 3.54 -8.98
N ASN J 307 41.80 2.32 -8.62
CA ASN J 307 43.00 1.68 -9.10
C ASN J 307 42.66 0.37 -9.80
N ARG J 308 43.25 0.15 -10.96
CA ARG J 308 42.99 -1.04 -11.75
C ARG J 308 44.32 -1.76 -11.93
N GLN J 309 44.49 -2.89 -11.23
CA GLN J 309 45.75 -3.61 -11.31
C GLN J 309 45.91 -4.30 -12.66
N ALA J 310 47.12 -4.27 -13.18
CA ALA J 310 47.39 -4.66 -14.56
C ALA J 310 48.11 -6.00 -14.60
N ILE J 311 47.57 -6.93 -15.36
CA ILE J 311 48.17 -8.25 -15.52
C ILE J 311 48.77 -8.31 -16.91
N ALA J 312 49.81 -9.12 -17.05
CA ALA J 312 50.48 -9.27 -18.34
C ALA J 312 49.86 -10.42 -19.10
N THR J 313 49.62 -10.20 -20.39
CA THR J 313 48.99 -11.22 -21.21
C THR J 313 49.92 -11.75 -22.29
N ASN J 314 50.44 -10.89 -23.15
CA ASN J 314 51.27 -11.32 -24.27
C ASN J 314 52.69 -10.88 -24.01
N PRO J 315 53.60 -11.78 -23.63
CA PRO J 315 54.93 -11.37 -23.18
C PRO J 315 55.89 -10.94 -24.29
N GLU J 316 55.41 -10.66 -25.50
CA GLU J 316 56.24 -10.02 -26.51
C GLU J 316 55.88 -8.56 -26.71
N TYR J 317 54.60 -8.24 -26.87
CA TYR J 317 54.23 -6.83 -26.96
C TYR J 317 54.23 -6.18 -25.59
N ALA J 318 53.88 -6.93 -24.55
CA ALA J 318 54.19 -6.51 -23.20
C ALA J 318 55.64 -6.84 -22.91
N TYR J 319 56.07 -6.61 -21.66
CA TYR J 319 57.48 -6.66 -21.23
C TYR J 319 58.35 -5.72 -22.06
N ASN J 320 57.76 -4.69 -22.63
CA ASN J 320 58.45 -3.83 -23.57
C ASN J 320 58.43 -2.39 -23.12
N SER J 321 57.28 -1.90 -22.69
CA SER J 321 57.19 -0.53 -22.24
C SER J 321 57.74 -0.36 -20.83
N ASP J 322 57.05 -0.92 -19.85
CA ASP J 322 57.39 -0.88 -18.42
C ASP J 322 56.28 -1.67 -17.74
N ALA J 323 56.40 -1.85 -16.42
CA ALA J 323 55.29 -2.39 -15.66
C ALA J 323 54.60 -1.33 -14.82
N GLU J 324 55.35 -0.61 -14.00
CA GLU J 324 54.74 0.32 -13.06
C GLU J 324 54.26 1.59 -13.75
N MET J 325 54.80 1.91 -14.93
CA MET J 325 54.29 3.03 -15.71
C MET J 325 52.97 2.69 -16.40
N VAL J 326 52.72 1.42 -16.71
CA VAL J 326 51.52 1.06 -17.46
C VAL J 326 50.31 1.07 -16.55
N ARG J 327 50.41 0.53 -15.34
CA ARG J 327 49.22 0.52 -14.51
C ARG J 327 48.88 1.88 -13.92
N LYS J 328 49.75 2.88 -14.05
CA LYS J 328 49.30 4.23 -13.74
C LYS J 328 48.62 4.88 -14.94
N GLU J 329 48.70 4.29 -16.12
CA GLU J 329 47.98 4.78 -17.27
C GLU J 329 46.59 4.16 -17.38
N MET J 330 46.34 3.08 -16.67
CA MET J 330 45.02 2.49 -16.66
C MET J 330 44.10 3.13 -15.64
N SER J 331 44.65 3.64 -14.56
CA SER J 331 43.82 4.16 -13.48
C SER J 331 43.39 5.60 -13.70
N LYS J 332 43.95 6.28 -14.68
CA LYS J 332 43.48 7.63 -14.93
C LYS J 332 42.80 7.70 -16.29
N PRO J 333 41.69 8.45 -16.40
CA PRO J 333 40.90 8.39 -17.63
C PRO J 333 41.53 9.04 -18.85
N ASP J 334 42.54 9.88 -18.70
CA ASP J 334 43.22 10.46 -19.87
C ASP J 334 44.50 9.70 -20.21
N GLY J 335 44.38 8.41 -20.46
CA GLY J 335 45.57 7.59 -20.63
C GLY J 335 45.75 6.94 -21.98
N ILE J 336 46.98 6.51 -22.26
CA ILE J 336 47.32 5.72 -23.43
C ILE J 336 47.92 4.42 -22.93
N ILE J 337 47.42 3.29 -23.41
CA ILE J 337 47.81 1.98 -22.91
C ILE J 337 48.50 1.22 -24.03
N PRO J 338 49.69 0.66 -23.79
CA PRO J 338 50.36 -0.12 -24.81
C PRO J 338 49.71 -1.48 -24.97
N PRO J 339 49.98 -2.21 -26.06
CA PRO J 339 49.40 -3.54 -26.22
C PRO J 339 50.02 -4.54 -25.27
N GLY J 340 49.26 -5.60 -24.99
CA GLY J 340 49.76 -6.71 -24.21
C GLY J 340 49.42 -6.68 -22.74
N TRP J 341 48.73 -5.64 -22.26
CA TRP J 341 48.41 -5.50 -20.86
C TRP J 341 46.89 -5.44 -20.70
N GLN J 342 46.37 -6.10 -19.66
CA GLN J 342 44.94 -6.28 -19.45
C GLN J 342 44.51 -5.62 -18.14
N PRO J 343 43.57 -4.72 -18.16
CA PRO J 343 43.15 -4.02 -16.93
C PRO J 343 42.16 -4.80 -16.07
N ALA J 344 42.66 -5.70 -15.24
CA ALA J 344 41.80 -6.51 -14.37
C ALA J 344 41.55 -5.74 -13.08
N SER J 345 40.37 -5.14 -12.97
CA SER J 345 40.10 -4.36 -11.78
C SER J 345 39.43 -5.21 -10.70
N MET J 346 39.50 -4.73 -9.46
CA MET J 346 38.87 -5.38 -8.33
C MET J 346 37.52 -4.72 -8.01
N THR J 347 36.63 -4.69 -9.01
CA THR J 347 35.27 -4.23 -8.76
C THR J 347 34.34 -5.39 -8.44
N ASP J 348 34.84 -6.27 -7.60
CA ASP J 348 34.16 -7.36 -6.96
C ASP J 348 34.70 -7.35 -5.55
N LEU J 349 34.00 -8.01 -4.63
CA LEU J 349 34.22 -7.92 -3.18
C LEU J 349 34.28 -6.47 -2.70
N ALA J 350 33.49 -5.60 -3.34
CA ALA J 350 33.18 -4.28 -2.85
C ALA J 350 31.75 -4.17 -2.37
N ASN J 351 30.85 -4.95 -2.96
CA ASN J 351 29.51 -5.11 -2.42
C ASN J 351 29.49 -5.94 -1.16
N GLY J 352 30.56 -6.68 -0.89
CA GLY J 352 30.77 -7.29 0.40
C GLY J 352 31.36 -6.35 1.42
N GLN J 353 31.93 -5.23 1.00
CA GLN J 353 32.42 -4.21 1.89
C GLN J 353 31.36 -3.19 2.25
N PHE J 354 30.50 -2.81 1.29
CA PHE J 354 29.38 -1.93 1.60
C PHE J 354 28.39 -2.57 2.54
N ALA J 355 28.22 -3.87 2.47
CA ALA J 355 27.34 -4.56 3.39
C ALA J 355 28.02 -4.86 4.71
N LEU J 356 29.26 -4.44 4.89
CA LEU J 356 30.00 -4.65 6.12
C LEU J 356 30.40 -3.34 6.78
N LEU J 357 30.35 -2.23 6.05
CA LEU J 357 30.34 -0.91 6.67
C LEU J 357 28.96 -0.55 7.18
N SER J 358 27.93 -0.87 6.42
CA SER J 358 26.57 -0.53 6.82
C SER J 358 26.06 -1.39 7.96
N SER J 359 26.80 -2.42 8.35
CA SER J 359 26.55 -3.13 9.59
C SER J 359 27.22 -2.47 10.78
N ALA J 360 28.14 -1.54 10.54
CA ALA J 360 28.81 -0.83 11.62
C ALA J 360 28.43 0.64 11.71
N ARG J 361 27.76 1.19 10.70
CA ARG J 361 27.08 2.47 10.85
C ARG J 361 25.76 2.33 11.58
N GLU J 362 25.26 1.11 11.75
CA GLU J 362 23.99 0.88 12.42
C GLU J 362 24.16 0.44 13.86
N PHE J 363 25.23 -0.29 14.18
CA PHE J 363 25.49 -0.59 15.58
C PHE J 363 25.99 0.63 16.32
N ILE J 364 26.73 1.52 15.66
CA ILE J 364 27.25 2.73 16.29
C ILE J 364 26.15 3.72 16.61
N GLN J 365 24.96 3.52 16.03
CA GLN J 365 23.81 4.35 16.28
C GLN J 365 22.88 3.72 17.31
N ARG J 366 23.12 2.47 17.67
CA ARG J 366 22.21 1.75 18.54
C ARG J 366 22.75 1.56 19.95
N ILE J 367 24.07 1.58 20.12
CA ILE J 367 24.66 1.47 21.45
C ILE J 367 25.00 2.86 21.97
N GLY J 368 25.32 3.77 21.06
CA GLY J 368 25.79 5.06 21.52
C GLY J 368 24.77 6.16 21.41
N GLN J 369 24.08 6.23 20.27
CA GLN J 369 23.30 7.42 19.92
C GLN J 369 21.83 7.21 20.27
N ASN J 370 21.58 6.53 21.38
CA ASN J 370 20.28 6.56 22.03
C ASN J 370 19.81 7.86 22.73
N PRO J 371 20.69 8.82 23.28
CA PRO J 371 20.13 9.79 24.25
C PRO J 371 19.20 10.83 23.64
N SER J 372 18.00 10.37 23.28
CA SER J 372 16.92 11.15 22.69
C SER J 372 17.31 11.79 21.37
N VAL J 373 18.26 11.22 20.63
CA VAL J 373 18.56 11.66 19.26
C VAL J 373 18.55 10.43 18.36
N LEU J 374 17.37 10.10 17.86
CA LEU J 374 17.18 8.91 17.03
C LEU J 374 16.41 9.26 15.77
N ALA J 375 15.59 10.31 15.86
CA ALA J 375 14.69 10.68 14.78
C ALA J 375 15.44 11.32 13.62
N ARG J 384 9.14 7.67 19.14
CA ARG J 384 7.71 7.97 19.09
C ARG J 384 7.36 9.14 19.98
N ALA J 385 6.06 9.43 20.06
CA ALA J 385 5.57 10.59 20.80
C ALA J 385 5.62 10.35 22.30
N GLN J 386 6.81 10.54 22.89
CA GLN J 386 7.06 10.51 24.33
C GLN J 386 6.68 9.16 24.95
N LEU J 387 6.85 8.07 24.20
CA LEU J 387 6.74 6.72 24.74
C LEU J 387 7.92 5.85 24.37
N ALA J 388 8.45 5.98 23.15
CA ALA J 388 9.70 5.33 22.78
C ALA J 388 10.91 6.12 23.20
N ARG J 389 10.74 7.19 23.99
CA ARG J 389 11.85 7.89 24.63
C ARG J 389 11.60 8.17 26.12
N GLN J 390 10.35 8.19 26.58
CA GLN J 390 10.07 8.42 28.00
C GLN J 390 10.20 7.16 28.82
N GLN J 391 10.08 5.99 28.20
CA GLN J 391 10.21 4.75 28.95
C GLN J 391 11.17 3.82 28.23
N ALA J 392 11.52 4.14 26.98
CA ALA J 392 12.37 3.27 26.18
C ALA J 392 13.74 3.88 25.88
N GLY J 393 13.87 5.20 25.92
CA GLY J 393 15.15 5.81 25.62
C GLY J 393 15.92 6.17 26.88
N MET J 394 15.21 6.60 27.92
CA MET J 394 15.84 7.07 29.15
C MET J 394 16.02 5.96 30.17
N VAL J 395 15.79 4.71 29.79
CA VAL J 395 16.09 3.59 30.68
C VAL J 395 17.39 2.91 30.28
N ASP J 396 17.92 3.21 29.10
CA ASP J 396 19.24 2.71 28.73
C ASP J 396 20.33 3.65 29.19
N SER J 397 20.01 4.93 29.37
CA SER J 397 20.91 5.88 30.00
C SER J 397 20.56 6.10 31.47
N ALA J 398 20.16 5.07 32.19
CA ALA J 398 19.77 5.26 33.58
C ALA J 398 20.96 5.09 34.52
N MET J 399 21.74 4.01 34.38
CA MET J 399 23.05 3.97 34.98
C MET J 399 23.95 5.03 34.36
N ALA J 400 24.88 5.53 35.16
CA ALA J 400 25.85 6.57 34.80
C ALA J 400 25.21 7.87 34.34
N LEU J 401 23.93 8.08 34.65
CA LEU J 401 23.33 9.40 34.56
C LEU J 401 22.56 9.60 35.85
N ASN J 402 22.12 8.49 36.45
CA ASN J 402 21.75 8.46 37.85
C ASN J 402 22.90 7.94 38.69
N GLY J 403 24.12 8.17 38.22
CA GLY J 403 25.32 7.94 38.97
C GLY J 403 26.03 9.26 39.14
N LEU J 404 25.83 10.16 38.19
CA LEU J 404 26.40 11.50 38.30
C LEU J 404 25.56 12.40 39.17
N ARG J 405 24.25 12.17 39.21
CA ARG J 405 23.41 12.82 40.21
C ARG J 405 23.82 12.43 41.62
N ARG J 406 24.30 11.20 41.78
CA ARG J 406 24.71 10.73 43.09
C ARG J 406 26.02 11.36 43.54
N PHE J 407 26.89 11.74 42.62
CA PHE J 407 28.05 12.56 42.95
C PHE J 407 27.66 13.98 43.30
N GLU J 408 26.70 14.56 42.59
CA GLU J 408 26.40 15.97 42.75
C GLU J 408 25.72 16.23 44.09
N LEU J 409 24.83 15.35 44.51
CA LEU J 409 24.20 15.52 45.82
C LEU J 409 25.05 14.95 46.94
N ALA J 410 26.22 14.41 46.65
CA ALA J 410 27.18 14.02 47.66
C ALA J 410 28.20 15.09 47.91
N VAL J 411 28.11 16.23 47.23
CA VAL J 411 29.00 17.34 47.50
C VAL J 411 28.24 18.34 48.35
N TYR J 412 26.94 18.48 48.08
CA TYR J 412 26.07 19.34 48.89
C TYR J 412 26.04 18.87 50.33
N ARG J 413 26.04 17.56 50.53
CA ARG J 413 26.19 16.99 51.85
C ARG J 413 27.52 17.35 52.45
N GLN J 414 28.59 17.31 51.65
CA GLN J 414 29.92 17.68 52.13
C GLN J 414 30.07 19.19 52.28
N ALA J 415 29.11 19.99 51.79
CA ALA J 415 29.19 21.43 51.92
C ALA J 415 28.37 21.98 53.08
N TRP J 416 27.46 21.21 53.65
CA TRP J 416 26.80 21.66 54.87
C TRP J 416 27.67 21.44 56.09
N LEU J 417 28.61 20.51 56.04
CA LEU J 417 29.56 20.36 57.13
C LEU J 417 30.55 21.51 57.24
N ARG J 418 30.76 22.26 56.16
CA ARG J 418 31.72 23.36 56.16
C ARG J 418 31.07 24.69 56.46
N CYS J 419 29.82 24.88 56.07
CA CYS J 419 29.07 26.07 56.47
C CYS J 419 28.29 25.84 57.74
N ARG J 420 28.75 24.95 58.59
CA ARG J 420 28.23 24.81 59.94
C ARG J 420 29.27 25.15 60.99
N GLN J 421 30.44 24.54 60.93
CA GLN J 421 31.45 24.75 61.96
C GLN J 421 32.15 26.09 61.85
N PHE J 422 31.96 26.84 60.76
CA PHE J 422 32.63 28.11 60.60
C PHE J 422 31.71 29.31 60.71
N TRP J 423 30.43 29.17 60.34
CA TRP J 423 29.49 30.27 60.45
C TRP J 423 28.99 30.39 61.88
N LYS J 424 29.30 31.51 62.51
CA LYS J 424 28.78 31.82 63.83
C LYS J 424 27.41 32.47 63.68
N ALA J 425 26.89 33.02 64.77
CA ALA J 425 25.54 33.57 64.79
C ALA J 425 25.26 34.78 63.90
N PRO J 426 26.12 35.80 63.75
CA PRO J 426 25.79 36.87 62.83
C PRO J 426 26.09 36.59 61.36
N ASP J 427 26.31 35.34 60.98
CA ASP J 427 26.49 34.99 59.57
C ASP J 427 25.26 34.34 58.97
N TYR J 428 24.44 33.68 59.79
CA TYR J 428 23.15 33.19 59.34
C TYR J 428 22.16 34.33 59.13
N ILE J 429 22.34 35.44 59.83
CA ILE J 429 21.39 36.53 59.72
C ILE J 429 21.65 37.34 58.47
N ARG J 430 22.89 37.36 57.98
CA ARG J 430 23.20 38.09 56.75
C ARG J 430 22.61 37.41 55.54
N VAL J 431 22.56 36.08 55.53
CA VAL J 431 22.13 35.34 54.35
C VAL J 431 20.62 35.25 54.28
N THR J 432 20.00 34.71 55.33
CA THR J 432 18.56 34.50 55.35
C THR J 432 17.78 35.77 55.65
N ASP J 433 18.44 36.78 56.21
CA ASP J 433 17.91 38.13 56.45
C ASP J 433 16.66 38.10 57.35
N ASP J 434 16.86 37.64 58.58
CA ASP J 434 15.82 37.61 59.60
C ASP J 434 16.46 37.49 60.96
N GLU J 435 16.31 38.51 61.79
CA GLU J 435 16.79 38.41 63.16
C GLU J 435 15.93 37.42 63.93
N GLY J 436 16.57 36.41 64.50
CA GLY J 436 15.88 35.28 65.05
C GLY J 436 15.98 34.02 64.23
N ALA J 437 16.85 33.99 63.23
CA ALA J 437 17.21 32.79 62.49
C ALA J 437 18.21 31.84 63.15
N PRO J 438 19.31 32.26 63.78
CA PRO J 438 20.23 31.25 64.33
C PRO J 438 19.72 30.51 65.56
N GLN J 439 18.56 30.87 66.11
CA GLN J 439 18.01 30.10 67.22
C GLN J 439 17.45 28.76 66.78
N PHE J 440 17.30 28.53 65.48
CA PHE J 440 16.72 27.30 64.95
C PHE J 440 17.75 26.26 64.54
N VAL J 441 19.05 26.54 64.72
CA VAL J 441 20.11 25.64 64.26
C VAL J 441 21.09 25.35 65.37
N GLY J 442 20.61 25.38 66.61
CA GLY J 442 21.43 24.93 67.71
C GLY J 442 22.44 25.94 68.23
N ILE J 443 22.05 27.21 68.33
CA ILE J 443 22.83 28.18 69.08
C ILE J 443 21.84 29.17 69.69
N ASN J 444 22.22 29.73 70.84
CA ASN J 444 21.36 30.56 71.71
C ASN J 444 20.05 29.86 72.08
N ALA J 464 27.59 48.00 60.70
CA ALA J 464 28.51 47.40 61.65
C ALA J 464 29.77 46.91 60.93
N GLU J 465 30.38 45.84 61.46
CA GLU J 465 31.55 45.28 60.83
C GLU J 465 31.17 44.51 59.57
N PRO J 466 32.09 44.37 58.62
CA PRO J 466 31.92 43.34 57.58
C PRO J 466 31.92 41.96 58.21
N ILE J 467 30.88 41.20 57.92
CA ILE J 467 30.64 39.92 58.56
C ILE J 467 30.95 38.74 57.65
N LEU J 468 30.58 38.82 56.38
CA LEU J 468 31.10 37.89 55.38
C LEU J 468 31.93 38.60 54.34
N GLY J 469 32.71 39.59 54.72
CA GLY J 469 33.43 40.38 53.75
C GLY J 469 32.55 41.21 52.85
N TYR J 470 31.36 41.60 53.31
CA TYR J 470 30.43 42.39 52.52
C TYR J 470 30.33 43.77 53.14
N GLU J 471 30.97 44.74 52.48
CA GLU J 471 31.18 46.05 53.06
C GLU J 471 29.96 46.96 52.97
N ASN J 472 28.92 46.58 52.24
CA ASN J 472 27.69 47.37 52.19
C ASN J 472 26.56 46.79 53.04
N ALA J 473 26.40 45.47 53.02
CA ALA J 473 25.33 44.72 53.70
C ALA J 473 23.94 45.13 53.24
N LEU J 474 23.79 45.69 52.05
CA LEU J 474 22.47 46.01 51.54
C LEU J 474 22.19 45.40 50.18
N ALA J 475 23.10 45.53 49.20
CA ALA J 475 22.86 44.96 47.88
C ALA J 475 24.20 44.58 47.25
N GLU J 476 24.50 43.28 47.24
CA GLU J 476 25.73 42.76 46.67
C GLU J 476 25.38 41.66 45.67
N LEU J 477 26.37 41.24 44.89
CA LEU J 477 26.12 40.34 43.76
C LEU J 477 25.78 38.93 44.17
N ASP J 478 26.60 38.35 45.04
CA ASP J 478 26.48 36.99 45.52
C ASP J 478 25.15 36.74 46.22
N VAL J 479 24.88 37.49 47.29
CA VAL J 479 23.77 37.17 48.16
C VAL J 479 22.45 37.39 47.45
N ASP J 480 22.15 38.63 47.12
CA ASP J 480 20.76 39.02 46.97
C ASP J 480 20.51 39.78 45.69
N ILE J 481 21.20 39.43 44.61
CA ILE J 481 20.85 39.97 43.30
C ILE J 481 20.63 38.83 42.30
N ASN J 482 21.65 38.00 42.06
CA ASN J 482 21.56 36.79 41.23
C ASN J 482 21.09 37.08 39.80
N ILE J 483 21.97 37.73 39.03
CA ILE J 483 21.69 38.07 37.63
C ILE J 483 21.39 36.83 36.80
N ASP J 484 20.28 36.86 36.07
CA ASP J 484 19.86 35.74 35.24
C ASP J 484 19.07 36.29 34.06
N ALA J 485 19.02 35.52 32.98
CA ALA J 485 18.31 35.96 31.78
C ALA J 485 16.83 35.59 31.86
N VAL J 486 16.05 36.11 30.92
CA VAL J 486 14.60 35.94 30.90
C VAL J 486 14.18 36.28 29.47
N PRO J 487 13.02 35.84 28.97
CA PRO J 487 12.63 36.22 27.61
C PRO J 487 12.32 37.69 27.46
N ASP J 488 12.27 38.12 26.20
CA ASP J 488 12.33 39.51 25.80
C ASP J 488 10.98 40.20 25.94
N THR J 489 11.02 41.50 26.23
CA THR J 489 9.84 42.36 26.24
C THR J 489 10.24 43.69 25.60
N ALA J 490 9.41 44.71 25.77
CA ALA J 490 9.70 46.04 25.28
C ALA J 490 10.07 47.01 26.40
N ASN J 491 9.28 47.01 27.47
CA ASN J 491 9.61 47.75 28.68
C ASN J 491 9.18 46.91 29.87
N LEU J 492 9.59 47.36 31.07
CA LEU J 492 9.33 46.56 32.26
C LEU J 492 7.87 46.62 32.68
N ALA J 493 7.11 47.57 32.17
CA ALA J 493 5.68 47.58 32.44
C ALA J 493 4.96 46.47 31.71
N GLN J 494 5.43 46.09 30.53
CA GLN J 494 4.78 45.04 29.76
C GLN J 494 5.06 43.66 30.36
N GLU J 495 6.27 43.44 30.87
CA GLU J 495 6.55 42.21 31.59
C GLU J 495 5.77 42.13 32.89
N GLN J 496 5.50 43.28 33.50
CA GLN J 496 4.64 43.32 34.68
C GLN J 496 3.19 43.02 34.32
N PHE J 497 2.81 43.29 33.07
CA PHE J 497 1.44 43.08 32.61
C PHE J 497 1.14 41.62 32.32
N LEU J 498 2.16 40.83 32.00
CA LEU J 498 1.91 39.46 31.56
C LEU J 498 1.60 38.54 32.73
N GLN J 499 2.32 38.69 33.85
CA GLN J 499 2.05 37.90 35.05
C GLN J 499 1.05 38.57 35.97
N LEU J 500 0.16 39.40 35.42
CA LEU J 500 -1.01 39.89 36.14
C LEU J 500 -2.30 39.38 35.50
N THR J 501 -2.42 39.48 34.18
CA THR J 501 -3.58 38.94 33.48
C THR J 501 -3.61 37.42 33.50
N GLU J 502 -2.45 36.77 33.58
CA GLU J 502 -2.42 35.34 33.86
C GLU J 502 -2.95 35.04 35.25
N LEU J 503 -2.65 35.91 36.21
CA LEU J 503 -3.13 35.74 37.56
C LEU J 503 -4.54 36.27 37.74
N ALA J 504 -4.92 37.30 36.98
CA ALA J 504 -6.28 37.82 37.05
C ALA J 504 -7.29 36.90 36.40
N ARG J 505 -6.85 36.03 35.50
CA ARG J 505 -7.78 35.16 34.79
C ARG J 505 -8.34 34.08 35.70
N LEU J 506 -7.55 33.63 36.67
CA LEU J 506 -8.02 32.61 37.61
C LEU J 506 -9.02 33.18 38.59
N TYR J 507 -8.78 34.40 39.08
CA TYR J 507 -9.74 35.02 40.00
C TYR J 507 -10.90 35.66 39.26
N GLY J 508 -10.61 36.63 38.41
CA GLY J 508 -11.64 37.22 37.59
C GLY J 508 -11.70 38.74 37.69
N PRO J 509 -12.78 39.32 37.17
CA PRO J 509 -12.88 40.78 37.14
C PRO J 509 -13.36 41.39 38.45
N GLN J 510 -13.30 40.65 39.55
CA GLN J 510 -13.75 41.17 40.82
C GLN J 510 -12.67 41.99 41.53
N GLU J 511 -11.43 41.49 41.57
CA GLU J 511 -10.38 42.16 42.33
C GLU J 511 -9.20 42.61 41.49
N VAL J 512 -9.29 42.52 40.17
CA VAL J 512 -8.30 43.16 39.29
C VAL J 512 -9.08 44.12 38.38
N PRO J 513 -9.29 45.36 38.80
CA PRO J 513 -10.15 46.27 38.02
C PRO J 513 -9.38 47.09 36.98
N PHE J 514 -10.06 48.01 36.31
CA PHE J 514 -9.39 49.04 35.54
C PHE J 514 -8.55 49.95 36.43
N ASP J 515 -7.66 50.70 35.77
CA ASP J 515 -6.58 51.56 36.28
C ASP J 515 -5.46 50.72 36.91
N ASP J 516 -5.59 49.40 36.93
CA ASP J 516 -4.58 48.50 37.41
C ASP J 516 -4.19 47.47 36.35
N LEU J 517 -5.00 47.32 35.31
CA LEU J 517 -4.70 46.47 34.17
C LEU J 517 -4.74 47.21 32.85
N LEU J 518 -5.40 48.36 32.77
CA LEU J 518 -5.33 49.25 31.62
C LEU J 518 -4.14 50.19 31.70
N GLU J 519 -3.70 50.54 32.91
CA GLU J 519 -2.65 51.52 33.06
C GLU J 519 -1.29 50.95 32.65
N LEU J 520 -0.96 49.76 33.15
CA LEU J 520 0.33 49.17 32.80
C LEU J 520 0.20 48.24 31.60
N SER J 521 -0.44 48.73 30.54
CA SER J 521 -0.69 47.97 29.34
C SER J 521 0.31 48.37 28.27
N SER J 522 0.09 47.91 27.04
CA SER J 522 0.94 48.23 25.91
C SER J 522 0.14 48.83 24.77
N MET J 523 -0.73 49.80 25.10
CA MET J 523 -1.67 50.64 24.38
C MET J 523 -1.02 51.98 24.04
N PRO J 524 -1.18 52.49 22.81
CA PRO J 524 -0.48 53.72 22.42
C PRO J 524 -0.90 54.98 23.16
N GLU J 525 -2.16 55.35 23.04
CA GLU J 525 -2.68 56.56 23.65
C GLU J 525 -3.60 56.15 24.79
N LYS J 526 -3.11 56.27 26.02
CA LYS J 526 -3.90 55.94 27.18
C LYS J 526 -3.99 57.07 28.19
N THR J 527 -3.02 57.98 28.20
CA THR J 527 -3.11 59.15 29.07
C THR J 527 -4.23 60.08 28.63
N LYS J 528 -4.49 60.16 27.33
CA LYS J 528 -5.63 60.88 26.80
C LYS J 528 -6.89 60.03 26.75
N LEU J 529 -6.87 58.86 27.40
CA LEU J 529 -8.06 58.04 27.57
C LEU J 529 -8.32 57.68 29.03
N ILE J 530 -7.31 57.66 29.88
CA ILE J 530 -7.57 57.31 31.27
C ILE J 530 -8.15 58.49 32.03
N ALA J 531 -8.04 59.71 31.50
CA ALA J 531 -8.57 60.89 32.17
C ALA J 531 -9.95 61.27 31.66
N LYS J 532 -10.41 60.70 30.56
CA LYS J 532 -11.78 60.87 30.12
C LYS J 532 -12.69 59.78 30.65
N ARG J 533 -12.15 58.79 31.37
CA ARG J 533 -12.94 57.81 32.09
C ARG J 533 -12.88 57.99 33.59
N ARG J 534 -11.82 58.60 34.11
CA ARG J 534 -11.76 58.91 35.53
C ARG J 534 -12.74 60.02 35.88
N GLU J 535 -13.03 60.90 34.92
CA GLU J 535 -13.93 62.01 35.20
C GLU J 535 -15.38 61.55 35.28
N ARG J 536 -15.73 60.47 34.56
CA ARG J 536 -17.10 59.98 34.61
C ARG J 536 -17.41 59.23 35.91
N SER J 537 -16.40 58.70 36.59
CA SER J 537 -16.58 58.13 37.92
C SER J 537 -16.36 59.16 39.02
N GLU J 538 -16.43 60.43 38.68
CA GLU J 538 -16.31 61.52 39.65
C GLU J 538 -17.46 62.50 39.56
N GLN J 539 -17.98 62.76 38.35
CA GLN J 539 -19.23 63.50 38.25
C GLN J 539 -20.45 62.62 38.50
N MET J 540 -20.27 61.30 38.55
CA MET J 540 -21.34 60.41 38.98
C MET J 540 -21.31 60.18 40.49
N ALA J 541 -20.12 60.22 41.09
CA ALA J 541 -20.03 60.10 42.54
C ALA J 541 -20.57 61.34 43.26
N GLN J 542 -20.66 62.47 42.57
CA GLN J 542 -21.33 63.63 43.13
C GLN J 542 -22.85 63.51 43.07
N VAL J 543 -23.37 62.63 42.22
CA VAL J 543 -24.79 62.31 42.28
C VAL J 543 -25.07 61.36 43.43
N GLN J 544 -24.29 60.28 43.56
CA GLN J 544 -24.51 59.28 44.59
C GLN J 544 -24.03 59.70 45.98
N ALA J 545 -23.59 60.94 46.15
CA ALA J 545 -23.36 61.51 47.47
C ALA J 545 -24.39 62.57 47.83
N GLN J 546 -24.74 63.46 46.90
CA GLN J 546 -25.75 64.46 47.19
C GLN J 546 -27.16 63.88 47.21
N GLN J 547 -27.35 62.68 46.65
CA GLN J 547 -28.59 61.94 46.82
C GLN J 547 -28.55 61.00 48.01
N GLY J 548 -27.38 60.79 48.60
CA GLY J 548 -27.26 59.91 49.75
C GLY J 548 -27.20 60.68 51.05
N GLN J 549 -26.69 61.92 51.00
CA GLN J 549 -26.65 62.78 52.18
C GLN J 549 -27.97 63.50 52.44
N MET J 550 -28.99 63.27 51.62
CA MET J 550 -30.35 63.65 51.96
C MET J 550 -31.25 62.42 52.08
N GLN J 551 -30.66 61.26 52.30
CA GLN J 551 -31.36 60.07 52.79
C GLN J 551 -30.84 59.60 54.12
N GLU J 552 -29.53 59.62 54.29
CA GLU J 552 -28.87 59.13 55.50
C GLU J 552 -28.92 60.14 56.64
N GLN J 553 -29.49 61.34 56.43
CA GLN J 553 -29.81 62.26 57.50
C GLN J 553 -31.30 62.34 57.77
N ILE J 554 -32.12 61.75 56.89
CA ILE J 554 -33.55 61.74 57.07
C ILE J 554 -34.08 60.35 57.46
N ALA J 555 -33.39 59.29 57.10
CA ALA J 555 -33.75 57.97 57.61
C ALA J 555 -33.20 57.69 59.01
N MET J 556 -32.43 58.61 59.59
CA MET J 556 -31.95 58.47 60.95
C MET J 556 -31.65 59.85 61.52
N GLN J 557 -31.73 59.96 62.85
CA GLN J 557 -31.64 61.16 63.69
C GLN J 557 -32.78 62.15 63.43
N GLY J 558 -33.71 61.79 62.57
CA GLY J 558 -34.94 62.49 62.29
C GLY J 558 -35.80 61.38 61.72
N ALA J 559 -37.06 61.29 62.16
CA ALA J 559 -38.04 60.25 61.78
C ALA J 559 -37.64 58.84 62.21
N MET J 560 -36.49 58.68 62.87
CA MET J 560 -36.06 57.40 63.40
C MET J 560 -35.47 57.50 64.80
N ALA J 561 -34.99 58.67 65.20
CA ALA J 561 -34.74 58.94 66.61
C ALA J 561 -36.01 59.38 67.33
N GLU J 562 -37.04 59.76 66.58
CA GLU J 562 -38.33 60.09 67.18
C GLU J 562 -39.17 58.86 67.50
N ILE J 563 -38.69 57.66 67.14
CA ILE J 563 -39.27 56.45 67.71
C ILE J 563 -38.73 56.21 69.11
N GLU J 564 -37.70 56.96 69.51
CA GLU J 564 -37.27 57.05 70.90
C GLU J 564 -37.90 58.24 71.59
N ASN J 565 -38.90 58.86 70.98
CA ASN J 565 -39.60 59.99 71.58
C ASN J 565 -41.11 59.77 71.61
N THR J 566 -41.59 58.67 71.06
CA THR J 566 -43.00 58.32 71.15
C THR J 566 -43.20 56.91 71.65
N GLN J 567 -42.11 56.17 71.85
CA GLN J 567 -42.13 54.82 72.41
C GLN J 567 -41.28 54.70 73.66
N ALA J 568 -40.30 55.58 73.82
CA ALA J 568 -39.66 55.78 75.12
C ALA J 568 -40.40 56.80 75.97
N ASP J 569 -41.28 57.58 75.37
CA ASP J 569 -42.01 58.62 76.09
C ASP J 569 -43.40 58.19 76.52
N THR J 570 -44.06 57.33 75.76
CA THR J 570 -45.28 56.71 76.25
C THR J 570 -45.00 55.66 77.32
N ALA J 571 -43.74 55.29 77.52
CA ALA J 571 -43.31 54.53 78.68
C ALA J 571 -43.66 55.20 79.99
N TYR J 572 -43.71 56.54 80.04
CA TYR J 572 -44.12 57.23 81.26
C TYR J 572 -45.63 57.39 81.37
N LEU J 573 -46.36 57.14 80.28
CA LEU J 573 -47.82 57.19 80.42
C LEU J 573 -48.36 55.93 81.07
N ALA J 574 -47.96 54.76 80.55
CA ALA J 574 -48.33 53.49 81.14
C ALA J 574 -47.75 53.31 82.53
N ALA J 575 -46.69 54.02 82.88
CA ALA J 575 -46.15 53.99 84.23
C ALA J 575 -46.91 54.89 85.18
N ARG J 576 -47.36 56.06 84.72
CA ARG J 576 -48.06 56.97 85.61
C ARG J 576 -49.47 56.48 85.91
N ALA J 577 -50.08 55.74 84.97
CA ALA J 577 -51.40 55.18 85.23
C ALA J 577 -51.35 54.00 86.19
N GLN J 578 -50.16 53.58 86.60
CA GLN J 578 -49.98 52.64 87.70
C GLN J 578 -49.98 53.34 89.04
N ASN J 579 -49.30 54.48 89.15
CA ASN J 579 -49.25 55.25 90.38
C ASN J 579 -50.59 55.91 90.68
N GLU J 580 -51.35 56.23 89.65
CA GLU J 580 -52.71 56.76 89.79
C GLU J 580 -53.69 55.60 89.79
N MET J 581 -53.18 54.38 89.84
CA MET J 581 -53.99 53.22 90.18
C MET J 581 -53.68 52.71 91.57
N LEU J 582 -52.56 53.16 92.15
CA LEU J 582 -52.26 52.96 93.55
C LEU J 582 -53.17 53.78 94.45
N LYS J 583 -53.76 54.85 93.93
CA LYS J 583 -54.64 55.69 94.74
C LYS J 583 -56.04 55.12 94.95
N PRO J 584 -56.84 54.66 93.91
CA PRO J 584 -58.24 54.33 94.20
C PRO J 584 -58.49 53.01 94.93
N GLN J 585 -57.45 52.37 95.47
CA GLN J 585 -57.67 51.26 96.39
C GLN J 585 -57.48 51.68 97.84
N ILE J 586 -56.30 52.17 98.19
CA ILE J 586 -55.98 52.54 99.56
C ILE J 586 -55.70 54.03 99.61
N GLU J 587 -56.08 54.65 100.72
CA GLU J 587 -56.10 56.11 100.94
C GLU J 587 -56.97 56.78 99.87
N ALA J 588 -58.13 56.20 99.62
CA ALA J 588 -59.16 56.79 98.78
C ALA J 588 -60.50 56.91 99.50
N PHE J 589 -60.89 55.92 100.30
CA PHE J 589 -62.14 55.94 101.04
C PHE J 589 -61.92 55.22 102.36
N LYS J 590 -61.97 55.97 103.47
CA LYS J 590 -61.80 55.39 104.79
C LYS J 590 -62.56 56.19 105.85
N THR K 4 58.67 44.26 47.91
CA THR K 4 57.92 44.44 46.67
C THR K 4 58.84 44.87 45.53
N MET K 5 58.26 45.04 44.34
CA MET K 5 59.03 45.42 43.17
C MET K 5 58.40 46.57 42.41
N THR K 6 58.90 46.83 41.21
CA THR K 6 58.48 47.94 40.39
C THR K 6 57.61 47.43 39.24
N MET K 7 57.24 48.33 38.36
CA MET K 7 56.39 47.97 37.24
C MET K 7 57.21 47.48 36.06
N PRO K 8 56.67 46.57 35.25
CA PRO K 8 57.45 46.03 34.13
C PRO K 8 57.68 47.05 33.05
N SER K 9 58.87 47.00 32.45
CA SER K 9 59.34 48.09 31.59
C SER K 9 59.83 47.55 30.25
N HIS K 10 58.88 47.31 29.33
CA HIS K 10 59.06 47.28 27.89
C HIS K 10 59.99 46.17 27.37
N ALA K 11 60.61 45.42 28.24
CA ALA K 11 61.35 44.26 27.78
C ALA K 11 60.67 42.97 28.17
N GLN K 12 60.16 42.89 29.41
CA GLN K 12 59.26 41.82 29.79
C GLN K 12 57.81 42.17 29.54
N LEU K 13 57.53 43.13 28.66
CA LEU K 13 56.22 43.25 28.05
C LEU K 13 56.19 42.79 26.61
N LYS K 14 57.26 43.05 25.84
CA LYS K 14 57.37 42.40 24.55
C LYS K 14 57.60 40.91 24.69
N ALA K 15 58.24 40.48 25.78
CA ALA K 15 58.45 39.06 26.02
C ALA K 15 57.19 38.34 26.44
N TYR K 16 56.14 39.07 26.79
CA TYR K 16 54.85 38.43 26.99
C TYR K 16 54.07 38.32 25.70
N PHE K 17 54.11 39.36 24.87
CA PHE K 17 53.40 39.33 23.60
C PHE K 17 54.00 38.31 22.66
N GLU K 18 55.30 38.08 22.74
CA GLU K 18 55.99 37.21 21.81
C GLU K 18 55.93 35.75 22.24
N GLU K 19 55.72 35.48 23.52
CA GLU K 19 55.40 34.11 23.92
C GLU K 19 53.99 33.73 23.48
N ALA K 20 53.07 34.69 23.45
CA ALA K 20 51.72 34.47 22.98
C ALA K 20 51.57 34.66 21.48
N ARG K 21 52.67 34.63 20.73
CA ARG K 21 52.61 34.61 19.28
C ARG K 21 53.46 33.45 18.79
N ASP K 22 54.51 33.11 19.55
CA ASP K 22 55.32 31.94 19.21
C ASP K 22 54.51 30.67 19.46
N ALA K 23 53.89 30.57 20.62
CA ALA K 23 52.86 29.57 20.83
C ALA K 23 51.54 30.10 20.30
N ASN K 24 50.48 29.32 20.53
CA ASN K 24 49.09 29.44 20.04
C ASN K 24 48.97 29.99 18.64
N GLU K 25 49.86 29.56 17.75
CA GLU K 25 49.79 29.87 16.35
C GLU K 25 49.38 28.66 15.55
N GLU K 26 49.35 27.49 16.20
CA GLU K 26 48.94 26.26 15.54
C GLU K 26 47.45 26.24 15.26
N TYR K 27 46.64 26.76 16.16
CA TYR K 27 45.21 26.82 15.88
C TYR K 27 44.78 28.15 15.30
N ARG K 28 45.51 29.21 15.61
CA ARG K 28 45.13 30.53 15.14
C ARG K 28 45.35 30.67 13.65
N LYS K 29 46.34 29.95 13.10
CA LYS K 29 46.47 29.79 11.66
C LYS K 29 45.56 28.70 11.13
N GLU K 30 44.95 27.92 11.99
CA GLU K 30 44.01 26.89 11.58
C GLU K 30 42.57 27.37 11.65
N ALA K 31 42.27 28.31 12.56
CA ALA K 31 40.92 28.85 12.63
C ALA K 31 40.63 29.78 11.47
N PHE K 32 41.64 30.39 10.87
CA PHE K 32 41.43 31.16 9.66
C PHE K 32 41.20 30.29 8.45
N ILE K 33 41.67 29.04 8.46
CA ILE K 33 41.27 28.11 7.42
C ILE K 33 39.79 27.79 7.56
N ASP K 34 39.32 27.62 8.81
CA ASP K 34 37.90 27.35 9.05
C ASP K 34 37.01 28.52 8.67
N ARG K 35 37.56 29.74 8.68
CA ARG K 35 36.78 30.92 8.33
C ARG K 35 36.47 30.94 6.84
N ASP K 36 37.52 30.90 6.00
CA ASP K 36 37.34 30.96 4.57
C ASP K 36 37.05 29.60 3.97
N TYR K 37 36.51 28.71 4.79
CA TYR K 37 36.02 27.43 4.38
C TYR K 37 34.50 27.40 4.37
N PHE K 38 33.85 28.37 4.99
CA PHE K 38 32.41 28.36 4.93
C PHE K 38 31.86 29.44 4.03
N ASP K 39 32.70 30.39 3.61
CA ASP K 39 32.32 31.32 2.55
C ASP K 39 33.22 31.10 1.35
N GLY K 40 32.86 30.10 0.55
CA GLY K 40 33.63 29.71 -0.61
C GLY K 40 35.00 29.19 -0.22
N HIS K 41 35.86 29.15 -1.23
CA HIS K 41 37.30 28.94 -1.10
C HIS K 41 37.62 27.58 -0.48
N GLN K 42 36.97 26.55 -1.00
CA GLN K 42 37.17 25.20 -0.52
C GLN K 42 38.18 24.43 -1.36
N TRP K 43 38.96 25.13 -2.18
CA TRP K 43 39.96 24.52 -3.04
C TRP K 43 41.30 25.16 -2.78
N THR K 44 42.34 24.35 -2.64
CA THR K 44 43.68 24.88 -2.44
C THR K 44 44.24 25.42 -3.76
N GLU K 45 45.33 26.16 -3.67
CA GLU K 45 45.89 26.77 -4.86
C GLU K 45 46.66 25.81 -5.75
N GLU K 46 46.93 24.60 -5.28
CA GLU K 46 47.53 23.57 -6.13
C GLU K 46 46.47 22.73 -6.83
N GLU K 47 45.35 22.47 -6.18
CA GLU K 47 44.26 21.75 -6.82
C GLU K 47 43.51 22.62 -7.81
N LEU K 48 43.44 23.92 -7.56
CA LEU K 48 42.73 24.82 -8.44
C LEU K 48 43.51 25.09 -9.72
N GLN K 49 44.82 24.94 -9.68
CA GLN K 49 45.64 25.11 -10.88
C GLN K 49 45.51 23.91 -11.80
N LYS K 50 45.39 22.71 -11.24
CA LYS K 50 45.36 21.50 -12.04
C LYS K 50 44.02 21.27 -12.71
N LEU K 51 42.92 21.73 -12.10
CA LEU K 51 41.61 21.62 -12.74
C LEU K 51 41.52 22.47 -13.99
N GLU K 52 42.23 23.59 -14.03
CA GLU K 52 42.24 24.45 -15.21
C GLU K 52 43.05 23.86 -16.34
N ALA K 53 43.96 22.94 -16.05
CA ALA K 53 44.72 22.27 -17.10
C ALA K 53 43.92 21.16 -17.75
N ARG K 54 42.86 20.69 -17.12
CA ARG K 54 41.93 19.78 -17.76
C ARG K 54 40.78 20.53 -18.41
N LYS K 55 40.83 21.86 -18.38
CA LYS K 55 39.76 22.76 -18.82
C LYS K 55 38.44 22.49 -18.11
N GLN K 56 38.51 22.12 -16.84
CA GLN K 56 37.35 21.72 -16.04
C GLN K 56 36.94 22.85 -15.12
N PRO K 57 35.63 23.11 -14.96
CA PRO K 57 35.21 24.07 -13.94
C PRO K 57 35.45 23.52 -12.54
N ALA K 58 35.60 24.44 -11.60
CA ALA K 58 35.92 24.11 -10.22
C ALA K 58 34.66 24.28 -9.39
N THR K 59 33.83 23.26 -9.35
CA THR K 59 32.55 23.34 -8.66
C THR K 59 32.69 22.95 -7.21
N TYR K 60 31.91 23.61 -6.35
CA TYR K 60 31.81 23.26 -4.94
C TYR K 60 30.38 23.39 -4.48
N PHE K 61 30.02 22.59 -3.49
CA PHE K 61 28.68 22.55 -2.94
C PHE K 61 28.76 22.95 -1.49
N ASN K 62 28.57 24.23 -1.21
CA ASN K 62 28.90 24.83 0.09
C ASN K 62 27.83 24.42 1.09
N GLU K 63 27.96 23.19 1.58
CA GLU K 63 26.98 22.60 2.47
C GLU K 63 27.37 22.76 3.93
N VAL K 64 28.31 23.66 4.22
CA VAL K 64 28.73 23.96 5.57
C VAL K 64 28.33 25.36 5.98
N LYS K 65 27.80 26.16 5.06
CA LYS K 65 27.12 27.38 5.45
C LYS K 65 25.70 27.10 5.91
N LEU K 66 25.06 26.06 5.36
CA LEU K 66 23.73 25.67 5.78
C LEU K 66 23.67 25.21 7.23
N SER K 67 24.70 24.53 7.69
CA SER K 67 24.72 24.02 9.04
C SER K 67 25.03 25.07 10.09
N ILE K 68 25.44 26.27 9.69
CA ILE K 68 25.80 27.31 10.63
C ILE K 68 24.73 28.39 10.58
N ARG K 69 24.19 28.64 9.39
CA ARG K 69 23.24 29.72 9.21
C ARG K 69 21.91 29.41 9.90
N GLY K 70 21.57 28.15 10.04
CA GLY K 70 20.38 27.80 10.77
C GLY K 70 20.63 27.52 12.23
N LEU K 71 21.88 27.53 12.65
CA LEU K 71 22.24 27.28 14.03
C LEU K 71 22.54 28.55 14.79
N VAL K 72 22.97 29.60 14.09
CA VAL K 72 22.99 30.93 14.66
C VAL K 72 21.57 31.47 14.78
N GLY K 73 20.71 31.13 13.81
CA GLY K 73 19.35 31.61 13.79
C GLY K 73 18.45 31.07 14.88
N VAL K 74 18.89 30.04 15.59
CA VAL K 74 18.20 29.59 16.78
C VAL K 74 18.57 30.45 17.98
N PHE K 75 19.86 30.72 18.13
CA PHE K 75 20.34 31.62 19.18
C PHE K 75 19.83 33.03 18.98
N GLU K 76 19.78 33.48 17.72
CA GLU K 76 19.47 34.86 17.42
C GLU K 76 18.00 35.19 17.66
N GLN K 77 17.13 34.19 17.58
CA GLN K 77 15.71 34.43 17.83
C GLN K 77 15.40 34.42 19.31
N GLY K 78 15.99 33.50 20.07
CA GLY K 78 15.68 33.40 21.48
C GLY K 78 16.53 34.31 22.33
N ASP K 79 16.49 35.62 22.04
CA ASP K 79 17.32 36.58 22.75
C ASP K 79 16.78 36.82 24.15
N SER K 80 17.50 37.65 24.90
CA SER K 80 17.20 37.82 26.31
C SER K 80 17.62 39.19 26.79
N ASP K 81 16.78 39.78 27.56
CA ASP K 81 17.07 40.95 28.36
C ASP K 81 17.33 40.53 29.81
N PRO K 82 18.22 41.21 30.52
CA PRO K 82 18.64 40.72 31.84
C PRO K 82 17.56 40.94 32.89
N ARG K 83 17.84 40.42 34.08
CA ARG K 83 16.86 40.32 35.15
C ARG K 83 17.57 39.92 36.43
N ALA K 84 17.18 40.51 37.56
CA ALA K 84 17.76 40.18 38.84
C ALA K 84 16.70 39.57 39.74
N TRP K 85 17.06 38.51 40.45
CA TRP K 85 16.11 37.79 41.29
C TRP K 85 16.46 37.98 42.77
N PRO K 86 15.64 38.67 43.55
CA PRO K 86 15.95 38.83 44.98
C PRO K 86 15.84 37.50 45.69
N ARG K 87 16.86 37.16 46.48
CA ARG K 87 16.93 35.78 46.93
C ARG K 87 15.97 35.49 48.07
N ASN K 88 15.56 36.50 48.82
CA ASN K 88 14.61 36.27 49.90
C ASN K 88 13.83 37.55 50.15
N PRO K 89 12.51 37.52 50.05
CA PRO K 89 11.75 38.76 50.05
C PRO K 89 11.60 39.39 51.42
N GLN K 90 12.70 39.63 52.12
CA GLN K 90 12.74 40.46 53.31
C GLN K 90 13.67 41.60 52.96
N ASP K 91 13.08 42.66 52.41
CA ASP K 91 13.77 43.87 52.00
C ASP K 91 14.85 43.56 50.96
N GLU K 92 14.59 42.59 50.08
CA GLU K 92 15.47 42.42 48.94
C GLU K 92 14.78 42.65 47.61
N ASP K 93 13.45 42.66 47.57
CA ASP K 93 12.77 43.06 46.35
C ASP K 93 12.80 44.57 46.17
N SER K 94 12.93 45.32 47.27
CA SER K 94 13.07 46.76 47.16
C SER K 94 14.40 47.13 46.53
N ALA K 95 15.42 46.29 46.70
CA ALA K 95 16.73 46.48 46.09
C ALA K 95 16.84 45.80 44.74
N ASP K 96 15.73 45.71 44.01
CA ASP K 96 15.70 45.16 42.66
C ASP K 96 15.40 46.27 41.67
N ILE K 97 15.93 47.46 41.96
CA ILE K 97 16.08 48.55 41.01
C ILE K 97 17.15 48.20 39.98
N ALA K 98 18.03 47.25 40.32
CA ALA K 98 19.15 46.86 39.46
C ALA K 98 18.68 46.36 38.10
N THR K 99 17.59 45.61 38.04
CA THR K 99 17.09 45.18 36.75
C THR K 99 16.43 46.29 35.95
N LYS K 100 16.22 47.46 36.54
CA LYS K 100 15.67 48.60 35.83
C LYS K 100 16.77 49.50 35.30
N ALA K 101 18.00 49.32 35.78
CA ALA K 101 19.14 50.10 35.32
C ALA K 101 20.27 49.24 34.79
N LEU K 102 20.08 47.92 34.72
CA LEU K 102 21.03 47.08 34.03
C LEU K 102 20.58 46.74 32.62
N ARG K 103 19.28 46.87 32.33
CA ARG K 103 18.79 46.91 30.97
C ARG K 103 18.77 48.32 30.41
N TYR K 104 19.40 49.25 31.11
CA TYR K 104 19.78 50.52 30.51
C TYR K 104 21.01 50.39 29.66
N VAL K 105 22.01 49.63 30.13
CA VAL K 105 23.27 49.52 29.40
C VAL K 105 23.20 48.49 28.28
N LYS K 106 22.19 47.61 28.30
CA LYS K 106 21.95 46.72 27.18
C LYS K 106 21.26 47.44 26.04
N ASP K 107 20.71 48.63 26.29
CA ASP K 107 20.10 49.44 25.25
C ASP K 107 20.94 50.61 24.82
N TYR K 108 21.84 51.11 25.67
CA TYR K 108 22.73 52.18 25.27
C TYR K 108 23.77 51.70 24.27
N SER K 109 24.34 50.53 24.52
CA SER K 109 25.48 50.04 23.78
C SER K 109 25.09 49.22 22.56
N GLU K 110 23.80 49.06 22.29
CA GLU K 110 23.26 48.21 21.24
C GLU K 110 23.77 46.78 21.37
N TRP K 111 23.42 46.15 22.46
CA TRP K 111 23.74 44.74 22.60
C TRP K 111 22.72 43.86 21.91
N SER K 112 21.64 44.43 21.40
CA SER K 112 20.61 43.61 20.77
C SER K 112 21.05 43.07 19.42
N ASP K 113 22.02 43.72 18.76
CA ASP K 113 22.51 43.24 17.48
C ASP K 113 23.97 42.80 17.52
N GLU K 114 24.72 43.23 18.50
CA GLU K 114 26.11 42.81 18.62
C GLU K 114 26.24 41.54 19.42
N ARG K 115 25.13 40.97 19.87
CA ARG K 115 25.16 39.62 20.41
C ARG K 115 25.13 38.58 19.30
N SER K 116 24.69 38.96 18.11
CA SER K 116 24.71 38.08 16.96
C SER K 116 26.02 38.19 16.19
N ARG K 117 26.90 39.07 16.62
CA ARG K 117 28.22 39.19 16.04
C ARG K 117 29.27 38.47 16.87
N ALA K 118 28.98 38.25 18.14
CA ALA K 118 29.77 37.38 18.99
C ALA K 118 29.37 35.93 18.85
N ALA K 119 28.20 35.65 18.30
CA ALA K 119 27.79 34.27 18.06
C ALA K 119 28.35 33.72 16.76
N LEU K 120 28.53 34.57 15.76
CA LEU K 120 29.05 34.10 14.48
C LEU K 120 30.55 33.85 14.54
N ASN K 121 31.28 34.51 15.44
CA ASN K 121 32.67 34.19 15.68
C ASN K 121 32.83 33.12 16.74
N TYR K 122 31.74 32.57 17.24
CA TYR K 122 31.78 31.52 18.25
C TYR K 122 31.64 30.14 17.66
N PHE K 123 30.97 30.01 16.52
CA PHE K 123 30.83 28.71 15.90
C PHE K 123 31.80 28.50 14.75
N VAL K 124 32.18 29.57 14.04
CA VAL K 124 33.10 29.43 12.92
C VAL K 124 34.54 29.47 13.40
N GLU K 125 34.86 30.46 14.21
CA GLU K 125 36.16 30.53 14.87
C GLU K 125 36.07 29.71 16.16
N GLY K 126 37.01 29.90 17.05
CA GLY K 126 36.90 29.21 18.32
C GLY K 126 36.24 30.01 19.43
N THR K 127 36.69 31.25 19.63
CA THR K 127 36.38 32.01 20.83
C THR K 127 35.51 33.21 20.48
N CYS K 128 34.73 33.67 21.45
CA CYS K 128 34.09 34.97 21.38
C CYS K 128 34.55 35.79 22.58
N ALA K 129 34.54 37.11 22.44
CA ALA K 129 35.09 37.95 23.49
C ALA K 129 34.42 39.31 23.49
N ALA K 130 34.45 39.98 24.65
CA ALA K 130 33.91 41.32 24.78
C ALA K 130 34.54 42.00 25.98
N ILE K 131 34.62 43.32 25.93
CA ILE K 131 35.19 44.14 26.99
C ILE K 131 34.15 45.14 27.45
N VAL K 132 33.95 45.22 28.77
CA VAL K 132 32.97 46.12 29.37
C VAL K 132 33.70 47.16 30.21
N GLY K 133 33.49 48.43 29.90
CA GLY K 133 34.23 49.48 30.55
C GLY K 133 33.57 50.83 30.37
N VAL K 134 33.93 51.77 31.22
CA VAL K 134 33.20 53.02 31.38
C VAL K 134 33.88 54.12 30.59
N ASP K 135 33.11 54.80 29.74
CA ASP K 135 33.66 55.81 28.85
C ASP K 135 33.87 57.16 29.54
N GLU K 136 34.01 58.21 28.73
CA GLU K 136 34.38 59.54 29.24
C GLU K 136 33.32 60.15 30.14
N ASN K 137 32.06 59.75 30.00
CA ASN K 137 31.01 60.17 30.92
C ASN K 137 30.97 59.20 32.09
N GLY K 138 29.87 59.19 32.82
CA GLY K 138 29.76 58.24 33.91
C GLY K 138 29.13 56.92 33.49
N ARG K 139 28.78 56.76 32.26
CA ARG K 139 27.97 55.61 31.90
C ARG K 139 28.83 54.45 31.41
N PRO K 140 28.40 53.21 31.56
CA PRO K 140 29.20 52.09 31.08
C PRO K 140 28.80 51.60 29.70
N GLU K 141 29.78 51.01 29.03
CA GLU K 141 29.74 50.64 27.63
C GLU K 141 30.38 49.26 27.48
N ILE K 142 29.84 48.47 26.56
CA ILE K 142 30.33 47.13 26.30
C ILE K 142 30.66 47.01 24.82
N GLU K 143 31.96 46.95 24.51
CA GLU K 143 32.40 46.75 23.13
C GLU K 143 32.68 45.29 22.87
N PRO K 144 32.29 44.77 21.72
CA PRO K 144 32.77 43.45 21.31
C PRO K 144 34.11 43.55 20.60
N ILE K 145 35.04 42.71 21.03
CA ILE K 145 36.38 42.63 20.47
C ILE K 145 36.44 41.46 19.50
N ARG K 146 36.97 41.69 18.31
CA ARG K 146 36.96 40.72 17.25
C ARG K 146 37.93 39.57 17.55
N PHE K 147 37.71 38.44 16.88
CA PHE K 147 38.58 37.28 17.07
C PHE K 147 39.95 37.50 16.47
N GLU K 148 40.04 38.30 15.41
CA GLU K 148 41.31 38.53 14.72
C GLU K 148 42.30 39.35 15.53
N GLU K 149 41.92 39.82 16.72
CA GLU K 149 42.79 40.64 17.54
C GLU K 149 42.69 40.31 19.02
N PHE K 150 41.92 39.31 19.44
CA PHE K 150 41.99 38.90 20.82
C PHE K 150 43.28 38.14 21.08
N PHE K 151 43.75 38.21 22.32
CA PHE K 151 45.14 37.95 22.63
C PHE K 151 45.23 37.53 24.09
N HIS K 152 45.52 36.25 24.32
CA HIS K 152 45.63 35.73 25.68
C HIS K 152 46.92 34.97 25.82
N ASP K 153 47.14 34.34 26.95
CA ASP K 153 48.36 33.56 27.07
C ASP K 153 48.11 32.12 26.70
N PRO K 154 49.16 31.37 26.37
CA PRO K 154 49.07 29.92 26.44
C PRO K 154 49.25 29.49 27.89
N ARG K 155 49.33 28.18 28.10
CA ARG K 155 49.39 27.55 29.42
C ARG K 155 48.18 27.94 30.26
N SER K 156 47.03 28.01 29.60
CA SER K 156 45.74 28.29 30.23
C SER K 156 44.80 27.20 29.75
N ARG K 157 44.64 26.16 30.57
CA ARG K 157 43.95 24.95 30.14
C ARG K 157 42.44 25.16 30.00
N GLU K 158 41.91 26.18 30.65
CA GLU K 158 40.48 26.26 30.88
C GLU K 158 39.77 27.12 29.84
N LEU K 159 38.59 26.69 29.40
CA LEU K 159 37.83 27.38 28.37
C LEU K 159 37.02 28.55 28.89
N ASP K 160 37.28 29.03 30.09
CA ASP K 160 36.64 30.23 30.61
C ASP K 160 37.68 31.30 30.91
N PHE K 161 38.96 31.00 30.65
CA PHE K 161 40.10 31.89 30.85
C PHE K 161 40.23 32.32 32.31
N SER K 162 39.95 31.40 33.22
CA SER K 162 40.13 31.71 34.63
C SER K 162 41.60 31.65 35.01
N ASP K 163 42.35 30.75 34.39
CA ASP K 163 43.74 30.48 34.72
C ASP K 163 44.70 31.39 33.97
N ALA K 164 44.19 32.34 33.20
CA ALA K 164 45.06 33.18 32.38
C ALA K 164 45.79 34.19 33.25
N ARG K 165 46.93 34.66 32.75
CA ARG K 165 47.71 35.66 33.43
C ARG K 165 47.66 37.02 32.75
N PHE K 166 47.47 37.06 31.43
CA PHE K 166 47.36 38.33 30.74
C PHE K 166 46.46 38.22 29.52
N LYS K 167 45.71 39.29 29.23
CA LYS K 167 44.77 39.35 28.13
C LYS K 167 44.75 40.78 27.58
N GLY K 168 44.52 40.92 26.26
CA GLY K 168 44.65 42.21 25.62
C GLY K 168 43.86 42.33 24.34
N VAL K 169 44.08 43.41 23.58
CA VAL K 169 43.24 43.70 22.41
C VAL K 169 43.97 43.86 21.08
N ALA K 170 45.25 44.27 21.08
CA ALA K 170 46.22 44.20 19.98
C ALA K 170 45.69 44.69 18.61
N LYS K 171 45.42 45.98 18.51
CA LYS K 171 44.75 46.53 17.33
C LYS K 171 45.72 47.16 16.33
N TRP K 172 45.14 47.56 15.19
CA TRP K 172 45.76 48.47 14.23
C TRP K 172 44.94 49.75 14.18
N ARG K 173 45.61 50.90 14.28
CA ARG K 173 44.92 52.17 14.23
C ARG K 173 45.61 53.08 13.22
N PHE K 174 45.04 54.27 13.05
CA PHE K 174 45.65 55.30 12.21
C PHE K 174 46.61 56.12 13.05
N ALA K 175 47.74 56.50 12.44
CA ALA K 175 48.76 57.24 13.17
C ALA K 175 48.34 58.66 13.49
N ASP K 176 47.33 59.19 12.81
CA ASP K 176 46.76 60.48 13.20
C ASP K 176 46.04 60.37 14.54
N GLU K 177 45.21 59.33 14.72
CA GLU K 177 44.35 59.21 15.88
C GLU K 177 45.00 58.46 17.02
N VAL K 178 46.33 58.47 17.08
CA VAL K 178 47.08 57.97 18.23
C VAL K 178 47.99 59.02 18.79
N GLY K 179 48.83 59.64 17.94
CA GLY K 179 49.78 60.61 18.41
C GLY K 179 49.15 61.92 18.82
N MET K 180 48.11 62.35 18.09
CA MET K 180 47.32 63.51 18.48
C MET K 180 46.23 63.17 19.48
N GLU K 181 46.33 62.02 20.11
CA GLU K 181 45.53 61.66 21.27
C GLU K 181 46.36 61.53 22.54
N TYR K 182 47.61 61.08 22.40
CA TYR K 182 48.50 60.88 23.55
C TYR K 182 49.72 61.77 23.50
N GLY K 183 49.73 62.81 22.68
CA GLY K 183 50.79 63.79 22.67
C GLY K 183 52.09 63.38 22.00
N ILE K 184 52.16 62.17 21.46
CA ILE K 184 53.34 61.74 20.70
C ILE K 184 53.36 62.48 19.37
N LYS K 185 54.52 62.99 18.99
CA LYS K 185 54.61 63.72 17.73
C LYS K 185 54.67 62.74 16.55
N GLY K 186 54.29 63.26 15.38
CA GLY K 186 54.06 62.40 14.23
C GLY K 186 55.34 61.94 13.55
N GLU K 187 55.22 60.82 12.84
CA GLU K 187 56.29 60.09 12.17
C GLU K 187 57.44 59.80 13.14
N ILE K 188 57.13 58.94 14.09
CA ILE K 188 58.09 58.57 15.11
C ILE K 188 58.41 57.08 15.01
N SER K 220 52.94 62.23 5.25
CA SER K 220 51.83 61.66 4.51
C SER K 220 50.62 61.44 5.41
N LYS K 221 49.56 60.88 4.83
CA LYS K 221 48.32 60.63 5.56
C LYS K 221 47.98 59.15 5.41
N LEU K 222 47.22 58.64 6.40
CA LEU K 222 46.84 57.22 6.52
C LEU K 222 48.06 56.31 6.63
N ARG K 223 48.79 56.50 7.73
CA ARG K 223 49.85 55.61 8.15
C ARG K 223 49.32 54.79 9.33
N ARG K 224 49.66 53.50 9.38
CA ARG K 224 49.07 52.61 10.36
C ARG K 224 50.09 52.25 11.43
N VAL K 225 49.64 52.17 12.68
CA VAL K 225 50.49 51.77 13.81
C VAL K 225 49.89 50.54 14.47
N PHE K 226 50.49 50.06 15.55
CA PHE K 226 50.13 48.76 16.12
C PHE K 226 50.03 48.83 17.64
N VAL K 227 49.22 49.75 18.16
CA VAL K 227 49.05 49.87 19.60
C VAL K 227 48.32 48.64 20.15
N VAL K 228 48.65 48.26 21.39
CA VAL K 228 48.18 47.01 21.98
C VAL K 228 47.95 47.18 23.48
N GLU K 229 46.74 46.87 23.95
CA GLU K 229 46.47 46.88 25.38
C GLU K 229 46.86 45.55 26.01
N MET K 230 46.89 45.54 27.34
CA MET K 230 47.56 44.48 28.07
C MET K 230 47.12 44.55 29.52
N TYR K 231 46.53 43.47 30.05
CA TYR K 231 46.12 43.41 31.44
C TYR K 231 46.87 42.28 32.13
N VAL K 232 48.05 42.57 32.62
CA VAL K 232 48.94 41.55 33.18
C VAL K 232 48.83 41.55 34.70
N ARG K 233 48.71 40.36 35.27
CA ARG K 233 48.82 40.19 36.72
C ARG K 233 50.28 40.22 37.09
N TRP K 234 50.73 41.30 37.70
CA TRP K 234 52.15 41.47 37.95
C TRP K 234 52.55 41.08 39.36
N ASN K 235 51.65 41.29 40.31
CA ASN K 235 51.73 40.88 41.69
C ASN K 235 50.27 40.65 42.06
N GLY K 236 49.89 40.80 43.32
CA GLY K 236 48.49 40.77 43.68
C GLY K 236 47.54 41.72 42.97
N VAL K 237 48.07 42.74 42.32
CA VAL K 237 47.27 43.70 41.58
C VAL K 237 47.31 43.36 40.10
N TRP K 238 46.43 43.99 39.33
CA TRP K 238 46.35 43.83 37.89
C TRP K 238 46.81 45.12 37.22
N ILE K 239 47.97 45.07 36.59
CA ILE K 239 48.52 46.21 35.89
C ILE K 239 47.87 46.30 34.52
N ARG K 240 47.44 47.50 34.14
CA ARG K 240 47.03 47.81 32.78
C ARG K 240 48.15 48.59 32.10
N ALA K 241 48.57 48.13 30.93
CA ALA K 241 49.58 48.82 30.16
C ALA K 241 49.20 48.82 28.70
N LEU K 242 49.57 49.86 27.97
CA LEU K 242 49.43 49.84 26.52
C LEU K 242 50.65 50.48 25.89
N PHE K 243 51.23 49.81 24.91
CA PHE K 243 52.50 50.20 24.37
C PHE K 243 52.47 50.09 22.85
N TRP K 244 53.60 50.32 22.23
CA TRP K 244 53.80 50.05 20.82
C TRP K 244 55.26 49.67 20.64
N GLY K 245 55.74 49.74 19.39
CA GLY K 245 57.03 49.14 19.04
C GLY K 245 58.23 49.74 19.74
N ARG K 246 58.14 51.02 20.14
CA ARG K 246 59.16 51.63 20.98
C ARG K 246 58.48 52.53 21.99
N GLY K 247 58.81 52.33 23.26
CA GLY K 247 58.20 53.08 24.34
C GLY K 247 56.80 52.60 24.68
N ILE K 248 56.39 52.89 25.91
CA ILE K 248 55.04 52.65 26.36
C ILE K 248 54.29 53.97 26.34
N LEU K 249 52.98 53.92 26.47
CA LEU K 249 52.17 55.12 26.39
C LEU K 249 51.44 55.44 27.68
N GLU K 250 50.87 54.45 28.36
CA GLU K 250 50.39 54.64 29.71
C GLU K 250 50.44 53.31 30.43
N MET K 251 50.58 53.37 31.75
CA MET K 251 50.76 52.15 32.55
C MET K 251 50.37 52.46 33.98
N SER K 252 49.34 51.78 34.47
CA SER K 252 48.84 52.06 35.80
C SER K 252 48.12 50.83 36.32
N VAL K 253 47.77 50.88 37.61
CA VAL K 253 46.91 49.86 38.19
C VAL K 253 45.52 50.00 37.61
N SER K 254 44.88 48.87 37.30
CA SER K 254 43.59 48.87 36.64
C SER K 254 42.53 49.52 37.50
N ALA K 255 41.74 50.40 36.88
CA ALA K 255 40.81 51.24 37.62
C ALA K 255 39.55 50.50 38.06
N TYR K 256 39.22 49.39 37.43
CA TYR K 256 37.95 48.73 37.67
C TYR K 256 38.09 47.73 38.79
N LEU K 257 37.11 47.69 39.68
CA LEU K 257 37.15 46.79 40.82
C LEU K 257 36.39 45.51 40.52
N ASP K 258 36.17 44.70 41.56
CA ASP K 258 35.54 43.40 41.41
C ASP K 258 34.60 43.20 42.58
N ARG K 259 34.00 42.01 42.72
CA ARG K 259 33.06 41.77 43.80
C ARG K 259 33.74 41.60 45.16
N ASN K 260 35.06 41.46 45.19
CA ASN K 260 35.79 41.33 46.43
C ASN K 260 36.44 42.63 46.89
N GLY K 261 36.55 43.61 46.01
CA GLY K 261 37.11 44.90 46.35
C GLY K 261 38.46 45.18 45.72
N LYS K 262 39.14 44.18 45.26
CA LYS K 262 40.48 44.27 44.69
C LYS K 262 40.40 44.53 43.18
N PRO K 263 41.36 45.27 42.61
CA PRO K 263 41.28 45.59 41.18
C PRO K 263 41.56 44.39 40.30
N THR K 264 40.75 44.24 39.25
CA THR K 264 40.84 43.11 38.32
C THR K 264 40.74 43.57 36.88
N CYS K 265 40.50 42.57 35.95
CA CYS K 265 40.40 42.78 34.51
C CYS K 265 38.94 42.88 34.09
N PRO K 266 38.66 43.67 33.07
CA PRO K 266 37.30 43.70 32.54
C PRO K 266 37.07 42.75 31.38
N ILE K 267 38.14 42.23 30.78
CA ILE K 267 38.00 41.42 29.57
C ILE K 267 37.44 40.05 29.93
N GLU K 268 36.39 39.64 29.23
CA GLU K 268 35.76 38.35 29.44
C GLU K 268 35.47 37.66 28.12
N ALA K 269 35.62 36.34 28.11
CA ALA K 269 35.60 35.58 26.87
C ALA K 269 35.29 34.13 27.16
N ARG K 270 35.08 33.36 26.08
CA ARG K 270 34.70 31.96 26.21
C ARG K 270 34.92 31.26 24.87
N SER K 271 35.44 30.03 24.92
CA SER K 271 35.67 29.24 23.72
C SER K 271 34.75 28.04 23.69
N CYS K 272 34.65 27.42 22.51
CA CYS K 272 33.67 26.36 22.32
C CYS K 272 34.20 25.02 22.82
N TYR K 273 35.30 24.54 22.26
CA TYR K 273 35.91 23.30 22.69
C TYR K 273 37.40 23.49 22.92
N ILE K 274 37.99 22.54 23.64
CA ILE K 274 39.40 22.56 24.01
C ILE K 274 39.95 21.18 23.69
N ASP K 275 41.27 21.11 23.49
CA ASP K 275 41.93 19.86 23.13
C ASP K 275 42.94 19.51 24.24
N ARG K 276 43.68 18.41 24.07
CA ARG K 276 44.63 17.99 25.11
C ARG K 276 45.80 18.95 25.19
N GLU K 277 46.57 19.09 24.12
CA GLU K 277 47.32 20.31 23.95
C GLU K 277 46.34 21.43 23.62
N ASN K 278 46.67 22.64 24.05
CA ASN K 278 45.65 23.69 24.13
C ASN K 278 45.26 24.25 22.79
N ARG K 279 44.26 23.64 22.15
CA ARG K 279 43.67 24.14 20.93
C ARG K 279 42.28 24.69 21.25
N ARG K 280 41.84 25.67 20.48
CA ARG K 280 40.53 26.28 20.67
C ARG K 280 39.82 26.13 19.35
N TYR K 281 39.19 25.00 19.09
CA TYR K 281 38.50 24.88 17.82
C TYR K 281 37.03 25.20 18.04
N GLY K 282 36.28 25.25 16.95
CA GLY K 282 34.89 25.65 17.04
C GLY K 282 33.92 24.56 16.66
N GLU K 283 33.03 24.84 15.73
CA GLU K 283 32.11 23.85 15.21
C GLU K 283 32.48 23.40 13.81
N VAL K 284 33.09 24.30 13.03
CA VAL K 284 33.42 24.02 11.64
C VAL K 284 34.86 23.52 11.58
N ARG K 285 35.42 23.12 12.72
CA ARG K 285 36.60 22.24 12.66
C ARG K 285 36.18 20.85 12.23
N ASP K 286 35.05 20.38 12.71
CA ASP K 286 34.36 19.27 12.10
C ASP K 286 33.67 19.77 10.82
N LEU K 287 33.00 18.88 10.09
CA LEU K 287 32.32 19.20 8.82
C LEU K 287 33.32 19.73 7.78
N ARG K 288 34.56 19.31 7.88
CA ARG K 288 35.57 19.56 6.85
C ARG K 288 36.04 18.28 6.20
N SER K 289 36.30 17.27 6.97
CA SER K 289 36.54 15.96 6.41
C SER K 289 35.28 15.38 5.77
N PRO K 290 34.07 15.51 6.30
CA PRO K 290 32.90 15.12 5.51
C PRO K 290 32.45 16.14 4.48
N GLN K 291 33.26 17.15 4.17
CA GLN K 291 32.87 18.13 3.18
C GLN K 291 33.91 18.30 2.08
N ASP K 292 35.14 17.87 2.30
CA ASP K 292 36.07 17.59 1.22
C ASP K 292 35.81 16.26 0.55
N ALA K 293 34.85 15.48 1.02
CA ALA K 293 34.49 14.25 0.34
C ALA K 293 33.19 14.39 -0.43
N ILE K 294 32.64 15.59 -0.52
CA ILE K 294 31.56 15.88 -1.44
C ILE K 294 32.06 16.71 -2.62
N ASN K 295 32.99 17.62 -2.36
CA ASN K 295 33.58 18.39 -3.44
C ASN K 295 34.51 17.53 -4.29
N LYS K 296 35.24 16.60 -3.67
CA LYS K 296 36.17 15.78 -4.42
C LYS K 296 35.50 14.58 -5.08
N ARG K 297 34.53 13.95 -4.44
CA ARG K 297 33.81 12.88 -5.13
C ARG K 297 32.80 13.40 -6.14
N GLU K 298 32.78 14.70 -6.44
CA GLU K 298 31.98 15.22 -7.53
C GLU K 298 32.84 15.54 -8.74
N SER K 299 34.04 16.08 -8.52
CA SER K 299 34.94 16.36 -9.62
C SER K 299 35.63 15.12 -10.15
N LYS K 300 35.67 14.03 -9.40
CA LYS K 300 36.20 12.80 -9.95
C LYS K 300 35.25 12.21 -10.97
N LEU K 301 33.95 12.30 -10.71
CA LEU K 301 32.94 11.73 -11.60
C LEU K 301 32.74 12.57 -12.84
N LEU K 302 32.92 13.88 -12.75
CA LEU K 302 32.80 14.71 -13.92
C LEU K 302 33.98 14.50 -14.84
N HIS K 303 35.15 14.19 -14.28
CA HIS K 303 36.31 13.91 -15.09
C HIS K 303 36.25 12.52 -15.70
N MET K 304 35.55 11.61 -15.05
CA MET K 304 35.55 10.21 -15.47
C MET K 304 34.41 9.92 -16.44
N LEU K 305 33.40 10.78 -16.51
CA LEU K 305 32.27 10.61 -17.41
C LEU K 305 32.32 11.56 -18.61
N ASN K 306 33.51 11.95 -19.03
CA ASN K 306 33.70 12.63 -20.31
C ASN K 306 34.89 12.15 -21.10
N ASN K 307 35.72 11.27 -20.56
CA ASN K 307 36.97 10.89 -21.18
C ASN K 307 37.01 9.39 -21.40
N ARG K 308 37.41 8.96 -22.58
CA ARG K 308 37.46 7.55 -22.93
C ARG K 308 38.91 7.23 -23.29
N GLN K 309 39.60 6.51 -22.42
CA GLN K 309 40.99 6.20 -22.67
C GLN K 309 41.14 5.17 -23.78
N ALA K 310 42.14 5.37 -24.62
CA ALA K 310 42.29 4.65 -25.87
C ALA K 310 43.42 3.65 -25.77
N ILE K 311 43.12 2.39 -26.08
CA ILE K 311 44.11 1.33 -26.06
C ILE K 311 44.44 0.97 -27.51
N ALA K 312 45.65 0.51 -27.73
CA ALA K 312 46.08 0.14 -29.06
C ALA K 312 45.80 -1.33 -29.31
N THR K 313 45.25 -1.65 -30.48
CA THR K 313 44.90 -3.02 -30.81
C THR K 313 45.75 -3.58 -31.93
N ASN K 314 45.75 -2.95 -33.10
CA ASN K 314 46.46 -3.48 -34.26
C ASN K 314 47.65 -2.59 -34.53
N PRO K 315 48.87 -3.00 -34.22
CA PRO K 315 50.02 -2.09 -34.29
C PRO K 315 50.54 -1.80 -35.70
N GLU K 316 49.78 -2.10 -36.75
CA GLU K 316 50.12 -1.63 -38.08
C GLU K 316 49.22 -0.49 -38.53
N TYR K 317 47.90 -0.63 -38.41
CA TYR K 317 47.04 0.50 -38.74
C TYR K 317 47.06 1.54 -37.63
N ALA K 318 47.20 1.11 -36.39
CA ALA K 318 47.58 2.04 -35.33
C ALA K 318 49.07 2.26 -35.41
N TYR K 319 49.60 3.01 -34.43
CA TYR K 319 50.99 3.52 -34.42
C TYR K 319 51.29 4.33 -35.67
N ASN K 320 50.27 4.90 -36.29
CA ASN K 320 50.42 5.54 -37.58
C ASN K 320 49.96 6.98 -37.53
N SER K 321 48.80 7.24 -36.93
CA SER K 321 48.31 8.59 -36.84
C SER K 321 49.01 9.37 -35.74
N ASP K 322 48.76 9.01 -34.48
CA ASP K 322 49.32 9.62 -33.28
C ASP K 322 48.72 8.83 -32.12
N ALA K 323 49.15 9.14 -30.90
CA ALA K 323 48.46 8.60 -29.74
C ALA K 323 47.60 9.63 -29.03
N GLU K 324 48.18 10.77 -28.67
CA GLU K 324 47.45 11.74 -27.88
C GLU K 324 46.43 12.50 -28.70
N MET K 325 46.58 12.55 -30.01
CA MET K 325 45.56 13.14 -30.87
C MET K 325 44.36 12.22 -31.04
N VAL K 326 44.54 10.91 -30.94
CA VAL K 326 43.44 9.99 -31.19
C VAL K 326 42.49 9.96 -30.01
N ARG K 327 43.00 9.90 -28.78
CA ARG K 327 42.07 9.83 -27.66
C ARG K 327 41.37 11.15 -27.37
N LYS K 328 41.78 12.25 -27.99
CA LYS K 328 40.94 13.43 -27.93
C LYS K 328 39.86 13.42 -29.00
N GLU K 329 39.93 12.51 -29.96
CA GLU K 329 38.88 12.35 -30.95
C GLU K 329 37.82 11.36 -30.51
N MET K 330 38.12 10.57 -29.49
CA MET K 330 37.13 9.66 -28.95
C MET K 330 36.24 10.31 -27.91
N SER K 331 36.76 11.29 -27.18
CA SER K 331 36.01 11.87 -26.09
C SER K 331 35.05 12.96 -26.54
N LYS K 332 35.14 13.41 -27.78
CA LYS K 332 34.17 14.40 -28.22
C LYS K 332 33.27 13.81 -29.29
N PRO K 333 31.97 14.12 -29.27
CA PRO K 333 31.04 13.42 -30.17
C PRO K 333 31.15 13.77 -31.64
N ASP K 334 31.79 14.87 -32.01
CA ASP K 334 31.98 15.18 -33.42
C ASP K 334 33.38 14.77 -33.91
N GLY K 335 33.69 13.49 -33.78
CA GLY K 335 35.04 13.04 -34.07
C GLY K 335 35.20 12.05 -35.20
N ILE K 336 36.42 11.93 -35.71
CA ILE K 336 36.81 10.93 -36.69
C ILE K 336 37.92 10.11 -36.06
N ILE K 337 37.78 8.79 -36.08
CA ILE K 337 38.71 7.90 -35.39
C ILE K 337 39.42 7.04 -36.42
N PRO K 338 40.74 6.96 -36.41
CA PRO K 338 41.45 6.11 -37.35
C PRO K 338 41.33 4.65 -36.96
N PRO K 339 41.63 3.71 -37.86
CA PRO K 339 41.56 2.30 -37.50
C PRO K 339 42.67 1.89 -36.55
N GLY K 340 42.42 0.83 -35.80
CA GLY K 340 43.41 0.23 -34.94
C GLY K 340 43.36 0.67 -33.49
N TRP K 341 42.45 1.55 -33.12
CA TRP K 341 42.35 2.06 -31.76
C TRP K 341 40.97 1.72 -31.20
N GLN K 342 40.93 1.34 -29.93
CA GLN K 342 39.74 0.84 -29.27
C GLN K 342 39.34 1.74 -28.10
N PRO K 343 38.14 2.27 -28.08
CA PRO K 343 37.74 3.18 -27.00
C PRO K 343 37.27 2.49 -25.73
N ALA K 344 38.22 2.11 -24.88
CA ALA K 344 37.88 1.44 -23.63
C ALA K 344 37.62 2.48 -22.55
N SER K 345 36.34 2.71 -22.26
CA SER K 345 36.03 3.74 -21.28
C SER K 345 35.93 3.14 -19.88
N MET K 346 36.03 4.02 -18.89
CA MET K 346 35.91 3.63 -17.48
C MET K 346 34.49 3.94 -16.98
N THR K 347 33.49 3.37 -17.65
CA THR K 347 32.12 3.48 -17.15
C THR K 347 31.75 2.27 -16.29
N ASP K 348 32.68 1.92 -15.43
CA ASP K 348 32.58 0.95 -14.36
C ASP K 348 33.33 1.61 -13.22
N LEU K 349 33.10 1.11 -12.00
CA LEU K 349 33.53 1.75 -10.74
C LEU K 349 33.15 3.22 -10.70
N ALA K 350 32.00 3.56 -11.28
CA ALA K 350 31.31 4.83 -11.07
C ALA K 350 30.06 4.67 -10.25
N ASN K 351 29.42 3.51 -10.33
CA ASN K 351 28.35 3.17 -9.41
C ASN K 351 28.87 2.83 -8.02
N GLY K 352 30.16 2.58 -7.90
CA GLY K 352 30.82 2.53 -6.61
C GLY K 352 31.19 3.88 -6.07
N GLN K 353 31.23 4.90 -6.92
CA GLN K 353 31.48 6.26 -6.49
C GLN K 353 30.19 6.99 -6.13
N PHE K 354 29.10 6.75 -6.86
CA PHE K 354 27.81 7.33 -6.48
C PHE K 354 27.31 6.79 -5.15
N ALA K 355 27.61 5.54 -4.85
CA ALA K 355 27.24 4.98 -3.56
C ALA K 355 28.21 5.35 -2.46
N LEU K 356 29.22 6.15 -2.76
CA LEU K 356 30.20 6.59 -1.78
C LEU K 356 30.21 8.10 -1.63
N LEU K 357 29.62 8.84 -2.56
CA LEU K 357 29.25 10.23 -2.33
C LEU K 357 27.95 10.32 -1.55
N SER K 358 26.98 9.48 -1.87
CA SER K 358 25.70 9.52 -1.19
C SER K 358 25.76 8.99 0.22
N SER K 359 26.87 8.40 0.63
CA SER K 359 27.13 8.13 2.03
C SER K 359 27.73 9.31 2.76
N ALA K 360 28.19 10.34 2.05
CA ALA K 360 28.73 11.53 2.66
C ALA K 360 27.86 12.76 2.48
N ARG K 361 26.87 12.72 1.60
CA ARG K 361 25.81 13.72 1.62
C ARG K 361 24.80 13.46 2.71
N GLU K 362 24.81 12.27 3.32
CA GLU K 362 23.86 11.92 4.36
C GLU K 362 24.43 12.07 5.75
N PHE K 363 25.73 11.84 5.93
CA PHE K 363 26.34 12.11 7.22
C PHE K 363 26.50 13.60 7.45
N ILE K 364 26.71 14.38 6.39
CA ILE K 364 26.88 15.83 6.52
C ILE K 364 25.56 16.50 6.88
N GLN K 365 24.45 15.79 6.73
CA GLN K 365 23.14 16.29 7.09
C GLN K 365 22.71 15.81 8.47
N ARG K 366 23.44 14.87 9.04
CA ARG K 366 23.04 14.25 10.30
C ARG K 366 23.86 14.72 11.49
N ILE K 367 25.08 15.18 11.27
CA ILE K 367 25.91 15.70 12.35
C ILE K 367 25.81 17.22 12.37
N GLY K 368 25.60 17.82 11.23
CA GLY K 368 25.65 19.26 11.18
C GLY K 368 24.30 19.91 11.08
N GLN K 369 23.44 19.40 10.21
CA GLN K 369 22.22 20.11 9.82
C GLN K 369 21.02 19.61 10.62
N ASN K 370 21.26 19.32 11.89
CA ASN K 370 20.17 19.19 12.84
C ASN K 370 19.40 20.45 13.30
N PRO K 371 19.95 21.75 13.31
CA PRO K 371 19.27 22.78 14.12
C PRO K 371 17.93 23.24 13.56
N SER K 372 16.94 22.36 13.69
CA SER K 372 15.56 22.55 13.25
C SER K 372 15.43 22.79 11.75
N VAL K 373 16.36 22.31 10.95
CA VAL K 373 16.23 22.33 9.50
C VAL K 373 16.50 20.91 8.98
N LEU K 374 15.45 20.10 8.93
CA LEU K 374 15.57 18.70 8.53
C LEU K 374 14.50 18.37 7.50
N ALA K 375 13.39 19.11 7.54
CA ALA K 375 12.23 18.82 6.71
C ALA K 375 12.47 19.21 5.26
N ARG K 384 9.06 15.98 13.10
CA ARG K 384 7.64 15.82 13.39
C ARG K 384 7.05 17.07 14.01
N ALA K 385 5.78 16.99 14.38
CA ALA K 385 5.04 18.12 14.92
C ALA K 385 5.45 18.44 16.34
N GLN K 386 6.58 19.14 16.50
CA GLN K 386 7.08 19.67 17.78
C GLN K 386 7.34 18.56 18.80
N LEU K 387 7.75 17.39 18.33
CA LEU K 387 8.24 16.32 19.20
C LEU K 387 9.57 15.76 18.74
N ALA K 388 9.79 15.62 17.43
CA ALA K 388 11.09 15.27 16.89
C ALA K 388 12.00 16.48 16.73
N ARG K 389 11.59 17.64 17.24
CA ARG K 389 12.45 18.81 17.34
C ARG K 389 12.40 19.49 18.70
N GLN K 390 11.34 19.30 19.49
CA GLN K 390 11.26 19.91 20.81
C GLN K 390 11.99 19.08 21.87
N GLN K 391 12.20 17.80 21.62
CA GLN K 391 12.91 16.99 22.59
C GLN K 391 13.99 16.18 21.88
N ALA K 392 13.96 16.15 20.55
CA ALA K 392 14.91 15.35 19.78
C ALA K 392 15.88 16.19 18.97
N GLY K 393 15.53 17.42 18.64
CA GLY K 393 16.42 18.24 17.84
C GLY K 393 17.22 19.21 18.68
N MET K 394 16.61 19.74 19.73
CA MET K 394 17.23 20.75 20.56
C MET K 394 17.99 20.16 21.74
N VAL K 395 18.18 18.85 21.78
CA VAL K 395 19.01 18.23 22.80
C VAL K 395 20.37 17.86 22.22
N ASP K 396 20.53 17.89 20.90
CA ASP K 396 21.85 17.69 20.31
C ASP K 396 22.59 19.01 20.19
N SER K 397 21.86 20.13 20.13
CA SER K 397 22.46 21.45 20.20
C SER K 397 22.32 22.04 21.59
N ALA K 398 22.47 21.23 22.65
CA ALA K 398 22.31 21.77 24.00
C ALA K 398 23.62 22.28 24.56
N MET K 399 24.69 21.49 24.47
CA MET K 399 26.02 22.04 24.67
C MET K 399 26.34 23.04 23.57
N ALA K 400 27.16 24.03 23.91
CA ALA K 400 27.60 25.11 23.04
C ALA K 400 26.45 25.93 22.46
N LEU K 401 25.27 25.87 23.06
CA LEU K 401 24.22 26.84 22.81
C LEU K 401 23.69 27.23 24.18
N ASN K 402 23.79 26.31 25.14
CA ASN K 402 23.73 26.64 26.55
C ASN K 402 25.12 26.80 27.12
N GLY K 403 26.06 27.19 26.28
CA GLY K 403 27.39 27.59 26.69
C GLY K 403 27.57 29.03 26.31
N LEU K 404 26.89 29.46 25.24
CA LEU K 404 26.95 30.86 24.85
C LEU K 404 26.02 31.72 25.67
N ARG K 405 24.91 31.15 26.15
CA ARG K 405 24.08 31.83 27.14
C ARG K 405 24.86 32.07 28.42
N ARG K 406 25.78 31.17 28.74
CA ARG K 406 26.56 31.30 29.96
C ARG K 406 27.61 32.40 29.83
N PHE K 407 28.10 32.67 28.63
CA PHE K 407 28.92 33.86 28.40
C PHE K 407 28.11 35.14 28.48
N GLU K 408 26.90 35.13 27.94
CA GLU K 408 26.14 36.37 27.83
C GLU K 408 25.67 36.86 29.19
N LEU K 409 25.26 35.96 30.06
CA LEU K 409 24.86 36.37 31.40
C LEU K 409 26.04 36.48 32.34
N ALA K 410 27.26 36.23 31.87
CA ALA K 410 28.46 36.50 32.63
C ALA K 410 29.05 37.85 32.30
N VAL K 411 28.42 38.60 31.40
CA VAL K 411 28.88 39.95 31.11
C VAL K 411 27.98 40.92 31.85
N TYR K 412 26.69 40.57 31.95
CA TYR K 412 25.75 41.37 32.72
C TYR K 412 26.14 41.42 34.20
N ARG K 413 26.66 40.31 34.70
CA ARG K 413 27.24 40.29 36.03
C ARG K 413 28.45 41.20 36.10
N GLN K 414 29.28 41.21 35.07
CA GLN K 414 30.45 42.09 35.04
C GLN K 414 30.06 43.53 34.75
N ALA K 415 28.82 43.81 34.37
CA ALA K 415 28.38 45.17 34.10
C ALA K 415 27.64 45.82 35.26
N TRP K 416 27.20 45.05 36.25
CA TRP K 416 26.66 45.66 37.45
C TRP K 416 27.75 46.14 38.38
N LEU K 417 28.96 45.57 38.29
CA LEU K 417 30.06 46.08 39.08
C LEU K 417 30.57 47.43 38.60
N ARG K 418 30.30 47.79 37.35
CA ARG K 418 30.76 49.06 36.80
C ARG K 418 29.74 50.16 36.92
N CYS K 419 28.45 49.84 36.87
CA CYS K 419 27.41 50.82 37.15
C CYS K 419 27.02 50.82 38.61
N ARG K 420 27.94 50.43 39.49
CA ARG K 420 27.74 50.63 40.92
C ARG K 420 28.76 51.59 41.50
N GLN K 421 30.06 51.35 41.27
CA GLN K 421 31.09 52.18 41.86
C GLN K 421 31.22 53.55 41.22
N PHE K 422 30.57 53.79 40.10
CA PHE K 422 30.68 55.07 39.42
C PHE K 422 29.42 55.91 39.47
N TRP K 423 28.24 55.29 39.54
CA TRP K 423 27.00 56.04 39.63
C TRP K 423 26.76 56.49 41.07
N LYS K 424 26.76 57.80 41.28
CA LYS K 424 26.41 58.37 42.57
C LYS K 424 24.90 58.51 42.66
N ALA K 425 24.42 59.21 43.67
CA ALA K 425 22.99 59.32 43.95
C ALA K 425 22.13 60.03 42.89
N PRO K 426 22.52 61.13 42.25
CA PRO K 426 21.66 61.70 41.20
C PRO K 426 21.78 61.03 39.84
N ASP K 427 22.35 59.84 39.74
CA ASP K 427 22.38 59.11 38.49
C ASP K 427 21.39 57.96 38.44
N TYR K 428 21.04 57.42 39.60
CA TYR K 428 19.95 56.46 39.69
C TYR K 428 18.60 57.12 39.48
N ILE K 429 18.48 58.40 39.81
CA ILE K 429 17.19 59.07 39.70
C ILE K 429 16.91 59.44 38.25
N ARG K 430 17.94 59.65 37.44
CA ARG K 430 17.73 59.99 36.05
C ARG K 430 17.22 58.79 35.25
N VAL K 431 17.66 57.58 35.60
CA VAL K 431 17.32 56.41 34.82
C VAL K 431 15.95 55.86 35.22
N THR K 432 15.77 55.55 36.51
CA THR K 432 14.55 54.95 36.99
C THR K 432 13.42 55.96 37.17
N ASP K 433 13.76 57.25 37.24
CA ASP K 433 12.83 58.38 37.28
C ASP K 433 11.87 58.30 38.46
N ASP K 434 12.45 58.36 39.66
CA ASP K 434 11.69 58.38 40.91
C ASP K 434 12.57 58.92 42.01
N GLU K 435 12.21 60.06 42.57
CA GLU K 435 12.94 60.58 43.72
C GLU K 435 12.66 59.70 44.93
N GLY K 436 13.72 59.17 45.53
CA GLY K 436 13.59 58.14 46.52
C GLY K 436 14.01 56.76 46.06
N ALA K 437 14.61 56.66 44.89
CA ALA K 437 15.24 55.44 44.41
C ALA K 437 16.62 55.10 44.97
N PRO K 438 17.60 56.01 45.14
CA PRO K 438 18.91 55.55 45.64
C PRO K 438 18.93 55.16 47.10
N GLN K 439 17.85 55.33 47.86
CA GLN K 439 17.82 54.85 49.23
C GLN K 439 17.72 53.34 49.33
N PHE K 440 17.44 52.65 48.22
CA PHE K 440 17.25 51.21 48.22
C PHE K 440 18.49 50.44 47.81
N VAL K 441 19.61 51.12 47.53
CA VAL K 441 20.82 50.47 47.03
C VAL K 441 22.03 50.87 47.85
N GLY K 442 21.81 51.18 49.12
CA GLY K 442 22.93 51.39 50.02
C GLY K 442 23.57 52.75 49.95
N ILE K 443 22.77 53.81 49.83
CA ILE K 443 23.26 55.16 50.05
C ILE K 443 22.12 55.96 50.65
N ASN K 444 22.47 56.97 51.46
CA ASN K 444 21.54 57.74 52.30
C ASN K 444 20.66 56.87 53.20
N ALA K 464 18.85 71.47 35.89
CA ALA K 464 20.09 71.50 36.66
C ALA K 464 21.28 71.20 35.77
N GLU K 465 22.33 70.60 36.35
CA GLU K 465 23.49 70.22 35.57
C GLU K 465 23.19 68.99 34.71
N PRO K 466 23.92 68.81 33.61
CA PRO K 466 23.93 67.50 32.96
C PRO K 466 24.55 66.46 33.88
N ILE K 467 23.82 65.38 34.12
CA ILE K 467 24.19 64.39 35.11
C ILE K 467 24.73 63.11 34.47
N LEU K 468 24.14 62.65 33.39
CA LEU K 468 24.76 61.63 32.56
C LEU K 468 25.07 62.14 31.17
N GLY K 469 25.50 63.40 31.06
CA GLY K 469 25.69 63.99 29.75
C GLY K 469 24.41 64.18 28.95
N TYR K 470 23.27 64.33 29.62
CA TYR K 470 21.99 64.50 28.96
C TYR K 470 21.52 65.92 29.20
N GLU K 471 21.62 66.75 28.18
CA GLU K 471 21.43 68.18 28.31
C GLU K 471 19.98 68.61 28.35
N ASN K 472 19.03 67.73 28.06
CA ASN K 472 17.61 68.06 28.18
C ASN K 472 16.94 67.50 29.42
N ALA K 473 17.28 66.27 29.80
CA ALA K 473 16.70 65.52 30.92
C ALA K 473 15.20 65.32 30.80
N LEU K 474 14.64 65.38 29.59
CA LEU K 474 13.22 65.12 29.41
C LEU K 474 12.93 64.02 28.39
N ALA K 475 13.54 64.07 27.21
CA ALA K 475 13.30 63.04 26.19
C ALA K 475 14.54 62.88 25.33
N GLU K 476 15.28 61.81 25.57
CA GLU K 476 16.49 61.50 24.81
C GLU K 476 16.38 60.07 24.28
N LEU K 477 17.30 59.72 23.37
CA LEU K 477 17.19 58.47 22.63
C LEU K 477 17.48 57.25 23.46
N ASP K 478 18.59 57.25 24.18
CA ASP K 478 19.06 56.16 25.01
C ASP K 478 18.07 55.79 26.09
N VAL K 479 17.75 56.74 26.97
CA VAL K 479 17.01 56.42 28.18
C VAL K 479 15.59 56.00 27.84
N ASP K 480 14.80 56.91 27.31
CA ASP K 480 13.37 56.80 27.47
C ASP K 480 12.63 57.00 26.16
N ILE K 481 13.19 56.51 25.05
CA ILE K 481 12.43 56.44 23.82
C ILE K 481 12.45 55.03 23.24
N ASN K 482 13.65 54.50 22.94
CA ASN K 482 13.86 53.10 22.50
C ASN K 482 13.06 52.75 21.25
N ILE K 483 13.48 53.33 20.12
CA ILE K 483 12.84 53.09 18.83
C ILE K 483 12.87 51.60 18.47
N ASP K 484 11.71 51.06 18.10
CA ASP K 484 11.58 49.65 17.74
C ASP K 484 10.46 49.52 16.73
N ALA K 485 10.48 48.46 15.94
CA ALA K 485 9.45 48.24 14.92
C ALA K 485 8.25 47.51 15.52
N VAL K 486 7.18 47.43 14.75
CA VAL K 486 5.91 46.86 15.19
C VAL K 486 5.14 46.55 13.90
N PRO K 487 4.15 45.66 13.88
CA PRO K 487 3.40 45.41 12.64
C PRO K 487 2.56 46.61 12.22
N ASP K 488 2.12 46.55 10.96
CA ASP K 488 1.60 47.68 10.22
C ASP K 488 0.14 47.94 10.56
N THR K 489 -0.25 49.22 10.49
CA THR K 489 -1.63 49.66 10.61
C THR K 489 -1.87 50.75 9.57
N ALA K 490 -2.96 51.47 9.71
CA ALA K 490 -3.27 52.59 8.84
C ALA K 490 -3.09 53.93 9.52
N ASN K 491 -3.61 54.07 10.74
CA ASN K 491 -3.35 55.24 11.56
C ASN K 491 -3.21 54.77 13.01
N LEU K 492 -2.79 55.69 13.88
CA LEU K 492 -2.51 55.31 15.26
C LEU K 492 -3.79 55.07 16.05
N ALA K 493 -4.94 55.53 15.55
CA ALA K 493 -6.19 55.22 16.21
C ALA K 493 -6.58 53.76 16.03
N GLN K 494 -6.22 53.17 14.90
CA GLN K 494 -6.57 51.78 14.65
C GLN K 494 -5.72 50.82 15.47
N GLU K 495 -4.43 51.15 15.65
CA GLU K 495 -3.59 50.37 16.54
C GLU K 495 -4.04 50.51 17.99
N GLN K 496 -4.59 51.67 18.34
CA GLN K 496 -5.18 51.86 19.66
C GLN K 496 -6.45 51.04 19.81
N PHE K 497 -7.13 50.75 18.71
CA PHE K 497 -8.39 50.02 18.73
C PHE K 497 -8.18 48.53 18.93
N LEU K 498 -7.03 48.00 18.54
CA LEU K 498 -6.83 46.55 18.55
C LEU K 498 -6.56 46.03 19.96
N GLN K 499 -5.76 46.76 20.75
CA GLN K 499 -5.50 46.37 22.12
C GLN K 499 -6.50 46.99 23.10
N LEU K 500 -7.70 47.30 22.63
CA LEU K 500 -8.81 47.63 23.51
C LEU K 500 -9.92 46.60 23.42
N THR K 501 -10.31 46.21 22.21
CA THR K 501 -11.30 45.15 22.03
C THR K 501 -10.77 43.78 22.45
N GLU K 502 -9.46 43.56 22.36
CA GLU K 502 -8.86 42.39 22.96
C GLU K 502 -8.98 42.43 24.48
N LEU K 503 -8.85 43.62 25.05
CA LEU K 503 -8.97 43.78 26.49
C LEU K 503 -10.43 43.91 26.92
N ALA K 504 -11.29 44.47 26.06
CA ALA K 504 -12.71 44.57 26.40
C ALA K 504 -13.42 43.23 26.32
N ARG K 505 -12.86 42.27 25.59
CA ARG K 505 -13.53 40.99 25.41
C ARG K 505 -13.46 40.16 26.69
N LEU K 506 -12.40 40.31 27.48
CA LEU K 506 -12.29 39.59 28.73
C LEU K 506 -13.24 40.14 29.79
N TYR K 507 -13.38 41.46 29.85
CA TYR K 507 -14.30 42.06 30.83
C TYR K 507 -15.73 42.04 30.30
N GLY K 508 -15.98 42.71 29.20
CA GLY K 508 -17.29 42.66 28.58
C GLY K 508 -17.87 44.03 28.31
N PRO K 509 -19.16 44.07 27.99
CA PRO K 509 -19.78 45.35 27.62
C PRO K 509 -20.21 46.19 28.81
N GLN K 510 -19.68 45.91 29.99
CA GLN K 510 -20.05 46.68 31.17
C GLN K 510 -19.24 47.96 31.30
N GLU K 511 -17.92 47.90 31.12
CA GLU K 511 -17.06 49.05 31.34
C GLU K 511 -16.30 49.51 30.11
N VAL K 512 -16.60 48.96 28.93
CA VAL K 512 -16.08 49.52 27.68
C VAL K 512 -17.31 49.84 26.82
N PRO K 513 -17.88 51.04 26.95
CA PRO K 513 -19.13 51.34 26.24
C PRO K 513 -18.92 51.95 24.86
N PHE K 514 -20.01 52.35 24.20
CA PHE K 514 -19.91 53.21 23.03
C PHE K 514 -19.31 54.56 23.39
N ASP K 515 -18.89 55.28 22.33
CA ASP K 515 -18.12 56.53 22.27
C ASP K 515 -16.68 56.32 22.73
N ASP K 516 -16.32 55.09 23.13
CA ASP K 516 -14.97 54.74 23.52
C ASP K 516 -14.44 53.58 22.70
N LEU K 517 -15.32 52.87 21.99
CA LEU K 517 -14.94 51.80 21.08
C LEU K 517 -15.49 52.01 19.68
N LEU K 518 -16.53 52.83 19.51
CA LEU K 518 -17.00 53.24 18.19
C LEU K 518 -16.24 54.46 17.68
N GLU K 519 -15.75 55.31 18.59
CA GLU K 519 -15.11 56.55 18.18
C GLU K 519 -13.75 56.28 17.55
N LEU K 520 -12.91 55.49 18.22
CA LEU K 520 -11.59 55.21 17.68
C LEU K 520 -11.58 53.94 16.84
N SER K 521 -12.54 53.83 15.93
CA SER K 521 -12.71 52.67 15.08
C SER K 521 -12.15 52.97 13.70
N SER K 522 -12.41 52.07 12.75
CA SER K 522 -11.96 52.22 11.38
C SER K 522 -13.12 52.14 10.40
N MET K 523 -14.19 52.87 10.71
CA MET K 523 -15.50 53.11 10.10
C MET K 523 -15.45 54.39 9.26
N PRO K 524 -16.01 54.38 8.04
CA PRO K 524 -15.89 55.55 7.16
C PRO K 524 -16.60 56.81 7.65
N GLU K 525 -17.90 56.73 7.81
CA GLU K 525 -18.71 57.88 8.22
C GLU K 525 -19.19 57.63 9.63
N LYS K 526 -18.56 58.29 10.59
CA LYS K 526 -18.95 58.16 11.98
C LYS K 526 -19.25 59.49 12.65
N THR K 527 -18.71 60.59 12.15
CA THR K 527 -19.04 61.90 12.69
C THR K 527 -20.48 62.27 12.36
N LYS K 528 -20.99 61.82 11.22
CA LYS K 528 -22.39 61.96 10.87
C LYS K 528 -23.24 60.81 11.41
N LEU K 529 -22.68 59.98 12.29
CA LEU K 529 -23.43 58.97 13.00
C LEU K 529 -23.28 59.06 14.51
N ILE K 530 -22.18 59.63 15.02
CA ILE K 530 -22.04 59.71 16.46
C ILE K 530 -22.87 60.85 17.04
N ALA K 531 -23.30 61.80 16.20
CA ALA K 531 -24.09 62.92 16.67
C ALA K 531 -25.59 62.70 16.50
N LYS K 532 -26.00 61.67 15.76
CA LYS K 532 -27.39 61.29 15.70
C LYS K 532 -27.74 60.22 16.73
N ARG K 533 -26.74 59.73 17.48
CA ARG K 533 -26.98 58.88 18.63
C ARG K 533 -26.72 59.56 19.96
N ARG K 534 -25.87 60.59 19.98
CA ARG K 534 -25.67 61.36 21.20
C ARG K 534 -26.90 62.20 21.51
N GLU K 535 -27.67 62.57 20.48
CA GLU K 535 -28.85 63.40 20.72
C GLU K 535 -29.98 62.59 21.33
N ARG K 536 -30.04 61.28 21.04
CA ARG K 536 -31.10 60.46 21.61
C ARG K 536 -30.88 60.15 23.08
N SER K 537 -29.64 60.19 23.56
CA SER K 537 -29.35 60.08 24.98
C SER K 537 -29.32 61.43 25.67
N GLU K 538 -29.90 62.43 25.06
CA GLU K 538 -30.01 63.77 25.63
C GLU K 538 -31.44 64.29 25.64
N GLN K 539 -32.23 63.96 24.61
CA GLN K 539 -33.66 64.22 24.68
C GLN K 539 -34.41 63.17 25.48
N MET K 540 -33.76 62.06 25.82
CA MET K 540 -34.33 61.09 26.75
C MET K 540 -33.94 61.41 28.19
N ALA K 541 -32.76 61.99 28.40
CA ALA K 541 -32.36 62.41 29.74
C ALA K 541 -33.17 63.59 30.25
N GLN K 542 -33.80 64.36 29.34
CA GLN K 542 -34.73 65.38 29.76
C GLN K 542 -36.08 64.82 30.17
N VAL K 543 -36.39 63.59 29.76
CA VAL K 543 -37.56 62.91 30.30
C VAL K 543 -37.26 62.36 31.69
N GLN K 544 -36.13 61.67 31.85
CA GLN K 544 -35.79 61.06 33.13
C GLN K 544 -35.24 62.04 34.17
N ALA K 545 -35.25 63.34 33.88
CA ALA K 545 -35.01 64.36 34.89
C ALA K 545 -36.27 65.14 35.25
N GLN K 546 -37.08 65.51 34.27
CA GLN K 546 -38.33 66.21 34.57
C GLN K 546 -39.39 65.29 35.14
N GLN K 547 -39.23 63.97 34.98
CA GLN K 547 -40.06 63.01 35.68
C GLN K 547 -39.46 62.58 37.01
N GLY K 548 -38.21 62.94 37.27
CA GLY K 548 -37.57 62.57 38.52
C GLY K 548 -37.55 63.71 39.51
N GLN K 549 -37.55 64.95 39.01
CA GLN K 549 -37.61 66.13 39.86
C GLN K 549 -39.03 66.48 40.30
N MET K 550 -40.03 65.71 39.88
CA MET K 550 -41.35 65.77 40.50
C MET K 550 -41.70 64.44 41.18
N GLN K 551 -40.69 63.65 41.52
CA GLN K 551 -40.82 62.55 42.46
C GLN K 551 -39.92 62.73 43.67
N GLU K 552 -38.70 63.18 43.44
CA GLU K 552 -37.70 63.34 44.49
C GLU K 552 -37.90 64.62 45.30
N GLN K 553 -38.90 65.45 44.97
CA GLN K 553 -39.33 66.55 45.82
C GLN K 553 -40.67 66.27 46.47
N ILE K 554 -41.36 65.21 46.04
CA ILE K 554 -42.64 64.85 46.63
C ILE K 554 -42.54 63.59 47.49
N ALA K 555 -41.59 62.71 47.23
CA ALA K 555 -41.34 61.60 48.14
C ALA K 555 -40.50 61.98 49.34
N MET K 556 -40.01 63.22 49.42
CA MET K 556 -39.26 63.70 50.58
C MET K 556 -39.40 65.21 50.66
N GLN K 557 -39.27 65.72 51.89
CA GLN K 557 -39.47 67.11 52.33
C GLN K 557 -40.91 67.59 52.17
N GLY K 558 -41.79 66.71 51.73
CA GLY K 558 -43.22 66.89 51.66
C GLY K 558 -43.70 65.46 51.66
N ALA K 559 -44.75 65.16 52.44
CA ALA K 559 -45.33 63.81 52.64
C ALA K 559 -44.36 62.80 53.29
N MET K 560 -43.14 63.21 53.61
CA MET K 560 -42.18 62.37 54.29
C MET K 560 -41.43 63.10 55.39
N ALA K 561 -41.34 64.43 55.33
CA ALA K 561 -40.95 65.21 56.49
C ALA K 561 -42.13 65.48 57.41
N GLU K 562 -43.35 65.27 56.92
CA GLU K 562 -44.55 65.39 57.76
C GLU K 562 -44.79 64.16 58.60
N ILE K 563 -44.00 63.11 58.44
CA ILE K 563 -43.98 62.04 59.44
C ILE K 563 -43.14 62.46 60.64
N GLU K 564 -42.39 63.56 60.52
CA GLU K 564 -41.78 64.23 61.66
C GLU K 564 -42.67 65.36 62.18
N ASN K 565 -43.91 65.42 61.73
CA ASN K 565 -44.86 66.42 62.20
C ASN K 565 -46.15 65.81 62.72
N THR K 566 -46.29 64.49 62.64
CA THR K 566 -47.43 63.80 63.21
C THR K 566 -47.00 62.65 64.09
N GLN K 567 -45.70 62.37 64.16
CA GLN K 567 -45.13 61.34 65.01
C GLN K 567 -44.08 61.90 65.95
N ALA K 568 -43.47 63.03 65.59
CA ALA K 568 -42.73 63.83 66.56
C ALA K 568 -43.61 64.82 67.30
N ASP K 569 -44.82 65.07 66.80
CA ASP K 569 -45.73 66.03 67.40
C ASP K 569 -46.75 65.38 68.32
N THR K 570 -47.19 64.16 68.03
CA THR K 570 -47.99 63.41 68.99
C THR K 570 -47.16 62.91 70.16
N ALA K 571 -45.83 63.02 70.09
CA ALA K 571 -44.95 62.87 71.21
C ALA K 571 -45.27 63.80 72.37
N TYR K 572 -45.80 65.00 72.07
CA TYR K 572 -46.19 65.91 73.14
C TYR K 572 -47.61 65.65 73.64
N LEU K 573 -48.40 64.85 72.91
CA LEU K 573 -49.71 64.51 73.44
C LEU K 573 -49.63 63.45 74.52
N ALA K 574 -48.93 62.35 74.22
CA ALA K 574 -48.70 61.30 75.20
C ALA K 574 -47.86 61.78 76.37
N ALA K 575 -47.07 62.84 76.20
CA ALA K 575 -46.32 63.42 77.29
C ALA K 575 -47.17 64.33 78.16
N ARG K 576 -48.09 65.08 77.57
CA ARG K 576 -48.90 66.00 78.36
C ARG K 576 -49.95 65.26 79.17
N ALA K 577 -50.42 64.10 78.67
CA ALA K 577 -51.37 63.30 79.43
C ALA K 577 -50.71 62.59 80.60
N GLN K 578 -49.40 62.69 80.74
CA GLN K 578 -48.69 62.28 81.94
C GLN K 578 -48.70 63.35 83.01
N ASN K 579 -48.48 64.61 82.62
CA ASN K 579 -48.48 65.73 83.55
C ASN K 579 -49.88 66.03 84.04
N GLU K 580 -50.89 65.74 83.23
CA GLU K 580 -52.30 65.87 83.61
C GLU K 580 -52.79 64.56 84.19
N MET K 581 -51.85 63.62 84.39
CA MET K 581 -52.11 62.47 85.23
C MET K 581 -51.39 62.57 86.56
N LEU K 582 -50.42 63.48 86.66
CA LEU K 582 -49.81 63.87 87.92
C LEU K 582 -50.77 64.65 88.81
N LYS K 583 -51.80 65.26 88.22
CA LYS K 583 -52.76 66.03 89.00
C LYS K 583 -53.80 65.19 89.75
N PRO K 584 -54.54 64.19 89.14
CA PRO K 584 -55.65 63.59 89.89
C PRO K 584 -55.27 62.59 90.97
N GLN K 585 -53.99 62.48 91.33
CA GLN K 585 -53.61 61.74 92.53
C GLN K 585 -53.33 62.66 93.72
N ILE K 586 -52.36 63.56 93.57
CA ILE K 586 -51.94 64.45 94.65
C ILE K 586 -52.23 65.88 94.23
N GLU K 587 -52.61 66.71 95.22
CA GLU K 587 -53.11 68.08 95.04
C GLU K 587 -54.34 68.07 94.14
N ALA K 588 -55.24 67.12 94.40
CA ALA K 588 -56.55 67.07 93.76
C ALA K 588 -57.68 67.04 94.78
N PHE K 589 -57.53 66.30 95.87
CA PHE K 589 -58.54 66.21 96.92
C PHE K 589 -57.83 66.08 98.25
N LYS K 590 -57.96 67.10 99.10
CA LYS K 590 -57.35 67.08 100.43
C LYS K 590 -58.14 67.94 101.41
N THR L 4 46.23 72.80 16.09
CA THR L 4 45.26 72.32 15.11
C THR L 4 45.72 72.59 13.69
N MET L 5 44.93 72.17 12.72
CA MET L 5 45.28 72.35 11.32
C MET L 5 44.13 72.93 10.51
N THR L 6 44.29 72.91 9.19
CA THR L 6 43.33 73.50 8.27
C THR L 6 42.51 72.41 7.60
N MET L 7 41.69 72.81 6.66
CA MET L 7 40.83 71.87 5.96
C MET L 7 41.55 71.27 4.74
N PRO L 8 41.24 70.02 4.39
CA PRO L 8 41.94 69.37 3.28
C PRO L 8 41.58 70.00 1.95
N SER L 9 42.57 70.10 1.06
CA SER L 9 42.46 70.92 -0.14
C SER L 9 42.84 70.12 -1.38
N HIS L 10 41.90 69.33 -1.89
CA HIS L 10 41.80 68.87 -3.28
C HIS L 10 42.96 67.97 -3.72
N ALA L 11 43.96 67.77 -2.92
CA ALA L 11 44.98 66.79 -3.26
C ALA L 11 44.89 65.56 -2.37
N GLN L 12 44.69 65.76 -1.07
CA GLN L 12 44.33 64.67 -0.18
C GLN L 12 42.83 64.48 -0.08
N LEU L 13 42.07 64.96 -1.05
CA LEU L 13 40.72 64.48 -1.27
C LEU L 13 40.60 63.58 -2.49
N LYS L 14 41.33 63.86 -3.56
CA LYS L 14 41.43 62.87 -4.64
C LYS L 14 42.21 61.66 -4.18
N ALA L 15 43.15 61.83 -3.26
CA ALA L 15 43.90 60.70 -2.73
C ALA L 15 43.08 59.84 -1.79
N TYR L 16 41.92 60.29 -1.35
CA TYR L 16 41.03 59.42 -0.63
C TYR L 16 40.10 58.65 -1.57
N PHE L 17 39.62 59.32 -2.62
CA PHE L 17 38.74 58.65 -3.58
C PHE L 17 39.50 57.59 -4.37
N GLU L 18 40.79 57.80 -4.60
CA GLU L 18 41.56 56.90 -5.44
C GLU L 18 42.12 55.72 -4.65
N GLU L 19 42.26 55.85 -3.33
CA GLU L 19 42.54 54.67 -2.52
C GLU L 19 41.31 53.77 -2.43
N ALA L 20 40.12 54.36 -2.44
CA ALA L 20 38.87 53.61 -2.43
C ALA L 20 38.39 53.23 -3.82
N ARG L 21 39.26 53.28 -4.82
CA ARG L 21 38.95 52.74 -6.13
C ARG L 21 40.06 51.79 -6.54
N ASP L 22 41.28 52.04 -6.06
CA ASP L 22 42.38 51.11 -6.29
C ASP L 22 42.17 49.83 -5.52
N ALA L 23 41.84 49.95 -4.23
CA ALA L 23 41.30 48.83 -3.48
C ALA L 23 39.81 48.74 -3.75
N ASN L 24 39.16 47.81 -3.02
CA ASN L 24 37.77 47.35 -3.09
C ASN L 24 37.20 47.33 -4.51
N GLU L 25 38.00 46.91 -5.47
CA GLU L 25 37.57 46.70 -6.82
C GLU L 25 37.49 45.22 -7.13
N GLU L 26 38.00 44.38 -6.23
CA GLU L 26 37.97 42.94 -6.42
C GLU L 26 36.56 42.39 -6.24
N TYR L 27 35.78 42.94 -5.30
CA TYR L 27 34.40 42.48 -5.17
C TYR L 27 33.43 43.35 -5.91
N ARG L 28 33.76 44.61 -6.10
CA ARG L 28 32.85 45.53 -6.77
C ARG L 28 32.73 45.21 -8.25
N LYS L 29 33.79 44.67 -8.85
CA LYS L 29 33.71 44.08 -10.18
C LYS L 29 33.18 42.66 -10.14
N GLU L 30 33.05 42.07 -8.96
CA GLU L 30 32.50 40.75 -8.81
C GLU L 30 31.02 40.78 -8.44
N ALA L 31 30.58 41.83 -7.77
CA ALA L 31 29.16 41.97 -7.45
C ALA L 31 28.34 42.32 -8.67
N PHE L 32 28.93 42.95 -9.68
CA PHE L 32 28.23 43.17 -10.93
C PHE L 32 28.12 41.91 -11.76
N ILE L 33 29.01 40.94 -11.57
CA ILE L 33 28.80 39.63 -12.16
C ILE L 33 27.58 38.97 -11.53
N ASP L 34 27.43 39.11 -10.21
CA ASP L 34 26.29 38.54 -9.50
C ASP L 34 24.98 39.20 -9.90
N ARG L 35 25.04 40.45 -10.35
CA ARG L 35 23.83 41.16 -10.76
C ARG L 35 23.28 40.59 -12.05
N ASP L 36 24.09 40.57 -13.10
CA ASP L 36 23.64 40.09 -14.41
C ASP L 36 23.77 38.59 -14.52
N TYR L 37 23.74 37.92 -13.38
CA TYR L 37 23.68 36.48 -13.29
C TYR L 37 22.32 36.01 -12.87
N PHE L 38 21.47 36.90 -12.35
CA PHE L 38 20.15 36.45 -11.98
C PHE L 38 19.10 36.97 -12.94
N ASP L 39 19.43 37.92 -13.81
CA ASP L 39 18.55 38.28 -14.91
C ASP L 39 19.23 37.93 -16.23
N GLY L 40 19.12 36.67 -16.60
CA GLY L 40 19.76 36.15 -17.79
C GLY L 40 21.26 36.22 -17.70
N HIS L 41 21.88 36.09 -18.87
CA HIS L 41 23.30 36.36 -19.11
C HIS L 41 24.19 35.44 -18.28
N GLN L 42 23.88 34.16 -18.31
CA GLN L 42 24.66 33.16 -17.58
C GLN L 42 25.68 32.49 -18.46
N TRP L 43 26.00 33.07 -19.61
CA TRP L 43 26.98 32.51 -20.53
C TRP L 43 28.02 33.57 -20.84
N THR L 44 29.29 33.18 -20.82
CA THR L 44 30.35 34.12 -21.15
C THR L 44 30.42 34.31 -22.65
N GLU L 45 31.18 35.32 -23.08
CA GLU L 45 31.24 35.64 -24.49
C GLU L 45 32.13 34.69 -25.29
N GLU L 46 32.90 33.85 -24.63
CA GLU L 46 33.66 32.81 -25.32
C GLU L 46 32.88 31.52 -25.45
N GLU L 47 32.07 31.18 -24.46
CA GLU L 47 31.22 30.01 -24.55
C GLU L 47 30.05 30.23 -25.48
N LEU L 48 29.54 31.47 -25.56
CA LEU L 48 28.40 31.76 -26.39
C LEU L 48 28.78 31.80 -27.87
N GLN L 49 30.05 32.06 -28.18
CA GLN L 49 30.50 32.04 -29.55
C GLN L 49 30.65 30.62 -30.06
N LYS L 50 31.08 29.70 -29.21
CA LYS L 50 31.35 28.34 -29.64
C LYS L 50 30.09 27.52 -29.80
N LEU L 51 29.04 27.81 -29.04
CA LEU L 51 27.75 27.12 -29.23
C LEU L 51 27.14 27.43 -30.58
N GLU L 52 27.37 28.64 -31.10
CA GLU L 52 26.84 29.01 -32.41
C GLU L 52 27.59 28.33 -33.54
N ALA L 53 28.82 27.87 -33.30
CA ALA L 53 29.56 27.14 -34.31
C ALA L 53 29.11 25.69 -34.41
N ARG L 54 28.44 25.17 -33.40
CA ARG L 54 27.79 23.88 -33.49
C ARG L 54 26.35 24.00 -33.95
N LYS L 55 25.92 25.22 -34.28
CA LYS L 55 24.53 25.56 -34.60
C LYS L 55 23.56 25.18 -33.49
N GLN L 56 24.00 25.29 -32.24
CA GLN L 56 23.22 24.87 -31.08
C GLN L 56 22.60 26.07 -30.40
N PRO L 57 21.35 25.98 -29.94
CA PRO L 57 20.80 27.06 -29.12
C PRO L 57 21.49 27.11 -27.77
N ALA L 58 21.46 28.28 -27.17
CA ALA L 58 22.12 28.55 -25.89
C ALA L 58 21.06 28.63 -24.81
N THR L 59 20.68 27.47 -24.28
CA THR L 59 19.61 27.42 -23.30
C THR L 59 20.14 27.60 -21.90
N TYR L 60 19.35 28.26 -21.05
CA TYR L 60 19.66 28.38 -19.63
C TYR L 60 18.38 28.23 -18.82
N PHE L 61 18.53 27.76 -17.59
CA PHE L 61 17.41 27.50 -16.69
C PHE L 61 17.61 28.39 -15.48
N ASN L 62 17.03 29.58 -15.50
CA ASN L 62 17.34 30.65 -14.55
C ASN L 62 16.69 30.30 -13.21
N GLU L 63 17.36 29.41 -12.47
CA GLU L 63 16.84 28.89 -11.22
C GLU L 63 17.42 29.65 -10.04
N VAL L 64 18.00 30.81 -10.27
CA VAL L 64 18.52 31.66 -9.21
C VAL L 64 17.71 32.94 -9.07
N LYS L 65 16.77 33.20 -9.97
CA LYS L 65 15.77 34.22 -9.73
C LYS L 65 14.67 33.72 -8.82
N LEU L 66 14.37 32.41 -8.89
CA LEU L 66 13.35 31.82 -8.02
C LEU L 66 13.75 31.87 -6.55
N SER L 67 15.02 31.72 -6.25
CA SER L 67 15.47 31.72 -4.87
C SER L 67 15.56 33.12 -4.26
N ILE L 68 15.43 34.17 -5.07
CA ILE L 68 15.55 35.53 -4.56
C ILE L 68 14.17 36.17 -4.57
N ARG L 69 13.36 35.84 -5.58
CA ARG L 69 12.07 36.46 -5.74
C ARG L 69 11.10 36.04 -4.65
N GLY L 70 11.27 34.84 -4.10
CA GLY L 70 10.45 34.44 -2.99
C GLY L 70 11.04 34.76 -1.65
N LEU L 71 12.26 35.27 -1.62
CA LEU L 71 12.93 35.61 -0.38
C LEU L 71 12.88 37.10 -0.09
N VAL L 72 12.77 37.91 -1.14
CA VAL L 72 12.40 39.31 -0.94
C VAL L 72 10.93 39.42 -0.56
N GLY L 73 10.10 38.55 -1.13
CA GLY L 73 8.67 38.57 -0.88
C GLY L 73 8.26 38.19 0.52
N VAL L 74 9.17 37.63 1.31
CA VAL L 74 8.91 37.43 2.74
C VAL L 74 9.16 38.71 3.51
N PHE L 75 10.26 39.39 3.21
CA PHE L 75 10.57 40.69 3.81
C PHE L 75 9.55 41.73 3.41
N GLU L 76 9.11 41.69 2.16
CA GLU L 76 8.26 42.75 1.61
C GLU L 76 6.86 42.70 2.18
N GLN L 77 6.40 41.52 2.60
CA GLN L 77 5.08 41.41 3.18
C GLN L 77 5.06 41.81 4.65
N GLY L 78 6.07 41.41 5.41
CA GLY L 78 6.08 41.70 6.81
C GLY L 78 6.68 43.05 7.13
N ASP L 79 6.12 44.11 6.55
CA ASP L 79 6.65 45.45 6.72
C ASP L 79 6.33 46.00 8.11
N SER L 80 6.83 47.20 8.38
CA SER L 80 6.75 47.72 9.72
C SER L 80 6.72 49.24 9.69
N ASP L 81 5.89 49.79 10.49
CA ASP L 81 5.86 51.19 10.86
C ASP L 81 6.53 51.38 12.22
N PRO L 82 7.21 52.48 12.45
CA PRO L 82 8.02 52.61 13.68
C PRO L 82 7.15 52.86 14.90
N ARG L 83 7.82 52.86 16.05
CA ARG L 83 7.16 52.85 17.34
C ARG L 83 8.18 53.14 18.43
N ALA L 84 7.82 53.93 19.42
CA ALA L 84 8.71 54.24 20.53
C ALA L 84 8.12 53.70 21.82
N TRP L 85 8.97 53.08 22.64
CA TRP L 85 8.52 52.45 23.87
C TRP L 85 9.03 53.20 25.08
N PRO L 86 8.19 53.87 25.87
CA PRO L 86 8.66 54.58 27.06
C PRO L 86 9.19 53.59 28.09
N ARG L 87 10.39 53.84 28.61
CA ARG L 87 11.04 52.77 29.35
C ARG L 87 10.48 52.62 30.76
N ASN L 88 9.88 53.67 31.31
CA ASN L 88 9.29 53.56 32.63
C ASN L 88 8.15 54.55 32.76
N PRO L 89 6.95 54.11 33.06
CA PRO L 89 5.79 55.01 32.98
C PRO L 89 5.68 55.99 34.12
N GLN L 90 6.73 56.75 34.38
CA GLN L 90 6.68 57.90 35.27
C GLN L 90 7.05 59.08 34.39
N ASP L 91 6.02 59.68 33.78
CA ASP L 91 6.14 60.83 32.89
C ASP L 91 7.04 60.51 31.69
N GLU L 92 6.99 59.27 31.20
CA GLU L 92 7.65 58.98 29.94
C GLU L 92 6.69 58.54 28.85
N ASP L 93 5.47 58.16 29.19
CA ASP L 93 4.47 57.91 28.16
C ASP L 93 3.92 59.20 27.61
N SER L 94 3.98 60.27 28.39
CA SER L 94 3.56 61.58 27.88
C SER L 94 4.51 62.09 26.82
N ALA L 95 5.79 61.69 26.90
CA ALA L 95 6.80 62.02 25.91
C ALA L 95 6.89 60.99 24.81
N ASP L 96 5.80 60.35 24.48
CA ASP L 96 5.72 59.39 23.39
C ASP L 96 4.85 59.95 22.26
N ILE L 97 4.95 61.28 22.08
CA ILE L 97 4.52 61.97 20.88
C ILE L 97 5.44 61.63 19.72
N ALA L 98 6.65 61.15 20.02
CA ALA L 98 7.66 60.83 19.00
C ALA L 98 7.17 59.79 18.01
N THR L 99 6.43 58.78 18.46
CA THR L 99 5.88 57.82 17.52
C THR L 99 4.74 58.34 16.68
N LYS L 100 4.23 59.54 17.00
CA LYS L 100 3.18 60.16 16.20
C LYS L 100 3.75 61.11 15.17
N ALA L 101 5.03 61.47 15.30
CA ALA L 101 5.71 62.34 14.36
C ALA L 101 6.94 61.70 13.76
N LEU L 102 7.25 60.46 14.08
CA LEU L 102 8.30 59.73 13.39
C LEU L 102 7.74 58.82 12.31
N ARG L 103 6.46 58.48 12.37
CA ARG L 103 5.75 57.90 11.25
C ARG L 103 5.11 58.98 10.39
N TYR L 104 5.48 60.23 10.61
CA TYR L 104 5.25 61.28 9.63
C TYR L 104 6.28 61.23 8.52
N VAL L 105 7.55 61.00 8.85
CA VAL L 105 8.59 61.01 7.85
C VAL L 105 8.70 59.70 7.10
N LYS L 106 8.10 58.63 7.62
CA LYS L 106 8.00 57.38 6.90
C LYS L 106 6.90 57.44 5.85
N ASP L 107 6.02 58.42 5.93
CA ASP L 107 4.97 58.62 4.96
C ASP L 107 5.23 59.78 4.01
N TYR L 108 6.03 60.76 4.41
CA TYR L 108 6.38 61.85 3.50
C TYR L 108 7.32 61.38 2.41
N SER L 109 8.31 60.59 2.78
CA SER L 109 9.39 60.23 1.89
C SER L 109 9.12 58.97 1.08
N GLU L 110 7.94 58.36 1.25
CA GLU L 110 7.56 57.08 0.65
C GLU L 110 8.57 56.00 0.99
N TRP L 111 8.68 55.69 2.27
CA TRP L 111 9.52 54.57 2.65
C TRP L 111 8.78 53.25 2.53
N SER L 112 7.49 53.29 2.23
CA SER L 112 6.73 52.05 2.15
C SER L 112 7.09 51.23 0.90
N ASP L 113 7.62 51.87 -0.14
CA ASP L 113 8.00 51.15 -1.35
C ASP L 113 9.49 51.19 -1.61
N GLU L 114 10.21 52.13 -1.03
CA GLU L 114 11.64 52.19 -1.21
C GLU L 114 12.38 51.37 -0.19
N ARG L 115 11.67 50.67 0.69
CA ARG L 115 12.28 49.66 1.52
C ARG L 115 12.43 48.35 0.78
N SER L 116 11.67 48.16 -0.29
CA SER L 116 11.80 46.99 -1.15
C SER L 116 12.80 47.21 -2.25
N ARG L 117 13.37 48.40 -2.34
CA ARG L 117 14.43 48.69 -3.28
C ARG L 117 15.80 48.62 -2.62
N ALA L 118 15.85 48.78 -1.32
CA ALA L 118 17.04 48.52 -0.54
C ALA L 118 17.18 47.05 -0.18
N ALA L 119 16.11 46.28 -0.28
CA ALA L 119 16.20 44.84 -0.04
C ALA L 119 16.66 44.07 -1.26
N LEU L 120 16.34 44.54 -2.45
CA LEU L 120 16.75 43.85 -3.66
C LEU L 120 18.22 44.07 -3.97
N ASN L 121 18.81 45.18 -3.53
CA ASN L 121 20.25 45.38 -3.61
C ASN L 121 20.98 44.82 -2.42
N TYR L 122 20.26 44.18 -1.50
CA TYR L 122 20.88 43.60 -0.32
C TYR L 122 21.14 42.12 -0.46
N PHE L 123 20.37 41.42 -1.30
CA PHE L 123 20.60 40.00 -1.50
C PHE L 123 21.36 39.72 -2.78
N VAL L 124 21.17 40.54 -3.81
CA VAL L 124 21.86 40.31 -5.07
C VAL L 124 23.25 40.92 -5.06
N GLU L 125 23.34 42.18 -4.65
CA GLU L 125 24.61 42.83 -4.43
C GLU L 125 25.07 42.51 -3.02
N GLY L 126 26.02 43.26 -2.51
CA GLY L 126 26.40 43.04 -1.13
C GLY L 126 25.71 43.94 -0.12
N THR L 127 25.71 45.24 -0.37
CA THR L 127 25.36 46.23 0.62
C THR L 127 24.07 46.94 0.24
N CYS L 128 23.38 47.45 1.24
CA CYS L 128 22.30 48.41 1.05
C CYS L 128 22.65 49.68 1.79
N ALA L 129 22.12 50.81 1.34
CA ALA L 129 22.52 52.07 1.94
C ALA L 129 21.41 53.10 1.78
N ALA L 130 21.41 54.10 2.67
CA ALA L 130 20.45 55.19 2.62
C ALA L 130 21.00 56.39 3.37
N ILE L 131 20.58 57.58 2.95
CA ILE L 131 21.00 58.84 3.56
C ILE L 131 19.76 59.59 4.04
N VAL L 132 19.80 60.06 5.29
CA VAL L 132 18.69 60.77 5.89
C VAL L 132 19.13 62.19 6.20
N GLY L 133 18.41 63.16 5.65
CA GLY L 133 18.83 64.55 5.77
C GLY L 133 17.70 65.49 5.45
N VAL L 134 17.85 66.73 5.90
CA VAL L 134 16.76 67.69 5.93
C VAL L 134 16.83 68.61 4.73
N ASP L 135 15.73 68.71 3.99
CA ASP L 135 15.69 69.48 2.76
C ASP L 135 15.52 70.97 2.98
N GLU L 136 15.11 71.68 1.93
CA GLU L 136 15.06 73.15 1.95
C GLU L 136 14.03 73.69 2.93
N ASN L 137 13.00 72.93 3.27
CA ASN L 137 12.07 73.31 4.31
C ASN L 137 12.59 72.82 5.65
N GLY L 138 11.73 72.75 6.65
CA GLY L 138 12.17 72.23 7.93
C GLY L 138 11.99 70.72 8.06
N ARG L 139 11.51 70.06 7.06
CA ARG L 139 11.12 68.68 7.26
C ARG L 139 12.25 67.72 6.85
N PRO L 140 12.33 66.54 7.43
CA PRO L 140 13.38 65.60 7.04
C PRO L 140 12.94 64.58 6.00
N GLU L 141 13.94 64.11 5.26
CA GLU L 141 13.78 63.29 4.07
C GLU L 141 14.83 62.20 4.09
N ILE L 142 14.46 61.02 3.61
CA ILE L 142 15.34 59.87 3.56
C ILE L 142 15.42 59.36 2.13
N GLU L 143 16.57 59.58 1.48
CA GLU L 143 16.79 59.07 0.14
C GLU L 143 17.53 57.75 0.19
N PRO L 144 17.15 56.78 -0.63
CA PRO L 144 17.99 55.61 -0.80
C PRO L 144 19.06 55.84 -1.86
N ILE L 145 20.29 55.49 -1.52
CA ILE L 145 21.43 55.63 -2.42
C ILE L 145 21.73 54.27 -3.02
N ARG L 146 21.91 54.23 -4.34
CA ARG L 146 22.08 52.99 -5.07
C ARG L 146 23.42 52.35 -4.78
N PHE L 147 23.51 51.04 -5.04
CA PHE L 147 24.77 50.33 -4.82
C PHE L 147 25.82 50.73 -5.83
N GLU L 148 25.43 51.10 -7.04
CA GLU L 148 26.37 51.44 -8.10
C GLU L 148 27.12 52.74 -7.84
N GLU L 149 26.83 53.45 -6.75
CA GLU L 149 27.48 54.71 -6.46
C GLU L 149 27.78 54.90 -4.97
N PHE L 150 27.51 53.91 -4.12
CA PHE L 150 27.97 54.03 -2.75
C PHE L 150 29.49 53.81 -2.69
N PHE L 151 30.11 54.43 -1.70
CA PHE L 151 31.54 54.70 -1.75
C PHE L 151 32.05 54.84 -0.32
N HIS L 152 32.81 53.86 0.14
CA HIS L 152 33.34 53.88 1.50
C HIS L 152 34.83 53.62 1.44
N ASP L 153 35.47 53.51 2.58
CA ASP L 153 36.88 53.21 2.55
C ASP L 153 37.12 51.71 2.64
N PRO L 154 38.28 51.23 2.23
CA PRO L 154 38.76 49.93 2.69
C PRO L 154 39.34 50.09 4.08
N ARG L 155 39.93 49.00 4.58
CA ARG L 155 40.46 48.90 5.94
C ARG L 155 39.37 49.19 6.97
N SER L 156 38.16 48.69 6.68
CA SER L 156 37.00 48.79 7.55
C SER L 156 36.44 47.37 7.66
N ARG L 157 36.83 46.67 8.73
CA ARG L 157 36.57 45.24 8.84
C ARG L 157 35.09 44.96 9.10
N GLU L 158 34.35 45.94 9.58
CA GLU L 158 33.05 45.67 10.19
C GLU L 158 31.91 45.88 9.21
N LEU L 159 30.90 45.00 9.26
CA LEU L 159 29.77 45.05 8.35
C LEU L 159 28.69 46.05 8.76
N ASP L 160 28.97 46.95 9.68
CA ASP L 160 28.05 48.01 10.03
C ASP L 160 28.67 49.38 9.74
N PHE L 161 29.90 49.38 9.21
CA PHE L 161 30.65 50.59 8.84
C PHE L 161 30.87 51.50 10.03
N SER L 162 31.12 50.90 11.19
CA SER L 162 31.43 51.71 12.36
C SER L 162 32.87 52.21 12.31
N ASP L 163 33.77 51.40 11.74
CA ASP L 163 35.20 51.68 11.73
C ASP L 163 35.61 52.52 10.51
N ALA L 164 34.66 52.96 9.71
CA ALA L 164 34.98 53.69 8.50
C ALA L 164 35.44 55.10 8.84
N ARG L 165 36.22 55.68 7.92
CA ARG L 165 36.70 57.05 8.07
C ARG L 165 36.04 58.01 7.11
N PHE L 166 35.61 57.55 5.94
CA PHE L 166 34.91 58.43 5.01
C PHE L 166 33.91 57.66 4.17
N LYS L 167 32.77 58.29 3.85
CA LYS L 167 31.69 57.70 3.08
C LYS L 167 31.05 58.79 2.21
N GLY L 168 30.56 58.40 1.03
CA GLY L 168 30.09 59.39 0.07
C GLY L 168 29.08 58.82 -0.91
N VAL L 169 28.76 59.61 -1.96
CA VAL L 169 27.67 59.23 -2.87
C VAL L 169 28.03 59.14 -4.35
N ALA L 170 29.04 59.87 -4.81
CA ALA L 170 29.75 59.71 -6.11
C ALA L 170 28.84 59.54 -7.34
N LYS L 171 28.11 60.60 -7.68
CA LYS L 171 27.08 60.49 -8.70
C LYS L 171 27.53 60.99 -10.08
N TRP L 172 26.67 60.80 -11.07
CA TRP L 172 26.72 61.47 -12.36
C TRP L 172 25.50 62.37 -12.49
N ARG L 173 25.71 63.62 -12.88
CA ARG L 173 24.61 64.55 -13.06
C ARG L 173 24.71 65.22 -14.42
N PHE L 174 23.74 66.06 -14.73
CA PHE L 174 23.76 66.88 -15.92
C PHE L 174 24.50 68.17 -15.64
N ALA L 175 25.27 68.64 -16.62
CA ALA L 175 26.07 69.84 -16.45
C ALA L 175 25.23 71.10 -16.37
N ASP L 176 23.98 71.05 -16.85
CA ASP L 176 23.07 72.17 -16.65
C ASP L 176 22.69 72.31 -15.18
N GLU L 177 22.35 71.21 -14.53
CA GLU L 177 21.81 71.23 -13.17
C GLU L 177 22.90 71.15 -12.10
N VAL L 178 24.12 71.56 -12.43
CA VAL L 178 25.21 71.71 -11.46
C VAL L 178 25.75 73.11 -11.47
N GLY L 179 26.13 73.62 -12.65
CA GLY L 179 26.74 74.93 -12.74
C GLY L 179 25.75 76.05 -12.52
N MET L 180 24.52 75.89 -13.00
CA MET L 180 23.45 76.83 -12.72
C MET L 180 22.76 76.56 -11.39
N GLU L 181 23.38 75.75 -10.53
CA GLU L 181 23.00 75.59 -9.15
C GLU L 181 24.03 76.14 -8.19
N TYR L 182 25.31 76.07 -8.56
CA TYR L 182 26.41 76.53 -7.70
C TYR L 182 27.21 77.66 -8.32
N GLY L 183 26.67 78.31 -9.36
CA GLY L 183 27.29 79.50 -9.91
C GLY L 183 28.49 79.28 -10.80
N ILE L 184 28.90 78.04 -11.02
CA ILE L 184 29.99 77.74 -11.94
C ILE L 184 29.50 77.95 -13.36
N LYS L 185 30.30 78.62 -14.19
CA LYS L 185 29.90 78.87 -15.56
C LYS L 185 30.07 77.62 -16.42
N GLY L 186 29.33 77.58 -17.52
CA GLY L 186 29.23 76.36 -18.30
C GLY L 186 30.44 76.09 -19.16
N GLU L 187 30.60 74.80 -19.49
CA GLU L 187 31.72 74.23 -20.24
C GLU L 187 33.05 74.64 -19.61
N ILE L 188 33.26 74.10 -18.42
CA ILE L 188 34.46 74.38 -17.66
C ILE L 188 35.28 73.12 -17.47
N SER L 220 26.61 72.85 -26.21
CA SER L 220 25.67 71.76 -26.43
C SER L 220 24.81 71.52 -25.20
N LYS L 221 23.94 70.52 -25.28
CA LYS L 221 23.04 70.19 -24.19
C LYS L 221 23.24 68.71 -23.85
N LEU L 222 22.91 68.36 -22.59
CA LEU L 222 23.10 67.02 -22.01
C LEU L 222 24.56 66.60 -22.03
N ARG L 223 25.36 67.35 -21.28
CA ARG L 223 26.73 67.00 -20.97
C ARG L 223 26.77 66.52 -19.52
N ARG L 224 27.55 65.48 -19.24
CA ARG L 224 27.52 64.83 -17.93
C ARG L 224 28.78 65.16 -17.15
N VAL L 225 28.63 65.39 -15.84
CA VAL L 225 29.75 65.65 -14.94
C VAL L 225 29.78 64.59 -13.86
N PHE L 226 30.70 64.71 -12.91
CA PHE L 226 30.96 63.63 -11.95
C PHE L 226 31.11 64.18 -10.53
N VAL L 227 30.13 64.95 -10.05
CA VAL L 227 30.19 65.49 -8.71
C VAL L 227 30.08 64.37 -7.67
N VAL L 228 30.75 64.54 -6.53
CA VAL L 228 30.90 63.48 -5.53
C VAL L 228 30.88 64.07 -4.12
N GLU L 229 29.99 63.60 -3.26
CA GLU L 229 30.00 64.02 -1.87
C GLU L 229 30.96 63.16 -1.06
N MET L 230 31.22 63.60 0.17
CA MET L 230 32.36 63.08 0.93
C MET L 230 32.20 63.51 2.37
N TYR L 231 32.14 62.55 3.30
CA TYR L 231 32.05 62.85 4.72
C TYR L 231 33.28 62.28 5.42
N VAL L 232 34.35 63.05 5.46
CA VAL L 232 35.63 62.59 5.98
C VAL L 232 35.81 63.07 7.42
N ARG L 233 36.24 62.16 8.29
CA ARG L 233 36.66 62.53 9.64
C ARG L 233 38.06 63.09 9.54
N TRP L 234 38.18 64.40 9.71
CA TRP L 234 39.46 65.06 9.49
C TRP L 234 40.22 65.29 10.78
N ASN L 235 39.51 65.54 11.85
CA ASN L 235 39.98 65.67 13.22
C ASN L 235 38.81 65.16 14.03
N GLY L 236 38.65 65.61 15.26
CA GLY L 236 37.44 65.29 16.02
C GLY L 236 36.09 65.63 15.38
N VAL L 237 36.08 66.48 14.37
CA VAL L 237 34.87 66.85 13.68
C VAL L 237 34.75 66.07 12.37
N TRP L 238 33.58 66.12 11.77
CA TRP L 238 33.30 65.46 10.49
C TRP L 238 33.13 66.52 9.42
N ILE L 239 34.09 66.60 8.52
CA ILE L 239 34.05 67.55 7.41
C ILE L 239 33.17 66.99 6.31
N ARG L 240 32.27 67.80 5.79
CA ARG L 240 31.54 67.50 4.57
C ARG L 240 32.14 68.29 3.42
N ALA L 241 32.48 67.61 2.34
CA ALA L 241 33.02 68.27 1.16
C ALA L 241 32.40 67.66 -0.08
N LEU L 242 32.23 68.45 -1.12
CA LEU L 242 31.83 67.91 -2.41
C LEU L 242 32.60 68.63 -3.50
N PHE L 243 33.19 67.86 -4.40
CA PHE L 243 34.12 68.39 -5.38
C PHE L 243 33.83 67.78 -6.74
N TRP L 244 34.69 68.10 -7.70
CA TRP L 244 34.69 67.43 -8.99
C TRP L 244 36.13 67.46 -9.49
N GLY L 245 36.32 67.24 -10.80
CA GLY L 245 37.65 66.96 -11.32
C GLY L 245 38.66 68.09 -11.17
N ARG L 246 38.18 69.33 -11.12
CA ARG L 246 39.05 70.46 -10.79
C ARG L 246 38.27 71.41 -9.88
N GLY L 247 38.89 71.75 -8.76
CA GLY L 247 38.26 72.61 -7.78
C GLY L 247 37.21 71.89 -6.94
N ILE L 248 36.97 72.45 -5.75
CA ILE L 248 35.90 71.99 -4.90
C ILE L 248 34.75 72.96 -5.03
N LEU L 249 33.58 72.57 -4.52
CA LEU L 249 32.38 73.39 -4.67
C LEU L 249 31.83 73.90 -3.36
N GLU L 250 31.81 73.08 -2.31
CA GLU L 250 31.54 73.57 -0.96
C GLU L 250 32.22 72.62 0.02
N MET L 251 32.56 73.16 1.18
CA MET L 251 33.32 72.40 2.18
C MET L 251 33.11 73.04 3.53
N SER L 252 32.51 72.30 4.45
CA SER L 252 32.19 72.85 5.76
C SER L 252 32.07 71.73 6.76
N VAL L 253 31.97 72.09 8.04
CA VAL L 253 31.68 71.13 9.08
C VAL L 253 30.24 70.66 8.90
N SER L 254 30.02 69.36 9.09
CA SER L 254 28.72 68.75 8.85
C SER L 254 27.67 69.33 9.79
N ALA L 255 26.51 69.66 9.22
CA ALA L 255 25.50 70.40 9.96
C ALA L 255 24.69 69.53 10.91
N TYR L 256 24.68 68.23 10.71
CA TYR L 256 23.80 67.35 11.47
C TYR L 256 24.51 66.87 12.72
N LEU L 257 23.78 66.85 13.83
CA LEU L 257 24.37 66.45 15.09
C LEU L 257 24.07 64.98 15.36
N ASP L 258 24.37 64.54 16.58
CA ASP L 258 24.24 63.13 16.97
C ASP L 258 23.66 63.08 18.38
N ARG L 259 23.57 61.89 18.97
CA ARG L 259 23.00 61.77 20.31
C ARG L 259 23.94 62.26 21.41
N ASN L 260 25.19 62.54 21.09
CA ASN L 260 26.14 63.04 22.06
C ASN L 260 26.34 64.55 21.96
N GLY L 261 25.93 65.18 20.87
CA GLY L 261 26.04 66.61 20.69
C GLY L 261 27.04 67.04 19.65
N LYS L 262 27.94 66.18 19.28
CA LYS L 262 29.03 66.45 18.35
C LYS L 262 28.59 66.16 16.92
N PRO L 263 29.09 66.90 15.93
CA PRO L 263 28.63 66.68 14.56
C PRO L 263 29.17 65.40 13.96
N THR L 264 28.29 64.67 13.26
CA THR L 264 28.61 63.38 12.67
C THR L 264 28.08 63.27 11.25
N CYS L 265 28.07 61.99 10.70
CA CYS L 265 27.63 61.65 9.36
C CYS L 265 26.18 61.20 9.36
N PRO L 266 25.45 61.46 8.31
CA PRO L 266 24.10 60.93 8.20
C PRO L 266 24.02 59.62 7.43
N ILE L 267 25.08 59.26 6.71
CA ILE L 267 25.03 58.09 5.83
C ILE L 267 25.08 56.82 6.67
N GLU L 268 24.14 55.91 6.43
CA GLU L 268 24.08 54.63 7.14
C GLU L 268 23.83 53.49 6.17
N ALA L 269 24.44 52.34 6.46
CA ALA L 269 24.47 51.25 5.51
C ALA L 269 24.77 49.95 6.24
N ARG L 270 24.66 48.84 5.51
CA ARG L 270 24.85 47.51 6.08
C ARG L 270 25.05 46.50 4.97
N SER L 271 25.98 45.57 5.17
CA SER L 271 26.28 44.52 4.20
C SER L 271 25.86 43.17 4.74
N CYS L 272 25.77 42.19 3.84
CA CYS L 272 25.23 40.89 4.21
C CYS L 272 26.30 40.01 4.87
N TYR L 273 27.37 39.71 4.15
CA TYR L 273 28.46 38.92 4.70
C TYR L 273 29.79 39.60 4.43
N ILE L 274 30.80 39.17 5.17
CA ILE L 274 32.15 39.72 5.10
C ILE L 274 33.11 38.54 4.99
N ASP L 275 34.29 38.78 4.45
CA ASP L 275 35.28 37.73 4.25
C ASP L 275 36.54 38.09 5.07
N ARG L 276 37.59 37.26 4.98
CA ARG L 276 38.79 37.51 5.78
C ARG L 276 39.53 38.74 5.27
N GLU L 277 39.98 38.72 4.02
CA GLU L 277 40.19 39.99 3.34
C GLU L 277 38.83 40.59 3.03
N ASN L 278 38.77 41.92 3.01
CA ASN L 278 37.48 42.58 3.12
C ASN L 278 36.66 42.51 1.85
N ARG L 279 35.86 41.47 1.70
CA ARG L 279 34.91 41.33 0.62
C ARG L 279 33.50 41.54 1.18
N ARG L 280 32.59 42.02 0.35
CA ARG L 280 31.22 42.25 0.75
C ARG L 280 30.38 41.46 -0.24
N TYR L 281 30.17 40.19 -0.01
CA TYR L 281 29.35 39.44 -0.95
C TYR L 281 27.94 39.37 -0.40
N GLY L 282 27.03 38.84 -1.21
CA GLY L 282 25.63 38.83 -0.83
C GLY L 282 25.08 37.45 -0.62
N GLU L 283 23.99 37.12 -1.30
CA GLU L 283 23.41 35.80 -1.26
C GLU L 283 23.66 35.03 -2.55
N VAL L 284 23.74 35.74 -3.66
CA VAL L 284 23.88 35.13 -4.97
C VAL L 284 25.37 35.07 -5.32
N ARG L 285 26.24 35.26 -4.32
CA ARG L 285 27.62 34.79 -4.49
C ARG L 285 27.68 33.28 -4.43
N ASP L 286 26.89 32.69 -3.52
CA ASP L 286 26.56 31.28 -3.62
C ASP L 286 25.51 31.12 -4.72
N LEU L 287 25.08 29.87 -4.98
CA LEU L 287 24.12 29.54 -6.05
C LEU L 287 24.65 29.96 -7.41
N ARG L 288 25.96 29.96 -7.58
CA ARG L 288 26.60 30.13 -8.87
C ARG L 288 27.37 28.91 -9.29
N SER L 289 28.12 28.34 -8.38
CA SER L 289 28.71 27.04 -8.64
C SER L 289 27.65 25.94 -8.73
N PRO L 290 26.59 25.89 -7.93
CA PRO L 290 25.53 24.93 -8.23
C PRO L 290 24.56 25.38 -9.30
N GLN L 291 24.87 26.40 -10.08
CA GLN L 291 23.97 26.84 -11.13
C GLN L 291 24.66 26.92 -12.49
N ASP L 292 25.98 26.96 -12.52
CA ASP L 292 26.73 26.61 -13.72
C ASP L 292 26.86 25.13 -13.93
N ALA L 293 26.36 24.30 -13.02
CA ALA L 293 26.34 22.87 -13.23
C ALA L 293 24.97 22.36 -13.60
N ILE L 294 24.02 23.25 -13.83
CA ILE L 294 22.75 22.89 -14.44
C ILE L 294 22.69 23.36 -15.89
N ASN L 295 23.24 24.54 -16.15
CA ASN L 295 23.33 25.03 -17.51
C ASN L 295 24.33 24.25 -18.33
N LYS L 296 25.44 23.84 -17.74
CA LYS L 296 26.44 23.12 -18.50
C LYS L 296 26.16 21.64 -18.61
N ARG L 297 25.62 21.00 -17.58
CA ARG L 297 25.22 19.60 -17.73
C ARG L 297 23.93 19.43 -18.52
N GLU L 298 23.38 20.48 -19.11
CA GLU L 298 22.27 20.36 -20.02
C GLU L 298 22.71 20.49 -21.47
N SER L 299 23.64 21.38 -21.74
CA SER L 299 24.16 21.54 -23.09
C SER L 299 25.14 20.45 -23.47
N LYS L 300 25.72 19.74 -22.50
CA LYS L 300 26.54 18.60 -22.86
C LYS L 300 25.70 17.45 -23.37
N LEU L 301 24.54 17.24 -22.77
CA LEU L 301 23.65 16.14 -23.17
C LEU L 301 22.94 16.41 -24.47
N LEU L 302 22.66 17.67 -24.76
CA LEU L 302 22.02 17.99 -26.02
C LEU L 302 23.00 17.83 -27.16
N HIS L 303 24.28 18.08 -26.90
CA HIS L 303 25.29 17.89 -27.91
C HIS L 303 25.64 16.42 -28.10
N MET L 304 25.45 15.62 -27.07
CA MET L 304 25.87 14.23 -27.10
C MET L 304 24.77 13.31 -27.60
N LEU L 305 23.52 13.77 -27.59
CA LEU L 305 22.38 12.98 -28.05
C LEU L 305 21.86 13.44 -29.41
N ASN L 306 22.73 13.99 -30.25
CA ASN L 306 22.42 14.22 -31.65
C ASN L 306 23.54 13.88 -32.60
N ASN L 307 24.71 13.52 -32.12
CA ASN L 307 25.88 13.31 -32.97
C ASN L 307 26.42 11.91 -32.78
N ARG L 308 26.72 11.25 -33.88
CA ARG L 308 27.22 9.88 -33.87
C ARG L 308 28.59 9.90 -34.53
N GLN L 309 29.65 9.74 -33.74
CA GLN L 309 30.99 9.79 -34.29
C GLN L 309 31.29 8.53 -35.10
N ALA L 310 31.98 8.72 -36.22
CA ALA L 310 32.14 7.69 -37.22
C ALA L 310 33.56 7.15 -37.21
N ILE L 311 33.69 5.84 -37.09
CA ILE L 311 34.99 5.18 -37.09
C ILE L 311 35.15 4.47 -38.42
N ALA L 312 36.39 4.33 -38.86
CA ALA L 312 36.67 3.66 -40.12
C ALA L 312 36.89 2.18 -39.89
N THR L 313 36.30 1.36 -40.74
CA THR L 313 36.42 -0.09 -40.58
C THR L 313 37.20 -0.72 -41.72
N ASN L 314 36.74 -0.56 -42.96
CA ASN L 314 37.37 -1.22 -44.10
C ASN L 314 38.09 -0.16 -44.92
N PRO L 315 39.40 -0.07 -44.88
CA PRO L 315 40.11 1.06 -45.51
C PRO L 315 40.22 0.99 -47.03
N GLU L 316 39.44 0.15 -47.71
CA GLU L 316 39.34 0.22 -49.15
C GLU L 316 38.02 0.83 -49.60
N TYR L 317 36.89 0.36 -49.07
CA TYR L 317 35.63 1.02 -49.42
C TYR L 317 35.46 2.32 -48.67
N ALA L 318 35.98 2.40 -47.44
CA ALA L 318 36.18 3.70 -46.82
C ALA L 318 37.46 4.30 -47.37
N TYR L 319 37.85 5.45 -46.82
CA TYR L 319 38.93 6.31 -47.34
C TYR L 319 38.68 6.71 -48.78
N ASN L 320 37.43 6.71 -49.22
CA ASN L 320 37.09 6.90 -50.61
C ASN L 320 36.15 8.07 -50.79
N SER L 321 35.12 8.17 -49.96
CA SER L 321 34.18 9.26 -50.09
C SER L 321 34.74 10.54 -49.48
N ASP L 322 34.89 10.57 -48.15
CA ASP L 322 35.40 11.68 -47.35
C ASP L 322 35.35 11.19 -45.91
N ALA L 323 35.84 12.00 -44.99
CA ALA L 323 35.64 11.71 -43.58
C ALA L 323 34.60 12.63 -42.95
N GLU L 324 34.78 13.93 -43.06
CA GLU L 324 33.91 14.86 -42.37
C GLU L 324 32.54 14.97 -43.03
N MET L 325 32.43 14.61 -44.29
CA MET L 325 31.13 14.56 -44.94
C MET L 325 30.32 13.33 -44.52
N VAL L 326 30.99 12.25 -44.15
CA VAL L 326 30.27 11.01 -43.83
C VAL L 326 29.63 11.10 -42.46
N ARG L 327 30.35 11.63 -41.45
CA ARG L 327 29.74 11.67 -40.14
C ARG L 327 28.66 12.74 -40.00
N LYS L 328 28.52 13.64 -40.98
CA LYS L 328 27.34 14.47 -40.98
C LYS L 328 26.15 13.79 -41.65
N GLU L 329 26.37 12.67 -42.33
CA GLU L 329 25.30 11.89 -42.90
C GLU L 329 24.77 10.85 -41.93
N MET L 330 25.51 10.56 -40.87
CA MET L 330 25.04 9.64 -39.86
C MET L 330 24.19 10.32 -38.81
N SER L 331 24.44 11.59 -38.55
CA SER L 331 23.74 12.27 -37.47
C SER L 331 22.39 12.81 -37.88
N LYS L 332 22.07 12.83 -39.17
CA LYS L 332 20.75 13.27 -39.54
C LYS L 332 19.95 12.13 -40.13
N PRO L 333 18.65 12.03 -39.81
CA PRO L 333 17.89 10.84 -40.19
C PRO L 333 17.60 10.69 -41.68
N ASP L 334 17.72 11.73 -42.49
CA ASP L 334 17.51 11.60 -43.92
C ASP L 334 18.84 11.47 -44.67
N GLY L 335 19.62 10.45 -44.30
CA GLY L 335 20.96 10.34 -44.85
C GLY L 335 21.26 9.12 -45.69
N ILE L 336 22.33 9.20 -46.47
CA ILE L 336 22.87 8.08 -47.24
C ILE L 336 24.29 7.88 -46.77
N ILE L 337 24.65 6.65 -46.41
CA ILE L 337 25.94 6.35 -45.81
C ILE L 337 26.71 5.44 -46.76
N PRO L 338 27.95 5.76 -47.10
CA PRO L 338 28.76 4.88 -47.96
C PRO L 338 29.23 3.67 -47.19
N PRO L 339 29.69 2.62 -47.86
CA PRO L 339 30.21 1.45 -47.15
C PRO L 339 31.53 1.73 -46.49
N GLY L 340 31.83 0.96 -45.46
CA GLY L 340 33.12 1.00 -44.80
C GLY L 340 33.17 1.86 -43.56
N TRP L 341 32.09 2.51 -43.18
CA TRP L 341 32.07 3.40 -42.03
C TRP L 341 31.04 2.88 -41.03
N GLN L 342 31.38 2.96 -39.74
CA GLN L 342 30.58 2.40 -38.66
C GLN L 342 30.11 3.47 -37.70
N PRO L 343 28.82 3.61 -37.46
CA PRO L 343 28.32 4.68 -36.59
C PRO L 343 28.38 4.35 -35.10
N ALA L 344 29.53 4.57 -34.49
CA ALA L 344 29.70 4.29 -33.07
C ALA L 344 29.28 5.51 -32.27
N SER L 345 28.09 5.45 -31.70
CA SER L 345 27.61 6.60 -30.96
C SER L 345 27.98 6.52 -29.48
N MET L 346 27.95 7.67 -28.82
CA MET L 346 28.24 7.76 -27.38
C MET L 346 26.93 7.79 -26.59
N THR L 347 26.09 6.78 -26.78
CA THR L 347 24.89 6.64 -25.95
C THR L 347 25.16 5.74 -24.74
N ASP L 348 26.29 5.99 -24.13
CA ASP L 348 26.74 5.45 -22.86
C ASP L 348 27.40 6.63 -22.19
N LEU L 349 27.60 6.54 -20.87
CA LEU L 349 27.99 7.66 -20.01
C LEU L 349 27.11 8.89 -20.23
N ALA L 350 25.83 8.66 -20.51
CA ALA L 350 24.79 9.66 -20.45
C ALA L 350 23.85 9.43 -19.28
N ASN L 351 23.67 8.18 -18.88
CA ASN L 351 22.99 7.87 -17.64
C ASN L 351 23.84 8.20 -16.43
N GLY L 352 25.14 8.39 -16.62
CA GLY L 352 25.98 8.95 -15.60
C GLY L 352 25.94 10.46 -15.57
N GLN L 353 25.44 11.10 -16.62
CA GLN L 353 25.25 12.54 -16.63
C GLN L 353 23.88 12.94 -16.11
N PHE L 354 22.84 12.18 -16.41
CA PHE L 354 21.52 12.44 -15.84
C PHE L 354 21.50 12.26 -14.33
N ALA L 355 22.29 11.33 -13.82
CA ALA L 355 22.39 11.15 -12.38
C ALA L 355 23.34 12.13 -11.74
N LEU L 356 23.92 13.05 -12.52
CA LEU L 356 24.83 14.05 -12.00
C LEU L 356 24.32 15.46 -12.24
N LEU L 357 23.35 15.63 -13.13
CA LEU L 357 22.54 16.84 -13.17
C LEU L 357 21.47 16.82 -12.09
N SER L 358 20.82 15.67 -11.90
CA SER L 358 19.76 15.57 -10.91
C SER L 358 20.27 15.59 -9.48
N SER L 359 21.57 15.53 -9.28
CA SER L 359 22.17 15.82 -7.99
C SER L 359 22.42 17.31 -7.78
N ALA L 360 22.33 18.11 -8.84
CA ALA L 360 22.51 19.55 -8.73
C ALA L 360 21.24 20.33 -8.97
N ARG L 361 20.17 19.71 -9.48
CA ARG L 361 18.85 20.31 -9.42
C ARG L 361 18.22 20.15 -8.05
N GLU L 362 18.78 19.30 -7.19
CA GLU L 362 18.23 19.06 -5.88
C GLU L 362 18.95 19.83 -4.78
N PHE L 363 20.26 20.05 -4.94
CA PHE L 363 20.95 20.91 -3.99
C PHE L 363 20.60 22.38 -4.20
N ILE L 364 20.32 22.78 -5.44
CA ILE L 364 19.96 24.16 -5.74
C ILE L 364 18.57 24.51 -5.20
N GLN L 365 17.79 23.50 -4.84
CA GLN L 365 16.48 23.69 -4.25
C GLN L 365 16.51 23.59 -2.74
N ARG L 366 17.63 23.16 -2.17
CA ARG L 366 17.72 22.91 -0.74
C ARG L 366 18.53 23.97 0.01
N ILE L 367 19.44 24.66 -0.68
CA ILE L 367 20.20 25.73 -0.05
C ILE L 367 19.56 27.08 -0.38
N GLY L 368 18.94 27.17 -1.54
CA GLY L 368 18.44 28.45 -1.96
C GLY L 368 16.96 28.61 -1.82
N GLN L 369 16.20 27.61 -2.24
CA GLN L 369 14.76 27.77 -2.44
C GLN L 369 13.99 27.24 -1.24
N ASN L 370 14.54 27.47 -0.05
CA ASN L 370 13.78 27.37 1.18
C ASN L 370 12.69 28.42 1.49
N PRO L 371 12.72 29.75 1.02
CA PRO L 371 11.88 30.75 1.70
C PRO L 371 10.38 30.59 1.45
N SER L 372 9.82 29.56 2.08
CA SER L 372 8.41 29.18 2.03
C SER L 372 7.93 28.86 0.62
N VAL L 373 8.81 28.41 -0.27
CA VAL L 373 8.42 27.91 -1.59
C VAL L 373 9.09 26.54 -1.78
N LEU L 374 8.42 25.50 -1.31
CA LEU L 374 8.96 24.15 -1.36
C LEU L 374 7.92 23.19 -1.92
N ALA L 375 6.64 23.53 -1.75
CA ALA L 375 5.53 22.66 -2.11
C ALA L 375 5.33 22.60 -3.62
N ARG L 384 4.84 21.35 5.43
CA ARG L 384 3.66 20.89 6.14
C ARG L 384 2.79 22.06 6.56
N ALA L 385 1.73 21.74 7.30
CA ALA L 385 0.73 22.73 7.71
C ALA L 385 1.26 23.61 8.84
N GLN L 386 2.05 24.62 8.47
CA GLN L 386 2.55 25.66 9.37
C GLN L 386 3.38 25.10 10.52
N LEU L 387 4.10 24.01 10.26
CA LEU L 387 5.10 23.49 11.20
C LEU L 387 6.44 23.20 10.54
N ALA L 388 6.44 22.71 9.31
CA ALA L 388 7.66 22.59 8.53
C ALA L 388 8.01 23.88 7.81
N ARG L 389 7.31 24.98 8.09
CA ARG L 389 7.70 26.31 7.64
C ARG L 389 7.65 27.37 8.74
N GLN L 390 6.90 27.16 9.82
CA GLN L 390 6.85 28.13 10.91
C GLN L 390 8.00 27.95 11.88
N GLN L 391 8.61 26.77 11.93
CA GLN L 391 9.74 26.58 12.82
C GLN L 391 10.89 25.93 12.07
N ALA L 392 10.63 25.44 10.86
CA ALA L 392 11.65 24.75 10.07
C ALA L 392 12.08 25.50 8.83
N GLY L 393 11.24 26.38 8.31
CA GLY L 393 11.61 27.11 7.11
C GLY L 393 12.14 28.50 7.41
N MET L 394 11.58 29.15 8.42
CA MET L 394 11.94 30.51 8.75
C MET L 394 13.06 30.60 9.77
N VAL L 395 13.72 29.50 10.09
CA VAL L 395 14.89 29.53 10.94
C VAL L 395 16.17 29.40 10.11
N ASP L 396 16.07 29.02 8.84
CA ASP L 396 17.22 29.03 7.97
C ASP L 396 17.39 30.38 7.30
N SER L 397 16.33 31.15 7.18
CA SER L 397 16.39 32.54 6.74
C SER L 397 16.31 33.50 7.91
N ALA L 398 16.93 33.16 9.05
CA ALA L 398 16.84 34.05 10.20
C ALA L 398 17.96 35.08 10.20
N MET L 399 19.20 34.65 10.02
CA MET L 399 20.26 35.60 9.68
C MET L 399 19.98 36.22 8.33
N ALA L 400 20.42 37.46 8.15
CA ALA L 400 20.27 38.27 6.94
C ALA L 400 18.82 38.46 6.53
N LEU L 401 17.87 38.28 7.44
CA LEU L 401 16.51 38.75 7.28
C LEU L 401 16.13 39.41 8.58
N ASN L 402 16.74 38.94 9.68
CA ASN L 402 16.82 39.70 10.91
C ASN L 402 18.14 40.43 11.00
N GLY L 403 18.71 40.76 9.85
CA GLY L 403 19.84 41.64 9.75
C GLY L 403 19.42 42.86 8.97
N LEU L 404 18.45 42.70 8.08
CA LEU L 404 17.92 43.83 7.34
C LEU L 404 16.90 44.61 8.14
N ARG L 405 16.19 43.94 9.05
CA ARG L 405 15.36 44.64 10.04
C ARG L 405 16.23 45.51 10.93
N ARG L 406 17.46 45.07 11.20
CA ARG L 406 18.35 45.83 12.05
C ARG L 406 18.88 47.08 11.37
N PHE L 407 19.00 47.07 10.03
CA PHE L 407 19.28 48.29 9.28
C PHE L 407 18.09 49.22 9.27
N GLU L 408 16.88 48.68 9.13
CA GLU L 408 15.72 49.54 8.92
C GLU L 408 15.36 50.30 10.18
N LEU L 409 15.47 49.67 11.34
CA LEU L 409 15.21 50.37 12.59
C LEU L 409 16.42 51.13 13.09
N ALA L 410 17.53 51.10 12.36
CA ALA L 410 18.67 51.95 12.66
C ALA L 410 18.65 53.22 11.84
N VAL L 411 17.64 53.41 11.00
CA VAL L 411 17.52 54.65 10.26
C VAL L 411 16.48 55.51 10.95
N TYR L 412 15.44 54.85 11.50
CA TYR L 412 14.44 55.56 12.28
C TYR L 412 15.06 56.21 13.50
N ARG L 413 16.02 55.53 14.12
CA ARG L 413 16.80 56.14 15.18
C ARG L 413 17.59 57.33 14.67
N GLN L 414 18.16 57.22 13.47
CA GLN L 414 18.89 58.33 12.88
C GLN L 414 17.96 59.43 12.36
N ALA L 415 16.65 59.18 12.30
CA ALA L 415 15.71 60.18 11.83
C ALA L 415 15.02 60.94 12.94
N TRP L 416 15.07 60.45 14.18
CA TRP L 416 14.58 61.26 15.29
C TRP L 416 15.58 62.32 15.71
N LEU L 417 16.86 62.12 15.44
CA LEU L 417 17.84 63.15 15.71
C LEU L 417 17.71 64.35 14.77
N ARG L 418 17.11 64.18 13.61
CA ARG L 418 16.97 65.26 12.64
C ARG L 418 15.65 66.00 12.77
N CYS L 419 14.58 65.32 13.18
CA CYS L 419 13.33 65.99 13.48
C CYS L 419 13.24 66.37 14.93
N ARG L 420 14.38 66.59 15.59
CA ARG L 420 14.40 67.18 16.91
C ARG L 420 15.08 68.54 16.92
N GLN L 421 16.30 68.62 16.39
CA GLN L 421 17.05 69.87 16.43
C GLN L 421 16.56 70.91 15.46
N PHE L 422 15.67 70.56 14.53
CA PHE L 422 15.18 71.52 13.55
C PHE L 422 13.73 71.92 13.75
N TRP L 423 12.90 71.05 14.31
CA TRP L 423 11.51 71.39 14.57
C TRP L 423 11.39 72.21 15.84
N LYS L 424 10.95 73.45 15.71
CA LYS L 424 10.66 74.30 16.85
C LYS L 424 9.25 74.01 17.33
N ALA L 425 8.74 74.85 18.23
CA ALA L 425 7.44 74.62 18.86
C ALA L 425 6.21 74.65 17.96
N PRO L 426 6.05 75.54 16.97
CA PRO L 426 4.86 75.44 16.11
C PRO L 426 4.95 74.42 14.99
N ASP L 427 5.90 73.48 15.03
CA ASP L 427 5.97 72.41 14.05
C ASP L 427 5.46 71.08 14.59
N TYR L 428 5.55 70.89 15.90
CA TYR L 428 4.93 69.74 16.54
C TYR L 428 3.42 69.87 16.57
N ILE L 429 2.90 71.08 16.57
CA ILE L 429 1.46 71.28 16.67
C ILE L 429 0.80 71.04 15.32
N ARG L 430 1.52 71.26 14.23
CA ARG L 430 0.94 71.03 12.91
C ARG L 430 0.77 69.54 12.63
N VAL L 431 1.67 68.71 13.13
CA VAL L 431 1.64 67.29 12.82
C VAL L 431 0.68 66.54 13.72
N THR L 432 0.87 66.64 15.03
CA THR L 432 0.05 65.91 15.98
C THR L 432 -1.31 66.55 16.22
N ASP L 433 -1.46 67.83 15.85
CA ASP L 433 -2.72 68.59 15.87
C ASP L 433 -3.34 68.63 17.26
N ASP L 434 -2.62 69.25 18.19
CA ASP L 434 -3.09 69.48 19.55
C ASP L 434 -2.27 70.59 20.18
N GLU L 435 -2.91 71.69 20.50
CA GLU L 435 -2.23 72.76 21.22
C GLU L 435 -1.94 72.30 22.65
N GLY L 436 -0.68 72.34 23.03
CA GLY L 436 -0.23 71.72 24.24
C GLY L 436 0.56 70.44 24.05
N ALA L 437 0.95 70.14 22.82
CA ALA L 437 1.87 69.05 22.50
C ALA L 437 3.37 69.33 22.72
N PRO L 438 3.95 70.49 22.35
CA PRO L 438 5.40 70.63 22.56
C PRO L 438 5.84 70.78 24.01
N GLN L 439 4.93 70.87 24.97
CA GLN L 439 5.33 70.90 26.36
C GLN L 439 5.81 69.55 26.87
N PHE L 440 5.59 68.48 26.11
CA PHE L 440 5.95 67.13 26.53
C PHE L 440 7.29 66.66 25.98
N VAL L 441 8.01 67.51 25.24
CA VAL L 441 9.25 67.11 24.59
C VAL L 441 10.37 68.08 24.90
N GLY L 442 10.29 68.73 26.06
CA GLY L 442 11.40 69.54 26.50
C GLY L 442 11.47 70.93 25.92
N ILE L 443 10.34 71.60 25.76
CA ILE L 443 10.34 73.03 25.48
C ILE L 443 9.10 73.61 26.16
N ASN L 444 9.21 74.89 26.54
CA ASN L 444 8.23 75.60 27.39
C ASN L 444 7.92 74.86 28.70
N ALA L 464 -2.24 81.59 9.53
CA ALA L 464 -0.99 82.24 9.86
C ALA L 464 0.06 82.00 8.78
N GLU L 465 1.33 81.96 9.17
CA GLU L 465 2.39 81.71 8.21
C GLU L 465 2.40 80.23 7.82
N PRO L 466 2.93 79.90 6.64
CA PRO L 466 3.31 78.51 6.37
C PRO L 466 4.42 78.08 7.31
N ILE L 467 4.19 76.98 8.00
CA ILE L 467 5.07 76.53 9.08
C ILE L 467 5.91 75.34 8.65
N LEU L 468 5.34 74.37 7.94
CA LEU L 468 6.13 73.36 7.26
C LEU L 468 5.96 73.44 5.75
N GLY L 469 5.87 74.65 5.20
CA GLY L 469 5.59 74.79 3.79
C GLY L 469 4.23 74.32 3.37
N TYR L 470 3.25 74.36 4.28
CA TYR L 470 1.89 73.92 4.00
C TYR L 470 0.98 75.14 4.00
N GLU L 471 0.58 75.56 2.81
CA GLU L 471 -0.08 76.83 2.61
C GLU L 471 -1.56 76.82 2.96
N ASN L 472 -2.15 75.64 3.20
CA ASN L 472 -3.54 75.57 3.63
C ASN L 472 -3.73 75.30 5.11
N ALA L 473 -2.90 74.42 5.68
CA ALA L 473 -2.95 73.96 7.07
C ALA L 473 -4.28 73.30 7.44
N LEU L 474 -5.03 72.79 6.47
CA LEU L 474 -6.26 72.08 6.78
C LEU L 474 -6.31 70.67 6.19
N ALA L 475 -5.99 70.50 4.91
CA ALA L 475 -6.03 69.16 4.32
C ALA L 475 -4.99 69.08 3.20
N GLU L 476 -3.88 68.41 3.48
CA GLU L 476 -2.80 68.23 2.51
C GLU L 476 -2.47 66.74 2.41
N LEU L 477 -1.68 66.39 1.39
CA LEU L 477 -1.46 64.98 1.06
C LEU L 477 -0.61 64.25 2.07
N ASP L 478 0.55 64.82 2.40
CA ASP L 478 1.52 64.26 3.31
C ASP L 478 0.96 64.01 4.70
N VAL L 479 0.47 65.06 5.35
CA VAL L 479 0.14 64.97 6.76
C VAL L 479 -1.06 64.07 6.96
N ASP L 480 -2.21 64.48 6.47
CA ASP L 480 -3.45 64.02 7.06
C ASP L 480 -4.44 63.53 6.01
N ILE L 481 -3.95 62.90 4.96
CA ILE L 481 -4.85 62.19 4.04
C ILE L 481 -4.42 60.73 3.87
N ASN L 482 -3.20 60.51 3.38
CA ASN L 482 -2.57 59.17 3.28
C ASN L 482 -3.41 58.20 2.44
N ILE L 483 -3.43 58.45 1.12
CA ILE L 483 -4.17 57.62 0.18
C ILE L 483 -3.67 56.18 0.21
N ASP L 484 -4.60 55.24 0.35
CA ASP L 484 -4.27 53.82 0.41
C ASP L 484 -5.44 53.03 -0.16
N ALA L 485 -5.17 51.82 -0.63
CA ALA L 485 -6.21 50.99 -1.21
C ALA L 485 -6.93 50.19 -0.13
N VAL L 486 -8.03 49.54 -0.52
CA VAL L 486 -8.90 48.82 0.40
C VAL L 486 -9.72 47.88 -0.48
N PRO L 487 -10.30 46.79 0.00
CA PRO L 487 -11.13 45.93 -0.86
C PRO L 487 -12.41 46.61 -1.31
N ASP L 488 -13.01 46.01 -2.33
CA ASP L 488 -14.04 46.63 -3.16
C ASP L 488 -15.41 46.55 -2.49
N THR L 489 -16.23 47.55 -2.77
CA THR L 489 -17.65 47.58 -2.37
C THR L 489 -18.43 48.14 -3.54
N ALA L 490 -19.68 48.52 -3.28
CA ALA L 490 -20.53 49.14 -4.28
C ALA L 490 -20.73 50.63 -4.05
N ASN L 491 -21.03 51.02 -2.82
CA ASN L 491 -21.07 52.41 -2.41
C ASN L 491 -20.51 52.52 -1.01
N LEU L 492 -20.29 53.76 -0.56
CA LEU L 492 -19.64 53.96 0.72
C LEU L 492 -20.58 53.65 1.89
N ALA L 493 -21.90 53.56 1.64
CA ALA L 493 -22.80 53.15 2.69
C ALA L 493 -22.66 51.66 3.00
N GLN L 494 -22.33 50.85 2.01
CA GLN L 494 -22.18 49.41 2.24
C GLN L 494 -20.90 49.09 2.99
N GLU L 495 -19.82 49.81 2.70
CA GLU L 495 -18.60 49.66 3.48
C GLU L 495 -18.80 50.14 4.91
N GLN L 496 -19.66 51.14 5.10
CA GLN L 496 -20.01 51.58 6.44
C GLN L 496 -20.86 50.53 7.17
N PHE L 497 -21.58 49.71 6.41
CA PHE L 497 -22.45 48.70 6.98
C PHE L 497 -21.68 47.49 7.48
N LEU L 498 -20.51 47.21 6.92
CA LEU L 498 -19.79 45.98 7.24
C LEU L 498 -19.10 46.07 8.60
N GLN L 499 -18.49 47.21 8.91
CA GLN L 499 -17.86 47.40 10.21
C GLN L 499 -18.81 48.00 11.23
N LEU L 500 -20.11 47.77 11.08
CA LEU L 500 -21.09 48.05 12.11
C LEU L 500 -21.74 46.77 12.62
N THR L 501 -22.17 45.90 11.71
CA THR L 501 -22.73 44.60 12.10
C THR L 501 -21.67 43.67 12.68
N GLU L 502 -20.41 43.82 12.28
CA GLU L 502 -19.32 43.15 12.97
C GLU L 502 -19.17 43.66 14.39
N LEU L 503 -19.38 44.96 14.58
CA LEU L 503 -19.29 45.56 15.90
C LEU L 503 -20.58 45.40 16.67
N ALA L 504 -21.72 45.35 15.99
CA ALA L 504 -22.99 45.14 16.68
C ALA L 504 -23.17 43.72 17.16
N ARG L 505 -22.44 42.77 16.56
CA ARG L 505 -22.62 41.37 16.93
C ARG L 505 -22.03 41.08 18.29
N LEU L 506 -20.97 41.79 18.68
CA LEU L 506 -20.37 41.59 19.99
C LEU L 506 -21.24 42.16 21.10
N TYR L 507 -21.84 43.34 20.86
CA TYR L 507 -22.72 43.93 21.87
C TYR L 507 -24.11 43.32 21.81
N GLY L 508 -24.79 43.47 20.69
CA GLY L 508 -26.08 42.85 20.50
C GLY L 508 -27.16 43.82 20.07
N PRO L 509 -28.42 43.37 20.13
CA PRO L 509 -29.52 44.20 19.64
C PRO L 509 -30.00 45.24 20.65
N GLN L 510 -29.19 45.55 21.67
CA GLN L 510 -29.59 46.52 22.66
C GLN L 510 -29.29 47.95 22.23
N GLU L 511 -28.10 48.21 21.69
CA GLU L 511 -27.70 49.56 21.36
C GLU L 511 -27.39 49.78 19.89
N VAL L 512 -27.68 48.81 19.03
CA VAL L 512 -27.65 49.04 17.58
C VAL L 512 -29.04 48.68 17.05
N PRO L 513 -29.97 49.63 17.04
CA PRO L 513 -31.36 49.30 16.66
C PRO L 513 -31.64 49.45 15.17
N PHE L 514 -32.90 49.27 14.77
CA PHE L 514 -33.34 49.67 13.44
C PHE L 514 -33.22 51.17 13.26
N ASP L 515 -33.30 51.58 11.98
CA ASP L 515 -33.06 52.90 11.38
C ASP L 515 -31.58 53.28 11.46
N ASP L 516 -30.73 52.43 12.03
CA ASP L 516 -29.30 52.64 12.08
C ASP L 516 -28.55 51.47 11.47
N LEU L 517 -29.21 50.34 11.25
CA LEU L 517 -28.65 49.19 10.57
C LEU L 517 -29.49 48.74 9.39
N LEU L 518 -30.76 49.11 9.33
CA LEU L 518 -31.58 48.92 8.13
C LEU L 518 -31.42 50.05 7.14
N GLU L 519 -31.12 51.25 7.61
CA GLU L 519 -31.07 52.41 6.73
C GLU L 519 -29.83 52.36 5.84
N LEU L 520 -28.67 52.12 6.41
CA LEU L 520 -27.45 52.06 5.61
C LEU L 520 -27.14 50.64 5.15
N SER L 521 -28.15 49.96 4.61
CA SER L 521 -28.04 48.59 4.17
C SER L 521 -27.88 48.55 2.66
N SER L 522 -27.97 47.35 2.08
CA SER L 522 -27.86 47.16 0.65
C SER L 522 -29.08 46.43 0.11
N MET L 523 -30.26 46.87 0.51
CA MET L 523 -31.65 46.50 0.26
C MET L 523 -32.23 47.37 -0.85
N PRO L 524 -32.96 46.79 -1.82
CA PRO L 524 -33.44 47.57 -2.96
C PRO L 524 -34.45 48.66 -2.62
N GLU L 525 -35.59 48.27 -2.09
CA GLU L 525 -36.67 49.20 -1.77
C GLU L 525 -36.75 49.32 -0.26
N LYS L 526 -36.24 50.42 0.28
CA LYS L 526 -36.30 50.65 1.71
C LYS L 526 -36.94 51.98 2.07
N THR L 527 -36.93 52.96 1.18
CA THR L 527 -37.62 54.21 1.44
C THR L 527 -39.13 54.01 1.45
N LYS L 528 -39.64 53.08 0.65
CA LYS L 528 -41.04 52.68 0.70
C LYS L 528 -41.28 51.59 1.74
N LEU L 529 -40.31 51.31 2.60
CA LEU L 529 -40.50 50.42 3.73
C LEU L 529 -40.12 51.06 5.06
N ILE L 530 -39.23 52.05 5.07
CA ILE L 530 -38.86 52.65 6.34
C ILE L 530 -39.92 53.64 6.81
N ALA L 531 -40.82 54.07 5.93
CA ALA L 531 -41.87 55.00 6.30
C ALA L 531 -43.18 54.32 6.63
N LYS L 532 -43.32 53.03 6.33
CA LYS L 532 -44.46 52.25 6.78
C LYS L 532 -44.19 51.56 8.10
N ARG L 533 -42.98 51.67 8.63
CA ARG L 533 -42.66 51.21 9.98
C ARG L 533 -42.43 52.35 10.95
N ARG L 534 -42.03 53.52 10.46
CA ARG L 534 -41.90 54.68 11.33
C ARG L 534 -43.27 55.18 11.76
N GLU L 535 -44.30 54.95 10.95
CA GLU L 535 -45.64 55.42 11.28
C GLU L 535 -46.26 54.58 12.39
N ARG L 536 -45.90 53.30 12.47
CA ARG L 536 -46.45 52.44 13.51
C ARG L 536 -45.86 52.71 14.88
N SER L 537 -44.66 53.28 14.95
CA SER L 537 -44.10 53.75 16.21
C SER L 537 -44.44 55.20 16.49
N GLU L 538 -45.46 55.73 15.85
CA GLU L 538 -45.93 57.08 16.07
C GLU L 538 -47.43 57.12 16.35
N GLN L 539 -48.21 56.26 15.71
CA GLN L 539 -49.61 56.11 16.12
C GLN L 539 -49.75 55.22 17.34
N MET L 540 -48.70 54.52 17.75
CA MET L 540 -48.68 53.81 19.02
C MET L 540 -48.18 54.69 20.16
N ALA L 541 -47.28 55.62 19.86
CA ALA L 541 -46.82 56.56 20.88
C ALA L 541 -47.90 57.56 21.27
N GLN L 542 -48.91 57.75 20.44
CA GLN L 542 -50.07 58.56 20.83
C GLN L 542 -51.02 57.79 21.74
N VAL L 543 -50.93 56.46 21.76
CA VAL L 543 -51.65 55.69 22.76
C VAL L 543 -50.92 55.77 24.10
N GLN L 544 -49.61 55.52 24.10
CA GLN L 544 -48.84 55.50 25.34
C GLN L 544 -48.51 56.89 25.89
N ALA L 545 -49.04 57.95 25.30
CA ALA L 545 -49.01 59.28 25.90
C ALA L 545 -50.37 59.74 26.40
N GLN L 546 -51.43 59.50 25.63
CA GLN L 546 -52.76 59.87 26.09
C GLN L 546 -53.29 58.93 27.15
N GLN L 547 -52.69 57.75 27.29
CA GLN L 547 -52.98 56.87 28.42
C GLN L 547 -52.03 57.11 29.59
N GLY L 548 -50.98 57.88 29.38
CA GLY L 548 -50.03 58.16 30.44
C GLY L 548 -50.24 59.52 31.06
N GLN L 549 -50.78 60.46 30.28
CA GLN L 549 -51.11 61.78 30.78
C GLN L 549 -52.45 61.84 31.50
N MET L 550 -53.16 60.72 31.61
CA MET L 550 -54.27 60.60 32.55
C MET L 550 -53.99 59.54 33.61
N GLN L 551 -52.72 59.23 33.83
CA GLN L 551 -52.26 58.53 35.02
C GLN L 551 -51.28 59.36 35.83
N GLU L 552 -50.37 60.04 35.16
CA GLU L 552 -49.33 60.83 35.80
C GLU L 552 -49.83 62.18 36.28
N GLN L 553 -51.10 62.53 36.05
CA GLN L 553 -51.74 63.67 36.67
C GLN L 553 -52.75 63.26 37.73
N ILE L 554 -53.06 61.96 37.81
CA ILE L 554 -53.99 61.47 38.81
C ILE L 554 -53.29 60.65 39.89
N ALA L 555 -52.14 60.06 39.60
CA ALA L 555 -51.35 59.44 40.66
C ALA L 555 -50.49 60.44 41.42
N MET L 556 -50.49 61.71 41.04
CA MET L 556 -49.76 62.75 41.78
C MET L 556 -50.42 64.09 41.51
N GLN L 557 -50.26 65.01 42.48
CA GLN L 557 -50.88 66.33 42.58
C GLN L 557 -52.39 66.29 42.72
N GLY L 558 -52.96 65.10 42.80
CA GLY L 558 -54.33 64.81 43.09
C GLY L 558 -54.25 63.40 43.60
N ALA L 559 -54.95 63.09 44.70
CA ALA L 559 -54.96 61.79 45.39
C ALA L 559 -53.60 61.38 45.97
N MET L 560 -52.57 62.21 45.81
CA MET L 560 -51.26 61.96 46.38
C MET L 560 -50.64 63.21 46.99
N ALA L 561 -51.05 64.40 46.57
CA ALA L 561 -50.77 65.62 47.33
C ALA L 561 -51.78 65.82 48.45
N GLU L 562 -52.90 65.11 48.41
CA GLU L 562 -53.88 65.15 49.49
C GLU L 562 -53.51 64.26 50.66
N ILE L 563 -52.41 63.50 50.55
CA ILE L 563 -51.83 62.89 51.74
C ILE L 563 -51.00 63.91 52.49
N GLU L 564 -50.74 65.07 51.89
CA GLU L 564 -50.22 66.23 52.59
C GLU L 564 -51.34 67.16 53.04
N ASN L 565 -52.59 66.70 52.97
CA ASN L 565 -53.72 67.49 53.43
C ASN L 565 -54.59 66.74 54.42
N THR L 566 -54.26 65.49 54.73
CA THR L 566 -54.93 64.73 55.76
C THR L 566 -53.96 64.12 56.74
N GLN L 567 -52.66 64.27 56.51
CA GLN L 567 -51.61 63.80 57.39
C GLN L 567 -50.68 64.92 57.81
N ALA L 568 -50.60 66.00 57.03
CA ALA L 568 -50.04 67.25 57.50
C ALA L 568 -51.07 68.13 58.18
N ASP L 569 -52.35 67.83 58.00
CA ASP L 569 -53.42 68.63 58.58
C ASP L 569 -53.95 68.07 59.89
N THR L 570 -53.96 66.75 60.04
CA THR L 570 -54.24 66.17 61.36
C THR L 570 -53.08 66.36 62.33
N ALA L 571 -51.92 66.81 61.84
CA ALA L 571 -50.85 67.31 62.68
C ALA L 571 -51.28 68.44 63.59
N TYR L 572 -52.25 69.27 63.18
CA TYR L 572 -52.74 70.33 64.04
C TYR L 572 -53.86 69.85 64.97
N LEU L 573 -54.41 68.66 64.73
CA LEU L 573 -55.40 68.16 65.68
C LEU L 573 -54.73 67.60 66.93
N ALA L 574 -53.75 66.72 66.73
CA ALA L 574 -52.98 66.17 67.83
C ALA L 574 -52.16 67.23 68.55
N ALA L 575 -51.87 68.35 67.89
CA ALA L 575 -51.19 69.46 68.55
C ALA L 575 -52.14 70.33 69.36
N ARG L 576 -53.37 70.54 68.88
CA ARG L 576 -54.29 71.39 69.61
C ARG L 576 -54.83 70.69 70.85
N ALA L 577 -54.93 69.35 70.81
CA ALA L 577 -55.37 68.62 72.00
C ALA L 577 -54.29 68.56 73.07
N GLN L 578 -53.11 69.08 72.79
CA GLN L 578 -52.09 69.32 73.80
C GLN L 578 -52.29 70.64 74.52
N ASN L 579 -52.61 71.70 73.77
CA ASN L 579 -52.86 73.01 74.35
C ASN L 579 -54.16 73.05 75.13
N GLU L 580 -55.12 72.22 74.75
CA GLU L 580 -56.38 72.07 75.46
C GLU L 580 -56.24 70.93 76.47
N MET L 581 -55.01 70.43 76.64
CA MET L 581 -54.68 69.61 77.78
C MET L 581 -53.80 70.35 78.77
N LEU L 582 -53.24 71.49 78.35
CA LEU L 582 -52.59 72.44 79.25
C LEU L 582 -53.59 73.15 80.14
N LYS L 583 -54.85 73.21 79.74
CA LYS L 583 -55.87 73.89 80.55
C LYS L 583 -56.37 73.07 81.75
N PRO L 584 -56.80 71.76 81.65
CA PRO L 584 -57.46 71.15 82.82
C PRO L 584 -56.54 70.73 83.96
N GLN L 585 -55.27 71.14 83.95
CA GLN L 585 -54.44 70.98 85.15
C GLN L 585 -54.29 72.29 85.91
N ILE L 586 -53.77 73.32 85.27
CA ILE L 586 -53.51 74.60 85.93
C ILE L 586 -54.37 75.67 85.25
N GLU L 587 -54.83 76.63 86.06
CA GLU L 587 -55.82 77.65 85.70
C GLU L 587 -57.11 76.98 85.21
N ALA L 588 -57.54 75.96 85.96
CA ALA L 588 -58.83 75.32 85.76
C ALA L 588 -59.67 75.31 87.03
N PHE L 589 -59.06 75.06 88.19
CA PHE L 589 -59.76 75.04 89.47
C PHE L 589 -58.81 75.58 90.53
N LYS L 590 -59.14 76.74 91.09
CA LYS L 590 -58.33 77.34 92.14
C LYS L 590 -59.19 78.22 93.06
N MET M 1 61.89 -60.90 -0.14
CA MET M 1 62.61 -59.63 -0.16
C MET M 1 62.81 -59.16 -1.58
N ILE M 2 61.98 -58.22 -2.00
CA ILE M 2 62.06 -57.68 -3.35
C ILE M 2 63.24 -56.71 -3.40
N THR M 3 64.30 -57.09 -4.10
CA THR M 3 65.50 -56.29 -4.15
C THR M 3 65.31 -55.09 -5.07
N CYS M 4 66.31 -54.21 -5.08
CA CYS M 4 66.28 -53.06 -5.97
C CYS M 4 66.45 -53.48 -7.42
N ARG M 5 67.28 -54.49 -7.68
CA ARG M 5 67.53 -54.89 -9.05
C ARG M 5 66.40 -55.71 -9.64
N ASP M 6 65.43 -56.16 -8.84
CA ASP M 6 64.25 -56.77 -9.42
C ASP M 6 63.32 -55.74 -10.05
N ILE M 7 63.33 -54.51 -9.54
CA ILE M 7 62.52 -53.47 -10.13
C ILE M 7 63.12 -53.02 -11.46
N ILE M 8 64.44 -52.85 -11.50
CA ILE M 8 65.10 -52.41 -12.72
C ILE M 8 65.06 -53.49 -13.79
N THR M 9 65.06 -54.76 -13.39
CA THR M 9 64.87 -55.82 -14.37
C THR M 9 63.41 -55.87 -14.83
N LEU M 10 62.46 -55.67 -13.92
CA LEU M 10 61.06 -55.62 -14.32
C LEU M 10 60.75 -54.33 -15.05
N GLY M 11 61.42 -53.23 -14.70
CA GLY M 11 61.18 -51.98 -15.38
C GLY M 11 61.66 -51.96 -16.81
N LEU M 12 62.80 -52.59 -17.09
CA LEU M 12 63.33 -52.59 -18.45
C LEU M 12 62.57 -53.51 -19.38
N GLN M 13 62.15 -54.69 -18.94
CA GLN M 13 61.35 -55.54 -19.79
C GLN M 13 59.87 -55.17 -19.76
N GLN M 14 59.51 -54.16 -18.97
CA GLN M 14 58.18 -53.55 -19.07
C GLN M 14 58.08 -52.69 -20.32
N ALA M 15 59.12 -51.89 -20.57
CA ALA M 15 59.18 -51.00 -21.73
C ALA M 15 59.74 -51.69 -22.96
N ARG M 16 59.79 -53.03 -22.95
CA ARG M 16 60.22 -53.93 -24.02
C ARG M 16 61.52 -53.48 -24.71
N VAL M 17 62.53 -53.24 -23.90
CA VAL M 17 63.86 -52.99 -24.42
C VAL M 17 64.82 -54.16 -24.16
N VAL M 18 64.69 -54.88 -23.05
CA VAL M 18 65.38 -56.15 -22.86
C VAL M 18 64.36 -57.25 -23.05
N PRO M 19 64.72 -58.42 -23.55
CA PRO M 19 63.73 -59.47 -23.78
C PRO M 19 63.30 -60.15 -22.50
N LEU M 20 62.34 -61.05 -22.64
CA LEU M 20 61.84 -61.81 -21.50
C LEU M 20 62.82 -62.90 -21.13
N GLY M 21 63.30 -62.88 -19.88
CA GLY M 21 64.16 -63.90 -19.35
C GLY M 21 65.60 -63.51 -19.24
N ARG M 22 66.03 -62.47 -19.94
CA ARG M 22 67.40 -62.00 -19.86
C ARG M 22 67.50 -60.80 -18.93
N GLU M 23 68.66 -60.66 -18.33
CA GLU M 23 68.94 -59.66 -17.31
C GLU M 23 69.67 -58.47 -17.91
N PRO M 24 69.57 -57.29 -17.30
CA PRO M 24 70.33 -56.14 -17.80
C PRO M 24 71.82 -56.30 -17.57
N LYS M 25 72.58 -55.54 -18.35
CA LYS M 25 74.03 -55.56 -18.25
C LYS M 25 74.50 -54.65 -17.11
N ALA M 26 75.80 -54.36 -17.11
CA ALA M 26 76.37 -53.59 -16.01
C ALA M 26 76.11 -52.10 -16.16
N LYS M 27 76.28 -51.56 -17.36
CA LYS M 27 76.10 -50.12 -17.55
C LYS M 27 74.63 -49.74 -17.56
N GLU M 28 73.74 -50.68 -17.87
CA GLU M 28 72.31 -50.39 -17.89
C GLU M 28 71.74 -50.43 -16.49
N ALA M 29 72.12 -51.43 -15.70
CA ALA M 29 71.62 -51.59 -14.34
C ALA M 29 72.44 -50.82 -13.31
N ASP M 30 73.23 -49.85 -13.73
CA ASP M 30 73.87 -48.95 -12.81
C ASP M 30 73.56 -47.48 -13.11
N ALA M 31 72.98 -47.20 -14.27
CA ALA M 31 72.37 -45.89 -14.48
C ALA M 31 70.95 -45.85 -13.98
N GLY M 32 70.27 -46.98 -13.94
CA GLY M 32 68.94 -47.05 -13.38
C GLY M 32 68.90 -46.92 -11.88
N LEU M 33 70.02 -47.16 -11.21
CA LEU M 33 70.06 -46.99 -9.76
C LEU M 33 70.05 -45.53 -9.38
N THR M 34 70.74 -44.68 -10.14
CA THR M 34 70.82 -43.27 -9.79
C THR M 34 69.51 -42.55 -10.04
N VAL M 35 68.68 -43.08 -10.93
CA VAL M 35 67.38 -42.46 -11.19
C VAL M 35 66.30 -43.06 -10.31
N LEU M 36 66.45 -44.31 -9.87
CA LEU M 36 65.53 -44.87 -8.88
C LEU M 36 65.83 -44.34 -7.50
N GLN M 37 67.07 -43.94 -7.24
CA GLN M 37 67.37 -43.19 -6.02
C GLN M 37 66.72 -41.82 -6.06
N SER M 38 66.66 -41.20 -7.23
CA SER M 38 66.17 -39.83 -7.33
C SER M 38 64.67 -39.74 -7.10
N ILE M 39 63.91 -40.76 -7.51
CA ILE M 39 62.49 -40.68 -7.27
C ILE M 39 62.16 -40.93 -5.80
N TYR M 40 62.88 -41.82 -5.12
CA TYR M 40 62.69 -42.01 -3.69
C TYR M 40 63.15 -40.83 -2.87
N ASP M 41 64.10 -40.07 -3.37
CA ASP M 41 64.62 -38.96 -2.59
C ASP M 41 63.81 -37.71 -2.81
N SER M 42 63.06 -37.65 -3.93
CA SER M 42 62.20 -36.52 -4.20
C SER M 42 60.78 -36.74 -3.68
N MET M 43 60.58 -37.79 -2.90
CA MET M 43 59.31 -38.01 -2.22
C MET M 43 59.34 -37.58 -0.77
N PHE M 44 60.50 -37.60 -0.13
CA PHE M 44 60.62 -37.11 1.24
C PHE M 44 60.92 -35.62 1.26
N ALA M 45 61.51 -35.07 0.22
CA ALA M 45 61.87 -33.67 0.23
C ALA M 45 60.63 -32.80 0.16
N ASP M 46 59.90 -32.90 -0.95
CA ASP M 46 58.63 -32.20 -1.11
C ASP M 46 57.77 -32.95 -2.12
N GLY M 47 56.92 -33.84 -1.62
CA GLY M 47 56.15 -34.70 -2.47
C GLY M 47 55.03 -35.35 -1.70
N PRO M 48 54.52 -36.48 -2.18
CA PRO M 48 53.31 -37.07 -1.60
C PRO M 48 53.47 -37.67 -0.22
N LEU M 49 54.63 -37.58 0.43
CA LEU M 49 54.78 -38.11 1.78
C LEU M 49 54.43 -37.10 2.85
N GLY M 50 53.66 -36.07 2.52
CA GLY M 50 53.08 -35.22 3.53
C GLY M 50 54.00 -34.13 4.01
N PRO M 51 53.44 -33.08 4.58
CA PRO M 51 54.25 -32.00 5.12
C PRO M 51 54.94 -32.43 6.40
N PHE M 52 56.03 -31.73 6.71
CA PHE M 52 56.89 -32.07 7.83
C PHE M 52 56.97 -30.92 8.82
N THR M 53 57.40 -31.23 10.04
CA THR M 53 57.47 -30.24 11.11
C THR M 53 58.92 -30.05 11.52
N GLU M 54 59.36 -28.80 11.61
CA GLU M 54 60.72 -28.47 12.00
C GLU M 54 60.92 -28.71 13.49
N VAL M 55 62.12 -29.17 13.85
CA VAL M 55 62.50 -29.30 15.25
C VAL M 55 64.02 -29.25 15.34
N TYR M 56 64.53 -28.70 16.44
CA TYR M 56 65.96 -28.63 16.70
C TYR M 56 66.20 -28.92 18.17
N ALA M 57 66.56 -30.15 18.48
CA ALA M 57 66.84 -30.52 19.87
C ALA M 57 68.16 -31.26 19.90
N THR M 58 69.02 -30.85 20.82
CA THR M 58 70.28 -31.53 21.08
C THR M 58 70.15 -32.21 22.44
N SER M 59 69.55 -33.39 22.44
CA SER M 59 69.25 -34.17 23.64
C SER M 59 68.95 -35.58 23.18
N ALA M 60 68.34 -36.37 24.07
CA ALA M 60 68.01 -37.77 23.80
C ALA M 60 66.61 -37.93 23.23
N TYR M 61 66.19 -36.99 22.38
CA TYR M 61 64.84 -36.90 21.86
C TYR M 61 64.42 -38.13 21.08
N THR M 62 63.16 -38.53 21.24
CA THR M 62 62.54 -39.58 20.45
C THR M 62 61.56 -38.97 19.47
N ALA M 63 61.53 -39.50 18.25
CA ALA M 63 60.83 -38.84 17.16
C ALA M 63 59.33 -39.06 17.23
N GLN M 64 58.59 -38.08 16.72
CA GLN M 64 57.15 -38.14 16.56
C GLN M 64 56.82 -38.45 15.11
N GLU M 65 55.55 -38.31 14.78
CA GLU M 65 55.09 -38.47 13.41
C GLU M 65 55.41 -37.23 12.59
N ASN M 66 55.88 -37.43 11.36
CA ASN M 66 56.05 -36.39 10.35
C ASN M 66 56.99 -35.27 10.79
N GLU M 67 58.09 -35.63 11.46
CA GLU M 67 58.94 -34.63 12.08
C GLU M 67 60.36 -34.76 11.55
N ARG M 68 60.87 -33.68 10.96
CA ARG M 68 62.18 -33.68 10.32
C ARG M 68 63.24 -33.23 11.33
N ILE M 69 64.04 -34.18 11.81
CA ILE M 69 64.97 -33.95 12.90
C ILE M 69 66.28 -33.45 12.31
N VAL M 70 66.78 -32.31 12.78
CA VAL M 70 67.98 -31.72 12.18
C VAL M 70 69.07 -31.58 13.25
N THR M 71 69.09 -32.51 14.19
CA THR M 71 70.06 -32.47 15.28
C THR M 71 71.49 -32.74 14.79
N ASN M 72 72.45 -32.33 15.61
CA ASN M 72 73.87 -32.38 15.25
C ASN M 72 74.61 -33.53 15.92
N GLY M 73 74.48 -33.68 17.25
CA GLY M 73 74.92 -34.89 17.90
C GLY M 73 73.90 -35.32 18.91
N ALA M 74 73.28 -36.49 18.70
CA ALA M 74 72.16 -36.92 19.51
C ALA M 74 71.91 -38.40 19.26
N ALA M 75 70.91 -38.92 19.98
CA ALA M 75 70.41 -40.28 19.78
C ALA M 75 68.93 -40.17 19.47
N ILE M 76 68.60 -40.20 18.18
CA ILE M 76 67.23 -40.11 17.71
C ILE M 76 66.73 -41.52 17.46
N THR M 77 65.76 -41.96 18.24
CA THR M 77 65.19 -43.30 18.12
C THR M 77 63.81 -43.22 17.50
N ILE M 78 63.61 -43.96 16.42
CA ILE M 78 62.29 -44.04 15.78
C ILE M 78 61.39 -44.91 16.64
N PRO M 79 60.19 -44.45 17.01
CA PRO M 79 59.34 -45.25 17.90
C PRO M 79 58.70 -46.41 17.16
N GLN M 80 58.46 -47.49 17.91
CA GLN M 80 57.77 -48.66 17.39
C GLN M 80 56.30 -48.66 17.76
N THR M 81 55.99 -48.39 19.03
CA THR M 81 54.62 -48.29 19.52
C THR M 81 54.39 -46.90 20.07
N ILE M 82 53.14 -46.46 20.06
CA ILE M 82 52.78 -45.14 20.59
C ILE M 82 51.62 -45.33 21.55
N THR M 83 51.76 -44.79 22.77
CA THR M 83 50.74 -44.91 23.80
C THR M 83 50.05 -43.56 24.01
N GLU M 84 48.90 -43.38 23.38
CA GLU M 84 48.10 -42.16 23.51
C GLU M 84 46.99 -42.45 24.53
N GLY M 85 47.37 -42.42 25.80
CA GLY M 85 46.45 -42.73 26.88
C GLY M 85 46.01 -44.17 26.90
N ASN M 86 46.99 -45.08 26.93
CA ASN M 86 46.83 -46.54 26.84
C ASN M 86 46.09 -46.98 25.59
N GLU M 87 46.10 -46.16 24.53
CA GLU M 87 45.68 -46.56 23.20
C GLU M 87 46.94 -46.99 22.45
N THR M 88 47.51 -48.12 22.89
CA THR M 88 48.83 -48.54 22.42
C THR M 88 48.71 -49.02 20.98
N ARG M 89 48.83 -48.06 20.06
CA ARG M 89 48.68 -48.30 18.63
C ARG M 89 50.03 -48.30 17.93
N LYS M 90 50.05 -48.84 16.73
CA LYS M 90 51.15 -48.67 15.81
C LYS M 90 50.95 -47.34 15.08
N PRO M 91 52.01 -46.78 14.49
CA PRO M 91 51.86 -45.52 13.73
C PRO M 91 50.97 -45.68 12.51
N TYR M 92 50.56 -44.55 11.96
CA TYR M 92 49.64 -44.56 10.83
C TYR M 92 50.33 -45.08 9.58
N ASP M 93 49.52 -45.50 8.62
CA ASP M 93 50.03 -46.00 7.36
C ASP M 93 50.59 -44.83 6.54
N LEU M 94 51.84 -45.01 6.08
CA LEU M 94 52.58 -44.01 5.30
C LEU M 94 52.73 -42.68 6.03
N THR M 95 53.44 -42.66 7.14
CA THR M 95 53.87 -41.42 7.77
C THR M 95 55.37 -41.48 8.00
N ALA M 96 56.07 -40.45 7.56
CA ALA M 96 57.52 -40.50 7.43
C ALA M 96 58.22 -39.81 8.58
N ILE M 97 59.51 -40.12 8.75
CA ILE M 97 60.39 -39.49 9.73
C ILE M 97 61.74 -39.25 9.07
N ILE M 98 62.25 -38.03 9.18
CA ILE M 98 63.55 -37.65 8.64
C ILE M 98 64.47 -37.33 9.80
N VAL M 99 65.70 -37.84 9.76
CA VAL M 99 66.74 -37.43 10.71
C VAL M 99 67.94 -36.95 9.92
N ILE M 100 68.39 -35.74 10.22
CA ILE M 100 69.47 -35.09 9.45
C ILE M 100 70.56 -34.68 10.41
N ASN M 101 71.72 -35.31 10.29
CA ASN M 101 72.93 -34.90 10.99
C ASN M 101 73.66 -33.88 10.10
N GLY M 102 74.96 -33.70 10.32
CA GLY M 102 75.76 -32.76 9.53
C GLY M 102 75.64 -32.85 8.02
N ALA M 103 75.78 -34.04 7.45
CA ALA M 103 75.69 -34.20 6.01
C ALA M 103 74.99 -35.46 5.54
N ALA M 104 74.41 -36.25 6.45
CA ALA M 104 73.82 -37.53 6.11
C ALA M 104 72.33 -37.53 6.44
N GLN M 105 71.50 -37.64 5.41
CA GLN M 105 70.06 -37.77 5.61
C GLN M 105 69.70 -39.24 5.71
N GLU M 106 68.81 -39.54 6.66
CA GLU M 106 68.25 -40.88 6.81
C GLU M 106 66.74 -40.70 6.92
N ASN M 107 66.04 -40.98 5.84
CA ASN M 107 64.59 -40.97 5.82
C ASN M 107 64.05 -42.28 6.36
N HIS M 108 62.75 -42.32 6.68
CA HIS M 108 62.07 -43.51 7.17
C HIS M 108 60.61 -43.43 6.75
N VAL M 109 59.96 -44.59 6.61
CA VAL M 109 58.55 -44.65 6.25
C VAL M 109 57.95 -45.95 6.76
N PHE M 110 56.77 -45.87 7.34
CA PHE M 110 56.10 -47.02 7.96
C PHE M 110 54.97 -47.49 7.05
N SER M 111 55.21 -48.57 6.32
CA SER M 111 54.24 -49.12 5.38
C SER M 111 54.00 -50.58 5.72
N LEU M 112 52.80 -50.88 6.22
CA LEU M 112 52.33 -52.22 6.59
C LEU M 112 53.22 -52.87 7.64
N GLY M 113 53.24 -52.29 8.83
CA GLY M 113 53.83 -52.95 9.98
C GLY M 113 55.34 -53.02 10.00
N ARG M 114 56.03 -52.11 9.33
CA ARG M 114 57.48 -52.18 9.22
C ARG M 114 58.02 -50.84 8.81
N TRP M 115 59.13 -50.41 9.41
CA TRP M 115 59.78 -49.16 9.01
C TRP M 115 60.75 -49.44 7.88
N GLN M 116 60.39 -49.03 6.67
CA GLN M 116 61.29 -49.11 5.52
C GLN M 116 62.40 -48.06 5.66
N THR M 117 63.48 -48.22 4.90
CA THR M 117 64.64 -47.38 5.19
C THR M 117 64.95 -46.31 4.14
N ALA M 118 64.94 -46.65 2.85
CA ALA M 118 64.84 -45.67 1.73
C ALA M 118 65.98 -44.66 1.64
N HIS M 119 67.15 -44.99 2.19
CA HIS M 119 68.31 -44.12 1.99
C HIS M 119 69.53 -44.96 1.67
N ASP M 120 70.42 -44.37 0.87
CA ASP M 120 71.64 -45.00 0.36
C ASP M 120 71.29 -46.34 -0.28
N LEU M 121 70.35 -46.29 -1.20
CA LEU M 121 69.64 -47.49 -1.65
C LEU M 121 70.54 -48.18 -2.66
N THR M 122 71.20 -49.25 -2.23
CA THR M 122 72.15 -49.96 -3.08
C THR M 122 71.43 -50.98 -3.95
N LEU M 123 72.24 -51.76 -4.68
CA LEU M 123 71.70 -52.71 -5.64
C LEU M 123 71.26 -54.01 -4.97
N ASN M 124 71.57 -54.21 -3.70
CA ASN M 124 71.14 -55.41 -2.98
C ASN M 124 70.02 -55.16 -1.99
N SER M 125 69.90 -53.95 -1.47
CA SER M 125 68.94 -53.67 -0.42
C SER M 125 67.52 -53.66 -0.97
N GLU M 126 66.56 -53.94 -0.10
CA GLU M 126 65.17 -54.04 -0.51
C GLU M 126 64.59 -52.66 -0.79
N ALA M 127 63.64 -52.62 -1.69
CA ALA M 127 63.03 -51.35 -2.04
C ALA M 127 61.94 -51.02 -1.04
N PRO M 128 61.82 -49.76 -0.64
CA PRO M 128 60.76 -49.37 0.29
C PRO M 128 59.41 -49.38 -0.40
N LEU M 129 58.39 -49.83 0.35
CA LEU M 129 56.97 -49.80 -0.03
C LEU M 129 56.71 -50.42 -1.40
N ALA M 130 57.44 -51.48 -1.71
CA ALA M 130 57.19 -52.30 -2.90
C ALA M 130 56.46 -53.58 -2.55
N GLU M 131 56.15 -53.81 -1.29
CA GLU M 131 55.31 -54.94 -0.91
C GLU M 131 53.85 -54.68 -1.29
N ARG M 132 53.46 -53.41 -1.44
CA ARG M 132 52.09 -53.08 -1.79
C ARG M 132 51.76 -53.52 -3.22
N ASP M 133 52.66 -53.24 -4.17
CA ASP M 133 52.64 -53.89 -5.49
C ASP M 133 54.02 -53.84 -6.11
N LYS M 134 54.36 -54.87 -6.87
CA LYS M 134 55.68 -54.90 -7.49
C LYS M 134 55.66 -54.41 -8.92
N ALA M 135 54.65 -54.76 -9.69
CA ALA M 135 54.56 -54.35 -11.08
C ALA M 135 53.94 -52.97 -11.27
N GLY M 136 53.61 -52.28 -10.18
CA GLY M 136 53.15 -50.91 -10.27
C GLY M 136 54.29 -49.95 -10.01
N LEU M 137 55.20 -50.35 -9.14
CA LEU M 137 56.38 -49.55 -8.84
C LEU M 137 57.41 -49.62 -9.96
N ALA M 138 57.37 -50.67 -10.79
CA ALA M 138 58.27 -50.75 -11.92
C ALA M 138 57.72 -50.07 -13.15
N ALA M 139 56.48 -49.60 -13.11
CA ALA M 139 55.92 -48.81 -14.21
C ALA M 139 56.03 -47.32 -13.96
N LEU M 140 56.09 -46.90 -12.70
CA LEU M 140 56.39 -45.50 -12.40
C LEU M 140 57.87 -45.22 -12.58
N PHE M 141 58.71 -46.21 -12.28
CA PHE M 141 60.14 -46.11 -12.56
C PHE M 141 60.40 -46.01 -14.05
N ALA M 142 59.87 -46.96 -14.82
CA ALA M 142 60.17 -47.07 -16.23
C ALA M 142 59.36 -46.12 -17.10
N MET M 143 58.56 -45.24 -16.51
CA MET M 143 57.79 -44.29 -17.31
C MET M 143 58.70 -43.23 -17.91
N GLU M 144 59.61 -42.69 -17.11
CA GLU M 144 60.53 -41.69 -17.60
C GLU M 144 61.95 -42.21 -17.77
N PHE M 145 62.30 -43.34 -17.17
CA PHE M 145 63.60 -43.94 -17.40
C PHE M 145 63.72 -44.52 -18.79
N ALA M 146 62.62 -44.92 -19.40
CA ALA M 146 62.65 -45.45 -20.76
C ALA M 146 62.91 -44.38 -21.82
N GLU M 147 62.87 -43.10 -21.46
CA GLU M 147 63.04 -42.07 -22.46
C GLU M 147 64.49 -41.88 -22.89
N MET M 148 65.45 -42.37 -22.10
CA MET M 148 66.84 -42.34 -22.55
C MET M 148 67.07 -43.34 -23.66
N PHE M 149 66.39 -44.48 -23.60
CA PHE M 149 66.32 -45.36 -24.75
C PHE M 149 65.29 -44.81 -25.74
N GLY M 150 65.05 -45.57 -26.80
CA GLY M 150 64.10 -45.10 -27.80
C GLY M 150 62.65 -45.23 -27.37
N ALA M 151 62.33 -46.26 -26.61
CA ALA M 151 60.94 -46.67 -26.43
C ALA M 151 60.24 -45.80 -25.38
N GLU M 152 58.96 -46.09 -25.19
CA GLU M 152 58.12 -45.44 -24.19
C GLU M 152 57.04 -46.43 -23.76
N LEU M 153 56.42 -46.15 -22.63
CA LEU M 153 55.46 -47.14 -22.14
C LEU M 153 54.10 -47.05 -22.85
N PRO M 154 53.46 -48.18 -23.08
CA PRO M 154 52.12 -48.20 -23.66
C PRO M 154 51.09 -47.63 -22.71
N PRO M 155 49.92 -47.17 -23.21
CA PRO M 155 48.99 -46.45 -22.34
C PRO M 155 48.18 -47.33 -21.40
N ARG M 156 48.08 -48.63 -21.66
CA ARG M 156 47.36 -49.49 -20.72
C ARG M 156 48.14 -49.72 -19.44
N THR M 157 49.47 -49.58 -19.48
CA THR M 157 50.31 -49.77 -18.31
C THR M 157 50.91 -48.47 -17.80
N THR M 158 50.80 -47.38 -18.55
CA THR M 158 51.19 -46.08 -18.01
C THR M 158 50.23 -45.65 -16.92
N ALA M 159 48.94 -45.79 -17.17
CA ALA M 159 47.92 -45.42 -16.19
C ALA M 159 47.89 -46.37 -15.00
N ARG M 160 48.57 -47.51 -15.07
CA ARG M 160 48.76 -48.31 -13.88
C ARG M 160 49.70 -47.63 -12.89
N GLY M 161 50.75 -46.98 -13.40
CA GLY M 161 51.70 -46.32 -12.52
C GLY M 161 51.15 -45.06 -11.88
N PHE M 162 50.28 -44.34 -12.59
CA PHE M 162 49.60 -43.17 -12.02
C PHE M 162 48.52 -43.53 -11.04
N ARG M 163 48.19 -44.80 -10.90
CA ARG M 163 47.36 -45.23 -9.80
C ARG M 163 48.18 -45.48 -8.55
N PHE M 164 49.39 -46.02 -8.71
CA PHE M 164 50.26 -46.26 -7.56
C PHE M 164 50.74 -44.96 -6.94
N LYS M 165 50.99 -43.93 -7.75
CA LYS M 165 51.38 -42.65 -7.20
C LYS M 165 50.22 -41.99 -6.49
N GLY M 166 49.00 -42.24 -6.94
CA GLY M 166 47.85 -41.71 -6.25
C GLY M 166 47.34 -42.55 -5.13
N ALA M 167 47.79 -43.79 -5.03
CA ALA M 167 47.42 -44.61 -3.89
C ALA M 167 48.22 -44.29 -2.65
N ILE M 168 49.35 -43.59 -2.80
CA ILE M 168 50.15 -43.14 -1.67
C ILE M 168 50.10 -41.65 -1.48
N SER M 169 49.46 -40.92 -2.40
CA SER M 169 49.26 -39.50 -2.28
C SER M 169 47.94 -39.15 -1.61
N GLN M 170 47.13 -40.13 -1.28
CA GLN M 170 45.85 -39.89 -0.66
C GLN M 170 45.68 -40.56 0.69
N LYS M 171 46.36 -41.68 0.93
CA LYS M 171 46.31 -42.48 2.16
C LYS M 171 44.88 -42.84 2.51
N LEU M 172 44.16 -43.34 1.52
CA LEU M 172 42.73 -43.57 1.64
C LEU M 172 42.41 -45.00 2.06
N ALA M 173 43.43 -45.78 2.44
CA ALA M 173 43.22 -47.17 2.82
C ALA M 173 42.60 -47.28 4.21
N THR M 174 43.11 -46.50 5.16
CA THR M 174 42.61 -46.56 6.52
C THR M 174 41.20 -46.00 6.60
N LYS M 175 40.31 -46.76 7.23
CA LYS M 175 38.92 -46.37 7.33
C LYS M 175 38.77 -45.15 8.23
N ARG M 176 37.87 -44.26 7.85
CA ARG M 176 37.62 -43.03 8.58
C ARG M 176 36.13 -42.91 8.85
N ASP M 177 35.76 -41.89 9.60
CA ASP M 177 34.40 -41.76 10.10
C ASP M 177 33.45 -41.30 8.99
N ASP M 178 32.18 -41.66 9.15
CA ASP M 178 30.99 -41.43 8.36
C ASP M 178 30.57 -39.97 8.45
N PRO M 179 29.65 -39.51 7.59
CA PRO M 179 29.01 -38.22 7.85
C PRO M 179 28.16 -38.27 9.11
N VAL M 180 27.88 -37.09 9.67
CA VAL M 180 27.54 -36.99 11.08
C VAL M 180 26.08 -36.56 11.33
N TYR M 181 25.45 -35.82 10.41
CA TYR M 181 24.14 -35.14 10.59
C TYR M 181 24.15 -34.21 11.79
N TYR M 182 25.22 -33.47 11.98
CA TYR M 182 25.14 -32.39 12.97
C TYR M 182 24.36 -31.27 12.36
N MET N 1 78.79 -36.68 -2.52
CA MET N 1 78.97 -35.34 -3.06
C MET N 1 78.72 -35.35 -4.55
N ILE N 2 77.54 -34.88 -4.95
CA ILE N 2 77.17 -34.82 -6.36
C ILE N 2 77.89 -33.63 -6.99
N THR N 3 78.87 -33.90 -7.84
CA THR N 3 79.66 -32.84 -8.43
C THR N 3 78.88 -32.15 -9.54
N CYS N 4 79.47 -31.06 -10.05
CA CYS N 4 78.86 -30.34 -11.15
C CYS N 4 78.90 -31.16 -12.44
N ARG N 5 79.98 -31.90 -12.66
CA ARG N 5 80.11 -32.66 -13.89
C ARG N 5 79.26 -33.92 -13.91
N ASP N 6 78.68 -34.33 -12.78
CA ASP N 6 77.72 -35.42 -12.82
C ASP N 6 76.40 -34.98 -13.40
N ILE N 7 76.04 -33.70 -13.23
CA ILE N 7 74.81 -33.21 -13.82
C ILE N 7 74.96 -33.08 -15.33
N ILE N 8 76.09 -32.56 -15.79
CA ILE N 8 76.31 -32.37 -17.22
C ILE N 8 76.47 -33.71 -17.92
N THR N 9 77.01 -34.72 -17.22
CA THR N 9 77.03 -36.06 -17.81
C THR N 9 75.65 -36.69 -17.81
N LEU N 10 74.87 -36.47 -16.74
CA LEU N 10 73.50 -36.97 -16.73
C LEU N 10 72.61 -36.15 -17.65
N GLY N 11 72.89 -34.85 -17.77
CA GLY N 11 72.08 -34.03 -18.66
C GLY N 11 72.25 -34.36 -20.12
N LEU N 12 73.47 -34.67 -20.55
CA LEU N 12 73.71 -34.98 -21.95
C LEU N 12 73.18 -36.34 -22.37
N GLN N 13 73.31 -37.36 -21.54
CA GLN N 13 72.73 -38.65 -21.89
C GLN N 13 71.26 -38.74 -21.52
N GLN N 14 70.69 -37.67 -20.94
CA GLN N 14 69.24 -37.55 -20.81
C GLN N 14 68.62 -37.23 -22.16
N ALA N 15 69.22 -36.29 -22.90
CA ALA N 15 68.74 -35.87 -24.20
C ALA N 15 69.27 -36.74 -25.33
N ARG N 16 69.81 -37.91 -24.99
CA ARG N 16 70.34 -38.97 -25.87
C ARG N 16 71.23 -38.42 -26.99
N VAL N 17 72.22 -37.62 -26.60
CA VAL N 17 73.25 -37.19 -27.52
C VAL N 17 74.60 -37.88 -27.26
N VAL N 18 74.94 -38.18 -26.01
CA VAL N 18 76.08 -39.05 -25.73
C VAL N 18 75.50 -40.40 -25.32
N PRO N 19 76.18 -41.51 -25.59
CA PRO N 19 75.61 -42.82 -25.26
C PRO N 19 75.70 -43.12 -23.77
N LEU N 20 75.14 -44.25 -23.40
CA LEU N 20 75.17 -44.69 -22.01
C LEU N 20 76.52 -45.27 -21.67
N GLY N 21 77.17 -44.68 -20.67
CA GLY N 21 78.43 -45.18 -20.15
C GLY N 21 79.63 -44.37 -20.56
N ARG N 22 79.51 -43.55 -21.60
CA ARG N 22 80.61 -42.70 -22.04
C ARG N 22 80.43 -41.28 -21.52
N GLU N 23 81.54 -40.61 -21.32
CA GLU N 23 81.61 -39.31 -20.72
C GLU N 23 81.74 -38.22 -21.78
N PRO N 24 81.33 -36.99 -21.49
CA PRO N 24 81.51 -35.90 -22.47
C PRO N 24 82.97 -35.53 -22.64
N LYS N 25 83.25 -34.90 -23.77
CA LYS N 25 84.61 -34.46 -24.09
C LYS N 25 84.90 -33.12 -23.41
N ALA N 26 85.98 -32.49 -23.85
CA ALA N 26 86.42 -31.26 -23.19
C ALA N 26 85.62 -30.05 -23.64
N LYS N 27 85.35 -29.92 -24.94
CA LYS N 27 84.62 -28.75 -25.42
C LYS N 27 83.14 -28.84 -25.11
N GLU N 28 82.62 -30.05 -24.91
CA GLU N 28 81.20 -30.21 -24.58
C GLU N 28 80.95 -29.94 -23.11
N ALA N 29 81.81 -30.46 -22.23
CA ALA N 29 81.66 -30.29 -20.80
C ALA N 29 82.32 -29.02 -20.27
N ASP N 30 82.60 -28.06 -21.14
CA ASP N 30 83.03 -26.75 -20.70
C ASP N 30 82.16 -25.63 -21.25
N ALA N 31 81.31 -25.93 -22.24
CA ALA N 31 80.24 -25.02 -22.59
C ALA N 31 79.02 -25.22 -21.72
N GLY N 32 78.82 -26.43 -21.21
CA GLY N 32 77.74 -26.67 -20.29
C GLY N 32 77.93 -26.08 -18.92
N LEU N 33 79.15 -25.74 -18.57
CA LEU N 33 79.40 -25.10 -17.29
C LEU N 33 78.92 -23.65 -17.30
N THR N 34 79.10 -22.95 -18.41
CA THR N 34 78.72 -21.54 -18.47
C THR N 34 77.22 -21.36 -18.51
N VAL N 35 76.49 -22.37 -18.96
CA VAL N 35 75.05 -22.28 -18.99
C VAL N 35 74.43 -22.85 -17.70
N LEU N 36 75.11 -23.77 -17.02
CA LEU N 36 74.65 -24.21 -15.71
C LEU N 36 74.98 -23.17 -14.65
N GLN N 37 76.02 -22.37 -14.88
CA GLN N 37 76.23 -21.21 -14.02
C GLN N 37 75.14 -20.18 -14.21
N SER N 38 74.65 -20.03 -15.44
CA SER N 38 73.68 -18.98 -15.73
C SER N 38 72.31 -19.26 -15.12
N ILE N 39 71.92 -20.53 -15.02
CA ILE N 39 70.63 -20.80 -14.40
C ILE N 39 70.70 -20.61 -12.89
N TYR N 40 71.80 -20.98 -12.25
CA TYR N 40 71.96 -20.73 -10.82
C TYR N 40 72.11 -19.26 -10.50
N ASP N 41 72.61 -18.47 -11.43
CA ASP N 41 72.82 -17.06 -11.13
C ASP N 41 71.56 -16.25 -11.43
N SER N 42 70.67 -16.79 -12.26
CA SER N 42 69.42 -16.12 -12.54
C SER N 42 68.30 -16.56 -11.60
N MET N 43 68.64 -17.29 -10.55
CA MET N 43 67.68 -17.63 -9.51
C MET N 43 67.82 -16.76 -8.28
N PHE N 44 69.01 -16.21 -8.03
CA PHE N 44 69.18 -15.28 -6.92
C PHE N 44 68.92 -13.85 -7.35
N ALA N 45 69.07 -13.55 -8.64
CA ALA N 45 68.89 -12.17 -9.08
C ALA N 45 67.43 -11.79 -9.01
N ASP N 46 66.59 -12.46 -9.80
CA ASP N 46 65.14 -12.25 -9.75
C ASP N 46 64.46 -13.52 -10.25
N GLY N 47 64.09 -14.39 -9.33
CA GLY N 47 63.55 -15.68 -9.67
C GLY N 47 62.91 -16.31 -8.47
N PRO N 48 62.76 -17.64 -8.48
CA PRO N 48 61.97 -18.32 -7.46
C PRO N 48 62.59 -18.36 -6.07
N LEU N 49 63.74 -17.72 -5.82
CA LEU N 49 64.32 -17.69 -4.49
C LEU N 49 63.83 -16.52 -3.66
N GLY N 50 62.69 -15.95 -4.00
CA GLY N 50 62.03 -15.02 -3.12
C GLY N 50 62.58 -13.61 -3.22
N PRO N 51 61.77 -12.64 -2.80
CA PRO N 51 62.22 -11.25 -2.81
C PRO N 51 63.24 -11.00 -1.71
N PHE N 52 64.04 -9.96 -1.91
CA PHE N 52 65.16 -9.64 -1.03
C PHE N 52 64.99 -8.25 -0.44
N THR N 53 65.71 -7.99 0.65
CA THR N 53 65.62 -6.73 1.35
C THR N 53 66.95 -5.99 1.27
N GLU N 54 66.90 -4.71 0.92
CA GLU N 54 68.09 -3.90 0.80
C GLU N 54 68.64 -3.55 2.18
N VAL N 55 69.96 -3.49 2.29
CA VAL N 55 70.62 -3.02 3.51
C VAL N 55 72.00 -2.50 3.13
N TYR N 56 72.47 -1.50 3.86
CA TYR N 56 73.80 -0.93 3.68
C TYR N 56 74.38 -0.62 5.04
N ALA N 57 75.22 -1.52 5.54
CA ALA N 57 75.87 -1.30 6.82
C ALA N 57 77.35 -1.57 6.67
N THR N 58 78.16 -0.64 7.17
CA THR N 58 79.61 -0.81 7.22
C THR N 58 79.98 -0.99 8.68
N SER N 59 79.87 -2.22 9.15
CA SER N 59 80.09 -2.60 10.54
C SER N 59 80.26 -4.11 10.57
N ALA N 60 80.15 -4.70 11.77
CA ALA N 60 80.31 -6.13 11.97
C ALA N 60 78.98 -6.88 11.89
N TYR N 61 78.10 -6.45 10.98
CA TYR N 61 76.73 -6.92 10.86
C TYR N 61 76.67 -8.42 10.57
N THR N 62 75.69 -9.08 11.18
CA THR N 62 75.37 -10.48 10.90
C THR N 62 74.07 -10.55 10.13
N ALA N 63 74.01 -11.43 9.14
CA ALA N 63 72.93 -11.41 8.16
C ALA N 63 71.65 -12.03 8.72
N GLN N 64 70.53 -11.53 8.21
CA GLN N 64 69.20 -12.06 8.49
C GLN N 64 68.76 -12.93 7.33
N GLU N 65 67.47 -13.28 7.35
CA GLU N 65 66.87 -14.01 6.25
C GLU N 65 66.55 -13.08 5.09
N ASN N 66 66.85 -13.55 3.87
CA ASN N 66 66.43 -12.91 2.62
C ASN N 66 66.96 -11.48 2.48
N GLU N 67 68.20 -11.26 2.87
CA GLU N 67 68.73 -9.90 2.95
C GLU N 67 69.98 -9.79 2.08
N ARG N 68 69.94 -8.88 1.11
CA ARG N 68 71.02 -8.70 0.15
C ARG N 68 72.01 -7.65 0.66
N ILE N 69 73.17 -8.11 1.12
CA ILE N 69 74.15 -7.26 1.81
C ILE N 69 75.05 -6.63 0.75
N VAL N 70 75.18 -5.31 0.75
CA VAL N 70 75.94 -4.64 -0.29
C VAL N 70 77.08 -3.83 0.35
N THR N 71 77.62 -4.35 1.44
CA THR N 71 78.68 -3.65 2.16
C THR N 71 79.99 -3.65 1.37
N ASN N 72 80.87 -2.72 1.75
CA ASN N 72 82.12 -2.48 1.02
C ASN N 72 83.34 -3.06 1.72
N GLY N 73 83.52 -2.79 3.01
CA GLY N 73 84.49 -3.52 3.80
C GLY N 73 83.90 -3.87 5.14
N ALA N 74 83.72 -5.16 5.41
CA ALA N 74 83.00 -5.60 6.60
C ALA N 74 83.25 -7.09 6.82
N ALA N 75 82.67 -7.60 7.89
CA ALA N 75 82.68 -9.03 8.20
C ALA N 75 81.23 -9.49 8.31
N ILE N 76 80.71 -10.03 7.22
CA ILE N 76 79.33 -10.50 7.16
C ILE N 76 79.35 -12.00 7.43
N THR N 77 78.76 -12.41 8.53
CA THR N 77 78.71 -13.81 8.93
C THR N 77 77.30 -14.36 8.74
N ILE N 78 77.20 -15.44 7.98
CA ILE N 78 75.91 -16.11 7.79
C ILE N 78 75.56 -16.87 9.07
N PRO N 79 74.37 -16.68 9.64
CA PRO N 79 74.04 -17.34 10.90
C PRO N 79 73.74 -18.82 10.70
N GLN N 80 74.06 -19.60 11.73
CA GLN N 80 73.76 -21.03 11.74
C GLN N 80 72.48 -21.33 12.52
N THR N 81 72.34 -20.76 13.70
CA THR N 81 71.15 -20.89 14.53
C THR N 81 70.53 -19.53 14.74
N ILE N 82 69.22 -19.50 14.99
CA ILE N 82 68.51 -18.26 15.24
C ILE N 82 67.69 -18.42 16.51
N THR N 83 67.86 -17.50 17.45
CA THR N 83 67.16 -17.55 18.74
C THR N 83 66.06 -16.46 18.78
N GLU N 84 64.83 -16.87 18.48
CA GLU N 84 63.69 -15.96 18.53
C GLU N 84 62.97 -16.20 19.86
N GLY N 85 63.54 -15.63 20.92
CA GLY N 85 63.00 -15.81 22.25
C GLY N 85 63.13 -17.23 22.77
N ASN N 86 64.37 -17.74 22.74
CA ASN N 86 64.73 -19.13 23.08
C ASN N 86 64.00 -20.17 22.24
N GLU N 87 63.52 -19.78 21.06
CA GLU N 87 63.03 -20.71 20.05
C GLU N 87 64.19 -20.98 19.11
N THR N 88 65.21 -21.67 19.62
CA THR N 88 66.48 -21.83 18.93
C THR N 88 66.29 -22.77 17.75
N ARG N 89 65.88 -22.19 16.63
CA ARG N 89 65.57 -22.92 15.42
C ARG N 89 66.67 -22.77 14.38
N LYS N 90 66.66 -23.66 13.41
CA LYS N 90 67.43 -23.48 12.19
C LYS N 90 66.65 -22.59 11.23
N PRO N 91 67.30 -21.98 10.24
CA PRO N 91 66.56 -21.16 9.27
C PRO N 91 65.58 -21.98 8.44
N TYR N 92 64.69 -21.28 7.76
CA TYR N 92 63.65 -21.93 6.98
C TYR N 92 64.23 -22.60 5.75
N ASP N 93 63.47 -23.54 5.21
CA ASP N 93 63.89 -24.27 4.02
C ASP N 93 63.83 -23.34 2.82
N LEU N 94 64.94 -23.27 2.08
CA LEU N 94 65.11 -22.44 0.89
C LEU N 94 64.90 -20.95 1.18
N THR N 95 65.75 -20.35 2.00
CA THR N 95 65.80 -18.91 2.16
C THR N 95 67.23 -18.45 1.94
N ALA N 96 67.42 -17.47 1.07
CA ALA N 96 68.73 -17.13 0.55
C ALA N 96 69.33 -15.92 1.24
N ILE N 97 70.65 -15.78 1.09
CA ILE N 97 71.40 -14.62 1.60
C ILE N 97 72.42 -14.24 0.54
N ILE N 98 72.47 -12.96 0.17
CA ILE N 98 73.42 -12.42 -0.79
C ILE N 98 74.36 -11.48 -0.06
N VAL N 99 75.65 -11.58 -0.32
CA VAL N 99 76.62 -10.60 0.15
C VAL N 99 77.40 -10.08 -1.05
N ILE N 100 77.43 -8.76 -1.20
CA ILE N 100 78.02 -8.13 -2.38
C ILE N 100 79.05 -7.12 -1.92
N ASN N 101 80.31 -7.40 -2.20
CA ASN N 101 81.40 -6.44 -2.01
C ASN N 101 81.53 -5.62 -3.29
N GLY N 102 82.68 -5.00 -3.52
CA GLY N 102 82.93 -4.20 -4.70
C GLY N 102 82.58 -4.82 -6.05
N ALA N 103 83.05 -6.04 -6.31
CA ALA N 103 82.76 -6.68 -7.58
C ALA N 103 82.49 -8.17 -7.48
N ALA N 104 82.41 -8.74 -6.28
CA ALA N 104 82.28 -10.19 -6.10
C ALA N 104 80.98 -10.50 -5.38
N GLN N 105 80.07 -11.19 -6.06
CA GLN N 105 78.85 -11.66 -5.43
C GLN N 105 79.07 -13.04 -4.85
N GLU N 106 78.55 -13.26 -3.65
CA GLU N 106 78.55 -14.57 -3.01
C GLU N 106 77.13 -14.81 -2.52
N ASN N 107 76.39 -15.62 -3.25
CA ASN N 107 75.06 -16.04 -2.85
C ASN N 107 75.15 -17.20 -1.87
N HIS N 108 74.03 -17.49 -1.19
CA HIS N 108 73.94 -18.60 -0.24
C HIS N 108 72.50 -19.10 -0.22
N VAL N 109 72.31 -20.36 0.13
CA VAL N 109 70.97 -20.94 0.21
C VAL N 109 71.00 -22.12 1.19
N PHE N 110 69.99 -22.19 2.04
CA PHE N 110 69.91 -23.21 3.09
C PHE N 110 68.89 -24.27 2.70
N SER N 111 69.37 -25.41 2.23
CA SER N 111 68.51 -26.51 1.78
C SER N 111 68.89 -27.77 2.53
N LEU N 112 67.99 -28.22 3.42
CA LEU N 112 68.13 -29.43 4.23
C LEU N 112 69.37 -29.40 5.12
N GLY N 113 69.39 -28.47 6.07
CA GLY N 113 70.38 -28.50 7.11
C GLY N 113 71.79 -28.12 6.73
N ARG N 114 71.96 -27.33 5.67
CA ARG N 114 73.28 -27.02 5.18
C ARG N 114 73.21 -25.78 4.29
N TRP N 115 74.19 -24.88 4.43
CA TRP N 115 74.25 -23.71 3.56
C TRP N 115 75.03 -24.06 2.30
N GLN N 116 74.33 -24.20 1.18
CA GLN N 116 74.97 -24.39 -0.11
C GLN N 116 75.62 -23.08 -0.56
N THR N 117 76.52 -23.17 -1.54
CA THR N 117 77.34 -21.99 -1.82
C THR N 117 77.03 -21.29 -3.15
N ALA N 118 76.91 -22.02 -4.26
CA ALA N 118 76.25 -21.55 -5.50
C ALA N 118 76.91 -20.35 -6.17
N HIS N 119 78.20 -20.12 -5.92
CA HIS N 119 78.90 -19.07 -6.65
C HIS N 119 80.26 -19.58 -7.09
N ASP N 120 80.72 -19.05 -8.23
CA ASP N 120 81.97 -19.44 -8.90
C ASP N 120 82.02 -20.96 -9.04
N LEU N 121 80.97 -21.50 -9.63
CA LEU N 121 80.68 -22.92 -9.55
C LEU N 121 81.58 -23.62 -10.55
N THR N 122 82.65 -24.25 -10.07
CA THR N 122 83.61 -24.88 -10.96
C THR N 122 83.18 -26.30 -11.30
N LEU N 123 84.05 -27.01 -12.00
CA LEU N 123 83.74 -28.34 -12.49
C LEU N 123 83.92 -29.41 -11.43
N ASN N 124 84.53 -29.07 -10.29
CA ASN N 124 84.70 -30.03 -9.20
C ASN N 124 83.77 -29.80 -8.02
N SER N 125 83.31 -28.57 -7.82
CA SER N 125 82.52 -28.26 -6.64
C SER N 125 81.12 -28.84 -6.75
N GLU N 126 80.51 -29.07 -5.59
CA GLU N 126 79.21 -29.71 -5.54
C GLU N 126 78.12 -28.74 -5.99
N ALA N 127 77.07 -29.28 -6.56
CA ALA N 127 76.00 -28.44 -7.03
C ALA N 127 75.05 -28.11 -5.87
N PRO N 128 74.56 -26.88 -5.79
CA PRO N 128 73.62 -26.54 -4.73
C PRO N 128 72.27 -27.16 -4.97
N LEU N 129 71.64 -27.62 -3.88
CA LEU N 129 70.26 -28.13 -3.82
C LEU N 129 69.99 -29.23 -4.86
N ALA N 130 71.00 -30.08 -5.09
CA ALA N 130 70.85 -31.27 -5.90
C ALA N 130 70.71 -32.52 -5.06
N GLU N 131 70.75 -32.39 -3.72
CA GLU N 131 70.46 -33.52 -2.86
C GLU N 131 68.97 -33.84 -2.86
N ARG N 132 68.12 -32.87 -3.21
CA ARG N 132 66.68 -33.10 -3.22
C ARG N 132 66.29 -34.06 -4.33
N ASP N 133 66.83 -33.87 -5.54
CA ASP N 133 66.79 -34.89 -6.58
C ASP N 133 67.93 -34.67 -7.56
N LYS N 134 68.47 -35.74 -8.11
CA LYS N 134 69.59 -35.59 -9.05
C LYS N 134 69.12 -35.64 -10.49
N ALA N 135 68.18 -36.50 -10.83
CA ALA N 135 67.70 -36.63 -12.19
C ALA N 135 66.60 -35.64 -12.53
N GLY N 136 66.24 -34.75 -11.61
CA GLY N 136 65.30 -33.69 -11.91
C GLY N 136 66.04 -32.41 -12.24
N LEU N 137 67.18 -32.21 -11.59
CA LEU N 137 68.02 -31.05 -11.86
C LEU N 137 68.78 -31.19 -13.17
N ALA N 138 68.97 -32.42 -13.65
CA ALA N 138 69.61 -32.61 -14.94
C ALA N 138 68.63 -32.57 -16.10
N ALA N 139 67.34 -32.50 -15.82
CA ALA N 139 66.34 -32.33 -16.86
C ALA N 139 65.94 -30.88 -17.05
N LEU N 140 66.08 -30.06 -16.01
CA LEU N 140 65.90 -28.62 -16.17
C LEU N 140 67.11 -27.99 -16.83
N PHE N 141 68.30 -28.54 -16.55
CA PHE N 141 69.50 -28.13 -17.24
C PHE N 141 69.43 -28.46 -18.72
N ALA N 142 69.16 -29.72 -19.03
CA ALA N 142 69.21 -30.21 -20.41
C ALA N 142 67.97 -29.89 -21.21
N MET N 143 67.03 -29.13 -20.66
CA MET N 143 65.83 -28.78 -21.42
C MET N 143 66.16 -27.77 -22.50
N GLU N 144 66.93 -26.75 -22.16
CA GLU N 144 67.33 -25.75 -23.13
C GLU N 144 68.78 -25.85 -23.57
N PHE N 145 69.63 -26.57 -22.82
CA PHE N 145 70.99 -26.80 -23.26
C PHE N 145 71.06 -27.77 -24.43
N ALA N 146 70.07 -28.65 -24.58
CA ALA N 146 70.05 -29.56 -25.71
C ALA N 146 69.70 -28.89 -27.03
N GLU N 147 69.27 -27.63 -27.01
CA GLU N 147 68.87 -26.99 -28.25
C GLU N 147 70.04 -26.56 -29.10
N MET N 148 71.24 -26.43 -28.53
CA MET N 148 72.41 -26.15 -29.35
C MET N 148 72.79 -27.37 -30.19
N PHE N 149 72.59 -28.56 -29.65
CA PHE N 149 72.64 -29.75 -30.46
C PHE N 149 71.32 -29.90 -31.22
N GLY N 150 71.18 -31.01 -31.95
CA GLY N 150 69.97 -31.19 -32.72
C GLY N 150 68.77 -31.59 -31.88
N ALA N 151 68.99 -32.36 -30.82
CA ALA N 151 67.90 -33.05 -30.15
C ALA N 151 67.14 -32.14 -29.19
N GLU N 152 66.10 -32.70 -28.58
CA GLU N 152 65.29 -32.02 -27.57
C GLU N 152 64.74 -33.08 -26.62
N LEU N 153 64.27 -32.64 -25.47
CA LEU N 153 63.85 -33.64 -24.49
C LEU N 153 62.46 -34.18 -24.77
N PRO N 154 62.24 -35.47 -24.52
CA PRO N 154 60.92 -36.07 -24.67
C PRO N 154 59.94 -35.53 -23.64
N PRO N 155 58.62 -35.64 -23.88
CA PRO N 155 57.67 -34.96 -22.99
C PRO N 155 57.41 -35.67 -21.68
N ARG N 156 57.76 -36.95 -21.55
CA ARG N 156 57.58 -37.62 -20.26
C ARG N 156 58.62 -37.16 -19.24
N THR N 157 59.78 -36.68 -19.69
CA THR N 157 60.82 -36.19 -18.80
C THR N 157 60.99 -34.69 -18.84
N THR N 158 60.35 -33.99 -19.78
CA THR N 158 60.33 -32.54 -19.72
C THR N 158 59.50 -32.06 -18.55
N ALA N 159 58.31 -32.64 -18.36
CA ALA N 159 57.45 -32.28 -17.25
C ALA N 159 57.97 -32.74 -15.91
N ARG N 160 59.00 -33.59 -15.88
CA ARG N 160 59.68 -33.86 -14.64
C ARG N 160 60.48 -32.64 -14.17
N GLY N 161 61.10 -31.92 -15.10
CA GLY N 161 61.89 -30.75 -14.73
C GLY N 161 61.04 -29.57 -14.30
N PHE N 162 59.86 -29.41 -14.89
CA PHE N 162 58.92 -28.38 -14.48
C PHE N 162 58.25 -28.68 -13.16
N ARG N 163 58.43 -29.88 -12.62
CA ARG N 163 58.03 -30.12 -11.25
C ARG N 163 59.10 -29.69 -10.27
N PHE N 164 60.36 -29.87 -10.63
CA PHE N 164 61.46 -29.45 -9.76
C PHE N 164 61.54 -27.94 -9.65
N LYS N 165 61.26 -27.22 -10.73
CA LYS N 165 61.23 -25.77 -10.66
C LYS N 165 60.06 -25.28 -9.83
N GLY N 166 58.96 -26.02 -9.83
CA GLY N 166 57.84 -25.63 -9.01
C GLY N 166 57.89 -26.16 -7.61
N ALA N 167 58.77 -27.10 -7.32
CA ALA N 167 58.95 -27.57 -5.97
C ALA N 167 59.78 -26.63 -5.14
N ILE N 168 60.52 -25.73 -5.76
CA ILE N 168 61.30 -24.71 -5.07
C ILE N 168 60.74 -23.32 -5.27
N SER N 169 59.73 -23.17 -6.11
CA SER N 169 59.04 -21.91 -6.29
C SER N 169 57.84 -21.75 -5.39
N GLN N 170 57.52 -22.76 -4.61
CA GLN N 170 56.37 -22.72 -3.72
C GLN N 170 56.71 -22.90 -2.26
N LYS N 171 57.80 -23.63 -1.96
CA LYS N 171 58.26 -23.94 -0.61
C LYS N 171 57.14 -24.56 0.22
N LEU N 172 56.50 -25.57 -0.35
CA LEU N 172 55.29 -26.14 0.23
C LEU N 172 55.61 -27.37 1.08
N ALA N 173 56.89 -27.65 1.32
CA ALA N 173 57.26 -28.83 2.08
C ALA N 173 57.01 -28.64 3.57
N THR N 174 57.36 -27.47 4.11
CA THR N 174 57.18 -27.21 5.53
C THR N 174 55.70 -27.10 5.86
N LYS N 175 55.27 -27.82 6.90
CA LYS N 175 53.88 -27.84 7.29
C LYS N 175 53.47 -26.50 7.84
N ARG N 176 52.25 -26.08 7.53
CA ARG N 176 51.70 -24.81 7.97
C ARG N 176 50.35 -25.04 8.60
N ASP N 177 49.78 -23.97 9.15
CA ASP N 177 48.58 -24.09 9.97
C ASP N 177 47.34 -24.33 9.11
N ASP N 178 46.35 -24.97 9.72
CA ASP N 178 45.03 -25.38 9.26
C ASP N 178 44.12 -24.17 9.10
N PRO N 179 42.97 -24.30 8.45
CA PRO N 179 41.95 -23.25 8.55
C PRO N 179 41.43 -23.12 9.97
N VAL N 180 40.85 -21.96 10.26
CA VAL N 180 40.75 -21.49 11.64
C VAL N 180 39.32 -21.45 12.18
N TYR N 181 38.31 -21.27 11.32
CA TYR N 181 36.90 -20.99 11.69
C TYR N 181 36.77 -19.75 12.57
N TYR N 182 37.53 -18.71 12.24
CA TYR N 182 37.24 -17.45 12.90
C TYR N 182 36.00 -16.85 12.28
N MET O 1 84.69 -10.87 -15.49
CA MET O 1 84.27 -9.79 -16.38
C MET O 1 83.77 -10.37 -17.69
N ILE O 2 82.46 -10.43 -17.84
CA ILE O 2 81.84 -10.97 -19.05
C ILE O 2 81.95 -9.91 -20.13
N THR O 3 82.78 -10.15 -21.13
CA THR O 3 83.02 -9.18 -22.18
C THR O 3 81.86 -9.16 -23.15
N CYS O 4 81.90 -8.19 -24.07
CA CYS O 4 80.88 -8.09 -25.10
C CYS O 4 80.97 -9.25 -26.09
N ARG O 5 82.19 -9.68 -26.41
CA ARG O 5 82.35 -10.73 -27.40
C ARG O 5 82.04 -12.11 -26.85
N ASP O 6 81.87 -12.26 -25.53
CA ASP O 6 81.38 -13.53 -25.01
C ASP O 6 79.90 -13.71 -25.27
N ILE O 7 79.15 -12.61 -25.35
CA ILE O 7 77.73 -12.72 -25.67
C ILE O 7 77.54 -13.08 -27.13
N ILE O 8 78.29 -12.44 -28.02
CA ILE O 8 78.17 -12.69 -29.45
C ILE O 8 78.68 -14.09 -29.78
N THR O 9 79.65 -14.60 -29.05
CA THR O 9 80.06 -15.99 -29.24
C THR O 9 79.02 -16.94 -28.69
N LEU O 10 78.43 -16.62 -27.54
CA LEU O 10 77.36 -17.46 -27.00
C LEU O 10 76.08 -17.29 -27.80
N GLY O 11 75.85 -16.10 -28.33
CA GLY O 11 74.64 -15.89 -29.13
C GLY O 11 74.66 -16.63 -30.45
N LEU O 12 75.81 -16.71 -31.11
CA LEU O 12 75.88 -17.38 -32.40
C LEU O 12 75.81 -18.90 -32.28
N GLN O 13 76.45 -19.49 -31.29
CA GLN O 13 76.32 -20.93 -31.12
C GLN O 13 75.08 -21.31 -30.33
N GLN O 14 74.28 -20.32 -29.91
CA GLN O 14 72.93 -20.58 -29.41
C GLN O 14 72.00 -20.93 -30.55
N ALA O 15 72.07 -20.17 -31.64
CA ALA O 15 71.25 -20.38 -32.82
C ALA O 15 71.84 -21.38 -33.78
N ARG O 16 72.82 -22.16 -33.32
CA ARG O 16 73.52 -23.26 -34.03
C ARG O 16 73.94 -22.89 -35.46
N VAL O 17 74.62 -21.76 -35.57
CA VAL O 17 75.24 -21.39 -36.83
C VAL O 17 76.76 -21.52 -36.81
N VAL O 18 77.42 -21.28 -35.67
CA VAL O 18 78.82 -21.63 -35.51
C VAL O 18 78.86 -22.87 -34.62
N PRO O 19 79.83 -23.76 -34.78
CA PRO O 19 79.85 -24.98 -33.98
C PRO O 19 80.31 -24.72 -32.56
N LEU O 20 80.28 -25.78 -31.77
CA LEU O 20 80.71 -25.69 -30.37
C LEU O 20 82.23 -25.69 -30.30
N GLY O 21 82.80 -24.64 -29.71
CA GLY O 21 84.22 -24.55 -29.47
C GLY O 21 84.94 -23.62 -30.40
N ARG O 22 84.34 -23.26 -31.54
CA ARG O 22 84.97 -22.35 -32.47
C ARG O 22 84.38 -20.95 -32.31
N GLU O 23 85.20 -19.97 -32.62
CA GLU O 23 84.89 -18.57 -32.42
C GLU O 23 84.43 -17.92 -33.71
N PRO O 24 83.65 -16.83 -33.64
CA PRO O 24 83.24 -16.14 -34.87
C PRO O 24 84.41 -15.45 -35.55
N LYS O 25 84.23 -15.18 -36.84
CA LYS O 25 85.25 -14.50 -37.63
C LYS O 25 85.16 -13.00 -37.43
N ALA O 26 85.83 -12.26 -38.31
CA ALA O 26 85.91 -10.82 -38.15
C ALA O 26 84.65 -10.12 -38.63
N LYS O 27 84.13 -10.51 -39.79
CA LYS O 27 82.95 -9.84 -40.33
C LYS O 27 81.67 -10.24 -39.59
N GLU O 28 81.68 -11.40 -38.95
CA GLU O 28 80.52 -11.84 -38.20
C GLU O 28 80.46 -11.18 -36.83
N ALA O 29 81.59 -11.10 -36.14
CA ALA O 29 81.65 -10.50 -34.82
C ALA O 29 81.88 -9.00 -34.85
N ASP O 30 81.64 -8.36 -35.98
CA ASP O 30 81.64 -6.90 -36.03
C ASP O 30 80.33 -6.35 -36.57
N ALA O 31 79.49 -7.18 -37.16
CA ALA O 31 78.11 -6.80 -37.42
C ALA O 31 77.23 -7.04 -36.21
N GLY O 32 77.58 -8.00 -35.37
CA GLY O 32 76.84 -8.22 -34.14
C GLY O 32 77.05 -7.17 -33.10
N LEU O 33 78.12 -6.39 -33.21
CA LEU O 33 78.34 -5.31 -32.26
C LEU O 33 77.38 -4.16 -32.50
N THR O 34 77.09 -3.86 -33.77
CA THR O 34 76.23 -2.73 -34.08
C THR O 34 74.78 -3.02 -33.72
N VAL O 35 74.39 -4.28 -33.68
CA VAL O 35 73.04 -4.62 -33.30
C VAL O 35 72.91 -4.88 -31.80
N LEU O 36 74.00 -5.27 -31.13
CA LEU O 36 73.97 -5.35 -29.67
C LEU O 36 74.09 -3.97 -29.06
N GLN O 37 74.71 -3.02 -29.76
CA GLN O 37 74.64 -1.64 -29.34
C GLN O 37 73.23 -1.09 -29.46
N SER O 38 72.50 -1.52 -30.49
CA SER O 38 71.18 -0.96 -30.75
C SER O 38 70.16 -1.39 -29.73
N ILE O 39 70.27 -2.60 -29.20
CA ILE O 39 69.30 -3.01 -28.18
C ILE O 39 69.58 -2.32 -26.85
N TYR O 40 70.84 -2.11 -26.49
CA TYR O 40 71.15 -1.35 -25.27
C TYR O 40 70.81 0.12 -25.40
N ASP O 41 70.81 0.65 -26.61
CA ASP O 41 70.54 2.08 -26.76
C ASP O 41 69.06 2.34 -26.87
N SER O 42 68.28 1.33 -27.25
CA SER O 42 66.84 1.46 -27.32
C SER O 42 66.15 1.07 -26.02
N MET O 43 66.91 0.86 -24.97
CA MET O 43 66.36 0.64 -23.64
C MET O 43 66.40 1.88 -22.77
N PHE O 44 67.33 2.80 -23.02
CA PHE O 44 67.35 4.05 -22.29
C PHE O 44 66.51 5.10 -22.97
N ALA O 45 66.30 5.00 -24.29
CA ALA O 45 65.56 6.03 -24.99
C ALA O 45 64.10 5.97 -24.61
N ASP O 46 63.43 4.87 -24.92
CA ASP O 46 62.04 4.65 -24.52
C ASP O 46 61.78 3.14 -24.46
N GLY O 47 61.93 2.57 -23.28
CA GLY O 47 61.84 1.14 -23.11
C GLY O 47 61.71 0.79 -21.64
N PRO O 48 62.05 -0.44 -21.28
CA PRO O 48 61.77 -0.93 -19.92
C PRO O 48 62.61 -0.31 -18.81
N LEU O 49 63.47 0.67 -19.08
CA LEU O 49 64.23 1.32 -18.03
C LEU O 49 63.51 2.50 -17.42
N GLY O 50 62.19 2.58 -17.55
CA GLY O 50 61.42 3.52 -16.79
C GLY O 50 61.38 4.90 -17.40
N PRO O 51 60.38 5.69 -17.03
CA PRO O 51 60.28 7.06 -17.53
C PRO O 51 61.32 7.94 -16.88
N PHE O 52 61.63 9.04 -17.55
CA PHE O 52 62.71 9.93 -17.14
C PHE O 52 62.16 11.33 -16.91
N THR O 53 62.92 12.15 -16.18
CA THR O 53 62.51 13.49 -15.82
C THR O 53 63.44 14.50 -16.47
N GLU O 54 62.86 15.52 -17.11
CA GLU O 54 63.64 16.56 -17.77
C GLU O 54 64.27 17.49 -16.74
N VAL O 55 65.48 17.96 -17.04
CA VAL O 55 66.13 18.98 -16.23
C VAL O 55 67.13 19.72 -17.10
N TYR O 56 67.34 21.00 -16.81
CA TYR O 56 68.31 21.83 -17.51
C TYR O 56 68.97 22.74 -16.51
N ALA O 57 70.16 22.34 -16.05
CA ALA O 57 70.90 23.15 -15.11
C ALA O 57 72.33 23.29 -15.61
N THR O 58 72.83 24.52 -15.62
CA THR O 58 74.21 24.81 -15.95
C THR O 58 74.89 25.26 -14.65
N SER O 59 75.32 24.27 -13.88
CA SER O 59 75.92 24.47 -12.56
C SER O 59 76.63 23.17 -12.19
N ALA O 60 76.96 23.02 -10.91
CA ALA O 60 77.66 21.85 -10.39
C ALA O 60 76.70 20.77 -9.90
N TYR O 61 75.58 20.60 -10.60
CA TYR O 61 74.48 19.74 -10.19
C TYR O 61 74.90 18.28 -10.06
N THR O 62 74.36 17.61 -9.04
CA THR O 62 74.53 16.18 -8.85
C THR O 62 73.21 15.48 -9.17
N ALA O 63 73.31 14.33 -9.83
CA ALA O 63 72.14 13.72 -10.43
C ALA O 63 71.29 12.98 -9.40
N GLN O 64 69.99 12.92 -9.67
CA GLN O 64 69.02 12.16 -8.89
C GLN O 64 68.71 10.87 -9.62
N GLU O 65 67.68 10.19 -9.14
CA GLU O 65 67.19 8.99 -9.79
C GLU O 65 66.35 9.33 -11.01
N ASN O 66 66.56 8.58 -12.10
CA ASN O 66 65.71 8.62 -13.30
C ASN O 66 65.66 10.00 -13.96
N GLU O 67 66.79 10.69 -14.00
CA GLU O 67 66.80 12.09 -14.43
C GLU O 67 67.73 12.26 -15.61
N ARG O 68 67.19 12.74 -16.74
CA ARG O 68 67.94 12.87 -17.98
C ARG O 68 68.57 14.27 -18.06
N ILE O 69 69.87 14.35 -17.85
CA ILE O 69 70.57 15.62 -17.71
C ILE O 69 70.98 16.08 -19.11
N VAL O 70 70.62 17.30 -19.48
CA VAL O 70 70.88 17.78 -20.85
C VAL O 70 71.74 19.05 -20.78
N THR O 71 72.62 19.10 -19.80
CA THR O 71 73.48 20.28 -19.62
C THR O 71 74.53 20.39 -20.73
N ASN O 72 75.06 21.60 -20.87
CA ASN O 72 75.98 21.93 -21.96
C ASN O 72 77.44 22.00 -21.51
N GLY O 73 77.74 22.73 -20.44
CA GLY O 73 79.03 22.63 -19.80
C GLY O 73 78.85 22.60 -18.30
N ALA O 74 79.22 21.48 -17.67
CA ALA O 74 78.94 21.28 -16.25
C ALA O 74 79.76 20.09 -15.75
N ALA O 75 79.61 19.82 -14.46
CA ALA O 75 80.18 18.66 -13.81
C ALA O 75 79.05 17.87 -13.18
N ILE O 76 78.57 16.86 -13.89
CA ILE O 76 77.47 16.02 -13.43
C ILE O 76 78.07 14.78 -12.81
N THR O 77 77.89 14.62 -11.50
CA THR O 77 78.43 13.48 -10.77
C THR O 77 77.31 12.52 -10.41
N ILE O 78 77.46 11.27 -10.79
CA ILE O 78 76.49 10.23 -10.43
C ILE O 78 76.68 9.88 -8.96
N PRO O 79 75.63 9.90 -8.13
CA PRO O 79 75.81 9.65 -6.70
C PRO O 79 76.03 8.17 -6.43
N GLN O 80 76.79 7.91 -5.37
CA GLN O 80 77.04 6.55 -4.90
C GLN O 80 76.13 6.18 -3.74
N THR O 81 75.99 7.05 -2.75
CA THR O 81 75.11 6.85 -1.62
C THR O 81 74.10 7.98 -1.58
N ILE O 82 72.94 7.71 -1.00
CA ILE O 82 71.88 8.70 -0.88
C ILE O 82 71.42 8.75 0.57
N THR O 83 71.40 9.94 1.16
CA THR O 83 71.02 10.14 2.56
C THR O 83 69.64 10.80 2.64
N GLU O 84 68.61 9.99 2.81
CA GLU O 84 67.25 10.49 2.96
C GLU O 84 66.91 10.52 4.44
N GLY O 85 67.42 11.55 5.12
CA GLY O 85 67.25 11.69 6.55
C GLY O 85 67.97 10.63 7.35
N ASN O 86 69.28 10.51 7.10
CA ASN O 86 70.18 9.49 7.66
C ASN O 86 69.72 8.06 7.37
N GLU O 87 68.93 7.87 6.32
CA GLU O 87 68.64 6.56 5.76
C GLU O 87 69.63 6.32 4.63
N THR O 88 70.91 6.18 5.00
CA THR O 88 72.00 6.17 4.02
C THR O 88 71.95 4.87 3.23
N ARG O 89 71.16 4.89 2.16
CA ARG O 89 70.92 3.74 1.33
C ARG O 89 71.68 3.84 0.01
N LYS O 90 71.81 2.70 -0.65
CA LYS O 90 72.23 2.67 -2.04
C LYS O 90 71.01 2.92 -2.93
N PRO O 91 71.20 3.32 -4.19
CA PRO O 91 70.05 3.51 -5.09
C PRO O 91 69.30 2.22 -5.35
N TYR O 92 68.10 2.36 -5.90
CA TYR O 92 67.25 1.22 -6.15
C TYR O 92 67.81 0.36 -7.28
N ASP O 93 67.35 -0.88 -7.33
CA ASP O 93 67.78 -1.81 -8.36
C ASP O 93 67.17 -1.40 -9.69
N LEU O 94 68.03 -1.28 -10.71
CA LEU O 94 67.66 -0.88 -12.08
C LEU O 94 66.98 0.49 -12.13
N THR O 95 67.69 1.55 -11.76
CA THR O 95 67.23 2.91 -12.01
C THR O 95 68.34 3.66 -12.74
N ALA O 96 68.00 4.29 -13.84
CA ALA O 96 68.98 4.79 -14.79
C ALA O 96 69.22 6.28 -14.63
N ILE O 97 70.33 6.75 -15.18
CA ILE O 97 70.70 8.17 -15.23
C ILE O 97 71.30 8.44 -16.60
N ILE O 98 70.81 9.49 -17.27
CA ILE O 98 71.31 9.91 -18.58
C ILE O 98 71.95 11.27 -18.42
N VAL O 99 73.14 11.46 -19.00
CA VAL O 99 73.74 12.78 -19.10
C VAL O 99 74.05 13.06 -20.56
N ILE O 100 73.57 14.20 -21.06
CA ILE O 100 73.67 14.53 -22.47
C ILE O 100 74.32 15.90 -22.60
N ASN O 101 75.52 15.92 -23.15
CA ASN O 101 76.20 17.14 -23.53
C ASN O 101 75.79 17.49 -24.96
N GLY O 102 76.58 18.30 -25.66
CA GLY O 102 76.30 18.69 -27.04
C GLY O 102 75.96 17.58 -28.01
N ALA O 103 76.77 16.53 -28.07
CA ALA O 103 76.51 15.44 -29.00
C ALA O 103 76.83 14.06 -28.45
N ALA O 104 77.18 13.93 -27.17
CA ALA O 104 77.62 12.66 -26.59
C ALA O 104 76.67 12.25 -25.47
N GLN O 105 75.97 11.15 -25.66
CA GLN O 105 75.14 10.58 -24.62
C GLN O 105 75.95 9.61 -23.79
N GLU O 106 75.77 9.67 -22.47
CA GLU O 106 76.36 8.71 -21.55
C GLU O 106 75.25 8.25 -20.63
N ASN O 107 74.73 7.07 -20.88
CA ASN O 107 73.74 6.45 -20.02
C ASN O 107 74.43 5.76 -18.84
N HIS O 108 73.63 5.41 -17.82
CA HIS O 108 74.12 4.71 -16.63
C HIS O 108 72.99 3.86 -16.08
N VAL O 109 73.34 2.79 -15.37
CA VAL O 109 72.35 1.92 -14.75
C VAL O 109 72.98 1.19 -13.57
N PHE O 110 72.23 1.13 -12.47
CA PHE O 110 72.72 0.55 -11.22
C PHE O 110 72.11 -0.82 -11.01
N SER O 111 72.87 -1.87 -11.29
CA SER O 111 72.40 -3.25 -11.18
C SER O 111 73.34 -4.01 -10.27
N LEU O 112 72.84 -4.38 -9.08
CA LEU O 112 73.56 -5.15 -8.06
C LEU O 112 74.85 -4.47 -7.60
N GLY O 113 74.70 -3.30 -6.97
CA GLY O 113 75.81 -2.70 -6.28
C GLY O 113 76.89 -2.07 -7.14
N ARG O 114 76.57 -1.67 -8.36
CA ARG O 114 77.58 -1.17 -9.28
C ARG O 114 76.90 -0.40 -10.40
N TRP O 115 77.48 0.74 -10.78
CA TRP O 115 76.96 1.51 -11.91
C TRP O 115 77.57 1.00 -13.21
N GLN O 116 76.77 0.29 -14.00
CA GLN O 116 77.18 -0.13 -15.32
C GLN O 116 77.22 1.07 -16.26
N THR O 117 77.90 0.93 -17.41
CA THR O 117 78.17 2.12 -18.20
C THR O 117 77.39 2.21 -19.52
N ALA O 118 77.35 1.14 -20.31
CA ALA O 118 76.36 0.95 -21.39
C ALA O 118 76.39 2.00 -22.51
N HIS O 119 77.53 2.65 -22.70
CA HIS O 119 77.65 3.55 -23.85
C HIS O 119 79.00 3.35 -24.52
N ASP O 120 79.02 3.55 -25.84
CA ASP O 120 80.18 3.34 -26.71
C ASP O 120 80.76 1.94 -26.47
N LEU O 121 79.88 0.96 -26.57
CA LEU O 121 80.15 -0.37 -26.05
C LEU O 121 81.03 -1.09 -27.05
N THR O 122 82.32 -1.17 -26.76
CA THR O 122 83.27 -1.76 -27.69
C THR O 122 83.32 -3.28 -27.52
N LEU O 123 84.26 -3.90 -28.23
CA LEU O 123 84.37 -5.34 -28.26
C LEU O 123 85.12 -5.90 -27.05
N ASN O 124 85.76 -5.03 -26.25
CA ASN O 124 86.46 -5.47 -25.05
C ASN O 124 85.74 -5.14 -23.76
N SER O 125 84.91 -4.09 -23.75
CA SER O 125 84.30 -3.64 -22.52
C SER O 125 83.21 -4.60 -22.07
N GLU O 126 82.95 -4.59 -20.76
CA GLU O 126 81.99 -5.53 -20.19
C GLU O 126 80.57 -5.11 -20.54
N ALA O 127 79.71 -6.10 -20.62
CA ALA O 127 78.33 -5.81 -20.96
C ALA O 127 77.56 -5.40 -19.71
N PRO O 128 76.68 -4.41 -19.80
CA PRO O 128 75.89 -4.02 -18.64
C PRO O 128 74.83 -5.05 -18.32
N LEU O 129 74.63 -5.26 -17.01
CA LEU O 129 73.56 -6.11 -16.44
C LEU O 129 73.52 -7.51 -17.03
N ALA O 130 74.70 -8.05 -17.32
CA ALA O 130 74.86 -9.45 -17.72
C ALA O 130 75.34 -10.32 -16.57
N GLU O 131 75.58 -9.74 -15.39
CA GLU O 131 75.88 -10.54 -14.22
C GLU O 131 74.63 -11.26 -13.71
N ARG O 132 73.45 -10.75 -14.03
CA ARG O 132 72.21 -11.37 -13.57
C ARG O 132 71.99 -12.72 -14.24
N ASP O 133 72.19 -12.80 -15.56
CA ASP O 133 72.34 -14.09 -16.25
C ASP O 133 73.12 -13.89 -17.54
N LYS O 134 73.91 -14.89 -17.93
CA LYS O 134 74.69 -14.74 -19.15
C LYS O 134 74.01 -15.40 -20.34
N ALA O 135 73.42 -16.57 -20.14
CA ALA O 135 72.77 -17.29 -21.23
C ALA O 135 71.34 -16.83 -21.49
N GLY O 136 70.86 -15.82 -20.77
CA GLY O 136 69.57 -15.25 -21.05
C GLY O 136 69.72 -14.00 -21.89
N LEU O 137 70.80 -13.26 -21.67
CA LEU O 137 71.09 -12.09 -22.45
C LEU O 137 71.60 -12.44 -23.84
N ALA O 138 72.13 -13.64 -24.03
CA ALA O 138 72.56 -14.07 -25.35
C ALA O 138 71.44 -14.70 -26.15
N ALA O 139 70.28 -14.92 -25.55
CA ALA O 139 69.11 -15.41 -26.27
C ALA O 139 68.18 -14.28 -26.69
N LEU O 140 68.20 -13.15 -25.99
CA LEU O 140 67.48 -11.97 -26.46
C LEU O 140 68.26 -11.28 -27.57
N PHE O 141 69.58 -11.34 -27.51
CA PHE O 141 70.42 -10.85 -28.60
C PHE O 141 70.19 -11.68 -29.86
N ALA O 142 70.34 -13.00 -29.75
CA ALA O 142 70.32 -13.88 -30.90
C ALA O 142 68.92 -14.22 -31.37
N MET O 143 67.89 -13.63 -30.78
CA MET O 143 66.53 -13.91 -31.23
C MET O 143 66.26 -13.29 -32.58
N GLU O 144 66.67 -12.03 -32.76
CA GLU O 144 66.48 -11.34 -34.03
C GLU O 144 67.77 -11.17 -34.82
N PHE O 145 68.93 -11.32 -34.18
CA PHE O 145 70.18 -11.29 -34.92
C PHE O 145 70.38 -12.52 -35.78
N ALA O 146 69.78 -13.65 -35.41
CA ALA O 146 69.89 -14.85 -36.21
C ALA O 146 69.08 -14.80 -37.49
N GLU O 147 68.23 -13.79 -37.68
CA GLU O 147 67.39 -13.76 -38.87
C GLU O 147 68.15 -13.32 -40.11
N MET O 148 69.31 -12.67 -39.96
CA MET O 148 70.13 -12.36 -41.12
C MET O 148 70.76 -13.62 -41.69
N PHE O 149 71.11 -14.56 -40.83
CA PHE O 149 71.44 -15.89 -41.29
C PHE O 149 70.15 -16.66 -41.57
N GLY O 150 70.29 -17.94 -41.91
CA GLY O 150 69.11 -18.72 -42.22
C GLY O 150 68.31 -19.13 -41.01
N ALA O 151 68.98 -19.40 -39.89
CA ALA O 151 68.37 -20.11 -38.78
C ALA O 151 67.51 -19.17 -37.92
N GLU O 152 66.89 -19.78 -36.91
CA GLU O 152 66.07 -19.06 -35.93
C GLU O 152 66.14 -19.85 -34.62
N LEU O 153 65.75 -19.19 -33.53
CA LEU O 153 65.92 -19.87 -32.26
C LEU O 153 64.79 -20.86 -31.98
N PRO O 154 65.10 -21.99 -31.35
CA PRO O 154 64.08 -22.96 -30.95
C PRO O 154 63.19 -22.41 -29.86
N PRO O 155 61.98 -22.96 -29.67
CA PRO O 155 61.03 -22.33 -28.75
C PRO O 155 61.28 -22.60 -27.29
N ARG O 156 62.09 -23.60 -26.94
CA ARG O 156 62.41 -23.81 -25.53
C ARG O 156 63.38 -22.75 -25.00
N THR O 157 64.17 -22.14 -25.87
CA THR O 157 65.12 -21.12 -25.48
C THR O 157 64.72 -19.72 -25.94
N THR O 158 63.71 -19.60 -26.80
CA THR O 158 63.17 -18.28 -27.13
C THR O 158 62.46 -17.71 -25.92
N ALA O 159 61.62 -18.51 -25.26
CA ALA O 159 60.90 -18.06 -24.09
C ALA O 159 61.79 -17.86 -22.89
N ARG O 160 63.04 -18.32 -22.94
CA ARG O 160 64.00 -17.94 -21.92
C ARG O 160 64.36 -16.46 -22.02
N GLY O 161 64.50 -15.94 -23.24
CA GLY O 161 64.86 -14.56 -23.42
C GLY O 161 63.75 -13.59 -23.09
N PHE O 162 62.50 -13.99 -23.32
CA PHE O 162 61.34 -13.19 -22.94
C PHE O 162 61.07 -13.22 -21.45
N ARG O 163 61.77 -14.04 -20.70
CA ARG O 163 61.75 -13.92 -19.27
C ARG O 163 62.75 -12.89 -18.78
N PHE O 164 63.90 -12.81 -19.43
CA PHE O 164 64.91 -11.83 -19.04
C PHE O 164 64.46 -10.40 -19.35
N LYS O 165 63.74 -10.22 -20.45
CA LYS O 165 63.20 -8.90 -20.75
C LYS O 165 62.09 -8.52 -19.79
N GLY O 166 61.36 -9.48 -19.28
CA GLY O 166 60.36 -9.19 -18.30
C GLY O 166 60.85 -9.17 -16.88
N ALA O 167 62.05 -9.67 -16.64
CA ALA O 167 62.62 -9.58 -15.31
C ALA O 167 63.20 -8.22 -15.02
N ILE O 168 63.44 -7.40 -16.05
CA ILE O 168 63.91 -6.04 -15.89
C ILE O 168 62.86 -5.02 -16.26
N SER O 169 61.72 -5.46 -16.79
CA SER O 169 60.60 -4.59 -17.10
C SER O 169 59.61 -4.49 -15.96
N GLN O 170 59.83 -5.21 -14.88
CA GLN O 170 58.93 -5.21 -13.74
C GLN O 170 59.58 -4.78 -12.45
N LYS O 171 60.88 -5.01 -12.29
CA LYS O 171 61.66 -4.70 -11.09
C LYS O 171 61.02 -5.30 -9.85
N LEU O 172 60.69 -6.58 -9.94
CA LEU O 172 59.91 -7.24 -8.92
C LEU O 172 60.79 -7.97 -7.90
N ALA O 173 62.11 -7.77 -7.97
CA ALA O 173 63.03 -8.46 -7.07
C ALA O 173 62.99 -7.86 -5.68
N THR O 174 63.00 -6.53 -5.58
CA THR O 174 62.99 -5.86 -4.28
C THR O 174 61.66 -6.09 -3.58
N LYS O 175 61.72 -6.50 -2.32
CA LYS O 175 60.53 -6.79 -1.55
C LYS O 175 59.77 -5.51 -1.27
N ARG O 176 58.45 -5.60 -1.32
CA ARG O 176 57.56 -4.47 -1.09
C ARG O 176 56.53 -4.84 -0.03
N ASP O 177 55.72 -3.87 0.35
CA ASP O 177 54.82 -4.05 1.48
C ASP O 177 53.61 -4.91 1.10
N ASP O 178 53.05 -5.56 2.12
CA ASP O 178 51.91 -6.46 2.18
C ASP O 178 50.61 -5.69 1.97
N PRO O 179 49.48 -6.36 1.74
CA PRO O 179 48.19 -5.68 1.86
C PRO O 179 47.93 -5.23 3.29
N VAL O 180 47.03 -4.26 3.43
CA VAL O 180 47.03 -3.40 4.61
C VAL O 180 45.80 -3.60 5.51
N TYR O 181 44.65 -4.02 4.95
CA TYR O 181 43.34 -4.05 5.63
C TYR O 181 42.93 -2.67 6.15
N TYR O 182 43.19 -1.63 5.37
CA TYR O 182 42.58 -0.35 5.74
C TYR O 182 41.12 -0.39 5.37
N MET P 1 78.46 9.54 -35.88
CA MET P 1 77.52 10.08 -36.86
C MET P 1 77.04 8.98 -37.77
N ILE P 2 75.83 8.48 -37.51
CA ILE P 2 75.25 7.42 -38.31
C ILE P 2 74.75 8.04 -39.62
N THR P 3 75.43 7.72 -40.72
CA THR P 3 75.09 8.31 -42.00
C THR P 3 73.83 7.66 -42.58
N CYS P 4 73.37 8.23 -43.69
CA CYS P 4 72.21 7.68 -44.37
C CYS P 4 72.53 6.34 -45.02
N ARG P 5 73.75 6.20 -45.55
CA ARG P 5 74.10 4.97 -46.24
C ARG P 5 74.41 3.83 -45.29
N ASP P 6 74.55 4.09 -43.99
CA ASP P 6 74.66 2.98 -43.04
C ASP P 6 73.33 2.30 -42.82
N ILE P 7 72.23 3.04 -42.95
CA ILE P 7 70.92 2.43 -42.81
C ILE P 7 70.60 1.56 -44.02
N ILE P 8 70.90 2.06 -45.22
CA ILE P 8 70.62 1.31 -46.43
C ILE P 8 71.53 0.09 -46.54
N THR P 9 72.74 0.16 -46.01
CA THR P 9 73.59 -1.03 -45.96
C THR P 9 73.08 -2.00 -44.89
N LEU P 10 72.64 -1.49 -43.75
CA LEU P 10 72.06 -2.37 -42.74
C LEU P 10 70.70 -2.86 -43.16
N GLY P 11 69.94 -2.04 -43.88
CA GLY P 11 68.62 -2.47 -44.32
C GLY P 11 68.66 -3.58 -45.36
N LEU P 12 69.61 -3.53 -46.28
CA LEU P 12 69.70 -4.55 -47.31
C LEU P 12 70.21 -5.89 -46.80
N GLN P 13 71.19 -5.91 -45.91
CA GLN P 13 71.63 -7.17 -45.35
C GLN P 13 70.76 -7.60 -44.17
N GLN P 14 69.76 -6.81 -43.81
CA GLN P 14 68.73 -7.26 -42.89
C GLN P 14 67.78 -8.24 -43.59
N ALA P 15 67.38 -7.90 -44.81
CA ALA P 15 66.48 -8.71 -45.61
C ALA P 15 67.21 -9.77 -46.42
N ARG P 16 68.48 -10.03 -46.07
CA ARG P 16 69.38 -11.04 -46.65
C ARG P 16 69.37 -11.08 -48.18
N VAL P 17 69.56 -9.91 -48.78
CA VAL P 17 69.76 -9.81 -50.21
C VAL P 17 71.20 -9.49 -50.59
N VAL P 18 71.92 -8.70 -49.79
CA VAL P 18 73.36 -8.55 -49.95
C VAL P 18 74.01 -9.35 -48.83
N PRO P 19 75.19 -9.91 -49.02
CA PRO P 19 75.80 -10.74 -47.98
C PRO P 19 76.40 -9.88 -46.87
N LEU P 20 76.89 -10.58 -45.85
CA LEU P 20 77.51 -9.91 -44.71
C LEU P 20 78.90 -9.45 -45.08
N GLY P 21 79.14 -8.15 -44.96
CA GLY P 21 80.45 -7.57 -45.17
C GLY P 21 80.61 -6.83 -46.48
N ARG P 22 79.72 -7.08 -47.44
CA ARG P 22 79.78 -6.39 -48.72
C ARG P 22 78.78 -5.25 -48.75
N GLU P 23 79.10 -4.24 -49.53
CA GLU P 23 78.35 -3.00 -49.61
C GLU P 23 77.46 -2.99 -50.84
N PRO P 24 76.36 -2.22 -50.83
CA PRO P 24 75.52 -2.14 -52.02
C PRO P 24 76.20 -1.40 -53.15
N LYS P 25 75.71 -1.65 -54.37
CA LYS P 25 76.24 -1.01 -55.56
C LYS P 25 75.65 0.38 -55.74
N ALA P 26 75.84 0.94 -56.93
CA ALA P 26 75.42 2.31 -57.17
C ALA P 26 73.92 2.40 -57.43
N LYS P 27 73.37 1.51 -58.25
CA LYS P 27 71.95 1.59 -58.58
C LYS P 27 71.07 1.11 -57.43
N GLU P 28 71.61 0.28 -56.55
CA GLU P 28 70.85 -0.20 -55.40
C GLU P 28 70.80 0.84 -54.29
N ALA P 29 71.93 1.48 -54.00
CA ALA P 29 72.01 2.47 -52.95
C ALA P 29 71.68 3.87 -53.42
N ASP P 30 71.01 4.00 -54.57
CA ASP P 30 70.47 5.29 -54.98
C ASP P 30 68.98 5.21 -55.26
N ALA P 31 68.40 4.03 -55.34
CA ALA P 31 66.96 3.88 -55.28
C ALA P 31 66.46 3.82 -53.86
N GLY P 32 67.28 3.35 -52.94
CA GLY P 32 66.92 3.35 -51.54
C GLY P 32 66.91 4.70 -50.90
N LEU P 33 67.58 5.68 -51.50
CA LEU P 33 67.56 7.02 -50.96
C LEU P 33 66.23 7.69 -51.20
N THR P 34 65.61 7.46 -52.36
CA THR P 34 64.35 8.12 -52.69
C THR P 34 63.21 7.56 -51.87
N VAL P 35 63.33 6.32 -51.40
CA VAL P 35 62.28 5.75 -50.57
C VAL P 35 62.53 6.00 -49.09
N LEU P 36 63.78 6.18 -48.68
CA LEU P 36 64.06 6.60 -47.31
C LEU P 36 63.78 8.07 -47.13
N GLN P 37 63.87 8.85 -48.20
CA GLN P 37 63.39 10.22 -48.14
C GLN P 37 61.88 10.26 -47.99
N SER P 38 61.18 9.32 -48.62
CA SER P 38 59.72 9.35 -48.63
C SER P 38 59.12 9.01 -47.27
N ILE P 39 59.77 8.13 -46.50
CA ILE P 39 59.22 7.83 -45.19
C ILE P 39 59.46 8.99 -44.22
N TYR P 40 60.60 9.66 -44.29
CA TYR P 40 60.83 10.83 -43.46
C TYR P 40 59.97 12.00 -43.85
N ASP P 41 59.54 12.09 -45.11
CA ASP P 41 58.76 13.23 -45.53
C ASP P 41 57.28 12.99 -45.27
N SER P 42 56.88 11.73 -45.14
CA SER P 42 55.50 11.40 -44.82
C SER P 42 55.25 11.30 -43.33
N MET P 43 56.22 11.70 -42.52
CA MET P 43 56.04 11.78 -41.08
C MET P 43 55.77 13.20 -40.60
N PHE P 44 56.25 14.20 -41.32
CA PHE P 44 55.94 15.57 -40.98
C PHE P 44 54.66 16.05 -41.64
N ALA P 45 54.28 15.44 -42.76
CA ALA P 45 53.09 15.91 -43.47
C ALA P 45 51.84 15.57 -42.69
N ASP P 46 51.59 14.28 -42.50
CA ASP P 46 50.47 13.82 -41.67
C ASP P 46 50.79 12.41 -41.17
N GLY P 47 51.35 12.34 -39.97
CA GLY P 47 51.82 11.10 -39.41
C GLY P 47 52.09 11.24 -37.94
N PRO P 48 52.92 10.35 -37.39
CA PRO P 48 53.09 10.29 -35.93
C PRO P 48 53.83 11.46 -35.31
N LEU P 49 54.21 12.50 -36.05
CA LEU P 49 54.86 13.66 -35.46
C LEU P 49 53.89 14.71 -34.99
N GLY P 50 52.64 14.36 -34.76
CA GLY P 50 51.72 15.23 -34.07
C GLY P 50 51.07 16.25 -34.98
N PRO P 51 49.94 16.78 -34.54
CA PRO P 51 49.27 17.82 -35.32
C PRO P 51 50.00 19.14 -35.24
N PHE P 52 49.77 19.99 -36.23
CA PHE P 52 50.49 21.23 -36.40
C PHE P 52 49.52 22.41 -36.38
N THR P 53 50.07 23.59 -36.13
CA THR P 53 49.26 24.80 -36.02
C THR P 53 49.63 25.77 -37.14
N GLU P 54 48.61 26.29 -37.83
CA GLU P 54 48.82 27.22 -38.92
C GLU P 54 49.24 28.58 -38.40
N VAL P 55 50.12 29.26 -39.14
CA VAL P 55 50.49 30.64 -38.83
C VAL P 55 50.99 31.29 -40.11
N TYR P 56 50.75 32.59 -40.23
CA TYR P 56 51.21 33.38 -41.37
C TYR P 56 51.68 34.72 -40.86
N ALA P 57 52.98 34.87 -40.67
CA ALA P 57 53.54 36.14 -40.23
C ALA P 57 54.69 36.51 -41.13
N THR P 58 54.70 37.75 -41.60
CA THR P 58 55.80 38.29 -42.38
C THR P 58 56.49 39.32 -41.48
N SER P 59 57.39 38.84 -40.63
CA SER P 59 58.09 39.63 -39.64
C SER P 59 59.28 38.79 -39.17
N ALA P 60 59.88 39.19 -38.05
CA ALA P 60 61.04 38.52 -37.47
C ALA P 60 60.65 37.44 -36.47
N TYR P 61 59.56 36.72 -36.76
CA TYR P 61 58.95 35.77 -35.84
C TYR P 61 59.89 34.63 -35.46
N THR P 62 59.83 34.22 -34.20
CA THR P 62 60.53 33.05 -33.70
C THR P 62 59.53 31.93 -33.45
N ALA P 63 59.91 30.70 -33.80
CA ALA P 63 58.96 29.61 -33.86
C ALA P 63 58.64 29.05 -32.47
N GLN P 64 57.43 28.53 -32.34
CA GLN P 64 56.96 27.84 -31.15
C GLN P 64 57.02 26.34 -31.40
N GLU P 65 56.41 25.59 -30.49
CA GLU P 65 56.29 24.16 -30.65
C GLU P 65 55.16 23.82 -31.62
N ASN P 66 55.43 22.84 -32.49
CA ASN P 66 54.42 22.22 -33.38
C ASN P 66 53.75 23.23 -34.31
N GLU P 67 54.52 24.16 -34.86
CA GLU P 67 53.94 25.26 -35.61
C GLU P 67 54.53 25.28 -37.01
N ARG P 68 53.66 25.18 -38.02
CA ARG P 68 54.05 25.11 -39.42
C ARG P 68 54.09 26.50 -40.01
N ILE P 69 55.30 27.03 -40.23
CA ILE P 69 55.50 28.42 -40.62
C ILE P 69 55.45 28.48 -42.15
N VAL P 70 54.60 29.35 -42.70
CA VAL P 70 54.43 29.39 -44.14
C VAL P 70 54.75 30.79 -44.66
N THR P 71 55.73 31.44 -44.02
CA THR P 71 56.11 32.79 -44.40
C THR P 71 56.83 32.82 -45.75
N ASN P 72 56.85 34.02 -46.34
CA ASN P 72 57.36 34.21 -47.69
C ASN P 72 58.75 34.84 -47.72
N GLY P 73 58.95 35.95 -47.01
CA GLY P 73 60.29 36.44 -46.76
C GLY P 73 60.42 36.87 -45.32
N ALA P 74 61.27 36.19 -44.55
CA ALA P 74 61.35 36.40 -43.12
C ALA P 74 62.62 35.75 -42.57
N ALA P 75 62.82 35.90 -41.28
CA ALA P 75 63.88 35.24 -40.54
C ALA P 75 63.25 34.42 -39.43
N ILE P 76 63.05 33.14 -39.70
CA ILE P 76 62.43 32.22 -38.74
C ILE P 76 63.56 31.49 -38.03
N THR P 77 63.68 31.72 -36.73
CA THR P 77 64.73 31.12 -35.92
C THR P 77 64.12 30.05 -35.01
N ILE P 78 64.65 28.85 -35.10
CA ILE P 78 64.20 27.76 -34.21
C ILE P 78 64.77 27.99 -32.82
N PRO P 79 63.96 27.98 -31.77
CA PRO P 79 64.47 28.28 -30.44
C PRO P 79 65.27 27.12 -29.87
N GLN P 80 66.25 27.47 -29.04
CA GLN P 80 67.06 26.49 -28.33
C GLN P 80 66.58 26.27 -26.91
N THR P 81 66.32 27.35 -26.18
CA THR P 81 65.78 27.30 -24.82
C THR P 81 64.45 28.02 -24.79
N ILE P 82 63.60 27.64 -23.85
CA ILE P 82 62.29 28.27 -23.68
C ILE P 82 62.13 28.66 -22.23
N THR P 83 61.78 29.92 -21.98
CA THR P 83 61.62 30.45 -20.63
C THR P 83 60.14 30.68 -20.33
N GLU P 84 59.52 29.71 -19.66
CA GLU P 84 58.11 29.81 -19.27
C GLU P 84 58.07 30.25 -17.81
N GLY P 85 58.29 31.54 -17.60
CA GLY P 85 58.33 32.11 -16.25
C GLY P 85 59.53 31.62 -15.45
N ASN P 86 60.72 31.82 -16.02
CA ASN P 86 62.02 31.36 -15.51
C ASN P 86 62.07 29.84 -15.29
N GLU P 87 61.23 29.09 -15.98
CA GLU P 87 61.34 27.63 -16.07
C GLU P 87 62.12 27.35 -17.35
N THR P 88 63.40 27.70 -17.33
CA THR P 88 64.22 27.69 -18.55
C THR P 88 64.51 26.23 -18.92
N ARG P 89 63.58 25.67 -19.70
CA ARG P 89 63.63 24.27 -20.11
C ARG P 89 64.04 24.16 -21.57
N LYS P 90 64.45 22.95 -21.93
CA LYS P 90 64.60 22.58 -23.33
C LYS P 90 63.23 22.14 -23.86
N PRO P 91 63.03 22.13 -25.18
CA PRO P 91 61.75 21.67 -25.73
C PRO P 91 61.48 20.20 -25.43
N TYR P 92 60.23 19.80 -25.64
CA TYR P 92 59.84 18.44 -25.33
C TYR P 92 60.44 17.45 -26.32
N ASP P 93 60.47 16.19 -25.91
CA ASP P 93 61.02 15.14 -26.75
C ASP P 93 60.07 14.88 -27.91
N LEU P 94 60.62 14.90 -29.12
CA LEU P 94 59.89 14.69 -30.38
C LEU P 94 58.76 15.70 -30.57
N THR P 95 59.09 16.97 -30.72
CA THR P 95 58.13 17.98 -31.16
C THR P 95 58.73 18.73 -32.34
N ALA P 96 57.99 18.82 -33.43
CA ALA P 96 58.53 19.24 -34.71
C ALA P 96 58.23 20.70 -35.01
N ILE P 97 58.98 21.25 -35.96
CA ILE P 97 58.80 22.61 -36.47
C ILE P 97 58.99 22.57 -37.98
N ILE P 98 58.04 23.13 -38.72
CA ILE P 98 58.10 23.21 -40.18
C ILE P 98 58.22 24.69 -40.56
N VAL P 99 59.12 25.00 -41.49
CA VAL P 99 59.18 26.33 -42.09
C VAL P 99 59.09 26.18 -43.60
N ILE P 100 58.15 26.89 -44.20
CA ILE P 100 57.85 26.74 -45.62
C ILE P 100 57.94 28.11 -46.28
N ASN P 101 58.92 28.30 -47.13
CA ASN P 101 59.03 29.46 -48.00
C ASN P 101 58.26 29.17 -49.28
N GLY P 102 58.55 29.88 -50.37
CA GLY P 102 57.91 29.68 -51.65
C GLY P 102 57.82 28.26 -52.18
N ALA P 103 58.94 27.54 -52.20
CA ALA P 103 58.93 26.17 -52.70
C ALA P 103 59.82 25.21 -51.93
N ALA P 104 60.42 25.64 -50.82
CA ALA P 104 61.39 24.82 -50.09
C ALA P 104 60.88 24.56 -48.69
N GLN P 105 60.61 23.29 -48.38
CA GLN P 105 60.25 22.91 -47.03
C GLN P 105 61.49 22.54 -46.24
N GLU P 106 61.54 22.99 -44.99
CA GLU P 106 62.61 22.62 -44.07
C GLU P 106 61.92 22.19 -42.77
N ASN P 107 61.84 20.90 -42.56
CA ASN P 107 61.32 20.34 -41.33
C ASN P 107 62.40 20.32 -40.26
N HIS P 108 62.00 20.12 -39.00
CA HIS P 108 62.92 20.04 -37.87
C HIS P 108 62.30 19.14 -36.81
N VAL P 109 63.13 18.52 -35.99
CA VAL P 109 62.66 17.65 -34.91
C VAL P 109 63.71 17.59 -33.81
N PHE P 110 63.27 17.68 -32.57
CA PHE P 110 64.15 17.73 -31.41
C PHE P 110 64.12 16.38 -30.70
N SER P 111 65.15 15.58 -30.90
CA SER P 111 65.25 14.25 -30.31
C SER P 111 66.55 14.14 -29.54
N LEU P 112 66.44 14.07 -28.21
CA LEU P 112 67.57 13.93 -27.27
C LEU P 112 68.57 15.07 -27.40
N GLY P 113 68.13 16.28 -27.07
CA GLY P 113 69.06 17.38 -26.90
C GLY P 113 69.65 17.96 -28.16
N ARG P 114 68.99 17.81 -29.30
CA ARG P 114 69.57 18.24 -30.56
C ARG P 114 68.46 18.37 -31.60
N TRP P 115 68.50 19.42 -32.40
CA TRP P 115 67.54 19.59 -33.49
C TRP P 115 68.04 18.87 -34.73
N GLN P 116 67.43 17.74 -35.07
CA GLN P 116 67.72 17.03 -36.30
C GLN P 116 67.15 17.81 -37.49
N THR P 117 67.61 17.49 -38.70
CA THR P 117 67.28 18.36 -39.82
C THR P 117 66.29 17.77 -40.83
N ALA P 118 66.49 16.53 -41.29
CA ALA P 118 65.45 15.71 -41.94
C ALA P 118 64.91 16.29 -43.25
N HIS P 119 65.67 17.13 -43.93
CA HIS P 119 65.25 17.58 -45.25
C HIS P 119 66.42 17.57 -46.20
N ASP P 120 66.12 17.32 -47.48
CA ASP P 120 67.11 17.17 -48.55
C ASP P 120 68.18 16.17 -48.15
N LEU P 121 67.72 14.99 -47.75
CA LEU P 121 68.55 14.06 -46.99
C LEU P 121 69.44 13.34 -48.00
N THR P 122 70.71 13.73 -48.07
CA THR P 122 71.61 13.17 -49.04
C THR P 122 72.24 11.89 -48.52
N LEU P 123 73.19 11.37 -49.30
CA LEU P 123 73.81 10.08 -48.98
C LEU P 123 74.92 10.23 -47.94
N ASN P 124 75.33 11.45 -47.61
CA ASN P 124 76.36 11.67 -46.59
C ASN P 124 75.81 12.19 -45.28
N SER P 125 74.68 12.89 -45.29
CA SER P 125 74.18 13.53 -44.10
C SER P 125 73.62 12.50 -43.13
N GLU P 126 73.61 12.87 -41.85
CA GLU P 126 73.19 11.96 -40.80
C GLU P 126 71.67 11.80 -40.82
N ALA P 127 71.22 10.64 -40.40
CA ALA P 127 69.80 10.38 -40.39
C ALA P 127 69.18 10.94 -39.12
N PRO P 128 68.00 11.54 -39.21
CA PRO P 128 67.35 12.06 -38.01
C PRO P 128 66.82 10.93 -37.15
N LEU P 129 66.94 11.12 -35.83
CA LEU P 129 66.39 10.25 -34.78
C LEU P 129 66.76 8.78 -34.96
N ALA P 130 67.98 8.54 -35.42
CA ALA P 130 68.55 7.21 -35.47
C ALA P 130 69.53 6.94 -34.34
N GLU P 131 69.74 7.93 -33.46
CA GLU P 131 70.51 7.70 -32.26
C GLU P 131 69.74 6.86 -31.25
N ARG P 132 68.40 6.87 -31.34
CA ARG P 132 67.59 6.11 -30.40
C ARG P 132 67.76 4.60 -30.61
N ASP P 133 67.74 4.15 -31.86
CA ASP P 133 68.22 2.81 -32.22
C ASP P 133 68.62 2.78 -33.69
N LYS P 134 69.63 1.98 -34.02
CA LYS P 134 70.07 1.93 -35.40
C LYS P 134 69.49 0.74 -36.14
N ALA P 135 69.39 -0.42 -35.49
CA ALA P 135 68.86 -1.61 -36.13
C ALA P 135 67.35 -1.70 -36.08
N GLY P 136 66.67 -0.70 -35.53
CA GLY P 136 65.22 -0.64 -35.56
C GLY P 136 64.75 0.23 -36.70
N LEU P 137 65.52 1.27 -36.99
CA LEU P 137 65.22 2.16 -38.11
C LEU P 137 65.55 1.52 -39.45
N ALA P 138 66.44 0.53 -39.47
CA ALA P 138 66.75 -0.17 -40.70
C ALA P 138 65.81 -1.34 -40.96
N ALA P 139 64.94 -1.66 -40.01
CA ALA P 139 63.91 -2.68 -40.22
C ALA P 139 62.58 -2.08 -40.63
N LEU P 140 62.32 -0.82 -40.27
CA LEU P 140 61.15 -0.15 -40.80
C LEU P 140 61.39 0.32 -42.22
N PHE P 141 62.63 0.68 -42.53
CA PHE P 141 63.02 0.98 -43.90
C PHE P 141 62.89 -0.24 -44.79
N ALA P 142 63.53 -1.34 -44.39
CA ALA P 142 63.61 -2.52 -45.23
C ALA P 142 62.37 -3.39 -45.17
N MET P 143 61.32 -2.96 -44.49
CA MET P 143 60.11 -3.77 -44.44
C MET P 143 59.39 -3.74 -45.77
N GLU P 144 59.27 -2.56 -46.36
CA GLU P 144 58.62 -2.42 -47.66
C GLU P 144 59.58 -2.16 -48.80
N PHE P 145 60.81 -1.75 -48.52
CA PHE P 145 61.81 -1.59 -49.56
C PHE P 145 62.28 -2.92 -50.10
N ALA P 146 62.21 -3.99 -49.29
CA ALA P 146 62.61 -5.30 -49.76
C ALA P 146 61.61 -5.92 -50.73
N GLU P 147 60.44 -5.33 -50.92
CA GLU P 147 59.44 -5.94 -51.78
C GLU P 147 59.76 -5.75 -53.26
N MET P 148 60.60 -4.78 -53.61
CA MET P 148 61.02 -4.65 -55.00
C MET P 148 61.95 -5.79 -55.38
N PHE P 149 62.78 -6.25 -54.46
CA PHE P 149 63.48 -7.50 -54.63
C PHE P 149 62.52 -8.66 -54.33
N GLY P 150 63.06 -9.87 -54.36
CA GLY P 150 62.20 -11.02 -54.11
C GLY P 150 61.85 -11.22 -52.65
N ALA P 151 62.75 -10.89 -51.75
CA ALA P 151 62.66 -11.32 -50.37
C ALA P 151 61.70 -10.45 -49.56
N GLU P 152 61.53 -10.83 -48.30
CA GLU P 152 60.71 -10.09 -47.34
C GLU P 152 61.29 -10.34 -45.95
N LEU P 153 60.91 -9.48 -44.99
CA LEU P 153 61.53 -9.62 -43.69
C LEU P 153 60.91 -10.74 -42.86
N PRO P 154 61.73 -11.45 -42.09
CA PRO P 154 61.22 -12.48 -41.17
C PRO P 154 60.41 -11.89 -40.05
N PRO P 155 59.53 -12.67 -39.40
CA PRO P 155 58.60 -12.07 -38.43
C PRO P 155 59.21 -11.73 -37.08
N ARG P 156 60.36 -12.28 -36.73
CA ARG P 156 61.00 -11.91 -35.48
C ARG P 156 61.58 -10.51 -35.53
N THR P 157 61.93 -10.02 -36.72
CA THR P 157 62.49 -8.69 -36.89
C THR P 157 61.54 -7.72 -37.56
N THR P 158 60.42 -8.20 -38.10
CA THR P 158 59.39 -7.27 -38.57
C THR P 158 58.74 -6.55 -37.40
N ALA P 159 58.39 -7.29 -36.36
CA ALA P 159 57.77 -6.70 -35.17
C ALA P 159 58.75 -5.86 -34.36
N ARG P 160 60.04 -5.93 -34.65
CA ARG P 160 60.97 -4.96 -34.09
C ARG P 160 60.74 -3.57 -34.67
N GLY P 161 60.45 -3.49 -35.96
CA GLY P 161 60.24 -2.20 -36.58
C GLY P 161 58.93 -1.54 -36.20
N PHE P 162 57.90 -2.34 -35.97
CA PHE P 162 56.61 -1.83 -35.48
C PHE P 162 56.65 -1.43 -34.02
N ARG P 163 57.73 -1.73 -33.32
CA ARG P 163 57.92 -1.13 -32.01
C ARG P 163 58.55 0.24 -32.12
N PHE P 164 59.47 0.44 -33.07
CA PHE P 164 60.09 1.74 -33.25
C PHE P 164 59.11 2.77 -33.76
N LYS P 165 58.18 2.36 -34.62
CA LYS P 165 57.15 3.29 -35.09
C LYS P 165 56.19 3.64 -33.97
N GLY P 166 55.96 2.73 -33.04
CA GLY P 166 55.12 3.03 -31.92
C GLY P 166 55.81 3.66 -30.76
N ALA P 167 57.14 3.65 -30.75
CA ALA P 167 57.87 4.34 -29.71
C ALA P 167 57.96 5.83 -29.97
N ILE P 168 57.68 6.27 -31.19
CA ILE P 168 57.65 7.70 -31.52
C ILE P 168 56.25 8.17 -31.83
N SER P 169 55.27 7.27 -31.88
CA SER P 169 53.88 7.63 -32.06
C SER P 169 53.15 7.81 -30.75
N GLN P 170 53.81 7.59 -29.63
CA GLN P 170 53.20 7.71 -28.33
C GLN P 170 53.86 8.73 -27.42
N LYS P 171 55.17 8.94 -27.59
CA LYS P 171 55.99 9.85 -26.79
C LYS P 171 55.85 9.54 -25.30
N LEU P 172 55.99 8.27 -24.96
CA LEU P 172 55.71 7.80 -23.62
C LEU P 172 56.96 7.75 -22.76
N ALA P 173 58.08 8.29 -23.25
CA ALA P 173 59.33 8.24 -22.51
C ALA P 173 59.34 9.23 -21.36
N THR P 174 58.87 10.45 -21.61
CA THR P 174 58.86 11.49 -20.58
C THR P 174 57.86 11.15 -19.49
N LYS P 175 58.30 11.21 -18.25
CA LYS P 175 57.46 10.86 -17.12
C LYS P 175 56.35 11.89 -16.97
N ARG P 176 55.16 11.41 -16.61
CA ARG P 176 53.98 12.25 -16.43
C ARG P 176 53.38 11.95 -15.07
N ASP P 177 52.35 12.73 -14.72
CA ASP P 177 51.79 12.68 -13.38
C ASP P 177 50.94 11.44 -13.16
N ASP P 178 50.85 11.03 -11.91
CA ASP P 178 50.15 9.92 -11.29
C ASP P 178 48.64 10.17 -11.31
N PRO P 179 47.81 9.15 -11.02
CA PRO P 179 46.41 9.43 -10.72
C PRO P 179 46.27 10.24 -9.44
N VAL P 180 45.12 10.89 -9.30
CA VAL P 180 45.02 12.06 -8.43
C VAL P 180 44.14 11.83 -7.20
N TYR P 181 43.14 10.93 -7.27
CA TYR P 181 42.07 10.75 -6.25
C TYR P 181 41.30 12.04 -6.00
N TYR P 182 41.00 12.78 -7.07
CA TYR P 182 40.05 13.87 -6.88
C TYR P 182 38.67 13.29 -6.79
N MET Q 1 61.55 19.18 -58.17
CA MET Q 1 60.32 19.06 -58.94
C MET Q 1 60.10 17.62 -59.37
N ILE Q 2 59.23 16.93 -58.65
CA ILE Q 2 58.93 15.53 -58.95
C ILE Q 2 58.02 15.50 -60.17
N THR Q 3 58.55 15.04 -61.30
CA THR Q 3 57.78 15.03 -62.53
C THR Q 3 56.78 13.90 -62.54
N CYS Q 4 55.93 13.90 -63.57
CA CYS Q 4 54.94 12.83 -63.72
C CYS Q 4 55.62 11.51 -64.07
N ARG Q 5 56.67 11.56 -64.88
CA ARG Q 5 57.32 10.33 -65.30
C ARG Q 5 58.19 9.71 -64.22
N ASP Q 6 58.46 10.43 -63.13
CA ASP Q 6 59.14 9.79 -62.01
C ASP Q 6 58.22 8.86 -61.24
N ILE Q 7 56.92 9.17 -61.23
CA ILE Q 7 55.97 8.28 -60.57
C ILE Q 7 55.77 7.00 -61.37
N ILE Q 8 55.65 7.13 -62.69
CA ILE Q 8 55.43 5.97 -63.55
C ILE Q 8 56.69 5.10 -63.59
N THR Q 9 57.87 5.70 -63.47
CA THR Q 9 59.08 4.90 -63.36
C THR Q 9 59.17 4.24 -61.99
N LEU Q 10 58.79 4.96 -60.94
CA LEU Q 10 58.77 4.34 -59.61
C LEU Q 10 57.63 3.37 -59.47
N GLY Q 11 56.51 3.63 -60.13
CA GLY Q 11 55.38 2.72 -60.06
C GLY Q 11 55.63 1.40 -60.73
N LEU Q 12 56.31 1.40 -61.87
CA LEU Q 12 56.57 0.16 -62.59
C LEU Q 12 57.61 -0.71 -61.93
N GLN Q 13 58.68 -0.15 -61.40
CA GLN Q 13 59.64 -0.96 -60.68
C GLN Q 13 59.24 -1.20 -59.23
N GLN Q 14 58.10 -0.66 -58.81
CA GLN Q 14 57.49 -1.06 -57.54
C GLN Q 14 56.85 -2.43 -57.67
N ALA Q 15 56.13 -2.66 -58.76
CA ALA Q 15 55.46 -3.93 -59.03
C ALA Q 15 56.36 -4.93 -59.72
N ARG Q 16 57.68 -4.68 -59.71
CA ARG Q 16 58.77 -5.52 -60.23
C ARG Q 16 58.48 -6.08 -61.64
N VAL Q 17 58.12 -5.17 -62.54
CA VAL Q 17 58.00 -5.52 -63.94
C VAL Q 17 59.13 -4.94 -64.79
N VAL Q 18 59.64 -3.75 -64.46
CA VAL Q 18 60.88 -3.25 -65.07
C VAL Q 18 61.97 -3.41 -64.02
N PRO Q 19 63.22 -3.63 -64.40
CA PRO Q 19 64.27 -3.85 -63.40
C PRO Q 19 64.70 -2.53 -62.77
N LEU Q 20 65.59 -2.66 -61.79
CA LEU Q 20 66.12 -1.50 -61.09
C LEU Q 20 67.17 -0.81 -61.96
N GLY Q 21 66.94 0.46 -62.24
CA GLY Q 21 67.87 1.29 -62.97
C GLY Q 21 67.51 1.55 -64.40
N ARG Q 22 66.61 0.75 -64.98
CA ARG Q 22 66.18 0.95 -66.36
C ARG Q 22 64.84 1.67 -66.37
N GLU Q 23 64.61 2.40 -67.44
CA GLU Q 23 63.47 3.27 -67.61
C GLU Q 23 62.42 2.60 -68.50
N PRO Q 24 61.15 2.99 -68.37
CA PRO Q 24 60.12 2.41 -69.23
C PRO Q 24 60.27 2.88 -70.67
N LYS Q 25 59.68 2.11 -71.58
CA LYS Q 25 59.72 2.43 -73.00
C LYS Q 25 58.64 3.45 -73.35
N ALA Q 26 58.38 3.60 -74.64
CA ALA Q 26 57.45 4.62 -75.09
C ALA Q 26 56.01 4.19 -74.93
N LYS Q 27 55.68 2.95 -75.30
CA LYS Q 27 54.30 2.50 -75.21
C LYS Q 27 53.88 2.21 -73.78
N GLU Q 28 54.84 1.92 -72.90
CA GLU Q 28 54.53 1.66 -71.50
C GLU Q 28 54.31 2.95 -70.73
N ALA Q 29 55.16 3.94 -70.95
CA ALA Q 29 55.08 5.22 -70.25
C ALA Q 29 54.17 6.22 -70.96
N ASP Q 30 53.30 5.75 -71.85
CA ASP Q 30 52.26 6.60 -72.41
C ASP Q 30 50.87 6.02 -72.20
N ALA Q 31 50.77 4.75 -71.82
CA ALA Q 31 49.51 4.23 -71.31
C ALA Q 31 49.34 4.51 -69.83
N GLY Q 32 50.44 4.64 -69.09
CA GLY Q 32 50.36 5.00 -67.70
C GLY Q 32 49.99 6.43 -67.45
N LEU Q 33 50.14 7.29 -68.45
CA LEU Q 33 49.73 8.67 -68.29
C LEU Q 33 48.21 8.81 -68.29
N THR Q 34 47.53 8.02 -69.13
CA THR Q 34 46.08 8.14 -69.25
C THR Q 34 45.38 7.58 -68.01
N VAL Q 35 46.03 6.68 -67.29
CA VAL Q 35 45.44 6.14 -66.08
C VAL Q 35 45.85 6.93 -64.85
N LEU Q 36 47.00 7.60 -64.88
CA LEU Q 36 47.36 8.51 -63.80
C LEU Q 36 46.60 9.82 -63.93
N GLN Q 37 46.21 10.19 -65.14
CA GLN Q 37 45.27 11.29 -65.30
C GLN Q 37 43.91 10.93 -64.72
N SER Q 38 43.49 9.68 -64.87
CA SER Q 38 42.15 9.28 -64.47
C SER Q 38 41.98 9.26 -62.96
N ILE Q 39 43.04 8.93 -62.21
CA ILE Q 39 42.88 8.94 -60.77
C ILE Q 39 42.87 10.36 -60.23
N TYR Q 40 43.65 11.28 -60.80
CA TYR Q 40 43.58 12.68 -60.39
C TYR Q 40 42.29 13.36 -60.81
N ASP Q 41 41.65 12.88 -61.85
CA ASP Q 41 40.43 13.53 -62.31
C ASP Q 41 39.22 12.97 -61.60
N SER Q 42 39.33 11.78 -61.02
CA SER Q 42 38.25 11.19 -60.26
C SER Q 42 38.35 11.53 -58.78
N MET Q 43 39.23 12.43 -58.40
CA MET Q 43 39.30 12.94 -57.05
C MET Q 43 38.64 14.30 -56.90
N PHE Q 44 38.57 15.09 -57.96
CA PHE Q 44 37.85 16.35 -57.90
C PHE Q 44 36.39 16.19 -58.27
N ALA Q 45 36.05 15.15 -59.03
CA ALA Q 45 34.67 14.99 -59.46
C ALA Q 45 33.80 14.59 -58.28
N ASP Q 46 34.07 13.42 -57.71
CA ASP Q 46 33.37 12.96 -56.50
C ASP Q 46 34.27 11.97 -55.77
N GLY Q 47 35.03 12.48 -54.81
CA GLY Q 47 36.01 11.68 -54.12
C GLY Q 47 36.49 12.38 -52.88
N PRO Q 48 37.67 12.02 -52.38
CA PRO Q 48 38.11 12.50 -51.08
C PRO Q 48 38.49 13.97 -51.01
N LEU Q 49 38.32 14.76 -52.07
CA LEU Q 49 38.60 16.19 -52.00
C LEU Q 49 37.40 17.01 -51.56
N GLY Q 50 36.43 16.41 -50.90
CA GLY Q 50 35.41 17.16 -50.22
C GLY Q 50 34.28 17.58 -51.12
N PRO Q 51 33.13 17.87 -50.53
CA PRO Q 51 31.99 18.34 -51.32
C PRO Q 51 32.20 19.77 -51.80
N PHE Q 52 31.50 20.11 -52.86
CA PHE Q 52 31.67 21.39 -53.54
C PHE Q 52 30.36 22.17 -53.54
N THR Q 53 30.46 23.47 -53.77
CA THR Q 53 29.31 24.36 -53.74
C THR Q 53 29.09 24.94 -55.13
N GLU Q 54 27.84 24.89 -55.60
CA GLU Q 54 27.49 25.42 -56.91
C GLU Q 54 27.48 26.94 -56.89
N VAL Q 55 27.90 27.55 -58.00
CA VAL Q 55 27.79 29.00 -58.18
C VAL Q 55 27.77 29.29 -59.67
N TYR Q 56 27.05 30.35 -60.04
CA TYR Q 56 26.97 30.80 -61.43
C TYR Q 56 27.00 32.31 -61.43
N ALA Q 57 28.17 32.89 -61.68
CA ALA Q 57 28.30 34.34 -61.75
C ALA Q 57 29.06 34.69 -63.02
N THR Q 58 28.52 35.64 -63.76
CA THR Q 58 29.18 36.19 -64.93
C THR Q 58 29.60 37.61 -64.57
N SER Q 59 30.76 37.73 -63.93
CA SER Q 59 31.30 38.97 -63.42
C SER Q 59 32.77 38.72 -63.11
N ALA Q 60 33.38 39.63 -62.34
CA ALA Q 60 34.80 39.56 -61.99
C ALA Q 60 35.02 38.82 -60.67
N TYR Q 61 34.23 37.77 -60.43
CA TYR Q 61 34.19 37.05 -59.17
C TYR Q 61 35.53 36.43 -58.81
N THR Q 62 35.86 36.46 -57.51
CA THR Q 62 37.02 35.79 -56.97
C THR Q 62 36.56 34.58 -56.16
N ALA Q 63 37.30 33.48 -56.28
CA ALA Q 63 36.81 32.20 -55.78
C ALA Q 63 36.98 32.08 -54.27
N GLN Q 64 36.09 31.32 -53.66
CA GLN Q 64 36.14 30.95 -52.25
C GLN Q 64 36.68 29.54 -52.12
N GLU Q 65 36.57 29.01 -50.91
CA GLU Q 65 36.96 27.63 -50.65
C GLU Q 65 35.88 26.67 -51.15
N ASN Q 66 36.31 25.57 -51.78
CA ASN Q 66 35.45 24.43 -52.13
C ASN Q 66 34.30 24.82 -53.05
N GLU Q 67 34.56 25.70 -54.02
CA GLU Q 67 33.50 26.26 -54.84
C GLU Q 67 33.75 25.98 -56.30
N ARG Q 68 32.82 25.30 -56.94
CA ARG Q 68 32.95 24.87 -58.34
C ARG Q 68 32.36 25.93 -59.26
N ILE Q 69 33.23 26.68 -59.94
CA ILE Q 69 32.83 27.85 -60.71
C ILE Q 69 32.48 27.37 -62.12
N VAL Q 70 31.29 27.72 -62.61
CA VAL Q 70 30.85 27.22 -63.90
C VAL Q 70 30.54 28.40 -64.83
N THR Q 71 31.31 29.47 -64.68
CA THR Q 71 31.10 30.66 -65.48
C THR Q 71 31.49 30.45 -66.95
N ASN Q 72 30.96 31.31 -67.81
CA ASN Q 72 31.12 31.18 -69.25
C ASN Q 72 32.14 32.15 -69.85
N GLY Q 73 32.06 33.43 -69.52
CA GLY Q 73 33.15 34.34 -69.80
C GLY Q 73 33.38 35.25 -68.63
N ALA Q 74 34.54 35.15 -67.99
CA ALA Q 74 34.80 35.85 -66.74
C ALA Q 74 36.30 35.81 -66.44
N ALA Q 75 36.66 36.44 -65.34
CA ALA Q 75 38.02 36.41 -64.80
C ALA Q 75 37.94 35.86 -63.39
N ILE Q 76 38.17 34.56 -63.24
CA ILE Q 76 38.13 33.89 -61.96
C ILE Q 76 39.55 33.81 -61.44
N THR Q 77 39.82 34.50 -60.34
CA THR Q 77 41.14 34.52 -59.73
C THR Q 77 41.14 33.70 -58.45
N ILE Q 78 42.05 32.74 -58.37
CA ILE Q 78 42.20 31.94 -57.15
C ILE Q 78 42.89 32.78 -56.09
N PRO Q 79 42.35 32.90 -54.89
CA PRO Q 79 42.96 33.77 -53.87
C PRO Q 79 44.22 33.15 -53.29
N GLN Q 80 45.14 34.02 -52.89
CA GLN Q 80 46.37 33.62 -52.22
C GLN Q 80 46.27 33.75 -50.71
N THR Q 81 45.78 34.90 -50.24
CA THR Q 81 45.56 35.16 -48.84
C THR Q 81 44.08 35.43 -48.59
N ILE Q 82 43.62 35.16 -47.38
CA ILE Q 82 42.23 35.40 -47.01
C ILE Q 82 42.22 36.20 -45.72
N THR Q 83 41.48 37.31 -45.71
CA THR Q 83 41.38 38.20 -44.56
C THR Q 83 40.00 38.08 -43.91
N GLU Q 84 39.92 37.25 -42.88
CA GLU Q 84 38.68 37.06 -42.12
C GLU Q 84 38.76 37.93 -40.87
N GLY Q 85 38.51 39.24 -41.07
CA GLY Q 85 38.60 40.20 -39.99
C GLY Q 85 40.01 40.39 -39.48
N ASN Q 86 40.92 40.71 -40.40
CA ASN Q 86 42.38 40.85 -40.18
C ASN Q 86 43.01 39.59 -39.60
N GLU Q 87 42.39 38.43 -39.81
CA GLU Q 87 43.01 37.14 -39.56
C GLU Q 87 43.58 36.66 -40.88
N THR Q 88 44.63 37.36 -41.33
CA THR Q 88 45.16 37.17 -42.68
C THR Q 88 45.87 35.83 -42.75
N ARG Q 89 45.09 34.79 -43.04
CA ARG Q 89 45.57 33.42 -43.08
C ARG Q 89 45.72 32.94 -44.51
N LYS Q 90 46.47 31.86 -44.67
CA LYS Q 90 46.48 31.09 -45.90
C LYS Q 90 45.29 30.13 -45.88
N PRO Q 91 44.87 29.61 -47.04
CA PRO Q 91 43.76 28.65 -47.05
C PRO Q 91 44.11 27.35 -46.34
N TYR Q 92 43.08 26.57 -46.07
CA TYR Q 92 43.27 25.32 -45.32
C TYR Q 92 44.00 24.29 -46.15
N ASP Q 93 44.56 23.31 -45.47
CA ASP Q 93 45.28 22.24 -46.12
C ASP Q 93 44.30 21.34 -46.85
N LEU Q 94 44.57 21.10 -48.15
CA LEU Q 94 43.74 20.28 -49.04
C LEU Q 94 42.31 20.79 -49.14
N THR Q 95 42.12 21.98 -49.70
CA THR Q 95 40.80 22.45 -50.08
C THR Q 95 40.86 22.91 -51.54
N ALA Q 96 39.93 22.41 -52.35
CA ALA Q 96 40.05 22.50 -53.80
C ALA Q 96 39.18 23.62 -54.36
N ILE Q 97 39.49 24.02 -55.59
CA ILE Q 97 38.73 25.00 -56.35
C ILE Q 97 38.64 24.52 -57.80
N ILE Q 98 37.43 24.49 -58.35
CA ILE Q 98 37.18 24.10 -59.73
C ILE Q 98 36.69 25.31 -60.50
N VAL Q 99 37.23 25.54 -61.69
CA VAL Q 99 36.68 26.54 -62.60
C VAL Q 99 36.37 25.87 -63.92
N ILE Q 100 35.14 26.03 -64.40
CA ILE Q 100 34.66 25.33 -65.58
C ILE Q 100 34.13 26.37 -66.56
N ASN Q 101 34.80 26.53 -67.69
CA ASN Q 101 34.30 27.30 -68.81
C ASN Q 101 33.47 26.39 -69.70
N GLY Q 102 33.28 26.76 -70.96
CA GLY Q 102 32.53 25.95 -71.91
C GLY Q 102 32.86 24.47 -72.01
N ALA Q 103 34.14 24.14 -72.16
CA ALA Q 103 34.54 22.75 -72.28
C ALA Q 103 35.85 22.40 -71.58
N ALA Q 104 36.45 23.34 -70.84
CA ALA Q 104 37.76 23.13 -70.24
C ALA Q 104 37.66 23.23 -68.73
N GLN Q 105 37.92 22.12 -68.05
CA GLN Q 105 37.98 22.13 -66.59
C GLN Q 105 39.40 22.41 -66.14
N GLU Q 106 39.52 23.25 -65.11
CA GLU Q 106 40.80 23.55 -64.47
C GLU Q 106 40.56 23.40 -62.97
N ASN Q 107 41.00 22.29 -62.42
CA ASN Q 107 40.96 22.06 -60.99
C ASN Q 107 42.15 22.72 -60.31
N HIS Q 108 42.09 22.85 -58.99
CA HIS Q 108 43.17 23.42 -58.18
C HIS Q 108 43.13 22.78 -56.81
N VAL Q 109 44.27 22.75 -56.12
CA VAL Q 109 44.35 22.20 -54.78
C VAL Q 109 45.54 22.82 -54.05
N PHE Q 110 45.33 23.20 -52.79
CA PHE Q 110 46.33 23.89 -51.99
C PHE Q 110 46.93 22.92 -50.98
N SER Q 111 48.12 22.42 -51.27
CA SER Q 111 48.81 21.45 -50.41
C SER Q 111 50.17 22.00 -50.05
N LEU Q 112 50.35 22.35 -48.78
CA LEU Q 112 51.61 22.87 -48.20
C LEU Q 112 52.08 24.14 -48.89
N GLY Q 113 51.30 25.21 -48.77
CA GLY Q 113 51.77 26.51 -49.17
C GLY Q 113 51.88 26.79 -50.65
N ARG Q 114 51.11 26.08 -51.47
CA ARG Q 114 51.25 26.20 -52.92
C ARG Q 114 50.00 25.64 -53.58
N TRP Q 115 49.50 26.33 -54.61
CA TRP Q 115 48.36 25.83 -55.37
C TRP Q 115 48.86 24.91 -56.48
N GLN Q 116 48.64 23.61 -56.32
CA GLN Q 116 48.94 22.64 -57.36
C GLN Q 116 47.92 22.77 -58.49
N THR Q 117 48.23 22.21 -59.66
CA THR Q 117 47.39 22.52 -60.81
C THR Q 117 46.52 21.36 -61.32
N ALA Q 118 47.07 20.16 -61.47
CA ALA Q 118 46.31 18.90 -61.58
C ALA Q 118 45.36 18.80 -62.77
N HIS Q 119 45.61 19.56 -63.84
CA HIS Q 119 44.82 19.40 -65.05
C HIS Q 119 45.73 19.41 -66.26
N ASP Q 120 45.30 18.66 -67.28
CA ASP Q 120 46.06 18.44 -68.53
C ASP Q 120 47.47 18.00 -68.21
N LEU Q 121 47.56 16.95 -67.40
CA LEU Q 121 48.79 16.61 -66.72
C LEU Q 121 49.68 15.88 -67.71
N THR Q 122 50.68 16.57 -68.24
CA THR Q 122 51.53 16.00 -69.27
C THR Q 122 52.67 15.21 -68.63
N LEU Q 123 53.59 14.76 -69.50
CA LEU Q 123 54.68 13.90 -69.06
C LEU Q 123 55.83 14.69 -68.45
N ASN Q 124 55.83 16.02 -68.57
CA ASN Q 124 56.87 16.85 -67.98
C ASN Q 124 56.41 17.61 -66.75
N SER Q 125 55.13 17.90 -66.62
CA SER Q 125 54.66 18.74 -65.53
C SER Q 125 54.70 17.99 -64.21
N GLU Q 126 54.81 18.75 -63.12
CA GLU Q 126 54.94 18.15 -61.80
C GLU Q 126 53.62 17.57 -61.35
N ALA Q 127 53.71 16.54 -60.54
CA ALA Q 127 52.51 15.91 -60.04
C ALA Q 127 51.97 16.66 -58.83
N PRO Q 128 50.66 16.82 -58.73
CA PRO Q 128 50.10 17.50 -57.57
C PRO Q 128 50.18 16.63 -56.33
N LEU Q 129 50.47 17.28 -55.19
CA LEU Q 129 50.48 16.71 -53.84
C LEU Q 129 51.31 15.43 -53.74
N ALA Q 130 52.43 15.41 -54.46
CA ALA Q 130 53.43 14.36 -54.34
C ALA Q 130 54.62 14.80 -53.50
N GLU Q 131 54.63 16.03 -53.01
CA GLU Q 131 55.65 16.45 -52.06
C GLU Q 131 55.43 15.83 -50.70
N ARG Q 132 54.19 15.41 -50.39
CA ARG Q 132 53.90 14.82 -49.09
C ARG Q 132 54.56 13.45 -48.96
N ASP Q 133 54.47 12.60 -49.99
CA ASP Q 133 55.33 11.42 -50.12
C ASP Q 133 55.44 11.02 -51.58
N LYS Q 134 56.59 10.49 -51.97
CA LYS Q 134 56.76 10.10 -53.37
C LYS Q 134 56.51 8.61 -53.57
N ALA Q 135 56.97 7.77 -52.66
CA ALA Q 135 56.80 6.32 -52.79
C ALA Q 135 55.46 5.84 -52.28
N GLY Q 136 54.58 6.72 -51.83
CA GLY Q 136 53.24 6.34 -51.46
C GLY Q 136 52.27 6.60 -52.59
N LEU Q 137 52.55 7.66 -53.35
CA LEU Q 137 51.74 7.98 -54.52
C LEU Q 137 52.03 7.06 -55.68
N ALA Q 138 53.19 6.43 -55.71
CA ALA Q 138 53.50 5.46 -56.76
C ALA Q 138 53.02 4.06 -56.42
N ALA Q 139 52.52 3.84 -55.21
CA ALA Q 139 51.92 2.57 -54.85
C ALA Q 139 50.41 2.57 -55.00
N LEU Q 140 49.78 3.74 -54.91
CA LEU Q 140 48.36 3.84 -55.23
C LEU Q 140 48.16 3.85 -56.73
N PHE Q 141 49.10 4.42 -57.48
CA PHE Q 141 49.09 4.34 -58.93
C PHE Q 141 49.25 2.90 -59.39
N ALA Q 142 50.31 2.24 -58.94
CA ALA Q 142 50.66 0.92 -59.43
C ALA Q 142 49.85 -0.20 -58.80
N MET Q 143 48.87 0.12 -57.96
CA MET Q 143 48.06 -0.94 -57.36
C MET Q 143 47.14 -1.57 -58.40
N GLU Q 144 46.49 -0.75 -59.22
CA GLU Q 144 45.61 -1.24 -60.25
C GLU Q 144 46.18 -1.13 -61.65
N PHE Q 145 47.21 -0.30 -61.84
CA PHE Q 145 47.87 -0.22 -63.15
C PHE Q 145 48.69 -1.47 -63.43
N ALA Q 146 49.16 -2.16 -62.40
CA ALA Q 146 49.91 -3.39 -62.61
C ALA Q 146 49.05 -4.56 -63.06
N GLU Q 147 47.73 -4.43 -63.04
CA GLU Q 147 46.88 -5.57 -63.40
C GLU Q 147 46.82 -5.80 -64.90
N MET Q 148 47.18 -4.81 -65.72
CA MET Q 148 47.26 -5.04 -67.15
C MET Q 148 48.45 -5.93 -67.49
N PHE Q 149 49.54 -5.77 -66.75
CA PHE Q 149 50.60 -6.76 -66.79
C PHE Q 149 50.21 -7.96 -65.94
N GLY Q 150 51.13 -8.91 -65.82
CA GLY Q 150 50.82 -10.11 -65.05
C GLY Q 150 50.84 -9.88 -63.55
N ALA Q 151 51.72 -9.01 -63.07
CA ALA Q 151 52.05 -8.97 -61.66
C ALA Q 151 51.00 -8.20 -60.85
N GLU Q 152 51.22 -8.15 -59.54
CA GLU Q 152 50.38 -7.40 -58.61
C GLU Q 152 51.25 -6.99 -57.43
N LEU Q 153 50.77 -6.02 -56.65
CA LEU Q 153 51.64 -5.52 -55.60
C LEU Q 153 51.62 -6.42 -54.36
N PRO Q 154 52.77 -6.55 -53.70
CA PRO Q 154 52.86 -7.32 -52.46
C PRO Q 154 52.10 -6.65 -51.34
N PRO Q 155 51.72 -7.37 -50.28
CA PRO Q 155 50.83 -6.78 -49.27
C PRO Q 155 51.51 -5.85 -48.29
N ARG Q 156 52.83 -5.89 -48.16
CA ARG Q 156 53.50 -4.94 -47.28
C ARG Q 156 53.52 -3.53 -47.86
N THR Q 157 53.44 -3.40 -49.18
CA THR Q 157 53.43 -2.10 -49.83
C THR Q 157 52.08 -1.73 -50.43
N THR Q 158 51.13 -2.67 -50.48
CA THR Q 158 49.78 -2.30 -50.85
C THR Q 158 49.13 -1.45 -49.77
N ALA Q 159 49.28 -1.86 -48.52
CA ALA Q 159 48.73 -1.11 -47.40
C ALA Q 159 49.46 0.20 -47.15
N ARG Q 160 50.60 0.42 -47.77
CA ARG Q 160 51.20 1.74 -47.76
C ARG Q 160 50.38 2.72 -48.58
N GLY Q 161 49.85 2.28 -49.72
CA GLY Q 161 49.08 3.17 -50.57
C GLY Q 161 47.70 3.50 -50.00
N PHE Q 162 47.09 2.56 -49.28
CA PHE Q 162 45.83 2.81 -48.59
C PHE Q 162 45.99 3.68 -47.35
N ARG Q 163 47.21 3.97 -46.95
CA ARG Q 163 47.42 4.99 -45.95
C ARG Q 163 47.47 6.37 -46.56
N PHE Q 164 48.06 6.49 -47.76
CA PHE Q 164 48.12 7.78 -48.44
C PHE Q 164 46.75 8.24 -48.90
N LYS Q 165 45.89 7.31 -49.32
CA LYS Q 165 44.53 7.69 -49.68
C LYS Q 165 43.74 8.10 -48.47
N GLY Q 166 44.03 7.53 -47.31
CA GLY Q 166 43.36 7.94 -46.11
C GLY Q 166 43.98 9.10 -45.39
N ALA Q 167 45.19 9.48 -45.77
CA ALA Q 167 45.79 10.66 -45.20
C ALA Q 167 45.28 11.93 -45.83
N ILE Q 168 44.65 11.84 -47.00
CA ILE Q 168 44.04 12.99 -47.66
C ILE Q 168 42.52 12.90 -47.65
N SER Q 169 41.96 11.80 -47.19
CA SER Q 169 40.53 11.65 -47.04
C SER Q 169 40.03 12.05 -45.68
N GLN Q 170 40.93 12.42 -44.77
CA GLN Q 170 40.55 12.79 -43.42
C GLN Q 170 40.96 14.19 -43.04
N LYS Q 171 42.05 14.71 -43.62
CA LYS Q 171 42.62 16.03 -43.36
C LYS Q 171 42.88 16.23 -41.87
N LEU Q 172 43.54 15.24 -41.28
CA LEU Q 172 43.69 15.19 -39.83
C LEU Q 172 45.02 15.80 -39.39
N ALA Q 173 45.75 16.43 -40.31
CA ALA Q 173 47.05 17.01 -39.97
C ALA Q 173 46.91 18.28 -39.17
N THR Q 174 45.99 19.16 -39.57
CA THR Q 174 45.79 20.43 -38.88
C THR Q 174 45.21 20.20 -37.50
N LYS Q 175 45.82 20.82 -36.49
CA LYS Q 175 45.38 20.63 -35.12
C LYS Q 175 44.02 21.28 -34.92
N ARG Q 176 43.18 20.63 -34.12
CA ARG Q 176 41.84 21.10 -33.83
C ARG Q 176 41.64 21.12 -32.33
N ASP Q 177 40.49 21.64 -31.91
CA ASP Q 177 40.25 21.90 -30.49
C ASP Q 177 39.96 20.61 -29.74
N ASP Q 178 40.26 20.63 -28.44
CA ASP Q 178 40.14 19.65 -27.38
C ASP Q 178 38.68 19.43 -27.03
N PRO Q 179 38.35 18.38 -26.27
CA PRO Q 179 37.01 18.32 -25.66
C PRO Q 179 36.83 19.44 -24.64
N VAL Q 180 35.56 19.74 -24.34
CA VAL Q 180 35.21 21.04 -23.81
C VAL Q 180 34.71 21.00 -22.35
N TYR Q 181 34.12 19.89 -21.90
CA TYR Q 181 33.40 19.76 -20.61
C TYR Q 181 32.27 20.77 -20.49
N TYR Q 182 31.53 21.00 -21.57
CA TYR Q 182 30.30 21.76 -21.40
C TYR Q 182 29.27 20.87 -20.77
N MET R 1 38.47 15.40 -76.29
CA MET R 1 37.25 14.67 -76.61
C MET R 1 37.52 13.19 -76.57
N ILE R 2 37.10 12.55 -75.48
CA ILE R 2 37.28 11.11 -75.31
C ILE R 2 36.24 10.41 -76.16
N THR R 3 36.68 9.76 -77.23
CA THR R 3 35.77 9.11 -78.15
C THR R 3 35.26 7.81 -77.56
N CYS R 4 34.30 7.21 -78.28
CA CYS R 4 33.76 5.92 -77.86
C CYS R 4 34.79 4.81 -78.04
N ARG R 5 35.59 4.88 -79.09
CA ARG R 5 36.55 3.82 -79.36
C ARG R 5 37.78 3.91 -78.47
N ASP R 6 37.97 4.99 -77.71
CA ASP R 6 39.03 5.01 -76.72
C ASP R 6 38.66 4.17 -75.50
N ILE R 7 37.37 4.06 -75.20
CA ILE R 7 36.95 3.23 -74.09
C ILE R 7 37.10 1.75 -74.44
N ILE R 8 36.70 1.37 -75.65
CA ILE R 8 36.77 -0.02 -76.08
C ILE R 8 38.22 -0.44 -76.26
N THR R 9 39.10 0.49 -76.65
CA THR R 9 40.52 0.16 -76.70
C THR R 9 41.10 0.06 -75.29
N LEU R 10 40.68 0.95 -74.38
CA LEU R 10 41.14 0.85 -73.01
C LEU R 10 40.48 -0.31 -72.29
N GLY R 11 39.23 -0.63 -72.64
CA GLY R 11 38.55 -1.74 -72.01
C GLY R 11 39.14 -3.09 -72.37
N LEU R 12 39.56 -3.27 -73.61
CA LEU R 12 40.11 -4.55 -74.02
C LEU R 12 41.52 -4.80 -73.50
N GLN R 13 42.37 -3.80 -73.47
CA GLN R 13 43.69 -4.00 -72.88
C GLN R 13 43.67 -3.84 -71.36
N GLN R 14 42.51 -3.54 -70.78
CA GLN R 14 42.33 -3.65 -69.34
C GLN R 14 42.23 -5.11 -68.92
N ALA R 15 41.46 -5.90 -69.66
CA ALA R 15 41.27 -7.31 -69.38
C ALA R 15 42.33 -8.18 -70.02
N ARG R 16 43.44 -7.56 -70.46
CA ARG R 16 44.64 -8.18 -71.04
C ARG R 16 44.33 -9.24 -72.11
N VAL R 17 43.50 -8.84 -73.06
CA VAL R 17 43.26 -9.66 -74.23
C VAL R 17 43.92 -9.11 -75.50
N VAL R 18 44.01 -7.79 -75.65
CA VAL R 18 44.84 -7.19 -76.69
C VAL R 18 46.09 -6.65 -76.00
N PRO R 19 47.24 -6.62 -76.66
CA PRO R 19 48.46 -6.15 -75.99
C PRO R 19 48.48 -4.64 -75.86
N LEU R 20 49.53 -4.17 -75.19
CA LEU R 20 49.71 -2.74 -75.00
C LEU R 20 50.25 -2.10 -76.27
N GLY R 21 49.52 -1.13 -76.80
CA GLY R 21 49.94 -0.37 -77.95
C GLY R 21 49.24 -0.74 -79.24
N ARG R 22 48.62 -1.90 -79.31
CA ARG R 22 47.89 -2.32 -80.49
C ARG R 22 46.40 -2.09 -80.31
N GLU R 23 45.73 -1.85 -81.42
CA GLU R 23 44.33 -1.46 -81.46
C GLU R 23 43.46 -2.67 -81.80
N PRO R 24 42.18 -2.66 -81.41
CA PRO R 24 41.29 -3.77 -81.77
C PRO R 24 41.00 -3.80 -83.26
N LYS R 25 40.58 -4.96 -83.73
CA LYS R 25 40.23 -5.15 -85.13
C LYS R 25 38.81 -4.68 -85.39
N ALA R 26 38.28 -5.06 -86.55
CA ALA R 26 36.97 -4.56 -86.96
C ALA R 26 35.84 -5.32 -86.28
N LYS R 27 35.94 -6.64 -86.20
CA LYS R 27 34.85 -7.42 -85.61
C LYS R 27 34.85 -7.31 -84.09
N GLU R 28 35.99 -6.99 -83.49
CA GLU R 28 36.06 -6.85 -82.04
C GLU R 28 35.53 -5.50 -81.60
N ALA R 29 35.90 -4.43 -82.31
CA ALA R 29 35.48 -3.09 -81.96
C ALA R 29 34.15 -2.69 -82.60
N ASP R 30 33.37 -3.67 -83.05
CA ASP R 30 32.01 -3.39 -83.49
C ASP R 30 31.00 -4.26 -82.74
N ALA R 31 31.44 -5.28 -82.04
CA ALA R 31 30.58 -5.94 -81.06
C ALA R 31 30.59 -5.24 -79.72
N GLY R 32 31.68 -4.56 -79.40
CA GLY R 32 31.74 -3.78 -78.18
C GLY R 32 30.91 -2.52 -78.21
N LEU R 33 30.55 -2.05 -79.40
CA LEU R 33 29.69 -0.88 -79.49
C LEU R 33 28.26 -1.20 -79.09
N THR R 34 27.78 -2.39 -79.46
CA THR R 34 26.40 -2.75 -79.17
C THR R 34 26.19 -3.03 -77.69
N VAL R 35 27.25 -3.40 -76.98
CA VAL R 35 27.12 -3.65 -75.56
C VAL R 35 27.44 -2.40 -74.75
N LEU R 36 28.24 -1.47 -75.27
CA LEU R 36 28.43 -0.18 -74.62
C LEU R 36 27.24 0.72 -74.85
N GLN R 37 26.50 0.52 -75.95
CA GLN R 37 25.22 1.18 -76.10
C GLN R 37 24.22 0.66 -75.09
N SER R 38 24.27 -0.63 -74.79
CA SER R 38 23.27 -1.25 -73.92
C SER R 38 23.41 -0.79 -72.47
N ILE R 39 24.62 -0.54 -72.00
CA ILE R 39 24.74 -0.08 -70.63
C ILE R 39 24.31 1.38 -70.50
N TYR R 40 24.58 2.22 -71.49
CA TYR R 40 24.08 3.60 -71.45
C TYR R 40 22.58 3.68 -71.63
N ASP R 41 21.97 2.71 -72.29
CA ASP R 41 20.55 2.78 -72.53
C ASP R 41 19.78 2.18 -71.37
N SER R 42 20.42 1.34 -70.56
CA SER R 42 19.80 0.76 -69.40
C SER R 42 20.03 1.59 -68.15
N MET R 43 20.57 2.79 -68.30
CA MET R 43 20.70 3.72 -67.19
C MET R 43 19.63 4.79 -67.21
N PHE R 44 19.08 5.11 -68.37
CA PHE R 44 17.97 6.06 -68.43
C PHE R 44 16.62 5.35 -68.30
N ALA R 45 16.56 4.07 -68.64
CA ALA R 45 15.28 3.38 -68.59
C ALA R 45 14.85 3.17 -67.15
N ASP R 46 15.63 2.39 -66.41
CA ASP R 46 15.39 2.20 -64.97
C ASP R 46 16.70 1.82 -64.31
N GLY R 47 17.39 2.82 -63.77
CA GLY R 47 18.70 2.63 -63.22
C GLY R 47 19.11 3.82 -62.39
N PRO R 48 20.41 4.01 -62.17
CA PRO R 48 20.88 5.02 -61.23
C PRO R 48 20.68 6.46 -61.65
N LEU R 49 20.05 6.76 -62.78
CA LEU R 49 19.79 8.13 -63.17
C LEU R 49 18.49 8.67 -62.63
N GLY R 50 17.94 8.08 -61.58
CA GLY R 50 16.86 8.68 -60.84
C GLY R 50 15.51 8.42 -61.46
N PRO R 51 14.46 8.55 -60.66
CA PRO R 51 13.11 8.37 -61.18
C PRO R 51 12.69 9.54 -62.05
N PHE R 52 11.72 9.28 -62.91
CA PHE R 52 11.28 10.25 -63.91
C PHE R 52 9.80 10.55 -63.73
N THR R 53 9.37 11.67 -64.31
CA THR R 53 8.00 12.13 -64.17
C THR R 53 7.32 12.12 -65.54
N GLU R 54 6.12 11.55 -65.60
CA GLU R 54 5.37 11.48 -66.84
C GLU R 54 4.80 12.84 -67.21
N VAL R 55 4.75 13.12 -68.51
CA VAL R 55 4.09 14.33 -69.01
C VAL R 55 3.68 14.07 -70.45
N TYR R 56 2.57 14.68 -70.87
CA TYR R 56 2.07 14.59 -72.23
C TYR R 56 1.55 15.95 -72.64
N ALA R 57 2.36 16.72 -73.36
CA ALA R 57 1.94 18.03 -73.83
C ALA R 57 2.26 18.12 -75.30
N THR R 58 1.28 18.57 -76.08
CA THR R 58 1.47 18.86 -77.49
C THR R 58 1.39 20.38 -77.65
N SER R 59 2.52 21.03 -77.41
CA SER R 59 2.65 22.48 -77.43
C SER R 59 4.14 22.79 -77.51
N ALA R 60 4.50 24.04 -77.21
CA ALA R 60 5.88 24.51 -77.27
C ALA R 60 6.60 24.35 -75.94
N TYR R 61 6.32 23.28 -75.22
CA TYR R 61 6.78 23.05 -73.86
C TYR R 61 8.30 23.01 -73.75
N THR R 62 8.82 23.58 -72.66
CA THR R 62 10.23 23.50 -72.33
C THR R 62 10.40 22.57 -71.14
N ALA R 63 11.45 21.76 -71.17
CA ALA R 63 11.57 20.64 -70.24
C ALA R 63 12.06 21.09 -68.86
N GLN R 64 11.63 20.35 -67.86
CA GLN R 64 12.07 20.53 -66.47
C GLN R 64 13.12 19.47 -66.15
N GLU R 65 13.43 19.38 -64.87
CA GLU R 65 14.34 18.34 -64.39
C GLU R 65 13.62 17.01 -64.28
N ASN R 66 14.30 15.94 -64.71
CA ASN R 66 13.87 14.55 -64.50
C ASN R 66 12.51 14.24 -65.11
N GLU R 67 12.25 14.77 -66.31
CA GLU R 67 10.92 14.69 -66.89
C GLU R 67 10.98 14.00 -68.25
N ARG R 68 10.25 12.90 -68.39
CA ARG R 68 10.28 12.09 -69.59
C ARG R 68 9.18 12.55 -70.56
N ILE R 69 9.58 13.24 -71.62
CA ILE R 69 8.65 13.90 -72.52
C ILE R 69 8.24 12.90 -73.60
N VAL R 70 6.94 12.69 -73.79
CA VAL R 70 6.48 11.67 -74.72
C VAL R 70 5.60 12.32 -75.79
N THR R 71 5.93 13.55 -76.15
CA THR R 71 5.14 14.28 -77.14
C THR R 71 5.31 13.71 -78.54
N ASN R 72 4.35 14.04 -79.41
CA ASN R 72 4.27 13.48 -80.75
C ASN R 72 4.75 14.44 -81.84
N GLY R 73 4.25 15.67 -81.85
CA GLY R 73 4.86 16.70 -82.66
C GLY R 73 4.95 17.99 -81.87
N ALA R 74 6.17 18.45 -81.60
CA ALA R 74 6.38 19.57 -80.70
C ALA R 74 7.81 20.08 -80.85
N ALA R 75 8.11 21.12 -80.10
CA ALA R 75 9.46 21.67 -80.00
C ALA R 75 9.85 21.65 -78.52
N ILE R 76 10.57 20.61 -78.13
CA ILE R 76 11.01 20.42 -76.76
C ILE R 76 12.44 20.94 -76.67
N THR R 77 12.64 22.02 -75.90
CA THR R 77 13.95 22.63 -75.74
C THR R 77 14.48 22.34 -74.35
N ILE R 78 15.67 21.77 -74.29
CA ILE R 78 16.34 21.51 -73.01
C ILE R 78 16.85 22.83 -72.45
N PRO R 79 16.52 23.18 -71.20
CA PRO R 79 16.96 24.48 -70.68
C PRO R 79 18.44 24.50 -70.34
N GLN R 80 19.03 25.68 -70.46
CA GLN R 80 20.42 25.90 -70.11
C GLN R 80 20.56 26.52 -68.72
N THR R 81 19.78 27.55 -68.44
CA THR R 81 19.74 28.21 -67.14
C THR R 81 18.34 28.10 -66.56
N ILE R 82 18.24 28.14 -65.24
CA ILE R 82 16.96 28.07 -64.56
C ILE R 82 16.88 29.22 -63.57
N THR R 83 15.81 30.00 -63.63
CA THR R 83 15.60 31.16 -62.77
C THR R 83 14.51 30.86 -61.74
N GLU R 84 14.93 30.45 -60.54
CA GLU R 84 14.00 30.19 -59.45
C GLU R 84 13.98 31.41 -58.55
N GLY R 85 13.25 32.43 -58.98
CA GLY R 85 13.17 33.69 -58.27
C GLY R 85 14.49 34.45 -58.25
N ASN R 86 15.03 34.69 -59.44
CA ASN R 86 16.34 35.31 -59.70
C ASN R 86 17.49 34.57 -59.03
N GLU R 87 17.31 33.28 -58.75
CA GLU R 87 18.40 32.38 -58.36
C GLU R 87 18.85 31.68 -59.63
N THR R 88 19.46 32.46 -60.52
CA THR R 88 19.77 31.98 -61.87
C THR R 88 20.91 30.97 -61.80
N ARG R 89 20.52 29.72 -61.57
CA ARG R 89 21.44 28.61 -61.40
C ARG R 89 21.50 27.74 -62.64
N LYS R 90 22.55 26.93 -62.72
CA LYS R 90 22.61 25.84 -63.66
C LYS R 90 21.89 24.64 -63.06
N PRO R 91 21.48 23.66 -63.86
CA PRO R 91 20.83 22.46 -63.32
C PRO R 91 21.75 21.65 -62.42
N TYR R 92 21.15 20.74 -61.67
CA TYR R 92 21.91 19.95 -60.71
C TYR R 92 22.81 18.96 -61.43
N ASP R 93 23.82 18.47 -60.70
CA ASP R 93 24.74 17.50 -61.25
C ASP R 93 24.04 16.16 -61.40
N LEU R 94 24.14 15.59 -62.61
CA LEU R 94 23.52 14.30 -62.98
C LEU R 94 22.01 14.31 -62.80
N THR R 95 21.30 15.13 -63.56
CA THR R 95 19.84 15.03 -63.66
C THR R 95 19.46 14.95 -65.12
N ALA R 96 18.65 13.96 -65.48
CA ALA R 96 18.46 13.59 -66.87
C ALA R 96 17.15 14.14 -67.42
N ILE R 97 17.07 14.17 -68.75
CA ILE R 97 15.86 14.56 -69.48
C ILE R 97 15.69 13.62 -70.66
N ILE R 98 14.50 13.05 -70.82
CA ILE R 98 14.17 12.15 -71.92
C ILE R 98 13.13 12.83 -72.78
N VAL R 99 13.31 12.79 -74.10
CA VAL R 99 12.29 13.23 -75.04
C VAL R 99 12.01 12.08 -76.01
N ILE R 100 10.74 11.70 -76.12
CA ILE R 100 10.34 10.54 -76.90
C ILE R 100 9.29 10.96 -77.90
N ASN R 101 9.63 10.92 -79.18
CA ASN R 101 8.69 11.09 -80.27
C ASN R 101 8.10 9.72 -80.61
N GLY R 102 7.56 9.57 -81.81
CA GLY R 102 6.99 8.31 -82.27
C GLY R 102 7.83 7.04 -82.08
N ALA R 103 9.09 7.07 -82.51
CA ALA R 103 9.94 5.90 -82.37
C ALA R 103 11.39 6.22 -82.03
N ALA R 104 11.73 7.47 -81.75
CA ALA R 104 13.12 7.88 -81.52
C ALA R 104 13.26 8.45 -80.12
N GLN R 105 14.04 7.77 -79.29
CA GLN R 105 14.35 8.28 -77.97
C GLN R 105 15.63 9.12 -78.03
N GLU R 106 15.62 10.26 -77.35
CA GLU R 106 16.79 11.10 -77.19
C GLU R 106 16.91 11.41 -75.71
N ASN R 107 17.82 10.75 -75.03
CA ASN R 107 18.13 11.00 -73.64
C ASN R 107 19.10 12.18 -73.55
N HIS R 108 19.24 12.73 -72.33
CA HIS R 108 20.16 13.83 -72.06
C HIS R 108 20.61 13.71 -70.61
N VAL R 109 21.79 14.25 -70.30
CA VAL R 109 22.31 14.24 -68.94
C VAL R 109 23.30 15.39 -68.78
N PHE R 110 23.20 16.10 -67.65
CA PHE R 110 24.01 17.29 -67.39
C PHE R 110 25.10 16.93 -66.37
N SER R 111 26.32 16.74 -66.86
CA SER R 111 27.45 16.37 -66.02
C SER R 111 28.57 17.37 -66.22
N LEU R 112 28.83 18.17 -65.19
CA LEU R 112 29.89 19.20 -65.16
C LEU R 112 29.73 20.24 -66.27
N GLY R 113 28.65 21.00 -66.20
CA GLY R 113 28.53 22.17 -67.03
C GLY R 113 28.24 21.94 -68.50
N ARG R 114 27.66 20.81 -68.85
CA ARG R 114 27.46 20.46 -70.25
C ARG R 114 26.41 19.37 -70.37
N TRP R 115 25.52 19.49 -71.34
CA TRP R 115 24.52 18.46 -71.59
C TRP R 115 25.10 17.40 -72.52
N GLN R 116 25.42 16.23 -71.97
CA GLN R 116 25.85 15.10 -72.78
C GLN R 116 24.67 14.52 -73.54
N THR R 117 24.94 13.72 -74.57
CA THR R 117 23.86 13.36 -75.47
C THR R 117 23.39 11.90 -75.39
N ALA R 118 24.31 10.93 -75.39
CA ALA R 118 24.06 9.55 -74.93
C ALA R 118 23.00 8.77 -75.73
N HIS R 119 22.76 9.17 -76.98
CA HIS R 119 21.87 8.37 -77.82
C HIS R 119 22.48 8.24 -79.21
N ASP R 120 22.18 7.10 -79.84
CA ASP R 120 22.71 6.70 -81.15
C ASP R 120 24.23 6.82 -81.16
N LEU R 121 24.84 6.19 -80.17
CA LEU R 121 26.21 6.47 -79.80
C LEU R 121 27.11 5.74 -80.79
N THR R 122 27.66 6.48 -81.75
CA THR R 122 28.47 5.86 -82.79
C THR R 122 29.91 5.70 -82.34
N LEU R 123 30.75 5.27 -83.28
CA LEU R 123 32.14 4.97 -82.97
C LEU R 123 33.01 6.23 -82.96
N ASN R 124 32.49 7.37 -83.40
CA ASN R 124 33.24 8.62 -83.38
C ASN R 124 32.79 9.59 -82.30
N SER R 125 31.54 9.51 -81.88
CA SER R 125 30.99 10.49 -80.96
C SER R 125 31.56 10.28 -79.56
N GLU R 126 31.57 11.36 -78.78
CA GLU R 126 32.16 11.32 -77.46
C GLU R 126 31.25 10.57 -76.50
N ALA R 127 31.87 9.96 -75.51
CA ALA R 127 31.09 9.20 -74.54
C ALA R 127 30.54 10.13 -73.47
N PRO R 128 29.31 9.93 -73.03
CA PRO R 128 28.76 10.77 -71.97
C PRO R 128 29.38 10.44 -70.63
N LEU R 129 29.62 11.49 -69.85
CA LEU R 129 30.09 11.44 -68.45
C LEU R 129 31.34 10.58 -68.27
N ALA R 130 32.23 10.64 -69.25
CA ALA R 130 33.56 10.03 -69.16
C ALA R 130 34.64 11.06 -68.85
N GLU R 131 34.27 12.33 -68.71
CA GLU R 131 35.22 13.33 -68.24
C GLU R 131 35.50 13.17 -66.76
N ARG R 132 34.59 12.55 -66.02
CA ARG R 132 34.78 12.36 -64.58
C ARG R 132 35.91 11.39 -64.29
N ASP R 133 35.95 10.25 -65.01
CA ASP R 133 37.14 9.41 -65.07
C ASP R 133 37.12 8.58 -66.34
N LYS R 134 38.30 8.30 -66.90
CA LYS R 134 38.33 7.54 -68.13
C LYS R 134 38.62 6.06 -67.88
N ALA R 135 39.51 5.75 -66.94
CA ALA R 135 39.86 4.37 -66.65
C ALA R 135 38.93 3.71 -65.67
N GLY R 136 37.88 4.41 -65.22
CA GLY R 136 36.87 3.80 -64.39
C GLY R 136 35.68 3.36 -65.23
N LEU R 137 35.39 4.13 -66.27
CA LEU R 137 34.33 3.79 -67.19
C LEU R 137 34.71 2.65 -68.11
N ALA R 138 36.01 2.41 -68.32
CA ALA R 138 36.45 1.29 -69.13
C ALA R 138 36.59 0.00 -68.32
N ALA R 139 36.44 0.07 -67.00
CA ALA R 139 36.43 -1.12 -66.17
C ALA R 139 35.02 -1.60 -65.86
N LEU R 140 34.03 -0.72 -65.90
CA LEU R 140 32.64 -1.15 -65.82
C LEU R 140 32.18 -1.72 -67.14
N PHE R 141 32.69 -1.18 -68.25
CA PHE R 141 32.44 -1.75 -69.56
C PHE R 141 33.03 -3.14 -69.67
N ALA R 142 34.31 -3.27 -69.38
CA ALA R 142 35.04 -4.51 -69.60
C ALA R 142 34.84 -5.54 -68.50
N MET R 143 33.97 -5.26 -67.53
CA MET R 143 33.73 -6.24 -66.47
C MET R 143 32.94 -7.41 -66.98
N GLU R 144 31.89 -7.15 -67.77
CA GLU R 144 31.08 -8.21 -68.33
C GLU R 144 31.31 -8.41 -69.82
N PHE R 145 31.89 -7.44 -70.51
CA PHE R 145 32.23 -7.62 -71.92
C PHE R 145 33.39 -8.60 -72.10
N ALA R 146 34.26 -8.73 -71.11
CA ALA R 146 35.36 -9.67 -71.20
C ALA R 146 34.92 -11.12 -71.07
N GLU R 147 33.67 -11.39 -70.71
CA GLU R 147 33.25 -12.77 -70.49
C GLU R 147 33.00 -13.50 -71.81
N MET R 148 32.81 -12.79 -72.91
CA MET R 148 32.71 -13.47 -74.21
C MET R 148 34.05 -14.03 -74.63
N PHE R 149 35.13 -13.32 -74.31
CA PHE R 149 36.45 -13.91 -74.40
C PHE R 149 36.69 -14.81 -73.20
N GLY R 150 37.90 -15.34 -73.10
CA GLY R 150 38.20 -16.23 -72.00
C GLY R 150 38.41 -15.52 -70.68
N ALA R 151 38.99 -14.33 -70.71
CA ALA R 151 39.53 -13.71 -69.51
C ALA R 151 38.44 -13.05 -68.68
N GLU R 152 38.86 -12.50 -67.54
CA GLU R 152 38.00 -11.76 -66.63
C GLU R 152 38.85 -10.73 -65.90
N LEU R 153 38.20 -9.74 -65.29
CA LEU R 153 39.00 -8.68 -64.70
C LEU R 153 39.56 -9.07 -63.33
N PRO R 154 40.77 -8.63 -63.02
CA PRO R 154 41.35 -8.87 -61.70
C PRO R 154 40.63 -8.10 -60.62
N PRO R 155 40.73 -8.50 -59.34
CA PRO R 155 39.90 -7.88 -58.31
C PRO R 155 40.36 -6.52 -57.84
N ARG R 156 41.60 -6.12 -58.10
CA ARG R 156 42.02 -4.78 -57.72
C ARG R 156 41.42 -3.72 -58.62
N THR R 157 41.05 -4.08 -59.85
CA THR R 157 40.45 -3.14 -60.79
C THR R 157 38.97 -3.41 -61.04
N THR R 158 38.44 -4.53 -60.56
CA THR R 158 36.99 -4.74 -60.61
C THR R 158 36.30 -3.79 -59.65
N ALA R 159 36.82 -3.69 -58.42
CA ALA R 159 36.24 -2.79 -57.43
C ALA R 159 36.46 -1.33 -57.74
N ARG R 160 37.32 -1.02 -58.71
CA ARG R 160 37.39 0.35 -59.21
C ARG R 160 36.12 0.71 -59.98
N GLY R 161 35.58 -0.23 -60.76
CA GLY R 161 34.40 0.04 -61.54
C GLY R 161 33.13 0.15 -60.71
N PHE R 162 33.06 -0.63 -59.62
CA PHE R 162 31.95 -0.54 -58.69
C PHE R 162 31.99 0.69 -57.82
N ARG R 163 33.07 1.46 -57.87
CA ARG R 163 33.07 2.77 -57.28
C ARG R 163 32.50 3.81 -58.22
N PHE R 164 32.77 3.68 -59.52
CA PHE R 164 32.22 4.61 -60.50
C PHE R 164 30.72 4.48 -60.63
N LYS R 165 30.20 3.24 -60.53
CA LYS R 165 28.76 3.06 -60.58
C LYS R 165 28.10 3.61 -59.32
N GLY R 166 28.79 3.58 -58.20
CA GLY R 166 28.25 4.16 -57.00
C GLY R 166 28.52 5.62 -56.82
N ALA R 167 29.41 6.18 -57.62
CA ALA R 167 29.65 7.61 -57.57
C ALA R 167 28.60 8.39 -58.34
N ILE R 168 27.83 7.72 -59.20
CA ILE R 168 26.73 8.34 -59.92
C ILE R 168 25.39 7.83 -59.46
N SER R 169 25.36 6.84 -58.59
CA SER R 169 24.13 6.34 -57.99
C SER R 169 23.80 7.02 -56.69
N GLN R 170 24.63 7.91 -56.22
CA GLN R 170 24.42 8.60 -54.96
C GLN R 170 24.33 10.11 -55.08
N LYS R 171 25.03 10.68 -56.07
CA LYS R 171 25.11 12.12 -56.33
C LYS R 171 25.54 12.87 -55.08
N LEU R 172 26.62 12.39 -54.47
CA LEU R 172 27.05 12.88 -53.18
C LEU R 172 28.12 13.97 -53.30
N ALA R 173 28.38 14.44 -54.52
CA ALA R 173 29.42 15.43 -54.74
C ALA R 173 28.96 16.81 -54.29
N THR R 174 27.73 17.19 -54.62
CA THR R 174 27.21 18.50 -54.26
C THR R 174 27.01 18.59 -52.75
N LYS R 175 27.53 19.66 -52.16
CA LYS R 175 27.45 19.85 -50.72
C LYS R 175 26.01 20.10 -50.30
N ARG R 176 25.64 19.54 -49.16
CA ARG R 176 24.30 19.66 -48.62
C ARG R 176 24.38 20.14 -47.18
N ASP R 177 23.21 20.41 -46.59
CA ASP R 177 23.16 21.05 -45.28
C ASP R 177 23.52 20.07 -44.18
N ASP R 178 24.02 20.63 -43.07
CA ASP R 178 24.47 20.06 -41.81
C ASP R 178 23.28 19.56 -41.00
N PRO R 179 23.51 18.79 -39.94
CA PRO R 179 22.43 18.56 -38.97
C PRO R 179 22.03 19.84 -38.26
N VAL R 180 20.82 19.85 -37.70
CA VAL R 180 20.12 21.10 -37.44
C VAL R 180 19.96 21.41 -35.95
N TYR R 181 19.90 20.40 -35.07
CA TYR R 181 19.53 20.51 -33.65
C TYR R 181 18.15 21.13 -33.46
N TYR R 182 17.20 20.74 -34.30
CA TYR R 182 15.83 21.12 -33.99
C TYR R 182 15.33 20.24 -32.87
N MET S 1 -7.26 -50.96 -70.09
CA MET S 1 -7.03 -51.87 -68.97
C MET S 1 -5.55 -52.07 -68.75
N ILE S 2 -5.01 -51.38 -67.75
CA ILE S 2 -3.59 -51.48 -67.43
C ILE S 2 -3.37 -52.80 -66.69
N THR S 3 -2.70 -53.75 -67.35
CA THR S 3 -2.50 -55.06 -66.77
C THR S 3 -1.41 -55.01 -65.71
N CYS S 4 -1.25 -56.14 -65.02
CA CYS S 4 -0.20 -56.26 -64.01
C CYS S 4 1.18 -56.27 -64.66
N ARG S 5 1.30 -56.91 -65.82
CA ARG S 5 2.61 -57.02 -66.45
C ARG S 5 3.04 -55.74 -67.15
N ASP S 6 2.16 -54.76 -67.30
CA ASP S 6 2.60 -53.46 -67.79
C ASP S 6 3.35 -52.69 -66.72
N ILE S 7 3.03 -52.92 -65.45
CA ILE S 7 3.75 -52.26 -64.37
C ILE S 7 5.15 -52.85 -64.23
N ILE S 8 5.25 -54.18 -64.29
CA ILE S 8 6.54 -54.84 -64.15
C ILE S 8 7.44 -54.57 -65.35
N THR S 9 6.85 -54.37 -66.53
CA THR S 9 7.65 -53.96 -67.68
C THR S 9 8.06 -52.50 -67.55
N LEU S 10 7.16 -51.64 -67.06
CA LEU S 10 7.53 -50.25 -66.83
C LEU S 10 8.45 -50.11 -65.63
N GLY S 11 8.27 -50.97 -64.62
CA GLY S 11 9.12 -50.90 -63.45
C GLY S 11 10.55 -51.30 -63.73
N LEU S 12 10.76 -52.31 -64.56
CA LEU S 12 12.12 -52.76 -64.85
C LEU S 12 12.89 -51.81 -65.75
N GLN S 13 12.26 -51.23 -66.77
CA GLN S 13 12.96 -50.26 -67.58
C GLN S 13 12.94 -48.87 -66.97
N GLN S 14 12.30 -48.72 -65.81
CA GLN S 14 12.45 -47.50 -65.02
C GLN S 14 13.82 -47.48 -64.33
N ALA S 15 14.22 -48.62 -63.76
CA ALA S 15 15.49 -48.76 -63.08
C ALA S 15 16.62 -49.13 -64.01
N ARG S 16 16.40 -48.97 -65.33
CA ARG S 16 17.34 -49.18 -66.43
C ARG S 16 18.13 -50.49 -66.32
N VAL S 17 17.39 -51.58 -66.12
CA VAL S 17 17.97 -52.91 -66.19
C VAL S 17 17.58 -53.67 -67.45
N VAL S 18 16.37 -53.49 -67.97
CA VAL S 18 16.01 -53.98 -69.30
C VAL S 18 16.01 -52.77 -70.22
N PRO S 19 16.33 -52.93 -71.50
CA PRO S 19 16.38 -51.76 -72.39
C PRO S 19 14.99 -51.30 -72.80
N LEU S 20 14.97 -50.21 -73.54
CA LEU S 20 13.72 -49.64 -74.02
C LEU S 20 13.21 -50.45 -75.20
N GLY S 21 12.00 -50.98 -75.07
CA GLY S 21 11.33 -51.69 -76.15
C GLY S 21 11.33 -53.19 -76.00
N ARG S 22 12.19 -53.74 -75.15
CA ARG S 22 12.22 -55.18 -74.92
C ARG S 22 11.50 -55.51 -73.63
N GLU S 23 10.95 -56.71 -73.60
CA GLU S 23 10.10 -57.20 -72.53
C GLU S 23 10.88 -58.09 -71.58
N PRO S 24 10.46 -58.21 -70.32
CA PRO S 24 11.15 -59.11 -69.39
C PRO S 24 10.94 -60.57 -69.76
N LYS S 25 11.85 -61.41 -69.27
CA LYS S 25 11.78 -62.83 -69.52
C LYS S 25 10.82 -63.51 -68.54
N ALA S 26 10.90 -64.83 -68.48
CA ALA S 26 9.94 -65.57 -67.67
C ALA S 26 10.30 -65.56 -66.19
N LYS S 27 11.57 -65.75 -65.86
CA LYS S 27 11.97 -65.79 -64.46
C LYS S 27 12.00 -64.40 -63.84
N GLU S 28 12.15 -63.36 -64.65
CA GLU S 28 12.16 -61.99 -64.14
C GLU S 28 10.74 -61.50 -63.88
N ALA S 29 9.83 -61.76 -64.80
CA ALA S 29 8.45 -61.31 -64.67
C ALA S 29 7.57 -62.30 -63.93
N ASP S 30 8.16 -63.21 -63.17
CA ASP S 30 7.40 -64.05 -62.26
C ASP S 30 7.90 -63.95 -60.83
N ALA S 31 9.07 -63.37 -60.60
CA ALA S 31 9.47 -62.97 -59.28
C ALA S 31 8.93 -61.60 -58.92
N GLY S 32 8.71 -60.74 -59.91
CA GLY S 32 8.11 -59.46 -59.66
C GLY S 32 6.64 -59.52 -59.31
N LEU S 33 5.97 -60.62 -59.64
CA LEU S 33 4.57 -60.75 -59.28
C LEU S 33 4.41 -60.99 -57.79
N THR S 34 5.31 -61.78 -57.20
CA THR S 34 5.18 -62.11 -55.79
C THR S 34 5.50 -60.92 -54.90
N VAL S 35 6.28 -59.97 -55.39
CA VAL S 35 6.58 -58.79 -54.61
C VAL S 35 5.59 -57.66 -54.90
N LEU S 36 4.97 -57.63 -56.08
CA LEU S 36 3.88 -56.69 -56.32
C LEU S 36 2.61 -57.14 -55.64
N GLN S 37 2.45 -58.44 -55.44
CA GLN S 37 1.37 -58.92 -54.59
C GLN S 37 1.59 -58.50 -53.14
N SER S 38 2.84 -58.49 -52.70
CA SER S 38 3.12 -58.22 -51.28
C SER S 38 2.88 -56.77 -50.92
N ILE S 39 3.10 -55.83 -51.83
CA ILE S 39 2.83 -54.45 -51.48
C ILE S 39 1.34 -54.17 -51.46
N TYR S 40 0.55 -54.77 -52.37
CA TYR S 40 -0.89 -54.62 -52.32
C TYR S 40 -1.52 -55.32 -51.13
N ASP S 41 -0.88 -56.35 -50.61
CA ASP S 41 -1.47 -57.09 -49.50
C ASP S 41 -1.08 -56.47 -48.18
N SER S 42 0.00 -55.69 -48.15
CA SER S 42 0.41 -55.00 -46.95
C SER S 42 -0.17 -53.60 -46.85
N MET S 43 -1.11 -53.27 -47.72
CA MET S 43 -1.84 -52.03 -47.63
C MET S 43 -3.21 -52.20 -47.02
N PHE S 44 -3.80 -53.37 -47.13
CA PHE S 44 -5.08 -53.64 -46.47
C PHE S 44 -4.88 -54.18 -45.07
N ALA S 45 -3.75 -54.79 -44.79
CA ALA S 45 -3.55 -55.39 -43.48
C ALA S 45 -3.38 -54.29 -42.43
N ASP S 46 -2.32 -53.50 -42.57
CA ASP S 46 -2.09 -52.35 -41.69
C ASP S 46 -1.23 -51.34 -42.42
N GLY S 47 -1.87 -50.38 -43.08
CA GLY S 47 -1.19 -49.43 -43.91
C GLY S 47 -2.09 -48.27 -44.24
N PRO S 48 -1.78 -47.55 -45.33
CA PRO S 48 -2.47 -46.29 -45.61
C PRO S 48 -3.93 -46.42 -46.03
N LEU S 49 -4.53 -47.62 -46.05
CA LEU S 49 -5.93 -47.75 -46.40
C LEU S 49 -6.86 -47.64 -45.19
N GLY S 50 -6.40 -47.02 -44.11
CA GLY S 50 -7.28 -46.64 -43.03
C GLY S 50 -7.56 -47.75 -42.06
N PRO S 51 -7.98 -47.40 -40.86
CA PRO S 51 -8.33 -48.41 -39.87
C PRO S 51 -9.65 -49.08 -40.20
N PHE S 52 -9.82 -50.28 -39.67
CA PHE S 52 -10.95 -51.13 -40.00
C PHE S 52 -11.75 -51.46 -38.75
N THR S 53 -12.99 -51.89 -38.94
CA THR S 53 -13.90 -52.18 -37.83
C THR S 53 -14.24 -53.66 -37.84
N GLU S 54 -14.12 -54.29 -36.67
CA GLU S 54 -14.43 -55.71 -36.53
C GLU S 54 -15.93 -55.95 -36.58
N VAL S 55 -16.32 -57.07 -37.18
CA VAL S 55 -17.72 -57.50 -37.17
C VAL S 55 -17.75 -59.02 -37.36
N TYR S 56 -18.74 -59.66 -36.76
CA TYR S 56 -18.95 -61.10 -36.90
C TYR S 56 -20.43 -61.36 -37.00
N ALA S 57 -20.93 -61.53 -38.22
CA ALA S 57 -22.33 -61.82 -38.43
C ALA S 57 -22.44 -63.01 -39.36
N THR S 58 -23.26 -63.97 -38.99
CA THR S 58 -23.58 -65.12 -39.83
C THR S 58 -25.03 -64.95 -40.26
N SER S 59 -25.23 -64.17 -41.31
CA SER S 59 -26.53 -63.81 -41.85
C SER S 59 -26.31 -63.26 -43.25
N ALA S 60 -27.32 -62.58 -43.79
CA ALA S 60 -27.28 -62.01 -45.14
C ALA S 60 -26.77 -60.57 -45.14
N TYR S 61 -25.81 -60.27 -44.28
CA TYR S 61 -25.32 -58.92 -44.03
C TYR S 61 -24.74 -58.27 -45.27
N THR S 62 -24.99 -56.98 -45.42
CA THR S 62 -24.39 -56.15 -46.47
C THR S 62 -23.36 -55.23 -45.84
N ALA S 63 -22.24 -55.04 -46.52
CA ALA S 63 -21.08 -54.42 -45.92
C ALA S 63 -21.21 -52.90 -45.87
N GLN S 64 -20.59 -52.30 -44.87
CA GLN S 64 -20.48 -50.86 -44.71
C GLN S 64 -19.11 -50.41 -45.17
N GLU S 65 -18.79 -49.15 -44.85
CA GLU S 65 -17.48 -48.62 -45.13
C GLU S 65 -16.48 -49.09 -44.09
N ASN S 66 -15.27 -49.46 -44.55
CA ASN S 66 -14.11 -49.74 -43.71
C ASN S 66 -14.36 -50.87 -42.71
N GLU S 67 -15.03 -51.92 -43.14
CA GLU S 67 -15.47 -52.96 -42.23
C GLU S 67 -14.94 -54.30 -42.67
N ARG S 68 -14.17 -54.96 -41.79
CA ARG S 68 -13.50 -56.22 -42.10
C ARG S 68 -14.40 -57.39 -41.69
N ILE S 69 -15.00 -58.04 -42.68
CA ILE S 69 -16.02 -59.06 -42.45
C ILE S 69 -15.32 -60.40 -42.28
N VAL S 70 -15.60 -61.11 -41.18
CA VAL S 70 -14.89 -62.35 -40.89
C VAL S 70 -15.90 -63.50 -40.78
N THR S 71 -16.96 -63.42 -41.58
CA THR S 71 -18.00 -64.44 -41.53
C THR S 71 -17.52 -65.77 -42.10
N ASN S 72 -18.24 -66.83 -41.75
CA ASN S 72 -17.86 -68.20 -42.09
C ASN S 72 -18.67 -68.79 -43.24
N GLY S 73 -20.00 -68.71 -43.17
CA GLY S 73 -20.82 -68.98 -44.33
C GLY S 73 -21.91 -67.95 -44.44
N ALA S 74 -21.90 -67.15 -45.49
CA ALA S 74 -22.80 -66.01 -45.62
C ALA S 74 -22.78 -65.50 -47.05
N ALA S 75 -23.58 -64.47 -47.29
CA ALA S 75 -23.61 -63.75 -48.55
C ALA S 75 -23.32 -62.29 -48.26
N ILE S 76 -22.07 -61.90 -48.41
CA ILE S 76 -21.63 -60.53 -48.16
C ILE S 76 -21.60 -59.80 -49.49
N THR S 77 -22.47 -58.81 -49.63
CA THR S 77 -22.57 -58.03 -50.86
C THR S 77 -21.99 -56.65 -50.65
N ILE S 78 -21.04 -56.28 -51.49
CA ILE S 78 -20.46 -54.93 -51.43
C ILE S 78 -21.46 -53.94 -52.01
N PRO S 79 -21.79 -52.86 -51.31
CA PRO S 79 -22.81 -51.94 -51.81
C PRO S 79 -22.28 -51.08 -52.95
N GLN S 80 -23.17 -50.71 -53.85
CA GLN S 80 -22.87 -49.81 -54.95
C GLN S 80 -23.27 -48.37 -54.65
N THR S 81 -24.49 -48.18 -54.15
CA THR S 81 -25.00 -46.88 -53.76
C THR S 81 -25.35 -46.91 -52.28
N ILE S 82 -25.31 -45.75 -51.65
CA ILE S 82 -25.64 -45.63 -50.23
C ILE S 82 -26.65 -44.51 -50.07
N THR S 83 -27.76 -44.80 -49.39
CA THR S 83 -28.84 -43.83 -49.19
C THR S 83 -28.86 -43.38 -47.73
N GLU S 84 -28.23 -42.24 -47.46
CA GLU S 84 -28.21 -41.67 -46.11
C GLU S 84 -29.29 -40.59 -46.06
N GLY S 85 -30.53 -41.03 -45.92
CA GLY S 85 -31.68 -40.12 -45.90
C GLY S 85 -31.92 -39.45 -47.23
N ASN S 86 -32.06 -40.28 -48.28
CA ASN S 86 -32.19 -39.87 -49.69
C ASN S 86 -31.03 -39.00 -50.18
N GLU S 87 -29.88 -39.10 -49.53
CA GLU S 87 -28.63 -38.55 -50.05
C GLU S 87 -27.92 -39.67 -50.78
N THR S 88 -28.50 -40.08 -51.91
CA THR S 88 -28.06 -41.29 -52.61
C THR S 88 -26.72 -41.02 -53.27
N ARG S 89 -25.67 -41.25 -52.49
CA ARG S 89 -24.29 -40.99 -52.89
C ARG S 89 -23.57 -42.28 -53.22
N LYS S 90 -22.45 -42.13 -53.93
CA LYS S 90 -21.48 -43.21 -54.07
C LYS S 90 -20.58 -43.19 -52.84
N PRO S 91 -19.87 -44.30 -52.56
CA PRO S 91 -18.94 -44.31 -51.43
C PRO S 91 -17.78 -43.33 -51.60
N TYR S 92 -17.08 -43.08 -50.51
CA TYR S 92 -15.99 -42.12 -50.52
C TYR S 92 -14.82 -42.65 -51.32
N ASP S 93 -13.95 -41.73 -51.73
CA ASP S 93 -12.77 -42.09 -52.48
C ASP S 93 -11.77 -42.79 -51.57
N LEU S 94 -11.31 -43.97 -52.00
CA LEU S 94 -10.36 -44.81 -51.27
C LEU S 94 -10.88 -45.21 -49.89
N THR S 95 -11.96 -45.99 -49.84
CA THR S 95 -12.38 -46.63 -48.61
C THR S 95 -12.57 -48.12 -48.89
N ALA S 96 -11.96 -48.96 -48.06
CA ALA S 96 -11.80 -50.36 -48.37
C ALA S 96 -12.82 -51.23 -47.65
N ILE S 97 -12.99 -52.46 -48.15
CA ILE S 97 -13.84 -53.47 -47.54
C ILE S 97 -13.12 -54.81 -47.63
N ILE S 98 -13.03 -55.52 -46.51
CA ILE S 98 -12.40 -56.83 -46.44
C ILE S 98 -13.47 -57.86 -46.12
N VAL S 99 -13.47 -58.98 -46.83
CA VAL S 99 -14.33 -60.12 -46.46
C VAL S 99 -13.43 -61.35 -46.31
N ILE S 100 -13.53 -62.00 -45.16
CA ILE S 100 -12.65 -63.11 -44.82
C ILE S 100 -13.50 -64.32 -44.46
N ASN S 101 -13.45 -65.35 -45.29
CA ASN S 101 -14.04 -66.65 -45.00
C ASN S 101 -13.00 -67.48 -44.25
N GLY S 102 -13.14 -68.79 -44.25
CA GLY S 102 -12.20 -69.70 -43.60
C GLY S 102 -10.72 -69.49 -43.88
N ALA S 103 -10.33 -69.40 -45.15
CA ALA S 103 -8.94 -69.23 -45.49
C ALA S 103 -8.70 -68.29 -46.67
N ALA S 104 -9.72 -67.64 -47.21
CA ALA S 104 -9.59 -66.84 -48.42
C ALA S 104 -9.95 -65.39 -48.11
N GLN S 105 -8.98 -64.50 -48.22
CA GLN S 105 -9.24 -63.08 -48.09
C GLN S 105 -9.58 -62.47 -49.44
N GLU S 106 -10.57 -61.60 -49.46
CA GLU S 106 -10.94 -60.84 -50.65
C GLU S 106 -11.06 -59.39 -50.20
N ASN S 107 -10.06 -58.59 -50.50
CA ASN S 107 -10.08 -57.17 -50.25
C ASN S 107 -10.83 -56.46 -51.37
N HIS S 108 -11.18 -55.19 -51.14
CA HIS S 108 -11.86 -54.35 -52.12
C HIS S 108 -11.48 -52.90 -51.86
N VAL S 109 -11.54 -52.07 -52.89
CA VAL S 109 -11.23 -50.65 -52.76
C VAL S 109 -11.95 -49.88 -53.87
N PHE S 110 -12.54 -48.74 -53.50
CA PHE S 110 -13.34 -47.94 -54.42
C PHE S 110 -12.54 -46.71 -54.81
N SER S 111 -11.98 -46.73 -56.02
CA SER S 111 -11.16 -45.62 -56.53
C SER S 111 -11.72 -45.17 -57.86
N LEU S 112 -12.29 -43.96 -57.88
CA LEU S 112 -12.87 -43.30 -59.06
C LEU S 112 -13.99 -44.13 -59.69
N GLY S 113 -15.08 -44.30 -58.95
CA GLY S 113 -16.29 -44.85 -59.53
C GLY S 113 -16.29 -46.32 -59.85
N ARG S 114 -15.46 -47.11 -59.17
CA ARG S 114 -15.33 -48.52 -59.52
C ARG S 114 -14.69 -49.25 -58.35
N TRP S 115 -15.20 -50.44 -58.03
CA TRP S 115 -14.60 -51.27 -56.98
C TRP S 115 -13.49 -52.13 -57.58
N GLN S 116 -12.24 -51.77 -57.29
CA GLN S 116 -11.11 -52.58 -57.68
C GLN S 116 -11.06 -53.85 -56.82
N THR S 117 -10.29 -54.85 -57.27
CA THR S 117 -10.42 -56.15 -56.61
C THR S 117 -9.21 -56.57 -55.77
N ALA S 118 -7.98 -56.44 -56.27
CA ALA S 118 -6.75 -56.44 -55.46
C ALA S 118 -6.47 -57.72 -54.69
N HIS S 119 -7.02 -58.85 -55.13
CA HIS S 119 -6.67 -60.12 -54.50
C HIS S 119 -6.44 -61.17 -55.57
N ASP S 120 -5.53 -62.10 -55.25
CA ASP S 120 -5.09 -63.17 -56.16
C ASP S 120 -4.66 -62.59 -57.50
N LEU S 121 -3.78 -61.60 -57.42
CA LEU S 121 -3.53 -60.69 -58.52
C LEU S 121 -2.62 -61.41 -59.52
N THR S 122 -3.18 -61.92 -60.60
CA THR S 122 -2.42 -62.69 -61.56
C THR S 122 -1.73 -61.78 -62.56
N LEU S 123 -1.11 -62.40 -63.56
CA LEU S 123 -0.31 -61.67 -64.54
C LEU S 123 -1.18 -61.05 -65.63
N ASN S 124 -2.46 -61.39 -65.70
CA ASN S 124 -3.36 -60.82 -66.70
C ASN S 124 -4.33 -59.81 -66.12
N SER S 125 -4.67 -59.91 -64.85
CA SER S 125 -5.70 -59.07 -64.27
C SER S 125 -5.19 -57.64 -64.10
N GLU S 126 -6.12 -56.70 -64.08
CA GLU S 126 -5.77 -55.29 -64.00
C GLU S 126 -5.31 -54.93 -62.60
N ALA S 127 -4.44 -53.95 -62.54
CA ALA S 127 -3.92 -53.54 -61.25
C ALA S 127 -4.89 -52.56 -60.58
N PRO S 128 -5.10 -52.68 -59.28
CA PRO S 128 -5.98 -51.74 -58.60
C PRO S 128 -5.35 -50.38 -58.47
N LEU S 129 -6.18 -49.34 -58.64
CA LEU S 129 -5.84 -47.93 -58.42
C LEU S 129 -4.58 -47.48 -59.17
N ALA S 130 -4.41 -48.03 -60.37
CA ALA S 130 -3.38 -47.58 -61.30
C ALA S 130 -3.93 -46.67 -62.38
N GLU S 131 -5.23 -46.39 -62.38
CA GLU S 131 -5.79 -45.40 -63.28
C GLU S 131 -5.41 -43.99 -62.84
N ARG S 132 -5.09 -43.81 -61.56
CA ARG S 132 -4.73 -42.48 -61.06
C ARG S 132 -3.39 -42.01 -61.63
N ASP S 133 -2.39 -42.89 -61.65
CA ASP S 133 -1.19 -42.70 -62.46
C ASP S 133 -0.52 -44.04 -62.74
N LYS S 134 0.09 -44.16 -63.91
CA LYS S 134 0.73 -45.43 -64.25
C LYS S 134 2.22 -45.41 -63.97
N ALA S 135 2.90 -44.31 -64.25
CA ALA S 135 4.33 -44.22 -64.04
C ALA S 135 4.70 -43.84 -62.61
N GLY S 136 3.72 -43.67 -61.73
CA GLY S 136 4.01 -43.43 -60.33
C GLY S 136 3.93 -44.73 -59.54
N LEU S 137 3.03 -45.60 -59.96
CA LEU S 137 2.88 -46.91 -59.34
C LEU S 137 4.01 -47.85 -59.75
N ALA S 138 4.67 -47.61 -60.87
CA ALA S 138 5.80 -48.42 -61.27
C ALA S 138 7.12 -47.93 -60.69
N ALA S 139 7.11 -46.77 -60.01
CA ALA S 139 8.29 -46.30 -59.30
C ALA S 139 8.27 -46.66 -57.84
N LEU S 140 7.09 -46.86 -57.25
CA LEU S 140 7.02 -47.39 -55.90
C LEU S 140 7.27 -48.89 -55.91
N PHE S 141 6.85 -49.57 -56.97
CA PHE S 141 7.19 -50.98 -57.15
C PHE S 141 8.69 -51.17 -57.31
N ALA S 142 9.29 -50.46 -58.26
CA ALA S 142 10.67 -50.66 -58.61
C ALA S 142 11.65 -49.97 -57.68
N MET S 143 11.17 -49.36 -56.59
CA MET S 143 12.08 -48.70 -55.66
C MET S 143 12.86 -49.74 -54.87
N GLU S 144 12.18 -50.77 -54.38
CA GLU S 144 12.83 -51.82 -53.63
C GLU S 144 12.97 -53.12 -54.39
N PHE S 145 12.22 -53.31 -55.48
CA PHE S 145 12.39 -54.49 -56.31
C PHE S 145 13.69 -54.44 -57.10
N ALA S 146 14.20 -53.24 -57.39
CA ALA S 146 15.46 -53.13 -58.11
C ALA S 146 16.67 -53.50 -57.26
N GLU S 147 16.51 -53.70 -55.95
CA GLU S 147 17.66 -53.97 -55.11
C GLU S 147 18.16 -55.41 -55.24
N MET S 148 17.33 -56.32 -55.75
CA MET S 148 17.82 -57.66 -56.02
C MET S 148 18.77 -57.67 -57.20
N PHE S 149 18.52 -56.82 -58.20
CA PHE S 149 19.52 -56.54 -59.20
C PHE S 149 20.55 -55.57 -58.64
N GLY S 150 21.49 -55.14 -59.49
CA GLY S 150 22.51 -54.25 -59.02
C GLY S 150 22.03 -52.82 -58.83
N ALA S 151 21.12 -52.36 -59.68
CA ALA S 151 20.83 -50.95 -59.81
C ALA S 151 19.90 -50.45 -58.70
N GLU S 152 19.63 -49.15 -58.74
CA GLU S 152 18.72 -48.49 -57.83
C GLU S 152 18.13 -47.29 -58.54
N LEU S 153 17.02 -46.76 -58.00
CA LEU S 153 16.37 -45.69 -58.74
C LEU S 153 17.04 -44.34 -58.51
N PRO S 154 17.07 -43.51 -59.55
CA PRO S 154 17.62 -42.15 -59.43
C PRO S 154 16.74 -41.27 -58.56
N PRO S 155 17.27 -40.18 -58.00
CA PRO S 155 16.48 -39.43 -57.01
C PRO S 155 15.40 -38.53 -57.59
N ARG S 156 15.45 -38.21 -58.88
CA ARG S 156 14.39 -37.42 -59.46
C ARG S 156 13.10 -38.22 -59.63
N THR S 157 13.21 -39.54 -59.74
CA THR S 157 12.04 -40.40 -59.89
C THR S 157 11.75 -41.24 -58.65
N THR S 158 12.65 -41.26 -57.67
CA THR S 158 12.33 -41.88 -56.40
C THR S 158 11.28 -41.06 -55.65
N ALA S 159 11.47 -39.74 -55.61
CA ALA S 159 10.52 -38.87 -54.94
C ALA S 159 9.21 -38.74 -55.69
N ARG S 160 9.13 -39.22 -56.92
CA ARG S 160 7.84 -39.35 -57.57
C ARG S 160 6.99 -40.43 -56.93
N GLY S 161 7.62 -41.54 -56.53
CA GLY S 161 6.88 -42.63 -55.92
C GLY S 161 6.41 -42.33 -54.52
N PHE S 162 7.20 -41.55 -53.76
CA PHE S 162 6.80 -41.11 -52.43
C PHE S 162 5.74 -40.02 -52.46
N ARG S 163 5.41 -39.50 -53.62
CA ARG S 163 4.23 -38.67 -53.74
C ARG S 163 2.98 -39.51 -53.94
N PHE S 164 3.09 -40.61 -54.69
CA PHE S 164 1.95 -41.48 -54.91
C PHE S 164 1.54 -42.20 -53.64
N LYS S 165 2.50 -42.58 -52.81
CA LYS S 165 2.16 -43.19 -51.53
C LYS S 165 1.53 -42.19 -50.59
N GLY S 166 1.90 -40.92 -50.70
CA GLY S 166 1.27 -39.92 -49.89
C GLY S 166 0.01 -39.34 -50.46
N ALA S 167 -0.27 -39.59 -51.72
CA ALA S 167 -1.51 -39.15 -52.31
C ALA S 167 -2.67 -40.06 -51.96
N ILE S 168 -2.38 -41.27 -51.48
CA ILE S 168 -3.41 -42.19 -51.02
C ILE S 168 -3.37 -42.40 -49.52
N SER S 169 -2.38 -41.83 -48.84
CA SER S 169 -2.29 -41.87 -47.40
C SER S 169 -2.94 -40.68 -46.74
N GLN S 170 -3.44 -39.73 -47.52
CA GLN S 170 -4.05 -38.53 -46.98
C GLN S 170 -5.50 -38.34 -47.40
N LYS S 171 -5.87 -38.84 -48.58
CA LYS S 171 -7.21 -38.72 -49.17
C LYS S 171 -7.64 -37.27 -49.23
N LEU S 172 -6.76 -36.43 -49.76
CA LEU S 172 -6.97 -34.99 -49.71
C LEU S 172 -7.61 -34.46 -50.99
N ALA S 173 -8.06 -35.36 -51.87
CA ALA S 173 -8.65 -34.94 -53.13
C ALA S 173 -10.05 -34.40 -52.94
N THR S 174 -10.86 -35.07 -52.13
CA THR S 174 -12.23 -34.65 -51.91
C THR S 174 -12.27 -33.34 -51.12
N LYS S 175 -13.03 -32.38 -51.62
CA LYS S 175 -13.11 -31.07 -50.99
C LYS S 175 -13.82 -31.18 -49.65
N ARG S 176 -13.34 -30.42 -48.68
CA ARG S 176 -13.88 -30.41 -47.34
C ARG S 176 -14.17 -28.97 -46.92
N ASP S 177 -14.78 -28.82 -45.75
CA ASP S 177 -15.28 -27.52 -45.34
C ASP S 177 -14.15 -26.60 -44.88
N ASP S 178 -14.40 -25.30 -45.00
CA ASP S 178 -13.61 -24.12 -44.69
C ASP S 178 -13.50 -23.94 -43.18
N PRO S 179 -12.61 -23.07 -42.70
CA PRO S 179 -12.69 -22.66 -41.29
C PRO S 179 -13.97 -21.89 -41.02
N VAL S 180 -14.35 -21.83 -39.75
CA VAL S 180 -15.74 -21.58 -39.39
C VAL S 180 -15.95 -20.23 -38.69
N TYR S 181 -14.96 -19.69 -38.00
CA TYR S 181 -15.07 -18.51 -37.10
C TYR S 181 -16.12 -18.73 -36.01
N TYR S 182 -16.16 -19.93 -35.44
CA TYR S 182 -16.98 -20.06 -34.23
C TYR S 182 -16.23 -19.45 -33.08
N MET T 1 15.54 -0.79 -85.41
CA MET T 1 14.64 -1.90 -85.18
C MET T 1 15.41 -3.14 -84.84
N ILE T 2 15.47 -3.46 -83.54
CA ILE T 2 16.20 -4.63 -83.08
C ILE T 2 15.35 -5.86 -83.38
N THR T 3 15.79 -6.67 -84.34
CA THR T 3 15.02 -7.83 -84.77
C THR T 3 15.14 -8.95 -83.74
N CYS T 4 14.36 -10.00 -83.97
CA CYS T 4 14.41 -11.18 -83.10
C CYS T 4 15.73 -11.93 -83.27
N ARG T 5 16.23 -11.99 -84.50
CA ARG T 5 17.44 -12.75 -84.75
C ARG T 5 18.71 -12.02 -84.30
N ASP T 6 18.61 -10.74 -83.93
CA ASP T 6 19.76 -10.08 -83.32
C ASP T 6 19.95 -10.52 -81.88
N ILE T 7 18.87 -10.89 -81.20
CA ILE T 7 18.99 -11.39 -79.83
C ILE T 7 19.60 -12.78 -79.82
N ILE T 8 19.14 -13.64 -80.73
CA ILE T 8 19.64 -15.01 -80.79
C ILE T 8 21.09 -15.04 -81.27
N THR T 9 21.48 -14.09 -82.11
CA THR T 9 22.89 -13.98 -82.48
C THR T 9 23.72 -13.42 -81.32
N LEU T 10 23.17 -12.44 -80.60
CA LEU T 10 23.88 -11.93 -79.42
C LEU T 10 23.83 -12.92 -78.28
N GLY T 11 22.74 -13.69 -78.17
CA GLY T 11 22.65 -14.67 -77.11
C GLY T 11 23.61 -15.82 -77.26
N LEU T 12 23.82 -16.28 -78.49
CA LEU T 12 24.72 -17.42 -78.70
C LEU T 12 26.19 -17.05 -78.55
N GLN T 13 26.62 -15.89 -79.01
CA GLN T 13 28.00 -15.49 -78.79
C GLN T 13 28.20 -14.85 -77.43
N GLN T 14 27.13 -14.72 -76.64
CA GLN T 14 27.28 -14.37 -75.23
C GLN T 14 27.79 -15.56 -74.44
N ALA T 15 27.24 -16.74 -74.70
CA ALA T 15 27.63 -17.98 -74.04
C ALA T 15 28.80 -18.66 -74.71
N ARG T 16 29.51 -17.93 -75.58
CA ARG T 16 30.73 -18.34 -76.31
C ARG T 16 30.63 -19.74 -76.93
N VAL T 17 29.56 -19.95 -77.68
CA VAL T 17 29.42 -21.15 -78.48
C VAL T 17 29.59 -20.88 -79.99
N VAL T 18 29.17 -19.73 -80.49
CA VAL T 18 29.52 -19.30 -81.83
C VAL T 18 30.58 -18.22 -81.70
N PRO T 19 31.51 -18.08 -82.64
CA PRO T 19 32.57 -17.09 -82.48
C PRO T 19 32.07 -15.68 -82.76
N LEU T 20 32.97 -14.72 -82.56
CA LEU T 20 32.65 -13.33 -82.81
C LEU T 20 32.68 -13.04 -84.30
N GLY T 21 31.56 -12.56 -84.82
CA GLY T 21 31.46 -12.14 -86.19
C GLY T 21 30.72 -13.11 -87.09
N ARG T 22 30.56 -14.35 -86.68
CA ARG T 22 29.84 -15.33 -87.46
C ARG T 22 28.42 -15.50 -86.93
N GLU T 23 27.52 -15.85 -87.82
CA GLU T 23 26.10 -15.94 -87.57
C GLU T 23 25.68 -17.38 -87.32
N PRO T 24 24.59 -17.62 -86.59
CA PRO T 24 24.11 -18.98 -86.39
C PRO T 24 23.57 -19.59 -87.67
N LYS T 25 23.54 -20.92 -87.68
CA LYS T 25 23.04 -21.66 -88.83
C LYS T 25 21.52 -21.74 -88.79
N ALA T 26 20.96 -22.63 -89.61
CA ALA T 26 19.51 -22.70 -89.74
C ALA T 26 18.88 -23.47 -88.60
N LYS T 27 19.45 -24.61 -88.22
CA LYS T 27 18.87 -25.42 -87.16
C LYS T 27 19.09 -24.82 -85.78
N GLU T 28 20.14 -23.99 -85.63
CA GLU T 28 20.40 -23.35 -84.36
C GLU T 28 19.51 -22.14 -84.14
N ALA T 29 19.33 -21.32 -85.17
CA ALA T 29 18.51 -20.12 -85.07
C ALA T 29 17.05 -20.37 -85.39
N ASP T 30 16.60 -21.62 -85.33
CA ASP T 30 15.18 -21.93 -85.41
C ASP T 30 14.70 -22.74 -84.22
N ALA T 31 15.61 -23.29 -83.42
CA ALA T 31 15.25 -23.80 -82.12
C ALA T 31 15.24 -22.71 -81.06
N GLY T 32 16.05 -21.67 -81.24
CA GLY T 32 16.04 -20.55 -80.35
C GLY T 32 14.82 -19.68 -80.45
N LEU T 33 14.10 -19.77 -81.56
CA LEU T 33 12.88 -18.99 -81.70
C LEU T 33 11.76 -19.56 -80.84
N THR T 34 11.69 -20.90 -80.74
CA THR T 34 10.60 -21.51 -79.99
C THR T 34 10.78 -21.32 -78.49
N VAL T 35 12.02 -21.11 -78.05
CA VAL T 35 12.26 -20.89 -76.63
C VAL T 35 12.23 -19.40 -76.29
N LEU T 36 12.53 -18.52 -77.25
CA LEU T 36 12.35 -17.09 -77.02
C LEU T 36 10.89 -16.71 -77.12
N GLN T 37 10.11 -17.47 -77.88
CA GLN T 37 8.66 -17.30 -77.82
C GLN T 37 8.12 -17.72 -76.47
N SER T 38 8.69 -18.76 -75.87
CA SER T 38 8.15 -19.30 -74.62
C SER T 38 8.38 -18.37 -73.45
N ILE T 39 9.48 -17.63 -73.43
CA ILE T 39 9.68 -16.72 -72.31
C ILE T 39 8.76 -15.50 -72.44
N TYR T 40 8.53 -14.99 -73.64
CA TYR T 40 7.58 -13.90 -73.82
C TYR T 40 6.15 -14.32 -73.58
N ASP T 41 5.83 -15.59 -73.76
CA ASP T 41 4.46 -16.02 -73.59
C ASP T 41 4.18 -16.39 -72.15
N SER T 42 5.22 -16.68 -71.38
CA SER T 42 5.07 -16.99 -69.97
C SER T 42 5.21 -15.77 -69.10
N MET T 43 5.24 -14.58 -69.70
CA MET T 43 5.22 -13.33 -68.95
C MET T 43 3.84 -12.69 -68.93
N PHE T 44 3.01 -12.96 -69.93
CA PHE T 44 1.65 -12.45 -69.91
C PHE T 44 0.71 -13.43 -69.23
N ALA T 45 1.04 -14.71 -69.19
CA ALA T 45 0.14 -15.69 -68.61
C ALA T 45 0.08 -15.52 -67.10
N ASP T 46 1.22 -15.72 -66.43
CA ASP T 46 1.33 -15.49 -65.00
C ASP T 46 2.79 -15.21 -64.65
N GLY T 47 3.14 -13.95 -64.62
CA GLY T 47 4.52 -13.54 -64.43
C GLY T 47 4.60 -12.08 -64.08
N PRO T 48 5.76 -11.46 -64.32
CA PRO T 48 6.00 -10.11 -63.82
C PRO T 48 5.22 -9.01 -64.53
N LEU T 49 4.31 -9.31 -65.46
CA LEU T 49 3.51 -8.28 -66.10
C LEU T 49 2.22 -8.00 -65.37
N GLY T 50 2.14 -8.33 -64.09
CA GLY T 50 1.06 -7.87 -63.26
C GLY T 50 -0.19 -8.70 -63.38
N PRO T 51 -1.05 -8.61 -62.37
CA PRO T 51 -2.31 -9.35 -62.41
C PRO T 51 -3.29 -8.70 -63.39
N PHE T 52 -4.24 -9.51 -63.85
CA PHE T 52 -5.16 -9.12 -64.90
C PHE T 52 -6.59 -9.21 -64.39
N THR T 53 -7.50 -8.52 -65.09
CA THR T 53 -8.90 -8.46 -64.68
C THR T 53 -9.76 -9.13 -65.75
N GLU T 54 -10.65 -10.02 -65.32
CA GLU T 54 -11.54 -10.72 -66.23
C GLU T 54 -12.63 -9.79 -66.75
N VAL T 55 -13.01 -9.98 -68.01
CA VAL T 55 -14.15 -9.27 -68.59
C VAL T 55 -14.69 -10.11 -69.75
N TYR T 56 -16.00 -10.02 -69.96
CA TYR T 56 -16.66 -10.71 -71.07
C TYR T 56 -17.71 -9.78 -71.64
N ALA T 57 -17.39 -9.10 -72.73
CA ALA T 57 -18.34 -8.21 -73.37
C ALA T 57 -18.35 -8.51 -74.85
N THR T 58 -19.54 -8.67 -75.41
CA THR T 58 -19.74 -8.84 -76.84
C THR T 58 -20.38 -7.56 -77.35
N SER T 59 -19.55 -6.56 -77.62
CA SER T 59 -19.96 -5.23 -78.04
C SER T 59 -18.73 -4.55 -78.62
N ALA T 60 -18.80 -3.22 -78.78
CA ALA T 60 -17.71 -2.42 -79.34
C ALA T 60 -16.77 -1.90 -78.28
N TYR T 61 -16.50 -2.71 -77.26
CA TYR T 61 -15.76 -2.31 -76.07
C TYR T 61 -14.33 -1.87 -76.40
N THR T 62 -13.87 -0.84 -75.69
CA THR T 62 -12.48 -0.39 -75.76
C THR T 62 -11.77 -0.78 -74.46
N ALA T 63 -10.52 -1.22 -74.60
CA ALA T 63 -9.84 -1.86 -73.49
C ALA T 63 -9.32 -0.85 -72.47
N GLN T 64 -9.25 -1.29 -71.22
CA GLN T 64 -8.66 -0.55 -70.12
C GLN T 64 -7.26 -1.07 -69.85
N GLU T 65 -6.70 -0.64 -68.73
CA GLU T 65 -5.42 -1.14 -68.27
C GLU T 65 -5.57 -2.51 -67.64
N ASN T 66 -4.63 -3.41 -67.95
CA ASN T 66 -4.47 -4.71 -67.28
C ASN T 66 -5.72 -5.58 -67.38
N GLU T 67 -6.37 -5.59 -68.54
CA GLU T 67 -7.65 -6.25 -68.67
C GLU T 67 -7.59 -7.30 -69.77
N ARG T 68 -7.88 -8.55 -69.42
CA ARG T 68 -7.78 -9.68 -70.33
C ARG T 68 -9.13 -9.90 -71.03
N ILE T 69 -9.21 -9.52 -72.29
CA ILE T 69 -10.47 -9.51 -73.03
C ILE T 69 -10.67 -10.89 -73.65
N VAL T 70 -11.82 -11.52 -73.40
CA VAL T 70 -12.03 -12.88 -73.88
C VAL T 70 -13.27 -12.92 -74.77
N THR T 71 -13.49 -11.84 -75.52
CA THR T 71 -14.65 -11.74 -76.39
C THR T 71 -14.54 -12.69 -77.59
N ASN T 72 -15.69 -12.96 -78.20
CA ASN T 72 -15.80 -13.95 -79.27
C ASN T 72 -15.92 -13.32 -80.66
N GLY T 73 -16.81 -12.36 -80.84
CA GLY T 73 -16.78 -11.53 -82.03
C GLY T 73 -17.03 -10.09 -81.65
N ALA T 74 -16.04 -9.23 -81.87
CA ALA T 74 -16.09 -7.85 -81.39
C ALA T 74 -15.00 -7.04 -82.07
N ALA T 75 -14.97 -5.76 -81.73
CA ALA T 75 -13.91 -4.84 -82.15
C ALA T 75 -13.28 -4.26 -80.90
N ILE T 76 -12.17 -4.84 -80.47
CA ILE T 76 -11.46 -4.41 -79.29
C ILE T 76 -10.32 -3.50 -79.74
N THR T 77 -10.40 -2.23 -79.37
CA THR T 77 -9.40 -1.24 -79.75
C THR T 77 -8.55 -0.89 -78.54
N ILE T 78 -7.24 -1.03 -78.69
CA ILE T 78 -6.31 -0.64 -77.63
C ILE T 78 -6.22 0.89 -77.59
N PRO T 79 -6.42 1.53 -76.44
CA PRO T 79 -6.41 2.99 -76.41
C PRO T 79 -5.00 3.55 -76.53
N GLN T 80 -4.90 4.74 -77.11
CA GLN T 80 -3.65 5.47 -77.23
C GLN T 80 -3.50 6.53 -76.15
N THR T 81 -4.54 7.31 -75.93
CA THR T 81 -4.57 8.34 -74.89
C THR T 81 -5.71 8.02 -73.93
N ILE T 82 -5.58 8.48 -72.69
CA ILE T 82 -6.59 8.27 -71.67
C ILE T 82 -6.90 9.62 -71.03
N THR T 83 -8.18 9.98 -70.99
CA THR T 83 -8.63 11.25 -70.43
C THR T 83 -9.34 11.02 -69.09
N GLU T 84 -8.59 11.18 -68.00
CA GLU T 84 -9.13 11.04 -66.65
C GLU T 84 -9.43 12.43 -66.12
N GLY T 85 -10.56 12.99 -66.59
CA GLY T 85 -10.96 14.33 -66.21
C GLY T 85 -10.03 15.40 -66.77
N ASN T 86 -9.84 15.37 -68.09
CA ASN T 86 -8.92 16.22 -68.86
C ASN T 86 -7.47 16.11 -68.39
N GLU T 87 -7.12 15.01 -67.73
CA GLU T 87 -5.73 14.65 -67.45
C GLU T 87 -5.28 13.72 -68.58
N THR T 88 -5.17 14.29 -69.78
CA THR T 88 -4.97 13.50 -71.00
C THR T 88 -3.54 12.94 -70.99
N ARG T 89 -3.40 11.78 -70.36
CA ARG T 89 -2.11 11.13 -70.18
C ARG T 89 -1.98 9.95 -71.12
N LYS T 90 -0.74 9.50 -71.28
CA LYS T 90 -0.45 8.22 -71.89
C LYS T 90 -0.57 7.14 -70.82
N PRO T 91 -0.73 5.87 -71.20
CA PRO T 91 -0.78 4.79 -70.19
C PRO T 91 0.52 4.64 -69.43
N TYR T 92 0.43 3.91 -68.32
CA TYR T 92 1.60 3.74 -67.46
C TYR T 92 2.65 2.87 -68.13
N ASP T 93 3.87 2.97 -67.62
CA ASP T 93 4.97 2.19 -68.14
C ASP T 93 4.79 0.73 -67.74
N LEU T 94 4.87 -0.16 -68.74
CA LEU T 94 4.71 -1.61 -68.57
C LEU T 94 3.35 -1.98 -67.97
N THR T 95 2.26 -1.71 -68.68
CA THR T 95 0.96 -2.26 -68.33
C THR T 95 0.37 -2.93 -69.56
N ALA T 96 -0.07 -4.17 -69.40
CA ALA T 96 -0.37 -5.04 -70.53
C ALA T 96 -1.85 -5.11 -70.82
N ILE T 97 -2.19 -5.56 -72.02
CA ILE T 97 -3.57 -5.80 -72.45
C ILE T 97 -3.59 -7.10 -73.25
N ILE T 98 -4.50 -8.00 -72.91
CA ILE T 98 -4.67 -9.27 -73.60
C ILE T 98 -6.03 -9.25 -74.29
N VAL T 99 -6.09 -9.68 -75.54
CA VAL T 99 -7.36 -9.92 -76.23
C VAL T 99 -7.37 -11.34 -76.74
N ILE T 100 -8.41 -12.09 -76.39
CA ILE T 100 -8.49 -13.51 -76.70
C ILE T 100 -9.79 -13.77 -77.43
N ASN T 101 -9.69 -14.15 -78.69
CA ASN T 101 -10.82 -14.64 -79.48
C ASN T 101 -10.92 -16.14 -79.28
N GLY T 102 -11.57 -16.85 -80.20
CA GLY T 102 -11.71 -18.29 -80.13
C GLY T 102 -10.45 -19.11 -79.87
N ALA T 103 -9.39 -18.87 -80.63
CA ALA T 103 -8.16 -19.62 -80.45
C ALA T 103 -6.89 -18.80 -80.63
N ALA T 104 -6.98 -17.49 -80.79
CA ALA T 104 -5.83 -16.65 -81.08
C ALA T 104 -5.65 -15.63 -79.97
N GLN T 105 -4.54 -15.72 -79.25
CA GLN T 105 -4.19 -14.72 -78.26
C GLN T 105 -3.35 -13.63 -78.89
N GLU T 106 -3.65 -12.38 -78.54
CA GLU T 106 -2.86 -11.23 -78.95
C GLU T 106 -2.60 -10.42 -77.70
N ASN T 107 -1.39 -10.53 -77.16
CA ASN T 107 -0.96 -9.73 -76.04
C ASN T 107 -0.48 -8.37 -76.52
N HIS T 108 -0.33 -7.42 -75.58
CA HIS T 108 0.17 -6.08 -75.87
C HIS T 108 0.87 -5.56 -74.63
N VAL T 109 1.81 -4.63 -74.83
CA VAL T 109 2.54 -4.03 -73.72
C VAL T 109 3.05 -2.65 -74.14
N PHE T 110 2.91 -1.68 -73.26
CA PHE T 110 3.26 -0.29 -73.54
C PHE T 110 4.57 0.05 -72.83
N SER T 111 5.67 0.07 -73.58
CA SER T 111 6.99 0.34 -73.03
C SER T 111 7.60 1.50 -73.80
N LEU T 112 7.74 2.65 -73.12
CA LEU T 112 8.34 3.88 -73.65
C LEU T 112 7.61 4.40 -74.90
N GLY T 113 6.36 4.79 -74.72
CA GLY T 113 5.66 5.52 -75.75
C GLY T 113 5.23 4.73 -76.97
N ARG T 114 5.04 3.42 -76.84
CA ARG T 114 4.74 2.59 -77.99
C ARG T 114 4.15 1.27 -77.51
N TRP T 115 3.12 0.79 -78.19
CA TRP T 115 2.54 -0.52 -77.87
C TRP T 115 3.29 -1.60 -78.62
N GLN T 116 4.11 -2.38 -77.91
CA GLN T 116 4.76 -3.53 -78.49
C GLN T 116 3.75 -4.64 -78.71
N THR T 117 4.11 -5.64 -79.53
CA THR T 117 3.09 -6.58 -79.96
C THR T 117 3.21 -8.00 -79.38
N ALA T 118 4.40 -8.60 -79.39
CA ALA T 118 4.75 -9.75 -78.54
C ALA T 118 3.93 -11.02 -78.79
N HIS T 119 3.34 -11.16 -79.97
CA HIS T 119 2.66 -12.41 -80.29
C HIS T 119 3.01 -12.83 -81.71
N ASP T 120 3.04 -14.15 -81.92
CA ASP T 120 3.44 -14.79 -83.18
C ASP T 120 4.77 -14.24 -83.65
N LEU T 121 5.74 -14.31 -82.75
CA LEU T 121 6.97 -13.53 -82.87
C LEU T 121 7.87 -14.25 -83.85
N THR T 122 7.93 -13.76 -85.09
CA THR T 122 8.70 -14.43 -86.13
C THR T 122 10.16 -14.00 -86.08
N LEU T 123 10.91 -14.46 -87.08
CA LEU T 123 12.34 -14.22 -87.11
C LEU T 123 12.69 -12.84 -87.67
N ASN T 124 11.72 -12.12 -88.23
CA ASN T 124 11.95 -10.77 -88.74
C ASN T 124 11.37 -9.68 -87.86
N SER T 125 10.34 -9.96 -87.10
CA SER T 125 9.65 -8.93 -86.34
C SER T 125 10.50 -8.48 -85.16
N GLU T 126 10.26 -7.25 -84.72
CA GLU T 126 11.04 -6.67 -83.65
C GLU T 126 10.66 -7.28 -82.31
N ALA T 127 11.62 -7.32 -81.42
CA ALA T 127 11.38 -7.89 -80.11
C ALA T 127 10.74 -6.85 -79.21
N PRO T 128 9.76 -7.24 -78.39
CA PRO T 128 9.14 -6.30 -77.47
C PRO T 128 10.08 -5.95 -76.33
N LEU T 129 10.05 -4.67 -75.94
CA LEU T 129 10.75 -4.12 -74.77
C LEU T 129 12.24 -4.47 -74.74
N ALA T 130 12.86 -4.48 -75.92
CA ALA T 130 14.30 -4.60 -76.06
C ALA T 130 14.97 -3.28 -76.34
N GLU T 131 14.20 -2.20 -76.43
CA GLU T 131 14.79 -0.87 -76.53
C GLU T 131 15.38 -0.43 -75.20
N ARG T 132 14.90 -1.00 -74.09
CA ARG T 132 15.40 -0.62 -72.76
C ARG T 132 16.84 -1.07 -72.58
N ASP T 133 17.16 -2.31 -72.96
CA ASP T 133 18.55 -2.75 -73.15
C ASP T 133 18.60 -3.93 -74.10
N LYS T 134 19.67 -4.03 -74.89
CA LYS T 134 19.76 -5.12 -75.83
C LYS T 134 20.60 -6.27 -75.30
N ALA T 135 21.71 -5.97 -74.62
CA ALA T 135 22.58 -7.00 -74.09
C ALA T 135 22.15 -7.54 -72.75
N GLY T 136 21.01 -7.06 -72.22
CA GLY T 136 20.47 -7.63 -71.00
C GLY T 136 19.39 -8.64 -71.32
N LEU T 137 18.66 -8.39 -72.41
CA LEU T 137 17.65 -9.32 -72.86
C LEU T 137 18.24 -10.54 -73.54
N ALA T 138 19.47 -10.45 -74.04
CA ALA T 138 20.14 -11.60 -74.61
C ALA T 138 20.88 -12.42 -73.58
N ALA T 139 20.96 -11.97 -72.34
CA ALA T 139 21.53 -12.75 -71.26
C ALA T 139 20.48 -13.49 -70.45
N LEU T 140 19.24 -13.00 -70.43
CA LEU T 140 18.15 -13.75 -69.85
C LEU T 140 17.69 -14.85 -70.79
N PHE T 141 17.76 -14.59 -72.09
CA PHE T 141 17.50 -15.63 -73.09
C PHE T 141 18.53 -16.73 -73.01
N ALA T 142 19.80 -16.38 -73.08
CA ALA T 142 20.88 -17.36 -73.16
C ALA T 142 21.27 -17.96 -71.83
N MET T 143 20.55 -17.64 -70.75
CA MET T 143 20.89 -18.22 -69.46
C MET T 143 20.49 -19.68 -69.41
N GLU T 144 19.30 -20.01 -69.90
CA GLU T 144 18.85 -21.38 -69.93
C GLU T 144 18.85 -22.01 -71.32
N PHE T 145 18.91 -21.20 -72.36
CA PHE T 145 19.03 -21.74 -73.72
C PHE T 145 20.40 -22.34 -73.97
N ALA T 146 21.42 -21.86 -73.26
CA ALA T 146 22.76 -22.42 -73.42
C ALA T 146 22.92 -23.80 -72.80
N GLU T 147 21.94 -24.28 -72.04
CA GLU T 147 22.09 -25.56 -71.37
C GLU T 147 21.89 -26.74 -72.32
N MET T 148 21.26 -26.53 -73.47
CA MET T 148 21.17 -27.61 -74.46
C MET T 148 22.54 -27.85 -75.10
N PHE T 149 23.32 -26.80 -75.29
CA PHE T 149 24.72 -26.97 -75.60
C PHE T 149 25.49 -27.30 -74.33
N GLY T 150 26.81 -27.40 -74.46
CA GLY T 150 27.61 -27.74 -73.29
C GLY T 150 27.78 -26.59 -72.31
N ALA T 151 27.87 -25.37 -72.81
CA ALA T 151 28.35 -24.25 -72.01
C ALA T 151 27.26 -23.70 -71.10
N GLU T 152 27.66 -22.69 -70.31
CA GLU T 152 26.77 -21.98 -69.41
C GLU T 152 27.30 -20.56 -69.24
N LEU T 153 26.45 -19.66 -68.77
CA LEU T 153 26.91 -18.28 -68.71
C LEU T 153 27.80 -18.01 -67.50
N PRO T 154 28.81 -17.15 -67.68
CA PRO T 154 29.67 -16.75 -66.56
C PRO T 154 28.92 -15.91 -65.55
N PRO T 155 29.41 -15.81 -64.30
CA PRO T 155 28.60 -15.15 -63.27
C PRO T 155 28.60 -13.64 -63.32
N ARG T 156 29.55 -13.01 -64.01
CA ARG T 156 29.52 -11.56 -64.12
C ARG T 156 28.41 -11.09 -65.06
N THR T 157 27.98 -11.93 -66.00
CA THR T 157 26.92 -11.58 -66.92
C THR T 157 25.63 -12.33 -66.66
N THR T 158 25.64 -13.34 -65.79
CA THR T 158 24.38 -13.95 -65.37
C THR T 158 23.57 -12.98 -64.52
N ALA T 159 24.23 -12.32 -63.56
CA ALA T 159 23.56 -11.36 -62.70
C ALA T 159 23.18 -10.09 -63.43
N ARG T 160 23.66 -9.88 -64.66
CA ARG T 160 23.14 -8.81 -65.48
C ARG T 160 21.71 -9.11 -65.93
N GLY T 161 21.43 -10.38 -66.25
CA GLY T 161 20.10 -10.74 -66.71
C GLY T 161 19.06 -10.74 -65.60
N PHE T 162 19.47 -11.08 -64.38
CA PHE T 162 18.58 -11.01 -63.22
C PHE T 162 18.34 -9.59 -62.75
N ARG T 163 19.04 -8.62 -63.30
CA ARG T 163 18.66 -7.24 -63.08
C ARG T 163 17.59 -6.80 -64.05
N PHE T 164 17.65 -7.28 -65.30
CA PHE T 164 16.64 -6.93 -66.29
C PHE T 164 15.29 -7.53 -65.94
N LYS T 165 15.28 -8.75 -65.39
CA LYS T 165 14.02 -9.34 -64.98
C LYS T 165 13.45 -8.62 -63.77
N GLY T 166 14.30 -8.07 -62.92
CA GLY T 166 13.81 -7.30 -61.81
C GLY T 166 13.56 -5.86 -62.10
N ALA T 167 14.02 -5.36 -63.22
CA ALA T 167 13.73 -4.00 -63.62
C ALA T 167 12.33 -3.87 -64.22
N ILE T 168 11.73 -4.98 -64.63
CA ILE T 168 10.36 -4.99 -65.14
C ILE T 168 9.41 -5.68 -64.20
N SER T 169 9.90 -6.28 -63.13
CA SER T 169 9.08 -6.89 -62.10
C SER T 169 8.75 -5.94 -60.97
N GLN T 170 9.28 -4.73 -61.01
CA GLN T 170 9.06 -3.75 -59.96
C GLN T 170 8.42 -2.48 -60.44
N LYS T 171 8.65 -2.09 -61.70
CA LYS T 171 8.16 -0.87 -62.32
C LYS T 171 8.51 0.36 -61.50
N LEU T 172 9.78 0.44 -61.11
CA LEU T 172 10.23 1.44 -60.17
C LEU T 172 10.78 2.68 -60.86
N ALA T 173 10.64 2.76 -62.19
CA ALA T 173 11.17 3.89 -62.94
C ALA T 173 10.34 5.15 -62.74
N THR T 174 9.02 5.01 -62.80
CA THR T 174 8.13 6.16 -62.64
C THR T 174 8.19 6.70 -61.22
N LYS T 175 8.39 8.01 -61.09
CA LYS T 175 8.50 8.63 -59.79
C LYS T 175 7.17 8.58 -59.06
N ARG T 176 7.23 8.36 -57.76
CA ARG T 176 6.07 8.26 -56.90
C ARG T 176 6.23 9.20 -55.72
N ASP T 177 5.18 9.30 -54.91
CA ASP T 177 5.13 10.30 -53.85
C ASP T 177 6.01 9.90 -52.67
N ASP T 178 6.47 10.91 -51.94
CA ASP T 178 7.31 10.97 -50.76
C ASP T 178 6.56 10.45 -49.55
N PRO T 179 7.24 10.17 -48.43
CA PRO T 179 6.51 9.99 -47.18
C PRO T 179 5.81 11.27 -46.75
N VAL T 180 4.81 11.11 -45.88
CA VAL T 180 3.76 12.10 -45.75
C VAL T 180 3.76 12.84 -44.40
N TYR T 181 4.25 12.22 -43.33
CA TYR T 181 4.13 12.69 -41.92
C TYR T 181 2.67 12.90 -41.52
N TYR T 182 1.79 12.00 -41.93
CA TYR T 182 0.47 12.06 -41.34
C TYR T 182 0.53 11.49 -39.94
N MET U 1 -1.28 -25.00 -83.12
CA MET U 1 -1.65 -26.18 -82.35
C MET U 1 -0.42 -26.95 -81.95
N ILE U 2 -0.02 -26.79 -80.69
CA ILE U 2 1.16 -27.48 -80.17
C ILE U 2 0.77 -28.92 -79.89
N THR U 3 1.29 -29.84 -80.70
CA THR U 3 0.94 -31.25 -80.58
C THR U 3 1.64 -31.87 -79.38
N CYS U 4 1.27 -33.12 -79.09
CA CYS U 4 1.91 -33.85 -78.02
C CYS U 4 3.35 -34.21 -78.37
N ARG U 5 3.61 -34.53 -79.63
CA ARG U 5 4.95 -34.94 -80.02
C ARG U 5 5.91 -33.77 -80.14
N ASP U 6 5.43 -32.53 -80.11
CA ASP U 6 6.35 -31.41 -80.04
C ASP U 6 6.95 -31.26 -78.66
N ILE U 7 6.23 -31.67 -77.62
CA ILE U 7 6.77 -31.62 -76.28
C ILE U 7 7.83 -32.69 -76.09
N ILE U 8 7.56 -33.90 -76.58
CA ILE U 8 8.51 -35.01 -76.42
C ILE U 8 9.75 -34.77 -77.28
N THR U 9 9.60 -34.09 -78.42
CA THR U 9 10.79 -33.71 -79.18
C THR U 9 11.55 -32.59 -78.49
N LEU U 10 10.83 -31.62 -77.92
CA LEU U 10 11.51 -30.56 -77.17
C LEU U 10 12.03 -31.08 -75.85
N GLY U 11 11.34 -32.05 -75.23
CA GLY U 11 11.80 -32.59 -73.98
C GLY U 11 13.08 -33.40 -74.10
N LEU U 12 13.22 -34.16 -75.19
CA LEU U 12 14.41 -34.99 -75.35
C LEU U 12 15.64 -34.18 -75.73
N GLN U 13 15.53 -33.18 -76.58
CA GLN U 13 16.68 -32.36 -76.87
C GLN U 13 16.88 -31.25 -75.83
N GLN U 14 16.01 -31.18 -74.83
CA GLN U 14 16.27 -30.36 -73.65
C GLN U 14 17.33 -31.01 -72.78
N ALA U 15 17.20 -32.31 -72.56
CA ALA U 15 18.12 -33.08 -71.74
C ALA U 15 19.32 -33.58 -72.53
N ARG U 16 19.55 -33.02 -73.72
CA ARG U 16 20.67 -33.28 -74.65
C ARG U 16 20.97 -34.76 -74.84
N VAL U 17 19.93 -35.51 -75.16
CA VAL U 17 20.10 -36.90 -75.56
C VAL U 17 19.88 -37.12 -77.06
N VAL U 18 18.97 -36.37 -77.70
CA VAL U 18 18.89 -36.35 -79.15
C VAL U 18 19.50 -35.02 -79.61
N PRO U 19 20.11 -34.95 -80.78
CA PRO U 19 20.75 -33.70 -81.19
C PRO U 19 19.73 -32.68 -81.66
N LEU U 20 20.24 -31.49 -81.98
CA LEU U 20 19.40 -30.41 -82.47
C LEU U 20 19.05 -30.65 -83.93
N GLY U 21 17.74 -30.72 -84.22
CA GLY U 21 17.24 -30.84 -85.56
C GLY U 21 16.76 -32.22 -85.92
N ARG U 22 17.14 -33.24 -85.18
CA ARG U 22 16.69 -34.60 -85.44
C ARG U 22 15.56 -34.97 -84.50
N GLU U 23 14.70 -35.84 -84.98
CA GLU U 23 13.49 -36.25 -84.31
C GLU U 23 13.68 -37.58 -83.59
N PRO U 24 12.89 -37.86 -82.54
CA PRO U 24 12.99 -39.16 -81.87
C PRO U 24 12.49 -40.29 -82.74
N LYS U 25 12.94 -41.49 -82.41
CA LYS U 25 12.53 -42.69 -83.14
C LYS U 25 11.18 -43.19 -82.64
N ALA U 26 10.84 -44.42 -83.02
CA ALA U 26 9.53 -44.95 -82.70
C ALA U 26 9.44 -45.44 -81.26
N LYS U 27 10.46 -46.17 -80.78
CA LYS U 27 10.40 -46.70 -79.44
C LYS U 27 10.65 -45.63 -78.38
N GLU U 28 11.32 -44.54 -78.75
CA GLU U 28 11.58 -43.46 -77.82
C GLU U 28 10.36 -42.56 -77.67
N ALA U 29 9.71 -42.23 -78.78
CA ALA U 29 8.54 -41.35 -78.75
C ALA U 29 7.24 -42.11 -78.56
N ASP U 30 7.29 -43.34 -78.05
CA ASP U 30 6.10 -44.04 -77.65
C ASP U 30 6.17 -44.51 -76.20
N ALA U 31 7.35 -44.47 -75.59
CA ALA U 31 7.45 -44.60 -74.15
C ALA U 31 7.24 -43.27 -73.45
N GLY U 32 7.56 -42.17 -74.12
CA GLY U 32 7.31 -40.86 -73.57
C GLY U 32 5.87 -40.46 -73.53
N LEU U 33 5.04 -41.13 -74.33
CA LEU U 33 3.61 -40.83 -74.31
C LEU U 33 2.96 -41.37 -73.04
N THR U 34 3.39 -42.56 -72.59
CA THR U 34 2.77 -43.17 -71.42
C THR U 34 3.14 -42.44 -70.14
N VAL U 35 4.28 -41.75 -70.14
CA VAL U 35 4.68 -41.00 -68.95
C VAL U 35 4.18 -39.56 -69.02
N LEU U 36 3.95 -39.01 -70.21
CA LEU U 36 3.31 -37.71 -70.32
C LEU U 36 1.81 -37.82 -70.08
N GLN U 37 1.23 -38.99 -70.36
CA GLN U 37 -0.14 -39.24 -69.93
C GLN U 37 -0.23 -39.31 -68.42
N SER U 38 0.79 -39.87 -67.77
CA SER U 38 0.73 -40.09 -66.33
C SER U 38 0.81 -38.80 -65.54
N ILE U 39 1.55 -37.80 -66.03
CA ILE U 39 1.61 -36.56 -65.28
C ILE U 39 0.31 -35.77 -65.45
N TYR U 40 -0.31 -35.79 -66.62
CA TYR U 40 -1.61 -35.15 -66.78
C TYR U 40 -2.72 -35.85 -66.04
N ASP U 41 -2.59 -37.14 -65.80
CA ASP U 41 -3.66 -37.87 -65.14
C ASP U 41 -3.50 -37.80 -63.63
N SER U 42 -2.30 -37.51 -63.15
CA SER U 42 -2.06 -37.34 -61.72
C SER U 42 -2.22 -35.91 -61.27
N MET U 43 -2.73 -35.04 -62.13
CA MET U 43 -3.07 -33.68 -61.76
C MET U 43 -4.55 -33.49 -61.51
N PHE U 44 -5.41 -34.31 -62.12
CA PHE U 44 -6.83 -34.25 -61.83
C PHE U 44 -7.21 -35.16 -60.69
N ALA U 45 -6.43 -36.20 -60.43
CA ALA U 45 -6.79 -37.14 -59.38
C ALA U 45 -6.62 -36.49 -58.02
N ASP U 46 -5.39 -36.13 -57.67
CA ASP U 46 -5.11 -35.41 -56.44
C ASP U 46 -3.80 -34.62 -56.60
N GLY U 47 -3.93 -33.36 -57.01
CA GLY U 47 -2.80 -32.55 -57.33
C GLY U 47 -3.18 -31.10 -57.40
N PRO U 48 -2.39 -30.28 -58.10
CA PRO U 48 -2.58 -28.83 -58.06
C PRO U 48 -3.82 -28.31 -58.77
N LEU U 49 -4.71 -29.16 -59.29
CA LEU U 49 -5.94 -28.69 -59.92
C LEU U 49 -7.09 -28.55 -58.94
N GLY U 50 -6.80 -28.45 -57.65
CA GLY U 50 -7.80 -28.06 -56.69
C GLY U 50 -8.67 -29.21 -56.22
N PRO U 51 -9.29 -29.05 -55.07
CA PRO U 51 -10.19 -30.08 -54.56
C PRO U 51 -11.48 -30.12 -55.34
N PHE U 52 -12.14 -31.27 -55.28
CA PHE U 52 -13.33 -31.54 -56.09
C PHE U 52 -14.50 -31.85 -55.18
N THR U 53 -15.71 -31.74 -55.73
CA THR U 53 -16.94 -31.96 -54.98
C THR U 53 -17.68 -33.16 -55.53
N GLU U 54 -18.09 -34.07 -54.66
CA GLU U 54 -18.82 -35.27 -55.06
C GLU U 54 -20.24 -34.92 -55.47
N VAL U 55 -20.75 -35.63 -56.48
CA VAL U 55 -22.16 -35.52 -56.87
C VAL U 55 -22.56 -36.80 -57.56
N TYR U 56 -23.83 -37.18 -57.40
CA TYR U 56 -24.39 -38.36 -58.05
C TYR U 56 -25.79 -38.02 -58.51
N ALA U 57 -25.94 -37.68 -59.79
CA ALA U 57 -27.26 -37.38 -60.34
C ALA U 57 -27.43 -38.16 -61.61
N THR U 58 -28.56 -38.83 -61.74
CA THR U 58 -28.94 -39.52 -62.97
C THR U 58 -30.10 -38.73 -63.57
N SER U 59 -29.75 -37.69 -64.32
CA SER U 59 -30.69 -36.75 -64.93
C SER U 59 -29.92 -35.98 -65.99
N ALA U 60 -30.49 -34.87 -66.45
CA ALA U 60 -29.91 -34.02 -67.48
C ALA U 60 -29.03 -32.92 -66.92
N TYR U 61 -28.30 -33.22 -65.84
CA TYR U 61 -27.54 -32.26 -65.06
C TYR U 61 -26.46 -31.56 -65.89
N THR U 62 -26.28 -30.27 -65.63
CA THR U 62 -25.19 -29.49 -66.21
C THR U 62 -24.17 -29.19 -65.13
N ALA U 63 -22.89 -29.26 -65.49
CA ALA U 63 -21.83 -29.28 -64.51
C ALA U 63 -21.53 -27.88 -63.97
N GLN U 64 -21.07 -27.83 -62.72
CA GLN U 64 -20.60 -26.62 -62.07
C GLN U 64 -19.09 -26.60 -62.09
N GLU U 65 -18.53 -25.67 -61.33
CA GLU U 65 -17.09 -25.60 -61.15
C GLU U 65 -16.61 -26.65 -60.18
N ASN U 66 -15.49 -27.29 -60.50
CA ASN U 66 -14.75 -28.19 -59.60
C ASN U 66 -15.58 -29.36 -59.11
N GLU U 67 -16.38 -29.95 -60.00
CA GLU U 67 -17.35 -30.96 -59.58
C GLU U 67 -17.11 -32.25 -60.35
N ARG U 68 -16.85 -33.33 -59.62
CA ARG U 68 -16.52 -34.63 -60.20
C ARG U 68 -17.80 -35.45 -60.39
N ILE U 69 -18.24 -35.57 -61.64
CA ILE U 69 -19.54 -36.16 -61.96
C ILE U 69 -19.33 -37.66 -62.13
N VAL U 70 -20.11 -38.47 -61.40
CA VAL U 70 -19.89 -39.92 -61.43
C VAL U 70 -21.18 -40.61 -61.90
N THR U 71 -21.91 -39.96 -62.79
CA THR U 71 -23.17 -40.50 -63.29
C THR U 71 -22.94 -41.72 -64.18
N ASN U 72 -24.00 -42.50 -64.35
CA ASN U 72 -23.96 -43.77 -65.06
C ASN U 72 -24.53 -43.71 -66.46
N GLY U 73 -25.75 -43.17 -66.62
CA GLY U 73 -26.24 -42.82 -67.93
C GLY U 73 -26.91 -41.47 -67.87
N ALA U 74 -26.37 -40.48 -68.58
CA ALA U 74 -26.82 -39.11 -68.47
C ALA U 74 -26.24 -38.30 -69.62
N ALA U 75 -26.62 -37.02 -69.64
CA ALA U 75 -26.08 -36.05 -70.57
C ALA U 75 -25.48 -34.92 -69.74
N ILE U 76 -24.17 -34.98 -69.52
CA ILE U 76 -23.45 -33.98 -68.75
C ILE U 76 -22.83 -33.00 -69.72
N THR U 77 -23.30 -31.75 -69.68
CA THR U 77 -22.82 -30.70 -70.57
C THR U 77 -21.94 -29.73 -69.79
N ILE U 78 -20.73 -29.53 -70.27
CA ILE U 78 -19.82 -28.55 -69.65
C ILE U 78 -20.29 -27.15 -70.04
N PRO U 79 -20.48 -26.24 -69.08
CA PRO U 79 -21.01 -24.92 -69.42
C PRO U 79 -19.94 -24.05 -70.08
N GLN U 80 -20.41 -23.16 -70.95
CA GLN U 80 -19.55 -22.19 -71.60
C GLN U 80 -19.59 -20.83 -70.92
N THR U 81 -20.79 -20.33 -70.62
CA THR U 81 -20.99 -19.09 -69.91
C THR U 81 -21.74 -19.37 -68.62
N ILE U 82 -21.55 -18.51 -67.63
CA ILE U 82 -22.23 -18.65 -66.33
C ILE U 82 -22.87 -17.32 -65.99
N THR U 83 -24.16 -17.34 -65.68
CA THR U 83 -24.93 -16.14 -65.36
C THR U 83 -25.24 -16.10 -63.86
N GLU U 84 -24.41 -15.38 -63.11
CA GLU U 84 -24.61 -15.21 -61.67
C GLU U 84 -25.30 -13.87 -61.45
N GLY U 85 -26.61 -13.85 -61.69
CA GLY U 85 -27.39 -12.63 -61.58
C GLY U 85 -27.05 -11.60 -62.62
N ASN U 86 -27.10 -12.02 -63.90
CA ASN U 86 -26.72 -11.25 -65.08
C ASN U 86 -25.27 -10.77 -65.04
N GLU U 87 -24.42 -11.43 -64.26
CA GLU U 87 -22.97 -11.26 -64.31
C GLU U 87 -22.43 -12.34 -65.25
N THR U 88 -22.76 -12.20 -66.53
CA THR U 88 -22.50 -13.27 -67.51
C THR U 88 -21.01 -13.35 -67.78
N ARG U 89 -20.34 -14.13 -66.95
CA ARG U 89 -18.90 -14.29 -66.98
C ARG U 89 -18.51 -15.62 -67.59
N LYS U 90 -17.26 -15.72 -67.98
CA LYS U 90 -16.63 -17.00 -68.30
C LYS U 90 -16.15 -17.63 -67.01
N PRO U 91 -15.91 -18.95 -66.99
CA PRO U 91 -15.38 -19.58 -65.77
C PRO U 91 -14.00 -19.09 -65.40
N TYR U 92 -13.59 -19.39 -64.18
CA TYR U 92 -12.32 -18.92 -63.67
C TYR U 92 -11.16 -19.63 -64.36
N ASP U 93 -10.00 -19.01 -64.27
CA ASP U 93 -8.80 -19.57 -64.88
C ASP U 93 -8.36 -20.79 -64.08
N LEU U 94 -8.15 -21.90 -64.80
CA LEU U 94 -7.74 -23.20 -64.24
C LEU U 94 -8.72 -23.72 -63.19
N THR U 95 -9.95 -24.03 -63.60
CA THR U 95 -10.88 -24.77 -62.76
C THR U 95 -11.39 -25.97 -63.56
N ALA U 96 -11.31 -27.15 -62.98
CA ALA U 96 -11.48 -28.39 -63.70
C ALA U 96 -12.87 -28.98 -63.52
N ILE U 97 -13.23 -29.88 -64.42
CA ILE U 97 -14.48 -30.64 -64.37
C ILE U 97 -14.17 -32.08 -64.77
N ILE U 98 -14.62 -33.04 -63.96
CA ILE U 98 -14.44 -34.47 -64.22
C ILE U 98 -15.82 -35.07 -64.46
N VAL U 99 -15.95 -35.90 -65.50
CA VAL U 99 -17.14 -36.70 -65.70
C VAL U 99 -16.73 -38.16 -65.82
N ILE U 100 -17.34 -39.01 -65.00
CA ILE U 100 -16.95 -40.41 -64.90
C ILE U 100 -18.18 -41.27 -65.13
N ASN U 101 -18.19 -42.00 -66.24
CA ASN U 101 -19.18 -43.02 -66.51
C ASN U 101 -18.69 -44.34 -65.92
N GLY U 102 -19.19 -45.47 -66.39
CA GLY U 102 -18.79 -46.78 -65.92
C GLY U 102 -17.30 -47.06 -65.84
N ALA U 103 -16.56 -46.79 -66.92
CA ALA U 103 -15.12 -47.06 -66.91
C ALA U 103 -14.30 -46.01 -67.64
N ALA U 104 -14.89 -44.92 -68.11
CA ALA U 104 -14.20 -43.93 -68.92
C ALA U 104 -14.20 -42.59 -68.21
N GLN U 105 -13.02 -42.11 -67.84
CA GLN U 105 -12.88 -40.77 -67.27
C GLN U 105 -12.63 -39.76 -68.38
N GLU U 106 -13.29 -38.62 -68.29
CA GLU U 106 -13.06 -37.50 -69.19
C GLU U 106 -12.89 -36.27 -68.32
N ASN U 107 -11.65 -35.84 -68.13
CA ASN U 107 -11.33 -34.62 -67.43
C ASN U 107 -11.49 -33.42 -68.35
N HIS U 108 -11.51 -32.22 -67.77
CA HIS U 108 -11.61 -30.97 -68.52
C HIS U 108 -10.92 -29.88 -67.72
N VAL U 109 -10.44 -28.84 -68.40
CA VAL U 109 -9.78 -27.72 -67.74
C VAL U 109 -9.90 -26.49 -68.63
N PHE U 110 -10.22 -25.35 -68.02
CA PHE U 110 -10.45 -24.10 -68.73
C PHE U 110 -9.26 -23.18 -68.55
N SER U 111 -8.40 -23.10 -69.56
CA SER U 111 -7.20 -22.28 -69.50
C SER U 111 -7.19 -21.33 -70.69
N LEU U 112 -7.36 -20.03 -70.40
CA LEU U 112 -7.35 -18.93 -71.37
C LEU U 112 -8.44 -19.10 -72.44
N GLY U 113 -9.70 -19.05 -72.01
CA GLY U 113 -10.79 -18.95 -72.96
C GLY U 113 -11.13 -20.18 -73.75
N ARG U 114 -10.79 -21.37 -73.24
CA ARG U 114 -10.98 -22.59 -74.00
C ARG U 114 -10.95 -23.78 -73.06
N TRP U 115 -11.84 -24.75 -73.26
CA TRP U 115 -11.84 -25.97 -72.47
C TRP U 115 -10.90 -26.98 -73.11
N GLN U 116 -9.74 -27.19 -72.49
CA GLN U 116 -8.82 -28.24 -72.92
C GLN U 116 -9.39 -29.61 -72.55
N THR U 117 -8.84 -30.67 -73.16
CA THR U 117 -9.52 -31.96 -73.02
C THR U 117 -8.79 -32.98 -72.16
N ALA U 118 -7.48 -33.19 -72.36
CA ALA U 118 -6.58 -33.83 -71.38
C ALA U 118 -6.92 -35.30 -71.05
N HIS U 119 -7.62 -35.98 -71.94
CA HIS U 119 -7.85 -37.42 -71.72
C HIS U 119 -7.63 -38.16 -73.03
N ASP U 120 -7.17 -39.40 -72.89
CA ASP U 120 -6.81 -40.30 -74.00
C ASP U 120 -5.87 -39.58 -74.96
N LEU U 121 -4.80 -39.04 -74.40
CA LEU U 121 -3.99 -38.03 -75.07
C LEU U 121 -3.08 -38.76 -76.05
N THR U 122 -3.44 -38.72 -77.33
CA THR U 122 -2.68 -39.45 -78.34
C THR U 122 -1.50 -38.62 -78.82
N LEU U 123 -0.83 -39.14 -79.85
CA LEU U 123 0.38 -38.53 -80.36
C LEU U 123 0.10 -37.38 -81.32
N ASN U 124 -1.16 -37.20 -81.73
CA ASN U 124 -1.52 -36.10 -82.62
C ASN U 124 -2.28 -35.00 -81.92
N SER U 125 -2.99 -35.29 -80.84
CA SER U 125 -3.85 -34.31 -80.21
C SER U 125 -3.03 -33.26 -79.47
N GLU U 126 -3.61 -32.08 -79.30
CA GLU U 126 -2.91 -30.97 -78.70
C GLU U 126 -2.78 -31.18 -77.20
N ALA U 127 -1.72 -30.64 -76.65
CA ALA U 127 -1.50 -30.79 -75.22
C ALA U 127 -2.30 -29.74 -74.45
N PRO U 128 -2.90 -30.10 -73.33
CA PRO U 128 -3.63 -29.11 -72.54
C PRO U 128 -2.68 -28.15 -71.85
N LEU U 129 -3.10 -26.88 -71.80
CA LEU U 129 -2.45 -25.78 -71.06
C LEU U 129 -0.96 -25.66 -71.38
N ALA U 130 -0.61 -25.89 -72.64
CA ALA U 130 0.73 -25.63 -73.15
C ALA U 130 0.80 -24.34 -73.95
N GLU U 131 -0.32 -23.63 -74.08
CA GLU U 131 -0.28 -22.30 -74.68
C GLU U 131 0.34 -21.29 -73.73
N ARG U 132 0.33 -21.56 -72.42
CA ARG U 132 0.88 -20.63 -71.45
C ARG U 132 2.41 -20.56 -71.58
N ASP U 133 3.08 -21.70 -71.71
CA ASP U 133 4.47 -21.76 -72.17
C ASP U 133 4.77 -23.13 -72.76
N LYS U 134 5.64 -23.16 -73.77
CA LYS U 134 5.94 -24.44 -74.39
C LYS U 134 7.23 -25.04 -73.85
N ALA U 135 8.25 -24.22 -73.62
CA ALA U 135 9.52 -24.73 -73.13
C ALA U 135 9.56 -24.87 -71.62
N GLY U 136 8.46 -24.60 -70.93
CA GLY U 136 8.39 -24.85 -69.51
C GLY U 136 7.72 -26.18 -69.23
N LEU U 137 6.76 -26.53 -70.08
CA LEU U 137 6.08 -27.81 -69.97
C LEU U 137 6.95 -28.95 -70.46
N ALA U 138 7.94 -28.69 -71.29
CA ALA U 138 8.86 -29.72 -71.73
C ALA U 138 10.04 -29.91 -70.78
N ALA U 139 10.17 -29.05 -69.78
CA ALA U 139 11.18 -29.23 -68.75
C ALA U 139 10.64 -29.92 -67.51
N LEU U 140 9.34 -29.82 -67.26
CA LEU U 140 8.72 -30.63 -66.21
C LEU U 140 8.52 -32.06 -66.67
N PHE U 141 8.25 -32.24 -67.96
CA PHE U 141 8.21 -33.57 -68.54
C PHE U 141 9.56 -34.25 -68.48
N ALA U 142 10.58 -33.59 -69.01
CA ALA U 142 11.91 -34.18 -69.14
C ALA U 142 12.72 -34.16 -67.87
N MET U 143 12.15 -33.71 -66.75
CA MET U 143 12.91 -33.70 -65.51
C MET U 143 13.10 -35.12 -64.98
N GLU U 144 12.04 -35.92 -65.01
CA GLU U 144 12.11 -37.29 -64.54
C GLU U 144 12.09 -38.31 -65.67
N PHE U 145 11.65 -37.92 -66.86
CA PHE U 145 11.71 -38.83 -68.01
C PHE U 145 13.13 -39.05 -68.49
N ALA U 146 14.03 -38.09 -68.26
CA ALA U 146 15.42 -38.26 -68.64
C ALA U 146 16.17 -39.25 -67.76
N GLU U 147 15.60 -39.71 -66.65
CA GLU U 147 16.33 -40.58 -65.76
C GLU U 147 16.41 -42.01 -66.28
N MET U 148 15.54 -42.40 -67.21
CA MET U 148 15.67 -43.72 -67.83
C MET U 148 16.88 -43.76 -68.75
N PHE U 149 17.18 -42.66 -69.41
CA PHE U 149 18.46 -42.51 -70.07
C PHE U 149 19.52 -42.16 -69.03
N GLY U 150 20.73 -41.90 -69.51
CA GLY U 150 21.80 -41.59 -68.57
C GLY U 150 21.73 -40.19 -68.01
N ALA U 151 21.26 -39.23 -68.81
CA ALA U 151 21.45 -37.82 -68.50
C ALA U 151 20.42 -37.33 -67.48
N GLU U 152 20.57 -36.05 -67.12
CA GLU U 152 19.66 -35.36 -66.20
C GLU U 152 19.67 -33.88 -66.58
N LEU U 153 18.65 -33.16 -66.11
CA LEU U 153 18.58 -31.77 -66.54
C LEU U 153 19.52 -30.86 -65.75
N PRO U 154 20.09 -29.86 -66.43
CA PRO U 154 20.93 -28.87 -65.75
C PRO U 154 20.13 -28.00 -64.81
N PRO U 155 20.77 -27.34 -63.82
CA PRO U 155 19.98 -26.65 -62.80
C PRO U 155 19.43 -25.30 -63.23
N ARG U 156 19.94 -24.70 -64.31
CA ARG U 156 19.36 -23.45 -64.77
C ARG U 156 18.01 -23.66 -65.43
N THR U 157 17.74 -24.85 -65.96
CA THR U 157 16.48 -25.16 -66.60
C THR U 157 15.61 -26.12 -65.80
N THR U 158 16.15 -26.72 -64.73
CA THR U 158 15.31 -27.49 -63.82
C THR U 158 14.38 -26.57 -63.06
N ALA U 159 14.92 -25.47 -62.53
CA ALA U 159 14.11 -24.51 -61.79
C ALA U 159 13.16 -23.73 -62.68
N ARG U 160 13.31 -23.81 -64.00
CA ARG U 160 12.28 -23.28 -64.87
C ARG U 160 11.01 -24.12 -64.81
N GLY U 161 11.15 -25.44 -64.70
CA GLY U 161 9.98 -26.30 -64.64
C GLY U 161 9.24 -26.23 -63.32
N PHE U 162 9.96 -26.01 -62.22
CA PHE U 162 9.35 -25.81 -60.92
C PHE U 162 8.70 -24.45 -60.77
N ARG U 163 8.88 -23.56 -61.73
CA ARG U 163 8.08 -22.36 -61.77
C ARG U 163 6.75 -22.60 -62.47
N PHE U 164 6.75 -23.43 -63.51
CA PHE U 164 5.51 -23.74 -64.23
C PHE U 164 4.56 -24.56 -63.36
N LYS U 165 5.10 -25.46 -62.55
CA LYS U 165 4.25 -26.22 -61.64
C LYS U 165 3.69 -25.33 -60.54
N GLY U 166 4.42 -24.31 -60.15
CA GLY U 166 3.90 -23.39 -59.17
C GLY U 166 3.09 -22.26 -59.73
N ALA U 167 3.12 -22.06 -61.04
CA ALA U 167 2.29 -21.06 -61.66
C ALA U 167 0.86 -21.56 -61.85
N ILE U 168 0.63 -22.86 -61.77
CA ILE U 168 -0.71 -23.43 -61.84
C ILE U 168 -1.15 -24.01 -60.52
N SER U 169 -0.28 -24.05 -59.52
CA SER U 169 -0.62 -24.49 -58.18
C SER U 169 -1.06 -23.34 -57.30
N GLN U 170 -1.03 -22.12 -57.78
CA GLN U 170 -1.38 -20.96 -57.00
C GLN U 170 -2.52 -20.16 -57.58
N LYS U 171 -2.68 -20.17 -58.91
CA LYS U 171 -3.70 -19.43 -59.65
C LYS U 171 -3.67 -17.95 -59.29
N LEU U 172 -2.46 -17.37 -59.33
CA LEU U 172 -2.25 -16.03 -58.84
C LEU U 172 -2.32 -15.00 -59.97
N ALA U 173 -2.73 -15.41 -61.16
CA ALA U 173 -2.79 -14.50 -62.30
C ALA U 173 -3.97 -13.55 -62.19
N THR U 174 -5.14 -14.07 -61.83
CA THR U 174 -6.34 -13.25 -61.72
C THR U 174 -6.21 -12.26 -60.56
N LYS U 175 -6.49 -11.00 -60.83
CA LYS U 175 -6.36 -9.96 -59.82
C LYS U 175 -7.42 -10.15 -58.75
N ARG U 176 -7.05 -9.88 -57.50
CA ARG U 176 -7.93 -10.03 -56.36
C ARG U 176 -7.89 -8.74 -55.54
N ASP U 177 -8.74 -8.68 -54.53
CA ASP U 177 -8.94 -7.44 -53.79
C ASP U 177 -7.77 -7.15 -52.85
N ASP U 178 -7.60 -5.86 -52.57
CA ASP U 178 -6.63 -5.17 -51.75
C ASP U 178 -6.90 -5.44 -50.27
N PRO U 179 -5.98 -5.11 -49.36
CA PRO U 179 -6.33 -5.07 -47.94
C PRO U 179 -7.36 -3.99 -47.66
N VAL U 180 -8.05 -4.13 -46.54
CA VAL U 180 -9.35 -3.49 -46.37
C VAL U 180 -9.37 -2.38 -45.32
N TYR U 181 -8.49 -2.43 -44.30
CA TYR U 181 -8.53 -1.58 -43.10
C TYR U 181 -9.85 -1.66 -42.35
N TYR U 182 -10.40 -2.87 -42.24
CA TYR U 182 -11.53 -3.00 -41.33
C TYR U 182 -11.00 -3.02 -39.93
N MET V 1 38.90 -77.07 -9.27
CA MET V 1 39.92 -76.18 -8.73
C MET V 1 40.65 -75.48 -9.85
N ILE V 2 40.29 -74.22 -10.07
CA ILE V 2 40.90 -73.43 -11.13
C ILE V 2 42.27 -72.98 -10.63
N THR V 3 43.33 -73.53 -11.21
CA THR V 3 44.67 -73.23 -10.76
C THR V 3 45.11 -71.85 -11.26
N CYS V 4 46.28 -71.42 -10.78
CA CYS V 4 46.84 -70.16 -11.22
C CYS V 4 47.28 -70.22 -12.68
N ARG V 5 47.82 -71.36 -13.10
CA ARG V 5 48.33 -71.47 -14.45
C ARG V 5 47.23 -71.65 -15.49
N ASP V 6 45.98 -71.89 -15.07
CA ASP V 6 44.89 -71.86 -16.03
C ASP V 6 44.52 -70.45 -16.43
N ILE V 7 44.74 -69.48 -15.54
CA ILE V 7 44.47 -68.10 -15.89
C ILE V 7 45.53 -67.57 -16.86
N ILE V 8 46.79 -67.90 -16.60
CA ILE V 8 47.88 -67.43 -17.45
C ILE V 8 47.83 -68.11 -18.81
N THR V 9 47.35 -69.35 -18.87
CA THR V 9 47.14 -69.98 -20.17
C THR V 9 45.93 -69.38 -20.88
N LEU V 10 44.86 -69.08 -20.14
CA LEU V 10 43.72 -68.43 -20.76
C LEU V 10 44.02 -66.97 -21.06
N GLY V 11 44.83 -66.33 -20.24
CA GLY V 11 45.17 -64.94 -20.49
C GLY V 11 46.02 -64.74 -21.72
N LEU V 12 46.97 -65.64 -21.98
CA LEU V 12 47.84 -65.49 -23.13
C LEU V 12 47.15 -65.80 -24.45
N GLN V 13 46.30 -66.81 -24.50
CA GLN V 13 45.57 -67.06 -25.74
C GLN V 13 44.32 -66.21 -25.84
N GLN V 14 44.04 -65.37 -24.83
CA GLN V 14 43.04 -64.32 -24.98
C GLN V 14 43.56 -63.20 -25.86
N ALA V 15 44.81 -62.79 -25.63
CA ALA V 15 45.45 -61.73 -26.39
C ALA V 15 46.11 -62.23 -27.66
N ARG V 16 45.76 -63.46 -28.08
CA ARG V 16 46.20 -64.14 -29.30
C ARG V 16 47.71 -64.05 -29.55
N VAL V 17 48.48 -64.39 -28.53
CA VAL V 17 49.91 -64.52 -28.68
C VAL V 17 50.38 -65.99 -28.67
N VAL V 18 49.73 -66.87 -27.91
CA VAL V 18 49.96 -68.30 -28.03
C VAL V 18 48.74 -68.87 -28.77
N PRO V 19 48.89 -69.93 -29.54
CA PRO V 19 47.75 -70.44 -30.31
C PRO V 19 46.79 -71.23 -29.42
N LEU V 20 45.70 -71.66 -30.03
CA LEU V 20 44.70 -72.43 -29.33
C LEU V 20 45.16 -73.87 -29.17
N GLY V 21 45.25 -74.33 -27.92
CA GLY V 21 45.58 -75.70 -27.61
C GLY V 21 46.99 -75.91 -27.12
N ARG V 22 47.88 -74.95 -27.34
CA ARG V 22 49.24 -75.05 -26.86
C ARG V 22 49.42 -74.25 -25.58
N GLU V 23 50.34 -74.69 -24.76
CA GLU V 23 50.59 -74.16 -23.44
C GLU V 23 51.78 -73.20 -23.46
N PRO V 24 51.85 -72.26 -22.52
CA PRO V 24 53.02 -71.37 -22.45
C PRO V 24 54.28 -72.11 -22.02
N LYS V 25 55.42 -71.52 -22.35
CA LYS V 25 56.70 -72.10 -21.99
C LYS V 25 57.07 -71.73 -20.55
N ALA V 26 58.34 -71.94 -20.22
CA ALA V 26 58.77 -71.74 -18.84
C ALA V 26 59.01 -70.27 -18.53
N LYS V 27 59.67 -69.54 -19.42
CA LYS V 27 59.97 -68.15 -19.14
C LYS V 27 58.74 -67.26 -19.29
N GLU V 28 57.75 -67.70 -20.07
CA GLU V 28 56.53 -66.93 -20.24
C GLU V 28 55.58 -67.11 -19.06
N ALA V 29 55.42 -68.34 -18.59
CA ALA V 29 54.53 -68.65 -17.48
C ALA V 29 55.21 -68.53 -16.13
N ASP V 30 56.33 -67.82 -16.05
CA ASP V 30 56.92 -67.49 -14.78
C ASP V 30 57.14 -65.99 -14.62
N ALA V 31 57.03 -65.22 -15.70
CA ALA V 31 56.91 -63.78 -15.58
C ALA V 31 55.48 -63.36 -15.35
N GLY V 32 54.51 -64.14 -15.82
CA GLY V 32 53.13 -63.85 -15.56
C GLY V 32 52.69 -64.11 -14.15
N LEU V 33 53.46 -64.90 -13.40
CA LEU V 33 53.12 -65.13 -12.01
C LEU V 33 53.42 -63.90 -11.15
N THR V 34 54.52 -63.20 -11.45
CA THR V 34 54.91 -62.06 -10.64
C THR V 34 53.99 -60.88 -10.87
N VAL V 35 53.34 -60.82 -12.01
CA VAL V 35 52.40 -59.73 -12.28
C VAL V 35 50.98 -60.10 -11.88
N LEU V 36 50.64 -61.39 -11.85
CA LEU V 36 49.36 -61.80 -11.29
C LEU V 36 49.39 -61.78 -9.78
N GLN V 37 50.56 -61.95 -9.19
CA GLN V 37 50.70 -61.70 -7.76
C GLN V 37 50.51 -60.23 -7.45
N SER V 38 50.98 -59.34 -8.33
CA SER V 38 50.95 -57.92 -8.05
C SER V 38 49.55 -57.35 -8.08
N ILE V 39 48.67 -57.88 -8.93
CA ILE V 39 47.32 -57.35 -8.96
C ILE V 39 46.53 -57.82 -7.73
N TYR V 40 46.74 -59.07 -7.28
CA TYR V 40 46.09 -59.53 -6.06
C TYR V 40 46.63 -58.85 -4.82
N ASP V 41 47.87 -58.39 -4.85
CA ASP V 41 48.44 -57.78 -3.67
C ASP V 41 48.12 -56.29 -3.61
N SER V 42 47.78 -55.70 -4.74
CA SER V 42 47.38 -54.30 -4.78
C SER V 42 45.89 -54.11 -4.63
N MET V 43 45.17 -55.18 -4.29
CA MET V 43 43.75 -55.09 -3.97
C MET V 43 43.48 -55.09 -2.47
N PHE V 44 44.37 -55.68 -1.69
CA PHE V 44 44.23 -55.63 -0.24
C PHE V 44 44.91 -54.42 0.35
N ALA V 45 45.92 -53.87 -0.34
CA ALA V 45 46.65 -52.75 0.22
C ALA V 45 45.78 -51.50 0.22
N ASP V 46 45.41 -51.05 -0.97
CA ASP V 46 44.49 -49.92 -1.11
C ASP V 46 43.79 -50.02 -2.46
N GLY V 47 42.61 -50.63 -2.46
CA GLY V 47 41.89 -50.91 -3.67
C GLY V 47 40.46 -51.28 -3.37
N PRO V 48 39.81 -51.98 -4.30
CA PRO V 48 38.37 -52.21 -4.18
C PRO V 48 37.94 -53.17 -3.08
N LEU V 49 38.84 -53.68 -2.24
CA LEU V 49 38.44 -54.55 -1.14
C LEU V 49 38.12 -53.79 0.14
N GLY V 50 37.79 -52.51 0.03
CA GLY V 50 37.23 -51.79 1.14
C GLY V 50 38.26 -51.27 2.12
N PRO V 51 37.88 -50.26 2.89
CA PRO V 51 38.78 -49.73 3.90
C PRO V 51 38.92 -50.68 5.08
N PHE V 52 40.02 -50.54 5.80
CA PHE V 52 40.38 -51.45 6.87
C PHE V 52 40.52 -50.70 8.18
N THR V 53 40.47 -51.43 9.28
CA THR V 53 40.52 -50.84 10.62
C THR V 53 41.78 -51.31 11.33
N GLU V 54 42.51 -50.36 11.91
CA GLU V 54 43.74 -50.67 12.63
C GLU V 54 43.43 -51.33 13.96
N VAL V 55 44.29 -52.27 14.36
CA VAL V 55 44.20 -52.88 15.68
C VAL V 55 45.58 -53.40 16.05
N TYR V 56 45.89 -53.38 17.35
CA TYR V 56 47.14 -53.91 17.88
C TYR V 56 46.85 -54.62 19.18
N ALA V 57 46.73 -55.94 19.12
CA ALA V 57 46.49 -56.72 20.33
C ALA V 57 47.47 -57.87 20.36
N THR V 58 48.12 -58.06 21.49
CA THR V 58 49.00 -59.19 21.73
C THR V 58 48.29 -60.09 22.74
N SER V 59 47.41 -60.94 22.24
CA SER V 59 46.57 -61.83 23.03
C SER V 59 46.00 -62.88 22.07
N ALA V 60 44.97 -63.59 22.52
CA ALA V 60 44.34 -64.65 21.75
C ALA V 60 43.17 -64.14 20.90
N TYR V 61 43.31 -62.93 20.35
CA TYR V 61 42.24 -62.22 19.66
C TYR V 61 41.73 -62.98 18.44
N THR V 62 40.42 -62.91 18.23
CA THR V 62 39.78 -63.44 17.04
C THR V 62 39.33 -62.28 16.16
N ALA V 63 39.51 -62.44 14.85
CA ALA V 63 39.37 -61.31 13.94
C ALA V 63 37.91 -60.98 13.64
N GLN V 64 37.67 -59.70 13.37
CA GLN V 64 36.37 -59.19 12.94
C GLN V 64 36.40 -58.98 11.44
N GLU V 65 35.37 -58.32 10.95
CA GLU V 65 35.30 -57.94 9.55
C GLU V 65 36.19 -56.74 9.27
N ASN V 66 36.91 -56.78 8.15
CA ASN V 66 37.65 -55.64 7.59
C ASN V 66 38.71 -55.10 8.55
N GLU V 67 39.42 -55.98 9.25
CA GLU V 67 40.31 -55.56 10.31
C GLU V 67 41.72 -56.05 10.03
N ARG V 68 42.67 -55.13 9.94
CA ARG V 68 44.05 -55.44 9.59
C ARG V 68 44.85 -55.68 10.87
N ILE V 69 45.18 -56.95 11.14
CA ILE V 69 45.78 -57.35 12.41
C ILE V 69 47.29 -57.23 12.25
N VAL V 70 47.94 -56.51 13.17
CA VAL V 70 49.38 -56.27 13.02
C VAL V 70 50.11 -56.80 14.26
N THR V 71 49.60 -57.90 14.82
CA THR V 71 50.18 -58.47 16.02
C THR V 71 51.54 -59.11 15.74
N ASN V 72 52.31 -59.31 16.81
CA ASN V 72 53.69 -59.77 16.71
C ASN V 72 53.85 -61.25 17.09
N GLY V 73 53.31 -61.66 18.24
CA GLY V 73 53.18 -63.07 18.52
C GLY V 73 51.82 -63.35 19.12
N ALA V 74 50.99 -64.12 18.42
CA ALA V 74 49.60 -64.30 18.83
C ALA V 74 49.01 -65.47 18.04
N ALA V 75 47.75 -65.76 18.34
CA ALA V 75 46.96 -66.74 17.63
C ALA V 75 45.72 -66.03 17.09
N ILE V 76 45.79 -65.61 15.83
CA ILE V 76 44.69 -64.91 15.19
C ILE V 76 43.90 -65.93 14.38
N THR V 77 42.66 -66.17 14.78
CA THR V 77 41.79 -67.13 14.11
C THR V 77 40.72 -66.41 13.31
N ILE V 78 40.64 -66.72 12.03
CA ILE V 78 39.59 -66.15 11.17
C ILE V 78 38.26 -66.82 11.51
N PRO V 79 37.20 -66.06 11.80
CA PRO V 79 35.94 -66.70 12.18
C PRO V 79 35.23 -67.33 11.00
N GLN V 80 34.48 -68.39 11.29
CA GLN V 80 33.66 -69.06 10.29
C GLN V 80 32.21 -68.62 10.36
N THR V 81 31.64 -68.59 11.57
CA THR V 81 30.29 -68.13 11.80
C THR V 81 30.32 -66.93 12.74
N ILE V 82 29.31 -66.09 12.65
CA ILE V 82 29.20 -64.91 13.51
C ILE V 82 27.82 -64.89 14.13
N THR V 83 27.76 -64.77 15.46
CA THR V 83 26.50 -64.77 16.19
C THR V 83 26.19 -63.36 16.71
N GLU V 84 25.37 -62.63 15.97
CA GLU V 84 24.96 -61.28 16.36
C GLU V 84 23.58 -61.39 17.00
N GLY V 85 23.57 -61.83 18.26
CA GLY V 85 22.33 -62.03 18.99
C GLY V 85 21.50 -63.18 18.44
N ASN V 86 22.13 -64.36 18.33
CA ASN V 86 21.58 -65.58 17.74
C ASN V 86 21.14 -65.39 16.29
N GLU V 87 21.69 -64.40 15.60
CA GLU V 87 21.56 -64.27 14.15
C GLU V 87 22.80 -64.91 13.55
N THR V 88 22.88 -66.24 13.67
CA THR V 88 24.10 -66.97 13.35
C THR V 88 24.26 -67.00 11.83
N ARG V 89 24.91 -65.95 11.33
CA ARG V 89 25.12 -65.75 9.90
C ARG V 89 26.54 -66.06 9.50
N LYS V 90 26.74 -66.24 8.21
CA LYS V 90 28.06 -66.25 7.62
C LYS V 90 28.48 -64.81 7.36
N PRO V 91 29.79 -64.54 7.19
CA PRO V 91 30.21 -63.17 6.88
C PRO V 91 29.71 -62.68 5.54
N TYR V 92 29.81 -61.38 5.33
CA TYR V 92 29.29 -60.77 4.11
C TYR V 92 30.14 -61.15 2.92
N ASP V 93 29.54 -61.00 1.74
CA ASP V 93 30.23 -61.31 0.50
C ASP V 93 31.31 -60.27 0.24
N LEU V 94 32.54 -60.75 -0.02
CA LEU V 94 33.73 -59.93 -0.27
C LEU V 94 34.04 -58.98 0.88
N THR V 95 34.37 -59.51 2.05
CA THR V 95 34.95 -58.71 3.12
C THR V 95 36.24 -59.36 3.59
N ALA V 96 37.30 -58.59 3.66
CA ALA V 96 38.64 -59.13 3.78
C ALA V 96 39.15 -59.05 5.21
N ILE V 97 40.19 -59.84 5.49
CA ILE V 97 40.89 -59.85 6.77
C ILE V 97 42.39 -59.95 6.49
N ILE V 98 43.19 -59.07 7.10
CA ILE V 98 44.64 -59.07 6.96
C ILE V 98 45.24 -59.41 8.31
N VAL V 99 46.22 -60.30 8.32
CA VAL V 99 47.02 -60.56 9.52
C VAL V 99 48.49 -60.35 9.18
N ILE V 100 49.16 -59.51 9.95
CA ILE V 100 50.54 -59.12 9.65
C ILE V 100 51.40 -59.39 10.87
N ASN V 101 52.29 -60.36 10.76
CA ASN V 101 53.32 -60.60 11.76
C ASN V 101 54.53 -59.73 11.42
N GLY V 102 55.72 -60.08 11.92
CA GLY V 102 56.94 -59.35 11.65
C GLY V 102 57.25 -59.00 10.20
N ALA V 103 57.19 -59.97 9.30
CA ALA V 103 57.48 -59.72 7.90
C ALA V 103 56.59 -60.47 6.92
N ALA V 104 55.58 -61.20 7.39
CA ALA V 104 54.76 -62.05 6.53
C ALA V 104 53.33 -61.58 6.57
N GLN V 105 52.82 -61.12 5.42
CA GLN V 105 51.42 -60.76 5.31
C GLN V 105 50.62 -61.98 4.85
N GLU V 106 49.45 -62.17 5.45
CA GLU V 106 48.51 -63.20 5.03
C GLU V 106 47.15 -62.53 4.92
N ASN V 107 46.74 -62.24 3.70
CA ASN V 107 45.42 -61.70 3.43
C ASN V 107 44.39 -62.82 3.38
N HIS V 108 43.11 -62.46 3.43
CA HIS V 108 42.01 -63.41 3.35
C HIS V 108 40.81 -62.70 2.73
N VAL V 109 39.92 -63.46 2.10
CA VAL V 109 38.72 -62.91 1.49
C VAL V 109 37.66 -64.00 1.41
N PHE V 110 36.43 -63.63 1.76
CA PHE V 110 35.31 -64.58 1.81
C PHE V 110 34.40 -64.36 0.62
N SER V 111 34.51 -65.23 -0.38
CA SER V 111 33.74 -65.13 -1.61
C SER V 111 33.00 -66.44 -1.83
N LEU V 112 31.67 -66.39 -1.69
CA LEU V 112 30.76 -67.53 -1.89
C LEU V 112 31.07 -68.71 -0.96
N GLY V 113 30.92 -68.48 0.33
CA GLY V 113 30.94 -69.59 1.27
C GLY V 113 32.29 -70.20 1.56
N ARG V 114 33.38 -69.46 1.37
CA ARG V 114 34.71 -70.04 1.50
C ARG V 114 35.72 -68.91 1.66
N TRP V 115 36.67 -69.10 2.57
CA TRP V 115 37.75 -68.12 2.75
C TRP V 115 38.88 -68.43 1.78
N GLN V 116 39.02 -67.62 0.74
CA GLN V 116 40.14 -67.72 -0.18
C GLN V 116 41.41 -67.22 0.50
N THR V 117 42.57 -67.56 -0.07
CA THR V 117 43.80 -67.32 0.69
C THR V 117 44.69 -66.20 0.14
N ALA V 118 44.96 -66.16 -1.17
CA ALA V 118 45.45 -64.97 -1.88
C ALA V 118 46.82 -64.46 -1.42
N HIS V 119 47.64 -65.32 -0.81
CA HIS V 119 49.00 -64.90 -0.49
C HIS V 119 49.96 -66.02 -0.85
N ASP V 120 51.19 -65.61 -1.23
CA ASP V 120 52.25 -66.49 -1.69
C ASP V 120 51.74 -67.40 -2.80
N LEU V 121 51.14 -66.78 -3.80
CA LEU V 121 50.29 -67.48 -4.75
C LEU V 121 51.20 -68.18 -5.75
N THR V 122 51.36 -69.48 -5.58
CA THR V 122 52.27 -70.24 -6.44
C THR V 122 51.58 -70.67 -7.71
N LEU V 123 52.29 -71.49 -8.50
CA LEU V 123 51.80 -71.90 -9.81
C LEU V 123 50.82 -73.07 -9.71
N ASN V 124 50.68 -73.69 -8.55
CA ASN V 124 49.75 -74.79 -8.36
C ASN V 124 48.51 -74.41 -7.57
N SER V 125 48.60 -73.41 -6.71
CA SER V 125 47.50 -73.08 -5.82
C SER V 125 46.37 -72.42 -6.58
N GLU V 126 45.16 -72.54 -6.04
CA GLU V 126 43.99 -72.01 -6.71
C GLU V 126 43.93 -70.50 -6.61
N ALA V 127 43.33 -69.89 -7.60
CA ALA V 127 43.24 -68.45 -7.61
C ALA V 127 42.05 -68.00 -6.77
N PRO V 128 42.20 -66.92 -5.99
CA PRO V 128 41.08 -66.44 -5.20
C PRO V 128 40.04 -65.77 -6.09
N LEU V 129 38.77 -66.00 -5.74
CA LEU V 129 37.58 -65.36 -6.33
C LEU V 129 37.55 -65.47 -7.86
N ALA V 130 38.00 -66.61 -8.37
CA ALA V 130 37.87 -66.95 -9.79
C ALA V 130 36.74 -67.92 -10.04
N GLU V 131 36.03 -68.35 -8.99
CA GLU V 131 34.83 -69.13 -9.18
C GLU V 131 33.68 -68.29 -9.71
N ARG V 132 33.73 -66.97 -9.50
CA ARG V 132 32.66 -66.09 -9.95
C ARG V 132 32.65 -66.00 -11.48
N ASP V 133 33.82 -65.83 -12.11
CA ASP V 133 33.99 -66.06 -13.54
C ASP V 133 35.45 -66.36 -13.86
N LYS V 134 35.68 -67.22 -14.85
CA LYS V 134 37.05 -67.57 -15.17
C LYS V 134 37.60 -66.75 -16.34
N ALA V 135 36.78 -66.51 -17.35
CA ALA V 135 37.21 -65.76 -18.52
C ALA V 135 37.11 -64.25 -18.34
N GLY V 136 36.69 -63.78 -17.16
CA GLY V 136 36.69 -62.37 -16.88
C GLY V 136 37.94 -61.99 -16.10
N LEU V 137 38.40 -62.90 -15.26
CA LEU V 137 39.63 -62.69 -14.50
C LEU V 137 40.86 -62.84 -15.37
N ALA V 138 40.76 -63.54 -16.49
CA ALA V 138 41.88 -63.66 -17.41
C ALA V 138 41.94 -62.54 -18.42
N ALA V 139 40.93 -61.68 -18.45
CA ALA V 139 40.96 -60.49 -19.29
C ALA V 139 41.40 -59.25 -18.54
N LEU V 140 41.23 -59.22 -17.23
CA LEU V 140 41.83 -58.15 -16.43
C LEU V 140 43.31 -58.40 -16.22
N PHE V 141 43.71 -59.66 -16.13
CA PHE V 141 45.12 -60.02 -16.10
C PHE V 141 45.81 -59.65 -17.39
N ALA V 142 45.28 -60.11 -18.52
CA ALA V 142 45.92 -59.95 -19.81
C ALA V 142 45.70 -58.59 -20.44
N MET V 143 45.06 -57.66 -19.73
CA MET V 143 44.86 -56.34 -20.30
C MET V 143 46.16 -55.56 -20.34
N GLU V 144 46.92 -55.61 -19.25
CA GLU V 144 48.20 -54.93 -19.19
C GLU V 144 49.40 -55.85 -19.27
N PHE V 145 49.21 -57.15 -19.03
CA PHE V 145 50.29 -58.11 -19.20
C PHE V 145 50.64 -58.33 -20.67
N ALA V 146 49.67 -58.12 -21.57
CA ALA V 146 49.95 -58.26 -23.00
C ALA V 146 50.79 -57.12 -23.57
N GLU V 147 51.03 -56.06 -22.81
CA GLU V 147 51.77 -54.93 -23.36
C GLU V 147 53.27 -55.19 -23.43
N MET V 148 53.78 -56.17 -22.68
CA MET V 148 55.19 -56.52 -22.83
C MET V 148 55.42 -57.24 -24.16
N PHE V 149 54.46 -58.02 -24.61
CA PHE V 149 54.46 -58.49 -25.98
C PHE V 149 53.96 -57.39 -26.90
N GLY V 150 53.82 -57.70 -28.18
CA GLY V 150 53.39 -56.69 -29.12
C GLY V 150 51.91 -56.38 -29.03
N ALA V 151 51.09 -57.38 -28.75
CA ALA V 151 49.65 -57.29 -28.95
C ALA V 151 48.96 -56.53 -27.83
N GLU V 152 47.65 -56.36 -27.97
CA GLU V 152 46.79 -55.73 -26.99
C GLU V 152 45.40 -56.32 -27.12
N LEU V 153 44.57 -56.14 -26.10
CA LEU V 153 43.28 -56.81 -26.15
C LEU V 153 42.28 -56.05 -27.02
N PRO V 154 41.42 -56.78 -27.73
CA PRO V 154 40.35 -56.16 -28.53
C PRO V 154 39.31 -55.51 -27.64
N PRO V 155 38.52 -54.56 -28.16
CA PRO V 155 37.63 -53.79 -27.28
C PRO V 155 36.37 -54.51 -26.86
N ARG V 156 35.96 -55.58 -27.55
CA ARG V 156 34.80 -56.33 -27.10
C ARG V 156 35.09 -57.15 -25.85
N THR V 157 36.35 -57.50 -25.61
CA THR V 157 36.72 -58.26 -24.43
C THR V 157 37.51 -57.46 -23.41
N THR V 158 37.93 -56.24 -23.76
CA THR V 158 38.51 -55.35 -22.76
C THR V 158 37.45 -54.90 -21.78
N ALA V 159 36.29 -54.49 -22.29
CA ALA V 159 35.20 -54.05 -21.44
C ALA V 159 34.55 -55.19 -20.68
N ARG V 160 34.86 -56.43 -21.00
CA ARG V 160 34.46 -57.52 -20.14
C ARG V 160 35.24 -57.51 -18.83
N GLY V 161 36.53 -57.17 -18.88
CA GLY V 161 37.34 -57.15 -17.67
C GLY V 161 37.01 -55.98 -16.76
N PHE V 162 36.63 -54.84 -17.32
CA PHE V 162 36.20 -53.70 -16.53
C PHE V 162 34.81 -53.87 -15.94
N ARG V 163 34.11 -54.93 -16.31
CA ARG V 163 32.91 -55.29 -15.58
C ARG V 163 33.23 -56.13 -14.37
N PHE V 164 34.23 -57.01 -14.47
CA PHE V 164 34.62 -57.84 -13.33
C PHE V 164 35.25 -57.00 -12.23
N LYS V 165 36.02 -55.98 -12.59
CA LYS V 165 36.59 -55.09 -11.59
C LYS V 165 35.51 -54.27 -10.91
N GLY V 166 34.45 -53.93 -11.63
CA GLY V 166 33.36 -53.21 -11.03
C GLY V 166 32.33 -54.06 -10.37
N ALA V 167 32.36 -55.37 -10.60
CA ALA V 167 31.46 -56.26 -9.91
C ALA V 167 31.93 -56.58 -8.51
N ILE V 168 33.20 -56.33 -8.20
CA ILE V 168 33.74 -56.51 -6.86
C ILE V 168 34.07 -55.18 -6.20
N SER V 169 33.96 -54.08 -6.91
CA SER V 169 34.15 -52.75 -6.36
C SER V 169 32.87 -52.13 -5.86
N GLN V 170 31.74 -52.81 -6.03
CA GLN V 170 30.46 -52.29 -5.63
C GLN V 170 29.73 -53.16 -4.61
N LYS V 171 29.97 -54.47 -4.66
CA LYS V 171 29.33 -55.47 -3.80
C LYS V 171 27.82 -55.36 -3.86
N LEU V 172 27.30 -55.32 -5.08
CA LEU V 172 25.89 -55.03 -5.29
C LEU V 172 25.07 -56.30 -5.44
N ALA V 173 25.66 -57.47 -5.18
CA ALA V 173 24.96 -58.73 -5.33
C ALA V 173 23.98 -58.96 -4.20
N THR V 174 24.39 -58.70 -2.97
CA THR V 174 23.52 -58.91 -1.81
C THR V 174 22.38 -57.92 -1.81
N LYS V 175 21.16 -58.44 -1.64
CA LYS V 175 19.97 -57.61 -1.68
C LYS V 175 19.94 -56.69 -0.47
N ARG V 176 19.48 -55.46 -0.68
CA ARG V 176 19.40 -54.45 0.36
C ARG V 176 18.00 -53.87 0.38
N ASP V 177 17.74 -53.01 1.35
CA ASP V 177 16.39 -52.53 1.61
C ASP V 177 15.98 -51.48 0.57
N ASP V 178 14.67 -51.40 0.36
CA ASP V 178 13.86 -50.56 -0.51
C ASP V 178 13.88 -49.11 -0.01
N PRO V 179 13.42 -48.15 -0.82
CA PRO V 179 13.12 -46.82 -0.26
C PRO V 179 11.98 -46.89 0.73
N VAL V 180 11.91 -45.86 1.58
CA VAL V 180 11.22 -46.00 2.86
C VAL V 180 9.94 -45.17 2.97
N TYR V 181 9.85 -44.04 2.26
CA TYR V 181 8.80 -43.00 2.41
C TYR V 181 8.72 -42.47 3.84
N TYR V 182 9.87 -42.25 4.46
CA TYR V 182 9.82 -41.50 5.71
C TYR V 182 9.61 -40.05 5.39
N MET W 1 15.79 -80.80 -27.38
CA MET W 1 16.82 -80.52 -26.40
C MET W 1 18.01 -79.87 -27.06
N ILE W 2 18.11 -78.56 -26.92
CA ILE W 2 19.21 -77.80 -27.51
C ILE W 2 20.45 -78.02 -26.65
N THR W 3 21.42 -78.75 -27.19
CA THR W 3 22.61 -79.08 -26.43
C THR W 3 23.55 -77.90 -26.34
N CYS W 4 24.60 -78.05 -25.55
CA CYS W 4 25.61 -77.02 -25.42
C CYS W 4 26.41 -76.87 -26.71
N ARG W 5 26.70 -77.97 -27.39
CA ARG W 5 27.51 -77.91 -28.59
C ARG W 5 26.75 -77.40 -29.80
N ASP W 6 25.42 -77.27 -29.72
CA ASP W 6 24.69 -76.60 -30.80
C ASP W 6 24.90 -75.10 -30.77
N ILE W 7 25.12 -74.54 -29.57
CA ILE W 7 25.38 -73.11 -29.48
C ILE W 7 26.77 -72.78 -30.00
N ILE W 8 27.76 -73.60 -29.64
CA ILE W 8 29.13 -73.36 -30.08
C ILE W 8 29.28 -73.60 -31.58
N THR W 9 28.49 -74.52 -32.14
CA THR W 9 28.48 -74.69 -33.58
C THR W 9 27.75 -73.53 -34.26
N LEU W 10 26.65 -73.06 -33.66
CA LEU W 10 25.97 -71.90 -34.22
C LEU W 10 26.76 -70.63 -33.95
N GLY W 11 27.46 -70.56 -32.83
CA GLY W 11 28.25 -69.37 -32.53
C GLY W 11 29.44 -69.19 -33.45
N LEU W 12 30.10 -70.27 -33.82
CA LEU W 12 31.27 -70.17 -34.68
C LEU W 12 30.92 -69.85 -36.13
N GLN W 13 29.87 -70.44 -36.68
CA GLN W 13 29.47 -70.08 -38.03
C GLN W 13 28.61 -68.83 -38.07
N GLN W 14 28.32 -68.24 -36.91
CA GLN W 14 27.75 -66.90 -36.85
C GLN W 14 28.80 -65.85 -37.19
N ALA W 15 30.00 -66.00 -36.63
CA ALA W 15 31.11 -65.09 -36.85
C ALA W 15 31.93 -65.46 -38.08
N ARG W 16 31.38 -66.32 -38.94
CA ARG W 16 31.92 -66.78 -40.23
C ARG W 16 33.40 -67.18 -40.16
N VAL W 17 33.71 -68.04 -39.19
CA VAL W 17 35.03 -68.64 -39.11
C VAL W 17 35.03 -70.12 -39.51
N VAL W 18 33.96 -70.86 -39.21
CA VAL W 18 33.78 -72.20 -39.78
C VAL W 18 32.71 -72.07 -40.87
N PRO W 19 32.75 -72.89 -41.92
CA PRO W 19 31.78 -72.73 -43.00
C PRO W 19 30.43 -73.31 -42.62
N LEU W 20 29.48 -73.14 -43.52
CA LEU W 20 28.14 -73.65 -43.31
C LEU W 20 28.10 -75.15 -43.57
N GLY W 21 27.69 -75.91 -42.55
CA GLY W 21 27.50 -77.33 -42.67
C GLY W 21 28.58 -78.16 -42.03
N ARG W 22 29.74 -77.57 -41.74
CA ARG W 22 30.82 -78.29 -41.09
C ARG W 22 30.86 -77.95 -39.61
N GLU W 23 31.34 -78.90 -38.84
CA GLU W 23 31.34 -78.84 -37.39
C GLU W 23 32.71 -78.43 -36.87
N PRO W 24 32.79 -77.85 -35.68
CA PRO W 24 34.09 -77.50 -35.11
C PRO W 24 34.91 -78.73 -34.73
N LYS W 25 36.21 -78.53 -34.63
CA LYS W 25 37.12 -79.60 -34.26
C LYS W 25 37.15 -79.78 -32.74
N ALA W 26 38.15 -80.52 -32.28
CA ALA W 26 38.22 -80.85 -30.85
C ALA W 26 38.76 -79.70 -30.03
N LYS W 27 39.84 -79.05 -30.49
CA LYS W 27 40.44 -77.98 -29.71
C LYS W 27 39.62 -76.71 -29.77
N GLU W 28 38.81 -76.54 -30.81
CA GLU W 28 37.96 -75.35 -30.93
C GLU W 28 36.72 -75.48 -30.07
N ALA W 29 36.07 -76.65 -30.09
CA ALA W 29 34.86 -76.87 -29.33
C ALA W 29 35.12 -77.36 -27.91
N ASP W 30 36.34 -77.16 -27.40
CA ASP W 30 36.61 -77.40 -26.00
C ASP W 30 37.20 -76.17 -25.31
N ALA W 31 37.63 -75.17 -26.07
CA ALA W 31 37.90 -73.87 -25.49
C ALA W 31 36.66 -73.02 -25.40
N GLY W 32 35.68 -73.25 -26.26
CA GLY W 32 34.43 -72.55 -26.18
C GLY W 32 33.55 -72.98 -25.04
N LEU W 33 33.81 -74.17 -24.47
CA LEU W 33 33.04 -74.61 -23.33
C LEU W 33 33.43 -73.84 -22.07
N THR W 34 34.72 -73.54 -21.92
CA THR W 34 35.18 -72.86 -20.70
C THR W 34 34.75 -71.41 -20.68
N VAL W 35 34.50 -70.83 -21.85
CA VAL W 35 34.03 -69.44 -21.89
C VAL W 35 32.51 -69.36 -21.90
N LEU W 36 31.82 -70.39 -22.37
CA LEU W 36 30.37 -70.44 -22.23
C LEU W 36 29.97 -70.81 -20.82
N GLN W 37 30.83 -71.55 -20.11
CA GLN W 37 30.63 -71.74 -18.68
C GLN W 37 30.79 -70.43 -17.93
N SER W 38 31.72 -69.59 -18.36
CA SER W 38 32.04 -68.37 -17.62
C SER W 38 30.92 -67.33 -17.73
N ILE W 39 30.22 -67.27 -18.85
CA ILE W 39 29.14 -66.30 -18.93
C ILE W 39 27.94 -66.75 -18.11
N TYR W 40 27.64 -68.05 -18.07
CA TYR W 40 26.56 -68.54 -17.21
C TYR W 40 26.90 -68.46 -15.74
N ASP W 41 28.17 -68.48 -15.39
CA ASP W 41 28.54 -68.44 -13.98
C ASP W 41 28.65 -67.01 -13.48
N SER W 42 28.84 -66.07 -14.39
CA SER W 42 28.90 -64.66 -14.02
C SER W 42 27.54 -63.99 -14.10
N MET W 43 26.48 -64.76 -14.28
CA MET W 43 25.13 -64.24 -14.20
C MET W 43 24.46 -64.53 -12.87
N PHE W 44 24.86 -65.59 -12.19
CA PHE W 44 24.34 -65.86 -10.86
C PHE W 44 25.15 -65.17 -9.79
N ALA W 45 26.42 -64.88 -10.05
CA ALA W 45 27.26 -64.28 -9.02
C ALA W 45 26.84 -62.85 -8.76
N ASP W 46 26.96 -61.99 -9.78
CA ASP W 46 26.50 -60.61 -9.69
C ASP W 46 26.20 -60.11 -11.10
N GLY W 47 24.95 -60.23 -11.51
CA GLY W 47 24.56 -59.91 -12.86
C GLY W 47 23.06 -59.79 -12.97
N PRO W 48 22.52 -59.95 -14.17
CA PRO W 48 21.10 -59.65 -14.40
C PRO W 48 20.12 -60.64 -13.78
N LEU W 49 20.56 -61.63 -13.02
CA LEU W 49 19.63 -62.55 -12.36
C LEU W 49 19.19 -62.07 -10.99
N GLY W 50 19.30 -60.79 -10.71
CA GLY W 50 18.68 -60.22 -9.55
C GLY W 50 19.49 -60.38 -8.29
N PRO W 51 19.21 -59.54 -7.29
CA PRO W 51 19.91 -59.65 -6.02
C PRO W 51 19.43 -60.85 -5.23
N PHE W 52 20.27 -61.30 -4.32
CA PHE W 52 20.03 -62.53 -3.57
C PHE W 52 20.00 -62.24 -2.08
N THR W 53 19.42 -63.16 -1.32
CA THR W 53 19.26 -62.99 0.12
C THR W 53 20.08 -64.05 0.85
N GLU W 54 20.85 -63.62 1.85
CA GLU W 54 21.69 -64.52 2.62
C GLU W 54 20.83 -65.35 3.58
N VAL W 55 21.23 -66.60 3.78
CA VAL W 55 20.59 -67.45 4.78
C VAL W 55 21.60 -68.52 5.19
N TYR W 56 21.52 -68.94 6.45
CA TYR W 56 22.36 -70.00 6.98
C TYR W 56 21.52 -70.86 7.91
N ALA W 57 21.04 -71.99 7.39
CA ALA W 57 20.25 -72.91 8.19
C ALA W 57 20.80 -74.31 8.00
N THR W 58 21.02 -75.00 9.11
CA THR W 58 21.43 -76.40 9.11
C THR W 58 20.23 -77.20 9.61
N SER W 59 19.31 -77.51 8.70
CA SER W 59 18.06 -78.20 8.98
C SER W 59 17.52 -78.69 7.65
N ALA W 60 16.23 -79.07 7.63
CA ALA W 60 15.56 -79.58 6.44
C ALA W 60 14.90 -78.49 5.63
N TYR W 61 15.52 -77.32 5.55
CA TYR W 61 14.96 -76.11 4.96
C TYR W 61 14.62 -76.30 3.49
N THR W 62 13.50 -75.71 3.08
CA THR W 62 13.10 -75.63 1.68
C THR W 62 13.27 -74.21 1.18
N ALA W 63 13.75 -74.08 -0.05
CA ALA W 63 14.22 -72.79 -0.54
C ALA W 63 13.07 -71.89 -0.96
N GLN W 64 13.29 -70.59 -0.83
CA GLN W 64 12.38 -69.55 -1.28
C GLN W 64 12.90 -68.99 -2.61
N GLU W 65 12.29 -67.88 -3.02
CA GLU W 65 12.74 -67.17 -4.20
C GLU W 65 13.97 -66.34 -3.89
N ASN W 66 14.94 -66.36 -4.82
CA ASN W 66 16.11 -65.47 -4.81
C ASN W 66 16.97 -65.61 -3.55
N GLU W 67 17.14 -66.84 -3.07
CA GLU W 67 17.78 -67.06 -1.79
C GLU W 67 19.01 -67.94 -1.95
N ARG W 68 20.16 -67.44 -1.56
CA ARG W 68 21.44 -68.13 -1.74
C ARG W 68 21.75 -68.97 -0.49
N ILE W 69 21.59 -70.28 -0.61
CA ILE W 69 21.66 -71.20 0.53
C ILE W 69 23.12 -71.60 0.70
N VAL W 70 23.67 -71.43 1.91
CA VAL W 70 25.10 -71.70 2.12
C VAL W 70 25.25 -72.75 3.22
N THR W 71 24.31 -73.69 3.27
CA THR W 71 24.34 -74.73 4.28
C THR W 71 25.46 -75.73 4.05
N ASN W 72 25.81 -76.45 5.12
CA ASN W 72 26.96 -77.35 5.12
C ASN W 72 26.56 -78.82 5.00
N GLY W 73 25.64 -79.30 5.82
CA GLY W 73 25.01 -80.58 5.59
C GLY W 73 23.52 -80.48 5.80
N ALA W 74 22.74 -80.69 4.75
CA ALA W 74 21.31 -80.45 4.81
C ALA W 74 20.65 -81.08 3.59
N ALA W 75 19.33 -80.96 3.54
CA ALA W 75 18.52 -81.37 2.40
C ALA W 75 17.75 -80.15 1.92
N ILE W 76 18.28 -79.46 0.92
CA ILE W 76 17.67 -78.27 0.35
C ILE W 76 16.89 -78.69 -0.87
N THR W 77 15.57 -78.55 -0.81
CA THR W 77 14.68 -78.93 -1.90
C THR W 77 14.15 -77.68 -2.59
N ILE W 78 14.34 -77.61 -3.89
CA ILE W 78 13.80 -76.50 -4.68
C ILE W 78 12.29 -76.70 -4.84
N PRO W 79 11.47 -75.71 -4.51
CA PRO W 79 10.02 -75.92 -4.59
C PRO W 79 9.52 -75.91 -6.02
N GLN W 80 8.45 -76.66 -6.26
CA GLN W 80 7.78 -76.72 -7.55
C GLN W 80 6.56 -75.81 -7.60
N THR W 81 5.72 -75.88 -6.58
CA THR W 81 4.54 -75.04 -6.45
C THR W 81 4.65 -74.22 -5.17
N ILE W 82 4.00 -73.06 -5.15
CA ILE W 82 4.01 -72.19 -3.98
C ILE W 82 2.57 -71.83 -3.65
N THR W 83 2.18 -72.04 -2.39
CA THR W 83 0.81 -71.76 -1.94
C THR W 83 0.80 -70.52 -1.04
N GLU W 84 0.48 -69.38 -1.63
CA GLU W 84 0.38 -68.12 -0.88
C GLU W 84 -1.10 -67.88 -0.58
N GLY W 85 -1.60 -68.59 0.43
CA GLY W 85 -2.99 -68.51 0.82
C GLY W 85 -3.93 -69.09 -0.23
N ASN W 86 -3.67 -70.34 -0.61
CA ASN W 86 -4.35 -71.09 -1.66
C ASN W 86 -4.29 -70.40 -3.03
N GLU W 87 -3.30 -69.53 -3.23
CA GLU W 87 -2.96 -68.98 -4.54
C GLU W 87 -1.85 -69.87 -5.10
N THR W 88 -2.21 -71.11 -5.41
CA THR W 88 -1.22 -72.14 -5.75
C THR W 88 -0.64 -71.83 -7.13
N ARG W 89 0.40 -71.01 -7.12
CA ARG W 89 1.05 -70.52 -8.33
C ARG W 89 2.38 -71.23 -8.55
N LYS W 90 2.87 -71.14 -9.78
CA LYS W 90 4.25 -71.47 -10.08
C LYS W 90 5.13 -70.27 -9.76
N PRO W 91 6.44 -70.46 -9.59
CA PRO W 91 7.32 -69.32 -9.34
C PRO W 91 7.38 -68.34 -10.51
N TYR W 92 7.91 -67.16 -10.24
CA TYR W 92 7.96 -66.12 -11.25
C TYR W 92 8.96 -66.46 -12.34
N ASP W 93 8.80 -65.81 -13.48
CA ASP W 93 9.69 -66.03 -14.61
C ASP W 93 11.05 -65.42 -14.30
N LEU W 94 12.11 -66.23 -14.48
CA LEU W 94 13.49 -65.87 -14.22
C LEU W 94 13.73 -65.42 -12.78
N THR W 95 13.56 -66.32 -11.82
CA THR W 95 14.00 -66.08 -10.45
C THR W 95 14.86 -67.26 -10.02
N ALA W 96 16.04 -66.97 -9.50
CA ALA W 96 17.08 -67.97 -9.32
C ALA W 96 17.16 -68.46 -7.88
N ILE W 97 17.80 -69.61 -7.71
CA ILE W 97 18.07 -70.21 -6.40
C ILE W 97 19.49 -70.77 -6.43
N ILE W 98 20.30 -70.43 -5.42
CA ILE W 98 21.67 -70.92 -5.29
C ILE W 98 21.74 -71.79 -4.05
N VAL W 99 22.37 -72.95 -4.16
CA VAL W 99 22.68 -73.77 -2.99
C VAL W 99 24.18 -74.05 -2.98
N ILE W 100 24.83 -73.73 -1.86
CA ILE W 100 26.27 -73.81 -1.76
C ILE W 100 26.63 -74.68 -0.57
N ASN W 101 27.21 -75.84 -0.83
CA ASN W 101 27.80 -76.69 0.20
C ASN W 101 29.25 -76.27 0.39
N GLY W 102 30.08 -77.14 0.95
CA GLY W 102 31.49 -76.87 1.17
C GLY W 102 32.28 -76.29 0.01
N ALA W 103 32.20 -76.91 -1.17
CA ALA W 103 32.94 -76.44 -2.32
C ALA W 103 32.19 -76.54 -3.64
N ALA W 104 30.92 -76.93 -3.64
CA ALA W 104 30.17 -77.17 -4.87
C ALA W 104 28.98 -76.24 -4.94
N GLN W 105 28.98 -75.35 -5.92
CA GLN W 105 27.83 -74.50 -6.17
C GLN W 105 26.89 -75.18 -7.15
N GLU W 106 25.60 -75.08 -6.86
CA GLU W 106 24.54 -75.55 -7.76
C GLU W 106 23.54 -74.41 -7.88
N ASN W 107 23.58 -73.70 -8.99
CA ASN W 107 22.62 -72.67 -9.29
C ASN W 107 21.36 -73.28 -9.90
N HIS W 108 20.29 -72.50 -9.97
CA HIS W 108 19.03 -72.92 -10.55
C HIS W 108 18.32 -71.70 -11.11
N VAL W 109 17.46 -71.90 -12.10
CA VAL W 109 16.70 -70.80 -12.70
C VAL W 109 15.43 -71.37 -13.33
N PHE W 110 14.31 -70.69 -13.11
CA PHE W 110 13.00 -71.14 -13.57
C PHE W 110 12.58 -70.31 -14.77
N SER W 111 12.71 -70.88 -15.97
CA SER W 111 12.37 -70.19 -17.21
C SER W 111 11.39 -71.03 -17.99
N LEU W 112 10.15 -70.54 -18.09
CA LEU W 112 9.04 -71.17 -18.81
C LEU W 112 8.72 -72.58 -18.29
N GLY W 113 8.27 -72.65 -17.05
CA GLY W 113 7.71 -73.89 -16.55
C GLY W 113 8.68 -75.01 -16.25
N ARG W 114 9.94 -74.70 -15.98
CA ARG W 114 10.95 -75.73 -15.81
C ARG W 114 12.16 -75.13 -15.10
N TRP W 115 12.72 -75.87 -14.15
CA TRP W 115 13.94 -75.43 -13.47
C TRP W 115 15.15 -75.88 -14.26
N GLN W 116 15.81 -74.94 -14.93
CA GLN W 116 17.07 -75.21 -15.60
C GLN W 116 18.18 -75.40 -14.58
N THR W 117 19.31 -75.98 -15.01
CA THR W 117 20.28 -76.40 -14.00
C THR W 117 21.58 -75.58 -13.97
N ALA W 118 22.20 -75.32 -15.13
CA ALA W 118 23.21 -74.25 -15.31
C ALA W 118 24.47 -74.40 -14.45
N HIS W 119 24.80 -75.63 -14.04
CA HIS W 119 26.07 -75.84 -13.35
C HIS W 119 26.73 -77.09 -13.88
N ASP W 120 28.07 -77.07 -13.87
CA ASP W 120 28.92 -78.15 -14.41
C ASP W 120 28.50 -78.49 -15.83
N LEU W 121 28.43 -77.46 -16.65
CA LEU W 121 27.71 -77.52 -17.93
C LEU W 121 28.62 -78.23 -18.92
N THR W 122 28.34 -79.51 -19.18
CA THR W 122 29.19 -80.29 -20.05
C THR W 122 28.79 -80.10 -21.51
N LEU W 123 29.43 -80.88 -22.38
CA LEU W 123 29.23 -80.74 -23.82
C LEU W 123 27.97 -81.46 -24.30
N ASN W 124 27.34 -82.26 -23.46
CA ASN W 124 26.11 -82.95 -23.82
C ASN W 124 24.86 -82.36 -23.18
N SER W 125 24.99 -81.72 -22.03
CA SER W 125 23.83 -81.26 -21.30
C SER W 125 23.21 -80.05 -21.99
N GLU W 126 21.92 -79.86 -21.74
CA GLU W 126 21.18 -78.79 -22.40
C GLU W 126 21.55 -77.44 -21.81
N ALA W 127 21.46 -76.42 -22.63
CA ALA W 127 21.81 -75.09 -22.16
C ALA W 127 20.61 -74.47 -21.45
N PRO W 128 20.83 -73.77 -20.35
CA PRO W 128 19.73 -73.12 -19.66
C PRO W 128 19.22 -71.92 -20.43
N LEU W 129 17.89 -71.74 -20.41
CA LEU W 129 17.17 -70.59 -20.96
C LEU W 129 17.54 -70.29 -22.42
N ALA W 130 17.77 -71.35 -23.19
CA ALA W 130 17.95 -71.24 -24.63
C ALA W 130 16.70 -71.63 -25.39
N GLU W 131 15.63 -72.02 -24.70
CA GLU W 131 14.36 -72.24 -25.36
C GLU W 131 13.72 -70.92 -25.78
N ARG W 132 14.08 -69.82 -25.12
CA ARG W 132 13.50 -68.52 -25.44
C ARG W 132 13.94 -68.04 -26.82
N ASP W 133 15.24 -68.16 -27.13
CA ASP W 133 15.73 -68.06 -28.50
C ASP W 133 17.07 -68.79 -28.64
N LYS W 134 17.30 -69.39 -29.80
CA LYS W 134 18.56 -70.12 -29.97
C LYS W 134 19.61 -69.28 -30.68
N ALA W 135 19.23 -68.51 -31.69
CA ALA W 135 20.18 -67.69 -32.42
C ALA W 135 20.47 -66.35 -31.76
N GLY W 136 19.89 -66.09 -30.60
CA GLY W 136 20.22 -64.90 -29.85
C GLY W 136 21.25 -65.20 -28.79
N LEU W 137 21.17 -66.40 -28.23
CA LEU W 137 22.14 -66.85 -27.24
C LEU W 137 23.46 -67.22 -27.88
N ALA W 138 23.48 -67.54 -29.16
CA ALA W 138 24.73 -67.82 -29.85
C ALA W 138 25.39 -66.57 -30.40
N ALA W 139 24.73 -65.42 -30.32
CA ALA W 139 25.35 -64.15 -30.69
C ALA W 139 25.91 -63.40 -29.50
N LEU W 140 25.39 -63.64 -28.30
CA LEU W 140 26.02 -63.11 -27.11
C LEU W 140 27.24 -63.92 -26.73
N PHE W 141 27.21 -65.22 -26.99
CA PHE W 141 28.38 -66.07 -26.83
C PHE W 141 29.49 -65.65 -27.78
N ALA W 142 29.18 -65.58 -29.07
CA ALA W 142 30.19 -65.36 -30.09
C ALA W 142 30.56 -63.90 -30.25
N MET W 143 30.05 -63.00 -29.41
CA MET W 143 30.41 -61.60 -29.52
C MET W 143 31.84 -61.37 -29.06
N GLU W 144 32.21 -61.97 -27.94
CA GLU W 144 33.56 -61.84 -27.42
C GLU W 144 34.40 -63.09 -27.59
N PHE W 145 33.78 -64.24 -27.84
CA PHE W 145 34.55 -65.45 -28.13
C PHE W 145 35.21 -65.39 -29.49
N ALA W 146 34.66 -64.63 -30.42
CA ALA W 146 35.27 -64.50 -31.74
C ALA W 146 36.52 -63.64 -31.74
N GLU W 147 36.85 -62.96 -30.64
CA GLU W 147 38.00 -62.08 -30.63
C GLU W 147 39.32 -62.84 -30.51
N MET W 148 39.29 -64.09 -30.06
CA MET W 148 40.51 -64.90 -30.08
C MET W 148 40.90 -65.27 -31.49
N PHE W 149 39.91 -65.52 -32.34
CA PHE W 149 40.17 -65.59 -33.77
C PHE W 149 40.30 -64.18 -34.33
N GLY W 150 40.44 -64.08 -35.65
CA GLY W 150 40.61 -62.77 -36.26
C GLY W 150 39.32 -61.98 -36.33
N ALA W 151 38.20 -62.66 -36.55
CA ALA W 151 36.97 -61.99 -36.97
C ALA W 151 36.24 -61.35 -35.80
N GLU W 152 35.14 -60.69 -36.12
CA GLU W 152 34.25 -60.05 -35.15
C GLU W 152 32.84 -60.04 -35.72
N LEU W 153 31.86 -59.85 -34.86
CA LEU W 153 30.50 -59.96 -35.37
C LEU W 153 30.04 -58.69 -36.10
N PRO W 154 29.25 -58.85 -37.16
CA PRO W 154 28.68 -57.70 -37.87
C PRO W 154 27.67 -56.96 -37.02
N PRO W 155 27.37 -55.69 -37.32
CA PRO W 155 26.53 -54.90 -36.41
C PRO W 155 25.05 -55.19 -36.50
N ARG W 156 24.57 -55.83 -37.56
CA ARG W 156 23.15 -56.19 -37.62
C ARG W 156 22.82 -57.34 -36.68
N THR W 157 23.80 -58.18 -36.35
CA THR W 157 23.59 -59.31 -35.46
C THR W 157 24.26 -59.12 -34.10
N THR W 158 25.10 -58.11 -33.93
CA THR W 158 25.60 -57.78 -32.61
C THR W 158 24.49 -57.23 -31.74
N ALA W 159 23.69 -56.31 -32.28
CA ALA W 159 22.58 -55.73 -31.54
C ALA W 159 21.43 -56.70 -31.33
N ARG W 160 21.45 -57.85 -32.00
CA ARG W 160 20.52 -58.91 -31.64
C ARG W 160 20.86 -59.52 -30.29
N GLY W 161 22.16 -59.67 -29.99
CA GLY W 161 22.55 -60.26 -28.72
C GLY W 161 22.35 -59.33 -27.54
N PHE W 162 22.49 -58.02 -27.74
CA PHE W 162 22.20 -57.04 -26.71
C PHE W 162 20.71 -56.84 -26.47
N ARG W 163 19.87 -57.43 -27.29
CA ARG W 163 18.46 -57.51 -26.95
C ARG W 163 18.17 -58.69 -26.05
N PHE W 164 18.86 -59.81 -26.27
CA PHE W 164 18.64 -60.98 -25.42
C PHE W 164 19.15 -60.75 -24.01
N LYS W 165 20.26 -60.02 -23.87
CA LYS W 165 20.74 -59.70 -22.54
C LYS W 165 19.81 -58.72 -21.83
N GLY W 166 19.14 -57.87 -22.58
CA GLY W 166 18.19 -56.98 -21.97
C GLY W 166 16.81 -57.53 -21.83
N ALA W 167 16.52 -58.64 -22.48
CA ALA W 167 15.24 -59.29 -22.30
C ALA W 167 15.18 -60.11 -21.03
N ILE W 168 16.32 -60.42 -20.43
CA ILE W 168 16.39 -61.12 -19.15
C ILE W 168 16.89 -60.23 -18.04
N SER W 169 17.31 -59.02 -18.35
CA SER W 169 17.72 -58.04 -17.35
C SER W 169 16.58 -57.15 -16.92
N GLN W 170 15.41 -57.29 -17.50
CA GLN W 170 14.26 -56.46 -17.18
C GLN W 170 13.07 -57.23 -16.68
N LYS W 171 12.91 -58.49 -17.12
CA LYS W 171 11.79 -59.38 -16.77
C LYS W 171 10.46 -58.71 -17.07
N LEU W 172 10.34 -58.17 -18.27
CA LEU W 172 9.21 -57.33 -18.62
C LEU W 172 8.12 -58.13 -19.33
N ALA W 173 8.26 -59.46 -19.38
CA ALA W 173 7.29 -60.30 -20.07
C ALA W 173 6.00 -60.44 -19.28
N THR W 174 6.10 -60.66 -17.98
CA THR W 174 4.93 -60.84 -17.14
C THR W 174 4.16 -59.53 -17.02
N LYS W 175 2.85 -59.59 -17.25
CA LYS W 175 2.01 -58.41 -17.22
C LYS W 175 1.91 -57.88 -15.79
N ARG W 176 1.92 -56.56 -15.66
CA ARG W 176 1.84 -55.89 -14.37
C ARG W 176 0.71 -54.87 -14.41
N ASP W 177 0.46 -54.26 -13.27
CA ASP W 177 -0.70 -53.39 -13.12
C ASP W 177 -0.49 -52.05 -13.80
N ASP W 178 -1.60 -51.44 -14.19
CA ASP W 178 -1.83 -50.16 -14.86
C ASP W 178 -1.55 -49.00 -13.91
N PRO W 179 -1.46 -47.77 -14.41
CA PRO W 179 -1.50 -46.61 -13.51
C PRO W 179 -2.84 -46.50 -12.82
N VAL W 180 -2.86 -45.79 -11.69
CA VAL W 180 -3.89 -45.98 -10.69
C VAL W 180 -4.84 -44.80 -10.53
N TYR W 181 -4.39 -43.57 -10.83
CA TYR W 181 -5.10 -42.30 -10.53
C TYR W 181 -5.42 -42.15 -9.05
N TYR W 182 -4.47 -42.54 -8.19
CA TYR W 182 -4.66 -42.17 -6.79
C TYR W 182 -4.34 -40.71 -6.64
N MET X 1 -1.02 -71.31 -49.59
CA MET X 1 -0.27 -71.68 -48.39
C MET X 1 1.19 -71.36 -48.57
N ILE X 2 1.61 -70.25 -47.98
CA ILE X 2 3.00 -69.82 -48.07
C ILE X 2 3.82 -70.68 -47.12
N THR X 3 4.66 -71.56 -47.67
CA THR X 3 5.43 -72.48 -46.86
C THR X 3 6.61 -71.77 -46.21
N CYS X 4 7.29 -72.49 -45.33
CA CYS X 4 8.47 -71.96 -44.68
C CYS X 4 9.62 -71.79 -45.68
N ARG X 5 9.76 -72.71 -46.61
CA ARG X 5 10.86 -72.66 -47.55
C ARG X 5 10.67 -71.62 -48.64
N ASP X 6 9.47 -71.05 -48.78
CA ASP X 6 9.30 -69.91 -49.69
C ASP X 6 9.91 -68.65 -49.12
N ILE X 7 9.94 -68.52 -47.79
CA ILE X 7 10.55 -67.35 -47.17
C ILE X 7 12.07 -67.43 -47.29
N ILE X 8 12.63 -68.61 -47.05
CA ILE X 8 14.08 -68.78 -47.11
C ILE X 8 14.57 -68.68 -48.56
N THR X 9 13.76 -69.09 -49.52
CA THR X 9 14.12 -68.86 -50.92
C THR X 9 13.98 -67.39 -51.29
N LEU X 10 12.93 -66.72 -50.79
CA LEU X 10 12.81 -65.29 -51.05
C LEU X 10 13.82 -64.49 -50.24
N GLY X 11 14.16 -64.97 -49.04
CA GLY X 11 15.13 -64.27 -48.22
C GLY X 11 16.53 -64.30 -48.79
N LEU X 12 16.94 -65.43 -49.37
CA LEU X 12 18.28 -65.54 -49.91
C LEU X 12 18.47 -64.77 -51.21
N GLN X 13 17.50 -64.77 -52.10
CA GLN X 13 17.63 -63.97 -53.31
C GLN X 13 17.21 -62.53 -53.09
N GLN X 14 16.79 -62.18 -51.88
CA GLN X 14 16.64 -60.78 -51.49
C GLN X 14 18.00 -60.14 -51.26
N ALA X 15 18.88 -60.85 -50.56
CA ALA X 15 20.22 -60.38 -50.26
C ALA X 15 21.22 -60.70 -51.37
N ARG X 16 20.72 -61.06 -52.55
CA ARG X 16 21.45 -61.35 -53.79
C ARG X 16 22.67 -62.26 -53.58
N VAL X 17 22.43 -63.38 -52.91
CA VAL X 17 23.43 -64.42 -52.80
C VAL X 17 23.11 -65.65 -53.66
N VAL X 18 21.84 -66.01 -53.83
CA VAL X 18 21.45 -67.00 -54.83
C VAL X 18 20.84 -66.23 -56.00
N PRO X 19 20.95 -66.71 -57.22
CA PRO X 19 20.40 -65.95 -58.35
C PRO X 19 18.89 -66.08 -58.45
N LEU X 20 18.34 -65.35 -59.40
CA LEU X 20 16.90 -65.38 -59.63
C LEU X 20 16.51 -66.64 -60.36
N GLY X 21 15.63 -67.43 -59.77
CA GLY X 21 15.08 -68.62 -60.38
C GLY X 21 15.65 -69.92 -59.86
N ARG X 22 16.79 -69.87 -59.19
CA ARG X 22 17.38 -71.07 -58.62
C ARG X 22 17.09 -71.15 -57.13
N GLU X 23 17.02 -72.37 -56.64
CA GLU X 23 16.63 -72.68 -55.28
C GLU X 23 17.85 -72.93 -54.41
N PRO X 24 17.75 -72.74 -53.09
CA PRO X 24 18.87 -73.04 -52.21
C PRO X 24 19.15 -74.54 -52.12
N LYS X 25 20.37 -74.86 -51.71
CA LYS X 25 20.79 -76.23 -51.56
C LYS X 25 20.33 -76.79 -50.21
N ALA X 26 20.89 -77.93 -49.84
CA ALA X 26 20.44 -78.60 -48.62
C ALA X 26 21.05 -77.98 -47.38
N LYS X 27 22.34 -77.67 -47.39
CA LYS X 27 22.97 -77.11 -46.19
C LYS X 27 22.61 -75.66 -45.98
N GLU X 28 22.21 -74.96 -47.04
CA GLU X 28 21.83 -73.57 -46.91
C GLU X 28 20.40 -73.44 -46.40
N ALA X 29 19.48 -74.24 -46.91
CA ALA X 29 18.08 -74.20 -46.51
C ALA X 29 17.79 -75.08 -45.32
N ASP X 30 18.80 -75.47 -44.55
CA ASP X 30 18.57 -76.13 -43.28
C ASP X 30 19.27 -75.43 -42.14
N ALA X 31 20.16 -74.49 -42.42
CA ALA X 31 20.62 -73.56 -41.40
C ALA X 31 19.71 -72.38 -41.26
N GLY X 32 19.00 -72.02 -42.33
CA GLY X 32 18.02 -70.95 -42.26
C GLY X 32 16.78 -71.31 -41.50
N LEU X 33 16.51 -72.59 -41.32
CA LEU X 33 15.35 -73.00 -40.55
C LEU X 33 15.56 -72.77 -39.07
N THR X 34 16.78 -73.01 -38.58
CA THR X 34 17.05 -72.87 -37.15
C THR X 34 17.07 -71.41 -36.74
N VAL X 35 17.34 -70.50 -37.66
CA VAL X 35 17.33 -69.08 -37.33
C VAL X 35 15.96 -68.45 -37.58
N LEU X 36 15.17 -69.01 -38.50
CA LEU X 36 13.79 -68.57 -38.66
C LEU X 36 12.91 -69.11 -37.55
N GLN X 37 13.28 -70.25 -36.99
CA GLN X 37 12.63 -70.71 -35.77
C GLN X 37 12.94 -69.78 -34.60
N SER X 38 14.16 -69.25 -34.54
CA SER X 38 14.59 -68.45 -33.40
C SER X 38 13.90 -67.10 -33.36
N ILE X 39 13.59 -66.51 -34.51
CA ILE X 39 12.91 -65.23 -34.46
C ILE X 39 11.44 -65.40 -34.08
N TYR X 40 10.79 -66.47 -34.53
CA TYR X 40 9.41 -66.74 -34.10
C TYR X 40 9.33 -67.15 -32.65
N ASP X 41 10.39 -67.71 -32.09
CA ASP X 41 10.31 -68.17 -30.71
C ASP X 41 10.69 -67.05 -29.76
N SER X 42 11.40 -66.04 -30.24
CA SER X 42 11.75 -64.88 -29.43
C SER X 42 10.73 -63.78 -29.53
N MET X 43 9.58 -64.04 -30.14
CA MET X 43 8.48 -63.11 -30.17
C MET X 43 7.39 -63.46 -29.15
N PHE X 44 7.26 -64.73 -28.79
CA PHE X 44 6.33 -65.11 -27.75
C PHE X 44 6.96 -65.06 -26.37
N ALA X 45 8.28 -65.18 -26.29
CA ALA X 45 8.92 -65.21 -24.98
C ALA X 45 8.87 -63.83 -24.35
N ASP X 46 9.52 -62.85 -24.97
CA ASP X 46 9.46 -61.47 -24.52
C ASP X 46 9.75 -60.56 -25.71
N GLY X 47 8.70 -60.11 -26.37
CA GLY X 47 8.81 -59.34 -27.58
C GLY X 47 7.51 -58.66 -27.92
N PRO X 48 7.32 -58.31 -29.18
CA PRO X 48 6.18 -57.48 -29.57
C PRO X 48 4.82 -58.16 -29.51
N LEU X 49 4.71 -59.40 -29.05
CA LEU X 49 3.41 -60.05 -28.92
C LEU X 49 2.75 -59.81 -27.57
N GLY X 50 3.15 -58.76 -26.87
CA GLY X 50 2.40 -58.31 -25.73
C GLY X 50 2.73 -59.07 -24.45
N PRO X 51 2.44 -58.46 -23.31
CA PRO X 51 2.67 -59.13 -22.05
C PRO X 51 1.65 -60.24 -21.81
N PHE X 52 2.03 -61.17 -20.96
CA PHE X 52 1.25 -62.38 -20.71
C PHE X 52 0.88 -62.47 -19.25
N THR X 53 -0.14 -63.29 -18.95
CA THR X 53 -0.65 -63.43 -17.59
C THR X 53 -0.42 -64.86 -17.12
N GLU X 54 0.13 -65.00 -15.91
CA GLU X 54 0.40 -66.30 -15.34
C GLU X 54 -0.89 -66.97 -14.90
N VAL X 55 -0.95 -68.30 -15.05
CA VAL X 55 -2.06 -69.08 -14.52
C VAL X 55 -1.57 -70.51 -14.30
N TYR X 56 -2.13 -71.17 -13.30
CA TYR X 56 -1.82 -72.57 -13.00
C TYR X 56 -3.10 -73.26 -12.60
N ALA X 57 -3.71 -73.97 -13.54
CA ALA X 57 -4.93 -74.71 -13.25
C ALA X 57 -4.77 -76.12 -13.77
N THR X 58 -5.10 -77.10 -12.95
CA THR X 58 -5.13 -78.51 -13.34
C THR X 58 -6.60 -78.92 -13.36
N SER X 59 -7.25 -78.64 -14.48
CA SER X 59 -8.68 -78.86 -14.68
C SER X 59 -8.93 -78.79 -16.18
N ALA X 60 -10.20 -78.65 -16.56
CA ALA X 60 -10.62 -78.57 -17.96
C ALA X 60 -10.69 -77.15 -18.47
N TYR X 61 -9.75 -76.31 -18.04
CA TYR X 61 -9.75 -74.87 -18.29
C TYR X 61 -9.69 -74.55 -19.77
N THR X 62 -10.43 -73.51 -20.16
CA THR X 62 -10.38 -72.94 -21.52
C THR X 62 -9.65 -71.61 -21.47
N ALA X 63 -8.83 -71.36 -22.47
CA ALA X 63 -7.88 -70.25 -22.41
C ALA X 63 -8.55 -68.91 -22.71
N GLN X 64 -8.02 -67.86 -22.11
CA GLN X 64 -8.41 -66.48 -22.36
C GLN X 64 -7.41 -65.84 -23.30
N GLU X 65 -7.52 -64.52 -23.43
CA GLU X 65 -6.56 -63.74 -24.20
C GLU X 65 -5.28 -63.52 -23.40
N ASN X 66 -4.14 -63.66 -24.09
CA ASN X 66 -2.82 -63.29 -23.57
C ASN X 66 -2.44 -64.04 -22.30
N GLU X 67 -2.76 -65.33 -22.23
CA GLU X 67 -2.62 -66.07 -20.99
C GLU X 67 -1.72 -67.28 -21.20
N ARG X 68 -0.61 -67.33 -20.46
CA ARG X 68 0.40 -68.38 -20.61
C ARG X 68 0.07 -69.55 -19.69
N ILE X 69 -0.41 -70.64 -20.26
CA ILE X 69 -0.93 -71.77 -19.49
C ILE X 69 0.23 -72.72 -19.19
N VAL X 70 0.43 -73.05 -17.93
CA VAL X 70 1.59 -73.86 -17.55
C VAL X 70 1.11 -75.15 -16.85
N THR X 71 -0.03 -75.65 -17.30
CA THR X 71 -0.60 -76.85 -16.70
C THR X 71 0.22 -78.10 -17.02
N ASN X 72 0.02 -79.14 -16.22
CA ASN X 72 0.80 -80.37 -16.30
C ASN X 72 0.06 -81.51 -16.98
N GLY X 73 -1.17 -81.81 -16.55
CA GLY X 73 -2.03 -82.68 -17.31
C GLY X 73 -3.43 -82.11 -17.36
N ALA X 74 -3.90 -81.75 -18.55
CA ALA X 74 -5.17 -81.03 -18.68
C ALA X 74 -5.59 -81.05 -20.14
N ALA X 75 -6.75 -80.44 -20.39
CA ALA X 75 -7.28 -80.24 -21.73
C ALA X 75 -7.49 -78.74 -21.91
N ILE X 76 -6.52 -78.08 -22.52
CA ILE X 76 -6.56 -76.64 -22.75
C ILE X 76 -7.05 -76.43 -24.18
N THR X 77 -8.23 -75.84 -24.31
CA THR X 77 -8.85 -75.59 -25.61
C THR X 77 -8.77 -74.10 -25.94
N ILE X 78 -8.19 -73.78 -27.09
CA ILE X 78 -8.14 -72.39 -27.54
C ILE X 78 -9.53 -71.99 -28.04
N PRO X 79 -10.10 -70.88 -27.57
CA PRO X 79 -11.46 -70.52 -27.98
C PRO X 79 -11.50 -69.98 -29.39
N GLN X 80 -12.62 -70.21 -30.06
CA GLN X 80 -12.87 -69.69 -31.39
C GLN X 80 -13.71 -68.42 -31.37
N THR X 81 -14.80 -68.44 -30.60
CA THR X 81 -15.67 -67.29 -30.41
C THR X 81 -15.70 -66.92 -28.95
N ILE X 82 -15.97 -65.65 -28.67
CA ILE X 82 -16.05 -65.16 -27.30
C ILE X 82 -17.35 -64.39 -27.15
N THR X 83 -18.14 -64.75 -26.13
CA THR X 83 -19.43 -64.12 -25.87
C THR X 83 -19.34 -63.23 -24.63
N GLU X 84 -19.14 -61.94 -24.84
CA GLU X 84 -19.08 -60.96 -23.76
C GLU X 84 -20.45 -60.29 -23.68
N GLY X 85 -21.40 -61.00 -23.07
CA GLY X 85 -22.76 -60.51 -22.95
C GLY X 85 -23.48 -60.44 -24.28
N ASN X 86 -23.49 -61.56 -25.00
CA ASN X 86 -24.03 -61.72 -26.36
C ASN X 86 -23.39 -60.77 -27.37
N GLU X 87 -22.17 -60.30 -27.08
CA GLU X 87 -21.33 -59.62 -28.07
C GLU X 87 -20.40 -60.67 -28.66
N THR X 88 -21.00 -61.58 -29.43
CA THR X 88 -20.29 -62.77 -29.89
C THR X 88 -19.28 -62.36 -30.96
N ARG X 89 -18.10 -62.00 -30.49
CA ARG X 89 -17.02 -61.50 -31.32
C ARG X 89 -15.94 -62.56 -31.51
N LYS X 90 -15.11 -62.35 -32.52
CA LYS X 90 -13.86 -63.07 -32.66
C LYS X 90 -12.80 -62.39 -31.79
N PRO X 91 -11.71 -63.08 -31.45
CA PRO X 91 -10.65 -62.43 -30.67
C PRO X 91 -9.98 -61.29 -31.42
N TYR X 92 -9.23 -60.48 -30.68
CA TYR X 92 -8.59 -59.32 -31.26
C TYR X 92 -7.47 -59.72 -32.20
N ASP X 93 -7.10 -58.78 -33.06
CA ASP X 93 -6.02 -59.02 -34.01
C ASP X 93 -4.69 -59.05 -33.27
N LEU X 94 -3.91 -60.11 -33.51
CA LEU X 94 -2.61 -60.35 -32.89
C LEU X 94 -2.68 -60.40 -31.37
N THR X 95 -3.37 -61.37 -30.80
CA THR X 95 -3.30 -61.67 -29.38
C THR X 95 -2.98 -63.14 -29.21
N ALA X 96 -1.96 -63.44 -28.41
CA ALA X 96 -1.35 -64.76 -28.39
C ALA X 96 -1.84 -65.59 -27.20
N ILE X 97 -1.63 -66.90 -27.31
CA ILE X 97 -1.93 -67.86 -26.24
C ILE X 97 -0.80 -68.87 -26.19
N ILE X 98 -0.24 -69.11 -25.01
CA ILE X 98 0.82 -70.07 -24.78
C ILE X 98 0.28 -71.19 -23.92
N VAL X 99 0.55 -72.44 -24.28
CA VAL X 99 0.27 -73.58 -23.42
C VAL X 99 1.55 -74.37 -23.22
N ILE X 100 1.91 -74.60 -21.96
CA ILE X 100 3.18 -75.23 -21.61
C ILE X 100 2.90 -76.43 -20.74
N ASN X 101 3.18 -77.61 -21.26
CA ASN X 101 3.18 -78.85 -20.49
C ASN X 101 4.56 -79.04 -19.89
N GLY X 102 4.92 -80.27 -19.51
CA GLY X 102 6.22 -80.58 -18.95
C GLY X 102 7.45 -80.06 -19.69
N ALA X 103 7.53 -80.30 -20.99
CA ALA X 103 8.68 -79.85 -21.76
C ALA X 103 8.34 -79.35 -23.16
N ALA X 104 7.07 -79.23 -23.52
CA ALA X 104 6.67 -78.88 -24.88
C ALA X 104 5.87 -77.59 -24.86
N GLN X 105 6.41 -76.55 -25.48
CA GLN X 105 5.68 -75.30 -25.63
C GLN X 105 4.90 -75.33 -26.94
N GLU X 106 3.66 -74.83 -26.88
CA GLU X 106 2.84 -74.66 -28.06
C GLU X 106 2.27 -73.25 -27.99
N ASN X 107 2.84 -72.35 -28.76
CA ASN X 107 2.35 -70.99 -28.89
C ASN X 107 1.20 -70.94 -29.89
N HIS X 108 0.46 -69.84 -29.88
CA HIS X 108 -0.65 -69.61 -30.80
C HIS X 108 -0.78 -68.12 -31.05
N VAL X 109 -1.34 -67.74 -32.20
CA VAL X 109 -1.54 -66.33 -32.52
C VAL X 109 -2.69 -66.21 -33.54
N PHE X 110 -3.57 -65.25 -33.32
CA PHE X 110 -4.77 -65.07 -34.13
C PHE X 110 -4.57 -63.87 -35.05
N SER X 111 -4.27 -64.13 -36.31
CA SER X 111 -4.01 -63.08 -37.30
C SER X 111 -4.94 -63.28 -38.48
N LEU X 112 -5.91 -62.38 -38.64
CA LEU X 112 -6.89 -62.36 -39.73
C LEU X 112 -7.74 -63.63 -39.78
N GLY X 113 -8.52 -63.85 -38.74
CA GLY X 113 -9.53 -64.89 -38.79
C GLY X 113 -9.06 -66.31 -38.71
N ARG X 114 -7.89 -66.56 -38.12
CA ARG X 114 -7.32 -67.89 -38.11
C ARG X 114 -6.25 -67.97 -37.04
N TRP X 115 -6.22 -69.08 -36.30
CA TRP X 115 -5.18 -69.29 -35.29
C TRP X 115 -3.96 -69.94 -35.94
N GLN X 116 -2.90 -69.15 -36.12
CA GLN X 116 -1.63 -69.69 -36.61
C GLN X 116 -0.97 -70.52 -35.51
N THR X 117 0.01 -71.34 -35.89
CA THR X 117 0.49 -72.32 -34.92
C THR X 117 1.90 -72.06 -34.39
N ALA X 118 2.88 -71.77 -35.24
CA ALA X 118 4.16 -71.13 -34.86
C ALA X 118 5.02 -71.94 -33.89
N HIS X 119 4.85 -73.26 -33.84
CA HIS X 119 5.76 -74.08 -33.04
C HIS X 119 6.15 -75.31 -33.83
N ASP X 120 7.37 -75.79 -33.56
CA ASP X 120 8.00 -76.91 -34.26
C ASP X 120 7.91 -76.72 -35.77
N LEU X 121 8.38 -75.56 -36.20
CA LEU X 121 8.07 -75.04 -37.53
C LEU X 121 8.99 -75.75 -38.51
N THR X 122 8.44 -76.74 -39.23
CA THR X 122 9.25 -77.53 -40.14
C THR X 122 9.36 -76.85 -41.50
N LEU X 123 9.97 -77.57 -42.44
CA LEU X 123 10.25 -77.01 -43.76
C LEU X 123 9.03 -77.08 -44.67
N ASN X 124 7.97 -77.78 -44.28
CA ASN X 124 6.75 -77.86 -45.09
C ASN X 124 5.61 -77.04 -44.53
N SER X 125 5.57 -76.81 -43.23
CA SER X 125 4.44 -76.14 -42.61
C SER X 125 4.42 -74.67 -42.96
N GLU X 126 3.21 -74.09 -42.92
CA GLU X 126 3.05 -72.70 -43.31
C GLU X 126 3.59 -71.77 -42.24
N ALA X 127 4.05 -70.62 -42.68
CA ALA X 127 4.61 -69.66 -41.74
C ALA X 127 3.49 -68.85 -41.10
N PRO X 128 3.58 -68.57 -39.81
CA PRO X 128 2.56 -67.76 -39.15
C PRO X 128 2.67 -66.31 -39.57
N LEU X 129 1.50 -65.68 -39.74
CA LEU X 129 1.32 -64.24 -40.00
C LEU X 129 2.17 -63.73 -41.17
N ALA X 130 2.30 -64.58 -42.20
CA ALA X 130 2.91 -64.19 -43.46
C ALA X 130 1.88 -63.90 -44.54
N GLU X 131 0.59 -64.03 -44.22
CA GLU X 131 -0.45 -63.61 -45.15
C GLU X 131 -0.54 -62.09 -45.21
N ARG X 132 -0.07 -61.40 -44.17
CA ARG X 132 -0.14 -59.93 -44.14
C ARG X 132 0.80 -59.33 -45.17
N ASP X 133 2.04 -59.83 -45.26
CA ASP X 133 2.91 -59.57 -46.41
C ASP X 133 3.95 -60.67 -46.52
N LYS X 134 4.35 -61.01 -47.74
CA LYS X 134 5.32 -62.07 -47.91
C LYS X 134 6.74 -61.53 -48.09
N ALA X 135 6.90 -60.44 -48.84
CA ALA X 135 8.21 -59.87 -49.07
C ALA X 135 8.67 -58.94 -47.97
N GLY X 136 7.89 -58.78 -46.91
CA GLY X 136 8.31 -58.01 -45.76
C GLY X 136 8.86 -58.92 -44.68
N LEU X 137 8.28 -60.11 -44.58
CA LEU X 137 8.75 -61.11 -43.64
C LEU X 137 10.04 -61.77 -44.09
N ALA X 138 10.33 -61.74 -45.39
CA ALA X 138 11.60 -62.27 -45.88
C ALA X 138 12.72 -61.25 -45.85
N ALA X 139 12.43 -60.00 -45.52
CA ALA X 139 13.45 -58.99 -45.33
C ALA X 139 13.85 -58.82 -43.87
N LEU X 140 12.95 -59.14 -42.95
CA LEU X 140 13.33 -59.19 -41.54
C LEU X 140 14.11 -60.46 -41.23
N PHE X 141 13.77 -61.55 -41.92
CA PHE X 141 14.57 -62.77 -41.83
C PHE X 141 15.96 -62.56 -42.36
N ALA X 142 16.08 -62.08 -43.59
CA ALA X 142 17.36 -61.97 -44.27
C ALA X 142 18.16 -60.76 -43.87
N MET X 143 17.70 -59.98 -42.88
CA MET X 143 18.47 -58.82 -42.45
C MET X 143 19.71 -59.25 -41.68
N GLU X 144 19.55 -60.20 -40.77
CA GLU X 144 20.68 -60.70 -40.00
C GLU X 144 21.14 -62.08 -40.41
N PHE X 145 20.32 -62.84 -41.15
CA PHE X 145 20.74 -64.13 -41.67
C PHE X 145 21.76 -63.98 -42.78
N ALA X 146 21.74 -62.86 -43.50
CA ALA X 146 22.72 -62.62 -44.56
C ALA X 146 24.11 -62.32 -44.03
N GLU X 147 24.27 -62.10 -42.73
CA GLU X 147 25.59 -61.73 -42.22
C GLU X 147 26.54 -62.91 -42.12
N MET X 148 26.02 -64.15 -42.12
CA MET X 148 26.91 -65.30 -42.16
C MET X 148 27.56 -65.43 -43.53
N PHE X 149 26.83 -65.07 -44.58
CA PHE X 149 27.46 -64.87 -45.88
C PHE X 149 28.15 -63.52 -45.90
N GLY X 150 28.70 -63.15 -47.07
CA GLY X 150 29.39 -61.89 -47.16
C GLY X 150 28.47 -60.69 -47.21
N ALA X 151 27.30 -60.83 -47.85
CA ALA X 151 26.50 -59.69 -48.25
C ALA X 151 25.68 -59.14 -47.08
N GLU X 152 24.95 -58.07 -47.37
CA GLU X 152 24.05 -57.42 -46.43
C GLU X 152 22.94 -56.76 -47.22
N LEU X 153 21.84 -56.43 -46.54
CA LEU X 153 20.71 -55.91 -47.29
C LEU X 153 20.88 -54.43 -47.63
N PRO X 154 20.41 -54.03 -48.81
CA PRO X 154 20.42 -52.61 -49.20
C PRO X 154 19.47 -51.79 -48.36
N PRO X 155 19.65 -50.47 -48.27
CA PRO X 155 18.84 -49.68 -47.32
C PRO X 155 17.44 -49.38 -47.78
N ARG X 156 17.11 -49.52 -49.07
CA ARG X 156 15.74 -49.32 -49.49
C ARG X 156 14.84 -50.46 -49.07
N THR X 157 15.40 -51.66 -48.87
CA THR X 157 14.62 -52.81 -48.45
C THR X 157 14.89 -53.22 -47.01
N THR X 158 15.90 -52.66 -46.37
CA THR X 158 16.07 -52.88 -44.93
C THR X 158 14.96 -52.21 -44.16
N ALA X 159 14.65 -50.95 -44.50
CA ALA X 159 13.59 -50.21 -43.83
C ALA X 159 12.21 -50.73 -44.18
N ARG X 160 12.09 -51.61 -45.17
CA ARG X 160 10.83 -52.31 -45.37
C ARG X 160 10.57 -53.31 -44.25
N GLY X 161 11.63 -53.98 -43.78
CA GLY X 161 11.46 -54.97 -42.73
C GLY X 161 11.19 -54.36 -41.37
N PHE X 162 11.76 -53.18 -41.11
CA PHE X 162 11.47 -52.45 -39.87
C PHE X 162 10.11 -51.80 -39.86
N ARG X 163 9.41 -51.82 -40.98
CA ARG X 163 8.00 -51.46 -40.96
C ARG X 163 7.13 -52.63 -40.56
N PHE X 164 7.50 -53.84 -41.02
CA PHE X 164 6.73 -55.03 -40.66
C PHE X 164 6.85 -55.37 -39.19
N LYS X 165 8.02 -55.14 -38.59
CA LYS X 165 8.18 -55.35 -37.17
C LYS X 165 7.41 -54.32 -36.38
N GLY X 166 7.26 -53.13 -36.90
CA GLY X 166 6.47 -52.13 -36.22
C GLY X 166 5.01 -52.17 -36.54
N ALA X 167 4.61 -52.90 -37.56
CA ALA X 167 3.20 -53.06 -37.85
C ALA X 167 2.55 -54.09 -36.96
N ILE X 168 3.33 -54.94 -36.29
CA ILE X 168 2.81 -55.90 -35.33
C ILE X 168 3.21 -55.57 -33.91
N SER X 169 4.04 -54.55 -33.71
CA SER X 169 4.41 -54.07 -32.40
C SER X 169 3.49 -52.96 -31.91
N GLN X 170 2.55 -52.53 -32.72
CA GLN X 170 1.65 -51.45 -32.36
C GLN X 170 0.19 -51.84 -32.38
N LYS X 171 -0.19 -52.79 -33.23
CA LYS X 171 -1.56 -53.27 -33.41
C LYS X 171 -2.50 -52.11 -33.71
N LEU X 172 -2.11 -51.28 -34.66
CA LEU X 172 -2.81 -50.04 -34.93
C LEU X 172 -3.82 -50.19 -36.06
N ALA X 173 -4.06 -51.42 -36.51
CA ALA X 173 -4.99 -51.64 -37.61
C ALA X 173 -6.44 -51.50 -37.17
N THR X 174 -6.79 -52.07 -36.02
CA THR X 174 -8.15 -52.00 -35.52
C THR X 174 -8.51 -50.58 -35.11
N LYS X 175 -9.65 -50.11 -35.60
CA LYS X 175 -10.09 -48.74 -35.33
C LYS X 175 -10.44 -48.59 -33.86
N ARG X 176 -10.10 -47.44 -33.29
CA ARG X 176 -10.34 -47.14 -31.90
C ARG X 176 -11.06 -45.80 -31.80
N ASP X 177 -11.45 -45.44 -30.58
CA ASP X 177 -12.31 -44.28 -30.38
C ASP X 177 -11.52 -42.98 -30.52
N ASP X 178 -12.25 -41.93 -30.90
CA ASP X 178 -11.91 -40.54 -31.14
C ASP X 178 -11.58 -39.84 -29.82
N PRO X 179 -11.00 -38.64 -29.85
CA PRO X 179 -10.96 -37.81 -28.64
C PRO X 179 -12.36 -37.40 -28.22
N VAL X 180 -12.49 -37.03 -26.94
CA VAL X 180 -13.78 -37.09 -26.27
C VAL X 180 -14.36 -35.70 -25.91
N TYR X 181 -13.51 -34.69 -25.69
CA TYR X 181 -13.87 -33.37 -25.13
C TYR X 181 -14.55 -33.50 -23.77
N TYR X 182 -14.05 -34.39 -22.93
CA TYR X 182 -14.52 -34.34 -21.55
C TYR X 182 -13.85 -33.19 -20.86
#